data_8IOE
#
_entry.id   8IOE
#
_cell.length_a   1.00
_cell.length_b   1.00
_cell.length_c   1.00
_cell.angle_alpha   90.00
_cell.angle_beta   90.00
_cell.angle_gamma   90.00
#
_symmetry.space_group_name_H-M   'P 1'
#
loop_
_entity.id
_entity.type
_entity.pdbx_description
1 polymer 'Probable phosphoketolase'
2 non-polymer 'THIAMINE DIPHOSPHATE'
3 non-polymer 'MAGNESIUM ION'
#
_entity_poly.entity_id   1
_entity_poly.type   'polypeptide(L)'
_entity_poly.pdbx_seq_one_letter_code
;MTSTLQATDIATLSPNEQAAIDAWWRAANYLSVGQIYLRDNPLLQEPLRPEHIKQRLLGHWGSDPGLSFVYVHLNRLIRR
LDLNLIYVTGPGHGAPALLANAWLEGTYSEVYPNCQQSTAGLQQFFKQFSFPGGIGSHCTPETPGSIHEGGELGYSLSHA
FGAALDNPDLIVACVIGDGEAETGPLATSWHSNKFLNPAQDGAVLPILHLNGYKIANPTLLSRISHEELRSLFIGYGYEP
FFVEGNDPAILHGVMASTLATCVQKIQAIQAAARSGESSDRPMWPMIVLRTPKGWTGPATIKGHVVEGSWRSHQVPMADV
LTNPEHLQLLEDWLRSYRPEELFDASGAPVAELQAIAPIGDRRMSANPVTNGGLLRRALTLPDFRDQAVSVPAPGKSRAD
STRPLGQFLREVIRHNPDNFRLFGPDETASNRLDAVYEVTSKVWLGDRIPEDEDGGHLSDRGRVMEILSEHTLEGWLEAY
LLTGRHGFFATYEAFAHVIDSMVNQHAKWLDVSKREVDWRAPVSSLNILLSSTVWRQDHNGFSHQDPGFIDLVTNKSARV
TRIYLPPDANCLLSVADHCLRSTDYINVIVADKQSHLQYLDAEAAARHCAKGIGIWDWASNDQGASPDVVIASCGDVVTL
EALAATALLREHFPDLKIRFVNVVDLFRLQPDTEHPHGLSDRDFDSLFTVDKPIIFNFHGYPWLIHKLAYRRHNHNNLHV
RGYKEVGNINTPLELAIRNQVDRFNLAIDVIDRVPHLRDRGAHVKEWLKDQIHDHIQYAYQEGIDRPEINQWQWPF
;
_entity_poly.pdbx_strand_id   A,B,C,D,E,F,G,H,I,J,K,L
#
loop_
_chem_comp.id
_chem_comp.type
_chem_comp.name
_chem_comp.formula
MG non-polymer 'MAGNESIUM ION' 'Mg 2'
TPP non-polymer 'THIAMINE DIPHOSPHATE' 'C12 H19 N4 O7 P2 S 1'
#
# COMPACT_ATOMS: atom_id res chain seq x y z
N ASP A 9 -49.35 51.89 76.74
CA ASP A 9 -49.61 50.52 77.21
C ASP A 9 -49.05 49.49 76.23
N ILE A 10 -48.12 49.93 75.37
CA ILE A 10 -47.52 49.03 74.40
C ILE A 10 -46.61 48.02 75.09
N ALA A 11 -45.86 48.46 76.11
CA ALA A 11 -44.94 47.57 76.79
C ALA A 11 -45.68 46.44 77.51
N THR A 12 -46.76 46.78 78.20
CA THR A 12 -47.58 45.76 78.85
C THR A 12 -48.50 45.09 77.84
N LEU A 13 -48.98 43.91 78.20
CA LEU A 13 -49.88 43.15 77.34
C LEU A 13 -51.14 42.77 78.10
N SER A 14 -52.26 42.74 77.40
CA SER A 14 -53.50 42.27 78.00
C SER A 14 -53.44 40.76 78.20
N PRO A 15 -54.08 40.24 79.26
CA PRO A 15 -54.11 38.78 79.44
C PRO A 15 -54.81 38.04 78.32
N ASN A 16 -55.84 38.64 77.71
CA ASN A 16 -56.57 37.95 76.65
C ASN A 16 -55.72 37.79 75.39
N GLU A 17 -55.01 38.84 74.99
CA GLU A 17 -54.16 38.74 73.81
C GLU A 17 -52.93 37.87 74.06
N GLN A 18 -52.51 37.73 75.32
CA GLN A 18 -51.39 36.84 75.62
C GLN A 18 -51.74 35.40 75.31
N ALA A 19 -52.99 35.00 75.58
CA ALA A 19 -53.44 33.66 75.23
C ALA A 19 -53.42 33.46 73.72
N ALA A 20 -53.88 34.46 72.96
CA ALA A 20 -53.83 34.37 71.50
C ALA A 20 -52.40 34.31 71.00
N ILE A 21 -51.51 35.09 71.61
CA ILE A 21 -50.09 35.02 71.26
C ILE A 21 -49.54 33.65 71.61
N ASP A 22 -49.88 33.13 72.79
CA ASP A 22 -49.47 31.78 73.16
C ASP A 22 -50.12 30.74 72.25
N ALA A 23 -51.36 30.98 71.82
CA ALA A 23 -52.00 30.08 70.87
C ALA A 23 -51.25 30.04 69.54
N TRP A 24 -50.82 31.20 69.05
CA TRP A 24 -49.99 31.22 67.85
C TRP A 24 -48.65 30.54 68.11
N TRP A 25 -48.06 30.78 69.28
CA TRP A 25 -46.77 30.18 69.59
C TRP A 25 -46.86 28.66 69.69
N ARG A 26 -47.94 28.16 70.28
CA ARG A 26 -48.15 26.72 70.34
C ARG A 26 -48.38 26.14 68.95
N ALA A 27 -49.16 26.83 68.12
CA ALA A 27 -49.46 26.32 66.79
C ALA A 27 -48.22 26.25 65.92
N ALA A 28 -47.33 27.23 66.04
CA ALA A 28 -46.08 27.22 65.28
C ALA A 28 -45.21 26.03 65.68
N ASN A 29 -45.10 25.76 66.98
CA ASN A 29 -44.30 24.61 67.42
C ASN A 29 -44.98 23.31 67.03
N TYR A 30 -46.31 23.26 67.07
CA TYR A 30 -47.02 22.06 66.62
C TYR A 30 -46.78 21.79 65.15
N LEU A 31 -46.82 22.84 64.32
CA LEU A 31 -46.49 22.66 62.91
C LEU A 31 -45.01 22.39 62.71
N SER A 32 -44.16 22.88 63.64
CA SER A 32 -42.73 22.65 63.52
C SER A 32 -42.39 21.17 63.64
N VAL A 33 -42.89 20.52 64.69
CA VAL A 33 -42.64 19.09 64.85
C VAL A 33 -43.43 18.26 63.86
N GLY A 34 -44.52 18.80 63.33
CA GLY A 34 -45.30 18.04 62.36
C GLY A 34 -44.52 17.77 61.08
N GLN A 35 -43.84 18.79 60.56
CA GLN A 35 -43.05 18.61 59.35
C GLN A 35 -41.75 17.89 59.63
N ILE A 36 -41.22 17.98 60.85
CA ILE A 36 -40.03 17.22 61.19
C ILE A 36 -40.34 15.73 61.23
N TYR A 37 -41.49 15.35 61.80
CA TYR A 37 -41.80 13.95 62.04
C TYR A 37 -42.92 13.43 61.16
N LEU A 38 -44.09 14.06 61.18
CA LEU A 38 -45.28 13.46 60.59
C LEU A 38 -45.21 13.51 59.06
N ARG A 39 -45.52 12.37 58.44
CA ARG A 39 -45.69 12.29 57.00
C ARG A 39 -47.16 12.26 56.60
N ASP A 40 -48.00 11.65 57.43
CA ASP A 40 -49.44 11.60 57.21
C ASP A 40 -50.12 11.86 58.55
N ASN A 41 -51.46 11.97 58.51
CA ASN A 41 -52.30 12.24 59.67
C ASN A 41 -51.84 13.52 60.36
N PRO A 42 -52.06 14.69 59.75
CA PRO A 42 -51.49 15.92 60.32
C PRO A 42 -52.18 16.36 61.60
N LEU A 43 -53.49 16.19 61.70
CA LEU A 43 -54.25 16.68 62.85
C LEU A 43 -54.43 15.64 63.94
N LEU A 44 -53.84 14.45 63.79
CA LEU A 44 -53.93 13.37 64.78
C LEU A 44 -55.38 12.99 65.08
N GLN A 45 -56.20 12.91 64.04
CA GLN A 45 -57.56 12.45 64.20
C GLN A 45 -57.59 11.00 64.67
N GLU A 46 -56.72 10.17 64.11
CA GLU A 46 -56.54 8.78 64.51
C GLU A 46 -55.28 8.65 65.34
N PRO A 47 -55.16 7.59 66.15
CA PRO A 47 -53.92 7.39 66.92
C PRO A 47 -52.72 7.23 66.01
N LEU A 48 -51.58 7.74 66.48
CA LEU A 48 -50.36 7.77 65.68
C LEU A 48 -49.82 6.37 65.44
N ARG A 49 -49.39 6.12 64.21
CA ARG A 49 -48.83 4.84 63.79
C ARG A 49 -47.52 5.08 63.08
N PRO A 50 -46.62 4.09 63.06
CA PRO A 50 -45.28 4.31 62.48
C PRO A 50 -45.30 4.71 61.01
N GLU A 51 -46.32 4.31 60.24
CA GLU A 51 -46.36 4.70 58.83
C GLU A 51 -46.60 6.19 58.64
N HIS A 52 -47.03 6.90 59.68
CA HIS A 52 -47.19 8.34 59.61
C HIS A 52 -45.88 9.08 59.85
N ILE A 53 -44.84 8.40 60.30
CA ILE A 53 -43.58 9.04 60.67
C ILE A 53 -42.61 8.92 59.51
N LYS A 54 -41.82 9.96 59.27
CA LYS A 54 -40.81 9.94 58.23
C LYS A 54 -39.71 8.94 58.60
N GLN A 55 -39.24 8.20 57.59
CA GLN A 55 -38.22 7.18 57.83
C GLN A 55 -36.90 7.82 58.24
N ARG A 56 -36.48 8.87 57.54
CA ARG A 56 -35.23 9.57 57.82
C ARG A 56 -35.55 10.94 58.37
N LEU A 57 -34.97 11.26 59.54
CA LEU A 57 -35.24 12.51 60.23
C LEU A 57 -34.00 13.39 60.15
N LEU A 58 -34.05 14.41 59.29
CA LEU A 58 -32.95 15.33 59.11
C LEU A 58 -33.24 16.73 59.64
N GLY A 59 -34.40 16.95 60.25
CA GLY A 59 -34.75 18.26 60.75
C GLY A 59 -33.97 18.63 62.00
N HIS A 60 -34.04 19.91 62.34
CA HIS A 60 -33.40 20.45 63.52
C HIS A 60 -34.45 21.07 64.42
N TRP A 61 -34.37 20.76 65.72
CA TRP A 61 -35.36 21.22 66.68
C TRP A 61 -34.83 22.24 67.68
N GLY A 62 -33.52 22.26 67.94
CA GLY A 62 -33.01 23.04 69.06
C GLY A 62 -33.31 24.52 68.97
N SER A 63 -33.27 25.08 67.77
CA SER A 63 -33.51 26.50 67.57
C SER A 63 -34.96 26.84 67.31
N ASP A 64 -35.80 25.83 67.05
CA ASP A 64 -37.18 26.11 66.64
C ASP A 64 -38.03 26.83 67.68
N PRO A 65 -38.02 26.46 68.97
CA PRO A 65 -38.83 27.24 69.93
C PRO A 65 -38.44 28.70 70.02
N GLY A 66 -37.15 29.02 69.94
CA GLY A 66 -36.73 30.40 70.07
C GLY A 66 -37.18 31.27 68.91
N LEU A 67 -37.04 30.76 67.68
CA LEU A 67 -37.44 31.53 66.51
C LEU A 67 -38.95 31.77 66.49
N SER A 68 -39.73 30.74 66.82
CA SER A 68 -41.17 30.92 66.89
C SER A 68 -41.57 31.87 68.00
N PHE A 69 -40.81 31.87 69.11
CA PHE A 69 -41.09 32.78 70.21
C PHE A 69 -40.93 34.23 69.79
N VAL A 70 -39.84 34.53 69.09
CA VAL A 70 -39.60 35.91 68.67
C VAL A 70 -40.57 36.34 67.58
N TYR A 71 -40.89 35.42 66.66
CA TYR A 71 -41.69 35.77 65.50
C TYR A 71 -43.09 36.22 65.89
N VAL A 72 -43.72 35.52 66.83
CA VAL A 72 -45.08 35.87 67.22
C VAL A 72 -45.11 37.20 67.96
N HIS A 73 -44.07 37.49 68.75
CA HIS A 73 -43.98 38.78 69.41
C HIS A 73 -43.80 39.91 68.40
N LEU A 74 -43.02 39.67 67.36
CA LEU A 74 -42.83 40.68 66.32
C LEU A 74 -44.13 40.97 65.57
N ASN A 75 -44.94 39.93 65.35
CA ASN A 75 -46.24 40.15 64.71
C ASN A 75 -47.14 40.99 65.60
N ARG A 76 -47.02 40.83 66.92
CA ARG A 76 -47.74 41.69 67.84
C ARG A 76 -47.31 43.15 67.70
N LEU A 77 -45.99 43.39 67.62
CA LEU A 77 -45.48 44.74 67.56
C LEU A 77 -45.74 45.37 66.18
N ILE A 78 -45.74 44.55 65.12
CA ILE A 78 -46.00 45.08 63.79
C ILE A 78 -47.47 45.44 63.60
N ARG A 79 -48.36 44.89 64.43
CA ARG A 79 -49.76 45.26 64.33
C ARG A 79 -50.01 46.66 64.88
N ARG A 80 -49.38 46.98 66.01
CA ARG A 80 -49.67 48.25 66.68
C ARG A 80 -48.93 49.41 66.02
N LEU A 81 -47.63 49.25 65.78
CA LEU A 81 -46.81 50.34 65.26
C LEU A 81 -46.74 50.37 63.74
N ASP A 82 -47.35 49.41 63.06
CA ASP A 82 -47.40 49.35 61.59
C ASP A 82 -45.99 49.39 60.98
N LEU A 83 -45.09 48.62 61.55
CA LEU A 83 -43.71 48.60 61.09
C LEU A 83 -43.59 47.68 59.87
N ASN A 84 -42.34 47.39 59.48
CA ASN A 84 -42.05 46.41 58.44
C ASN A 84 -40.77 45.69 58.82
N LEU A 85 -40.82 44.36 58.81
CA LEU A 85 -39.72 43.54 59.26
C LEU A 85 -39.29 42.56 58.18
N ILE A 86 -38.09 42.02 58.33
CA ILE A 86 -37.53 41.06 57.41
C ILE A 86 -37.26 39.71 58.09
N TYR A 87 -36.76 39.74 59.31
CA TYR A 87 -36.45 38.54 60.11
C TYR A 87 -35.42 37.65 59.40
N VAL A 88 -34.21 38.19 59.29
CA VAL A 88 -33.07 37.39 58.86
C VAL A 88 -32.73 36.40 59.96
N THR A 89 -32.62 35.13 59.60
CA THR A 89 -32.42 34.05 60.56
C THR A 89 -30.96 33.66 60.63
N GLY A 90 -30.42 33.64 61.85
CA GLY A 90 -29.03 33.30 62.08
C GLY A 90 -28.72 31.82 62.01
N PRO A 91 -29.31 31.01 62.89
CA PRO A 91 -29.00 29.57 62.90
C PRO A 91 -29.26 28.87 61.58
N GLY A 92 -30.25 29.31 60.81
CA GLY A 92 -30.51 28.75 59.50
C GLY A 92 -31.18 27.41 59.48
N HIS A 93 -31.05 26.62 60.54
CA HIS A 93 -31.77 25.36 60.66
C HIS A 93 -33.11 25.52 61.35
N GLY A 94 -33.50 26.76 61.67
CA GLY A 94 -34.79 27.03 62.25
C GLY A 94 -35.86 27.28 61.20
N ALA A 95 -35.58 26.82 59.98
CA ALA A 95 -36.54 26.94 58.88
C ALA A 95 -37.92 26.35 59.17
N PRO A 96 -38.08 25.23 59.89
CA PRO A 96 -39.44 24.82 60.28
C PRO A 96 -40.21 25.87 61.06
N ALA A 97 -39.52 26.63 61.91
CA ALA A 97 -40.19 27.72 62.63
C ALA A 97 -40.67 28.80 61.67
N LEU A 98 -39.84 29.13 60.67
CA LEU A 98 -40.22 30.16 59.71
C LEU A 98 -41.37 29.68 58.81
N LEU A 99 -41.27 28.44 58.33
CA LEU A 99 -42.28 27.93 57.41
C LEU A 99 -43.63 27.76 58.09
N ALA A 100 -43.61 27.38 59.38
CA ALA A 100 -44.85 27.27 60.13
C ALA A 100 -45.53 28.63 60.26
N ASN A 101 -44.75 29.67 60.58
CA ASN A 101 -45.30 31.01 60.69
C ASN A 101 -45.79 31.52 59.35
N ALA A 102 -45.06 31.23 58.28
CA ALA A 102 -45.50 31.63 56.94
C ALA A 102 -46.78 30.93 56.56
N TRP A 103 -46.92 29.66 56.91
CA TRP A 103 -48.16 28.93 56.65
C TRP A 103 -49.30 29.50 57.49
N LEU A 104 -49.03 29.83 58.75
CA LEU A 104 -50.09 30.38 59.60
C LEU A 104 -50.56 31.73 59.11
N GLU A 105 -49.64 32.59 58.68
CA GLU A 105 -50.01 33.90 58.16
C GLU A 105 -50.72 33.83 56.82
N GLY A 106 -50.69 32.68 56.15
CA GLY A 106 -51.30 32.53 54.85
C GLY A 106 -50.40 32.88 53.68
N THR A 107 -49.18 33.36 53.95
CA THR A 107 -48.25 33.69 52.88
C THR A 107 -47.84 32.45 52.10
N TYR A 108 -47.54 31.36 52.81
CA TYR A 108 -47.06 30.14 52.14
C TYR A 108 -48.13 29.54 51.24
N SER A 109 -49.40 29.63 51.66
CA SER A 109 -50.48 29.14 50.82
C SER A 109 -50.60 29.95 49.53
N GLU A 110 -50.42 31.27 49.62
CA GLU A 110 -50.49 32.11 48.42
C GLU A 110 -49.33 31.82 47.48
N VAL A 111 -48.12 31.69 48.02
CA VAL A 111 -46.97 31.38 47.18
C VAL A 111 -47.07 29.98 46.60
N TYR A 112 -47.45 29.01 47.43
CA TYR A 112 -47.60 27.62 47.00
C TYR A 112 -49.06 27.21 47.17
N PRO A 113 -49.86 27.23 46.10
CA PRO A 113 -51.28 26.87 46.23
C PRO A 113 -51.51 25.42 46.61
N ASN A 114 -50.55 24.53 46.39
CA ASN A 114 -50.72 23.14 46.78
C ASN A 114 -50.84 23.01 48.29
N CYS A 115 -50.03 23.76 49.04
CA CYS A 115 -50.08 23.74 50.49
C CYS A 115 -51.17 24.69 51.00
N GLN A 116 -52.41 24.36 50.65
CA GLN A 116 -53.55 25.16 51.03
C GLN A 116 -53.83 25.03 52.53
N GLN A 117 -54.49 26.04 53.09
CA GLN A 117 -54.86 26.03 54.51
C GLN A 117 -56.07 25.10 54.69
N SER A 118 -55.77 23.81 54.76
CA SER A 118 -56.80 22.79 54.93
C SER A 118 -56.14 21.54 55.49
N THR A 119 -56.96 20.52 55.75
CA THR A 119 -56.43 19.25 56.24
C THR A 119 -55.54 18.59 55.20
N ALA A 120 -55.98 18.59 53.94
CA ALA A 120 -55.17 18.01 52.86
C ALA A 120 -53.89 18.81 52.65
N GLY A 121 -53.97 20.14 52.72
CA GLY A 121 -52.77 20.94 52.59
C GLY A 121 -51.80 20.74 53.74
N LEU A 122 -52.33 20.53 54.95
CA LEU A 122 -51.47 20.25 56.09
C LEU A 122 -50.71 18.94 55.89
N GLN A 123 -51.38 17.93 55.32
CA GLN A 123 -50.69 16.69 54.99
C GLN A 123 -49.59 16.92 53.98
N GLN A 124 -49.85 17.75 52.97
CA GLN A 124 -48.83 18.07 51.98
C GLN A 124 -47.73 18.94 52.58
N PHE A 125 -48.09 19.84 53.48
CA PHE A 125 -47.10 20.73 54.08
C PHE A 125 -46.09 19.94 54.90
N PHE A 126 -46.56 18.97 55.69
CA PHE A 126 -45.64 18.14 56.47
C PHE A 126 -44.83 17.21 55.57
N LYS A 127 -45.46 16.70 54.51
CA LYS A 127 -44.83 15.71 53.66
C LYS A 127 -43.64 16.29 52.92
N GLN A 128 -43.75 17.54 52.45
CA GLN A 128 -42.72 18.08 51.57
C GLN A 128 -41.44 18.41 52.30
N PHE A 129 -41.51 18.75 53.59
CA PHE A 129 -40.31 19.13 54.33
C PHE A 129 -39.38 17.95 54.52
N SER A 130 -38.08 18.20 54.34
CA SER A 130 -37.03 17.20 54.57
C SER A 130 -37.26 15.93 53.75
N PHE A 131 -37.74 16.10 52.52
CA PHE A 131 -38.11 14.99 51.67
C PHE A 131 -37.52 15.18 50.29
N PRO A 132 -37.21 14.09 49.59
CA PRO A 132 -36.83 14.21 48.17
C PRO A 132 -37.96 14.85 47.37
N GLY A 133 -37.57 15.77 46.49
CA GLY A 133 -38.56 16.58 45.79
C GLY A 133 -39.34 17.49 46.71
N GLY A 134 -38.68 18.11 47.68
CA GLY A 134 -39.34 18.96 48.63
C GLY A 134 -38.43 20.06 49.12
N ILE A 135 -38.96 20.89 50.00
CA ILE A 135 -38.20 22.01 50.55
C ILE A 135 -37.10 21.49 51.45
N GLY A 136 -35.96 22.18 51.46
CA GLY A 136 -34.81 21.75 52.21
C GLY A 136 -34.92 22.02 53.70
N SER A 137 -33.96 21.47 54.44
CA SER A 137 -33.97 21.63 55.90
C SER A 137 -33.63 23.05 56.29
N HIS A 138 -32.65 23.66 55.64
CA HIS A 138 -32.29 25.04 55.93
C HIS A 138 -33.23 26.00 55.20
N CYS A 139 -33.09 27.28 55.51
CA CYS A 139 -33.90 28.31 54.86
C CYS A 139 -33.31 28.59 53.49
N THR A 140 -33.91 28.00 52.48
CA THR A 140 -33.48 28.06 51.09
C THR A 140 -34.20 29.20 50.37
N PRO A 141 -33.84 29.46 49.11
CA PRO A 141 -34.65 30.42 48.32
C PRO A 141 -36.12 30.03 48.17
N GLU A 142 -36.46 28.75 48.31
CA GLU A 142 -37.87 28.37 48.29
C GLU A 142 -38.63 28.92 49.49
N THR A 143 -37.94 29.21 50.58
CA THR A 143 -38.60 29.72 51.77
C THR A 143 -39.07 31.15 51.55
N PRO A 144 -40.36 31.44 51.68
CA PRO A 144 -40.82 32.82 51.55
C PRO A 144 -40.27 33.71 52.66
N GLY A 145 -40.00 34.96 52.30
CA GLY A 145 -39.50 35.93 53.27
C GLY A 145 -38.14 35.59 53.84
N SER A 146 -37.22 35.12 53.00
CA SER A 146 -35.88 34.76 53.44
C SER A 146 -34.86 35.26 52.44
N ILE A 147 -33.80 35.91 52.95
CA ILE A 147 -32.69 36.31 52.12
C ILE A 147 -31.38 35.62 52.51
N HIS A 148 -31.26 35.13 53.74
CA HIS A 148 -30.04 34.50 54.21
C HIS A 148 -30.21 32.99 54.19
N GLU A 149 -29.30 32.30 53.50
CA GLU A 149 -29.40 30.84 53.40
C GLU A 149 -29.22 30.18 54.76
N GLY A 150 -28.32 30.70 55.58
CA GLY A 150 -28.18 30.27 56.95
C GLY A 150 -27.47 28.96 57.16
N GLY A 151 -27.14 28.24 56.10
CA GLY A 151 -26.43 26.97 56.26
C GLY A 151 -25.02 27.17 56.80
N GLU A 152 -24.30 28.14 56.26
CA GLU A 152 -23.01 28.55 56.80
C GLU A 152 -23.25 29.61 57.87
N LEU A 153 -22.60 29.45 59.01
CA LEU A 153 -22.87 30.27 60.17
C LEU A 153 -21.83 31.37 60.29
N GLY A 154 -22.30 32.58 60.63
CA GLY A 154 -21.44 33.72 60.84
C GLY A 154 -21.73 34.91 59.94
N TYR A 155 -22.57 34.75 58.91
CA TYR A 155 -22.84 35.81 57.95
C TYR A 155 -24.22 36.41 58.11
N SER A 156 -24.93 36.07 59.18
CA SER A 156 -26.31 36.52 59.32
C SER A 156 -26.40 38.01 59.65
N LEU A 157 -25.56 38.49 60.56
CA LEU A 157 -25.64 39.89 60.97
C LEU A 157 -25.23 40.82 59.85
N SER A 158 -24.22 40.44 59.06
CA SER A 158 -23.83 41.26 57.92
C SER A 158 -24.98 41.38 56.92
N HIS A 159 -25.72 40.29 56.72
CA HIS A 159 -26.88 40.34 55.83
C HIS A 159 -28.00 41.19 56.42
N ALA A 160 -28.05 41.32 57.76
CA ALA A 160 -29.04 42.21 58.36
C ALA A 160 -28.72 43.66 58.04
N PHE A 161 -27.45 44.05 58.13
CA PHE A 161 -27.08 45.43 57.84
C PHE A 161 -27.17 45.74 56.36
N GLY A 162 -26.82 44.77 55.50
CA GLY A 162 -26.86 45.01 54.07
C GLY A 162 -28.25 45.27 53.54
N ALA A 163 -29.25 44.61 54.11
CA ALA A 163 -30.62 44.82 53.67
C ALA A 163 -31.16 46.18 54.06
N ALA A 164 -30.58 46.83 55.07
CA ALA A 164 -31.04 48.13 55.54
C ALA A 164 -30.09 49.26 55.17
N LEU A 165 -29.23 49.04 54.17
CA LEU A 165 -28.21 50.04 53.86
C LEU A 165 -28.78 51.27 53.18
N ASP A 166 -29.95 51.17 52.53
CA ASP A 166 -30.55 52.34 51.93
C ASP A 166 -32.06 52.39 52.07
N ASN A 167 -32.65 51.57 52.93
CA ASN A 167 -34.07 51.65 53.20
C ASN A 167 -34.26 52.36 54.53
N PRO A 168 -34.82 53.58 54.54
CA PRO A 168 -34.87 54.33 55.80
C PRO A 168 -35.91 53.81 56.78
N ASP A 169 -37.08 53.39 56.29
CA ASP A 169 -38.15 52.94 57.17
C ASP A 169 -38.10 51.47 57.51
N LEU A 170 -37.24 50.70 56.84
CA LEU A 170 -37.19 49.26 57.08
C LEU A 170 -36.57 48.96 58.44
N ILE A 171 -37.11 47.95 59.11
CA ILE A 171 -36.55 47.43 60.36
C ILE A 171 -36.22 45.96 60.12
N VAL A 172 -35.03 45.55 60.54
CA VAL A 172 -34.55 44.19 60.36
C VAL A 172 -34.28 43.60 61.73
N ALA A 173 -34.86 42.43 61.99
CA ALA A 173 -34.67 41.72 63.25
C ALA A 173 -33.90 40.44 62.96
N CYS A 174 -32.62 40.43 63.31
CA CYS A 174 -31.76 39.28 63.08
C CYS A 174 -31.55 38.53 64.38
N VAL A 175 -31.87 37.24 64.39
CA VAL A 175 -31.67 36.40 65.56
C VAL A 175 -30.31 35.72 65.44
N ILE A 176 -29.48 35.87 66.47
CA ILE A 176 -28.10 35.38 66.45
C ILE A 176 -27.99 34.26 67.46
N GLY A 177 -27.52 33.10 66.99
CA GLY A 177 -27.22 32.01 67.90
C GLY A 177 -25.92 32.23 68.64
N ASP A 178 -25.87 31.74 69.88
CA ASP A 178 -24.69 31.93 70.70
C ASP A 178 -23.50 31.15 70.17
N GLY A 179 -23.72 29.94 69.67
CA GLY A 179 -22.64 29.21 69.03
C GLY A 179 -22.16 29.88 67.75
N GLU A 180 -23.07 30.49 67.01
CA GLU A 180 -22.69 31.23 65.81
C GLU A 180 -21.96 32.52 66.16
N ALA A 181 -22.33 33.15 67.28
CA ALA A 181 -21.83 34.49 67.60
C ALA A 181 -20.34 34.51 67.88
N GLU A 182 -19.74 33.38 68.24
CA GLU A 182 -18.32 33.36 68.53
C GLU A 182 -17.45 33.27 67.28
N THR A 183 -18.04 33.02 66.11
CA THR A 183 -17.26 32.88 64.90
C THR A 183 -16.63 34.21 64.50
N GLY A 184 -15.55 34.12 63.71
CA GLY A 184 -14.81 35.27 63.27
C GLY A 184 -15.62 36.30 62.49
N PRO A 185 -16.32 35.88 61.44
CA PRO A 185 -17.18 36.82 60.71
C PRO A 185 -18.26 37.47 61.56
N LEU A 186 -18.78 36.77 62.56
CA LEU A 186 -19.80 37.38 63.42
C LEU A 186 -19.18 38.19 64.55
N ALA A 187 -17.96 37.86 64.96
CA ALA A 187 -17.31 38.66 66.00
C ALA A 187 -17.07 40.08 65.52
N THR A 188 -16.66 40.24 64.26
CA THR A 188 -16.43 41.57 63.71
C THR A 188 -17.74 42.28 63.36
N SER A 189 -18.75 41.54 62.89
CA SER A 189 -19.93 42.16 62.30
C SER A 189 -20.74 42.99 63.29
N TRP A 190 -20.46 42.86 64.59
CA TRP A 190 -21.12 43.72 65.56
C TRP A 190 -20.76 45.18 65.34
N HIS A 191 -19.51 45.44 64.94
CA HIS A 191 -19.04 46.81 64.77
C HIS A 191 -19.69 47.52 63.59
N SER A 192 -20.47 46.83 62.77
CA SER A 192 -21.11 47.43 61.62
C SER A 192 -22.17 48.46 61.98
N ASN A 193 -22.56 48.55 63.26
CA ASN A 193 -23.46 49.60 63.70
C ASN A 193 -22.87 50.99 63.45
N LYS A 194 -21.55 51.12 63.56
CA LYS A 194 -20.90 52.41 63.36
C LYS A 194 -21.04 52.87 61.91
N PHE A 195 -20.88 51.97 60.95
CA PHE A 195 -20.97 52.36 59.55
C PHE A 195 -22.41 52.62 59.12
N LEU A 196 -23.39 52.11 59.85
CA LEU A 196 -24.79 52.36 59.53
C LEU A 196 -25.13 53.82 59.83
N ASN A 197 -25.84 54.46 58.91
CA ASN A 197 -26.18 55.86 59.06
C ASN A 197 -27.62 55.97 59.55
N PRO A 198 -27.86 56.42 60.79
CA PRO A 198 -29.24 56.48 61.29
C PRO A 198 -30.13 57.46 60.54
N ALA A 199 -29.55 58.46 59.87
CA ALA A 199 -30.37 59.49 59.25
C ALA A 199 -31.10 58.98 58.02
N GLN A 200 -30.40 58.26 57.14
CA GLN A 200 -30.96 57.88 55.87
C GLN A 200 -31.22 56.38 55.74
N ASP A 201 -30.92 55.59 56.76
CA ASP A 201 -31.07 54.14 56.68
C ASP A 201 -31.99 53.66 57.79
N GLY A 202 -32.42 52.41 57.66
CA GLY A 202 -33.24 51.78 58.67
C GLY A 202 -32.44 51.33 59.87
N ALA A 203 -33.14 50.72 60.81
CA ALA A 203 -32.55 50.22 62.03
C ALA A 203 -32.65 48.71 62.08
N VAL A 204 -31.56 48.06 62.48
CA VAL A 204 -31.49 46.61 62.60
C VAL A 204 -31.43 46.27 64.08
N LEU A 205 -32.32 45.38 64.51
CA LEU A 205 -32.39 44.99 65.92
C LEU A 205 -31.83 43.60 66.08
N PRO A 206 -30.61 43.45 66.60
CA PRO A 206 -30.04 42.11 66.77
C PRO A 206 -30.53 41.45 68.05
N ILE A 207 -30.85 40.17 67.94
CA ILE A 207 -31.33 39.37 69.06
C ILE A 207 -30.39 38.19 69.24
N LEU A 208 -29.88 38.02 70.45
CA LEU A 208 -28.93 36.95 70.77
C LEU A 208 -29.68 35.81 71.43
N HIS A 209 -29.65 34.63 70.80
CA HIS A 209 -30.30 33.45 71.35
C HIS A 209 -29.26 32.66 72.15
N LEU A 210 -29.04 33.12 73.38
CA LEU A 210 -28.03 32.54 74.27
C LEU A 210 -28.62 31.37 75.04
N ASN A 211 -28.94 30.29 74.29
CA ASN A 211 -29.58 29.14 74.91
C ASN A 211 -28.60 28.31 75.74
N GLY A 212 -27.29 28.51 75.57
CA GLY A 212 -26.31 27.91 76.43
C GLY A 212 -25.55 26.74 75.86
N TYR A 213 -26.05 26.12 74.78
CA TYR A 213 -25.45 24.89 74.29
C TYR A 213 -25.32 24.91 72.78
N LYS A 214 -24.20 24.36 72.31
CA LYS A 214 -24.01 24.06 70.90
C LYS A 214 -24.62 22.68 70.60
N ILE A 215 -24.24 22.08 69.48
CA ILE A 215 -24.71 20.73 69.17
C ILE A 215 -24.17 19.72 70.18
N ALA A 216 -22.94 19.91 70.67
CA ALA A 216 -22.35 18.97 71.61
C ALA A 216 -21.53 19.63 72.71
N ASN A 217 -21.50 20.96 72.78
CA ASN A 217 -20.67 21.66 73.74
C ASN A 217 -21.43 22.84 74.31
N PRO A 218 -21.16 23.25 75.54
CA PRO A 218 -21.68 24.52 76.03
C PRO A 218 -21.12 25.69 75.21
N THR A 219 -21.97 26.66 74.95
CA THR A 219 -21.56 27.80 74.15
C THR A 219 -20.56 28.68 74.91
N LEU A 220 -19.68 29.34 74.16
CA LEU A 220 -18.65 30.15 74.78
C LEU A 220 -19.21 31.40 75.43
N LEU A 221 -20.23 32.01 74.81
CA LEU A 221 -20.76 33.26 75.32
C LEU A 221 -21.74 33.08 76.47
N SER A 222 -22.22 31.87 76.71
CA SER A 222 -23.09 31.63 77.85
C SER A 222 -22.32 31.30 79.11
N ARG A 223 -21.09 30.81 78.98
CA ARG A 223 -20.27 30.43 80.12
C ARG A 223 -19.41 31.58 80.63
N ILE A 224 -19.58 32.77 80.08
CA ILE A 224 -18.97 33.96 80.65
C ILE A 224 -19.96 34.59 81.62
N SER A 225 -19.43 35.41 82.52
CA SER A 225 -20.28 36.05 83.52
C SER A 225 -21.19 37.09 82.86
N HIS A 226 -22.30 37.39 83.54
CA HIS A 226 -23.25 38.37 83.02
C HIS A 226 -22.61 39.75 82.94
N GLU A 227 -21.74 40.08 83.88
CA GLU A 227 -21.06 41.38 83.83
C GLU A 227 -20.10 41.45 82.64
N GLU A 228 -19.34 40.38 82.39
CA GLU A 228 -18.42 40.40 81.26
C GLU A 228 -19.18 40.40 79.94
N LEU A 229 -20.31 39.69 79.87
CA LEU A 229 -21.12 39.72 78.66
C LEU A 229 -21.67 41.13 78.41
N ARG A 230 -22.10 41.81 79.47
CA ARG A 230 -22.55 43.18 79.31
C ARG A 230 -21.40 44.10 78.92
N SER A 231 -20.20 43.85 79.44
CA SER A 231 -19.03 44.63 79.04
C SER A 231 -18.71 44.41 77.57
N LEU A 232 -18.85 43.17 77.10
CA LEU A 232 -18.51 42.86 75.71
C LEU A 232 -19.44 43.58 74.73
N PHE A 233 -20.74 43.60 75.03
CA PHE A 233 -21.69 44.23 74.12
C PHE A 233 -21.73 45.74 74.26
N ILE A 234 -21.23 46.29 75.36
CA ILE A 234 -21.02 47.73 75.43
C ILE A 234 -19.87 48.14 74.53
N GLY A 235 -18.80 47.34 74.53
CA GLY A 235 -17.65 47.63 73.66
C GLY A 235 -18.01 47.57 72.18
N TYR A 236 -18.93 46.69 71.80
CA TYR A 236 -19.43 46.67 70.43
C TYR A 236 -20.29 47.88 70.12
N GLY A 237 -20.76 48.60 71.14
CA GLY A 237 -21.55 49.78 70.94
C GLY A 237 -23.05 49.58 71.00
N TYR A 238 -23.52 48.44 71.47
CA TYR A 238 -24.94 48.16 71.57
C TYR A 238 -25.43 48.35 72.99
N GLU A 239 -26.69 48.76 73.10
CA GLU A 239 -27.34 48.84 74.40
C GLU A 239 -27.83 47.45 74.79
N PRO A 240 -27.30 46.85 75.85
CA PRO A 240 -27.65 45.45 76.17
C PRO A 240 -28.94 45.36 76.96
N PHE A 241 -29.84 44.49 76.52
CA PHE A 241 -31.05 44.14 77.25
C PHE A 241 -31.10 42.63 77.45
N PHE A 242 -31.50 42.21 78.64
CA PHE A 242 -31.45 40.80 79.03
C PHE A 242 -32.85 40.31 79.35
N VAL A 243 -33.24 39.21 78.70
CA VAL A 243 -34.49 38.52 78.98
C VAL A 243 -34.14 37.07 79.32
N GLU A 244 -34.53 36.63 80.50
CA GLU A 244 -34.17 35.31 81.01
C GLU A 244 -35.40 34.59 81.51
N GLY A 245 -35.23 33.30 81.80
CA GLY A 245 -36.27 32.48 82.38
C GLY A 245 -36.77 31.42 81.41
N ASN A 246 -37.69 30.60 81.92
CA ASN A 246 -38.29 29.54 81.14
C ASN A 246 -39.80 29.41 81.37
N ASP A 247 -40.43 30.37 82.03
CA ASP A 247 -41.86 30.33 82.29
C ASP A 247 -42.57 31.15 81.22
N PRO A 248 -43.44 30.54 80.40
CA PRO A 248 -44.10 31.32 79.33
C PRO A 248 -44.92 32.49 79.84
N ALA A 249 -45.58 32.34 80.98
CA ALA A 249 -46.38 33.44 81.53
C ALA A 249 -45.48 34.64 81.88
N ILE A 250 -44.33 34.37 82.49
CA ILE A 250 -43.37 35.44 82.76
C ILE A 250 -42.73 35.92 81.46
N LEU A 251 -42.34 34.98 80.59
CA LEU A 251 -41.55 35.33 79.42
C LEU A 251 -42.35 36.14 78.40
N HIS A 252 -43.66 35.90 78.28
CA HIS A 252 -44.47 36.68 77.35
C HIS A 252 -44.47 38.15 77.74
N GLY A 253 -44.68 38.44 79.03
CA GLY A 253 -44.73 39.83 79.47
C GLY A 253 -43.38 40.53 79.36
N VAL A 254 -42.31 39.85 79.75
CA VAL A 254 -41.00 40.49 79.78
C VAL A 254 -40.49 40.74 78.37
N MET A 255 -40.61 39.74 77.49
CA MET A 255 -40.05 39.87 76.15
C MET A 255 -40.83 40.87 75.31
N ALA A 256 -42.16 40.92 75.48
CA ALA A 256 -42.94 41.93 74.79
C ALA A 256 -42.62 43.32 75.31
N SER A 257 -42.36 43.46 76.61
CA SER A 257 -41.98 44.75 77.18
C SER A 257 -40.64 45.21 76.64
N THR A 258 -39.66 44.30 76.55
CA THR A 258 -38.34 44.67 76.06
C THR A 258 -38.39 45.07 74.59
N LEU A 259 -39.19 44.37 73.78
CA LEU A 259 -39.33 44.74 72.37
C LEU A 259 -39.92 46.13 72.22
N ALA A 260 -40.95 46.46 73.01
CA ALA A 260 -41.52 47.80 72.96
C ALA A 260 -40.53 48.84 73.45
N THR A 261 -39.71 48.48 74.45
CA THR A 261 -38.68 49.39 74.93
C THR A 261 -37.66 49.69 73.83
N CYS A 262 -37.26 48.68 73.07
CA CYS A 262 -36.21 48.85 72.08
C CYS A 262 -36.70 49.61 70.86
N VAL A 263 -37.92 49.32 70.39
CA VAL A 263 -38.39 49.92 69.15
C VAL A 263 -38.62 51.42 69.31
N GLN A 264 -39.05 51.85 70.49
CA GLN A 264 -39.22 53.28 70.73
C GLN A 264 -37.89 54.00 70.73
N LYS A 265 -36.85 53.37 71.30
CA LYS A 265 -35.51 53.91 71.20
C LYS A 265 -35.04 53.94 69.75
N ILE A 266 -35.39 52.91 68.98
CA ILE A 266 -35.07 52.88 67.55
C ILE A 266 -35.76 54.03 66.83
N GLN A 267 -37.04 54.27 67.14
CA GLN A 267 -37.74 55.39 66.54
C GLN A 267 -37.21 56.72 67.05
N ALA A 268 -36.82 56.76 68.33
CA ALA A 268 -36.22 57.97 68.88
C ALA A 268 -34.89 58.28 68.20
N ILE A 269 -34.07 57.25 67.97
CA ILE A 269 -32.78 57.45 67.32
C ILE A 269 -32.97 57.91 65.89
N GLN A 270 -33.89 57.28 65.16
CA GLN A 270 -34.13 57.66 63.77
C GLN A 270 -34.70 59.07 63.68
N ALA A 271 -35.63 59.42 64.56
CA ALA A 271 -36.20 60.77 64.54
C ALA A 271 -35.15 61.82 64.91
N ALA A 272 -34.31 61.52 65.90
CA ALA A 272 -33.26 62.46 66.30
C ALA A 272 -32.24 62.66 65.18
N ALA A 273 -31.90 61.58 64.46
CA ALA A 273 -30.93 61.70 63.38
C ALA A 273 -31.50 62.50 62.21
N ARG A 274 -32.75 62.26 61.85
CA ARG A 274 -33.35 63.00 60.74
C ARG A 274 -33.59 64.47 61.09
N SER A 275 -33.91 64.75 62.36
CA SER A 275 -34.03 66.13 62.79
C SER A 275 -32.69 66.83 62.84
N GLY A 276 -31.59 66.08 62.98
CA GLY A 276 -30.26 66.65 63.03
C GLY A 276 -29.84 67.19 64.37
N GLU A 277 -30.68 67.08 65.40
CA GLU A 277 -30.32 67.62 66.70
C GLU A 277 -29.27 66.77 67.41
N SER A 278 -29.25 65.46 67.14
CA SER A 278 -28.32 64.53 67.76
C SER A 278 -27.52 63.85 66.66
N SER A 279 -26.43 64.49 66.24
CA SER A 279 -25.55 63.94 65.21
C SER A 279 -24.36 63.24 65.86
N ASP A 280 -24.64 62.09 66.46
CA ASP A 280 -23.61 61.29 67.10
C ASP A 280 -24.01 59.82 67.03
N ARG A 281 -23.03 58.96 67.20
CA ARG A 281 -23.29 57.53 67.15
C ARG A 281 -24.01 57.06 68.40
N PRO A 282 -25.22 56.52 68.29
CA PRO A 282 -25.96 56.08 69.48
C PRO A 282 -25.75 54.59 69.77
N MET A 283 -25.99 54.24 71.02
CA MET A 283 -25.93 52.84 71.45
C MET A 283 -27.21 52.15 71.00
N TRP A 284 -27.10 51.29 69.99
CA TRP A 284 -28.27 50.62 69.45
C TRP A 284 -28.80 49.57 70.42
N PRO A 285 -30.12 49.38 70.47
CA PRO A 285 -30.68 48.34 71.34
C PRO A 285 -30.33 46.94 70.85
N MET A 286 -30.26 46.02 71.80
CA MET A 286 -29.94 44.62 71.53
C MET A 286 -30.52 43.78 72.67
N ILE A 287 -30.98 42.58 72.32
CA ILE A 287 -31.72 41.73 73.24
C ILE A 287 -30.96 40.41 73.42
N VAL A 288 -30.87 39.97 74.66
CA VAL A 288 -30.22 38.70 75.02
C VAL A 288 -31.29 37.77 75.58
N LEU A 289 -31.37 36.55 75.05
CA LEU A 289 -32.34 35.55 75.47
C LEU A 289 -31.61 34.39 76.13
N ARG A 290 -31.98 34.07 77.36
CA ARG A 290 -31.42 32.95 78.10
C ARG A 290 -32.38 31.76 78.17
N THR A 291 -33.35 31.70 77.26
CA THR A 291 -34.31 30.60 77.27
C THR A 291 -33.60 29.28 76.97
N PRO A 292 -33.94 28.21 77.68
CA PRO A 292 -33.29 26.92 77.43
C PRO A 292 -33.61 26.40 76.04
N LYS A 293 -32.65 25.66 75.48
CA LYS A 293 -32.82 25.11 74.13
C LYS A 293 -33.90 24.04 74.14
N GLY A 294 -34.91 24.23 73.29
CA GLY A 294 -36.03 23.30 73.26
C GLY A 294 -36.81 23.24 74.55
N TRP A 295 -37.08 24.40 75.16
CA TRP A 295 -37.74 24.44 76.45
C TRP A 295 -39.22 24.07 76.39
N THR A 296 -39.78 23.93 75.19
CA THR A 296 -41.15 23.47 75.02
C THR A 296 -41.24 22.00 74.67
N GLY A 297 -40.10 21.33 74.50
CA GLY A 297 -40.08 19.94 74.10
C GLY A 297 -39.98 18.99 75.28
N PRO A 298 -39.67 17.72 74.99
CA PRO A 298 -39.51 16.75 76.06
C PRO A 298 -38.31 17.06 76.95
N ALA A 299 -38.42 16.69 78.22
CA ALA A 299 -37.38 16.97 79.21
C ALA A 299 -36.37 15.82 79.31
N THR A 300 -36.86 14.62 79.60
CA THR A 300 -36.02 13.44 79.72
C THR A 300 -36.64 12.30 78.92
N ILE A 301 -35.79 11.60 78.16
CA ILE A 301 -36.28 10.54 77.29
C ILE A 301 -35.57 9.23 77.60
N LYS A 302 -34.26 9.22 77.51
CA LYS A 302 -33.46 8.02 77.70
C LYS A 302 -32.54 8.16 78.91
N GLY A 303 -33.09 8.66 80.01
CA GLY A 303 -32.29 8.87 81.21
C GLY A 303 -31.36 10.05 81.15
N HIS A 304 -31.48 10.91 80.14
CA HIS A 304 -30.66 12.09 80.00
C HIS A 304 -31.54 13.30 79.72
N VAL A 305 -31.01 14.48 80.04
CA VAL A 305 -31.76 15.72 79.87
C VAL A 305 -31.82 16.07 78.38
N VAL A 306 -33.03 16.17 77.84
CA VAL A 306 -33.21 16.51 76.43
C VAL A 306 -33.78 17.91 76.25
N GLU A 307 -33.99 18.66 77.34
CA GLU A 307 -34.48 20.02 77.28
C GLU A 307 -33.45 20.96 77.90
N GLY A 308 -33.12 22.02 77.17
CA GLY A 308 -32.11 22.97 77.64
C GLY A 308 -30.72 22.40 77.73
N SER A 309 -30.35 21.53 76.81
CA SER A 309 -29.01 20.95 76.76
C SER A 309 -28.63 20.75 75.30
N TRP A 310 -27.42 20.25 75.07
CA TRP A 310 -26.96 19.98 73.72
C TRP A 310 -27.73 18.84 73.07
N ARG A 311 -28.35 17.97 73.85
CA ARG A 311 -29.18 16.91 73.31
C ARG A 311 -30.49 17.44 72.72
N SER A 312 -30.86 18.67 73.04
CA SER A 312 -32.09 19.26 72.53
C SER A 312 -32.00 19.66 71.06
N HIS A 313 -30.81 19.62 70.46
CA HIS A 313 -30.60 20.12 69.10
C HIS A 313 -30.75 18.96 68.12
N GLN A 314 -31.69 19.13 67.18
CA GLN A 314 -31.81 18.34 65.95
C GLN A 314 -32.30 16.90 66.17
N VAL A 315 -32.36 16.45 67.43
CA VAL A 315 -32.78 15.09 67.71
C VAL A 315 -33.29 15.00 69.15
N PRO A 316 -34.57 15.21 69.37
CA PRO A 316 -35.16 14.86 70.67
C PRO A 316 -34.99 13.38 70.98
N MET A 317 -35.49 12.52 70.09
CA MET A 317 -35.32 11.08 70.21
C MET A 317 -34.66 10.54 68.95
N ALA A 318 -33.73 9.61 69.13
CA ALA A 318 -32.99 9.07 67.99
C ALA A 318 -33.87 8.20 67.12
N ASP A 319 -34.61 7.27 67.74
CA ASP A 319 -35.41 6.30 67.01
C ASP A 319 -36.87 6.39 67.44
N VAL A 320 -37.76 6.33 66.45
CA VAL A 320 -39.21 6.35 66.68
C VAL A 320 -39.87 5.08 66.15
N LEU A 321 -39.54 4.70 64.92
CA LEU A 321 -40.11 3.50 64.32
C LEU A 321 -39.68 2.25 65.06
N THR A 322 -38.40 2.19 65.48
CA THR A 322 -37.90 0.99 66.15
C THR A 322 -38.50 0.84 67.54
N ASN A 323 -38.57 1.93 68.30
CA ASN A 323 -39.04 1.87 69.69
C ASN A 323 -40.43 2.47 69.80
N PRO A 324 -41.47 1.67 70.08
CA PRO A 324 -42.80 2.25 70.27
C PRO A 324 -42.91 3.14 71.49
N GLU A 325 -42.03 2.97 72.48
CA GLU A 325 -42.07 3.85 73.66
C GLU A 325 -41.79 5.29 73.28
N HIS A 326 -40.80 5.52 72.42
CA HIS A 326 -40.52 6.88 71.96
C HIS A 326 -41.67 7.42 71.12
N LEU A 327 -42.32 6.58 70.33
CA LEU A 327 -43.48 7.01 69.56
C LEU A 327 -44.60 7.45 70.49
N GLN A 328 -44.80 6.75 71.61
CA GLN A 328 -45.77 7.18 72.60
C GLN A 328 -45.36 8.52 73.22
N LEU A 329 -44.06 8.67 73.52
CA LEU A 329 -43.58 9.96 74.02
C LEU A 329 -43.74 11.04 72.97
N LEU A 330 -43.51 10.69 71.69
CA LEU A 330 -43.73 11.63 70.60
C LEU A 330 -45.19 12.04 70.53
N GLU A 331 -46.11 11.08 70.67
CA GLU A 331 -47.53 11.41 70.64
C GLU A 331 -47.92 12.30 71.82
N ASP A 332 -47.36 12.02 73.00
CA ASP A 332 -47.62 12.87 74.16
C ASP A 332 -47.05 14.26 73.95
N TRP A 333 -45.90 14.35 73.28
CA TRP A 333 -45.33 15.66 72.94
C TRP A 333 -46.26 16.44 72.02
N LEU A 334 -46.83 15.77 71.02
CA LEU A 334 -47.77 16.44 70.11
C LEU A 334 -49.04 16.85 70.83
N ARG A 335 -49.52 16.03 71.76
CA ARG A 335 -50.72 16.37 72.52
C ARG A 335 -50.48 17.54 73.49
N SER A 336 -49.24 17.81 73.85
CA SER A 336 -48.95 18.85 74.83
C SER A 336 -49.32 20.24 74.34
N TYR A 337 -49.36 20.44 73.02
CA TYR A 337 -49.76 21.74 72.47
C TYR A 337 -51.27 21.90 72.38
N ARG A 338 -52.04 20.84 72.64
CA ARG A 338 -53.49 20.80 72.49
C ARG A 338 -53.89 21.28 71.10
N PRO A 339 -53.61 20.50 70.05
CA PRO A 339 -53.89 20.96 68.69
C PRO A 339 -55.38 21.04 68.36
N GLU A 340 -56.25 20.44 69.17
CA GLU A 340 -57.67 20.40 68.85
C GLU A 340 -58.28 21.80 68.88
N GLU A 341 -57.87 22.63 69.83
CA GLU A 341 -58.41 23.98 69.92
C GLU A 341 -57.80 24.91 68.90
N LEU A 342 -56.58 24.63 68.44
CA LEU A 342 -55.89 25.54 67.54
C LEU A 342 -56.40 25.45 66.11
N PHE A 343 -56.94 24.31 65.70
CA PHE A 343 -57.40 24.10 64.34
C PHE A 343 -58.86 23.68 64.33
N ASP A 344 -59.56 24.04 63.26
CA ASP A 344 -60.95 23.68 63.10
C ASP A 344 -61.06 22.30 62.46
N ALA A 345 -62.27 21.91 62.05
CA ALA A 345 -62.46 20.63 61.37
C ALA A 345 -61.78 20.61 60.01
N SER A 346 -61.84 21.74 59.29
CA SER A 346 -61.25 21.80 57.96
C SER A 346 -59.72 21.78 58.00
N GLY A 347 -59.12 22.12 59.14
CA GLY A 347 -57.68 22.16 59.26
C GLY A 347 -57.08 23.55 59.22
N ALA A 348 -57.87 24.57 58.89
CA ALA A 348 -57.39 25.93 58.90
C ALA A 348 -57.21 26.42 60.34
N PRO A 349 -56.35 27.40 60.55
CA PRO A 349 -56.26 28.01 61.89
C PRO A 349 -57.57 28.67 62.27
N VAL A 350 -57.85 28.68 63.58
CA VAL A 350 -59.10 29.21 64.11
C VAL A 350 -59.13 30.72 63.96
N ALA A 351 -60.30 31.32 64.17
CA ALA A 351 -60.47 32.76 64.00
C ALA A 351 -59.63 33.57 64.98
N GLU A 352 -59.27 32.99 66.12
CA GLU A 352 -58.37 33.67 67.05
C GLU A 352 -57.00 33.88 66.42
N LEU A 353 -56.48 32.87 65.72
CA LEU A 353 -55.18 33.00 65.08
C LEU A 353 -55.25 33.90 63.85
N GLN A 354 -56.37 33.88 63.12
CA GLN A 354 -56.47 34.68 61.91
C GLN A 354 -56.46 36.17 62.23
N ALA A 355 -57.13 36.57 63.31
CA ALA A 355 -57.23 37.99 63.64
C ALA A 355 -55.87 38.57 64.01
N ILE A 356 -55.05 37.83 64.77
CA ILE A 356 -53.76 38.35 65.21
C ILE A 356 -52.69 38.29 64.15
N ALA A 357 -52.98 37.69 62.99
CA ALA A 357 -52.00 37.65 61.92
C ALA A 357 -51.93 38.99 61.19
N PRO A 358 -50.76 39.37 60.70
CA PRO A 358 -50.66 40.58 59.88
C PRO A 358 -51.44 40.44 58.59
N ILE A 359 -51.93 41.58 58.09
CA ILE A 359 -52.85 41.61 56.96
C ILE A 359 -52.14 42.25 55.77
N GLY A 360 -52.21 41.58 54.61
CA GLY A 360 -51.70 42.15 53.39
C GLY A 360 -50.18 42.11 53.30
N ASP A 361 -49.62 43.14 52.68
CA ASP A 361 -48.18 43.22 52.42
C ASP A 361 -47.36 43.42 53.69
N ARG A 362 -48.00 43.78 54.80
CA ARG A 362 -47.28 44.00 56.05
C ARG A 362 -46.73 42.71 56.65
N ARG A 363 -47.13 41.55 56.14
CA ARG A 363 -46.63 40.28 56.65
C ARG A 363 -45.12 40.18 56.41
N MET A 364 -44.39 39.76 57.44
CA MET A 364 -42.94 39.71 57.36
C MET A 364 -42.48 38.67 56.33
N SER A 365 -43.18 37.55 56.24
CA SER A 365 -42.86 36.54 55.23
C SER A 365 -43.25 36.98 53.83
N ALA A 366 -44.05 38.03 53.69
CA ALA A 366 -44.48 38.51 52.38
C ALA A 366 -43.95 39.90 52.07
N ASN A 367 -42.93 40.34 52.78
CA ASN A 367 -42.36 41.66 52.55
C ASN A 367 -41.66 41.70 51.20
N PRO A 368 -41.90 42.73 50.37
CA PRO A 368 -41.24 42.78 49.06
C PRO A 368 -39.73 42.94 49.12
N VAL A 369 -39.19 43.39 50.25
CA VAL A 369 -37.74 43.55 50.36
C VAL A 369 -37.03 42.20 50.27
N THR A 370 -37.64 41.15 50.84
CA THR A 370 -37.04 39.82 50.78
C THR A 370 -36.92 39.32 49.36
N ASN A 371 -37.97 39.52 48.55
CA ASN A 371 -37.91 39.23 47.11
C ASN A 371 -37.55 40.54 46.41
N GLY A 372 -36.28 40.93 46.54
CA GLY A 372 -35.84 42.25 46.13
C GLY A 372 -35.90 42.50 44.64
N GLY A 373 -36.00 41.45 43.83
CA GLY A 373 -36.08 41.64 42.39
C GLY A 373 -37.31 42.41 41.96
N LEU A 374 -38.38 42.34 42.74
CA LEU A 374 -39.55 43.17 42.47
C LEU A 374 -39.24 44.64 42.65
N LEU A 375 -38.42 44.98 43.62
CA LEU A 375 -38.07 46.36 43.92
C LEU A 375 -36.89 46.86 43.11
N ARG A 376 -36.29 46.02 42.28
CA ARG A 376 -35.09 46.40 41.54
C ARG A 376 -35.43 47.33 40.38
N ARG A 377 -34.71 48.44 40.30
CA ARG A 377 -34.80 49.37 39.18
C ARG A 377 -33.48 49.38 38.44
N ALA A 378 -33.55 49.45 37.11
CA ALA A 378 -32.34 49.41 36.30
C ALA A 378 -31.47 50.63 36.57
N LEU A 379 -30.18 50.40 36.68
CA LEU A 379 -29.24 51.46 37.00
C LEU A 379 -29.11 52.43 35.83
N THR A 380 -29.05 53.72 36.15
CA THR A 380 -28.85 54.75 35.13
C THR A 380 -27.36 54.88 34.88
N LEU A 381 -26.90 54.38 33.73
CA LEU A 381 -25.48 54.32 33.43
C LEU A 381 -25.11 55.42 32.46
N PRO A 382 -24.26 56.36 32.85
CA PRO A 382 -23.72 57.32 31.87
C PRO A 382 -22.81 56.61 30.89
N ASP A 383 -22.70 57.18 29.69
CA ASP A 383 -21.87 56.59 28.65
C ASP A 383 -20.41 56.61 29.08
N PHE A 384 -19.78 55.42 29.05
CA PHE A 384 -18.41 55.31 29.51
C PHE A 384 -17.41 55.91 28.53
N ARG A 385 -17.83 56.14 27.28
CA ARG A 385 -16.92 56.71 26.29
C ARG A 385 -16.49 58.13 26.64
N ASP A 386 -17.24 58.81 27.52
CA ASP A 386 -16.81 60.12 28.00
C ASP A 386 -15.55 60.01 28.84
N GLN A 387 -15.47 59.00 29.69
CA GLN A 387 -14.34 58.84 30.59
C GLN A 387 -13.23 57.97 30.02
N ALA A 388 -13.41 57.41 28.82
CA ALA A 388 -12.40 56.55 28.24
C ALA A 388 -11.19 57.37 27.79
N VAL A 389 -10.01 56.79 27.94
CA VAL A 389 -8.79 57.47 27.48
C VAL A 389 -8.72 57.44 25.96
N SER A 390 -7.96 58.37 25.41
CA SER A 390 -7.78 58.49 23.97
C SER A 390 -6.45 57.88 23.58
N VAL A 391 -6.47 56.97 22.62
CA VAL A 391 -5.28 56.29 22.15
C VAL A 391 -5.11 56.54 20.66
N PRO A 392 -4.14 57.33 20.22
CA PRO A 392 -3.90 57.45 18.78
C PRO A 392 -3.30 56.19 18.17
N ALA A 393 -2.34 55.58 18.86
CA ALA A 393 -1.69 54.37 18.38
C ALA A 393 -1.78 53.29 19.45
N PRO A 394 -2.28 52.10 19.11
CA PRO A 394 -2.42 51.06 20.14
C PRO A 394 -1.06 50.51 20.55
N GLY A 395 -0.87 50.36 21.85
CA GLY A 395 0.35 49.79 22.37
C GLY A 395 1.51 50.75 22.51
N LYS A 396 1.31 52.04 22.23
CA LYS A 396 2.38 53.01 22.31
C LYS A 396 2.16 54.10 23.36
N SER A 397 0.93 54.29 23.83
CA SER A 397 0.61 55.32 24.80
C SER A 397 0.40 54.67 26.16
N ARG A 398 1.04 55.22 27.18
CA ARG A 398 1.04 54.63 28.52
C ARG A 398 0.20 55.50 29.46
N ALA A 399 -0.78 54.88 30.09
CA ALA A 399 -1.64 55.57 31.04
C ALA A 399 -2.16 54.57 32.06
N ASP A 400 -2.34 55.03 33.29
CA ASP A 400 -2.86 54.18 34.35
C ASP A 400 -4.32 53.84 34.10
N SER A 401 -4.68 52.58 34.36
CA SER A 401 -6.01 52.10 34.04
C SER A 401 -7.01 52.27 35.17
N THR A 402 -6.56 52.62 36.38
CA THR A 402 -7.48 52.77 37.50
C THR A 402 -8.27 54.07 37.42
N ARG A 403 -7.64 55.14 36.97
CA ARG A 403 -8.30 56.44 36.95
C ARG A 403 -9.54 56.50 36.06
N PRO A 404 -9.57 55.94 34.84
CA PRO A 404 -10.84 55.96 34.08
C PRO A 404 -11.97 55.22 34.78
N LEU A 405 -11.67 54.14 35.49
CA LEU A 405 -12.72 53.41 36.20
C LEU A 405 -13.23 54.22 37.38
N GLY A 406 -12.34 54.92 38.08
CA GLY A 406 -12.78 55.74 39.21
C GLY A 406 -13.71 56.86 38.78
N GLN A 407 -13.40 57.50 37.65
CA GLN A 407 -14.27 58.56 37.14
C GLN A 407 -15.63 58.00 36.75
N PHE A 408 -15.64 56.83 36.10
CA PHE A 408 -16.90 56.22 35.70
C PHE A 408 -17.72 55.82 36.91
N LEU A 409 -17.08 55.31 37.95
CA LEU A 409 -17.80 54.97 39.17
C LEU A 409 -18.34 56.22 39.86
N ARG A 410 -17.61 57.33 39.78
CA ARG A 410 -18.10 58.59 40.35
C ARG A 410 -19.37 59.05 39.65
N GLU A 411 -19.41 58.95 38.32
CA GLU A 411 -20.58 59.39 37.58
C GLU A 411 -21.80 58.53 37.90
N VAL A 412 -21.60 57.23 38.11
CA VAL A 412 -22.71 56.36 38.47
C VAL A 412 -23.27 56.74 39.84
N ILE A 413 -22.39 57.14 40.76
CA ILE A 413 -22.82 57.51 42.11
C ILE A 413 -23.73 58.73 42.07
N ARG A 414 -23.35 59.76 41.29
CA ARG A 414 -24.18 60.95 41.20
C ARG A 414 -25.53 60.65 40.53
N HIS A 415 -25.51 59.87 39.46
CA HIS A 415 -26.74 59.55 38.75
C HIS A 415 -27.61 58.57 39.51
N ASN A 416 -27.03 57.80 40.42
CA ASN A 416 -27.76 56.82 41.23
C ASN A 416 -27.40 57.05 42.69
N PRO A 417 -27.92 58.11 43.31
CA PRO A 417 -27.48 58.48 44.66
C PRO A 417 -27.99 57.55 45.75
N ASP A 418 -29.01 56.74 45.48
CA ASP A 418 -29.62 55.91 46.51
C ASP A 418 -29.33 54.43 46.33
N ASN A 419 -29.55 53.87 45.15
CA ASN A 419 -29.45 52.43 44.95
C ASN A 419 -28.09 51.99 44.44
N PHE A 420 -27.02 52.68 44.85
CA PHE A 420 -25.68 52.26 44.47
C PHE A 420 -24.72 52.59 45.60
N ARG A 421 -23.83 51.66 45.90
CA ARG A 421 -22.78 51.84 46.90
C ARG A 421 -21.52 51.14 46.43
N LEU A 422 -20.39 51.58 46.99
CA LEU A 422 -19.08 51.03 46.66
C LEU A 422 -18.43 50.47 47.92
N PHE A 423 -17.78 49.32 47.79
CA PHE A 423 -17.20 48.61 48.93
C PHE A 423 -15.72 48.35 48.67
N GLY A 424 -14.89 48.67 49.66
CA GLY A 424 -13.47 48.43 49.56
C GLY A 424 -12.81 48.28 50.91
N PRO A 425 -11.97 47.25 51.08
CA PRO A 425 -11.31 47.00 52.37
C PRO A 425 -10.01 47.80 52.52
N ASP A 426 -10.16 49.11 52.73
CA ASP A 426 -9.04 50.03 52.94
C ASP A 426 -8.07 50.00 51.75
N GLU A 427 -8.62 49.86 50.55
CA GLU A 427 -7.81 49.84 49.34
C GLU A 427 -8.36 50.72 48.23
N THR A 428 -9.45 51.43 48.47
CA THR A 428 -9.98 52.36 47.46
C THR A 428 -8.97 53.47 47.17
N ALA A 429 -8.38 54.05 48.23
CA ALA A 429 -7.30 55.00 48.03
C ALA A 429 -6.04 54.31 47.51
N SER A 430 -5.78 53.08 47.97
CA SER A 430 -4.60 52.36 47.53
C SER A 430 -4.68 52.02 46.04
N ASN A 431 -5.86 51.60 45.58
CA ASN A 431 -6.05 51.24 44.17
C ASN A 431 -6.20 52.44 43.26
N ARG A 432 -5.85 53.64 43.72
CA ARG A 432 -5.90 54.87 42.92
C ARG A 432 -7.31 55.15 42.40
N LEU A 433 -8.30 54.84 43.23
CA LEU A 433 -9.71 55.11 42.92
C LEU A 433 -10.20 56.38 43.61
N ASP A 434 -9.34 57.38 43.74
CA ASP A 434 -9.68 58.61 44.42
C ASP A 434 -10.60 59.52 43.61
N ALA A 435 -10.92 59.15 42.37
CA ALA A 435 -11.82 59.97 41.56
C ALA A 435 -13.22 60.01 42.16
N VAL A 436 -13.65 58.94 42.83
CA VAL A 436 -14.96 58.94 43.47
C VAL A 436 -14.96 59.81 44.72
N TYR A 437 -13.79 60.14 45.26
CA TYR A 437 -13.71 60.99 46.44
C TYR A 437 -14.06 62.44 46.16
N GLU A 438 -14.19 62.82 44.88
CA GLU A 438 -14.49 64.20 44.53
C GLU A 438 -15.89 64.61 44.98
N VAL A 439 -16.88 63.74 44.79
CA VAL A 439 -18.27 64.12 45.04
C VAL A 439 -18.78 63.50 46.34
N THR A 440 -18.30 62.30 46.66
CA THR A 440 -18.74 61.59 47.86
C THR A 440 -17.53 61.09 48.63
N SER A 441 -17.69 60.95 49.93
CA SER A 441 -16.60 60.54 50.82
C SER A 441 -16.99 59.27 51.57
N LYS A 442 -15.99 58.68 52.22
CA LYS A 442 -16.22 57.49 53.03
C LYS A 442 -17.03 57.84 54.27
N VAL A 443 -17.84 56.87 54.72
CA VAL A 443 -18.69 57.05 55.88
C VAL A 443 -18.02 56.42 57.08
N TRP A 444 -17.89 57.18 58.17
CA TRP A 444 -17.24 56.71 59.37
C TRP A 444 -18.13 56.77 60.61
N LEU A 445 -18.85 57.88 60.81
CA LEU A 445 -19.74 58.10 61.94
C LEU A 445 -19.02 57.85 63.28
N GLY A 446 -17.96 58.62 63.48
CA GLY A 446 -17.18 58.54 64.70
C GLY A 446 -16.53 59.87 64.99
N ASP A 447 -15.70 59.89 66.02
CA ASP A 447 -14.96 61.11 66.35
C ASP A 447 -13.97 61.43 65.23
N ARG A 448 -13.81 62.72 64.96
CA ARG A 448 -12.97 63.16 63.86
C ARG A 448 -12.05 64.27 64.35
N ILE A 449 -10.87 64.34 63.73
CA ILE A 449 -9.87 65.35 64.07
C ILE A 449 -9.54 66.12 62.80
N PRO A 450 -9.07 67.36 62.92
CA PRO A 450 -8.70 68.11 61.71
C PRO A 450 -7.61 67.46 60.88
N GLU A 451 -6.78 66.61 61.48
CA GLU A 451 -5.81 65.84 60.72
C GLU A 451 -6.50 64.87 59.77
N ASP A 452 -7.60 64.26 60.22
CA ASP A 452 -8.36 63.37 59.35
C ASP A 452 -9.03 64.13 58.21
N GLU A 453 -9.44 65.38 58.47
CA GLU A 453 -10.16 66.15 57.46
C GLU A 453 -9.27 66.45 56.26
N ASP A 454 -8.01 66.82 56.50
CA ASP A 454 -7.12 67.16 55.39
C ASP A 454 -6.67 65.91 54.63
N GLY A 455 -6.43 64.81 55.33
CA GLY A 455 -5.93 63.60 54.70
C GLY A 455 -7.00 62.68 54.16
N GLY A 456 -7.95 62.30 55.01
CA GLY A 456 -8.98 61.36 54.64
C GLY A 456 -10.29 62.04 54.28
N HIS A 457 -11.09 61.35 53.47
CA HIS A 457 -12.40 61.83 53.06
C HIS A 457 -13.44 61.11 53.92
N LEU A 458 -13.78 61.71 55.05
CA LEU A 458 -14.70 61.10 56.01
C LEU A 458 -15.86 62.05 56.27
N SER A 459 -17.08 61.50 56.28
CA SER A 459 -18.27 62.27 56.58
C SER A 459 -19.37 61.32 57.04
N ASP A 460 -20.39 61.89 57.66
CA ASP A 460 -21.53 61.09 58.10
C ASP A 460 -22.28 60.50 56.90
N ARG A 461 -22.44 61.28 55.84
CA ARG A 461 -23.09 60.82 54.62
C ARG A 461 -22.04 60.38 53.62
N GLY A 462 -22.22 59.16 53.09
CA GLY A 462 -21.27 58.63 52.12
C GLY A 462 -21.85 57.42 51.42
N ARG A 463 -21.21 57.06 50.31
CA ARG A 463 -21.61 55.91 49.52
C ARG A 463 -20.49 54.87 49.39
N VAL A 464 -19.40 55.03 50.12
CA VAL A 464 -18.25 54.12 50.06
C VAL A 464 -18.03 53.53 51.44
N MET A 465 -17.98 52.20 51.51
CA MET A 465 -17.80 51.48 52.76
C MET A 465 -16.36 50.98 52.86
N GLU A 466 -15.73 51.18 54.01
CA GLU A 466 -14.33 50.84 54.20
C GLU A 466 -14.16 50.14 55.55
N ILE A 467 -13.75 48.88 55.52
CA ILE A 467 -13.49 48.11 56.73
C ILE A 467 -12.54 46.98 56.36
N LEU A 468 -11.58 46.72 57.24
CA LEU A 468 -10.55 45.71 57.01
C LEU A 468 -11.06 44.28 56.78
N SER A 469 -12.08 43.90 57.55
CA SER A 469 -12.62 42.55 57.45
C SER A 469 -13.43 42.41 56.16
N GLU A 470 -12.93 41.57 55.25
CA GLU A 470 -13.68 41.32 54.02
C GLU A 470 -14.92 40.47 54.26
N HIS A 471 -14.99 39.78 55.40
CA HIS A 471 -16.18 38.99 55.71
C HIS A 471 -17.41 39.90 55.85
N THR A 472 -17.25 41.01 56.55
CA THR A 472 -18.35 41.93 56.74
C THR A 472 -18.36 43.00 55.66
N GLU A 474 -18.06 41.99 52.70
CA GLU A 474 -18.70 41.39 51.54
C GLU A 474 -20.12 40.97 51.89
N GLY A 475 -20.34 40.65 53.16
CA GLY A 475 -21.68 40.31 53.61
C GLY A 475 -22.65 41.45 53.46
N TRP A 476 -22.16 42.69 53.59
CA TRP A 476 -23.01 43.86 53.34
C TRP A 476 -23.50 43.88 51.90
N LEU A 477 -22.62 43.54 50.95
CA LEU A 477 -22.97 43.65 49.54
C LEU A 477 -23.97 42.58 49.13
N GLU A 478 -23.84 41.36 49.64
CA GLU A 478 -24.71 40.26 49.22
C GLU A 478 -26.16 40.55 49.57
N ALA A 479 -26.41 41.04 50.79
CA ALA A 479 -27.77 41.42 51.15
C ALA A 479 -28.23 42.65 50.39
N TYR A 480 -27.30 43.54 50.04
CA TYR A 480 -27.66 44.74 49.29
C TYR A 480 -28.20 44.38 47.92
N LEU A 481 -27.62 43.36 47.28
CA LEU A 481 -28.12 42.94 45.97
C LEU A 481 -29.44 42.19 46.10
N LEU A 482 -29.57 41.33 47.11
CA LEU A 482 -30.82 40.62 47.33
C LEU A 482 -31.94 41.56 47.75
N THR A 483 -31.60 42.74 48.30
CA THR A 483 -32.60 43.76 48.57
C THR A 483 -33.18 44.33 47.28
N GLY A 484 -32.46 44.22 46.17
CA GLY A 484 -32.90 44.78 44.90
C GLY A 484 -32.04 45.92 44.39
N ARG A 485 -30.99 46.28 45.10
CA ARG A 485 -30.14 47.41 44.75
C ARG A 485 -28.86 46.93 44.08
N HIS A 486 -27.97 47.88 43.77
CA HIS A 486 -26.77 47.60 43.02
C HIS A 486 -25.53 48.04 43.79
N GLY A 487 -24.44 47.31 43.59
CA GLY A 487 -23.21 47.62 44.29
C GLY A 487 -21.99 47.19 43.49
N PHE A 488 -20.82 47.51 44.02
CA PHE A 488 -19.55 47.18 43.37
C PHE A 488 -18.49 46.95 44.44
N PHE A 489 -17.71 45.89 44.28
CA PHE A 489 -16.71 45.49 45.26
C PHE A 489 -15.33 45.55 44.62
N ALA A 490 -14.40 46.25 45.28
CA ALA A 490 -13.04 46.39 44.79
C ALA A 490 -12.08 46.02 45.91
N THR A 491 -11.13 45.13 45.61
CA THR A 491 -10.18 44.66 46.62
C THR A 491 -8.94 44.12 45.93
N TYR A 492 -7.96 43.75 46.74
CA TYR A 492 -6.78 43.07 46.22
C TYR A 492 -7.12 41.63 45.84
N GLU A 493 -6.32 41.08 44.93
CA GLU A 493 -6.46 39.68 44.58
C GLU A 493 -5.86 38.76 45.64
N ALA A 494 -4.86 39.25 46.37
CA ALA A 494 -4.17 38.40 47.34
C ALA A 494 -5.08 37.97 48.48
N PHE A 495 -6.02 38.81 48.88
CA PHE A 495 -6.92 38.50 49.99
C PHE A 495 -8.28 38.03 49.51
N ALA A 496 -8.37 37.52 48.29
CA ALA A 496 -9.64 37.01 47.79
C ALA A 496 -9.98 35.63 48.37
N HIS A 497 -9.02 34.94 48.98
CA HIS A 497 -9.33 33.69 49.65
C HIS A 497 -10.13 33.91 50.92
N VAL A 498 -10.18 35.14 51.43
CA VAL A 498 -10.95 35.42 52.64
C VAL A 498 -12.43 35.26 52.37
N ILE A 499 -12.90 35.70 51.21
CA ILE A 499 -14.32 35.66 50.88
C ILE A 499 -14.64 34.41 50.09
N ASP A 500 -13.75 33.41 50.17
CA ASP A 500 -13.95 32.17 49.42
C ASP A 500 -15.22 31.46 49.85
N SER A 501 -15.46 31.36 51.16
CA SER A 501 -16.66 30.69 51.64
C SER A 501 -17.91 31.48 51.30
N MET A 502 -17.85 32.81 51.39
CA MET A 502 -19.03 33.64 51.19
C MET A 502 -19.48 33.62 49.74
N VAL A 503 -18.54 33.58 48.80
CA VAL A 503 -18.91 33.58 47.38
C VAL A 503 -19.66 32.31 47.02
N ASN A 504 -19.20 31.16 47.54
CA ASN A 504 -19.88 29.91 47.27
C ASN A 504 -21.30 29.91 47.83
N GLN A 505 -21.49 30.57 48.97
CA GLN A 505 -22.84 30.69 49.52
C GLN A 505 -23.75 31.52 48.61
N HIS A 506 -23.22 32.63 48.09
CA HIS A 506 -24.05 33.48 47.25
C HIS A 506 -24.35 32.83 45.91
N ALA A 507 -23.36 32.16 45.32
CA ALA A 507 -23.60 31.46 44.06
C ALA A 507 -24.58 30.31 44.22
N LYS A 508 -24.59 29.67 45.40
CA LYS A 508 -25.61 28.68 45.70
C LYS A 508 -26.99 29.30 45.69
N TRP A 509 -27.12 30.50 46.27
CA TRP A 509 -28.42 31.16 46.32
C TRP A 509 -28.92 31.52 44.93
N LEU A 510 -28.04 32.03 44.07
CA LEU A 510 -28.47 32.49 42.76
C LEU A 510 -28.84 31.32 41.85
N ASP A 511 -28.11 30.21 41.94
CA ASP A 511 -28.39 29.07 41.07
C ASP A 511 -29.74 28.45 41.38
N VAL A 512 -30.07 28.31 42.67
CA VAL A 512 -31.37 27.79 43.04
C VAL A 512 -32.48 28.77 42.68
N SER A 513 -32.24 30.07 42.91
CA SER A 513 -33.26 31.07 42.63
C SER A 513 -33.56 31.16 41.14
N LYS A 514 -32.54 30.99 40.30
CA LYS A 514 -32.74 31.09 38.86
C LYS A 514 -33.53 29.91 38.31
N ARG A 515 -33.15 28.70 38.71
CA ARG A 515 -33.72 27.49 38.11
C ARG A 515 -34.88 26.91 38.92
N GLU A 516 -34.63 26.54 40.18
CA GLU A 516 -35.61 25.78 40.94
C GLU A 516 -36.81 26.65 41.32
N VAL A 517 -36.58 27.84 41.83
CA VAL A 517 -37.65 28.70 42.30
C VAL A 517 -38.13 29.56 41.14
N ASP A 518 -39.45 29.66 40.99
CA ASP A 518 -40.05 30.41 39.89
C ASP A 518 -40.60 31.76 40.31
N TRP A 519 -40.96 31.93 41.58
CA TRP A 519 -41.48 33.22 42.02
C TRP A 519 -40.38 34.19 42.43
N ARG A 520 -39.13 33.75 42.50
CA ARG A 520 -38.03 34.65 42.81
C ARG A 520 -37.73 35.55 41.62
N ALA A 521 -37.75 36.84 41.84
CA ALA A 521 -37.41 37.69 40.72
C ALA A 521 -35.91 37.90 40.66
N PRO A 522 -35.36 38.11 39.46
CA PRO A 522 -33.92 38.32 39.33
C PRO A 522 -33.45 39.56 40.09
N VAL A 523 -32.27 39.46 40.68
CA VAL A 523 -31.69 40.55 41.46
C VAL A 523 -30.48 41.07 40.69
N SER A 524 -29.82 42.08 41.24
CA SER A 524 -28.64 42.62 40.59
C SER A 524 -27.47 41.65 40.70
N SER A 525 -26.46 41.86 39.87
CA SER A 525 -25.32 40.97 39.82
C SER A 525 -24.30 41.34 40.89
N LEU A 526 -23.42 40.38 41.19
CA LEU A 526 -22.34 40.56 42.17
C LEU A 526 -21.06 40.89 41.40
N ASN A 527 -20.58 42.11 41.56
CA ASN A 527 -19.41 42.60 40.83
C ASN A 527 -18.25 42.74 41.79
N ILE A 528 -17.21 41.94 41.58
CA ILE A 528 -16.01 41.98 42.40
C ILE A 528 -14.84 42.40 41.53
N LEU A 529 -14.12 43.42 41.96
CA LEU A 529 -12.94 43.90 41.25
C LEU A 529 -11.70 43.50 42.05
N LEU A 530 -10.80 42.76 41.42
CA LEU A 530 -9.57 42.31 42.04
C LEU A 530 -8.41 43.12 41.47
N SER A 531 -7.73 43.86 42.32
CA SER A 531 -6.63 44.72 41.91
C SER A 531 -5.31 44.18 42.47
N SER A 532 -4.22 44.78 42.00
CA SER A 532 -2.86 44.48 42.46
C SER A 532 -2.57 42.98 42.34
N THR A 533 -2.54 42.53 41.10
CA THR A 533 -2.35 41.11 40.81
C THR A 533 -0.99 40.63 41.29
N VAL A 534 -0.80 39.31 41.21
CA VAL A 534 0.37 38.67 41.79
C VAL A 534 1.66 39.03 41.06
N TRP A 535 1.57 39.53 39.83
CA TRP A 535 2.76 39.74 39.02
C TRP A 535 3.51 41.01 39.41
N ARG A 536 2.79 42.05 39.82
CA ARG A 536 3.45 43.31 40.15
C ARG A 536 4.18 43.25 41.49
N GLN A 537 3.64 42.48 42.45
CA GLN A 537 4.22 42.32 43.78
C GLN A 537 4.36 43.67 44.48
N ASP A 538 3.20 44.26 44.76
CA ASP A 538 3.14 45.54 45.45
C ASP A 538 3.65 45.40 46.89
N HIS A 539 3.89 46.54 47.52
CA HIS A 539 4.42 46.55 48.89
C HIS A 539 3.44 45.90 49.87
N ASN A 540 2.15 46.19 49.73
CA ASN A 540 1.16 45.57 50.60
C ASN A 540 0.94 44.12 50.21
N GLY A 541 0.40 43.37 51.16
CA GLY A 541 0.12 41.96 50.95
C GLY A 541 1.34 41.09 51.16
N PHE A 542 1.08 39.81 51.45
CA PHE A 542 2.15 38.84 51.62
C PHE A 542 2.86 38.61 50.29
N SER A 543 4.15 38.27 50.38
CA SER A 543 4.96 38.15 49.18
C SER A 543 4.51 36.99 48.30
N HIS A 544 3.90 35.96 48.88
CA HIS A 544 3.45 34.80 48.11
C HIS A 544 1.96 34.91 47.82
N GLN A 545 1.63 35.86 46.94
CA GLN A 545 0.25 36.01 46.51
C GLN A 545 -0.18 34.82 45.68
N ASP A 546 -1.47 34.51 45.72
CA ASP A 546 -2.02 33.32 45.08
C ASP A 546 -3.18 33.73 44.18
N PRO A 547 -3.14 33.42 42.89
CA PRO A 547 -4.28 33.73 42.03
C PRO A 547 -5.33 32.63 42.03
N GLY A 548 -5.28 31.77 43.04
CA GLY A 548 -6.14 30.61 43.10
C GLY A 548 -7.62 30.93 43.25
N PHE A 549 -7.97 32.17 43.57
CA PHE A 549 -9.39 32.53 43.67
C PHE A 549 -10.10 32.39 42.33
N ILE A 550 -9.38 32.60 41.23
CA ILE A 550 -9.98 32.43 39.91
C ILE A 550 -10.39 30.98 39.70
N ASP A 551 -9.60 30.04 40.22
CA ASP A 551 -9.87 28.63 39.98
C ASP A 551 -11.12 28.16 40.72
N LEU A 552 -11.27 28.55 41.98
CA LEU A 552 -12.42 28.08 42.74
C LEU A 552 -13.73 28.66 42.22
N VAL A 553 -13.68 29.86 41.64
CA VAL A 553 -14.87 30.42 41.00
C VAL A 553 -15.27 29.59 39.79
N THR A 554 -14.29 29.12 39.01
CA THR A 554 -14.58 28.28 37.86
C THR A 554 -15.10 26.92 38.25
N ASN A 555 -14.86 26.47 39.49
CA ASN A 555 -15.45 25.21 39.94
C ASN A 555 -16.96 25.28 39.98
N LYS A 556 -17.51 26.46 40.26
CA LYS A 556 -18.93 26.67 40.17
C LYS A 556 -19.36 26.76 38.70
N SER A 557 -20.65 26.65 38.47
CA SER A 557 -21.17 26.55 37.11
C SER A 557 -20.95 27.85 36.35
N ALA A 558 -20.74 27.72 35.04
CA ALA A 558 -20.59 28.88 34.17
C ALA A 558 -21.88 29.68 34.03
N ARG A 559 -23.01 29.12 34.44
CA ARG A 559 -24.29 29.81 34.37
C ARG A 559 -24.50 30.78 35.52
N VAL A 560 -23.60 30.82 36.49
CA VAL A 560 -23.74 31.73 37.62
C VAL A 560 -22.52 32.61 37.84
N THR A 561 -21.36 32.29 37.29
CA THR A 561 -20.16 33.08 37.49
C THR A 561 -19.56 33.48 36.15
N ARG A 562 -19.06 34.71 36.07
CA ARG A 562 -18.37 35.20 34.90
C ARG A 562 -17.08 35.87 35.35
N ILE A 563 -15.99 35.58 34.66
CA ILE A 563 -14.67 36.09 35.00
C ILE A 563 -14.14 36.89 33.83
N TYR A 564 -13.76 38.14 34.09
CA TYR A 564 -13.29 39.04 33.05
C TYR A 564 -11.89 39.55 33.41
N LEU A 565 -11.00 39.54 32.42
CA LEU A 565 -9.63 39.99 32.59
C LEU A 565 -9.33 41.02 31.50
N PRO A 566 -9.75 42.26 31.70
CA PRO A 566 -9.54 43.28 30.68
C PRO A 566 -8.08 43.70 30.62
N PRO A 567 -7.53 43.86 29.42
CA PRO A 567 -6.11 44.23 29.32
C PRO A 567 -5.83 45.68 29.66
N ASP A 568 -6.65 46.63 29.22
CA ASP A 568 -6.34 48.03 29.42
C ASP A 568 -7.50 48.81 30.02
N ALA A 569 -7.37 50.13 30.08
CA ALA A 569 -8.37 50.96 30.74
C ALA A 569 -9.69 50.98 29.98
N ASN A 570 -9.64 51.11 28.65
CA ASN A 570 -10.87 51.15 27.87
C ASN A 570 -11.62 49.83 27.94
N CYS A 571 -10.89 48.71 27.89
CA CYS A 571 -11.54 47.41 28.03
C CYS A 571 -12.05 47.21 29.44
N LEU A 572 -11.42 47.84 30.44
CA LEU A 572 -11.92 47.78 31.80
C LEU A 572 -13.25 48.50 31.95
N LEU A 573 -13.39 49.66 31.30
CA LEU A 573 -14.64 50.41 31.39
C LEU A 573 -15.78 49.65 30.73
N SER A 574 -15.53 49.04 29.57
CA SER A 574 -16.58 48.30 28.89
C SER A 574 -17.03 47.11 29.71
N VAL A 575 -16.10 46.44 30.38
CA VAL A 575 -16.46 45.33 31.27
C VAL A 575 -17.28 45.84 32.44
N ALA A 576 -16.84 46.94 33.05
CA ALA A 576 -17.58 47.49 34.19
C ALA A 576 -18.95 48.00 33.76
N ASP A 577 -19.04 48.62 32.59
CA ASP A 577 -20.33 49.07 32.08
C ASP A 577 -21.25 47.90 31.81
N HIS A 578 -20.73 46.85 31.18
CA HIS A 578 -21.58 45.71 30.83
C HIS A 578 -22.02 44.94 32.07
N CYS A 579 -21.13 44.78 33.06
CA CYS A 579 -21.46 43.97 34.22
C CYS A 579 -22.46 44.66 35.13
N LEU A 580 -22.52 46.00 35.11
CA LEU A 580 -23.53 46.69 35.90
C LEU A 580 -24.93 46.52 35.34
N ARG A 581 -25.08 45.98 34.14
CA ARG A 581 -26.39 45.68 33.58
C ARG A 581 -26.86 44.25 33.85
N SER A 582 -25.93 43.32 34.05
CA SER A 582 -26.28 41.92 34.23
C SER A 582 -26.99 41.72 35.57
N THR A 583 -27.74 40.62 35.65
CA THR A 583 -28.62 40.40 36.80
C THR A 583 -28.22 39.19 37.64
N ASP A 584 -28.18 37.99 37.08
CA ASP A 584 -28.09 36.78 37.88
C ASP A 584 -26.71 36.12 37.76
N TYR A 585 -25.65 36.91 37.79
CA TYR A 585 -24.30 36.40 37.66
C TYR A 585 -23.43 36.97 38.76
N ILE A 586 -22.33 36.28 39.03
CA ILE A 586 -21.25 36.78 39.86
C ILE A 586 -20.12 37.17 38.94
N ASN A 587 -19.80 38.46 38.90
CA ASN A 587 -18.81 38.99 37.97
C ASN A 587 -17.51 39.25 38.71
N VAL A 588 -16.45 38.58 38.30
CA VAL A 588 -15.12 38.76 38.87
C VAL A 588 -14.25 39.44 37.82
N ILE A 589 -13.79 40.64 38.13
CA ILE A 589 -13.01 41.45 37.20
C ILE A 589 -11.61 41.59 37.78
N VAL A 590 -10.61 41.16 37.02
CA VAL A 590 -9.22 41.15 37.47
C VAL A 590 -8.47 42.17 36.63
N ALA A 591 -8.17 43.32 37.21
CA ALA A 591 -7.38 44.35 36.56
C ALA A 591 -6.22 44.73 37.48
N ASP A 592 -5.17 45.28 36.89
CA ASP A 592 -3.97 45.61 37.63
C ASP A 592 -3.89 47.10 37.91
N LYS A 593 -3.43 47.44 39.11
CA LYS A 593 -3.40 48.83 39.55
C LYS A 593 -2.33 49.63 38.81
N GLN A 594 -1.18 49.01 38.56
CA GLN A 594 -0.02 49.74 38.06
C GLN A 594 -0.25 50.27 36.65
N SER A 595 0.43 51.38 36.34
CA SER A 595 0.30 52.01 35.04
C SER A 595 0.85 51.11 33.94
N HIS A 596 0.10 50.97 32.85
CA HIS A 596 0.44 50.02 31.79
C HIS A 596 0.22 50.70 30.44
N LEU A 597 0.44 49.93 29.39
CA LEU A 597 0.12 50.37 28.05
C LEU A 597 -1.38 50.39 27.84
N GLN A 598 -1.80 50.96 26.72
CA GLN A 598 -3.20 50.95 26.31
C GLN A 598 -3.27 50.40 24.90
N TYR A 599 -4.17 49.43 24.68
CA TYR A 599 -4.23 48.73 23.41
C TYR A 599 -5.52 48.95 22.63
N LEU A 600 -6.60 49.38 23.26
CA LEU A 600 -7.89 49.46 22.61
C LEU A 600 -8.47 50.86 22.73
N ASP A 601 -9.12 51.31 21.67
CA ASP A 601 -9.84 52.56 21.69
C ASP A 601 -11.19 52.37 22.39
N ALA A 602 -11.87 53.49 22.65
CA ALA A 602 -13.17 53.43 23.30
C ALA A 602 -14.17 52.63 22.48
N GLU A 603 -14.18 52.84 21.16
CA GLU A 603 -15.07 52.08 20.31
C GLU A 603 -14.60 50.65 20.12
N ALA A 604 -13.28 50.45 20.00
CA ALA A 604 -12.75 49.11 19.80
C ALA A 604 -12.89 48.25 21.04
N ALA A 605 -12.84 48.86 22.23
CA ALA A 605 -13.04 48.10 23.45
C ALA A 605 -14.46 47.56 23.55
N ALA A 606 -15.44 48.35 23.10
CA ALA A 606 -16.83 47.90 23.11
C ALA A 606 -17.04 46.71 22.20
N ARG A 607 -16.42 46.72 21.02
CA ARG A 607 -16.51 45.56 20.13
C ARG A 607 -15.79 44.37 20.72
N HIS A 608 -14.68 44.61 21.41
CA HIS A 608 -13.91 43.52 22.00
C HIS A 608 -14.69 42.83 23.10
N CYS A 609 -15.28 43.61 24.01
CA CYS A 609 -16.05 43.03 25.10
C CYS A 609 -17.37 42.43 24.61
N ALA A 610 -17.87 42.87 23.46
CA ALA A 610 -19.06 42.24 22.90
C ALA A 610 -18.78 40.80 22.51
N LYS A 611 -17.67 40.56 21.80
CA LYS A 611 -17.29 39.20 21.45
C LYS A 611 -16.68 38.47 22.64
N GLY A 612 -15.99 39.17 23.53
CA GLY A 612 -15.31 38.58 24.65
C GLY A 612 -13.90 38.13 24.33
N ILE A 613 -13.73 37.46 23.19
CA ILE A 613 -12.42 37.05 22.70
C ILE A 613 -12.34 37.39 21.23
N GLY A 614 -11.25 38.03 20.81
CA GLY A 614 -11.12 38.43 19.43
C GLY A 614 -9.69 38.67 19.03
N ILE A 615 -9.45 38.57 17.73
CA ILE A 615 -8.13 38.78 17.16
C ILE A 615 -7.81 40.26 17.18
N TRP A 616 -6.60 40.60 17.62
CA TRP A 616 -6.09 41.95 17.52
C TRP A 616 -5.38 42.11 16.18
N ASP A 617 -5.94 42.96 15.31
CA ASP A 617 -5.44 43.04 13.94
C ASP A 617 -4.09 43.73 13.87
N TRP A 618 -3.89 44.78 14.68
CA TRP A 618 -2.62 45.49 14.65
C TRP A 618 -1.49 44.64 15.19
N ALA A 619 -1.76 43.84 16.21
CA ALA A 619 -0.73 42.96 16.75
C ALA A 619 -0.49 41.75 15.86
N SER A 620 -1.50 41.33 15.11
CA SER A 620 -1.34 40.17 14.23
C SER A 620 -0.37 40.48 13.10
N ASN A 621 0.48 39.51 12.79
CA ASN A 621 1.51 39.74 11.78
C ASN A 621 0.92 39.74 10.38
N ASP A 622 0.34 38.62 9.97
CA ASP A 622 -0.10 38.45 8.59
C ASP A 622 -1.57 38.09 8.54
N GLN A 623 -2.31 38.79 7.70
CA GLN A 623 -3.71 38.51 7.40
C GLN A 623 -3.81 38.01 5.97
N GLY A 624 -4.84 37.21 5.70
CA GLY A 624 -4.97 36.60 4.40
C GLY A 624 -4.10 35.38 4.20
N ALA A 625 -3.39 34.94 5.23
CA ALA A 625 -2.58 33.74 5.17
C ALA A 625 -2.75 32.97 6.48
N SER A 626 -2.48 31.68 6.41
CA SER A 626 -2.59 30.83 7.60
C SER A 626 -1.46 31.16 8.56
N PRO A 627 -1.76 31.53 9.81
CA PRO A 627 -0.69 31.87 10.74
C PRO A 627 0.14 30.65 11.10
N ASP A 628 1.42 30.88 11.36
CA ASP A 628 2.29 29.79 11.79
C ASP A 628 2.07 29.44 13.26
N VAL A 629 1.71 30.42 14.08
CA VAL A 629 1.49 30.19 15.50
C VAL A 629 0.46 31.20 15.99
N VAL A 630 -0.35 30.80 16.96
CA VAL A 630 -1.35 31.66 17.57
C VAL A 630 -0.87 31.99 18.98
N ILE A 631 -0.64 33.26 19.24
CA ILE A 631 -0.19 33.72 20.55
C ILE A 631 -1.39 34.35 21.25
N ALA A 632 -1.82 33.73 22.34
CA ALA A 632 -2.98 34.18 23.08
C ALA A 632 -2.58 34.64 24.46
N SER A 633 -3.19 35.72 24.92
CA SER A 633 -2.98 36.23 26.26
C SER A 633 -4.34 36.50 26.90
N CYS A 634 -4.39 36.37 28.22
CA CYS A 634 -5.65 36.53 28.93
C CYS A 634 -5.62 37.70 29.90
N GLY A 635 -4.60 37.81 30.74
CA GLY A 635 -4.51 38.89 31.70
C GLY A 635 -4.12 40.20 31.06
N ASP A 636 -3.50 41.06 31.86
CA ASP A 636 -3.01 42.34 31.37
C ASP A 636 -1.50 42.47 31.46
N VAL A 637 -0.89 42.03 32.56
CA VAL A 637 0.56 41.99 32.64
C VAL A 637 1.11 40.97 31.65
N VAL A 638 0.49 39.80 31.58
CA VAL A 638 0.92 38.78 30.63
C VAL A 638 0.60 39.17 29.21
N THR A 639 -0.34 40.09 28.99
CA THR A 639 -0.59 40.60 27.66
C THR A 639 0.58 41.43 27.16
N LEU A 640 1.18 42.24 28.04
CA LEU A 640 2.35 43.02 27.65
C LEU A 640 3.51 42.10 27.28
N GLU A 641 3.71 41.03 28.05
CA GLU A 641 4.77 40.07 27.73
C GLU A 641 4.46 39.33 26.44
N ALA A 642 3.19 39.01 26.21
CA ALA A 642 2.80 38.36 24.96
C ALA A 642 3.03 39.28 23.77
N LEU A 643 2.73 40.58 23.92
CA LEU A 643 3.00 41.53 22.86
C LEU A 643 4.50 41.71 22.64
N ALA A 644 5.26 41.79 23.74
CA ALA A 644 6.70 41.96 23.61
C ALA A 644 7.35 40.75 22.98
N ALA A 645 6.83 39.56 23.26
CA ALA A 645 7.30 38.36 22.59
C ALA A 645 6.99 38.40 21.10
N THR A 646 5.83 38.96 20.73
CA THR A 646 5.50 39.08 19.32
C THR A 646 6.45 40.04 18.61
N ALA A 647 6.85 41.12 19.29
CA ALA A 647 7.77 42.07 18.68
C ALA A 647 9.13 41.44 18.42
N LEU A 648 9.62 40.63 19.36
CA LEU A 648 10.91 39.97 19.17
C LEU A 648 10.87 38.98 18.01
N LEU A 649 9.80 38.18 17.92
CA LEU A 649 9.72 37.17 16.88
C LEU A 649 9.58 37.81 15.50
N ARG A 650 8.77 38.88 15.40
CA ARG A 650 8.63 39.55 14.11
C ARG A 650 9.93 40.27 13.71
N GLU A 651 10.72 40.68 14.69
CA GLU A 651 12.00 41.31 14.38
C GLU A 651 13.01 40.30 13.86
N HIS A 652 13.11 39.15 14.51
CA HIS A 652 14.12 38.15 14.15
C HIS A 652 13.66 37.20 13.06
N PHE A 653 12.36 37.03 12.88
CA PHE A 653 11.82 36.14 11.84
C PHE A 653 10.82 36.94 11.02
N PRO A 654 11.29 37.67 10.01
CA PRO A 654 10.37 38.46 9.18
C PRO A 654 9.32 37.62 8.45
N ASP A 655 9.65 36.40 8.09
CA ASP A 655 8.72 35.54 7.37
C ASP A 655 7.69 34.89 8.27
N LEU A 656 7.88 34.92 9.60
CA LEU A 656 6.96 34.27 10.51
C LEU A 656 5.63 35.00 10.53
N LYS A 657 4.54 34.24 10.52
CA LYS A 657 3.19 34.78 10.54
C LYS A 657 2.55 34.45 11.88
N ILE A 658 2.23 35.48 12.65
CA ILE A 658 1.74 35.35 14.02
C ILE A 658 0.36 35.97 14.12
N ARG A 659 -0.59 35.21 14.63
CA ARG A 659 -1.92 35.72 14.93
C ARG A 659 -2.03 35.94 16.43
N PHE A 660 -2.40 37.15 16.82
CA PHE A 660 -2.52 37.50 18.22
C PHE A 660 -3.98 37.54 18.62
N VAL A 661 -4.34 36.79 19.66
CA VAL A 661 -5.70 36.69 20.16
C VAL A 661 -5.70 37.09 21.62
N ASN A 662 -6.61 37.97 22.01
CA ASN A 662 -6.75 38.37 23.40
C ASN A 662 -8.10 37.93 23.92
N VAL A 663 -8.10 37.31 25.10
CA VAL A 663 -9.31 36.75 25.71
C VAL A 663 -9.64 37.57 26.95
N VAL A 664 -10.86 38.09 27.00
CA VAL A 664 -11.35 38.84 28.14
C VAL A 664 -12.32 38.01 28.96
N ASP A 665 -13.32 37.42 28.31
CA ASP A 665 -14.29 36.56 28.97
C ASP A 665 -13.73 35.15 28.99
N LEU A 666 -13.40 34.65 30.18
CA LEU A 666 -12.74 33.35 30.29
C LEU A 666 -13.64 32.22 29.82
N PHE A 667 -14.93 32.27 30.18
CA PHE A 667 -15.80 31.14 29.92
C PHE A 667 -16.20 30.99 28.46
N ARG A 668 -15.79 31.91 27.59
CA ARG A 668 -15.98 31.72 26.16
C ARG A 668 -15.21 30.51 25.64
N LEU A 669 -14.16 30.09 26.35
CA LEU A 669 -13.39 28.94 25.90
C LEU A 669 -14.18 27.64 26.03
N GLN A 670 -15.13 27.59 26.96
CA GLN A 670 -15.92 26.37 27.13
C GLN A 670 -16.75 26.11 25.87
N PRO A 671 -16.94 24.86 25.50
CA PRO A 671 -17.69 24.55 24.27
C PRO A 671 -19.15 24.94 24.39
N ASP A 672 -19.81 25.03 23.24
CA ASP A 672 -21.21 25.44 23.20
C ASP A 672 -22.11 24.43 23.88
N THR A 673 -21.70 23.15 23.92
CA THR A 673 -22.48 22.14 24.61
C THR A 673 -22.53 22.39 26.11
N GLU A 674 -21.40 22.79 26.70
CA GLU A 674 -21.36 23.05 28.13
C GLU A 674 -22.23 24.24 28.50
N HIS A 675 -22.21 25.30 27.68
CA HIS A 675 -23.04 26.46 27.97
C HIS A 675 -23.30 27.19 26.66
N PRO A 676 -24.48 27.76 26.47
CA PRO A 676 -24.73 28.55 25.25
C PRO A 676 -23.86 29.80 25.15
N HIS A 677 -23.33 30.30 26.28
CA HIS A 677 -22.47 31.47 26.23
C HIS A 677 -21.14 31.17 25.59
N GLY A 678 -20.64 29.95 25.71
CA GLY A 678 -19.35 29.61 25.15
C GLY A 678 -19.35 29.62 23.64
N LEU A 679 -18.15 29.73 23.07
CA LEU A 679 -17.99 29.75 21.63
C LEU A 679 -18.34 28.40 21.02
N SER A 680 -18.89 28.44 19.81
CA SER A 680 -19.15 27.21 19.09
C SER A 680 -17.83 26.63 18.59
N ASP A 681 -17.91 25.39 18.10
CA ASP A 681 -16.70 24.73 17.61
C ASP A 681 -16.15 25.43 16.37
N ARG A 682 -17.04 25.89 15.48
CA ARG A 682 -16.59 26.61 14.31
C ARG A 682 -16.01 27.97 14.68
N ASP A 683 -16.63 28.66 15.64
CA ASP A 683 -16.10 29.95 16.08
C ASP A 683 -14.74 29.79 16.75
N PHE A 684 -14.58 28.76 17.57
CA PHE A 684 -13.30 28.52 18.23
C PHE A 684 -12.24 28.16 17.21
N ASP A 685 -12.58 27.37 16.19
CA ASP A 685 -11.62 26.99 15.18
C ASP A 685 -11.22 28.18 14.31
N SER A 686 -12.08 29.18 14.18
CA SER A 686 -11.71 30.38 13.45
C SER A 686 -10.69 31.20 14.23
N LEU A 687 -10.94 31.40 15.53
CA LEU A 687 -9.99 32.12 16.38
C LEU A 687 -8.66 31.38 16.46
N PHE A 688 -8.69 30.19 17.05
CA PHE A 688 -7.51 29.34 17.15
C PHE A 688 -7.60 28.27 16.08
N THR A 689 -6.59 28.19 15.22
CA THR A 689 -6.63 27.26 14.10
C THR A 689 -6.65 25.81 14.59
N VAL A 690 -7.18 24.93 13.74
CA VAL A 690 -7.37 23.54 14.13
C VAL A 690 -6.06 22.78 14.25
N ASP A 691 -4.98 23.29 13.67
CA ASP A 691 -3.72 22.55 13.63
C ASP A 691 -2.52 23.32 14.15
N LYS A 692 -2.50 24.63 14.01
CA LYS A 692 -1.32 25.40 14.42
C LYS A 692 -1.23 25.46 15.94
N PRO A 693 -0.01 25.48 16.48
CA PRO A 693 0.16 25.53 17.93
C PRO A 693 -0.35 26.84 18.51
N ILE A 694 -0.83 26.75 19.74
CA ILE A 694 -1.38 27.91 20.47
C ILE A 694 -0.51 28.13 21.69
N ILE A 695 0.08 29.31 21.80
CA ILE A 695 0.91 29.67 22.94
C ILE A 695 0.07 30.58 23.83
N PHE A 696 -0.61 30.00 24.79
CA PHE A 696 -1.49 30.76 25.68
C PHE A 696 -0.69 31.27 26.86
N ASN A 697 -0.87 32.55 27.17
CA ASN A 697 -0.17 33.21 28.26
C ASN A 697 -1.22 33.70 29.25
N PHE A 698 -1.46 32.92 30.29
CA PHE A 698 -2.63 33.10 31.15
C PHE A 698 -2.21 33.66 32.51
N HIS A 699 -2.90 34.70 32.94
CA HIS A 699 -2.76 35.19 34.31
C HIS A 699 -3.43 34.20 35.24
N GLY A 700 -2.67 33.68 36.20
CA GLY A 700 -3.21 32.66 37.08
C GLY A 700 -2.64 31.29 36.77
N TYR A 701 -3.26 30.30 37.38
CA TYR A 701 -2.74 28.93 37.27
C TYR A 701 -2.93 28.41 35.84
N PRO A 702 -1.89 27.85 35.23
CA PRO A 702 -1.95 27.52 33.81
C PRO A 702 -2.91 26.41 33.48
N TRP A 703 -3.28 25.59 34.46
CA TRP A 703 -4.14 24.46 34.20
CA TRP A 703 -4.14 24.46 34.16
C TRP A 703 -5.60 24.84 34.03
N LEU A 704 -6.00 26.03 34.48
CA LEU A 704 -7.38 26.45 34.36
C LEU A 704 -7.81 26.52 32.89
N ILE A 705 -6.90 26.91 32.01
CA ILE A 705 -7.21 26.97 30.59
C ILE A 705 -7.47 25.58 30.04
N HIS A 706 -6.73 24.58 30.52
CA HIS A 706 -6.96 23.22 30.04
C HIS A 706 -8.30 22.67 30.50
N LYS A 707 -8.78 23.10 31.68
CA LYS A 707 -10.09 22.66 32.14
C LYS A 707 -11.19 23.14 31.21
N LEU A 708 -11.12 24.41 30.83
CA LEU A 708 -12.18 24.99 30.01
C LEU A 708 -12.13 24.44 28.58
N ALA A 709 -10.95 24.40 27.99
CA ALA A 709 -10.79 24.01 26.59
C ALA A 709 -10.44 22.54 26.43
N TYR A 710 -10.93 21.68 27.33
CA TYR A 710 -10.59 20.27 27.23
C TYR A 710 -11.32 19.58 26.09
N ARG A 711 -12.60 19.89 25.91
CA ARG A 711 -13.40 19.23 24.89
C ARG A 711 -13.12 19.72 23.49
N ARG A 712 -12.32 20.77 23.34
CA ARG A 712 -12.02 21.31 22.02
C ARG A 712 -11.21 20.32 21.20
N HIS A 713 -11.36 20.42 19.88
CA HIS A 713 -10.60 19.54 18.98
C HIS A 713 -9.10 19.83 19.06
N ASN A 714 -8.73 21.11 19.16
CA ASN A 714 -7.33 21.51 19.16
C ASN A 714 -6.77 21.65 20.57
N HIS A 715 -7.28 20.89 21.53
CA HIS A 715 -6.78 21.01 22.90
C HIS A 715 -5.36 20.48 23.02
N ASN A 716 -5.02 19.45 22.26
CA ASN A 716 -3.68 18.86 22.35
C ASN A 716 -2.61 19.81 21.87
N ASN A 717 -2.96 20.78 21.04
CA ASN A 717 -2.01 21.78 20.55
C ASN A 717 -2.01 23.04 21.41
N LEU A 718 -2.74 23.05 22.51
CA LEU A 718 -2.82 24.22 23.37
C LEU A 718 -1.73 24.16 24.42
N HIS A 719 -0.91 25.21 24.48
CA HIS A 719 0.17 25.30 25.45
CA HIS A 719 0.17 25.30 25.45
C HIS A 719 -0.05 26.54 26.31
N VAL A 720 -0.12 26.35 27.62
CA VAL A 720 -0.40 27.42 28.56
C VAL A 720 0.81 27.67 29.42
N ARG A 721 1.22 28.93 29.50
CA ARG A 721 2.21 29.40 30.46
C ARG A 721 1.51 30.30 31.46
N GLY A 722 1.75 30.08 32.73
CA GLY A 722 1.06 30.86 33.74
C GLY A 722 1.79 30.81 35.06
N TYR A 723 1.08 31.25 36.09
CA TYR A 723 1.65 31.34 37.42
C TYR A 723 1.96 29.95 37.96
N LYS A 724 3.20 29.71 38.37
CA LYS A 724 3.59 28.47 39.01
C LYS A 724 4.02 28.68 40.46
N GLU A 725 5.01 29.53 40.69
CA GLU A 725 5.47 29.82 42.04
C GLU A 725 6.14 31.19 42.03
N VAL A 726 6.31 31.75 43.22
CA VAL A 726 6.85 33.09 43.39
C VAL A 726 8.01 33.03 44.36
N GLY A 727 9.07 33.76 44.05
CA GLY A 727 10.20 33.88 44.96
C GLY A 727 9.87 34.79 46.12
N ASN A 728 10.86 34.95 47.00
CA ASN A 728 10.66 35.80 48.18
C ASN A 728 10.45 37.25 47.78
N ILE A 729 11.35 37.79 46.97
CA ILE A 729 11.21 39.13 46.42
C ILE A 729 11.86 39.16 45.05
N ASN A 730 11.14 39.69 44.06
CA ASN A 730 11.61 39.69 42.68
C ASN A 730 11.18 40.99 42.01
N THR A 731 11.91 41.36 40.96
CA THR A 731 11.48 42.43 40.10
C THR A 731 10.31 41.94 39.23
N PRO A 732 9.51 42.85 38.67
CA PRO A 732 8.39 42.39 37.82
C PRO A 732 8.83 41.54 36.64
N LEU A 733 9.97 41.84 36.04
CA LEU A 733 10.46 41.01 34.95
C LEU A 733 11.03 39.69 35.46
N GLU A 734 11.75 39.73 36.58
CA GLU A 734 12.35 38.51 37.12
C GLU A 734 11.27 37.52 37.55
N LEU A 735 10.16 38.00 38.10
CA LEU A 735 9.06 37.11 38.47
C LEU A 735 8.48 36.42 37.24
N ALA A 736 8.39 37.15 36.12
CA ALA A 736 7.91 36.53 34.89
C ALA A 736 8.87 35.46 34.39
N ILE A 737 10.17 35.66 34.62
CA ILE A 737 11.16 34.66 34.21
C ILE A 737 11.01 33.38 35.01
N ARG A 738 10.73 33.51 36.31
CA ARG A 738 10.56 32.33 37.16
C ARG A 738 9.38 31.49 36.72
N ASN A 739 8.28 32.14 36.35
CA ASN A 739 7.09 31.45 35.86
C ASN A 739 7.11 31.24 34.36
N GLN A 740 8.17 31.67 33.68
CA GLN A 740 8.36 31.46 32.24
C GLN A 740 7.26 32.11 31.41
N VAL A 741 6.67 33.19 31.91
CA VAL A 741 5.72 33.98 31.13
C VAL A 741 6.36 35.25 30.59
N ASP A 742 7.68 35.38 30.70
CA ASP A 742 8.36 36.56 30.22
C ASP A 742 8.35 36.59 28.69
N ARG A 743 8.71 37.75 28.14
CA ARG A 743 8.73 37.90 26.68
C ARG A 743 9.75 36.97 26.03
N PHE A 744 10.86 36.71 26.72
CA PHE A 744 11.88 35.84 26.15
C PHE A 744 11.46 34.39 26.23
N ASN A 745 10.86 33.97 27.36
CA ASN A 745 10.43 32.59 27.50
C ASN A 745 9.32 32.24 26.53
N LEU A 746 8.39 33.18 26.29
CA LEU A 746 7.36 32.96 25.30
C LEU A 746 7.95 32.82 23.91
N ALA A 747 8.92 33.67 23.58
CA ALA A 747 9.56 33.60 22.27
C ALA A 747 10.32 32.29 22.11
N ILE A 748 10.90 31.77 23.19
CA ILE A 748 11.54 30.47 23.15
C ILE A 748 10.52 29.38 22.87
N ASP A 749 9.36 29.46 23.54
CA ASP A 749 8.33 28.43 23.37
C ASP A 749 7.75 28.42 21.97
N VAL A 750 7.65 29.59 21.33
CA VAL A 750 7.19 29.63 19.96
C VAL A 750 8.18 28.93 19.04
N ILE A 751 9.47 29.13 19.28
CA ILE A 751 10.51 28.52 18.45
C ILE A 751 10.45 27.00 18.55
N ASP A 752 10.24 26.47 19.75
CA ASP A 752 10.15 25.03 19.92
C ASP A 752 8.91 24.47 19.23
N ARG A 753 7.77 25.16 19.36
CA ARG A 753 6.50 24.61 18.89
C ARG A 753 6.36 24.70 17.37
N VAL A 754 6.85 25.78 16.77
CA VAL A 754 6.71 25.92 15.31
C VAL A 754 7.64 24.93 14.62
N PRO A 755 7.11 24.09 13.71
CA PRO A 755 7.95 23.03 13.13
C PRO A 755 9.14 23.54 12.33
N HIS A 756 9.00 24.65 11.62
CA HIS A 756 10.06 25.12 10.74
C HIS A 756 10.97 26.14 11.40
N LEU A 757 10.86 26.32 12.72
CA LEU A 757 11.77 27.18 13.45
C LEU A 757 12.67 26.42 14.41
N ARG A 758 12.48 25.11 14.55
CA ARG A 758 13.31 24.35 15.48
C ARG A 758 14.75 24.26 15.02
N ASP A 759 14.99 24.39 13.71
CA ASP A 759 16.32 24.40 13.14
C ASP A 759 16.80 25.80 12.79
N ARG A 760 15.94 26.62 12.19
CA ARG A 760 16.33 27.98 11.82
C ARG A 760 16.51 28.87 13.04
N GLY A 761 15.72 28.65 14.08
CA GLY A 761 15.71 29.51 15.24
C GLY A 761 16.69 29.15 16.33
N ALA A 762 17.63 28.24 16.07
CA ALA A 762 18.59 27.84 17.09
C ALA A 762 19.47 29.01 17.52
N HIS A 763 19.92 29.82 16.56
CA HIS A 763 20.72 30.99 16.90
C HIS A 763 19.92 31.99 17.71
N VAL A 764 18.66 32.23 17.31
CA VAL A 764 17.82 33.18 18.02
C VAL A 764 17.50 32.67 19.42
N LYS A 765 17.24 31.37 19.54
CA LYS A 765 16.97 30.78 20.84
C LYS A 765 18.17 30.91 21.76
N GLU A 766 19.39 30.79 21.21
CA GLU A 766 20.58 31.05 21.99
C GLU A 766 20.67 32.51 22.42
N TRP A 767 20.29 33.42 21.51
CA TRP A 767 20.34 34.84 21.84
C TRP A 767 19.34 35.19 22.94
N LEU A 768 18.15 34.58 22.90
CA LEU A 768 17.14 34.86 23.90
C LEU A 768 17.58 34.39 25.28
N LYS A 769 18.23 33.24 25.36
CA LYS A 769 18.74 32.76 26.64
C LYS A 769 19.81 33.69 27.20
N ASP A 770 20.57 34.34 26.33
CA ASP A 770 21.53 35.34 26.78
C ASP A 770 20.80 36.54 27.39
N GLN A 771 19.69 36.94 26.80
CA GLN A 771 18.92 38.07 27.32
C GLN A 771 18.31 37.75 28.67
N ILE A 772 17.88 36.51 28.88
CA ILE A 772 17.33 36.11 30.17
C ILE A 772 18.41 36.21 31.25
N HIS A 773 19.58 35.66 30.96
CA HIS A 773 20.67 35.69 31.94
C HIS A 773 21.16 37.12 32.16
N ASP A 774 21.22 37.93 31.10
CA ASP A 774 21.70 39.29 31.23
C ASP A 774 20.77 40.13 32.11
N HIS A 775 19.46 39.97 31.94
CA HIS A 775 18.52 40.76 32.70
C HIS A 775 18.49 40.32 34.16
N ILE A 776 18.64 39.03 34.42
CA ILE A 776 18.70 38.55 35.80
C ILE A 776 19.94 39.08 36.49
N GLN A 777 21.08 39.05 35.81
CA GLN A 777 22.31 39.57 36.41
C GLN A 777 22.20 41.05 36.70
N TYR A 778 21.60 41.82 35.79
CA TYR A 778 21.40 43.24 36.04
C TYR A 778 20.43 43.45 37.20
N ALA A 779 19.43 42.57 37.32
CA ALA A 779 18.49 42.67 38.42
C ALA A 779 19.17 42.44 39.76
N TYR A 780 20.11 41.50 39.81
CA TYR A 780 20.81 41.24 41.06
C TYR A 780 21.76 42.37 41.44
N GLN A 781 22.38 43.02 40.44
CA GLN A 781 23.30 44.10 40.74
C GLN A 781 22.56 45.38 41.16
N GLU A 782 21.45 45.69 40.50
CA GLU A 782 20.78 46.97 40.69
C GLU A 782 19.49 46.88 41.49
N GLY A 783 18.79 45.76 41.45
CA GLY A 783 17.51 45.64 42.11
C GLY A 783 16.33 46.16 41.33
N ILE A 784 16.54 46.61 40.10
CA ILE A 784 15.47 47.13 39.25
C ILE A 784 15.74 46.69 37.81
N ASP A 785 14.67 46.57 37.04
CA ASP A 785 14.81 46.19 35.64
C ASP A 785 15.48 47.30 34.85
N ARG A 786 15.97 46.94 33.66
CA ARG A 786 16.58 47.91 32.78
C ARG A 786 15.56 48.95 32.32
N PRO A 787 15.99 50.18 32.06
CA PRO A 787 15.03 51.22 31.67
C PRO A 787 14.26 50.90 30.40
N GLU A 788 14.87 50.22 29.43
CA GLU A 788 14.15 49.91 28.21
C GLU A 788 13.10 48.82 28.42
N ILE A 789 13.23 48.02 29.47
CA ILE A 789 12.20 47.04 29.79
C ILE A 789 10.94 47.74 30.30
N ASN A 790 11.11 48.70 31.21
CA ASN A 790 9.96 49.39 31.78
C ASN A 790 9.31 50.30 30.75
N GLN A 791 10.10 50.93 29.88
CA GLN A 791 9.58 51.87 28.90
C GLN A 791 9.38 51.23 27.54
N TRP A 792 9.10 49.93 27.50
CA TRP A 792 8.85 49.26 26.24
C TRP A 792 7.51 49.69 25.66
N GLN A 793 7.43 49.67 24.33
CA GLN A 793 6.20 50.00 23.64
C GLN A 793 6.24 49.35 22.25
N TRP A 794 5.05 49.15 21.69
CA TRP A 794 4.93 48.44 20.43
C TRP A 794 5.72 49.16 19.33
N PRO A 795 6.64 48.49 18.65
CA PRO A 795 7.51 49.19 17.71
C PRO A 795 6.95 49.26 16.30
N PHE A 796 5.94 48.46 16.00
CA PHE A 796 5.36 48.45 14.67
C PHE A 796 4.11 49.33 14.62
N ASP B 9 12.02 47.72 92.63
CA ASP B 9 12.42 48.84 91.78
C ASP B 9 12.43 48.45 90.31
N ILE B 10 11.77 47.34 90.00
CA ILE B 10 11.71 46.87 88.61
C ILE B 10 10.85 47.79 87.77
N ALA B 11 9.73 48.25 88.33
CA ALA B 11 8.84 49.15 87.60
C ALA B 11 9.52 50.47 87.29
N THR B 12 10.24 51.03 88.26
CA THR B 12 10.97 52.28 88.05
C THR B 12 12.24 52.03 87.24
N LEU B 13 12.73 53.09 86.61
CA LEU B 13 13.92 53.01 85.77
C LEU B 13 14.96 54.02 86.23
N SER B 14 16.21 53.58 86.26
CA SER B 14 17.31 54.49 86.49
C SER B 14 17.54 55.37 85.27
N PRO B 15 17.91 56.63 85.47
CA PRO B 15 18.17 57.50 84.30
C PRO B 15 19.31 57.02 83.41
N ASN B 16 20.34 56.40 83.99
CA ASN B 16 21.48 55.96 83.19
C ASN B 16 21.12 54.82 82.26
N GLU B 17 20.38 53.83 82.77
CA GLU B 17 19.99 52.71 81.92
C GLU B 17 18.92 53.11 80.90
N GLN B 18 18.15 54.16 81.21
CA GLN B 18 17.17 54.65 80.24
C GLN B 18 17.86 55.19 78.99
N ALA B 19 19.00 55.85 79.17
CA ALA B 19 19.78 56.31 78.02
C ALA B 19 20.27 55.14 77.18
N ALA B 20 20.75 54.08 77.83
CA ALA B 20 21.18 52.89 77.10
C ALA B 20 20.01 52.24 76.38
N ILE B 21 18.85 52.19 77.04
CA ILE B 21 17.65 51.67 76.38
C ILE B 21 17.28 52.55 75.19
N ASP B 22 17.32 53.87 75.38
CA ASP B 22 17.08 54.78 74.27
C ASP B 22 18.15 54.66 73.19
N ALA B 23 19.41 54.41 73.61
CA ALA B 23 20.47 54.19 72.64
C ALA B 23 20.21 52.95 71.79
N TRP B 24 19.76 51.87 72.43
CA TRP B 24 19.36 50.69 71.68
C TRP B 24 18.16 50.99 70.78
N TRP B 25 17.20 51.76 71.30
CA TRP B 25 16.01 52.08 70.52
C TRP B 25 16.36 52.94 69.30
N ARG B 26 17.27 53.90 69.48
CA ARG B 26 17.71 54.70 68.35
C ARG B 26 18.47 53.85 67.32
N ALA B 27 19.34 52.96 67.80
CA ALA B 27 20.13 52.14 66.89
C ALA B 27 19.25 51.21 66.07
N ALA B 28 18.21 50.65 66.68
CA ALA B 28 17.29 49.80 65.94
C ALA B 28 16.57 50.58 64.85
N ASN B 29 16.11 51.79 65.16
CA ASN B 29 15.45 52.61 64.15
C ASN B 29 16.43 53.05 63.07
N TYR B 30 17.69 53.33 63.45
CA TYR B 30 18.69 53.70 62.46
C TYR B 30 18.95 52.55 61.49
N LEU B 31 19.08 51.33 62.02
CA LEU B 31 19.26 50.17 61.14
C LEU B 31 17.99 49.89 60.35
N SER B 32 16.82 50.20 60.91
CA SER B 32 15.56 49.97 60.20
C SER B 32 15.47 50.83 58.94
N VAL B 33 15.76 52.12 59.08
CA VAL B 33 15.72 53.02 57.93
C VAL B 33 16.84 52.67 56.95
N GLY B 34 17.99 52.24 57.47
CA GLY B 34 19.12 51.94 56.61
C GLY B 34 18.84 50.82 55.62
N GLN B 35 18.23 49.74 56.09
CA GLN B 35 17.93 48.64 55.18
C GLN B 35 16.74 48.95 54.28
N ILE B 36 15.86 49.87 54.70
CA ILE B 36 14.78 50.29 53.82
C ILE B 36 15.32 51.11 52.66
N TYR B 37 16.27 52.00 52.95
CA TYR B 37 16.74 52.97 51.97
C TYR B 37 18.15 52.69 51.48
N LEU B 38 19.13 52.62 52.39
CA LEU B 38 20.53 52.64 51.99
C LEU B 38 20.93 51.32 51.33
N ARG B 39 21.68 51.44 50.24
CA ARG B 39 22.33 50.30 49.60
C ARG B 39 23.82 50.27 49.85
N ASP B 40 24.47 51.43 49.97
CA ASP B 40 25.88 51.53 50.31
C ASP B 40 26.02 52.66 51.32
N ASN B 41 27.26 52.84 51.81
CA ASN B 41 27.62 53.84 52.82
C ASN B 41 26.73 53.67 54.05
N PRO B 42 26.93 52.60 54.84
CA PRO B 42 25.99 52.34 55.94
C PRO B 42 26.11 53.32 57.08
N LEU B 43 27.32 53.77 57.41
CA LEU B 43 27.56 54.64 58.55
C LEU B 43 27.57 56.11 58.21
N LEU B 44 27.29 56.47 56.96
CA LEU B 44 27.26 57.87 56.50
C LEU B 44 28.58 58.58 56.78
N GLN B 45 29.69 57.89 56.52
CA GLN B 45 31.00 58.53 56.63
C GLN B 45 31.16 59.65 55.62
N GLU B 46 30.68 59.43 54.40
CA GLU B 46 30.65 60.43 53.35
C GLU B 46 29.23 60.98 53.19
N PRO B 47 29.07 62.17 52.61
CA PRO B 47 27.72 62.68 52.38
C PRO B 47 26.91 61.77 51.46
N LEU B 48 25.61 61.71 51.73
CA LEU B 48 24.73 60.79 51.02
C LEU B 48 24.57 61.19 49.57
N ARG B 49 24.60 60.21 48.69
CA ARG B 49 24.46 60.38 47.25
C ARG B 49 23.40 59.41 46.74
N PRO B 50 22.76 59.73 45.61
CA PRO B 50 21.66 58.87 45.13
C PRO B 50 22.06 57.44 44.82
N GLU B 51 23.33 57.18 44.48
CA GLU B 51 23.73 55.81 44.20
C GLU B 51 23.75 54.94 45.46
N HIS B 52 23.70 55.55 46.64
CA HIS B 52 23.60 54.78 47.88
C HIS B 52 22.17 54.36 48.20
N ILE B 53 21.19 54.88 47.49
CA ILE B 53 19.78 54.64 47.79
C ILE B 53 19.26 53.54 46.87
N LYS B 54 18.41 52.67 47.41
CA LYS B 54 17.80 51.62 46.61
C LYS B 54 16.86 52.22 45.57
N GLN B 55 16.88 51.66 44.37
CA GLN B 55 16.05 52.19 43.28
C GLN B 55 14.56 51.97 43.57
N ARG B 56 14.19 50.77 43.98
CA ARG B 56 12.81 50.43 44.29
C ARG B 56 12.67 50.25 45.79
N LEU B 57 11.70 50.95 46.38
CA LEU B 57 11.49 50.97 47.82
C LEU B 57 10.22 50.19 48.13
N LEU B 58 10.37 49.07 48.85
CA LEU B 58 9.25 48.23 49.21
C LEU B 58 9.10 48.00 50.71
N GLY B 59 10.06 48.45 51.52
CA GLY B 59 9.96 48.26 52.95
C GLY B 59 8.88 49.10 53.58
N HIS B 60 8.42 48.66 54.74
CA HIS B 60 7.36 49.32 55.48
C HIS B 60 7.92 49.98 56.72
N TRP B 61 7.52 51.23 56.97
CA TRP B 61 8.05 52.00 58.09
C TRP B 61 7.04 52.23 59.21
N GLY B 62 5.74 52.19 58.92
CA GLY B 62 4.75 52.66 59.87
C GLY B 62 4.78 51.90 61.20
N SER B 63 5.01 50.60 61.16
CA SER B 63 5.02 49.79 62.37
C SER B 63 6.40 49.68 63.00
N ASP B 64 7.46 50.13 62.30
CA ASP B 64 8.81 49.92 62.79
C ASP B 64 9.13 50.59 64.12
N PRO B 65 8.77 51.87 64.37
CA PRO B 65 9.06 52.43 65.70
C PRO B 65 8.40 51.70 66.84
N GLY B 66 7.16 51.23 66.66
CA GLY B 66 6.47 50.55 67.73
C GLY B 66 7.10 49.23 68.11
N LEU B 67 7.46 48.42 67.10
CA LEU B 67 8.05 47.11 67.36
C LEU B 67 9.41 47.24 68.03
N SER B 68 10.24 48.16 67.56
CA SER B 68 11.53 48.39 68.19
C SER B 68 11.37 48.92 69.60
N PHE B 69 10.31 49.70 69.86
CA PHE B 69 10.07 50.23 71.19
C PHE B 69 9.77 49.12 72.19
N VAL B 70 8.93 48.15 71.79
CA VAL B 70 8.59 47.06 72.69
C VAL B 70 9.77 46.11 72.86
N TYR B 71 10.53 45.88 71.78
CA TYR B 71 11.59 44.88 71.81
C TYR B 71 12.68 45.24 72.82
N VAL B 72 13.08 46.50 72.86
CA VAL B 72 14.15 46.90 73.76
C VAL B 72 13.69 46.82 75.21
N HIS B 73 12.42 47.14 75.48
CA HIS B 73 11.89 47.02 76.83
C HIS B 73 11.84 45.56 77.26
N LEU B 74 11.48 44.66 76.34
CA LEU B 74 11.45 43.24 76.66
C LEU B 74 12.85 42.72 76.99
N ASN B 75 13.87 43.18 76.27
CA ASN B 75 15.23 42.79 76.59
C ASN B 75 15.65 43.32 77.95
N ARG B 76 15.13 44.48 78.35
CA ARG B 76 15.36 44.98 79.70
C ARG B 76 14.74 44.06 80.73
N LEU B 77 13.50 43.62 80.49
CA LEU B 77 12.80 42.79 81.47
C LEU B 77 13.35 41.37 81.49
N ILE B 78 13.84 40.87 80.35
CA ILE B 78 14.39 39.53 80.30
C ILE B 78 15.74 39.46 80.99
N ARG B 79 16.42 40.59 81.17
CA ARG B 79 17.70 40.58 81.89
C ARG B 79 17.49 40.40 83.39
N ARG B 80 16.47 41.07 83.94
CA ARG B 80 16.29 41.05 85.39
C ARG B 80 15.58 39.78 85.86
N LEU B 81 14.48 39.43 85.21
CA LEU B 81 13.67 38.30 85.65
C LEU B 81 14.08 36.97 85.01
N ASP B 82 15.04 37.00 84.09
CA ASP B 82 15.56 35.80 83.43
C ASP B 82 14.44 34.99 82.77
N LEU B 83 13.58 35.68 82.05
CA LEU B 83 12.44 35.05 81.40
C LEU B 83 12.88 34.43 80.07
N ASN B 84 11.89 33.98 79.29
CA ASN B 84 12.13 33.52 77.93
C ASN B 84 10.94 33.97 77.09
N LEU B 85 11.22 34.71 76.01
CA LEU B 85 10.18 35.32 75.20
C LEU B 85 10.37 34.93 73.75
N ILE B 86 9.29 35.08 72.97
CA ILE B 86 9.28 34.71 71.56
C ILE B 86 9.05 35.92 70.65
N TYR B 87 8.16 36.82 71.05
CA TYR B 87 7.82 38.04 70.31
C TYR B 87 7.29 37.71 68.91
N VAL B 88 6.11 37.10 68.90
CA VAL B 88 5.37 36.92 67.66
C VAL B 88 4.87 38.28 67.18
N THR B 89 5.11 38.59 65.91
CA THR B 89 4.81 39.89 65.35
C THR B 89 3.49 39.85 64.59
N GLY B 90 2.61 40.80 64.90
CA GLY B 90 1.31 40.89 64.26
C GLY B 90 1.30 41.56 62.90
N PRO B 91 1.77 42.81 62.82
CA PRO B 91 1.76 43.50 61.52
C PRO B 91 2.53 42.78 60.42
N GLY B 92 3.60 42.09 60.76
CA GLY B 92 4.30 41.27 59.79
C GLY B 92 5.20 42.03 58.85
N HIS B 93 4.90 43.30 58.63
CA HIS B 93 5.75 44.18 57.84
C HIS B 93 6.76 44.93 58.68
N GLY B 94 6.82 44.64 59.97
CA GLY B 94 7.79 45.24 60.87
C GLY B 94 9.06 44.43 60.94
N ALA B 95 9.29 43.60 59.93
CA ALA B 95 10.51 42.80 59.84
C ALA B 95 11.80 43.62 59.92
N PRO B 96 11.91 44.83 59.34
CA PRO B 96 13.13 45.63 59.59
C PRO B 96 13.39 45.88 61.06
N ALA B 97 12.35 46.07 61.86
CA ALA B 97 12.54 46.24 63.30
C ALA B 97 13.10 44.97 63.93
N LEU B 98 12.59 43.81 63.53
CA LEU B 98 13.06 42.55 64.10
C LEU B 98 14.48 42.25 63.67
N LEU B 99 14.78 42.45 62.38
CA LEU B 99 16.11 42.13 61.88
C LEU B 99 17.16 43.05 62.46
N ALA B 100 16.81 44.31 62.70
CA ALA B 100 17.74 45.23 63.35
C ALA B 100 18.07 44.78 64.76
N ASN B 101 17.05 44.38 65.53
CA ASN B 101 17.29 43.90 66.89
C ASN B 101 18.07 42.59 66.87
N ALA B 102 17.77 41.70 65.92
CA ALA B 102 18.52 40.46 65.81
C ALA B 102 19.98 40.72 65.47
N TRP B 103 20.23 41.69 64.58
CA TRP B 103 21.60 42.06 64.26
C TRP B 103 22.30 42.68 65.46
N LEU B 104 21.59 43.54 66.21
CA LEU B 104 22.19 44.19 67.36
C LEU B 104 22.55 43.17 68.44
N GLU B 105 21.66 42.21 68.70
CA GLU B 105 21.92 41.17 69.69
C GLU B 105 23.02 40.21 69.27
N GLY B 106 23.42 40.22 67.99
CA GLY B 106 24.41 39.30 67.49
C GLY B 106 23.86 37.99 66.99
N THR B 107 22.56 37.75 67.12
CA THR B 107 21.97 36.51 66.64
C THR B 107 22.07 36.40 65.13
N TYR B 108 21.79 37.50 64.41
CA TYR B 108 21.79 37.46 62.96
C TYR B 108 23.19 37.19 62.41
N SER B 109 24.21 37.72 63.06
CA SER B 109 25.58 37.47 62.62
C SER B 109 25.95 35.99 62.79
N GLU B 110 25.51 35.38 63.89
CA GLU B 110 25.80 33.96 64.09
C GLU B 110 25.06 33.09 63.08
N VAL B 111 23.79 33.39 62.82
CA VAL B 111 23.04 32.62 61.84
C VAL B 111 23.57 32.87 60.43
N TYR B 112 23.83 34.13 60.09
CA TYR B 112 24.36 34.49 58.79
C TYR B 112 25.74 35.11 58.97
N PRO B 113 26.81 34.34 58.76
CA PRO B 113 28.16 34.89 58.97
C PRO B 113 28.54 35.98 58.00
N ASN B 114 27.88 36.07 56.85
CA ASN B 114 28.19 37.14 55.91
C ASN B 114 27.86 38.52 56.49
N CYS B 115 26.73 38.62 57.19
CA CYS B 115 26.32 39.88 57.81
C CYS B 115 26.99 40.00 59.17
N GLN B 116 28.32 40.11 59.13
CA GLN B 116 29.11 40.24 60.35
C GLN B 116 28.91 41.62 60.97
N GLN B 117 29.16 41.70 62.28
CA GLN B 117 29.05 42.96 63.00
C GLN B 117 30.28 43.82 62.69
N SER B 118 30.23 44.48 61.53
CA SER B 118 31.31 45.32 61.07
C SER B 118 30.75 46.30 60.04
N THR B 119 31.62 47.19 59.55
CA THR B 119 31.19 48.14 58.53
C THR B 119 30.83 47.42 57.24
N ALA B 120 31.63 46.44 56.84
CA ALA B 120 31.33 45.68 55.62
C ALA B 120 30.05 44.86 55.79
N GLY B 121 29.85 44.27 56.97
CA GLY B 121 28.63 43.53 57.22
C GLY B 121 27.40 44.44 57.24
N LEU B 122 27.56 45.66 57.75
CA LEU B 122 26.46 46.62 57.74
C LEU B 122 26.06 46.97 56.31
N GLN B 123 27.04 47.11 55.42
CA GLN B 123 26.74 47.34 54.02
C GLN B 123 25.99 46.17 53.42
N GLN B 124 26.40 44.94 53.78
CA GLN B 124 25.70 43.75 53.29
C GLN B 124 24.32 43.63 53.93
N PHE B 125 24.20 44.00 55.20
CA PHE B 125 22.92 43.89 55.90
C PHE B 125 21.87 44.79 55.27
N PHE B 126 22.24 46.04 54.95
CA PHE B 126 21.30 46.94 54.30
C PHE B 126 21.00 46.50 52.88
N LYS B 127 22.02 45.98 52.18
CA LYS B 127 21.87 45.64 50.77
C LYS B 127 20.89 44.50 50.57
N GLN B 128 20.91 43.50 51.46
CA GLN B 128 20.14 42.29 51.21
C GLN B 128 18.65 42.49 51.40
N PHE B 129 18.25 43.42 52.27
CA PHE B 129 16.83 43.59 52.54
C PHE B 129 16.09 44.16 51.33
N SER B 130 14.91 43.61 51.07
CA SER B 130 14.02 44.06 50.00
C SER B 130 14.72 44.09 48.65
N PHE B 131 15.54 43.09 48.40
CA PHE B 131 16.37 43.04 47.20
C PHE B 131 16.25 41.67 46.56
N PRO B 132 16.40 41.59 45.23
CA PRO B 132 16.50 40.29 44.58
C PRO B 132 17.67 39.49 45.13
N GLY B 133 17.44 38.21 45.36
CA GLY B 133 18.42 37.40 46.04
C GLY B 133 18.68 37.84 47.46
N GLY B 134 17.64 38.24 48.18
CA GLY B 134 17.79 38.74 49.54
C GLY B 134 16.55 38.42 50.36
N ILE B 135 16.61 38.83 51.62
CA ILE B 135 15.52 38.58 52.55
C ILE B 135 14.32 39.44 52.17
N GLY B 136 13.12 38.89 52.37
CA GLY B 136 11.91 39.57 51.98
C GLY B 136 11.50 40.66 52.94
N SER B 137 10.47 41.41 52.52
CA SER B 137 9.98 42.51 53.33
C SER B 137 9.24 42.02 54.57
N HIS B 138 8.43 40.97 54.41
CA HIS B 138 7.68 40.44 55.54
C HIS B 138 8.56 39.50 56.38
N CYS B 139 7.99 39.02 57.47
CA CYS B 139 8.67 38.08 58.36
C CYS B 139 8.68 36.71 57.70
N THR B 140 9.79 36.38 57.06
CA THR B 140 9.93 35.12 56.34
C THR B 140 10.59 34.09 57.24
N PRO B 141 10.62 32.82 56.83
CA PRO B 141 11.39 31.82 57.59
C PRO B 141 12.88 32.14 57.69
N GLU B 142 13.43 32.94 56.78
CA GLU B 142 14.81 33.37 56.90
C GLU B 142 15.04 34.26 58.13
N THR B 143 14.00 34.91 58.63
CA THR B 143 14.14 35.77 59.78
C THR B 143 14.38 34.95 61.03
N PRO B 144 15.48 35.16 61.75
CA PRO B 144 15.69 34.45 63.01
C PRO B 144 14.65 34.83 64.05
N GLY B 145 14.28 33.84 64.87
CA GLY B 145 13.33 34.08 65.95
C GLY B 145 11.95 34.47 65.47
N SER B 146 11.44 33.81 64.44
CA SER B 146 10.12 34.13 63.92
C SER B 146 9.39 32.85 63.59
N ILE B 147 8.13 32.75 64.03
CA ILE B 147 7.27 31.64 63.66
C ILE B 147 6.07 32.07 62.83
N HIS B 148 5.65 33.33 62.92
CA HIS B 148 4.48 33.82 62.21
C HIS B 148 4.93 34.61 61.00
N GLU B 149 4.42 34.24 59.83
CA GLU B 149 4.81 34.92 58.60
C GLU B 149 4.36 36.38 58.61
N GLY B 150 3.15 36.64 59.10
CA GLY B 150 2.68 38.00 59.28
C GLY B 150 2.21 38.70 58.03
N GLY B 151 2.36 38.08 56.86
CA GLY B 151 1.88 38.70 55.63
C GLY B 151 0.37 38.81 55.60
N GLU B 152 -0.32 37.74 55.99
CA GLU B 152 -1.75 37.82 56.23
C GLU B 152 -2.00 38.33 57.64
N LEU B 153 -2.95 39.24 57.77
CA LEU B 153 -3.19 39.95 59.02
C LEU B 153 -4.42 39.38 59.71
N GLY B 154 -4.25 38.96 60.96
CA GLY B 154 -5.36 38.48 61.76
C GLY B 154 -5.09 37.15 62.44
N TYR B 155 -4.01 36.48 62.04
CA TYR B 155 -3.71 35.15 62.53
C TYR B 155 -2.60 35.15 63.56
N SER B 156 -2.16 36.32 64.01
CA SER B 156 -1.00 36.39 64.89
C SER B 156 -1.33 35.95 66.32
N LEU B 157 -2.50 36.33 66.83
CA LEU B 157 -2.84 36.01 68.21
C LEU B 157 -2.99 34.51 68.41
N SER B 158 -3.59 33.82 67.44
CA SER B 158 -3.72 32.37 67.54
C SER B 158 -2.36 31.70 67.56
N HIS B 159 -1.41 32.22 66.79
CA HIS B 159 -0.06 31.68 66.81
C HIS B 159 0.64 31.96 68.13
N ALA B 160 0.25 33.02 68.83
CA ALA B 160 0.81 33.27 70.14
C ALA B 160 0.37 32.20 71.14
N PHE B 161 -0.92 31.85 71.12
CA PHE B 161 -1.42 30.84 72.06
C PHE B 161 -0.93 29.46 71.70
N GLY B 162 -0.82 29.15 70.40
CA GLY B 162 -0.39 27.82 70.01
C GLY B 162 1.03 27.51 70.41
N ALA B 163 1.91 28.52 70.40
CA ALA B 163 3.29 28.30 70.79
C ALA B 163 3.44 28.03 72.29
N ALA B 164 2.46 28.43 73.10
CA ALA B 164 2.52 28.24 74.53
C ALA B 164 1.53 27.19 75.02
N LEU B 165 1.12 26.26 74.15
CA LEU B 165 0.09 25.31 74.53
C LEU B 165 0.60 24.25 75.49
N ASP B 166 1.90 23.96 75.48
CA ASP B 166 2.43 22.98 76.42
C ASP B 166 3.80 23.36 76.98
N ASN B 167 4.20 24.62 76.85
CA ASN B 167 5.43 25.10 77.47
C ASN B 167 5.06 25.90 78.70
N PRO B 168 5.31 25.40 79.92
CA PRO B 168 4.80 26.11 81.10
C PRO B 168 5.56 27.39 81.41
N ASP B 169 6.88 27.40 81.26
CA ASP B 169 7.68 28.57 81.61
C ASP B 169 7.78 29.59 80.49
N LEU B 170 7.36 29.25 79.28
CA LEU B 170 7.49 30.16 78.16
C LEU B 170 6.53 31.34 78.29
N ILE B 171 6.99 32.52 77.88
CA ILE B 171 6.17 33.71 77.80
C ILE B 171 6.20 34.18 76.35
N VAL B 172 5.04 34.55 75.83
CA VAL B 172 4.90 35.01 74.45
C VAL B 172 4.32 36.40 74.46
N ALA B 173 4.97 37.32 73.76
CA ALA B 173 4.53 38.70 73.65
C ALA B 173 4.14 38.96 72.20
N CYS B 174 2.83 39.02 71.94
CA CYS B 174 2.32 39.23 70.59
C CYS B 174 1.84 40.67 70.46
N VAL B 175 2.34 41.37 69.44
CA VAL B 175 1.96 42.75 69.17
C VAL B 175 0.83 42.75 68.16
N ILE B 176 -0.25 43.45 68.46
CA ILE B 176 -1.45 43.46 67.64
C ILE B 176 -1.65 44.86 67.10
N GLY B 177 -1.79 44.98 65.78
CA GLY B 177 -2.14 46.25 65.18
C GLY B 177 -3.63 46.51 65.26
N ASP B 178 -3.98 47.80 65.36
CA ASP B 178 -5.38 48.17 65.45
C ASP B 178 -6.12 47.89 64.14
N GLY B 179 -5.47 48.14 63.00
CA GLY B 179 -6.07 47.76 61.73
C GLY B 179 -6.23 46.27 61.58
N GLU B 180 -5.29 45.49 62.12
CA GLU B 180 -5.41 44.04 62.12
C GLU B 180 -6.59 43.57 62.96
N ALA B 181 -6.93 44.32 64.01
CA ALA B 181 -7.98 43.90 64.93
C ALA B 181 -9.36 43.93 64.30
N GLU B 182 -9.52 44.62 63.16
CA GLU B 182 -10.80 44.58 62.46
C GLU B 182 -11.07 43.22 61.83
N THR B 183 -10.03 42.43 61.57
CA THR B 183 -10.21 41.14 60.92
C THR B 183 -10.98 40.18 61.82
N GLY B 184 -11.80 39.34 61.19
CA GLY B 184 -12.61 38.37 61.88
C GLY B 184 -11.84 37.35 62.71
N PRO B 185 -10.82 36.71 62.12
CA PRO B 185 -10.02 35.77 62.91
C PRO B 185 -9.36 36.37 64.14
N LEU B 186 -8.97 37.63 64.11
CA LEU B 186 -8.38 38.23 65.29
C LEU B 186 -9.42 38.57 66.35
N ALA B 187 -10.63 38.97 65.94
CA ALA B 187 -11.65 39.32 66.91
C ALA B 187 -12.05 38.12 67.76
N THR B 188 -12.18 36.94 67.13
CA THR B 188 -12.52 35.74 67.88
C THR B 188 -11.36 35.27 68.75
N SER B 189 -10.13 35.42 68.27
CA SER B 189 -8.96 34.85 68.93
C SER B 189 -8.69 35.43 70.30
N TRP B 190 -9.34 36.53 70.66
CA TRP B 190 -9.19 37.08 72.01
C TRP B 190 -9.69 36.10 73.06
N HIS B 191 -10.78 35.40 72.77
CA HIS B 191 -11.38 34.46 73.72
C HIS B 191 -10.52 33.24 73.98
N SER B 192 -9.39 33.10 73.30
CA SER B 192 -8.51 31.94 73.49
C SER B 192 -7.85 31.92 74.86
N ASN B 193 -7.94 33.00 75.63
CA ASN B 193 -7.44 32.99 77.00
C ASN B 193 -8.17 31.97 77.85
N LYS B 194 -9.47 31.75 77.60
CA LYS B 194 -10.25 30.80 78.37
C LYS B 194 -9.75 29.38 78.17
N PHE B 195 -9.43 29.01 76.93
CA PHE B 195 -8.97 27.66 76.67
C PHE B 195 -7.55 27.42 77.17
N LEU B 196 -6.76 28.47 77.33
CA LEU B 196 -5.41 28.31 77.86
C LEU B 196 -5.46 27.92 79.32
N ASN B 197 -4.63 26.97 79.71
CA ASN B 197 -4.63 26.46 81.08
C ASN B 197 -3.45 27.06 81.84
N PRO B 198 -3.69 27.93 82.82
CA PRO B 198 -2.57 28.57 83.53
C PRO B 198 -1.70 27.60 84.31
N ALA B 199 -2.20 26.43 84.67
CA ALA B 199 -1.45 25.53 85.54
C ALA B 199 -0.28 24.89 84.80
N GLN B 200 -0.50 24.40 83.58
CA GLN B 200 0.50 23.63 82.87
C GLN B 200 1.03 24.31 81.63
N ASP B 201 0.53 25.50 81.28
CA ASP B 201 0.96 26.18 80.07
C ASP B 201 1.59 27.52 80.42
N GLY B 202 2.22 28.13 79.42
CA GLY B 202 2.80 29.44 79.57
C GLY B 202 1.78 30.55 79.52
N ALA B 203 2.27 31.77 79.64
CA ALA B 203 1.43 32.96 79.62
C ALA B 203 1.75 33.79 78.39
N VAL B 204 0.70 34.24 77.71
CA VAL B 204 0.82 35.07 76.52
C VAL B 204 0.43 36.49 76.89
N LEU B 205 1.30 37.44 76.56
CA LEU B 205 1.05 38.84 76.88
C LEU B 205 0.75 39.60 75.59
N PRO B 206 -0.52 39.82 75.26
CA PRO B 206 -0.85 40.56 74.03
C PRO B 206 -0.67 42.05 74.21
N ILE B 207 -0.18 42.70 73.16
CA ILE B 207 0.05 44.14 73.15
C ILE B 207 -0.66 44.72 71.94
N LEU B 208 -1.47 45.75 72.17
CA LEU B 208 -2.22 46.41 71.11
C LEU B 208 -1.46 47.65 70.67
N HIS B 209 -1.08 47.70 69.38
CA HIS B 209 -0.41 48.86 68.82
C HIS B 209 -1.47 49.75 68.17
N LEU B 210 -2.17 50.49 69.02
CA LEU B 210 -3.28 51.35 68.60
C LEU B 210 -2.71 52.68 68.09
N ASN B 211 -2.03 52.61 66.95
CA ASN B 211 -1.38 53.80 66.38
C ASN B 211 -2.39 54.78 65.79
N GLY B 212 -3.60 54.33 65.48
CA GLY B 212 -4.67 55.21 65.07
C GLY B 212 -4.97 55.21 63.58
N TYR B 213 -4.07 54.70 62.75
CA TYR B 213 -4.24 54.81 61.31
C TYR B 213 -3.89 53.50 60.61
N LYS B 214 -4.62 53.21 59.54
CA LYS B 214 -4.28 52.15 58.62
C LYS B 214 -3.41 52.74 57.50
N ILE B 215 -3.28 52.04 56.38
CA ILE B 215 -2.55 52.59 55.25
C ILE B 215 -3.26 53.82 54.67
N ALA B 216 -4.60 53.87 54.76
CA ALA B 216 -5.34 54.99 54.21
C ALA B 216 -6.51 55.47 55.07
N ASN B 217 -6.82 54.83 56.19
CA ASN B 217 -8.00 55.19 56.95
C ASN B 217 -7.68 55.12 58.44
N PRO B 218 -8.36 55.93 59.25
CA PRO B 218 -8.28 55.73 60.71
C PRO B 218 -8.81 54.36 61.10
N THR B 219 -8.16 53.75 62.09
CA THR B 219 -8.57 52.44 62.55
C THR B 219 -9.85 52.52 63.36
N LEU B 220 -10.56 51.39 63.42
CA LEU B 220 -11.84 51.35 64.11
C LEU B 220 -11.66 51.47 65.62
N LEU B 221 -10.69 50.74 66.18
CA LEU B 221 -10.55 50.70 67.63
C LEU B 221 -9.95 51.98 68.21
N SER B 222 -9.26 52.77 67.38
CA SER B 222 -8.76 54.06 67.88
C SER B 222 -9.86 55.10 67.92
N ARG B 223 -10.88 54.96 67.09
CA ARG B 223 -11.94 55.95 66.99
C ARG B 223 -13.14 55.63 67.88
N ILE B 224 -13.03 54.62 68.73
CA ILE B 224 -14.03 54.39 69.76
C ILE B 224 -13.54 55.05 71.05
N SER B 225 -14.48 55.32 71.95
CA SER B 225 -14.15 55.99 73.20
C SER B 225 -13.28 55.06 74.08
N HIS B 226 -12.51 55.69 74.96
CA HIS B 226 -11.65 54.94 75.87
C HIS B 226 -12.47 54.06 76.80
N GLU B 227 -13.66 54.52 77.19
CA GLU B 227 -14.52 53.70 78.04
C GLU B 227 -15.01 52.46 77.30
N GLU B 228 -15.46 52.63 76.05
CA GLU B 228 -15.95 51.50 75.28
C GLU B 228 -14.83 50.51 74.96
N LEU B 229 -13.63 51.03 74.68
CA LEU B 229 -12.50 50.15 74.42
C LEU B 229 -12.14 49.35 75.67
N ARG B 230 -12.20 49.97 76.84
CA ARG B 230 -11.96 49.25 78.08
C ARG B 230 -13.06 48.23 78.34
N SER B 231 -14.31 48.57 77.99
CA SER B 231 -15.40 47.62 78.12
C SER B 231 -15.20 46.42 77.20
N LEU B 232 -14.70 46.66 75.99
CA LEU B 232 -14.51 45.57 75.04
C LEU B 232 -13.45 44.58 75.52
N PHE B 233 -12.35 45.09 76.10
CA PHE B 233 -11.30 44.19 76.55
C PHE B 233 -11.67 43.46 77.83
N ILE B 234 -12.54 44.05 78.65
CA ILE B 234 -13.08 43.33 79.80
C ILE B 234 -13.95 42.17 79.34
N GLY B 235 -14.77 42.40 78.31
CA GLY B 235 -15.61 41.34 77.78
C GLY B 235 -14.82 40.18 77.22
N TYR B 236 -13.67 40.47 76.60
CA TYR B 236 -12.77 39.41 76.15
C TYR B 236 -12.08 38.69 77.31
N GLY B 237 -12.12 39.26 78.51
CA GLY B 237 -11.53 38.63 79.67
C GLY B 237 -10.13 39.07 80.02
N TYR B 238 -9.63 40.14 79.41
CA TYR B 238 -8.30 40.63 79.67
C TYR B 238 -8.33 41.83 80.62
N GLU B 239 -7.26 41.98 81.39
CA GLU B 239 -7.10 43.15 82.24
C GLU B 239 -6.42 44.23 81.43
N PRO B 240 -7.10 45.33 81.10
CA PRO B 240 -6.52 46.32 80.18
C PRO B 240 -5.63 47.32 80.90
N PHE B 241 -4.48 47.58 80.29
CA PHE B 241 -3.58 48.65 80.73
C PHE B 241 -3.30 49.57 79.54
N PHE B 242 -3.29 50.87 79.80
CA PHE B 242 -3.20 51.88 78.75
C PHE B 242 -1.91 52.67 78.91
N VAL B 243 -1.13 52.73 77.84
CA VAL B 243 0.08 53.54 77.77
C VAL B 243 -0.07 54.48 76.58
N GLU B 244 -0.03 55.77 76.83
CA GLU B 244 -0.28 56.79 75.81
C GLU B 244 0.85 57.80 75.80
N GLY B 245 0.82 58.68 74.80
CA GLY B 245 1.76 59.77 74.70
C GLY B 245 2.73 59.58 73.55
N ASN B 246 3.55 60.62 73.34
CA ASN B 246 4.56 60.60 72.30
C ASN B 246 5.90 61.15 72.77
N ASP B 247 6.11 61.29 74.08
CA ASP B 247 7.36 61.79 74.61
C ASP B 247 8.22 60.61 75.05
N PRO B 248 9.38 60.38 74.44
CA PRO B 248 10.20 59.21 74.82
C PRO B 248 10.61 59.20 76.29
N ALA B 249 10.89 60.37 76.87
CA ALA B 249 11.26 60.42 78.28
C ALA B 249 10.11 59.95 79.17
N ILE B 250 8.89 60.37 78.86
CA ILE B 250 7.72 59.88 79.58
C ILE B 250 7.45 58.43 79.23
N LEU B 251 7.54 58.08 77.93
CA LEU B 251 7.13 56.76 77.48
C LEU B 251 8.04 55.66 78.00
N HIS B 252 9.35 55.94 78.14
CA HIS B 252 10.25 54.92 78.66
C HIS B 252 9.89 54.52 80.09
N GLY B 253 9.59 55.50 80.94
CA GLY B 253 9.24 55.19 82.32
C GLY B 253 7.90 54.49 82.44
N VAL B 254 6.90 54.95 81.69
CA VAL B 254 5.54 54.41 81.83
C VAL B 254 5.48 52.99 81.27
N MET B 255 6.06 52.76 80.10
CA MET B 255 5.94 51.46 79.46
C MET B 255 6.76 50.40 80.19
N ALA B 256 7.92 50.78 80.74
CA ALA B 256 8.68 49.85 81.56
C ALA B 256 7.93 49.51 82.84
N SER B 257 7.26 50.50 83.43
CA SER B 257 6.46 50.25 84.63
C SER B 257 5.29 49.32 84.33
N THR B 258 4.60 49.54 83.20
CA THR B 258 3.46 48.70 82.86
C THR B 258 3.88 47.27 82.57
N LEU B 259 5.03 47.09 81.89
CA LEU B 259 5.53 45.74 81.64
C LEU B 259 5.86 45.02 82.93
N ALA B 260 6.50 45.71 83.87
CA ALA B 260 6.81 45.10 85.16
C ALA B 260 5.52 44.79 85.94
N THR B 261 4.50 45.64 85.81
CA THR B 261 3.23 45.37 86.46
C THR B 261 2.58 44.11 85.90
N CYS B 262 2.64 43.93 84.58
CA CYS B 262 1.94 42.81 83.96
C CYS B 262 2.64 41.48 84.22
N VAL B 263 3.98 41.47 84.17
CA VAL B 263 4.70 40.20 84.29
C VAL B 263 4.57 39.62 85.69
N GLN B 264 4.54 40.48 86.70
CA GLN B 264 4.36 39.99 88.08
C GLN B 264 2.98 39.39 88.27
N LYS B 265 1.96 40.00 87.65
CA LYS B 265 0.63 39.39 87.66
C LYS B 265 0.63 38.08 86.90
N ILE B 266 1.39 38.01 85.80
CA ILE B 266 1.53 36.76 85.06
C ILE B 266 2.19 35.70 85.94
N GLN B 267 3.24 36.07 86.66
CA GLN B 267 3.87 35.12 87.56
C GLN B 267 2.97 34.80 88.75
N ALA B 268 2.20 35.79 89.21
CA ALA B 268 1.24 35.53 90.29
C ALA B 268 0.15 34.57 89.84
N ILE B 269 -0.34 34.74 88.61
CA ILE B 269 -1.38 33.85 88.09
C ILE B 269 -0.84 32.44 87.92
N GLN B 270 0.36 32.30 87.35
CA GLN B 270 0.94 30.98 87.15
C GLN B 270 1.25 30.30 88.47
N ALA B 271 1.78 31.04 89.45
CA ALA B 271 2.07 30.45 90.75
C ALA B 271 0.80 30.04 91.48
N ALA B 272 -0.24 30.86 91.39
CA ALA B 272 -1.51 30.52 92.04
C ALA B 272 -2.15 29.30 91.39
N ALA B 273 -2.05 29.19 90.06
CA ALA B 273 -2.62 28.03 89.37
C ALA B 273 -1.88 26.75 89.73
N ARG B 274 -0.55 26.79 89.77
CA ARG B 274 0.21 25.59 90.09
C ARG B 274 0.06 25.19 91.55
N SER B 275 -0.10 26.18 92.44
CA SER B 275 -0.37 25.87 93.84
C SER B 275 -1.78 25.29 94.03
N GLY B 276 -2.69 25.56 93.11
CA GLY B 276 -4.04 25.04 93.20
C GLY B 276 -4.97 25.83 94.09
N GLU B 277 -4.50 26.93 94.70
CA GLU B 277 -5.35 27.69 95.60
C GLU B 277 -6.38 28.53 94.85
N SER B 278 -6.08 28.93 93.62
CA SER B 278 -6.96 29.77 92.82
C SER B 278 -7.25 29.04 91.51
N SER B 279 -8.27 28.17 91.53
CA SER B 279 -8.66 27.42 90.35
C SER B 279 -9.86 28.10 89.68
N ASP B 280 -9.55 29.23 89.04
CA ASP B 280 -10.56 30.00 88.34
C ASP B 280 -9.90 30.75 87.20
N ARG B 281 -10.71 31.16 86.23
CA ARG B 281 -10.19 31.89 85.07
C ARG B 281 -9.83 33.31 85.48
N PRO B 282 -8.58 33.73 85.34
CA PRO B 282 -8.19 35.09 85.73
C PRO B 282 -8.21 36.05 84.54
N MET B 283 -8.22 37.34 84.88
CA MET B 283 -8.15 38.39 83.87
C MET B 283 -6.70 38.59 83.49
N TRP B 284 -6.34 38.15 82.29
CA TRP B 284 -4.95 38.26 81.84
C TRP B 284 -4.59 39.72 81.56
N PRO B 285 -3.32 40.09 81.77
CA PRO B 285 -2.91 41.47 81.48
C PRO B 285 -2.95 41.78 80.00
N MET B 286 -3.22 43.05 79.70
CA MET B 286 -3.36 43.55 78.34
C MET B 286 -2.82 44.98 78.28
N ILE B 287 -2.08 45.29 77.22
CA ILE B 287 -1.40 46.58 77.09
C ILE B 287 -1.88 47.26 75.82
N VAL B 288 -2.24 48.54 75.93
CA VAL B 288 -2.69 49.35 74.81
C VAL B 288 -1.69 50.49 74.62
N LEU B 289 -1.22 50.66 73.39
CA LEU B 289 -0.25 51.71 73.05
C LEU B 289 -0.91 52.71 72.11
N ARG B 290 -0.92 53.98 72.50
CA ARG B 290 -1.48 55.06 71.70
C ARG B 290 -0.39 55.87 71.00
N THR B 291 0.81 55.33 70.87
CA THR B 291 1.91 56.07 70.25
C THR B 291 1.59 56.34 68.79
N PRO B 292 1.87 57.54 68.28
CA PRO B 292 1.58 57.84 66.88
C PRO B 292 2.42 57.01 65.94
N LYS B 293 1.85 56.72 64.76
CA LYS B 293 2.55 55.91 63.78
C LYS B 293 3.74 56.66 63.21
N GLY B 294 4.92 56.05 63.30
CA GLY B 294 6.13 56.71 62.84
C GLY B 294 6.47 57.97 63.62
N TRP B 295 6.32 57.93 64.95
CA TRP B 295 6.51 59.12 65.77
C TRP B 295 7.98 59.48 65.96
N THR B 296 8.90 58.66 65.47
CA THR B 296 10.32 58.98 65.50
C THR B 296 10.85 59.39 64.12
N GLY B 297 9.97 59.55 63.15
CA GLY B 297 10.38 59.87 61.80
C GLY B 297 10.07 61.30 61.41
N PRO B 298 10.08 61.58 60.11
CA PRO B 298 9.76 62.94 59.65
C PRO B 298 8.32 63.31 59.95
N ALA B 299 8.11 64.61 60.21
CA ALA B 299 6.79 65.11 60.57
C ALA B 299 6.01 65.59 59.34
N THR B 300 6.58 66.54 58.60
CA THR B 300 5.96 67.08 57.40
C THR B 300 6.98 67.10 56.29
N ILE B 301 6.58 66.64 55.10
CA ILE B 301 7.51 66.52 53.98
C ILE B 301 7.00 67.30 52.77
N LYS B 302 5.79 67.00 52.32
CA LYS B 302 5.20 67.62 51.15
C LYS B 302 3.94 68.41 51.53
N GLY B 303 4.03 69.19 52.61
CA GLY B 303 2.89 69.95 53.08
C GLY B 303 1.83 69.14 53.77
N HIS B 304 2.11 67.89 54.11
CA HIS B 304 1.17 67.01 54.79
C HIS B 304 1.86 66.34 55.97
N VAL B 305 1.06 65.97 56.96
CA VAL B 305 1.57 65.38 58.19
C VAL B 305 1.94 63.93 57.91
N VAL B 306 3.25 63.64 57.92
CA VAL B 306 3.72 62.28 57.65
C VAL B 306 4.02 61.50 58.93
N GLU B 307 3.83 62.11 60.10
CA GLU B 307 4.06 61.47 61.38
C GLU B 307 2.74 61.32 62.12
N GLY B 308 2.44 60.11 62.58
CA GLY B 308 1.19 59.85 63.27
C GLY B 308 -0.03 59.97 62.38
N SER B 309 0.09 59.58 61.12
CA SER B 309 -1.01 59.60 60.18
C SER B 309 -0.90 58.39 59.26
N TRP B 310 -1.90 58.24 58.40
CA TRP B 310 -1.92 57.11 57.46
C TRP B 310 -0.83 57.23 56.40
N ARG B 311 -0.29 58.43 56.19
CA ARG B 311 0.81 58.59 55.24
C ARG B 311 2.10 57.96 55.72
N SER B 312 2.23 57.72 57.04
CA SER B 312 3.44 57.13 57.59
C SER B 312 3.62 55.67 57.23
N HIS B 313 2.60 55.01 56.67
CA HIS B 313 2.69 53.59 56.38
C HIS B 313 3.52 53.37 55.12
N GLN B 314 4.71 52.81 55.31
CA GLN B 314 5.53 52.21 54.24
C GLN B 314 6.16 53.23 53.31
N VAL B 315 5.73 54.49 53.39
CA VAL B 315 6.30 55.54 52.54
C VAL B 315 6.46 56.81 53.36
N PRO B 316 7.62 57.07 53.93
CA PRO B 316 7.90 58.40 54.45
C PRO B 316 7.89 59.43 53.34
N MET B 317 8.73 59.24 52.33
CA MET B 317 8.75 60.06 51.13
C MET B 317 8.67 59.18 49.90
N ALA B 318 7.89 59.62 48.92
CA ALA B 318 7.65 58.80 47.73
C ALA B 318 8.90 58.70 46.86
N ASP B 319 9.53 59.84 46.57
CA ASP B 319 10.67 59.89 45.66
C ASP B 319 11.88 60.48 46.37
N VAL B 320 13.02 59.82 46.22
CA VAL B 320 14.29 60.27 46.79
C VAL B 320 15.31 60.57 45.69
N LEU B 321 15.44 59.67 44.73
CA LEU B 321 16.39 59.87 43.64
C LEU B 321 15.99 61.05 42.76
N THR B 322 14.69 61.20 42.49
CA THR B 322 14.24 62.27 41.61
C THR B 322 14.39 63.63 42.28
N ASN B 323 14.00 63.75 43.55
CA ASN B 323 14.01 65.03 44.23
C ASN B 323 15.16 65.08 45.22
N PRO B 324 16.19 65.91 44.99
CA PRO B 324 17.28 66.03 45.97
C PRO B 324 16.83 66.63 47.28
N GLU B 325 15.73 67.39 47.31
CA GLU B 325 15.25 67.95 48.56
C GLU B 325 14.83 66.86 49.53
N HIS B 326 14.13 65.83 49.04
CA HIS B 326 13.76 64.72 49.90
C HIS B 326 14.99 63.96 50.38
N LEU B 327 16.01 63.84 49.52
CA LEU B 327 17.24 63.19 49.92
C LEU B 327 17.92 63.95 51.05
N GLN B 328 17.89 65.28 50.98
CA GLN B 328 18.41 66.09 52.09
C GLN B 328 17.57 65.89 53.35
N LEU B 329 16.25 65.83 53.21
CA LEU B 329 15.39 65.52 54.35
C LEU B 329 15.66 64.11 54.85
N LEU B 330 15.90 63.17 53.93
CA LEU B 330 16.25 61.81 54.33
C LEU B 330 17.57 61.79 55.09
N GLU B 331 18.56 62.54 54.63
CA GLU B 331 19.84 62.58 55.32
C GLU B 331 19.69 63.17 56.72
N ASP B 332 18.87 64.21 56.86
CA ASP B 332 18.61 64.78 58.17
C ASP B 332 17.87 63.80 59.07
N TRP B 333 17.02 62.94 58.48
CA TRP B 333 16.35 61.92 59.26
C TRP B 333 17.33 60.94 59.88
N LEU B 334 18.33 60.51 59.12
CA LEU B 334 19.34 59.60 59.65
C LEU B 334 20.23 60.30 60.68
N ARG B 335 20.50 61.60 60.47
CA ARG B 335 21.31 62.34 61.43
C ARG B 335 20.60 62.53 62.77
N SER B 336 19.27 62.49 62.77
CA SER B 336 18.52 62.72 64.01
C SER B 336 18.76 61.64 65.05
N TYR B 337 19.15 60.44 64.64
CA TYR B 337 19.45 59.37 65.57
C TYR B 337 20.86 59.47 66.16
N ARG B 338 21.70 60.36 65.62
CA ARG B 338 23.10 60.50 66.00
C ARG B 338 23.82 59.16 65.92
N PRO B 339 24.03 58.63 64.70
CA PRO B 339 24.64 57.30 64.58
C PRO B 339 26.10 57.25 64.98
N GLU B 340 26.77 58.39 65.09
CA GLU B 340 28.20 58.39 65.38
C GLU B 340 28.49 57.82 66.77
N GLU B 341 27.66 58.14 67.76
CA GLU B 341 27.90 57.64 69.11
C GLU B 341 27.48 56.18 69.26
N LEU B 342 26.55 55.71 68.43
CA LEU B 342 26.03 54.36 68.57
C LEU B 342 26.99 53.30 68.06
N PHE B 343 27.78 53.60 67.04
CA PHE B 343 28.68 52.64 66.43
C PHE B 343 30.11 53.13 66.54
N ASP B 344 31.04 52.18 66.60
CA ASP B 344 32.46 52.48 66.69
C ASP B 344 33.02 52.68 65.27
N ALA B 345 34.35 52.74 65.17
CA ALA B 345 34.98 52.87 63.87
C ALA B 345 34.78 51.61 63.02
N SER B 346 34.83 50.44 63.66
CA SER B 346 34.67 49.18 62.92
C SER B 346 33.24 48.97 62.46
N GLY B 347 32.27 49.65 63.05
CA GLY B 347 30.88 49.48 62.71
C GLY B 347 30.08 48.64 63.69
N ALA B 348 30.74 47.97 64.63
CA ALA B 348 30.05 47.21 65.64
C ALA B 348 29.35 48.15 66.63
N PRO B 349 28.30 47.69 67.29
CA PRO B 349 27.69 48.49 68.35
C PRO B 349 28.66 48.71 69.49
N VAL B 350 28.52 49.86 70.15
CA VAL B 350 29.42 50.26 71.23
C VAL B 350 29.19 49.36 72.45
N ALA B 351 30.11 49.44 73.43
CA ALA B 351 30.03 48.60 74.61
C ALA B 351 28.79 48.86 75.44
N GLU B 352 28.21 50.06 75.34
CA GLU B 352 26.95 50.34 76.03
C GLU B 352 25.83 49.45 75.50
N LEU B 353 25.77 49.28 74.17
CA LEU B 353 24.74 48.44 73.58
C LEU B 353 25.03 46.95 73.81
N GLN B 354 26.30 46.57 73.83
CA GLN B 354 26.64 45.15 74.01
C GLN B 354 26.26 44.67 75.40
N ALA B 355 26.46 45.49 76.43
CA ALA B 355 26.19 45.07 77.79
C ALA B 355 24.69 44.82 78.02
N ILE B 356 23.84 45.69 77.46
CA ILE B 356 22.40 45.55 77.69
C ILE B 356 21.74 44.49 76.84
N ALA B 357 22.49 43.87 75.92
CA ALA B 357 21.93 42.81 75.11
C ALA B 357 21.86 41.50 75.89
N PRO B 358 20.86 40.67 75.64
CA PRO B 358 20.81 39.35 76.27
C PRO B 358 21.98 38.48 75.84
N ILE B 359 22.37 37.57 76.72
CA ILE B 359 23.58 36.77 76.54
C ILE B 359 23.17 35.31 76.34
N GLY B 360 23.72 34.69 75.31
CA GLY B 360 23.51 33.26 75.09
C GLY B 360 22.14 32.94 74.54
N ASP B 361 21.61 31.80 74.97
CA ASP B 361 20.33 31.29 74.47
C ASP B 361 19.15 32.10 74.96
N ARG B 362 19.34 32.98 75.95
CA ARG B 362 18.24 33.80 76.47
C ARG B 362 17.80 34.88 75.49
N ARG B 363 18.54 35.09 74.40
CA ARG B 363 18.17 36.10 73.42
C ARG B 363 16.83 35.78 72.79
N MET B 364 15.97 36.79 72.71
CA MET B 364 14.61 36.58 72.22
C MET B 364 14.59 36.14 70.76
N SER B 365 15.56 36.59 69.97
CA SER B 365 15.65 36.19 68.58
C SER B 365 16.38 34.87 68.38
N ALA B 366 16.93 34.28 69.44
CA ALA B 366 17.67 33.03 69.36
C ALA B 366 17.05 31.93 70.21
N ASN B 367 15.79 32.08 70.59
CA ASN B 367 15.13 31.08 71.42
C ASN B 367 14.90 29.80 70.62
N PRO B 368 15.20 28.63 71.18
CA PRO B 368 14.98 27.38 70.43
C PRO B 368 13.52 27.08 70.15
N VAL B 369 12.59 27.73 70.85
CA VAL B 369 11.17 27.52 70.59
C VAL B 369 10.81 27.96 69.18
N THR B 370 11.38 29.08 68.73
CA THR B 370 11.10 29.57 67.38
C THR B 370 11.56 28.58 66.32
N ASN B 371 12.75 28.02 66.48
CA ASN B 371 13.21 26.92 65.61
C ASN B 371 12.85 25.60 66.28
N GLY B 372 11.55 25.30 66.23
CA GLY B 372 11.00 24.19 67.00
C GLY B 372 11.45 22.82 66.55
N GLY B 373 12.03 22.71 65.36
CA GLY B 373 12.49 21.42 64.89
C GLY B 373 13.60 20.84 65.77
N LEU B 374 14.45 21.70 66.32
CA LEU B 374 15.45 21.23 67.28
C LEU B 374 14.79 20.73 68.55
N LEU B 375 13.72 21.40 69.00
CA LEU B 375 12.99 21.01 70.19
C LEU B 375 12.10 19.78 69.96
N ARG B 376 11.86 19.41 68.71
CA ARG B 376 10.92 18.35 68.40
C ARG B 376 11.48 16.99 68.77
N ARG B 377 10.66 16.17 69.43
CA ARG B 377 10.97 14.78 69.72
C ARG B 377 10.00 13.89 68.97
N ALA B 378 10.48 12.73 68.52
CA ALA B 378 9.66 11.82 67.73
C ALA B 378 8.50 11.29 68.58
N LEU B 379 7.33 11.21 67.96
CA LEU B 379 6.14 10.79 68.67
C LEU B 379 6.18 9.29 68.95
N THR B 380 5.90 8.92 70.19
CA THR B 380 5.83 7.51 70.59
C THR B 380 4.38 7.06 70.42
N LEU B 381 4.15 6.14 69.48
CA LEU B 381 2.79 5.70 69.19
C LEU B 381 2.71 4.18 69.23
N PRO B 382 1.60 3.63 69.69
CA PRO B 382 1.44 2.17 69.72
C PRO B 382 1.15 1.63 68.33
N ASP B 383 1.24 0.31 68.22
CA ASP B 383 0.90 -0.36 66.97
C ASP B 383 -0.60 -0.23 66.71
N PHE B 384 -0.96 0.19 65.50
CA PHE B 384 -2.37 0.39 65.20
C PHE B 384 -3.10 -0.93 64.98
N ARG B 385 -2.37 -2.03 64.80
CA ARG B 385 -3.02 -3.32 64.58
C ARG B 385 -3.78 -3.80 65.80
N ASP B 386 -3.49 -3.25 66.99
CA ASP B 386 -4.26 -3.59 68.17
C ASP B 386 -5.70 -3.07 68.07
N GLN B 387 -5.87 -1.87 67.54
CA GLN B 387 -7.19 -1.24 67.45
C GLN B 387 -7.88 -1.51 66.12
N ALA B 388 -7.23 -2.20 65.19
CA ALA B 388 -7.83 -2.45 63.89
C ALA B 388 -8.97 -3.47 64.01
N VAL B 389 -10.01 -3.26 63.21
CA VAL B 389 -11.11 -4.21 63.20
C VAL B 389 -10.69 -5.49 62.47
N SER B 390 -11.40 -6.57 62.78
CA SER B 390 -11.13 -7.87 62.20
C SER B 390 -12.13 -8.14 61.09
N VAL B 391 -11.64 -8.52 59.91
CA VAL B 391 -12.48 -8.82 58.77
C VAL B 391 -12.21 -10.22 58.27
N PRO B 392 -13.14 -11.16 58.43
CA PRO B 392 -12.93 -12.49 57.83
C PRO B 392 -13.07 -12.47 56.32
N ALA B 393 -14.08 -11.77 55.80
CA ALA B 393 -14.30 -11.66 54.37
C ALA B 393 -14.32 -10.20 53.96
N PRO B 394 -13.53 -9.79 52.99
CA PRO B 394 -13.49 -8.38 52.59
C PRO B 394 -14.78 -7.98 51.89
N GLY B 395 -15.34 -6.85 52.30
CA GLY B 395 -16.54 -6.32 51.68
C GLY B 395 -17.84 -6.91 52.18
N LYS B 396 -17.81 -7.81 53.15
CA LYS B 396 -19.02 -8.43 53.66
C LYS B 396 -19.36 -8.05 55.10
N SER B 397 -18.40 -7.51 55.84
CA SER B 397 -18.61 -7.14 57.24
C SER B 397 -18.72 -5.63 57.35
N ARG B 398 -19.75 -5.16 58.05
CA ARG B 398 -20.07 -3.74 58.14
C ARG B 398 -19.73 -3.24 59.53
N ALA B 399 -18.90 -2.20 59.60
CA ALA B 399 -18.53 -1.60 60.87
C ALA B 399 -18.18 -0.14 60.64
N ASP B 400 -18.48 0.69 61.64
CA ASP B 400 -18.18 2.11 61.53
C ASP B 400 -16.67 2.35 61.58
N SER B 401 -16.20 3.29 60.77
CA SER B 401 -14.78 3.52 60.62
C SER B 401 -14.21 4.54 61.58
N THR B 402 -15.06 5.32 62.26
CA THR B 402 -14.56 6.35 63.15
C THR B 402 -14.07 5.77 64.48
N ARG B 403 -14.75 4.74 64.98
CA ARG B 403 -14.38 4.18 66.28
C ARG B 403 -12.95 3.63 66.34
N PRO B 404 -12.43 2.88 65.36
CA PRO B 404 -11.02 2.49 65.44
C PRO B 404 -10.06 3.67 65.48
N LEU B 405 -10.36 4.75 64.76
CA LEU B 405 -9.49 5.92 64.80
C LEU B 405 -9.53 6.59 66.16
N GLY B 406 -10.71 6.68 66.77
CA GLY B 406 -10.81 7.30 68.07
C GLY B 406 -10.05 6.55 69.14
N GLN B 407 -10.10 5.22 69.11
CA GLN B 407 -9.31 4.43 70.05
C GLN B 407 -7.82 4.62 69.83
N PHE B 408 -7.40 4.68 68.56
CA PHE B 408 -5.98 4.88 68.27
C PHE B 408 -5.49 6.23 68.75
N LEU B 409 -6.31 7.27 68.57
CA LEU B 409 -5.93 8.59 69.07
C LEU B 409 -5.90 8.63 70.58
N ARG B 410 -6.78 7.87 71.24
CA ARG B 410 -6.76 7.80 72.70
C ARG B 410 -5.44 7.21 73.21
N GLU B 411 -4.97 6.15 72.55
CA GLU B 411 -3.72 5.52 72.98
C GLU B 411 -2.52 6.44 72.77
N VAL B 412 -2.53 7.23 71.69
CA VAL B 412 -1.46 8.18 71.45
C VAL B 412 -1.44 9.25 72.53
N ILE B 413 -2.62 9.67 73.00
CA ILE B 413 -2.70 10.70 74.04
C ILE B 413 -2.06 10.21 75.33
N ARG B 414 -2.37 8.97 75.73
CA ARG B 414 -1.79 8.44 76.97
C ARG B 414 -0.27 8.27 76.84
N HIS B 415 0.19 7.77 75.70
CA HIS B 415 1.63 7.56 75.52
C HIS B 415 2.38 8.87 75.29
N ASN B 416 1.69 9.93 74.88
CA ASN B 416 2.28 11.24 74.65
C ASN B 416 1.44 12.29 75.37
N PRO B 417 1.54 12.35 76.70
CA PRO B 417 0.65 13.25 77.45
C PRO B 417 1.00 14.71 77.34
N ASP B 418 2.19 15.05 76.84
CA ASP B 418 2.66 16.43 76.80
C ASP B 418 2.70 17.01 75.39
N ASN B 419 3.33 16.33 74.45
CA ASN B 419 3.56 16.89 73.11
C ASN B 419 2.55 16.43 72.09
N PHE B 420 1.29 16.26 72.50
CA PHE B 420 0.24 15.89 71.55
C PHE B 420 -1.09 16.48 72.02
N ARG B 421 -1.82 17.07 71.08
CA ARG B 421 -3.15 17.61 71.34
C ARG B 421 -4.04 17.33 70.14
N LEU B 422 -5.34 17.32 70.40
CA LEU B 422 -6.35 17.07 69.37
C LEU B 422 -7.28 18.27 69.27
N PHE B 423 -7.59 18.66 68.04
CA PHE B 423 -8.39 19.86 67.78
C PHE B 423 -9.64 19.49 67.01
N GLY B 424 -10.79 19.90 67.51
CA GLY B 424 -12.05 19.64 66.85
C GLY B 424 -13.06 20.75 67.07
N PRO B 425 -13.58 21.32 65.99
CA PRO B 425 -14.56 22.43 66.09
C PRO B 425 -16.00 21.95 66.28
N ASP B 426 -16.33 21.62 67.53
CA ASP B 426 -17.68 21.24 67.94
C ASP B 426 -18.15 19.96 67.26
N GLU B 427 -17.23 19.17 66.70
CA GLU B 427 -17.59 17.98 65.96
C GLU B 427 -16.87 16.72 66.43
N THR B 428 -16.06 16.80 67.49
CA THR B 428 -15.38 15.61 68.00
C THR B 428 -16.39 14.59 68.50
N ALA B 429 -17.40 15.05 69.24
CA ALA B 429 -18.49 14.15 69.61
C ALA B 429 -19.35 13.78 68.41
N SER B 430 -19.55 14.73 67.49
CA SER B 430 -20.36 14.47 66.30
C SER B 430 -19.72 13.43 65.40
N ASN B 431 -18.39 13.48 65.24
CA ASN B 431 -17.66 12.54 64.39
C ASN B 431 -17.51 11.17 65.02
N ARG B 432 -18.22 10.87 66.10
CA ARG B 432 -18.16 9.58 66.78
C ARG B 432 -16.74 9.26 67.26
N LEU B 433 -16.01 10.30 67.69
CA LEU B 433 -14.67 10.15 68.24
C LEU B 433 -14.68 10.18 69.76
N ASP B 434 -15.72 9.64 70.39
CA ASP B 434 -15.85 9.68 71.84
C ASP B 434 -14.91 8.70 72.54
N ALA B 435 -14.16 7.90 71.79
CA ALA B 435 -13.23 6.97 72.42
C ALA B 435 -12.11 7.70 73.16
N VAL B 436 -11.73 8.89 72.69
CA VAL B 436 -10.71 9.67 73.40
C VAL B 436 -11.26 10.27 74.68
N TYR B 437 -12.59 10.36 74.82
CA TYR B 437 -13.19 10.90 76.04
C TYR B 437 -13.05 9.96 77.23
N GLU B 438 -12.60 8.73 77.02
CA GLU B 438 -12.49 7.77 78.12
C GLU B 438 -11.40 8.18 79.10
N VAL B 439 -10.25 8.64 78.61
CA VAL B 439 -9.10 8.94 79.46
C VAL B 439 -8.95 10.43 79.70
N THR B 440 -9.23 11.26 78.70
CA THR B 440 -9.09 12.70 78.81
C THR B 440 -10.34 13.38 78.29
N SER B 441 -10.61 14.58 78.80
CA SER B 441 -11.78 15.35 78.43
C SER B 441 -11.35 16.71 77.89
N LYS B 442 -12.28 17.36 77.19
CA LYS B 442 -12.00 18.66 76.60
C LYS B 442 -11.81 19.72 77.68
N VAL B 443 -10.97 20.70 77.39
CA VAL B 443 -10.65 21.76 78.33
C VAL B 443 -11.59 22.94 78.10
N TRP B 444 -12.20 23.42 79.17
CA TRP B 444 -13.12 24.55 79.09
C TRP B 444 -12.71 25.74 79.97
N LEU B 445 -12.31 25.47 81.22
CA LEU B 445 -11.89 26.49 82.18
C LEU B 445 -12.93 27.60 82.31
N GLY B 446 -14.15 27.20 82.67
CA GLY B 446 -15.24 28.14 82.89
C GLY B 446 -16.16 27.60 83.96
N ASP B 447 -17.24 28.33 84.19
CA ASP B 447 -18.24 27.87 85.14
C ASP B 447 -18.91 26.59 84.62
N ARG B 448 -19.21 25.67 85.54
CA ARG B 448 -19.73 24.37 85.18
C ARG B 448 -20.95 24.06 86.04
N ILE B 449 -21.87 23.31 85.47
CA ILE B 449 -23.08 22.89 86.17
C ILE B 449 -23.13 21.37 86.14
N PRO B 450 -23.83 20.74 87.09
CA PRO B 450 -23.94 19.28 87.08
C PRO B 450 -24.57 18.71 85.81
N GLU B 451 -25.39 19.51 85.11
CA GLU B 451 -25.91 19.06 83.82
C GLU B 451 -24.80 18.88 82.80
N ASP B 452 -23.79 19.76 82.85
CA ASP B 452 -22.64 19.63 81.94
C ASP B 452 -21.81 18.40 82.27
N GLU B 453 -21.72 18.04 83.55
CA GLU B 453 -20.91 16.89 83.95
C GLU B 453 -21.43 15.59 83.36
N ASP B 454 -22.75 15.40 83.38
CA ASP B 454 -23.33 14.19 82.82
C ASP B 454 -23.30 14.19 81.30
N GLY B 455 -23.57 15.35 80.69
CA GLY B 455 -23.64 15.44 79.25
C GLY B 455 -22.29 15.58 78.56
N GLY B 456 -21.53 16.62 78.90
CA GLY B 456 -20.27 16.90 78.27
C GLY B 456 -19.08 16.43 79.08
N HIS B 457 -17.95 16.28 78.38
CA HIS B 457 -16.69 15.88 79.00
C HIS B 457 -15.82 17.13 79.09
N LEU B 458 -15.94 17.85 80.19
CA LEU B 458 -15.24 19.11 80.39
C LEU B 458 -14.45 19.06 81.70
N SER B 459 -13.22 19.56 81.65
CA SER B 459 -12.37 19.64 82.84
C SER B 459 -11.32 20.71 82.61
N ASP B 460 -10.69 21.13 83.71
CA ASP B 460 -9.62 22.12 83.62
C ASP B 460 -8.42 21.57 82.86
N ARG B 461 -8.07 20.31 83.11
CA ARG B 461 -6.97 19.65 82.43
C ARG B 461 -7.51 18.82 81.27
N GLY B 462 -6.93 19.01 80.10
CA GLY B 462 -7.39 18.29 78.93
C GLY B 462 -6.40 18.40 77.79
N ARG B 463 -6.57 17.51 76.82
CA ARG B 463 -5.73 17.49 75.63
C ARG B 463 -6.53 17.68 74.35
N VAL B 464 -7.82 17.99 74.45
CA VAL B 464 -8.69 18.15 73.28
C VAL B 464 -9.26 19.56 73.30
N MET B 465 -9.03 20.32 72.23
CA MET B 465 -9.56 21.67 72.11
C MET B 465 -10.87 21.64 71.33
N GLU B 466 -11.86 22.38 71.82
CA GLU B 466 -13.21 22.34 71.24
C GLU B 466 -13.76 23.75 71.14
N ILE B 467 -13.70 24.33 69.94
CA ILE B 467 -14.30 25.63 69.66
C ILE B 467 -14.63 25.67 68.17
N LEU B 468 -15.88 26.01 67.84
CA LEU B 468 -16.35 25.84 66.48
C LEU B 468 -15.87 26.90 65.51
N SER B 469 -15.15 27.92 65.99
CA SER B 469 -14.50 28.88 65.09
C SER B 469 -13.25 28.21 64.53
N GLU B 470 -13.32 27.77 63.28
CA GLU B 470 -12.20 27.06 62.68
C GLU B 470 -10.99 27.97 62.47
N HIS B 471 -11.17 29.27 62.45
CA HIS B 471 -10.05 30.19 62.30
C HIS B 471 -9.09 30.06 63.47
N THR B 472 -9.54 30.42 64.68
CA THR B 472 -8.67 30.38 65.84
C THR B 472 -8.24 28.96 66.18
N LEU B 473 -9.07 27.97 65.85
CA LEU B 473 -8.72 26.58 66.15
C LEU B 473 -7.57 26.11 65.28
N GLU B 474 -7.59 26.44 63.99
CA GLU B 474 -6.50 26.04 63.11
C GLU B 474 -5.23 26.84 63.39
N GLY B 475 -5.37 28.09 63.81
CA GLY B 475 -4.20 28.88 64.14
C GLY B 475 -3.43 28.33 65.33
N TRP B 476 -4.14 27.72 66.29
CA TRP B 476 -3.47 27.09 67.42
C TRP B 476 -2.58 25.95 66.97
N LEU B 477 -3.06 25.14 66.03
CA LEU B 477 -2.32 23.96 65.61
C LEU B 477 -1.05 24.33 64.85
N GLU B 478 -1.11 25.36 64.01
CA GLU B 478 0.04 25.72 63.19
C GLU B 478 1.22 26.15 64.05
N ALA B 479 0.96 26.96 65.07
CA ALA B 479 2.04 27.34 65.99
C ALA B 479 2.49 26.16 66.82
N TYR B 480 1.57 25.24 67.15
CA TYR B 480 1.92 24.07 67.94
C TYR B 480 2.93 23.19 67.20
N LEU B 481 2.77 23.07 65.88
CA LEU B 481 3.71 22.26 65.11
C LEU B 481 5.04 22.99 64.92
N LEU B 482 5.00 24.29 64.65
CA LEU B 482 6.23 25.05 64.50
C LEU B 482 7.01 25.15 65.80
N THR B 483 6.35 24.96 66.94
CA THR B 483 7.04 24.91 68.22
C THR B 483 7.80 23.61 68.41
N GLY B 484 7.44 22.57 67.66
CA GLY B 484 8.08 21.27 67.76
C GLY B 484 7.20 20.16 68.29
N ARG B 485 5.93 20.43 68.56
CA ARG B 485 5.03 19.43 69.10
C ARG B 485 4.27 18.75 67.95
N HIS B 486 3.29 17.91 68.30
CA HIS B 486 2.50 17.18 67.32
C HIS B 486 1.02 17.40 67.61
N GLY B 487 0.21 17.37 66.55
CA GLY B 487 -1.20 17.61 66.70
C GLY B 487 -2.00 16.90 65.63
N PHE B 488 -3.32 17.00 65.75
CA PHE B 488 -4.24 16.36 64.82
C PHE B 488 -5.53 17.18 64.75
N PHE B 489 -5.98 17.47 63.54
CA PHE B 489 -7.16 18.30 63.31
C PHE B 489 -8.25 17.47 62.66
N ALA B 490 -9.44 17.48 63.25
CA ALA B 490 -10.58 16.73 62.72
C ALA B 490 -11.77 17.66 62.60
N THR B 491 -12.36 17.73 61.41
CA THR B 491 -13.47 18.63 61.17
C THR B 491 -14.30 18.09 60.01
N TYR B 492 -15.41 18.78 59.73
CA TYR B 492 -16.21 18.47 58.56
C TYR B 492 -15.52 18.95 57.30
N GLU B 493 -15.88 18.33 56.18
CA GLU B 493 -15.40 18.78 54.89
C GLU B 493 -16.13 20.02 54.40
N ALA B 494 -17.38 20.20 54.84
CA ALA B 494 -18.20 21.31 54.34
C ALA B 494 -17.64 22.66 54.75
N PHE B 495 -17.00 22.75 55.92
CA PHE B 495 -16.46 24.00 56.43
C PHE B 495 -14.96 24.10 56.23
N ALA B 496 -14.39 23.32 55.30
CA ALA B 496 -12.97 23.38 55.05
C ALA B 496 -12.56 24.62 54.26
N HIS B 497 -13.51 25.30 53.62
CA HIS B 497 -13.20 26.55 52.95
C HIS B 497 -12.87 27.67 53.93
N VAL B 498 -13.24 27.52 55.20
CA VAL B 498 -12.94 28.53 56.20
C VAL B 498 -11.45 28.65 56.42
N ILE B 499 -10.75 27.53 56.50
CA ILE B 499 -9.32 27.51 56.78
C ILE B 499 -8.52 27.50 55.50
N ASP B 500 -9.17 27.84 54.38
CA ASP B 500 -8.50 27.83 53.09
C ASP B 500 -7.36 28.83 53.05
N SER B 501 -7.57 30.03 53.59
CA SER B 501 -6.51 31.03 53.60
C SER B 501 -5.36 30.61 54.51
N MET B 502 -5.67 29.98 55.64
CA MET B 502 -4.64 29.60 56.60
C MET B 502 -3.74 28.49 56.07
N VAL B 503 -4.31 27.55 55.32
CA VAL B 503 -3.51 26.44 54.80
C VAL B 503 -2.44 26.95 53.84
N ASN B 504 -2.81 27.89 52.97
CA ASN B 504 -1.83 28.46 52.04
C ASN B 504 -0.73 29.20 52.79
N GLN B 505 -1.09 29.88 53.89
CA GLN B 505 -0.08 30.55 54.69
C GLN B 505 0.89 29.56 55.31
N HIS B 506 0.37 28.44 55.82
CA HIS B 506 1.25 27.44 56.41
C HIS B 506 2.04 26.69 55.36
N ALA B 507 1.45 26.46 54.18
CA ALA B 507 2.14 25.72 53.13
C ALA B 507 3.34 26.50 52.62
N LYS B 508 3.22 27.82 52.46
CA LYS B 508 4.35 28.60 51.99
C LYS B 508 5.44 28.69 53.04
N TRP B 509 5.10 28.53 54.32
CA TRP B 509 6.13 28.52 55.36
C TRP B 509 6.98 27.27 55.27
N LEU B 510 6.33 26.11 55.09
CA LEU B 510 7.08 24.86 54.99
C LEU B 510 7.87 24.79 53.70
N ASP B 511 7.35 25.34 52.61
CA ASP B 511 8.04 25.31 51.34
C ASP B 511 9.34 26.10 51.39
N VAL B 512 9.30 27.29 51.99
CA VAL B 512 10.51 28.10 52.11
C VAL B 512 11.48 27.47 53.11
N SER B 513 10.95 26.96 54.23
CA SER B 513 11.80 26.39 55.26
C SER B 513 12.53 25.14 54.77
N LYS B 514 11.88 24.35 53.91
CA LYS B 514 12.50 23.12 53.43
C LYS B 514 13.65 23.41 52.47
N ARG B 515 13.42 24.31 51.51
CA ARG B 515 14.37 24.53 50.43
C ARG B 515 15.30 25.72 50.69
N GLU B 516 14.72 26.92 50.85
CA GLU B 516 15.53 28.13 50.87
C GLU B 516 16.36 28.23 52.15
N VAL B 517 15.74 27.99 53.30
CA VAL B 517 16.40 28.15 54.58
C VAL B 517 17.06 26.84 54.97
N ASP B 518 18.33 26.90 55.37
CA ASP B 518 19.08 25.72 55.72
C ASP B 518 19.19 25.47 57.22
N TRP B 519 19.11 26.53 58.03
CA TRP B 519 19.19 26.34 59.47
C TRP B 519 17.86 25.98 60.10
N ARG B 520 16.76 26.02 59.35
CA ARG B 520 15.47 25.63 59.89
C ARG B 520 15.41 24.12 60.03
N ALA B 521 15.15 23.66 61.22
CA ALA B 521 15.02 22.21 61.37
C ALA B 521 13.59 21.79 61.06
N PRO B 522 13.40 20.58 60.54
CA PRO B 522 12.05 20.12 60.18
C PRO B 522 11.13 20.04 61.39
N VAL B 523 9.88 20.45 61.19
CA VAL B 523 8.86 20.44 62.23
C VAL B 523 7.93 19.28 61.95
N SER B 524 6.97 19.04 62.85
CA SER B 524 5.99 17.99 62.63
C SER B 524 5.03 18.37 61.51
N SER B 525 4.33 17.38 60.99
CA SER B 525 3.43 17.59 59.87
C SER B 525 2.07 18.11 60.32
N LEU B 526 1.34 18.69 59.37
CA LEU B 526 0.00 19.22 59.62
C LEU B 526 -1.02 18.18 59.15
N ASN B 527 -1.71 17.56 60.11
CA ASN B 527 -2.65 16.50 59.82
C ASN B 527 -4.07 17.02 60.01
N ILE B 528 -4.83 17.06 58.93
CA ILE B 528 -6.21 17.52 58.96
C ILE B 528 -7.11 16.36 58.55
N LEU B 529 -8.10 16.07 59.36
CA LEU B 529 -9.07 15.01 59.09
C LEU B 529 -10.39 15.64 58.68
N LEU B 530 -10.88 15.26 57.50
CA LEU B 530 -12.14 15.77 56.98
C LEU B 530 -13.20 14.68 57.09
N SER B 531 -14.28 14.98 57.79
CA SER B 531 -15.36 14.02 58.01
C SER B 531 -16.63 14.53 57.35
N SER B 532 -17.64 13.66 57.34
CA SER B 532 -18.98 13.97 56.83
C SER B 532 -18.91 14.53 55.40
N THR B 533 -18.47 13.65 54.50
CA THR B 533 -18.31 14.02 53.11
C THR B 533 -19.63 14.46 52.49
N VAL B 534 -19.53 15.03 51.29
CA VAL B 534 -20.68 15.64 50.64
C VAL B 534 -21.72 14.60 50.21
N TRP B 535 -21.34 13.32 50.12
CA TRP B 535 -22.23 12.32 49.57
C TRP B 535 -23.29 11.87 50.56
N ARG B 536 -22.97 11.82 51.85
CA ARG B 536 -23.94 11.35 52.83
C ARG B 536 -25.00 12.39 53.15
N GLN B 537 -24.66 13.67 53.06
CA GLN B 537 -25.57 14.79 53.33
C GLN B 537 -26.17 14.67 54.74
N ASP B 538 -25.27 14.83 55.72
CA ASP B 538 -25.64 14.73 57.12
C ASP B 538 -26.56 15.89 57.51
N HIS B 539 -27.09 15.82 58.74
CA HIS B 539 -28.00 16.85 59.24
C HIS B 539 -27.31 18.21 59.33
N ASN B 540 -26.07 18.23 59.81
CA ASN B 540 -25.33 19.48 59.94
C ASN B 540 -24.75 19.91 58.60
N GLY B 541 -24.36 21.17 58.53
CA GLY B 541 -23.81 21.73 57.31
C GLY B 541 -24.89 22.16 56.34
N PHE B 542 -24.52 23.07 55.44
CA PHE B 542 -25.44 23.55 54.43
C PHE B 542 -25.74 22.44 53.42
N SER B 543 -26.85 22.61 52.70
CA SER B 543 -27.30 21.57 51.78
C SER B 543 -26.32 21.35 50.64
N HIS B 544 -25.73 22.43 50.13
CA HIS B 544 -24.83 22.34 48.99
C HIS B 544 -23.38 22.32 49.47
N GLN B 545 -22.99 21.18 50.02
CA GLN B 545 -21.61 20.99 50.44
C GLN B 545 -20.68 20.96 49.24
N ASP B 546 -19.46 21.45 49.43
CA ASP B 546 -18.51 21.61 48.35
C ASP B 546 -17.22 20.87 48.67
N PRO B 547 -16.81 19.90 47.85
CA PRO B 547 -15.54 19.21 48.09
C PRO B 547 -14.35 19.95 47.49
N GLY B 548 -14.54 21.22 47.18
CA GLY B 548 -13.52 22.01 46.51
C GLY B 548 -12.26 22.25 47.31
N PHE B 549 -12.26 21.95 48.61
CA PHE B 549 -11.05 22.13 49.40
C PHE B 549 -9.94 21.21 48.93
N ILE B 550 -10.28 20.04 48.40
CA ILE B 550 -9.27 19.14 47.88
C ILE B 550 -8.55 19.76 46.70
N ASP B 551 -9.28 20.53 45.88
CA ASP B 551 -8.69 21.11 44.67
C ASP B 551 -7.69 22.20 45.01
N LEU B 552 -8.01 23.08 45.96
CA LEU B 552 -7.11 24.18 46.27
C LEU B 552 -5.84 23.69 46.95
N VAL B 553 -5.92 22.56 47.66
CA VAL B 553 -4.72 21.98 48.24
C VAL B 553 -3.80 21.47 47.14
N THR B 554 -4.36 20.88 46.09
CA THR B 554 -3.56 20.42 44.96
C THR B 554 -2.92 21.55 44.18
N ASN B 555 -3.42 22.78 44.32
CA ASN B 555 -2.74 23.92 43.72
C ASN B 555 -1.36 24.11 44.33
N LYS B 556 -1.25 23.90 45.64
CA LYS B 556 0.06 23.85 46.27
C LYS B 556 0.83 22.64 45.76
N SER B 557 2.15 22.73 45.80
CA SER B 557 3.00 21.72 45.19
C SER B 557 2.86 20.39 45.90
N ALA B 558 3.08 19.32 45.15
CA ALA B 558 2.99 17.96 45.69
C ALA B 558 4.07 17.66 46.72
N ARG B 559 5.10 18.49 46.81
CA ARG B 559 6.18 18.29 47.76
C ARG B 559 5.90 18.93 49.12
N VAL B 560 4.73 19.54 49.29
CA VAL B 560 4.37 20.09 50.59
C VAL B 560 3.00 19.64 51.08
N THR B 561 2.14 19.10 50.22
CA THR B 561 0.82 18.65 50.62
C THR B 561 0.60 17.21 50.17
N ARG B 562 -0.06 16.44 51.02
CA ARG B 562 -0.45 15.07 50.70
C ARG B 562 -1.91 14.87 51.05
N ILE B 563 -2.65 14.23 50.14
CA ILE B 563 -4.08 14.01 50.30
C ILE B 563 -4.34 12.52 50.28
N TYR B 564 -5.01 12.02 51.31
CA TYR B 564 -5.28 10.61 51.47
C TYR B 564 -6.78 10.37 51.60
N LEU B 565 -7.28 9.37 50.87
CA LEU B 565 -8.69 9.02 50.86
C LEU B 565 -8.82 7.55 51.21
N PRO B 566 -8.75 7.21 52.50
CA PRO B 566 -8.83 5.81 52.90
C PRO B 566 -10.23 5.28 52.76
N PRO B 567 -10.40 4.07 52.20
CA PRO B 567 -11.75 3.55 52.02
C PRO B 567 -12.39 3.05 53.30
N ASP B 568 -11.66 2.34 54.16
CA ASP B 568 -12.27 1.74 55.34
C ASP B 568 -11.52 2.08 56.61
N ALA B 569 -11.90 1.42 57.72
CA ALA B 569 -11.32 1.74 59.02
C ALA B 569 -9.85 1.34 59.10
N ASN B 570 -9.52 0.14 58.63
CA ASN B 570 -8.13 -0.32 58.70
C ASN B 570 -7.21 0.55 57.86
N CYS B 571 -7.67 0.93 56.66
CA CYS B 571 -6.86 1.82 55.83
C CYS B 571 -6.80 3.21 56.42
N LEU B 572 -7.80 3.60 57.21
CA LEU B 572 -7.75 4.89 57.90
C LEU B 572 -6.70 4.89 58.99
N LEU B 573 -6.58 3.79 59.75
CA LEU B 573 -5.58 3.72 60.80
C LEU B 573 -4.17 3.75 60.24
N SER B 574 -3.93 3.05 59.13
CA SER B 574 -2.60 3.04 58.53
C SER B 574 -2.23 4.43 58.03
N VAL B 575 -3.19 5.15 57.44
CA VAL B 575 -2.93 6.52 57.02
C VAL B 575 -2.65 7.41 58.22
N ALA B 576 -3.45 7.27 59.27
CA ALA B 576 -3.25 8.09 60.47
C ALA B 576 -1.93 7.76 61.14
N ASP B 577 -1.57 6.47 61.20
CA ASP B 577 -0.28 6.09 61.77
C ASP B 577 0.87 6.62 60.94
N HIS B 578 0.79 6.51 59.62
CA HIS B 578 1.88 6.95 58.76
C HIS B 578 2.05 8.46 58.79
N CYS B 579 0.94 9.21 58.82
CA CYS B 579 1.03 10.65 58.75
C CYS B 579 1.54 11.26 60.05
N LEU B 580 1.37 10.56 61.17
CA LEU B 580 1.91 11.06 62.44
C LEU B 580 3.42 10.96 62.49
N ARG B 581 4.04 10.23 61.57
CA ARG B 581 5.50 10.15 61.51
C ARG B 581 6.10 11.20 60.58
N SER B 582 5.35 11.67 59.59
CA SER B 582 5.88 12.59 58.59
C SER B 582 6.16 13.94 59.22
N THR B 583 7.03 14.71 58.55
CA THR B 583 7.53 15.96 59.13
C THR B 583 7.11 17.19 58.33
N ASP B 584 7.47 17.30 57.06
CA ASP B 584 7.34 18.56 56.34
C ASP B 584 6.24 18.53 55.30
N TYR B 585 5.09 17.99 55.65
CA TYR B 585 3.96 17.89 54.74
C TYR B 585 2.70 18.37 55.42
N ILE B 586 1.72 18.73 54.60
CA ILE B 586 0.36 18.98 55.05
C ILE B 586 -0.46 17.79 54.63
N ASN B 587 -0.98 17.04 55.60
CA ASN B 587 -1.70 15.81 55.34
C ASN B 587 -3.20 16.07 55.48
N VAL B 588 -3.94 15.85 54.39
CA VAL B 588 -5.38 15.99 54.37
C VAL B 588 -5.98 14.61 54.20
N ILE B 589 -6.74 14.18 55.21
CA ILE B 589 -7.34 12.85 55.24
C ILE B 589 -8.85 13.03 55.22
N VAL B 590 -9.51 12.41 54.26
CA VAL B 590 -10.96 12.53 54.10
C VAL B 590 -11.58 11.16 54.35
N ALA B 591 -12.40 11.07 55.39
CA ALA B 591 -13.11 9.86 55.75
C ALA B 591 -14.56 10.21 56.03
N ASP B 592 -15.39 9.20 56.17
CA ASP B 592 -16.82 9.39 56.38
C ASP B 592 -17.25 8.78 57.70
N LYS B 593 -18.13 9.49 58.41
CA LYS B 593 -18.57 9.05 59.72
C LYS B 593 -19.48 7.83 59.62
N GLN B 594 -20.30 7.76 58.57
CA GLN B 594 -21.35 6.76 58.49
C GLN B 594 -20.77 5.36 58.39
N SER B 595 -21.51 4.40 58.98
CA SER B 595 -21.06 3.02 58.99
C SER B 595 -21.02 2.46 57.57
N HIS B 596 -19.92 1.81 57.23
CA HIS B 596 -19.67 1.35 55.87
C HIS B 596 -19.15 -0.07 55.90
N LEU B 597 -18.89 -0.60 54.71
CA LEU B 597 -18.24 -1.89 54.60
C LEU B 597 -16.77 -1.77 54.99
N GLN B 598 -16.13 -2.92 55.17
CA GLN B 598 -14.70 -2.99 55.41
C GLN B 598 -14.08 -3.89 54.35
N TYR B 599 -13.01 -3.41 53.72
CA TYR B 599 -12.43 -4.11 52.59
C TYR B 599 -11.02 -4.64 52.85
N LEU B 600 -10.31 -4.11 53.82
CA LEU B 600 -8.90 -4.45 54.02
C LEU B 600 -8.68 -4.94 55.44
N ASP B 601 -7.83 -5.96 55.57
CA ASP B 601 -7.41 -6.44 56.87
C ASP B 601 -6.34 -5.51 57.43
N ALA B 602 -5.99 -5.72 58.70
CA ALA B 602 -4.98 -4.89 59.34
C ALA B 602 -3.64 -5.01 58.64
N GLU B 603 -3.26 -6.22 58.26
CA GLU B 603 -2.01 -6.39 57.53
C GLU B 603 -2.12 -5.90 56.09
N ALA B 604 -3.26 -6.15 55.44
CA ALA B 604 -3.44 -5.75 54.06
C ALA B 604 -3.56 -4.23 53.92
N ALA B 605 -4.09 -3.56 54.94
CA ALA B 605 -4.14 -2.10 54.91
C ALA B 605 -2.75 -1.49 54.91
N ALA B 606 -1.83 -2.08 55.70
CA ALA B 606 -0.47 -1.56 55.74
C ALA B 606 0.22 -1.69 54.40
N ARG B 607 0.03 -2.83 53.72
CA ARG B 607 0.59 -2.98 52.38
C ARG B 607 -0.05 -2.02 51.40
N HIS B 608 -1.35 -1.77 51.55
CA HIS B 608 -2.04 -0.86 50.64
C HIS B 608 -1.54 0.56 50.80
N CYS B 609 -1.40 1.03 52.03
CA CYS B 609 -0.91 2.38 52.26
C CYS B 609 0.57 2.53 51.96
N ALA B 610 1.32 1.42 51.97
CA ALA B 610 2.72 1.48 51.56
C ALA B 610 2.84 1.83 50.08
N LYS B 611 2.07 1.15 49.23
CA LYS B 611 2.08 1.47 47.82
C LYS B 611 1.28 2.73 47.52
N GLY B 612 0.26 3.02 48.31
CA GLY B 612 -0.63 4.15 48.08
C GLY B 612 -1.76 3.83 47.13
N ILE B 613 -1.45 3.18 46.01
CA ILE B 613 -2.44 2.74 45.04
C ILE B 613 -2.12 1.30 44.67
N GLY B 614 -3.13 0.44 44.70
CA GLY B 614 -2.89 -0.96 44.39
C GLY B 614 -4.14 -1.67 43.95
N ILE B 615 -3.93 -2.78 43.25
CA ILE B 615 -5.02 -3.61 42.75
C ILE B 615 -5.61 -4.40 43.91
N TRP B 616 -6.93 -4.42 44.02
CA TRP B 616 -7.62 -5.29 44.96
C TRP B 616 -7.88 -6.61 44.27
N ASP B 617 -7.25 -7.67 44.77
CA ASP B 617 -7.28 -8.95 44.08
C ASP B 617 -8.65 -9.62 44.19
N TRP B 618 -9.28 -9.51 45.36
CA TRP B 618 -10.59 -10.14 45.55
C TRP B 618 -11.66 -9.46 44.71
N ALA B 619 -11.59 -8.14 44.58
CA ALA B 619 -12.56 -7.43 43.75
C ALA B 619 -12.28 -7.62 42.27
N SER B 620 -11.03 -7.85 41.90
CA SER B 620 -10.68 -8.03 40.50
C SER B 620 -11.28 -9.32 39.96
N ASN B 621 -11.80 -9.26 38.74
CA ASN B 621 -12.48 -10.41 38.16
C ASN B 621 -11.49 -11.48 37.74
N ASP B 622 -10.61 -11.15 36.79
CA ASP B 622 -9.74 -12.16 36.20
C ASP B 622 -8.29 -11.72 36.33
N GLN B 623 -7.46 -12.65 36.82
CA GLN B 623 -6.02 -12.50 36.87
C GLN B 623 -5.39 -13.45 35.86
N GLY B 624 -4.20 -13.10 35.40
CA GLY B 624 -3.55 -13.86 34.35
C GLY B 624 -4.06 -13.57 32.96
N ALA B 625 -4.97 -12.60 32.80
CA ALA B 625 -5.47 -12.20 31.51
C ALA B 625 -5.58 -10.68 31.48
N SER B 626 -5.56 -10.13 30.28
CA SER B 626 -5.68 -8.68 30.14
C SER B 626 -7.09 -8.25 30.47
N PRO B 627 -7.28 -7.33 31.42
CA PRO B 627 -8.64 -6.90 31.77
C PRO B 627 -9.29 -6.14 30.64
N ASP B 628 -10.61 -6.27 30.55
CA ASP B 628 -11.36 -5.52 29.55
C ASP B 628 -11.54 -4.06 29.95
N VAL B 629 -11.64 -3.79 31.25
CA VAL B 629 -11.84 -2.44 31.75
C VAL B 629 -11.23 -2.35 33.14
N VAL B 630 -10.71 -1.18 33.48
CA VAL B 630 -10.14 -0.91 34.79
C VAL B 630 -11.10 0.02 35.53
N ILE B 631 -11.62 -0.45 36.65
CA ILE B 631 -12.53 0.33 37.47
C ILE B 631 -11.76 0.84 38.67
N ALA B 632 -11.60 2.15 38.77
CA ALA B 632 -10.82 2.76 39.84
C ALA B 632 -11.72 3.63 40.69
N SER B 633 -11.50 3.58 42.01
CA SER B 633 -12.21 4.42 42.94
C SER B 633 -11.21 5.07 43.88
N CYS B 634 -11.55 6.26 44.36
CA CYS B 634 -10.64 7.00 45.22
C CYS B 634 -11.20 7.22 46.61
N GLY B 635 -12.43 7.68 46.74
CA GLY B 635 -13.02 7.94 48.04
C GLY B 635 -13.43 6.66 48.74
N ASP B 636 -14.38 6.80 49.65
CA ASP B 636 -14.94 5.66 50.37
C ASP B 636 -16.38 5.39 50.03
N VAL B 637 -17.22 6.43 49.92
CA VAL B 637 -18.59 6.23 49.45
C VAL B 637 -18.60 5.79 47.99
N VAL B 638 -17.79 6.44 47.16
CA VAL B 638 -17.72 6.05 45.75
C VAL B 638 -17.04 4.70 45.58
N THR B 639 -16.25 4.25 46.55
CA THR B 639 -15.69 2.91 46.48
C THR B 639 -16.78 1.86 46.60
N LEU B 640 -17.76 2.09 47.47
CA LEU B 640 -18.88 1.16 47.58
C LEU B 640 -19.67 1.10 46.28
N GLU B 641 -19.89 2.25 45.65
CA GLU B 641 -20.59 2.26 44.37
C GLU B 641 -19.76 1.59 43.28
N ALA B 642 -18.44 1.80 43.30
CA ALA B 642 -17.57 1.15 42.33
C ALA B 642 -17.57 -0.36 42.52
N LEU B 643 -17.58 -0.82 43.78
CA LEU B 643 -17.69 -2.25 44.04
C LEU B 643 -19.05 -2.79 43.62
N ALA B 644 -20.12 -2.05 43.91
CA ALA B 644 -21.45 -2.51 43.55
C ALA B 644 -21.63 -2.57 42.05
N ALA B 645 -21.02 -1.63 41.32
CA ALA B 645 -21.05 -1.70 39.86
C ALA B 645 -20.29 -2.92 39.35
N THR B 646 -19.20 -3.28 40.03
CA THR B 646 -18.46 -4.48 39.63
C THR B 646 -19.29 -5.74 39.84
N ALA B 647 -20.07 -5.78 40.92
CA ALA B 647 -20.92 -6.94 41.17
C ALA B 647 -21.99 -7.08 40.10
N LEU B 648 -22.59 -5.96 39.67
CA LEU B 648 -23.61 -6.02 38.63
C LEU B 648 -23.02 -6.50 37.31
N LEU B 649 -21.85 -5.97 36.93
CA LEU B 649 -21.26 -6.33 35.65
C LEU B 649 -20.83 -7.79 35.62
N ARG B 650 -20.25 -8.29 36.72
CA ARG B 650 -19.87 -9.68 36.78
C ARG B 650 -21.08 -10.60 36.81
N GLU B 651 -22.20 -10.12 37.34
CA GLU B 651 -23.41 -10.92 37.34
C GLU B 651 -24.00 -11.05 35.94
N HIS B 652 -24.04 -9.94 35.19
CA HIS B 652 -24.68 -9.94 33.88
C HIS B 652 -23.73 -10.31 32.75
N PHE B 653 -22.42 -10.12 32.92
CA PHE B 653 -21.43 -10.45 31.91
C PHE B 653 -20.39 -11.36 32.54
N PRO B 654 -20.65 -12.67 32.57
CA PRO B 654 -19.67 -13.60 33.17
C PRO B 654 -18.32 -13.59 32.49
N ASP B 655 -18.29 -13.36 31.17
CA ASP B 655 -17.03 -13.36 30.42
C ASP B 655 -16.24 -12.08 30.59
N LEU B 656 -16.84 -11.02 31.13
CA LEU B 656 -16.15 -9.75 31.27
C LEU B 656 -15.05 -9.85 32.32
N LYS B 657 -13.90 -9.27 32.01
CA LYS B 657 -12.74 -9.27 32.89
C LYS B 657 -12.52 -7.85 33.40
N ILE B 658 -12.62 -7.67 34.72
CA ILE B 658 -12.57 -6.36 35.35
C ILE B 658 -11.44 -6.34 36.35
N ARG B 659 -10.57 -5.34 36.23
CA ARG B 659 -9.53 -5.10 37.23
C ARG B 659 -9.94 -3.93 38.10
N PHE B 660 -9.95 -4.13 39.40
CA PHE B 660 -10.35 -3.10 40.36
C PHE B 660 -9.11 -2.52 41.01
N VAL B 661 -9.00 -1.19 40.96
CA VAL B 661 -7.86 -0.47 41.53
C VAL B 661 -8.41 0.55 42.51
N ASN B 662 -7.84 0.60 43.71
CA ASN B 662 -8.22 1.60 44.70
C ASN B 662 -7.04 2.52 44.96
N VAL B 663 -7.29 3.82 44.94
CA VAL B 663 -6.27 4.84 45.10
C VAL B 663 -6.49 5.54 46.43
N VAL B 664 -5.45 5.54 47.28
CA VAL B 664 -5.50 6.22 48.56
C VAL B 664 -4.70 7.51 48.53
N ASP B 665 -3.45 7.45 48.09
CA ASP B 665 -2.60 8.63 47.94
C ASP B 665 -2.88 9.24 46.57
N LEU B 666 -3.47 10.44 46.58
CA LEU B 666 -3.88 11.06 45.32
C LEU B 666 -2.68 11.41 44.45
N PHE B 667 -1.61 11.92 45.05
CA PHE B 667 -0.50 12.44 44.28
C PHE B 667 0.35 11.36 43.63
N ARG B 668 0.08 10.09 43.91
CA ARG B 668 0.75 9.01 43.19
C ARG B 668 0.43 9.03 41.70
N LEU B 669 -0.69 9.64 41.31
CA LEU B 669 -1.05 9.70 39.90
C LEU B 669 -0.12 10.60 39.10
N GLN B 670 0.49 11.58 39.75
CA GLN B 670 1.39 12.48 39.06
C GLN B 670 2.61 11.71 38.55
N PRO B 671 3.14 12.07 37.38
CA PRO B 671 4.28 11.32 36.84
C PRO B 671 5.53 11.52 37.67
N ASP B 672 6.49 10.61 37.45
CA ASP B 672 7.72 10.62 38.23
C ASP B 672 8.53 11.89 37.96
N THR B 673 8.38 12.48 36.78
CA THR B 673 9.09 13.72 36.46
C THR B 673 8.61 14.86 37.35
N GLU B 674 7.29 14.96 37.58
CA GLU B 674 6.76 16.03 38.43
C GLU B 674 7.24 15.90 39.86
N HIS B 675 7.28 14.68 40.38
CA HIS B 675 7.75 14.48 41.74
C HIS B 675 8.24 13.04 41.88
N PRO B 676 9.29 12.79 42.65
CA PRO B 676 9.73 11.39 42.86
C PRO B 676 8.71 10.53 43.58
N HIS B 677 7.77 11.14 44.31
CA HIS B 677 6.75 10.36 45.01
C HIS B 677 5.78 9.70 44.04
N GLY B 678 5.53 10.32 42.89
CA GLY B 678 4.58 9.77 41.95
C GLY B 678 5.06 8.49 41.30
N LEU B 679 4.10 7.73 40.78
CA LEU B 679 4.42 6.48 40.12
C LEU B 679 5.17 6.72 38.82
N SER B 680 6.08 5.82 38.50
CA SER B 680 6.77 5.87 37.22
C SER B 680 5.80 5.49 36.11
N ASP B 681 6.24 5.74 34.86
CA ASP B 681 5.39 5.41 33.73
C ASP B 681 5.15 3.92 33.62
N ARG B 682 6.17 3.11 33.90
CA ARG B 682 5.99 1.66 33.87
C ARG B 682 5.10 1.19 35.01
N ASP B 683 5.25 1.79 36.19
CA ASP B 683 4.40 1.42 37.31
C ASP B 683 2.95 1.80 37.05
N PHE B 684 2.72 2.99 36.49
CA PHE B 684 1.37 3.44 36.18
C PHE B 684 0.75 2.56 35.10
N ASP B 685 1.54 2.17 34.10
CA ASP B 685 1.01 1.31 33.04
C ASP B 685 0.68 -0.08 33.54
N SER B 686 1.36 -0.55 34.60
CA SER B 686 1.01 -1.83 35.18
C SER B 686 -0.33 -1.76 35.89
N LEU B 687 -0.55 -0.72 36.70
CA LEU B 687 -1.82 -0.54 37.39
C LEU B 687 -2.94 -0.33 36.39
N PHE B 688 -2.90 0.76 35.65
CA PHE B 688 -3.86 1.06 34.60
C PHE B 688 -3.21 0.73 33.27
N THR B 689 -3.79 -0.22 32.55
CA THR B 689 -3.17 -0.68 31.31
C THR B 689 -3.15 0.43 30.26
N VAL B 690 -2.26 0.29 29.29
CA VAL B 690 -1.98 1.37 28.35
C VAL B 690 -3.10 1.59 27.35
N ASP B 691 -4.02 0.65 27.20
CA ASP B 691 -5.00 0.77 26.12
C ASP B 691 -6.44 0.61 26.59
N LYS B 692 -6.66 -0.17 27.64
CA LYS B 692 -8.01 -0.44 28.09
C LYS B 692 -8.60 0.79 28.78
N PRO B 693 -9.91 1.01 28.64
CA PRO B 693 -10.53 2.17 29.26
C PRO B 693 -10.50 2.10 30.78
N ILE B 694 -10.42 3.27 31.40
CA ILE B 694 -10.35 3.39 32.86
C ILE B 694 -11.59 4.15 33.32
N ILE B 695 -12.36 3.54 34.22
CA ILE B 695 -13.54 4.20 34.76
C ILE B 695 -13.23 4.65 36.17
N PHE B 696 -12.75 5.88 36.31
CA PHE B 696 -12.37 6.41 37.61
C PHE B 696 -13.60 6.98 38.30
N ASN B 697 -13.78 6.63 39.57
CA ASN B 697 -14.89 7.10 40.37
C ASN B 697 -14.31 7.87 41.54
N PHE B 698 -14.28 9.19 41.45
CA PHE B 698 -13.51 10.04 42.34
C PHE B 698 -14.43 10.81 43.26
N HIS B 699 -14.10 10.81 44.55
CA HIS B 699 -14.76 11.68 45.50
C HIS B 699 -14.28 13.11 45.29
N GLY B 700 -15.18 14.01 44.98
CA GLY B 700 -14.81 15.38 44.69
C GLY B 700 -14.96 15.71 43.22
N TYR B 701 -14.38 16.84 42.85
CA TYR B 701 -14.55 17.34 41.49
C TYR B 701 -13.83 16.43 40.49
N PRO B 702 -14.50 16.00 39.42
CA PRO B 702 -13.90 14.98 38.55
C PRO B 702 -12.69 15.46 37.79
N TRP B 703 -12.50 16.76 37.65
CA TRP B 703 -11.40 17.27 36.86
CA TRP B 703 -11.40 17.24 36.84
C TRP B 703 -10.07 17.20 37.58
N LEU B 704 -10.07 17.05 38.91
CA LEU B 704 -8.81 16.98 39.63
C LEU B 704 -7.98 15.79 39.20
N ILE B 705 -8.64 14.68 38.84
CA ILE B 705 -7.92 13.50 38.37
C ILE B 705 -7.24 13.78 37.04
N HIS B 706 -7.89 14.57 36.17
CA HIS B 706 -7.29 14.90 34.89
C HIS B 706 -6.08 15.82 35.06
N LYS B 707 -6.08 16.67 36.08
CA LYS B 707 -4.92 17.52 36.32
C LYS B 707 -3.70 16.70 36.69
N LEU B 708 -3.88 15.72 37.57
CA LEU B 708 -2.75 14.91 38.03
C LEU B 708 -2.24 14.00 36.93
N ALA B 709 -3.14 13.31 36.25
CA ALA B 709 -2.76 12.31 35.25
C ALA B 709 -2.77 12.87 33.84
N TYR B 710 -2.46 14.16 33.67
CA TYR B 710 -2.50 14.75 32.34
C TYR B 710 -1.33 14.28 31.48
N ARG B 711 -0.15 14.16 32.06
CA ARG B 711 1.04 13.80 31.30
C ARG B 711 1.14 12.31 31.01
N ARG B 712 0.25 11.50 31.58
CA ARG B 712 0.30 10.06 31.36
C ARG B 712 -0.02 9.72 29.91
N HIS B 713 0.52 8.59 29.46
CA HIS B 713 0.26 8.14 28.09
C HIS B 713 -1.21 7.79 27.91
N ASN B 714 -1.81 7.13 28.89
CA ASN B 714 -3.19 6.66 28.78
C ASN B 714 -4.19 7.67 29.33
N HIS B 715 -3.87 8.95 29.31
CA HIS B 715 -4.78 9.95 29.84
C HIS B 715 -6.05 10.06 29.02
N ASN B 716 -5.93 9.91 27.69
CA ASN B 716 -7.10 10.02 26.82
C ASN B 716 -8.11 8.92 27.05
N ASN B 717 -7.71 7.80 27.64
CA ASN B 717 -8.63 6.71 27.96
C ASN B 717 -9.14 6.77 29.39
N LEU B 718 -8.86 7.86 30.11
CA LEU B 718 -9.27 8.00 31.49
C LEU B 718 -10.61 8.72 31.55
N HIS B 719 -11.58 8.09 32.19
CA HIS B 719 -12.90 8.66 32.37
CA HIS B 719 -12.91 8.65 32.37
C HIS B 719 -13.19 8.79 33.86
N VAL B 720 -13.52 10.00 34.30
CA VAL B 720 -13.72 10.29 35.70
C VAL B 720 -15.17 10.65 35.94
N ARG B 721 -15.76 10.02 36.95
CA ARG B 721 -17.06 10.42 37.47
C ARG B 721 -16.87 10.98 38.86
N GLY B 722 -17.54 12.08 39.15
CA GLY B 722 -17.33 12.70 40.44
C GLY B 722 -18.42 13.70 40.74
N TYR B 723 -18.18 14.49 41.77
CA TYR B 723 -19.14 15.48 42.23
C TYR B 723 -19.34 16.56 41.18
N LYS B 724 -20.58 16.77 40.76
CA LYS B 724 -20.93 17.87 39.86
C LYS B 724 -21.83 18.89 40.54
N GLU B 725 -22.98 18.46 41.04
CA GLU B 725 -23.89 19.36 41.74
C GLU B 725 -24.78 18.51 42.64
N VAL B 726 -25.42 19.19 43.59
CA VAL B 726 -26.26 18.54 44.58
C VAL B 726 -27.60 19.26 44.65
N GLY B 727 -28.67 18.50 44.71
CA GLY B 727 -30.00 19.06 44.89
C GLY B 727 -30.17 19.59 46.30
N ASN B 728 -31.37 20.13 46.55
CA ASN B 728 -31.65 20.69 47.87
C ASN B 728 -31.61 19.62 48.95
N ILE B 729 -32.32 18.51 48.71
CA ILE B 729 -32.31 17.37 49.63
C ILE B 729 -32.43 16.10 48.80
N ASN B 730 -31.58 15.12 49.10
CA ASN B 730 -31.55 13.87 48.37
C ASN B 730 -31.17 12.74 49.32
N THR B 731 -31.58 11.53 48.96
CA THR B 731 -31.10 10.34 49.63
C THR B 731 -29.67 10.05 49.19
N PRO B 732 -28.92 9.27 49.98
CA PRO B 732 -27.55 8.91 49.56
C PRO B 732 -27.49 8.19 48.22
N LEU B 733 -28.49 7.37 47.88
CA LEU B 733 -28.49 6.72 46.59
C LEU B 733 -28.87 7.70 45.48
N GLU B 734 -29.86 8.55 45.73
CA GLU B 734 -30.31 9.48 44.70
C GLU B 734 -29.29 10.55 44.41
N LEU B 735 -28.51 10.95 45.41
CA LEU B 735 -27.44 11.92 45.19
C LEU B 735 -26.39 11.36 44.24
N ALA B 736 -26.05 10.08 44.38
CA ALA B 736 -25.11 9.46 43.47
C ALA B 736 -25.67 9.40 42.05
N ILE B 737 -26.99 9.26 41.91
CA ILE B 737 -27.61 9.22 40.59
C ILE B 737 -27.48 10.58 39.91
N ARG B 738 -27.66 11.66 40.66
CA ARG B 738 -27.56 13.00 40.09
C ARG B 738 -26.16 13.27 39.56
N ASN B 739 -25.14 12.84 40.30
CA ASN B 739 -23.75 13.03 39.89
C ASN B 739 -23.22 11.89 39.03
N GLN B 740 -24.06 10.90 38.74
CA GLN B 740 -23.71 9.76 37.89
C GLN B 740 -22.51 8.98 38.41
N VAL B 741 -22.37 8.90 39.73
CA VAL B 741 -21.38 8.04 40.37
C VAL B 741 -22.04 6.82 41.00
N ASP B 742 -23.31 6.60 40.71
CA ASP B 742 -24.03 5.46 41.26
C ASP B 742 -23.54 4.16 40.64
N ARG B 743 -23.91 3.05 41.28
CA ARG B 743 -23.52 1.74 40.78
C ARG B 743 -24.11 1.48 39.40
N PHE B 744 -25.33 1.95 39.15
CA PHE B 744 -25.95 1.73 37.84
C PHE B 744 -25.35 2.64 36.79
N ASN B 745 -25.08 3.90 37.15
CA ASN B 745 -24.47 4.82 36.19
C ASN B 745 -23.07 4.38 35.83
N LEU B 746 -22.30 3.90 36.80
CA LEU B 746 -20.96 3.39 36.52
C LEU B 746 -21.04 2.15 35.63
N ALA B 747 -21.99 1.27 35.89
CA ALA B 747 -22.15 0.08 35.07
C ALA B 747 -22.58 0.45 33.65
N ILE B 748 -23.40 1.50 33.52
CA ILE B 748 -23.76 1.99 32.20
C ILE B 748 -22.52 2.53 31.49
N ASP B 749 -21.68 3.27 32.21
CA ASP B 749 -20.48 3.86 31.60
C ASP B 749 -19.52 2.78 31.12
N VAL B 750 -19.38 1.69 31.88
CA VAL B 750 -18.48 0.60 31.47
C VAL B 750 -18.95 -0.01 30.16
N ILE B 751 -20.27 -0.17 30.01
CA ILE B 751 -20.82 -0.78 28.80
C ILE B 751 -20.50 0.08 27.58
N ASP B 752 -20.52 1.40 27.73
CA ASP B 752 -20.24 2.27 26.61
C ASP B 752 -18.77 2.19 26.18
N ARG B 753 -17.85 2.18 27.14
CA ARG B 753 -16.44 2.27 26.80
C ARG B 753 -15.91 0.95 26.24
N VAL B 754 -16.35 -0.18 26.78
CA VAL B 754 -15.83 -1.47 26.33
C VAL B 754 -16.31 -1.73 24.91
N PRO B 755 -15.40 -1.99 23.96
CA PRO B 755 -15.82 -2.10 22.55
C PRO B 755 -16.76 -3.25 22.28
N HIS B 756 -16.61 -4.39 22.96
CA HIS B 756 -17.42 -5.56 22.65
C HIS B 756 -18.68 -5.64 23.51
N LEU B 757 -18.96 -4.64 24.34
CA LEU B 757 -20.20 -4.59 25.10
C LEU B 757 -21.19 -3.57 24.57
N ARG B 758 -20.81 -2.75 23.60
CA ARG B 758 -21.73 -1.72 23.10
C ARG B 758 -22.92 -2.34 22.37
N ASP B 759 -22.75 -3.54 21.82
CA ASP B 759 -23.83 -4.26 21.17
C ASP B 759 -24.44 -5.35 22.04
N ARG B 760 -23.60 -6.12 22.73
CA ARG B 760 -24.11 -7.18 23.59
C ARG B 760 -24.84 -6.64 24.81
N GLY B 761 -24.38 -5.51 25.34
CA GLY B 761 -24.91 -4.97 26.57
C GLY B 761 -26.08 -4.04 26.42
N ALA B 762 -26.71 -3.98 25.24
CA ALA B 762 -27.85 -3.10 25.04
C ALA B 762 -29.02 -3.48 25.93
N HIS B 763 -29.28 -4.79 26.06
CA HIS B 763 -30.35 -5.24 26.95
C HIS B 763 -30.04 -4.90 28.40
N VAL B 764 -28.80 -5.13 28.82
CA VAL B 764 -28.42 -4.85 30.20
C VAL B 764 -28.46 -3.36 30.48
N LYS B 765 -28.03 -2.55 29.51
CA LYS B 765 -28.08 -1.10 29.67
C LYS B 765 -29.52 -0.62 29.82
N GLU B 766 -30.46 -1.24 29.11
CA GLU B 766 -31.87 -0.92 29.30
C GLU B 766 -32.34 -1.32 30.69
N TRP B 767 -31.89 -2.47 31.18
CA TRP B 767 -32.30 -2.92 32.51
C TRP B 767 -31.77 -1.99 33.59
N LEU B 768 -30.53 -1.51 33.44
CA LEU B 768 -29.96 -0.61 34.43
C LEU B 768 -30.71 0.70 34.50
N LYS B 769 -31.13 1.23 33.34
CA LYS B 769 -31.92 2.47 33.35
C LYS B 769 -33.26 2.26 34.02
N ASP B 770 -33.83 1.06 33.94
CA ASP B 770 -35.04 0.76 34.68
C ASP B 770 -34.78 0.80 36.18
N GLN B 771 -33.62 0.29 36.61
CA GLN B 771 -33.29 0.29 38.03
C GLN B 771 -33.08 1.72 38.54
N ILE B 772 -32.50 2.58 37.72
CA ILE B 772 -32.33 3.98 38.11
C ILE B 772 -33.68 4.65 38.31
N HIS B 773 -34.59 4.45 37.35
CA HIS B 773 -35.91 5.05 37.47
C HIS B 773 -36.70 4.43 38.62
N ASP B 774 -36.55 3.13 38.83
CA ASP B 774 -37.29 2.45 39.89
C ASP B 774 -36.88 2.97 41.26
N HIS B 775 -35.57 3.16 41.49
CA HIS B 775 -35.12 3.62 42.79
C HIS B 775 -35.48 5.07 43.05
N ILE B 776 -35.47 5.91 42.01
CA ILE B 776 -35.86 7.29 42.18
C ILE B 776 -37.35 7.39 42.54
N GLN B 777 -38.18 6.59 41.88
CA GLN B 777 -39.61 6.61 42.18
C GLN B 777 -39.87 6.13 43.61
N TYR B 778 -39.15 5.09 44.04
CA TYR B 778 -39.29 4.63 45.41
C TYR B 778 -38.80 5.69 46.40
N ALA B 779 -37.75 6.43 46.02
CA ALA B 779 -37.23 7.48 46.88
C ALA B 779 -38.24 8.60 47.07
N TYR B 780 -38.97 8.96 46.02
CA TYR B 780 -39.96 10.03 46.14
C TYR B 780 -41.13 9.62 47.00
N GLN B 781 -41.57 8.36 46.91
CA GLN B 781 -42.72 7.92 47.67
C GLN B 781 -42.38 7.72 49.14
N GLU B 782 -41.22 7.14 49.43
CA GLU B 782 -40.86 6.75 50.79
C GLU B 782 -39.90 7.70 51.47
N GLY B 783 -39.03 8.37 50.72
CA GLY B 783 -38.03 9.23 51.32
C GLY B 783 -36.77 8.52 51.78
N ILE B 784 -36.70 7.20 51.63
CA ILE B 784 -35.54 6.42 52.02
C ILE B 784 -35.25 5.41 50.92
N ASP B 785 -33.99 4.98 50.85
CA ASP B 785 -33.60 3.98 49.86
C ASP B 785 -34.20 2.62 50.20
N ARG B 786 -34.19 1.73 49.21
CA ARG B 786 -34.65 0.38 49.43
C ARG B 786 -33.74 -0.34 50.40
N PRO B 787 -34.28 -1.29 51.19
CA PRO B 787 -33.44 -1.97 52.19
C PRO B 787 -32.25 -2.71 51.61
N GLU B 788 -32.38 -3.28 50.42
CA GLU B 788 -31.26 -4.01 49.83
C GLU B 788 -30.16 -3.09 49.36
N ILE B 789 -30.47 -1.82 49.10
CA ILE B 789 -29.43 -0.86 48.74
C ILE B 789 -28.57 -0.53 49.95
N ASN B 790 -29.21 -0.29 51.10
CA ASN B 790 -28.46 0.06 52.31
C ASN B 790 -27.70 -1.14 52.85
N GLN B 791 -28.25 -2.35 52.72
CA GLN B 791 -27.63 -3.55 53.26
C GLN B 791 -26.89 -4.35 52.20
N TRP B 792 -26.37 -3.68 51.17
CA TRP B 792 -25.61 -4.36 50.15
C TRP B 792 -24.27 -4.82 50.69
N GLN B 793 -23.77 -5.92 50.11
CA GLN B 793 -22.48 -6.46 50.50
C GLN B 793 -21.96 -7.30 49.35
N TRP B 794 -20.64 -7.45 49.29
CA TRP B 794 -19.99 -8.15 48.19
C TRP B 794 -20.52 -9.57 48.08
N PRO B 795 -21.01 -9.98 46.92
CA PRO B 795 -21.65 -11.30 46.82
C PRO B 795 -20.71 -12.43 46.46
N PHE B 796 -19.51 -12.09 46.01
CA PHE B 796 -18.55 -13.12 45.61
C PHE B 796 -17.53 -13.37 46.71
N ASP C 9 50.32 21.90 89.36
CA ASP C 9 49.81 20.59 89.75
C ASP C 9 48.95 19.98 88.65
N ILE C 10 49.10 20.51 87.43
CA ILE C 10 48.33 19.99 86.30
C ILE C 10 48.82 18.60 85.92
N ALA C 11 50.13 18.39 85.93
CA ALA C 11 50.68 17.07 85.59
C ALA C 11 50.26 16.01 86.59
N THR C 12 50.30 16.34 87.87
CA THR C 12 49.84 15.41 88.90
C THR C 12 48.32 15.30 88.88
N LEU C 13 47.81 14.16 89.33
CA LEU C 13 46.39 13.87 89.32
C LEU C 13 45.92 13.57 90.74
N SER C 14 44.82 14.21 91.14
CA SER C 14 44.24 13.95 92.45
C SER C 14 43.54 12.59 92.44
N PRO C 15 43.63 11.83 93.54
CA PRO C 15 42.95 10.52 93.57
C PRO C 15 41.44 10.60 93.47
N ASN C 16 40.82 11.65 94.01
CA ASN C 16 39.37 11.74 94.01
C ASN C 16 38.83 11.97 92.60
N GLU C 17 39.45 12.87 91.85
CA GLU C 17 39.04 13.10 90.47
C GLU C 17 39.44 11.96 89.55
N GLN C 18 40.46 11.18 89.93
CA GLN C 18 40.85 10.02 89.14
C GLN C 18 39.73 8.99 89.11
N ALA C 19 39.04 8.81 90.23
CA ALA C 19 37.88 7.92 90.25
C ALA C 19 36.78 8.41 89.31
N ALA C 20 36.53 9.73 89.31
CA ALA C 20 35.53 10.29 88.39
C ALA C 20 35.96 10.12 86.95
N ILE C 21 37.26 10.32 86.67
CA ILE C 21 37.78 10.06 85.33
C ILE C 21 37.63 8.59 84.97
N ASP C 22 37.95 7.70 85.91
CA ASP C 22 37.74 6.28 85.67
C ASP C 22 36.26 5.95 85.55
N ALA C 23 35.41 6.65 86.31
CA ALA C 23 33.97 6.45 86.19
C ALA C 23 33.47 6.84 84.81
N TRP C 24 33.96 7.96 84.28
CA TRP C 24 33.63 8.34 82.91
C TRP C 24 34.19 7.32 81.92
N TRP C 25 35.41 6.84 82.16
CA TRP C 25 36.03 5.88 81.26
C TRP C 25 35.27 4.55 81.28
N ARG C 26 34.82 4.12 82.46
CA ARG C 26 33.99 2.92 82.54
C ARG C 26 32.67 3.10 81.83
N ALA C 27 32.02 4.26 82.03
CA ALA C 27 30.72 4.51 81.43
C ALA C 27 30.80 4.54 79.90
N ALA C 28 31.88 5.11 79.37
CA ALA C 28 32.06 5.14 77.92
C ALA C 28 32.21 3.73 77.36
N ASN C 29 32.99 2.89 78.04
CA ASN C 29 33.15 1.51 77.59
C ASN C 29 31.84 0.73 77.76
N TYR C 30 31.10 1.01 78.82
CA TYR C 30 29.81 0.34 79.02
C TYR C 30 28.84 0.69 77.90
N LEU C 31 28.77 1.97 77.53
CA LEU C 31 27.92 2.36 76.41
C LEU C 31 28.47 1.83 75.08
N SER C 32 29.79 1.69 74.97
CA SER C 32 30.38 1.17 73.74
C SER C 32 29.96 -0.27 73.50
N VAL C 33 30.08 -1.12 74.52
CA VAL C 33 29.68 -2.52 74.39
C VAL C 33 28.17 -2.62 74.21
N GLY C 34 27.42 -1.73 74.87
CA GLY C 34 25.97 -1.80 74.80
C GLY C 34 25.43 -1.61 73.40
N GLN C 35 25.95 -0.62 72.68
CA GLN C 35 25.48 -0.38 71.31
C GLN C 35 26.01 -1.42 70.34
N ILE C 36 27.14 -2.07 70.66
CA ILE C 36 27.62 -3.15 69.80
C ILE C 36 26.71 -4.36 69.91
N TYR C 37 26.28 -4.69 71.12
CA TYR C 37 25.54 -5.92 71.38
C TYR C 37 24.07 -5.69 71.70
N LEU C 38 23.78 -4.88 72.72
CA LEU C 38 22.43 -4.83 73.26
C LEU C 38 21.47 -4.12 72.31
N ARG C 39 20.30 -4.72 72.12
CA ARG C 39 19.19 -4.11 71.42
C ARG C 39 18.11 -3.61 72.35
N ASP C 40 17.89 -4.30 73.48
CA ASP C 40 16.95 -3.88 74.50
C ASP C 40 17.60 -4.10 75.86
N ASN C 41 16.90 -3.67 76.91
CA ASN C 41 17.36 -3.76 78.30
C ASN C 41 18.71 -3.08 78.45
N PRO C 42 18.77 -1.74 78.36
CA PRO C 42 20.09 -1.08 78.34
C PRO C 42 20.79 -1.12 79.68
N LEU C 43 20.07 -1.00 80.78
CA LEU C 43 20.68 -0.92 82.11
C LEU C 43 20.79 -2.25 82.81
N LEU C 44 20.42 -3.35 82.15
CA LEU C 44 20.48 -4.70 82.72
C LEU C 44 19.70 -4.80 84.02
N GLN C 45 18.51 -4.20 84.05
CA GLN C 45 17.65 -4.34 85.22
C GLN C 45 17.20 -5.79 85.39
N GLU C 46 16.88 -6.46 84.31
CA GLU C 46 16.54 -7.87 84.28
C GLU C 46 17.72 -8.68 83.75
N PRO C 47 17.78 -9.98 84.05
CA PRO C 47 18.86 -10.81 83.49
C PRO C 47 18.81 -10.84 81.97
N LEU C 48 20.01 -10.90 81.38
CA LEU C 48 20.14 -10.79 79.94
C LEU C 48 19.57 -12.02 79.24
N ARG C 49 18.86 -11.77 78.14
CA ARG C 49 18.25 -12.80 77.33
C ARG C 49 18.62 -12.60 75.87
N PRO C 50 18.61 -13.66 75.06
CA PRO C 50 19.07 -13.52 73.67
C PRO C 50 18.29 -12.52 72.83
N GLU C 51 17.01 -12.27 73.14
CA GLU C 51 16.25 -11.30 72.37
C GLU C 51 16.73 -9.87 72.59
N HIS C 52 17.55 -9.63 73.62
CA HIS C 52 18.14 -8.31 73.83
C HIS C 52 19.39 -8.09 72.99
N ILE C 53 19.91 -9.11 72.34
CA ILE C 53 21.17 -9.04 71.61
C ILE C 53 20.87 -8.84 70.12
N LYS C 54 21.68 -8.03 69.47
CA LYS C 54 21.55 -7.84 68.02
C LYS C 54 21.88 -9.14 67.29
N GLN C 55 21.15 -9.39 66.20
CA GLN C 55 21.32 -10.64 65.46
C GLN C 55 22.67 -10.68 64.76
N ARG C 56 23.02 -9.61 64.04
CA ARG C 56 24.31 -9.52 63.36
C ARG C 56 25.14 -8.41 64.01
N LEU C 57 26.41 -8.70 64.23
CA LEU C 57 27.31 -7.81 64.96
C LEU C 57 28.39 -7.31 64.01
N LEU C 58 28.28 -6.04 63.61
CA LEU C 58 29.25 -5.42 62.73
C LEU C 58 30.12 -4.39 63.44
N GLY C 59 29.98 -4.25 64.75
CA GLY C 59 30.76 -3.27 65.47
C GLY C 59 32.22 -3.69 65.61
N HIS C 60 33.06 -2.71 65.95
CA HIS C 60 34.47 -2.93 66.16
C HIS C 60 34.82 -2.58 67.60
N TRP C 61 35.51 -3.48 68.29
CA TRP C 61 35.86 -3.29 69.68
C TRP C 61 37.33 -2.98 69.93
N GLY C 62 38.22 -3.38 69.02
CA GLY C 62 39.65 -3.34 69.32
C GLY C 62 40.17 -1.95 69.64
N SER C 63 39.67 -0.93 68.95
CA SER C 63 40.12 0.43 69.17
C SER C 63 39.30 1.18 70.22
N ASP C 64 38.18 0.64 70.64
CA ASP C 64 37.27 1.37 71.52
C ASP C 64 37.87 1.73 72.89
N PRO C 65 38.56 0.84 73.61
CA PRO C 65 39.14 1.27 74.90
C PRO C 65 40.14 2.40 74.77
N GLY C 66 40.96 2.39 73.73
CA GLY C 66 41.97 3.42 73.58
C GLY C 66 41.38 4.80 73.34
N LEU C 67 40.39 4.89 72.45
CA LEU C 67 39.77 6.17 72.14
C LEU C 67 39.06 6.75 73.35
N SER C 68 38.32 5.92 74.08
CA SER C 68 37.65 6.38 75.29
C SER C 68 38.66 6.79 76.34
N PHE C 69 39.81 6.10 76.39
CA PHE C 69 40.83 6.44 77.37
C PHE C 69 41.39 7.84 77.11
N VAL C 70 41.68 8.16 75.85
CA VAL C 70 42.24 9.46 75.53
C VAL C 70 41.20 10.55 75.69
N TYR C 71 39.95 10.27 75.31
CA TYR C 71 38.90 11.29 75.29
C TYR C 71 38.62 11.85 76.67
N VAL C 72 38.55 10.97 77.68
CA VAL C 72 38.22 11.43 79.03
C VAL C 72 39.36 12.28 79.60
N HIS C 73 40.60 11.93 79.28
CA HIS C 73 41.74 12.73 79.72
C HIS C 73 41.73 14.11 79.07
N LEU C 74 41.36 14.18 77.79
CA LEU C 74 41.31 15.46 77.10
C LEU C 74 40.23 16.37 77.68
N ASN C 75 39.11 15.81 78.12
CA ASN C 75 38.09 16.62 78.78
C ASN C 75 38.61 17.23 80.07
N ARG C 76 39.46 16.49 80.78
CA ARG C 76 40.09 17.03 81.98
C ARG C 76 40.98 18.22 81.66
N LEU C 77 41.77 18.12 80.59
CA LEU C 77 42.66 19.21 80.22
C LEU C 77 41.89 20.43 79.71
N ILE C 78 40.73 20.21 79.08
CA ILE C 78 39.90 21.32 78.64
C ILE C 78 39.30 22.05 79.84
N ARG C 79 38.93 21.31 80.88
CA ARG C 79 38.35 21.94 82.07
C ARG C 79 39.33 22.87 82.76
N ARG C 80 40.63 22.55 82.71
CA ARG C 80 41.62 23.34 83.41
C ARG C 80 42.19 24.47 82.55
N LEU C 81 42.64 24.14 81.34
CA LEU C 81 43.32 25.11 80.49
C LEU C 81 42.39 25.83 79.52
N ASP C 82 41.09 25.52 79.55
CA ASP C 82 40.08 26.18 78.71
C ASP C 82 40.43 26.09 77.23
N LEU C 83 40.91 24.93 76.80
CA LEU C 83 41.30 24.72 75.41
C LEU C 83 40.08 24.40 74.56
N ASN C 84 40.32 24.23 73.26
CA ASN C 84 39.32 23.74 72.33
C ASN C 84 39.92 22.62 71.50
N LEU C 85 39.22 21.49 71.44
CA LEU C 85 39.72 20.30 70.76
C LEU C 85 38.69 19.82 69.75
N ILE C 86 39.18 19.01 68.80
CA ILE C 86 38.35 18.45 67.74
C ILE C 86 38.34 16.93 67.78
N TYR C 87 39.49 16.30 68.04
CA TYR C 87 39.63 14.85 68.15
C TYR C 87 39.21 14.14 66.86
N VAL C 88 39.98 14.40 65.80
CA VAL C 88 39.86 13.62 64.59
C VAL C 88 40.35 12.20 64.86
N THR C 89 39.55 11.21 64.47
CA THR C 89 39.81 9.82 64.81
C THR C 89 40.46 9.10 63.64
N GLY C 90 41.56 8.42 63.91
CA GLY C 90 42.32 7.71 62.90
C GLY C 90 41.69 6.40 62.47
N PRO C 91 41.56 5.44 63.39
CA PRO C 91 41.02 4.12 63.00
C PRO C 91 39.63 4.18 62.39
N GLY C 92 38.80 5.14 62.78
CA GLY C 92 37.50 5.33 62.16
C GLY C 92 36.44 4.34 62.56
N HIS C 93 36.82 3.15 63.01
CA HIS C 93 35.87 2.18 63.53
C HIS C 93 35.66 2.32 65.03
N GLY C 94 36.28 3.32 65.64
CA GLY C 94 36.09 3.59 67.06
C GLY C 94 34.94 4.54 67.30
N ALA C 95 34.03 4.62 66.34
CA ALA C 95 32.83 5.43 66.47
C ALA C 95 32.00 5.13 67.72
N PRO C 96 31.82 3.88 68.17
CA PRO C 96 31.13 3.68 69.45
C PRO C 96 31.78 4.41 70.61
N ALA C 97 33.11 4.52 70.62
CA ALA C 97 33.78 5.29 71.67
C ALA C 97 33.43 6.77 71.56
N LEU C 98 33.37 7.30 70.34
CA LEU C 98 33.04 8.71 70.16
C LEU C 98 31.58 8.99 70.51
N LEU C 99 30.67 8.12 70.05
CA LEU C 99 29.24 8.34 70.29
C LEU C 99 28.90 8.21 71.76
N ALA C 100 29.56 7.29 72.46
CA ALA C 100 29.34 7.17 73.90
C ALA C 100 29.75 8.44 74.64
N ASN C 101 30.92 8.99 74.29
CA ASN C 101 31.37 10.23 74.91
C ASN C 101 30.46 11.39 74.54
N ALA C 102 29.99 11.43 73.29
CA ALA C 102 29.07 12.49 72.89
C ALA C 102 27.75 12.38 73.63
N TRP C 103 27.26 11.16 73.84
CA TRP C 103 26.04 10.97 74.61
C TRP C 103 26.24 11.36 76.07
N LEU C 104 27.40 11.00 76.64
CA LEU C 104 27.67 11.34 78.03
C LEU C 104 27.76 12.84 78.25
N GLU C 105 28.41 13.55 77.33
CA GLU C 105 28.52 15.00 77.42
C GLU C 105 27.19 15.71 77.19
N GLY C 106 26.19 15.01 76.66
CA GLY C 106 24.91 15.62 76.37
C GLY C 106 24.80 16.22 74.99
N THR C 107 25.88 16.23 74.22
CA THR C 107 25.82 16.78 72.86
C THR C 107 24.90 15.96 71.97
N TYR C 108 24.99 14.63 72.05
CA TYR C 108 24.21 13.77 71.18
C TYR C 108 22.71 13.92 71.45
N SER C 109 22.34 14.12 72.72
CA SER C 109 20.93 14.32 73.05
C SER C 109 20.42 15.63 72.45
N GLU C 110 21.25 16.68 72.47
CA GLU C 110 20.85 17.96 71.90
C GLU C 110 20.71 17.86 70.38
N VAL C 111 21.66 17.21 69.72
CA VAL C 111 21.58 17.05 68.26
C VAL C 111 20.43 16.13 67.89
N TYR C 112 20.29 15.00 68.60
CA TYR C 112 19.22 14.05 68.35
C TYR C 112 18.32 13.97 69.57
N PRO C 113 17.18 14.67 69.57
CA PRO C 113 16.30 14.64 70.76
C PRO C 113 15.69 13.28 71.05
N ASN C 114 15.64 12.37 70.06
CA ASN C 114 15.12 11.04 70.31
C ASN C 114 15.98 10.29 71.31
N CYS C 115 17.30 10.40 71.18
CA CYS C 115 18.24 9.74 72.08
C CYS C 115 18.45 10.60 73.33
N GLN C 116 17.37 10.76 74.09
CA GLN C 116 17.40 11.56 75.30
C GLN C 116 18.18 10.83 76.39
N GLN C 117 18.71 11.61 77.34
CA GLN C 117 19.45 11.04 78.46
C GLN C 117 18.44 10.46 79.46
N SER C 118 18.00 9.24 79.16
CA SER C 118 17.04 8.53 79.98
C SER C 118 17.15 7.05 79.67
N THR C 119 16.37 6.24 80.39
CA THR C 119 16.36 4.80 80.14
C THR C 119 15.81 4.48 78.76
N ALA C 120 14.72 5.16 78.37
CA ALA C 120 14.15 4.96 77.05
C ALA C 120 15.11 5.43 75.96
N GLY C 121 15.79 6.55 76.18
CA GLY C 121 16.77 7.02 75.21
C GLY C 121 17.96 6.09 75.09
N LEU C 122 18.38 5.50 76.22
CA LEU C 122 19.46 4.52 76.18
C LEU C 122 19.09 3.30 75.35
N GLN C 123 17.82 2.86 75.46
CA GLN C 123 17.36 1.77 74.61
C GLN C 123 17.40 2.16 73.14
N GLN C 124 17.00 3.40 72.83
CA GLN C 124 17.07 3.88 71.46
C GLN C 124 18.51 4.08 71.00
N PHE C 125 19.38 4.54 71.91
CA PHE C 125 20.78 4.78 71.55
C PHE C 125 21.47 3.49 71.15
N PHE C 126 21.25 2.41 71.92
CA PHE C 126 21.86 1.13 71.57
C PHE C 126 21.23 0.54 70.31
N LYS C 127 19.92 0.72 70.15
CA LYS C 127 19.20 0.12 69.03
C LYS C 127 19.66 0.67 67.70
N GLN C 128 19.92 1.99 67.63
CA GLN C 128 20.17 2.62 66.34
C GLN C 128 21.53 2.28 65.78
N PHE C 129 22.50 1.96 66.62
CA PHE C 129 23.86 1.70 66.12
C PHE C 129 23.91 0.40 65.36
N SER C 130 24.61 0.42 64.21
CA SER C 130 24.85 -0.76 63.38
C SER C 130 23.54 -1.46 63.00
N PHE C 131 22.53 -0.66 62.70
CA PHE C 131 21.20 -1.17 62.42
C PHE C 131 20.66 -0.54 61.15
N PRO C 132 19.81 -1.24 60.40
CA PRO C 132 19.11 -0.61 59.29
C PRO C 132 18.27 0.57 59.77
N GLY C 133 18.27 1.63 58.98
CA GLY C 133 17.62 2.86 59.43
C GLY C 133 18.27 3.46 60.66
N GLY C 134 19.60 3.37 60.74
CA GLY C 134 20.32 3.86 61.90
C GLY C 134 21.70 4.34 61.52
N ILE C 135 22.46 4.75 62.53
CA ILE C 135 23.81 5.25 62.28
C ILE C 135 24.73 4.09 61.91
N GLY C 136 25.80 4.43 61.18
CA GLY C 136 26.73 3.45 60.68
C GLY C 136 27.79 3.05 61.68
N SER C 137 28.59 2.06 61.27
CA SER C 137 29.65 1.56 62.15
C SER C 137 30.80 2.54 62.25
N HIS C 138 31.21 3.11 61.12
CA HIS C 138 32.29 4.09 61.13
C HIS C 138 31.75 5.47 61.54
N CYS C 139 32.68 6.40 61.76
CA CYS C 139 32.31 7.76 62.11
C CYS C 139 31.88 8.48 60.85
N THR C 140 30.58 8.64 60.70
CA THR C 140 29.92 9.21 59.53
C THR C 140 29.60 10.68 59.77
N PRO C 141 29.09 11.38 58.76
CA PRO C 141 28.60 12.75 59.00
C PRO C 141 27.50 12.84 60.05
N GLU C 142 26.76 11.76 60.29
CA GLU C 142 25.78 11.77 61.38
C GLU C 142 26.44 11.89 62.75
N THR C 143 27.69 11.48 62.87
CA THR C 143 28.38 11.53 64.16
C THR C 143 28.69 12.98 64.52
N PRO C 144 28.22 13.48 65.66
CA PRO C 144 28.59 14.84 66.07
C PRO C 144 30.08 14.95 66.36
N GLY C 145 30.62 16.12 66.05
CA GLY C 145 32.03 16.38 66.31
C GLY C 145 32.99 15.51 65.52
N SER C 146 32.69 15.28 64.24
CA SER C 146 33.55 14.45 63.41
C SER C 146 33.71 15.09 62.04
N ILE C 147 34.94 15.15 61.54
CA ILE C 147 35.21 15.61 60.19
C ILE C 147 35.82 14.54 59.31
N HIS C 148 36.43 13.50 59.89
CA HIS C 148 37.10 12.46 59.13
C HIS C 148 36.23 11.21 59.14
N GLU C 149 35.92 10.71 57.94
CA GLU C 149 35.08 9.51 57.85
C GLU C 149 35.78 8.30 58.44
N GLY C 150 37.09 8.17 58.22
CA GLY C 150 37.88 7.17 58.90
C GLY C 150 37.76 5.76 58.35
N GLY C 151 36.84 5.52 57.41
CA GLY C 151 36.72 4.19 56.84
C GLY C 151 37.94 3.78 56.04
N GLU C 152 38.46 4.69 55.22
CA GLU C 152 39.72 4.49 54.54
C GLU C 152 40.84 5.00 55.44
N LEU C 153 41.88 4.19 55.60
CA LEU C 153 42.92 4.44 56.57
C LEU C 153 44.11 5.11 55.90
N GLY C 154 44.72 6.06 56.60
CA GLY C 154 45.90 6.75 56.15
C GLY C 154 45.72 8.24 55.91
N TYR C 155 44.50 8.76 55.96
CA TYR C 155 44.24 10.16 55.67
C TYR C 155 43.86 10.96 56.92
N SER C 156 44.01 10.36 58.10
CA SER C 156 43.56 11.03 59.31
C SER C 156 44.51 12.15 59.72
N LEU C 157 45.82 11.93 59.60
CA LEU C 157 46.77 12.95 60.03
C LEU C 157 46.72 14.18 59.15
N SER C 158 46.55 13.99 57.84
CA SER C 158 46.42 15.13 56.94
C SER C 158 45.19 15.95 57.29
N HIS C 159 44.09 15.30 57.67
CA HIS C 159 42.90 16.02 58.08
C HIS C 159 43.12 16.76 59.39
N ALA C 160 44.02 16.28 60.24
CA ALA C 160 44.33 17.01 61.47
C ALA C 160 45.02 18.33 61.15
N PHE C 161 45.97 18.32 60.21
CA PHE C 161 46.68 19.54 59.86
C PHE C 161 45.79 20.50 59.08
N GLY C 162 44.93 19.96 58.22
CA GLY C 162 44.07 20.83 57.42
C GLY C 162 43.07 21.61 58.26
N ALA C 163 42.58 21.00 59.35
CA ALA C 163 41.64 21.69 60.21
C ALA C 163 42.29 22.84 60.97
N ALA C 164 43.62 22.81 61.16
CA ALA C 164 44.32 23.84 61.89
C ALA C 164 45.17 24.72 60.99
N LEU C 165 44.83 24.80 59.71
CA LEU C 165 45.68 25.53 58.77
C LEU C 165 45.60 27.04 58.98
N ASP C 166 44.47 27.55 59.48
CA ASP C 166 44.38 28.99 59.72
C ASP C 166 43.62 29.33 61.00
N ASN C 167 43.45 28.36 61.90
CA ASN C 167 42.86 28.64 63.20
C ASN C 167 43.99 28.70 64.22
N PRO C 168 44.31 29.87 64.78
CA PRO C 168 45.49 29.95 65.65
C PRO C 168 45.30 29.28 67.00
N ASP C 169 44.15 29.48 67.65
CA ASP C 169 43.93 28.95 68.98
C ASP C 169 43.44 27.51 69.00
N LEU C 170 43.06 26.96 67.85
CA LEU C 170 42.54 25.60 67.81
C LEU C 170 43.63 24.58 68.09
N ILE C 171 43.29 23.55 68.85
CA ILE C 171 44.14 22.40 69.09
C ILE C 171 43.40 21.17 68.61
N VAL C 172 44.07 20.31 67.86
CA VAL C 172 43.49 19.09 67.34
C VAL C 172 44.32 17.91 67.80
N ALA C 173 43.66 16.87 68.29
CA ALA C 173 44.31 15.65 68.73
C ALA C 173 43.90 14.52 67.79
N CYS C 174 44.86 14.00 67.04
CA CYS C 174 44.61 12.92 66.10
C CYS C 174 45.22 11.64 66.65
N VAL C 175 44.40 10.60 66.76
CA VAL C 175 44.84 9.30 67.26
C VAL C 175 45.19 8.44 66.06
N ILE C 176 46.42 7.93 66.03
CA ILE C 176 46.95 7.19 64.89
C ILE C 176 47.09 5.72 65.29
N GLY C 177 46.48 4.83 64.53
CA GLY C 177 46.68 3.42 64.75
C GLY C 177 47.99 2.94 64.16
N ASP C 178 48.59 1.94 64.83
CA ASP C 178 49.86 1.41 64.36
C ASP C 178 49.71 0.72 63.01
N GLY C 179 48.62 0.00 62.80
CA GLY C 179 48.36 -0.58 61.48
C GLY C 179 48.13 0.48 60.43
N GLU C 180 47.44 1.57 60.79
CA GLU C 180 47.21 2.66 59.86
C GLU C 180 48.52 3.32 59.45
N ALA C 181 49.52 3.33 60.32
CA ALA C 181 50.82 3.92 60.01
C ALA C 181 51.59 3.14 58.95
N GLU C 182 51.18 1.91 58.65
CA GLU C 182 51.80 1.19 57.55
C GLU C 182 51.44 1.79 56.20
N THR C 183 50.32 2.49 56.09
CA THR C 183 49.89 3.04 54.82
C THR C 183 50.84 4.13 54.34
N GLY C 184 50.99 4.22 53.03
CA GLY C 184 51.85 5.21 52.40
C GLY C 184 51.48 6.65 52.68
N PRO C 185 50.19 7.02 52.53
CA PRO C 185 49.80 8.40 52.85
C PRO C 185 50.09 8.81 54.29
N LEU C 186 49.98 7.90 55.25
CA LEU C 186 50.26 8.28 56.62
C LEU C 186 51.76 8.40 56.89
N ALA C 187 52.58 7.63 56.19
CA ALA C 187 54.02 7.70 56.40
C ALA C 187 54.57 9.07 56.03
N THR C 188 54.08 9.65 54.93
CA THR C 188 54.52 10.97 54.51
C THR C 188 53.90 12.08 55.37
N SER C 189 52.66 11.89 55.82
CA SER C 189 51.92 12.97 56.46
C SER C 189 52.55 13.44 57.77
N TRP C 190 53.50 12.68 58.32
CA TRP C 190 54.22 13.14 59.49
C TRP C 190 55.01 14.40 59.21
N HIS C 191 55.57 14.52 58.00
CA HIS C 191 56.40 15.66 57.65
C HIS C 191 55.62 16.96 57.53
N SER C 192 54.29 16.91 57.62
CA SER C 192 53.47 18.11 57.49
C SER C 192 53.65 19.08 58.65
N ASN C 193 54.34 18.68 59.72
CA ASN C 193 54.67 19.62 60.79
C ASN C 193 55.53 20.77 60.28
N LYS C 194 56.41 20.50 59.31
CA LYS C 194 57.27 21.53 58.76
C LYS C 194 56.47 22.60 58.04
N PHE C 195 55.46 22.21 57.27
CA PHE C 195 54.65 23.17 56.55
C PHE C 195 53.75 23.98 57.47
N LEU C 196 53.41 23.43 58.63
CA LEU C 196 52.57 24.16 59.57
C LEU C 196 53.33 25.33 60.16
N ASN C 197 52.65 26.47 60.27
CA ASN C 197 53.27 27.69 60.76
C ASN C 197 52.86 27.93 62.21
N PRO C 198 53.77 27.82 63.17
CA PRO C 198 53.37 27.98 64.58
C PRO C 198 52.88 29.38 64.93
N ALA C 199 53.23 30.39 64.13
CA ALA C 199 52.90 31.76 64.51
C ALA C 199 51.41 32.06 64.34
N GLN C 200 50.82 31.64 63.23
CA GLN C 200 49.45 32.01 62.90
C GLN C 200 48.49 30.84 62.86
N ASP C 201 48.94 29.62 63.12
CA ASP C 201 48.09 28.44 63.04
C ASP C 201 48.01 27.77 64.41
N GLY C 202 47.14 26.77 64.48
CA GLY C 202 46.99 25.98 65.69
C GLY C 202 48.05 24.92 65.81
N ALA C 203 47.90 24.09 66.84
CA ALA C 203 48.83 23.01 67.13
C ALA C 203 48.13 21.67 67.00
N VAL C 204 48.83 20.71 66.39
CA VAL C 204 48.33 19.36 66.19
C VAL C 204 49.05 18.44 67.16
N LEU C 205 48.29 17.66 67.92
CA LEU C 205 48.86 16.74 68.89
C LEU C 205 48.61 15.31 68.42
N PRO C 206 49.54 14.69 67.71
CA PRO C 206 49.33 13.32 67.24
C PRO C 206 49.57 12.32 68.35
N ILE C 207 48.71 11.31 68.40
CA ILE C 207 48.81 10.23 69.39
C ILE C 207 48.87 8.92 68.64
N LEU C 208 49.89 8.12 68.93
CA LEU C 208 50.10 6.84 68.28
C LEU C 208 49.56 5.73 69.15
N HIS C 209 48.51 5.04 68.68
CA HIS C 209 47.89 3.95 69.41
C HIS C 209 48.58 2.64 69.02
N LEU C 210 49.77 2.44 69.58
CA LEU C 210 50.60 1.28 69.27
C LEU C 210 50.17 0.07 70.11
N ASN C 211 48.96 -0.41 69.84
CA ASN C 211 48.43 -1.54 70.61
C ASN C 211 49.12 -2.86 70.28
N GLY C 212 49.79 -2.95 69.13
CA GLY C 212 50.61 -4.08 68.80
C GLY C 212 50.03 -5.04 67.79
N TYR C 213 48.74 -4.97 67.52
CA TYR C 213 48.11 -5.96 66.66
C TYR C 213 47.14 -5.30 65.69
N LYS C 214 47.09 -5.85 64.48
CA LYS C 214 46.08 -5.51 63.49
C LYS C 214 44.89 -6.45 63.65
N ILE C 215 44.03 -6.54 62.63
CA ILE C 215 42.95 -7.51 62.65
C ILE C 215 43.50 -8.93 62.71
N ALA C 216 44.62 -9.19 62.03
CA ALA C 216 45.17 -10.55 61.98
C ALA C 216 46.68 -10.64 62.10
N ASN C 217 47.40 -9.53 62.20
CA ASN C 217 48.86 -9.58 62.22
C ASN C 217 49.39 -8.61 63.27
N PRO C 218 50.54 -8.90 63.85
CA PRO C 218 51.25 -7.87 64.64
C PRO C 218 51.63 -6.69 63.75
N THR C 219 51.55 -5.50 64.31
CA THR C 219 51.84 -4.30 63.53
C THR C 219 53.34 -4.12 63.37
N LEU C 220 53.73 -3.46 62.28
CA LEU C 220 55.14 -3.29 61.97
C LEU C 220 55.82 -2.36 62.98
N LEU C 221 55.15 -1.28 63.38
CA LEU C 221 55.76 -0.30 64.26
C LEU C 221 55.83 -0.77 65.71
N SER C 222 55.07 -1.80 66.08
CA SER C 222 55.20 -2.35 67.43
C SER C 222 56.32 -3.38 67.52
N ARG C 223 56.67 -4.01 66.40
CA ARG C 223 57.69 -5.03 66.38
C ARG C 223 59.08 -4.48 66.05
N ILE C 224 59.23 -3.16 65.99
CA ILE C 224 60.54 -2.55 65.93
C ILE C 224 60.97 -2.19 67.35
N SER C 225 62.28 -2.05 67.55
CA SER C 225 62.80 -1.75 68.87
C SER C 225 62.40 -0.34 69.29
N HIS C 226 62.43 -0.11 70.60
CA HIS C 226 62.09 1.21 71.13
C HIS C 226 63.08 2.27 70.67
N GLU C 227 64.35 1.89 70.49
CA GLU C 227 65.33 2.82 69.96
C GLU C 227 65.05 3.16 68.51
N GLU C 228 64.71 2.16 67.69
CA GLU C 228 64.40 2.41 66.29
C GLU C 228 63.16 3.27 66.15
N LEU C 229 62.13 3.01 66.97
CA LEU C 229 60.92 3.82 66.92
C LEU C 229 61.20 5.26 67.33
N ARG C 230 62.02 5.46 68.36
CA ARG C 230 62.37 6.81 68.77
C ARG C 230 63.21 7.50 67.71
N SER C 231 64.10 6.75 67.04
CA SER C 231 64.86 7.33 65.94
C SER C 231 63.96 7.72 64.78
N LEU C 232 62.97 6.87 64.47
CA LEU C 232 62.10 7.15 63.33
C LEU C 232 61.26 8.40 63.55
N PHE C 233 60.72 8.57 64.75
CA PHE C 233 59.85 9.73 65.00
C PHE C 233 60.63 11.00 65.31
N ILE C 234 61.91 10.89 65.64
CA ILE C 234 62.77 12.07 65.69
C ILE C 234 63.02 12.58 64.28
N GLY C 235 63.26 11.67 63.33
CA GLY C 235 63.48 12.06 61.95
C GLY C 235 62.29 12.76 61.33
N TYR C 236 61.08 12.38 61.74
CA TYR C 236 59.88 13.10 61.30
C TYR C 236 59.78 14.49 61.91
N GLY C 237 60.57 14.80 62.93
CA GLY C 237 60.57 16.11 63.53
C GLY C 237 59.71 16.25 64.77
N TYR C 238 59.23 15.16 65.35
CA TYR C 238 58.38 15.21 66.52
C TYR C 238 59.17 14.85 67.77
N GLU C 239 58.75 15.43 68.90
CA GLU C 239 59.31 15.07 70.20
C GLU C 239 58.56 13.84 70.71
N PRO C 240 59.22 12.69 70.82
CA PRO C 240 58.49 11.47 71.19
C PRO C 240 58.32 11.29 72.69
N PHE C 241 57.10 10.99 73.12
CA PHE C 241 56.81 10.62 74.49
C PHE C 241 56.14 9.26 74.51
N PHE C 242 56.53 8.43 75.47
CA PHE C 242 56.10 7.04 75.52
C PHE C 242 55.29 6.80 76.79
N VAL C 243 54.09 6.25 76.61
CA VAL C 243 53.24 5.83 77.72
C VAL C 243 52.94 4.35 77.51
N GLU C 244 53.29 3.53 78.50
CA GLU C 244 53.19 2.08 78.39
C GLU C 244 52.48 1.52 79.61
N GLY C 245 52.13 0.25 79.54
CA GLY C 245 51.53 -0.47 80.65
C GLY C 245 50.08 -0.81 80.38
N ASN C 246 49.50 -1.54 81.33
CA ASN C 246 48.10 -1.94 81.26
C ASN C 246 47.38 -1.80 82.59
N ASP C 247 47.96 -1.11 83.57
CA ASP C 247 47.32 -0.91 84.86
C ASP C 247 46.63 0.44 84.87
N PRO C 248 45.30 0.50 85.01
CA PRO C 248 44.61 1.80 84.98
C PRO C 248 45.08 2.78 86.04
N ALA C 249 45.41 2.29 87.24
CA ALA C 249 45.90 3.18 88.29
C ALA C 249 47.21 3.83 87.90
N ILE C 250 48.12 3.06 87.30
CA ILE C 250 49.36 3.64 86.79
C ILE C 250 49.07 4.49 85.55
N LEU C 251 48.23 3.99 84.66
CA LEU C 251 48.05 4.64 83.36
C LEU C 251 47.35 5.99 83.50
N HIS C 252 46.44 6.13 84.46
CA HIS C 252 45.77 7.41 84.65
C HIS C 252 46.76 8.51 85.05
N GLY C 253 47.67 8.20 85.97
CA GLY C 253 48.65 9.19 86.39
C GLY C 253 49.66 9.53 85.30
N VAL C 254 50.15 8.52 84.59
CA VAL C 254 51.19 8.74 83.60
C VAL C 254 50.64 9.50 82.38
N MET C 255 49.47 9.09 81.90
CA MET C 255 48.92 9.70 80.69
C MET C 255 48.44 11.12 80.96
N ALA C 256 47.90 11.39 82.15
CA ALA C 256 47.56 12.77 82.51
C ALA C 256 48.82 13.63 82.60
N SER C 257 49.90 13.08 83.14
CA SER C 257 51.15 13.81 83.25
C SER C 257 51.73 14.12 81.87
N THR C 258 51.70 13.15 80.96
CA THR C 258 52.28 13.35 79.64
C THR C 258 51.47 14.37 78.83
N LEU C 259 50.14 14.34 78.96
CA LEU C 259 49.32 15.33 78.28
C LEU C 259 49.61 16.74 78.76
N ALA C 260 49.75 16.91 80.07
CA ALA C 260 50.08 18.22 80.61
C ALA C 260 51.48 18.66 80.18
N THR C 261 52.41 17.70 80.07
CA THR C 261 53.75 18.03 79.60
C THR C 261 53.72 18.53 78.16
N CYS C 262 52.92 17.89 77.30
CA CYS C 262 52.91 18.23 75.89
C CYS C 262 52.21 19.56 75.62
N VAL C 263 51.10 19.82 76.30
CA VAL C 263 50.30 21.00 76.00
C VAL C 263 51.05 22.28 76.40
N GLN C 264 51.80 22.23 77.51
CA GLN C 264 52.58 23.40 77.91
C GLN C 264 53.69 23.68 76.91
N LYS C 265 54.31 22.64 76.37
CA LYS C 265 55.26 22.82 75.28
C LYS C 265 54.57 23.38 74.04
N ILE C 266 53.35 22.93 73.78
CA ILE C 266 52.57 23.47 72.66
C ILE C 266 52.29 24.95 72.89
N GLN C 267 51.90 25.32 74.11
CA GLN C 267 51.67 26.73 74.40
C GLN C 267 52.98 27.52 74.41
N ALA C 268 54.07 26.89 74.86
CA ALA C 268 55.37 27.55 74.81
C ALA C 268 55.81 27.79 73.37
N ILE C 269 55.59 26.81 72.49
CA ILE C 269 55.98 26.95 71.09
C ILE C 269 55.15 28.03 70.42
N GLN C 270 53.83 28.03 70.66
CA GLN C 270 52.97 29.04 70.05
C GLN C 270 53.29 30.44 70.56
N ALA C 271 53.53 30.57 71.87
CA ALA C 271 53.87 31.88 72.43
C ALA C 271 55.21 32.38 71.92
N ALA C 272 56.19 31.48 71.81
CA ALA C 272 57.50 31.87 71.28
C ALA C 272 57.41 32.29 69.82
N ALA C 273 56.59 31.59 69.03
CA ALA C 273 56.44 31.94 67.62
C ALA C 273 55.76 33.29 67.46
N ARG C 274 54.71 33.55 68.24
CA ARG C 274 54.01 34.82 68.11
C ARG C 274 54.83 35.98 68.65
N SER C 275 55.67 35.73 69.66
CA SER C 275 56.59 36.76 70.13
C SER C 275 57.71 37.02 69.13
N GLY C 276 58.03 36.06 68.28
CA GLY C 276 59.06 36.21 67.28
C GLY C 276 60.47 35.98 67.78
N GLU C 277 60.65 35.63 69.05
CA GLU C 277 61.99 35.41 69.58
C GLU C 277 62.59 34.11 69.09
N SER C 278 61.76 33.12 68.79
CA SER C 278 62.21 31.79 68.35
C SER C 278 61.57 31.51 66.99
N SER C 279 62.23 31.95 65.92
CA SER C 279 61.75 31.74 64.56
C SER C 279 62.52 30.57 63.96
N ASP C 280 62.15 29.35 64.39
CA ASP C 280 62.76 28.14 63.89
C ASP C 280 61.77 27.00 64.03
N ARG C 281 62.01 25.93 63.28
CA ARG C 281 61.11 24.78 63.32
C ARG C 281 61.30 24.01 64.63
N PRO C 282 60.27 23.89 65.46
CA PRO C 282 60.41 23.16 66.72
C PRO C 282 59.98 21.71 66.61
N MET C 283 60.49 20.91 67.55
CA MET C 283 60.11 19.51 67.65
C MET C 283 58.75 19.42 68.35
N TRP C 284 57.71 19.10 67.59
CA TRP C 284 56.38 19.06 68.15
C TRP C 284 56.22 17.85 69.07
N PRO C 285 55.44 17.99 70.14
CA PRO C 285 55.20 16.84 71.03
C PRO C 285 54.33 15.77 70.37
N MET C 286 54.53 14.54 70.84
CA MET C 286 53.78 13.39 70.34
C MET C 286 53.75 12.33 71.43
N ILE C 287 52.67 11.56 71.48
CA ILE C 287 52.44 10.58 72.53
C ILE C 287 52.31 9.20 71.90
N VAL C 288 52.99 8.21 72.49
CA VAL C 288 52.94 6.82 72.05
C VAL C 288 52.30 5.99 73.15
N LEU C 289 51.29 5.20 72.78
CA LEU C 289 50.56 4.36 73.72
C LEU C 289 50.83 2.90 73.41
N ARG C 290 51.30 2.15 74.42
CA ARG C 290 51.56 0.72 74.30
C ARG C 290 50.47 -0.12 74.98
N THR C 291 49.31 0.47 75.23
CA THR C 291 48.25 -0.26 75.91
C THR C 291 47.76 -1.42 75.04
N PRO C 292 47.51 -2.59 75.62
CA PRO C 292 47.04 -3.73 74.83
C PRO C 292 45.67 -3.47 74.23
N LYS C 293 45.44 -4.07 73.06
CA LYS C 293 44.18 -3.88 72.37
C LYS C 293 43.05 -4.56 73.12
N GLY C 294 42.01 -3.79 73.45
CA GLY C 294 40.90 -4.32 74.22
C GLY C 294 41.31 -4.76 75.62
N TRP C 295 42.13 -3.95 76.30
CA TRP C 295 42.66 -4.33 77.61
C TRP C 295 41.63 -4.20 78.72
N THR C 296 40.44 -3.67 78.43
CA THR C 296 39.36 -3.61 79.41
C THR C 296 38.28 -4.65 79.16
N GLY C 297 38.51 -5.57 78.22
CA GLY C 297 37.51 -6.55 77.85
C GLY C 297 37.86 -7.94 78.32
N PRO C 298 37.21 -8.95 77.74
CA PRO C 298 37.51 -10.34 78.11
C PRO C 298 38.93 -10.74 77.73
N ALA C 299 39.51 -11.60 78.55
CA ALA C 299 40.89 -12.04 78.35
C ALA C 299 40.97 -13.31 77.51
N THR C 300 40.31 -14.38 77.96
CA THR C 300 40.28 -15.65 77.24
C THR C 300 38.84 -16.13 77.17
N ILE C 301 38.43 -16.60 76.00
CA ILE C 301 37.04 -17.01 75.80
C ILE C 301 36.97 -18.45 75.30
N LYS C 302 37.63 -18.73 74.18
CA LYS C 302 37.59 -20.04 73.54
C LYS C 302 38.97 -20.68 73.53
N GLY C 303 39.66 -20.62 74.67
CA GLY C 303 40.99 -21.18 74.75
C GLY C 303 42.07 -20.35 74.09
N HIS C 304 41.75 -19.14 73.65
CA HIS C 304 42.71 -18.25 73.01
C HIS C 304 42.62 -16.88 73.65
N VAL C 305 43.72 -16.13 73.54
CA VAL C 305 43.81 -14.80 74.15
C VAL C 305 42.98 -13.82 73.31
N VAL C 306 41.99 -13.20 73.96
CA VAL C 306 41.13 -12.23 73.29
C VAL C 306 41.42 -10.80 73.74
N GLU C 307 42.37 -10.61 74.64
CA GLU C 307 42.76 -9.28 75.13
C GLU C 307 44.21 -9.01 74.76
N GLY C 308 44.46 -7.86 74.14
CA GLY C 308 45.80 -7.52 73.72
C GLY C 308 46.34 -8.39 72.61
N SER C 309 45.47 -8.81 71.68
CA SER C 309 45.87 -9.62 70.55
C SER C 309 45.02 -9.25 69.35
N TRP C 310 45.31 -9.88 68.21
CA TRP C 310 44.54 -9.61 67.00
C TRP C 310 43.11 -10.09 67.09
N ARG C 311 42.82 -11.01 68.02
CA ARG C 311 41.45 -11.47 68.23
C ARG C 311 40.57 -10.43 68.90
N SER C 312 41.15 -9.38 69.47
CA SER C 312 40.38 -8.33 70.13
C SER C 312 39.70 -7.38 69.16
N HIS C 313 40.00 -7.46 67.86
CA HIS C 313 39.46 -6.53 66.89
C HIS C 313 38.09 -7.01 66.43
N GLN C 314 37.06 -6.25 66.80
CA GLN C 314 35.71 -6.30 66.24
C GLN C 314 34.94 -7.58 66.56
N VAL C 315 35.61 -8.58 67.13
CA VAL C 315 34.95 -9.84 67.51
C VAL C 315 35.53 -10.28 68.85
N PRO C 316 35.01 -9.78 69.98
CA PRO C 316 35.30 -10.45 71.25
C PRO C 316 34.81 -11.89 71.25
N MET C 317 33.54 -12.10 70.91
CA MET C 317 32.95 -13.43 70.82
C MET C 317 32.22 -13.55 69.50
N ALA C 318 32.45 -14.66 68.79
CA ALA C 318 31.85 -14.83 67.47
C ALA C 318 30.35 -15.04 67.55
N ASP C 319 29.91 -15.92 68.44
CA ASP C 319 28.50 -16.26 68.59
C ASP C 319 28.04 -16.02 70.02
N VAL C 320 26.87 -15.39 70.15
CA VAL C 320 26.25 -15.13 71.44
C VAL C 320 24.89 -15.80 71.56
N LEU C 321 24.06 -15.66 70.53
CA LEU C 321 22.75 -16.31 70.54
C LEU C 321 22.87 -17.83 70.52
N THR C 322 23.80 -18.36 69.73
CA THR C 322 23.95 -19.80 69.61
C THR C 322 24.49 -20.42 70.90
N ASN C 323 25.49 -19.80 71.51
CA ASN C 323 26.12 -20.37 72.69
C ASN C 323 25.72 -19.57 73.92
N PRO C 324 24.94 -20.15 74.85
CA PRO C 324 24.60 -19.44 76.08
C PRO C 324 25.79 -19.19 76.98
N GLU C 325 26.87 -19.97 76.85
CA GLU C 325 28.07 -19.73 77.65
C GLU C 325 28.68 -18.38 77.33
N HIS C 326 28.76 -18.04 76.05
CA HIS C 326 29.29 -16.73 75.66
C HIS C 326 28.38 -15.61 76.14
N LEU C 327 27.07 -15.83 76.13
CA LEU C 327 26.14 -14.84 76.65
C LEU C 327 26.36 -14.61 78.13
N GLN C 328 26.65 -15.68 78.88
CA GLN C 328 27.01 -15.51 80.28
C GLN C 328 28.32 -14.76 80.43
N LEU C 329 29.31 -15.07 79.59
CA LEU C 329 30.55 -14.31 79.59
C LEU C 329 30.31 -12.86 79.18
N LEU C 330 29.41 -12.65 78.21
CA LEU C 330 29.03 -11.29 77.83
C LEU C 330 28.39 -10.55 78.99
N GLU C 331 27.50 -11.23 79.72
CA GLU C 331 26.85 -10.59 80.87
C GLU C 331 27.87 -10.23 81.94
N ASP C 332 28.83 -11.12 82.20
CA ASP C 332 29.89 -10.83 83.15
C ASP C 332 30.77 -9.67 82.68
N TRP C 333 30.95 -9.53 81.37
CA TRP C 333 31.71 -8.41 80.83
C TRP C 333 31.04 -7.08 81.15
N LEU C 334 29.72 -7.01 80.99
CA LEU C 334 29.00 -5.78 81.31
C LEU C 334 28.98 -5.52 82.81
N ARG C 335 28.91 -6.58 83.61
CA ARG C 335 28.94 -6.41 85.06
C ARG C 335 30.28 -5.90 85.58
N SER C 336 31.36 -6.14 84.82
CA SER C 336 32.68 -5.72 85.28
C SER C 336 32.82 -4.22 85.37
N TYR C 337 32.03 -3.46 84.62
CA TYR C 337 32.08 -2.00 84.69
C TYR C 337 31.28 -1.44 85.85
N ARG C 338 30.49 -2.28 86.54
CA ARG C 338 29.58 -1.87 87.61
C ARG C 338 28.67 -0.74 87.13
N PRO C 339 27.74 -1.02 86.22
CA PRO C 339 26.90 0.05 85.67
C PRO C 339 25.90 0.64 86.66
N GLU C 340 25.66 -0.04 87.78
CA GLU C 340 24.64 0.42 88.72
C GLU C 340 25.01 1.78 89.33
N GLU C 341 26.29 1.96 89.66
CA GLU C 341 26.73 3.21 90.26
C GLU C 341 26.87 4.34 89.24
N LEU C 342 27.05 4.00 87.96
CA LEU C 342 27.28 5.02 86.94
C LEU C 342 26.00 5.75 86.53
N PHE C 343 24.86 5.08 86.57
CA PHE C 343 23.61 5.66 86.13
C PHE C 343 22.59 5.63 87.27
N ASP C 344 21.66 6.58 87.23
CA ASP C 344 20.62 6.67 88.24
C ASP C 344 19.44 5.78 87.83
N ALA C 345 18.31 5.94 88.52
CA ALA C 345 17.11 5.18 88.17
C ALA C 345 16.57 5.60 86.81
N SER C 346 16.63 6.89 86.49
CA SER C 346 16.12 7.37 85.21
C SER C 346 16.99 6.96 84.04
N GLY C 347 18.24 6.59 84.30
CA GLY C 347 19.16 6.21 83.24
C GLY C 347 20.17 7.28 82.87
N ALA C 348 19.99 8.50 83.36
CA ALA C 348 20.96 9.57 83.10
C ALA C 348 22.25 9.31 83.88
N PRO C 349 23.37 9.84 83.42
CA PRO C 349 24.60 9.72 84.20
C PRO C 349 24.48 10.46 85.53
N VAL C 350 25.20 9.95 86.52
CA VAL C 350 25.13 10.49 87.88
C VAL C 350 25.78 11.87 87.92
N ALA C 351 25.58 12.59 89.03
CA ALA C 351 26.10 13.94 89.17
C ALA C 351 27.62 13.99 89.14
N GLU C 352 28.29 12.89 89.50
CA GLU C 352 29.74 12.85 89.38
C GLU C 352 30.18 12.97 87.93
N LEU C 353 29.49 12.28 87.02
CA LEU C 353 29.83 12.36 85.60
C LEU C 353 29.43 13.70 85.00
N GLN C 354 28.31 14.28 85.46
CA GLN C 354 27.84 15.54 84.90
C GLN C 354 28.81 16.68 85.20
N ALA C 355 29.37 16.70 86.41
CA ALA C 355 30.26 17.79 86.80
C ALA C 355 31.54 17.80 85.98
N ILE C 356 32.10 16.61 85.72
CA ILE C 356 33.37 16.54 85.00
C ILE C 356 33.22 16.68 83.49
N ALA C 357 32.00 16.80 82.99
CA ALA C 357 31.80 17.00 81.57
C ALA C 357 32.03 18.46 81.20
N PRO C 358 32.55 18.73 80.00
CA PRO C 358 32.69 20.12 79.54
C PRO C 358 31.33 20.77 79.39
N ILE C 359 31.30 22.08 79.60
CA ILE C 359 30.07 22.86 79.66
C ILE C 359 29.99 23.77 78.45
N GLY C 360 28.86 23.75 77.76
CA GLY C 360 28.62 24.66 76.65
C GLY C 360 29.35 24.29 75.38
N ASP C 361 29.81 25.32 74.66
CA ASP C 361 30.45 25.14 73.36
C ASP C 361 31.84 24.52 73.45
N ARG C 362 32.42 24.46 74.65
CA ARG C 362 33.75 23.88 74.81
C ARG C 362 33.78 22.38 74.60
N ARG C 363 32.62 21.73 74.53
CA ARG C 363 32.59 20.29 74.29
C ARG C 363 33.16 19.97 72.91
N MET C 364 34.02 18.95 72.86
CA MET C 364 34.69 18.59 71.61
C MET C 364 33.70 18.08 70.58
N SER C 365 32.69 17.32 71.01
CA SER C 365 31.66 16.87 70.09
C SER C 365 30.73 17.98 69.64
N ALA C 366 30.75 19.14 70.30
CA ALA C 366 29.90 20.26 69.95
C ALA C 366 30.69 21.47 69.46
N ASN C 367 31.95 21.28 69.10
CA ASN C 367 32.76 22.40 68.64
C ASN C 367 32.29 22.86 67.26
N PRO C 368 32.14 24.17 67.04
CA PRO C 368 31.67 24.64 65.73
C PRO C 368 32.65 24.37 64.59
N VAL C 369 33.92 24.08 64.90
CA VAL C 369 34.90 23.81 63.85
C VAL C 369 34.52 22.53 63.09
N THR C 370 34.02 21.52 63.81
CA THR C 370 33.63 20.27 63.16
C THR C 370 32.48 20.50 62.19
N ASN C 371 31.48 21.29 62.59
CA ASN C 371 30.42 21.71 61.68
C ASN C 371 30.81 23.04 61.06
N GLY C 372 31.76 22.96 60.12
CA GLY C 372 32.41 24.14 59.59
C GLY C 372 31.53 25.04 58.77
N GLY C 373 30.38 24.55 58.32
CA GLY C 373 29.48 25.38 57.54
C GLY C 373 28.95 26.57 58.31
N LEU C 374 28.74 26.42 59.62
CA LEU C 374 28.38 27.55 60.45
C LEU C 374 29.51 28.57 60.52
N LEU C 375 30.75 28.09 60.59
CA LEU C 375 31.91 28.96 60.66
C LEU C 375 32.24 29.59 59.30
N ARG C 376 31.68 29.07 58.22
CA ARG C 376 32.05 29.51 56.88
C ARG C 376 31.52 30.90 56.57
N ARG C 377 32.38 31.74 56.01
CA ARG C 377 31.99 33.05 55.50
C ARG C 377 32.22 33.08 53.99
N ALA C 378 31.35 33.81 53.30
CA ALA C 378 31.42 33.87 51.84
C ALA C 378 32.70 34.57 51.40
N LEU C 379 33.31 34.06 50.34
CA LEU C 379 34.57 34.60 49.85
C LEU C 379 34.33 35.93 49.15
N THR C 380 35.26 36.86 49.35
CA THR C 380 35.22 38.16 48.67
C THR C 380 35.93 38.02 47.33
N LEU C 381 35.17 38.04 46.25
CA LEU C 381 35.71 37.78 44.93
C LEU C 381 35.81 39.07 44.13
N PRO C 382 37.02 39.51 43.77
CA PRO C 382 37.15 40.62 42.83
C PRO C 382 36.64 40.22 41.46
N ASP C 383 36.18 41.22 40.70
CA ASP C 383 35.65 40.96 39.37
C ASP C 383 36.74 40.44 38.45
N PHE C 384 36.47 39.31 37.79
CA PHE C 384 37.48 38.69 36.94
C PHE C 384 37.65 39.40 35.62
N ARG C 385 36.72 40.28 35.24
CA ARG C 385 36.83 41.01 33.99
C ARG C 385 38.01 41.97 33.98
N ASP C 386 38.53 42.32 35.15
CA ASP C 386 39.74 43.14 35.21
C ASP C 386 40.95 42.36 34.69
N GLN C 387 41.05 41.09 35.04
CA GLN C 387 42.20 40.28 34.66
C GLN C 387 41.99 39.51 33.36
N ALA C 388 40.82 39.62 32.74
CA ALA C 388 40.56 38.89 31.51
C ALA C 388 41.33 39.49 30.35
N VAL C 389 41.79 38.64 29.44
CA VAL C 389 42.49 39.13 28.27
C VAL C 389 41.49 39.76 27.30
N SER C 390 42.01 40.66 26.46
CA SER C 390 41.21 41.35 25.47
C SER C 390 41.37 40.67 24.13
N VAL C 391 40.25 40.36 23.47
CA VAL C 391 40.25 39.69 22.18
C VAL C 391 39.49 40.55 21.18
N PRO C 392 40.15 41.16 20.20
CA PRO C 392 39.39 41.86 19.17
C PRO C 392 38.68 40.93 18.22
N ALA C 393 39.33 39.84 17.81
CA ALA C 393 38.75 38.86 16.90
C ALA C 393 38.84 37.48 17.53
N PRO C 394 37.73 36.74 17.62
CA PRO C 394 37.79 35.42 18.25
C PRO C 394 38.54 34.42 17.39
N GLY C 395 39.47 33.72 18.00
CA GLY C 395 40.23 32.68 17.31
C GLY C 395 41.45 33.16 16.56
N LYS C 396 41.73 34.47 16.57
CA LYS C 396 42.87 34.99 15.85
C LYS C 396 43.99 35.51 16.75
N SER C 397 43.71 35.73 18.03
CA SER C 397 44.69 36.24 18.97
C SER C 397 45.17 35.11 19.88
N ARG C 398 46.48 34.99 20.01
CA ARG C 398 47.09 33.88 20.74
C ARG C 398 47.70 34.41 22.03
N ALA C 399 47.30 33.82 23.16
CA ALA C 399 47.83 34.19 24.45
C ALA C 399 47.73 32.99 25.39
N ASP C 400 48.67 32.89 26.32
CA ASP C 400 48.67 31.80 27.28
C ASP C 400 47.52 31.97 28.26
N SER C 401 46.88 30.85 28.61
CA SER C 401 45.69 30.88 29.44
C SER C 401 45.98 30.77 30.93
N THR C 402 47.21 30.44 31.32
CA THR C 402 47.52 30.29 32.73
C THR C 402 47.69 31.63 33.42
N ARG C 403 48.25 32.61 32.73
CA ARG C 403 48.52 33.90 33.37
C ARG C 403 47.27 34.63 33.86
N PRO C 404 46.15 34.72 33.12
CA PRO C 404 44.97 35.37 33.70
C PRO C 404 44.46 34.68 34.95
N LEU C 405 44.54 33.34 35.02
CA LEU C 405 44.10 32.65 36.22
C LEU C 405 45.00 32.95 37.40
N GLY C 406 46.32 33.02 37.16
CA GLY C 406 47.24 33.31 38.25
C GLY C 406 47.03 34.69 38.83
N GLN C 407 46.78 35.68 37.97
CA GLN C 407 46.49 37.02 38.47
C GLN C 407 45.19 37.04 39.28
N PHE C 408 44.17 36.32 38.81
CA PHE C 408 42.90 36.28 39.52
C PHE C 408 43.04 35.63 40.88
N LEU C 409 43.83 34.56 40.98
CA LEU C 409 44.06 33.92 42.26
C LEU C 409 44.86 34.82 43.19
N ARG C 410 45.78 35.63 42.64
CA ARG C 410 46.53 36.58 43.47
C ARG C 410 45.60 37.60 44.10
N GLU C 411 44.64 38.12 43.33
CA GLU C 411 43.72 39.12 43.87
C GLU C 411 42.83 38.53 44.96
N VAL C 412 42.43 37.27 44.81
CA VAL C 412 41.62 36.61 45.82
C VAL C 412 42.43 36.45 47.11
N ILE C 413 43.73 36.16 46.98
CA ILE C 413 44.57 35.97 48.16
C ILE C 413 44.67 37.26 48.97
N ARG C 414 44.88 38.40 48.29
CA ARG C 414 44.97 39.67 49.00
C ARG C 414 43.65 40.05 49.64
N HIS C 415 42.52 39.84 48.94
CA HIS C 415 41.23 40.19 49.49
C HIS C 415 40.76 39.20 50.55
N ASN C 416 41.31 37.99 50.56
CA ASN C 416 40.96 36.96 51.54
C ASN C 416 42.25 36.41 52.12
N PRO C 417 42.92 37.15 52.99
CA PRO C 417 44.25 36.73 53.45
C PRO C 417 44.23 35.59 54.44
N ASP C 418 43.08 35.28 55.04
CA ASP C 418 43.02 34.26 56.09
C ASP C 418 42.35 32.97 55.64
N ASN C 419 41.16 33.05 55.04
CA ASN C 419 40.38 31.87 54.72
C ASN C 419 40.54 31.41 53.28
N PHE C 420 41.73 31.56 52.71
CA PHE C 420 42.00 31.06 51.37
C PHE C 420 43.44 30.60 51.26
N ARG C 421 43.63 29.44 50.61
CA ARG C 421 44.96 28.89 50.40
C ARG C 421 44.99 28.19 49.05
N LEU C 422 46.20 28.02 48.53
CA LEU C 422 46.43 27.38 47.24
C LEU C 422 47.37 26.20 47.41
N PHE C 423 47.07 25.10 46.70
CA PHE C 423 47.81 23.85 46.85
C PHE C 423 48.33 23.39 45.50
N GLY C 424 49.60 22.99 45.46
CA GLY C 424 50.20 22.48 44.25
C GLY C 424 51.36 21.53 44.55
N PRO C 425 51.50 20.47 43.75
CA PRO C 425 52.57 19.49 43.97
C PRO C 425 53.86 19.84 43.23
N ASP C 426 54.45 20.99 43.61
CA ASP C 426 55.63 21.54 42.94
C ASP C 426 55.40 21.70 41.44
N GLU C 427 54.21 22.21 41.11
CA GLU C 427 53.85 22.48 39.73
C GLU C 427 53.30 23.89 39.54
N THR C 428 53.17 24.68 40.60
CA THR C 428 52.69 26.05 40.47
C THR C 428 53.63 26.89 39.61
N ALA C 429 54.94 26.77 39.84
CA ALA C 429 55.91 27.40 38.96
C ALA C 429 55.88 26.78 37.57
N SER C 430 55.71 25.45 37.50
CA SER C 430 55.63 24.79 36.20
C SER C 430 54.39 25.21 35.43
N ASN C 431 53.26 25.37 36.12
CA ASN C 431 51.98 25.77 35.52
C ASN C 431 51.95 27.22 35.10
N ARG C 432 53.07 27.94 35.16
CA ARG C 432 53.14 29.37 34.82
C ARG C 432 52.18 30.19 35.66
N LEU C 433 52.00 29.80 36.92
CA LEU C 433 51.14 30.51 37.86
C LEU C 433 51.95 31.40 38.80
N ASP C 434 53.05 31.98 38.32
CA ASP C 434 53.91 32.81 39.16
C ASP C 434 53.32 34.17 39.47
N ALA C 435 52.11 34.47 38.99
CA ALA C 435 51.48 35.74 39.31
C ALA C 435 51.14 35.84 40.79
N VAL C 436 50.77 34.72 41.42
CA VAL C 436 50.51 34.73 42.86
C VAL C 436 51.78 34.91 43.66
N TYR C 437 52.94 34.65 43.07
CA TYR C 437 54.21 34.82 43.77
C TYR C 437 54.57 36.29 43.99
N GLU C 438 53.84 37.22 43.36
CA GLU C 438 54.15 38.64 43.51
C GLU C 438 53.88 39.14 44.93
N VAL C 439 52.78 38.70 45.53
CA VAL C 439 52.36 39.23 46.83
C VAL C 439 52.63 38.23 47.95
N THR C 440 52.49 36.93 47.69
CA THR C 440 52.70 35.91 48.70
C THR C 440 53.61 34.83 48.13
N SER C 441 54.33 34.15 49.02
CA SER C 441 55.31 33.14 48.65
C SER C 441 54.93 31.80 49.28
N LYS C 442 55.63 30.76 48.87
CA LYS C 442 55.42 29.43 49.42
C LYS C 442 55.94 29.36 50.85
N VAL C 443 55.30 28.52 51.66
CA VAL C 443 55.67 28.34 53.06
C VAL C 443 56.56 27.12 53.17
N TRP C 444 57.74 27.28 53.76
CA TRP C 444 58.70 26.19 53.92
C TRP C 444 59.03 25.90 55.37
N LEU C 445 59.37 26.94 56.14
CA LEU C 445 59.76 26.81 57.55
C LEU C 445 60.91 25.82 57.72
N GLY C 446 61.99 26.06 56.98
CA GLY C 446 63.19 25.26 57.07
C GLY C 446 64.42 26.14 56.87
N ASP C 447 65.58 25.48 56.88
CA ASP C 447 66.82 26.20 56.62
C ASP C 447 66.82 26.72 55.18
N ARG C 448 67.39 27.91 55.00
CA ARG C 448 67.37 28.58 53.71
C ARG C 448 68.76 29.09 53.39
N ILE C 449 69.05 29.20 52.10
CA ILE C 449 70.33 29.69 51.62
C ILE C 449 70.05 30.86 50.68
N PRO C 450 71.02 31.77 50.50
CA PRO C 450 70.82 32.88 49.57
C PRO C 450 70.53 32.45 48.14
N GLU C 451 70.98 31.25 47.75
CA GLU C 451 70.62 30.72 46.43
C GLU C 451 69.13 30.47 46.34
N ASP C 452 68.52 30.02 47.43
CA ASP C 452 67.07 29.80 47.43
C ASP C 452 66.31 31.12 47.34
N GLU C 453 66.86 32.20 47.88
CA GLU C 453 66.15 33.48 47.89
C GLU C 453 65.93 34.00 46.49
N ASP C 454 66.94 33.90 45.62
CA ASP C 454 66.78 34.34 44.24
C ASP C 454 65.97 33.33 43.42
N GLY C 455 66.10 32.05 43.71
CA GLY C 455 65.44 31.01 42.93
C GLY C 455 63.98 30.81 43.26
N GLY C 456 63.69 30.42 44.50
CA GLY C 456 62.34 30.08 44.92
C GLY C 456 61.76 31.12 45.86
N HIS C 457 60.44 31.27 45.80
CA HIS C 457 59.72 32.19 46.68
C HIS C 457 59.36 31.43 47.95
N LEU C 458 60.26 31.49 48.94
CA LEU C 458 60.10 30.76 50.19
C LEU C 458 60.13 31.72 51.36
N SER C 459 59.20 31.54 52.29
CA SER C 459 59.15 32.36 53.50
C SER C 459 58.36 31.61 54.56
N ASP C 460 58.53 32.05 55.81
CA ASP C 460 57.77 31.45 56.90
C ASP C 460 56.28 31.69 56.75
N ARG C 461 55.90 32.90 56.34
CA ARG C 461 54.50 33.25 56.12
C ARG C 461 54.17 33.09 54.64
N GLY C 462 53.08 32.38 54.36
CA GLY C 462 52.67 32.15 52.99
C GLY C 462 51.30 31.54 52.94
N ARG C 463 50.72 31.56 51.74
CA ARG C 463 49.41 30.99 51.50
C ARG C 463 49.41 29.86 50.48
N VAL C 464 50.58 29.42 50.02
CA VAL C 464 50.70 28.37 49.02
C VAL C 464 51.57 27.26 49.60
N MET C 465 51.03 26.03 49.61
CA MET C 465 51.74 24.86 50.11
C MET C 465 52.15 23.99 48.94
N GLU C 466 53.40 23.51 48.96
CA GLU C 466 53.96 22.73 47.86
C GLU C 466 54.67 21.50 48.41
N ILE C 467 54.05 20.33 48.19
CA ILE C 467 54.63 19.05 48.58
C ILE C 467 54.30 18.04 47.48
N LEU C 468 55.26 17.17 47.15
CA LEU C 468 55.07 16.26 46.02
C LEU C 468 53.96 15.25 46.29
N SER C 469 53.87 14.74 47.50
CA SER C 469 52.87 13.73 47.83
C SER C 469 51.48 14.35 47.77
N GLU C 470 50.71 13.97 46.75
CA GLU C 470 49.35 14.47 46.63
C GLU C 470 48.43 13.89 47.70
N HIS C 471 48.82 12.78 48.32
CA HIS C 471 47.99 12.19 49.38
C HIS C 471 47.86 13.15 50.56
N THR C 472 48.98 13.64 51.08
CA THR C 472 48.93 14.59 52.16
C THR C 472 48.52 15.97 51.67
N LEU C 473 48.83 16.29 50.41
CA LEU C 473 48.49 17.61 49.89
C LEU C 473 46.99 17.76 49.72
N GLU C 474 46.33 16.74 49.18
CA GLU C 474 44.88 16.80 49.04
C GLU C 474 44.17 16.60 50.37
N GLY C 475 44.79 15.87 51.29
CA GLY C 475 44.21 15.71 52.61
C GLY C 475 44.13 17.01 53.38
N TRP C 476 45.11 17.90 53.16
CA TRP C 476 45.07 19.22 53.80
C TRP C 476 43.85 20.00 53.34
N LEU C 477 43.54 19.93 52.04
CA LEU C 477 42.46 20.74 51.49
C LEU C 477 41.10 20.25 51.96
N GLU C 478 40.92 18.94 52.06
CA GLU C 478 39.60 18.40 52.44
C GLU C 478 39.20 18.86 53.83
N ALA C 479 40.12 18.81 54.78
CA ALA C 479 39.83 19.30 56.12
C ALA C 479 39.67 20.81 56.13
N TYR C 480 40.40 21.51 55.26
CA TYR C 480 40.31 22.96 55.19
C TYR C 480 38.90 23.40 54.78
N LEU C 481 38.28 22.66 53.85
CA LEU C 481 36.92 23.00 53.44
C LEU C 481 35.90 22.60 54.50
N LEU C 482 36.07 21.43 55.11
CA LEU C 482 35.15 21.00 56.14
C LEU C 482 35.25 21.86 57.40
N THR C 483 36.37 22.56 57.58
CA THR C 483 36.49 23.50 58.68
C THR C 483 35.68 24.77 58.42
N GLY C 484 35.37 25.06 57.15
CA GLY C 484 34.63 26.25 56.79
C GLY C 484 35.40 27.24 55.94
N ARG C 485 36.65 26.95 55.57
CA ARG C 485 37.45 27.87 54.78
C ARG C 485 37.28 27.56 53.31
N HIS C 486 38.10 28.19 52.47
CA HIS C 486 38.06 28.01 51.02
C HIS C 486 39.46 27.71 50.51
N GLY C 487 39.54 26.93 49.43
CA GLY C 487 40.82 26.55 48.89
C GLY C 487 40.72 26.28 47.41
N PHE C 488 41.90 26.01 46.81
CA PHE C 488 41.98 25.73 45.38
C PHE C 488 43.17 24.81 45.14
N PHE C 489 42.94 23.75 44.36
CA PHE C 489 43.95 22.74 44.10
C PHE C 489 44.33 22.76 42.63
N ALA C 490 45.62 22.85 42.35
CA ALA C 490 46.14 22.86 40.98
C ALA C 490 47.19 21.79 40.84
N THR C 491 47.07 20.94 39.83
CA THR C 491 48.01 19.85 39.63
C THR C 491 47.94 19.40 38.17
N TYR C 492 48.86 18.50 37.82
CA TYR C 492 48.82 17.88 36.51
C TYR C 492 47.69 16.85 36.44
N GLU C 493 47.23 16.58 35.21
CA GLU C 493 46.24 15.55 34.99
C GLU C 493 46.83 14.16 35.06
N ALA C 494 48.13 14.02 34.76
CA ALA C 494 48.75 12.71 34.70
C ALA C 494 48.80 12.04 36.07
N PHE C 495 48.89 12.82 37.14
CA PHE C 495 48.98 12.28 38.49
C PHE C 495 47.67 12.44 39.26
N ALA C 496 46.55 12.44 38.55
CA ALA C 496 45.26 12.54 39.21
C ALA C 496 44.75 11.20 39.71
N HIS C 497 45.33 10.09 39.25
CA HIS C 497 44.97 8.79 39.80
C HIS C 497 45.47 8.61 41.23
N VAL C 498 46.43 9.45 41.66
CA VAL C 498 46.94 9.36 43.01
C VAL C 498 45.86 9.72 44.03
N ILE C 499 45.09 10.75 43.75
CA ILE C 499 44.06 11.23 44.67
C ILE C 499 42.72 10.60 44.34
N ASP C 500 42.74 9.53 43.55
CA ASP C 500 41.49 8.87 43.14
C ASP C 500 40.76 8.30 44.35
N SER C 501 41.48 7.67 45.28
CA SER C 501 40.84 7.14 46.46
C SER C 501 40.33 8.25 47.38
N MET C 502 41.08 9.34 47.48
CA MET C 502 40.70 10.41 48.40
C MET C 502 39.47 11.19 47.93
N VAL C 503 39.32 11.36 46.63
CA VAL C 503 38.17 12.10 46.10
C VAL C 503 36.88 11.37 46.40
N ASN C 504 36.87 10.05 46.25
CA ASN C 504 35.68 9.27 46.58
C ASN C 504 35.33 9.39 48.05
N GLN C 505 36.34 9.47 48.92
CA GLN C 505 36.09 9.66 50.34
C GLN C 505 35.43 11.00 50.61
N HIS C 506 35.92 12.07 49.97
CA HIS C 506 35.34 13.39 50.20
C HIS C 506 33.95 13.51 49.58
N ALA C 507 33.76 12.93 48.40
CA ALA C 507 32.46 12.96 47.76
C ALA C 507 31.44 12.17 48.56
N LYS C 508 31.89 11.16 49.29
CA LYS C 508 30.98 10.43 50.18
C LYS C 508 30.52 11.31 51.33
N TRP C 509 31.42 12.13 51.86
CA TRP C 509 31.06 13.00 52.97
C TRP C 509 30.04 14.06 52.54
N LEU C 510 30.24 14.66 51.38
CA LEU C 510 29.32 15.68 50.91
C LEU C 510 27.95 15.10 50.58
N ASP C 511 27.93 13.89 50.02
CA ASP C 511 26.67 13.28 49.63
C ASP C 511 25.80 12.96 50.83
N VAL C 512 26.40 12.40 51.88
CA VAL C 512 25.64 12.08 53.09
C VAL C 512 25.22 13.36 53.80
N SER C 513 26.14 14.34 53.88
CA SER C 513 25.85 15.58 54.59
C SER C 513 24.73 16.37 53.93
N LYS C 514 24.64 16.32 52.60
CA LYS C 514 23.63 17.09 51.91
C LYS C 514 22.24 16.52 52.13
N ARG C 515 22.09 15.20 51.98
CA ARG C 515 20.77 14.56 52.01
C ARG C 515 20.41 14.00 53.38
N GLU C 516 21.21 13.06 53.89
CA GLU C 516 20.81 12.31 55.09
C GLU C 516 20.84 13.19 56.33
N VAL C 517 21.92 13.93 56.52
CA VAL C 517 22.10 14.73 57.73
C VAL C 517 21.50 16.10 57.51
N ASP C 518 20.71 16.56 58.47
CA ASP C 518 20.02 17.84 58.37
C ASP C 518 20.69 18.96 59.14
N TRP C 519 21.44 18.63 60.20
CA TRP C 519 22.10 19.66 60.99
C TRP C 519 23.46 20.04 60.43
N ARG C 520 23.96 19.35 59.41
CA ARG C 520 25.22 19.69 58.80
C ARG C 520 25.04 20.92 57.92
N ALA C 521 25.79 21.96 58.20
CA ALA C 521 25.69 23.13 57.34
C ALA C 521 26.60 22.97 56.13
N PRO C 522 26.22 23.54 54.99
CA PRO C 522 27.04 23.39 53.78
C PRO C 522 28.42 23.99 53.94
N VAL C 523 29.41 23.29 53.40
CA VAL C 523 30.81 23.73 53.44
C VAL C 523 31.19 24.23 52.07
N SER C 524 32.40 24.77 51.93
CA SER C 524 32.86 25.24 50.63
C SER C 524 33.12 24.08 49.69
N SER C 525 33.18 24.38 48.40
CA SER C 525 33.34 23.36 47.38
C SER C 525 34.81 22.96 47.23
N LEU C 526 35.02 21.80 46.63
CA LEU C 526 36.35 21.27 46.36
C LEU C 526 36.70 21.58 44.91
N ASN C 527 37.66 22.48 44.72
CA ASN C 527 38.06 22.94 43.40
C ASN C 527 39.42 22.37 43.06
N ILE C 528 39.47 21.50 42.06
CA ILE C 528 40.71 20.88 41.60
C ILE C 528 40.96 21.33 40.17
N LEU C 529 42.16 21.85 39.92
CA LEU C 529 42.56 22.29 38.60
C LEU C 529 43.55 21.29 38.02
N LEU C 530 43.19 20.71 36.87
CA LEU C 530 44.03 19.74 36.18
C LEU C 530 44.65 20.41 34.97
N SER C 531 45.98 20.36 34.88
CA SER C 531 46.70 21.01 33.80
C SER C 531 47.61 19.99 33.13
N SER C 532 48.31 20.44 32.09
CA SER C 532 49.22 19.63 31.29
C SER C 532 48.55 18.35 30.83
N THR C 533 47.52 18.54 30.00
CA THR C 533 46.70 17.44 29.54
C THR C 533 47.53 16.45 28.71
N VAL C 534 46.89 15.33 28.39
CA VAL C 534 47.58 14.22 27.74
C VAL C 534 48.00 14.57 26.32
N TRP C 535 47.39 15.60 25.71
CA TRP C 535 47.62 15.86 24.30
C TRP C 535 48.94 16.58 24.05
N ARG C 536 49.36 17.46 24.98
CA ARG C 536 50.57 18.23 24.75
C ARG C 536 51.84 17.41 24.97
N GLN C 537 51.80 16.46 25.90
CA GLN C 537 52.93 15.57 26.23
C GLN C 537 54.16 16.40 26.63
N ASP C 538 54.01 17.07 27.76
CA ASP C 538 55.08 17.90 28.31
C ASP C 538 56.25 17.02 28.75
N HIS C 539 57.36 17.69 29.10
CA HIS C 539 58.56 16.96 29.53
C HIS C 539 58.32 16.18 30.81
N ASN C 540 57.63 16.79 31.77
CA ASN C 540 57.32 16.09 33.02
C ASN C 540 56.18 15.11 32.81
N GLY C 541 56.10 14.14 33.71
CA GLY C 541 55.10 13.10 33.64
C GLY C 541 55.51 11.96 32.73
N PHE C 542 54.92 10.80 32.97
CA PHE C 542 55.20 9.63 32.16
C PHE C 542 54.63 9.80 30.76
N SER C 543 55.17 9.01 29.83
CA SER C 543 54.81 9.15 28.43
C SER C 543 53.34 8.81 28.20
N HIS C 544 52.84 7.80 28.88
CA HIS C 544 51.46 7.33 28.67
C HIS C 544 50.53 7.93 29.72
N GLN C 545 50.27 9.23 29.56
CA GLN C 545 49.32 9.90 30.43
C GLN C 545 47.92 9.38 30.19
N ASP C 546 47.11 9.38 31.25
CA ASP C 546 45.78 8.79 31.20
C ASP C 546 44.75 9.83 31.64
N PRO C 547 43.76 10.14 30.81
CA PRO C 547 42.72 11.09 31.22
C PRO C 547 41.57 10.40 31.95
N GLY C 548 41.83 9.18 32.44
CA GLY C 548 40.80 8.37 33.07
C GLY C 548 40.26 8.93 34.36
N PHE C 549 40.90 9.94 34.95
CA PHE C 549 40.39 10.53 36.18
C PHE C 549 39.03 11.18 35.95
N ILE C 550 38.79 11.70 34.75
CA ILE C 550 37.48 12.29 34.44
C ILE C 550 36.39 11.22 34.51
N ASP C 551 36.72 10.00 34.10
CA ASP C 551 35.71 8.95 34.06
C ASP C 551 35.28 8.52 35.46
N LEU C 552 36.25 8.33 36.37
CA LEU C 552 35.90 7.86 37.71
C LEU C 552 35.13 8.91 38.48
N VAL C 553 35.35 10.19 38.19
CA VAL C 553 34.56 11.25 38.82
C VAL C 553 33.11 11.17 38.36
N THR C 554 32.90 10.88 37.07
CA THR C 554 31.55 10.75 36.55
C THR C 554 30.82 9.53 37.09
N ASN C 555 31.56 8.54 37.62
CA ASN C 555 30.89 7.41 38.27
C ASN C 555 30.12 7.86 39.50
N LYS C 556 30.64 8.85 40.21
CA LYS C 556 29.89 9.45 41.29
C LYS C 556 28.76 10.31 40.71
N SER C 557 27.77 10.58 41.56
CA SER C 557 26.54 11.20 41.08
C SER C 557 26.80 12.63 40.62
N ALA C 558 25.98 13.06 39.66
CA ALA C 558 26.08 14.41 39.12
C ALA C 558 25.71 15.49 40.11
N ARG C 559 25.09 15.12 41.24
CA ARG C 559 24.69 16.08 42.26
C ARG C 559 25.79 16.35 43.28
N VAL C 560 26.96 15.73 43.11
CA VAL C 560 28.08 16.01 44.01
C VAL C 560 29.36 16.39 43.27
N THR C 561 29.48 16.11 41.97
CA THR C 561 30.68 16.44 41.21
C THR C 561 30.30 17.23 39.97
N ARG C 562 31.14 18.20 39.62
CA ARG C 562 30.98 18.99 38.41
C ARG C 562 32.33 19.03 37.70
N ILE C 563 32.31 18.83 36.39
CA ILE C 563 33.52 18.79 35.59
C ILE C 563 33.44 19.88 34.53
N TYR C 564 34.46 20.72 34.48
CA TYR C 564 34.50 21.86 33.56
C TYR C 564 35.76 21.80 32.71
N LEU C 565 35.58 22.01 31.41
CA LEU C 565 36.69 22.02 30.46
C LEU C 565 36.61 23.32 29.66
N PRO C 566 37.12 24.41 30.22
CA PRO C 566 37.06 25.69 29.52
C PRO C 566 38.03 25.72 28.35
N PRO C 567 37.63 26.28 27.21
CA PRO C 567 38.55 26.31 26.06
C PRO C 567 39.66 27.33 26.18
N ASP C 568 39.37 28.54 26.65
CA ASP C 568 40.39 29.59 26.65
C ASP C 568 40.53 30.25 28.02
N ALA C 569 41.32 31.33 28.07
CA ALA C 569 41.62 31.99 29.34
C ALA C 569 40.39 32.65 29.93
N ASN C 570 39.60 33.36 29.11
CA ASN C 570 38.42 34.04 29.62
C ASN C 570 37.40 33.05 30.14
N CYS C 571 37.20 31.94 29.44
CA CYS C 571 36.28 30.92 29.92
C CYS C 571 36.85 30.22 31.15
N LEU C 572 38.17 30.16 31.28
CA LEU C 572 38.78 29.61 32.48
C LEU C 572 38.50 30.49 33.69
N LEU C 573 38.59 31.82 33.52
CA LEU C 573 38.34 32.72 34.63
C LEU C 573 36.89 32.66 35.09
N SER C 574 35.95 32.57 34.15
CA SER C 574 34.54 32.49 34.52
C SER C 574 34.24 31.22 35.28
N VAL C 575 34.87 30.11 34.86
CA VAL C 575 34.70 28.85 35.59
C VAL C 575 35.29 28.95 36.98
N ALA C 576 36.50 29.52 37.08
CA ALA C 576 37.14 29.66 38.38
C ALA C 576 36.37 30.61 39.28
N ASP C 577 35.85 31.69 38.72
CA ASP C 577 35.04 32.63 39.51
C ASP C 577 33.75 31.97 39.99
N HIS C 578 33.08 31.21 39.11
CA HIS C 578 31.82 30.60 39.48
C HIS C 578 32.01 29.50 40.51
N CYS C 579 33.07 28.70 40.35
CA CYS C 579 33.26 27.55 41.23
C CYS C 579 33.69 27.97 42.63
N LEU C 580 34.29 29.14 42.78
CA LEU C 580 34.63 29.63 44.11
C LEU C 580 33.40 30.06 44.91
N ARG C 581 32.24 30.16 44.28
CA ARG C 581 31.00 30.48 44.98
C ARG C 581 30.21 29.25 45.38
N SER C 582 30.38 28.13 44.68
CA SER C 582 29.60 26.93 44.95
C SER C 582 30.01 26.32 46.29
N THR C 583 29.10 25.52 46.85
CA THR C 583 29.28 25.01 48.20
C THR C 583 29.43 23.50 48.26
N ASP C 584 28.46 22.72 47.80
CA ASP C 584 28.42 21.30 48.08
C ASP C 584 28.75 20.46 46.85
N TYR C 585 29.77 20.87 46.09
CA TYR C 585 30.17 20.17 44.89
C TYR C 585 31.68 19.95 44.90
N ILE C 586 32.11 18.98 44.10
CA ILE C 586 33.52 18.79 43.78
C ILE C 586 33.72 19.27 42.35
N ASN C 587 34.49 20.33 42.19
CA ASN C 587 34.69 20.97 40.89
C ASN C 587 36.03 20.53 40.32
N VAL C 588 35.99 19.89 39.16
CA VAL C 588 37.19 19.44 38.46
C VAL C 588 37.31 20.29 37.19
N ILE C 589 38.37 21.09 37.12
CA ILE C 589 38.59 22.01 36.01
C ILE C 589 39.80 21.53 35.25
N VAL C 590 39.62 21.25 33.96
CA VAL C 590 40.67 20.70 33.12
C VAL C 590 41.07 21.78 32.11
N ALA C 591 42.17 22.46 32.39
CA ALA C 591 42.73 23.45 31.49
C ALA C 591 44.09 22.97 31.01
N ASP C 592 44.66 23.69 30.05
CA ASP C 592 45.95 23.33 29.49
C ASP C 592 46.97 24.43 29.71
N LYS C 593 48.21 24.03 30.00
CA LYS C 593 49.26 24.99 30.33
C LYS C 593 49.74 25.73 29.08
N GLN C 594 49.83 25.03 27.96
CA GLN C 594 50.47 25.59 26.76
C GLN C 594 49.66 26.75 26.19
N SER C 595 50.38 27.67 25.55
CA SER C 595 49.75 28.83 24.94
C SER C 595 48.86 28.41 23.78
N HIS C 596 47.66 28.98 23.73
CA HIS C 596 46.65 28.58 22.77
C HIS C 596 45.98 29.82 22.20
N LEU C 597 45.00 29.59 21.32
CA LEU C 597 44.15 30.66 20.84
C LEU C 597 43.20 31.12 21.94
N GLN C 598 42.53 32.24 21.67
CA GLN C 598 41.48 32.74 22.53
C GLN C 598 40.22 32.91 21.70
N TYR C 599 39.10 32.39 22.20
CA TYR C 599 37.86 32.37 21.43
C TYR C 599 36.75 33.21 22.01
N LEU C 600 36.79 33.55 23.30
CA LEU C 600 35.68 34.22 23.95
C LEU C 600 36.14 35.50 24.61
N ASP C 601 35.29 36.53 24.53
CA ASP C 601 35.54 37.77 25.23
C ASP C 601 35.17 37.61 26.70
N ALA C 602 35.55 38.62 27.51
CA ALA C 602 35.25 38.57 28.93
C ALA C 602 33.75 38.53 29.18
N GLU C 603 32.98 39.31 28.43
CA GLU C 603 31.53 39.28 28.56
C GLU C 603 30.95 37.99 27.97
N ALA C 604 31.49 37.56 26.84
CA ALA C 604 30.96 36.37 26.17
C ALA C 604 31.30 35.10 26.94
N ALA C 605 32.43 35.08 27.66
CA ALA C 605 32.75 33.93 28.48
C ALA C 605 31.75 33.76 29.62
N ALA C 606 31.32 34.87 30.21
CA ALA C 606 30.35 34.80 31.29
C ALA C 606 29.02 34.24 30.80
N ARG C 607 28.58 34.66 29.60
CA ARG C 607 27.35 34.09 29.05
C ARG C 607 27.54 32.62 28.70
N HIS C 608 28.74 32.24 28.26
CA HIS C 608 28.99 30.85 27.89
C HIS C 608 28.95 29.95 29.11
N CYS C 609 29.63 30.35 30.19
CA CYS C 609 29.65 29.54 31.39
C CYS C 609 28.30 29.53 32.11
N ALA C 610 27.47 30.55 31.88
CA ALA C 610 26.13 30.55 32.46
C ALA C 610 25.29 29.42 31.87
N LYS C 611 25.34 29.26 30.54
CA LYS C 611 24.59 28.19 29.91
C LYS C 611 25.30 26.85 30.04
N GLY C 612 26.63 26.84 30.03
CA GLY C 612 27.41 25.62 30.05
C GLY C 612 27.62 25.02 28.68
N ILE C 613 26.59 25.05 27.85
CA ILE C 613 26.65 24.60 26.46
C ILE C 613 26.09 25.72 25.60
N GLY C 614 26.82 26.08 24.54
CA GLY C 614 26.36 27.16 23.69
C GLY C 614 26.90 27.04 22.29
N ILE C 615 26.13 27.55 21.34
CA ILE C 615 26.56 27.61 19.96
C ILE C 615 27.50 28.80 19.79
N TRP C 616 28.65 28.56 19.18
CA TRP C 616 29.56 29.64 18.82
C TRP C 616 29.13 30.21 17.48
N ASP C 617 28.63 31.44 17.49
CA ASP C 617 28.02 32.00 16.29
C ASP C 617 29.06 32.32 15.23
N TRP C 618 30.22 32.81 15.64
CA TRP C 618 31.26 33.14 14.66
C TRP C 618 31.82 31.88 14.01
N ALA C 619 31.97 30.80 14.77
CA ALA C 619 32.44 29.56 14.19
C ALA C 619 31.36 28.87 13.36
N SER C 620 30.10 29.08 13.69
CA SER C 620 29.02 28.44 12.95
C SER C 620 28.94 28.99 11.54
N ASN C 621 28.70 28.09 10.59
CA ASN C 621 28.69 28.49 9.18
C ASN C 621 27.44 29.27 8.83
N ASP C 622 26.28 28.62 8.96
CA ASP C 622 25.04 29.21 8.48
C ASP C 622 24.02 29.27 9.60
N GLN C 623 23.40 30.43 9.75
CA GLN C 623 22.30 30.66 10.67
C GLN C 623 21.04 30.91 9.86
N GLY C 624 19.89 30.58 10.45
CA GLY C 624 18.65 30.67 9.73
C GLY C 624 18.37 29.50 8.81
N ALA C 625 19.23 28.48 8.81
CA ALA C 625 19.02 27.29 8.03
C ALA C 625 19.42 26.08 8.86
N SER C 626 18.87 24.93 8.51
CA SER C 626 19.18 23.70 9.22
C SER C 626 20.60 23.28 8.92
N PRO C 627 21.46 23.09 9.91
CA PRO C 627 22.85 22.71 9.64
C PRO C 627 22.92 21.29 9.09
N ASP C 628 23.92 21.06 8.24
CA ASP C 628 24.14 19.73 7.71
C ASP C 628 24.82 18.82 8.73
N VAL C 629 25.69 19.38 9.58
CA VAL C 629 26.39 18.61 10.59
C VAL C 629 26.64 19.51 11.78
N VAL C 630 26.64 18.92 12.97
CA VAL C 630 26.92 19.63 14.22
C VAL C 630 28.28 19.17 14.71
N ILE C 631 29.24 20.09 14.77
CA ILE C 631 30.58 19.79 15.23
C ILE C 631 30.70 20.28 16.67
N ALA C 632 31.00 19.37 17.58
CA ALA C 632 31.07 19.69 18.99
C ALA C 632 32.45 19.36 19.53
N SER C 633 32.95 20.22 20.40
CA SER C 633 34.21 20.01 21.08
C SER C 633 34.03 20.27 22.56
N CYS C 634 34.86 19.62 23.37
CA CYS C 634 34.73 19.73 24.81
C CYS C 634 35.96 20.33 25.47
N GLY C 635 37.15 19.82 25.17
CA GLY C 635 38.38 20.31 25.77
C GLY C 635 38.83 21.62 25.16
N ASP C 636 40.13 21.86 25.22
CA ASP C 636 40.72 23.05 24.62
C ASP C 636 41.65 22.74 23.47
N VAL C 637 42.48 21.70 23.60
CA VAL C 637 43.28 21.26 22.45
C VAL C 637 42.38 20.70 21.36
N VAL C 638 41.41 19.87 21.73
CA VAL C 638 40.49 19.32 20.75
C VAL C 638 39.56 20.38 20.19
N THR C 639 39.37 21.49 20.90
CA THR C 639 38.60 22.59 20.35
C THR C 639 39.32 23.24 19.18
N LEU C 640 40.64 23.39 19.29
CA LEU C 640 41.42 23.95 18.18
C LEU C 640 41.34 23.05 16.96
N GLU C 641 41.44 21.73 17.17
CA GLU C 641 41.33 20.80 16.05
C GLU C 641 39.92 20.82 15.46
N ALA C 642 38.90 20.94 16.32
CA ALA C 642 37.53 21.05 15.82
C ALA C 642 37.34 22.33 15.02
N LEU C 643 37.91 23.43 15.49
CA LEU C 643 37.84 24.67 14.72
C LEU C 643 38.61 24.58 13.42
N ALA C 644 39.79 23.96 13.45
CA ALA C 644 40.59 23.83 12.25
C ALA C 644 39.89 22.92 11.24
N ALA C 645 39.20 21.89 11.73
CA ALA C 645 38.42 21.04 10.83
C ALA C 645 37.28 21.82 10.18
N THR C 646 36.68 22.75 10.93
CA THR C 646 35.62 23.57 10.37
C THR C 646 36.15 24.48 9.27
N ALA C 647 37.37 25.01 9.44
CA ALA C 647 37.96 25.87 8.42
C ALA C 647 38.20 25.11 7.13
N LEU C 648 38.69 23.87 7.24
CA LEU C 648 38.93 23.07 6.04
C LEU C 648 37.63 22.75 5.32
N LEU C 649 36.60 22.37 6.06
CA LEU C 649 35.33 22.00 5.42
C LEU C 649 34.67 23.20 4.77
N ARG C 650 34.70 24.36 5.44
CA ARG C 650 34.13 25.56 4.84
C ARG C 650 34.93 26.03 3.64
N GLU C 651 36.23 25.74 3.61
CA GLU C 651 37.05 26.12 2.46
C GLU C 651 36.73 25.25 1.26
N HIS C 652 36.62 23.94 1.46
CA HIS C 652 36.42 23.01 0.36
C HIS C 652 34.96 22.80 0.00
N PHE C 653 34.04 23.05 0.92
CA PHE C 653 32.60 22.88 0.68
C PHE C 653 31.92 24.18 1.07
N PRO C 654 31.87 25.15 0.16
CA PRO C 654 31.21 26.43 0.48
C PRO C 654 29.72 26.28 0.79
N ASP C 655 29.05 25.33 0.17
CA ASP C 655 27.61 25.13 0.40
C ASP C 655 27.32 24.42 1.72
N LEU C 656 28.32 23.80 2.34
CA LEU C 656 28.10 23.05 3.56
C LEU C 656 27.76 23.99 4.71
N LYS C 657 26.78 23.60 5.51
CA LYS C 657 26.33 24.38 6.66
C LYS C 657 26.71 23.64 7.94
N ILE C 658 27.55 24.27 8.76
CA ILE C 658 28.12 23.65 9.94
C ILE C 658 27.75 24.47 11.16
N ARG C 659 27.18 23.82 12.16
CA ARG C 659 26.93 24.44 13.45
C ARG C 659 27.98 23.98 14.44
N PHE C 660 28.64 24.92 15.08
CA PHE C 660 29.70 24.62 16.04
C PHE C 660 29.17 24.83 17.45
N VAL C 661 29.28 23.80 18.28
CA VAL C 661 28.81 23.83 19.65
C VAL C 661 29.99 23.50 20.55
N ASN C 662 30.23 24.32 21.56
CA ASN C 662 31.27 24.06 22.54
C ASN C 662 30.64 23.83 23.90
N VAL C 663 31.07 22.78 24.58
CA VAL C 663 30.52 22.39 25.87
C VAL C 663 31.59 22.59 26.94
N VAL C 664 31.21 23.20 28.05
CA VAL C 664 32.10 23.42 29.18
C VAL C 664 31.70 22.56 30.37
N ASP C 665 30.42 22.57 30.72
CA ASP C 665 29.91 21.74 31.81
C ASP C 665 29.51 20.40 31.20
N LEU C 666 30.23 19.34 31.58
CA LEU C 666 29.98 18.03 31.00
C LEU C 666 28.59 17.51 31.37
N PHE C 667 28.18 17.69 32.63
CA PHE C 667 26.96 17.06 33.10
C PHE C 667 25.70 17.72 32.55
N ARG C 668 25.83 18.81 31.80
CA ARG C 668 24.68 19.34 31.08
C ARG C 668 24.15 18.38 30.04
N LEU C 669 24.98 17.44 29.58
CA LEU C 669 24.54 16.47 28.59
C LEU C 669 23.55 15.48 29.16
N GLN C 670 23.59 15.25 30.48
CA GLN C 670 22.66 14.31 31.10
C GLN C 670 21.24 14.85 30.98
N PRO C 671 20.25 13.98 30.80
CA PRO C 671 18.86 14.45 30.65
C PRO C 671 18.34 15.07 31.93
N ASP C 672 17.26 15.83 31.77
CA ASP C 672 16.67 16.54 32.91
C ASP C 672 16.12 15.58 33.95
N THR C 673 15.74 14.37 33.53
CA THR C 673 15.25 13.38 34.48
C THR C 673 16.35 12.92 35.43
N GLU C 674 17.56 12.73 34.91
CA GLU C 674 18.67 12.30 35.76
C GLU C 674 19.03 13.36 36.78
N HIS C 675 19.04 14.64 36.37
CA HIS C 675 19.36 15.71 37.30
C HIS C 675 18.73 16.99 36.78
N PRO C 676 18.24 17.86 37.67
CA PRO C 676 17.68 19.14 37.19
C PRO C 676 18.71 20.05 36.53
N HIS C 677 20.00 19.87 36.82
CA HIS C 677 21.03 20.70 36.20
C HIS C 677 21.19 20.41 34.72
N GLY C 678 20.96 19.16 34.31
CA GLY C 678 21.13 18.80 32.92
C GLY C 678 20.11 19.47 32.02
N LEU C 679 20.46 19.56 30.74
CA LEU C 679 19.59 20.20 29.77
C LEU C 679 18.34 19.38 29.54
N SER C 680 17.23 20.07 29.29
CA SER C 680 15.99 19.38 28.96
C SER C 680 16.08 18.80 27.56
N ASP C 681 15.09 17.96 27.22
CA ASP C 681 15.07 17.33 25.90
C ASP C 681 14.89 18.38 24.81
N ARG C 682 14.04 19.38 25.04
CA ARG C 682 13.86 20.43 24.05
C ARG C 682 15.11 21.30 23.93
N ASP C 683 15.76 21.61 25.05
CA ASP C 683 16.99 22.38 25.00
C ASP C 683 18.10 21.62 24.30
N PHE C 684 18.22 20.32 24.56
CA PHE C 684 19.23 19.51 23.90
C PHE C 684 18.96 19.41 22.40
N ASP C 685 17.69 19.27 22.03
CA ASP C 685 17.36 19.18 20.61
C ASP C 685 17.59 20.50 19.89
N SER C 686 17.52 21.63 20.60
CA SER C 686 17.84 22.90 19.97
C SER C 686 19.33 23.01 19.70
N LEU C 687 20.16 22.67 20.69
CA LEU C 687 21.61 22.67 20.51
C LEU C 687 22.02 21.66 19.45
N PHE C 688 21.80 20.39 19.72
CA PHE C 688 22.12 19.31 18.80
C PHE C 688 20.84 18.89 18.10
N THR C 689 20.85 18.96 16.77
CA THR C 689 19.64 18.69 16.00
C THR C 689 19.18 17.24 16.19
N VAL C 690 17.87 17.03 16.02
CA VAL C 690 17.28 15.73 16.28
C VAL C 690 17.73 14.68 15.26
N ASP C 691 18.14 15.11 14.07
CA ASP C 691 18.42 14.17 13.00
C ASP C 691 19.81 14.28 12.39
N LYS C 692 20.41 15.47 12.37
CA LYS C 692 21.70 15.63 11.73
C LYS C 692 22.81 14.99 12.57
N PRO C 693 23.85 14.45 11.93
CA PRO C 693 24.92 13.81 12.70
C PRO C 693 25.70 14.80 13.54
N ILE C 694 26.21 14.30 14.67
CA ILE C 694 26.97 15.11 15.61
C ILE C 694 28.38 14.54 15.68
N ILE C 695 29.36 15.38 15.39
CA ILE C 695 30.76 14.97 15.43
C ILE C 695 31.34 15.56 16.71
N PHE C 696 31.31 14.78 17.78
CA PHE C 696 31.80 15.24 19.06
C PHE C 696 33.29 14.96 19.17
N ASN C 697 34.04 15.96 19.63
CA ASN C 697 35.49 15.85 19.77
C ASN C 697 35.82 16.08 21.24
N PHE C 698 35.99 15.01 21.99
CA PHE C 698 36.02 15.05 23.45
C PHE C 698 37.44 14.84 23.95
N HIS C 699 37.87 15.69 24.88
CA HIS C 699 39.11 15.47 25.61
C HIS C 699 38.88 14.35 26.62
N GLY C 700 39.62 13.28 26.49
CA GLY C 700 39.45 12.12 27.34
C GLY C 700 38.86 10.95 26.59
N TYR C 701 38.41 9.96 27.35
CA TYR C 701 37.94 8.72 26.76
C TYR C 701 36.64 8.96 26.01
N PRO C 702 36.53 8.51 24.75
CA PRO C 702 35.37 8.90 23.94
C PRO C 702 34.07 8.31 24.41
N TRP C 703 34.10 7.26 25.22
CA TRP C 703 32.89 6.60 25.66
CA TRP C 703 32.86 6.62 25.63
C TRP C 703 32.15 7.36 26.75
N LEU C 704 32.85 8.27 27.45
CA LEU C 704 32.21 9.01 28.53
C LEU C 704 31.04 9.84 28.02
N ILE C 705 31.14 10.36 26.80
CA ILE C 705 30.04 11.14 26.23
C ILE C 705 28.82 10.25 26.00
N HIS C 706 29.03 9.01 25.60
CA HIS C 706 27.91 8.11 25.38
C HIS C 706 27.21 7.74 26.68
N LYS C 707 27.95 7.68 27.79
CA LYS C 707 27.32 7.40 29.07
C LYS C 707 26.36 8.52 29.46
N LEU C 708 26.79 9.77 29.28
CA LEU C 708 25.96 10.90 29.67
C LEU C 708 24.76 11.05 28.75
N ALA C 709 24.98 11.00 27.45
CA ALA C 709 23.95 11.27 26.46
C ALA C 709 23.27 10.00 25.96
N TYR C 710 23.16 8.98 26.81
CA TYR C 710 22.57 7.73 26.35
C TYR C 710 21.07 7.84 26.19
N ARG C 711 20.39 8.47 27.15
CA ARG C 711 18.94 8.54 27.12
C ARG C 711 18.42 9.54 26.10
N ARG C 712 19.28 10.33 25.48
CA ARG C 712 18.85 11.30 24.50
C ARG C 712 18.27 10.61 23.27
N HIS C 713 17.35 11.30 22.60
CA HIS C 713 16.74 10.77 21.39
C HIS C 713 17.77 10.63 20.28
N ASN C 714 18.67 11.61 20.15
CA ASN C 714 19.66 11.63 19.07
C ASN C 714 20.97 10.97 19.46
N HIS C 715 20.95 10.02 20.40
CA HIS C 715 22.19 9.37 20.81
C HIS C 715 22.78 8.52 19.70
N ASN C 716 21.92 7.90 18.88
CA ASN C 716 22.41 7.02 17.83
C ASN C 716 23.17 7.78 16.75
N ASN C 717 22.90 9.07 16.60
CA ASN C 717 23.61 9.90 15.63
C ASN C 717 24.81 10.61 16.23
N LEU C 718 25.13 10.34 17.49
CA LEU C 718 26.25 10.97 18.16
C LEU C 718 27.53 10.18 17.87
N HIS C 719 28.57 10.87 17.43
CA HIS C 719 29.85 10.25 17.14
CA HIS C 719 29.85 10.25 17.14
C HIS C 719 30.93 10.99 17.92
N VAL C 720 31.70 10.24 18.71
CA VAL C 720 32.71 10.83 19.59
C VAL C 720 34.08 10.36 19.14
N ARG C 721 35.00 11.31 18.97
CA ARG C 721 36.41 11.04 18.81
C ARG C 721 37.12 11.52 20.05
N GLY C 722 38.00 10.69 20.60
CA GLY C 722 38.66 11.05 21.82
C GLY C 722 39.93 10.26 22.02
N TYR C 723 40.45 10.35 23.24
CA TYR C 723 41.70 9.67 23.57
C TYR C 723 41.52 8.16 23.52
N LYS C 724 42.37 7.49 22.74
CA LYS C 724 42.39 6.04 22.68
C LYS C 724 43.70 5.48 23.21
N GLU C 725 44.84 5.86 22.62
CA GLU C 725 46.14 5.40 23.07
C GLU C 725 47.19 6.41 22.62
N VAL C 726 48.36 6.32 23.24
CA VAL C 726 49.45 7.25 22.99
C VAL C 726 50.72 6.46 22.71
N GLY C 727 51.49 6.92 21.73
CA GLY C 727 52.77 6.32 21.44
C GLY C 727 53.80 6.70 22.49
N ASN C 728 55.02 6.20 22.28
CA ASN C 728 56.10 6.48 23.23
C ASN C 728 56.43 7.96 23.27
N ILE C 729 56.66 8.57 22.10
CA ILE C 729 56.87 10.00 21.99
C ILE C 729 56.33 10.47 20.65
N ASN C 730 55.52 11.53 20.68
CA ASN C 730 54.88 12.04 19.47
C ASN C 730 54.83 13.55 19.54
N THR C 731 54.74 14.18 18.37
CA THR C 731 54.48 15.59 18.29
C THR C 731 53.01 15.85 18.65
N PRO C 732 52.67 17.08 19.04
CA PRO C 732 51.26 17.37 19.34
C PRO C 732 50.31 17.10 18.18
N LEU C 733 50.75 17.35 16.95
CA LEU C 733 49.90 17.05 15.80
C LEU C 733 49.83 15.55 15.54
N GLU C 734 50.95 14.85 15.67
CA GLU C 734 50.97 13.42 15.37
C GLU C 734 50.15 12.63 16.39
N LEU C 735 50.16 13.07 17.65
CA LEU C 735 49.36 12.39 18.67
C LEU C 735 47.87 12.48 18.36
N ALA C 736 47.42 13.64 17.86
CA ALA C 736 46.03 13.78 17.46
C ALA C 736 45.69 12.90 16.27
N ILE C 737 46.67 12.64 15.40
CA ILE C 737 46.43 11.77 14.24
C ILE C 737 46.18 10.34 14.68
N ARG C 738 46.98 9.84 15.62
CA ARG C 738 46.82 8.47 16.07
C ARG C 738 45.50 8.26 16.79
N ASN C 739 45.03 9.27 17.52
CA ASN C 739 43.75 9.21 18.20
C ASN C 739 42.59 9.67 17.33
N GLN C 740 42.88 10.08 16.09
CA GLN C 740 41.86 10.49 15.12
C GLN C 740 41.03 11.66 15.61
N VAL C 741 41.62 12.53 16.42
CA VAL C 741 41.00 13.79 16.80
C VAL C 741 41.62 14.97 16.07
N ASP C 742 42.45 14.71 15.07
CA ASP C 742 43.11 15.77 14.33
C ASP C 742 42.09 16.50 13.45
N ARG C 743 42.51 17.66 12.96
CA ARG C 743 41.64 18.45 12.08
C ARG C 743 41.30 17.70 10.80
N PHE C 744 42.24 16.92 10.28
CA PHE C 744 41.99 16.18 9.06
C PHE C 744 41.09 14.98 9.32
N ASN C 745 41.32 14.27 10.44
CA ASN C 745 40.50 13.12 10.76
C ASN C 745 39.05 13.53 11.03
N LEU C 746 38.85 14.65 11.72
CA LEU C 746 37.50 15.16 11.93
C LEU C 746 36.86 15.53 10.60
N ALA C 747 37.62 16.18 9.71
CA ALA C 747 37.08 16.55 8.41
C ALA C 747 36.73 15.32 7.59
N ILE C 748 37.54 14.26 7.71
CA ILE C 748 37.22 13.01 7.04
C ILE C 748 35.93 12.43 7.60
N ASP C 749 35.75 12.47 8.93
CA ASP C 749 34.57 11.90 9.55
C ASP C 749 33.31 12.63 9.14
N VAL C 750 33.38 13.96 9.03
CA VAL C 750 32.22 14.74 8.63
C VAL C 750 31.77 14.34 7.22
N ILE C 751 32.73 14.10 6.34
CA ILE C 751 32.42 13.69 4.97
C ILE C 751 31.68 12.35 4.97
N ASP C 752 32.05 11.45 5.87
CA ASP C 752 31.40 10.14 5.92
C ASP C 752 29.97 10.24 6.41
N ARG C 753 29.73 11.03 7.46
CA ARG C 753 28.41 11.05 8.09
C ARG C 753 27.40 11.84 7.27
N VAL C 754 27.81 12.93 6.64
CA VAL C 754 26.89 13.76 5.88
C VAL C 754 26.46 13.00 4.64
N PRO C 755 25.15 12.81 4.43
CA PRO C 755 24.71 11.97 3.31
C PRO C 755 25.07 12.49 1.93
N HIS C 756 25.08 13.80 1.73
CA HIS C 756 25.33 14.35 0.41
C HIS C 756 26.79 14.69 0.17
N LEU C 757 27.68 14.35 1.10
CA LEU C 757 29.11 14.51 0.89
C LEU C 757 29.85 13.21 0.67
N ARG C 758 29.18 12.06 0.80
CA ARG C 758 29.86 10.79 0.63
C ARG C 758 30.30 10.57 -0.82
N ASP C 759 29.61 11.20 -1.77
CA ASP C 759 29.98 11.14 -3.18
C ASP C 759 30.71 12.38 -3.66
N ARG C 760 30.27 13.57 -3.25
CA ARG C 760 30.92 14.79 -3.67
C ARG C 760 32.29 14.95 -3.02
N GLY C 761 32.43 14.50 -1.78
CA GLY C 761 33.63 14.72 -1.02
C GLY C 761 34.71 13.68 -1.19
N ALA C 762 34.58 12.79 -2.17
CA ALA C 762 35.59 11.75 -2.37
C ALA C 762 36.95 12.35 -2.72
N HIS C 763 36.95 13.38 -3.58
CA HIS C 763 38.21 14.03 -3.92
C HIS C 763 38.82 14.72 -2.71
N VAL C 764 38.00 15.41 -1.91
CA VAL C 764 38.51 16.11 -0.75
C VAL C 764 39.00 15.12 0.30
N LYS C 765 38.28 14.01 0.46
CA LYS C 765 38.70 12.97 1.40
C LYS C 765 40.05 12.38 0.99
N GLU C 766 40.29 12.25 -0.31
CA GLU C 766 41.60 11.81 -0.77
C GLU C 766 42.67 12.85 -0.48
N TRP C 767 42.34 14.13 -0.64
CA TRP C 767 43.30 15.19 -0.36
C TRP C 767 43.66 15.24 1.11
N LEU C 768 42.68 15.03 1.99
CA LEU C 768 42.94 15.07 3.43
C LEU C 768 43.87 13.94 3.85
N LYS C 769 43.68 12.74 3.28
CA LYS C 769 44.57 11.63 3.60
C LYS C 769 45.99 11.92 3.14
N ASP C 770 46.15 12.67 2.06
CA ASP C 770 47.48 13.09 1.65
C ASP C 770 48.10 14.03 2.68
N GLN C 771 47.28 14.92 3.25
CA GLN C 771 47.78 15.85 4.26
C GLN C 771 48.17 15.12 5.54
N ILE C 772 47.44 14.07 5.89
CA ILE C 772 47.80 13.27 7.07
C ILE C 772 49.14 12.61 6.87
N HIS C 773 49.34 11.98 5.71
CA HIS C 773 50.61 11.32 5.43
C HIS C 773 51.74 12.33 5.31
N ASP C 774 51.47 13.48 4.71
CA ASP C 774 52.51 14.49 4.51
C ASP C 774 53.01 15.03 5.84
N HIS C 775 52.09 15.29 6.78
CA HIS C 775 52.50 15.86 8.06
C HIS C 775 53.23 14.82 8.92
N ILE C 776 52.83 13.56 8.81
CA ILE C 776 53.53 12.51 9.54
C ILE C 776 54.95 12.35 9.01
N GLN C 777 55.12 12.37 7.69
CA GLN C 777 56.45 12.25 7.11
C GLN C 777 57.34 13.42 7.51
N TYR C 778 56.80 14.63 7.51
CA TYR C 778 57.58 15.78 7.95
C TYR C 778 57.92 15.67 9.43
N ALA C 779 57.02 15.09 10.22
CA ALA C 779 57.29 14.90 11.64
C ALA C 779 58.44 13.93 11.86
N TYR C 780 58.52 12.87 11.04
CA TYR C 780 59.61 11.92 11.20
C TYR C 780 60.94 12.50 10.75
N GLN C 781 60.93 13.35 9.72
CA GLN C 781 62.18 13.92 9.22
C GLN C 781 62.71 15.00 10.17
N GLU C 782 61.85 15.86 10.68
CA GLU C 782 62.27 17.03 11.45
C GLU C 782 62.05 16.90 12.95
N GLY C 783 61.04 16.14 13.38
CA GLY C 783 60.72 16.05 14.79
C GLY C 783 59.81 17.14 15.30
N ILE C 784 59.42 18.09 14.46
CA ILE C 784 58.53 19.18 14.84
C ILE C 784 57.48 19.34 13.76
N ASP C 785 56.31 19.85 14.15
CA ASP C 785 55.25 20.09 13.19
C ASP C 785 55.62 21.25 12.27
N ARG C 786 54.90 21.33 11.15
CA ARG C 786 55.12 22.42 10.21
C ARG C 786 54.74 23.76 10.86
N PRO C 787 55.40 24.85 10.46
CA PRO C 787 55.12 26.15 11.11
C PRO C 787 53.68 26.61 10.95
N GLU C 788 53.02 26.30 9.83
CA GLU C 788 51.64 26.72 9.67
C GLU C 788 50.68 25.93 10.56
N ILE C 789 51.06 24.73 10.98
CA ILE C 789 50.25 23.99 11.94
C ILE C 789 50.30 24.64 13.31
N ASN C 790 51.51 25.01 13.76
CA ASN C 790 51.65 25.62 15.08
C ASN C 790 51.11 27.03 15.11
N GLN C 791 51.22 27.77 14.01
CA GLN C 791 50.77 29.16 13.94
C GLN C 791 49.42 29.30 13.25
N TRP C 792 48.59 28.26 13.32
CA TRP C 792 47.28 28.33 12.70
C TRP C 792 46.35 29.27 13.48
N GLN C 793 45.46 29.93 12.76
CA GLN C 793 44.46 30.77 13.39
C GLN C 793 43.25 30.85 12.46
N TRP C 794 42.12 31.24 13.04
CA TRP C 794 40.84 31.27 12.34
C TRP C 794 40.91 32.17 11.13
N PRO C 795 40.66 31.64 9.93
CA PRO C 795 40.81 32.46 8.71
C PRO C 795 39.66 33.38 8.43
N PHE C 796 38.48 33.14 9.00
CA PHE C 796 37.32 33.97 8.74
C PHE C 796 37.13 34.99 9.85
N ASP D 9 92.44 -3.86 49.34
CA ASP D 9 92.64 -2.57 48.69
C ASP D 9 91.48 -2.22 47.76
N ILE D 10 90.32 -2.83 48.03
CA ILE D 10 89.15 -2.56 47.21
C ILE D 10 88.62 -1.15 47.47
N ALA D 11 88.62 -0.72 48.73
CA ALA D 11 88.11 0.61 49.07
C ALA D 11 88.93 1.71 48.43
N THR D 12 90.26 1.60 48.49
CA THR D 12 91.12 2.57 47.83
C THR D 12 91.18 2.28 46.34
N LEU D 13 91.44 3.34 45.56
CA LEU D 13 91.54 3.23 44.12
C LEU D 13 92.89 3.74 43.64
N SER D 14 93.42 3.09 42.60
CA SER D 14 94.66 3.54 42.00
C SER D 14 94.42 4.85 41.24
N PRO D 15 95.41 5.74 41.21
CA PRO D 15 95.25 6.97 40.42
C PRO D 15 95.06 6.74 38.94
N ASN D 16 95.68 5.70 38.38
CA ASN D 16 95.58 5.45 36.94
C ASN D 16 94.17 5.01 36.54
N GLU D 17 93.57 4.12 37.32
CA GLU D 17 92.22 3.67 37.02
C GLU D 17 91.18 4.74 37.27
N GLN D 18 91.48 5.72 38.14
CA GLN D 18 90.55 6.81 38.37
C GLN D 18 90.35 7.64 37.11
N ALA D 19 91.42 7.83 36.33
CA ALA D 19 91.29 8.53 35.05
C ALA D 19 90.40 7.76 34.09
N ALA D 20 90.56 6.44 34.04
CA ALA D 20 89.70 5.63 33.17
C ALA D 20 88.26 5.68 33.64
N ILE D 21 88.04 5.63 34.95
CA ILE D 21 86.69 5.78 35.50
C ILE D 21 86.14 7.16 35.16
N ASP D 22 86.96 8.20 35.32
CA ASP D 22 86.53 9.54 34.94
C ASP D 22 86.33 9.64 33.43
N ALA D 23 87.15 8.95 32.65
CA ALA D 23 86.97 8.93 31.20
C ALA D 23 85.64 8.30 30.82
N TRP D 24 85.28 7.20 31.47
CA TRP D 24 83.96 6.61 31.27
C TRP D 24 82.87 7.56 31.73
N TRP D 25 83.08 8.21 32.87
CA TRP D 25 82.08 9.14 33.39
C TRP D 25 81.91 10.34 32.48
N ARG D 26 83.01 10.86 31.92
CA ARG D 26 82.91 11.95 30.96
C ARG D 26 82.21 11.50 29.70
N ALA D 27 82.53 10.30 29.20
CA ALA D 27 81.94 9.82 27.96
C ALA D 27 80.44 9.60 28.11
N ALA D 28 80.00 9.10 29.27
CA ALA D 28 78.58 8.93 29.50
C ALA D 28 77.85 10.26 29.49
N ASN D 29 78.42 11.28 30.14
CA ASN D 29 77.80 12.60 30.13
C ASN D 29 77.83 13.22 28.74
N TYR D 30 78.92 12.99 27.99
CA TYR D 30 78.99 13.50 26.63
C TYR D 30 77.92 12.88 25.75
N LEU D 31 77.72 11.57 25.87
CA LEU D 31 76.64 10.93 25.11
C LEU D 31 75.27 11.35 25.63
N SER D 32 75.17 11.66 26.92
CA SER D 32 73.89 12.08 27.49
C SER D 32 73.44 13.40 26.89
N VAL D 33 74.33 14.40 26.85
CA VAL D 33 73.99 15.69 26.27
C VAL D 33 73.78 15.55 24.77
N GLY D 34 74.55 14.68 24.12
CA GLY D 34 74.45 14.53 22.67
C GLY D 34 73.07 14.08 22.22
N GLN D 35 72.51 13.08 22.90
CA GLN D 35 71.18 12.61 22.52
C GLN D 35 70.09 13.58 22.95
N ILE D 36 70.34 14.39 23.98
CA ILE D 36 69.37 15.41 24.36
C ILE D 36 69.31 16.51 23.29
N TYR D 37 70.48 16.91 22.78
CA TYR D 37 70.57 18.07 21.90
C TYR D 37 70.88 17.70 20.45
N LEU D 38 71.98 16.99 20.21
CA LEU D 38 72.50 16.85 18.86
C LEU D 38 71.62 15.92 18.03
N ARG D 39 71.30 16.35 16.81
CA ARG D 39 70.65 15.53 15.81
C ARG D 39 71.63 15.01 14.76
N ASP D 40 72.65 15.79 14.44
CA ASP D 40 73.70 15.40 13.53
C ASP D 40 75.03 15.87 14.10
N ASN D 41 76.12 15.49 13.41
CA ASN D 41 77.49 15.82 13.80
C ASN D 41 77.77 15.34 15.23
N PRO D 42 77.85 14.03 15.45
CA PRO D 42 77.94 13.53 16.83
C PRO D 42 79.28 13.83 17.49
N LEU D 43 80.38 13.78 16.74
CA LEU D 43 81.71 13.93 17.30
C LEU D 43 82.24 15.35 17.22
N LEU D 44 81.43 16.29 16.74
CA LEU D 44 81.82 17.70 16.61
C LEU D 44 83.08 17.88 15.78
N GLN D 45 83.16 17.14 14.67
CA GLN D 45 84.28 17.31 13.74
C GLN D 45 84.26 18.70 13.12
N GLU D 46 83.08 19.17 12.76
CA GLU D 46 82.87 20.52 12.25
C GLU D 46 82.25 21.39 13.33
N PRO D 47 82.38 22.72 13.23
CA PRO D 47 81.75 23.60 14.21
C PRO D 47 80.23 23.42 14.24
N LEU D 48 79.67 23.56 15.42
CA LEU D 48 78.25 23.30 15.63
C LEU D 48 77.39 24.34 14.93
N ARG D 49 76.33 23.88 14.30
CA ARG D 49 75.38 24.71 13.58
C ARG D 49 73.96 24.36 14.03
N PRO D 50 73.03 25.30 13.91
CA PRO D 50 71.67 25.05 14.44
C PRO D 50 70.96 23.86 13.81
N GLU D 51 71.28 23.48 12.58
CA GLU D 51 70.63 22.33 11.98
C GLU D 51 71.04 21.02 12.62
N HIS D 52 72.11 21.01 13.42
CA HIS D 52 72.49 19.82 14.16
C HIS D 52 71.72 19.65 15.46
N ILE D 53 70.97 20.66 15.88
CA ILE D 53 70.27 20.65 17.17
C ILE D 53 68.82 20.25 16.94
N LYS D 54 68.28 19.47 17.88
CA LYS D 54 66.88 19.09 17.81
C LYS D 54 65.98 20.30 18.00
N GLN D 55 64.87 20.33 17.26
CA GLN D 55 63.98 21.48 17.31
C GLN D 55 63.30 21.62 18.67
N ARG D 56 62.71 20.54 19.16
CA ARG D 56 62.07 20.52 20.47
C ARG D 56 62.84 19.62 21.41
N LEU D 57 63.03 20.08 22.63
CA LEU D 57 63.86 19.40 23.63
C LEU D 57 62.97 18.87 24.74
N LEU D 58 62.97 17.55 24.93
CA LEU D 58 62.19 16.92 25.97
C LEU D 58 63.04 16.14 26.97
N GLY D 59 64.32 15.98 26.73
CA GLY D 59 65.16 15.22 27.64
C GLY D 59 65.35 15.94 28.96
N HIS D 60 65.68 15.15 29.99
CA HIS D 60 65.92 15.66 31.33
C HIS D 60 67.39 15.52 31.66
N TRP D 61 67.98 16.61 32.16
CA TRP D 61 69.41 16.63 32.48
C TRP D 61 69.72 16.56 33.97
N GLY D 62 68.78 16.96 34.83
CA GLY D 62 69.11 17.14 36.23
C GLY D 62 69.62 15.89 36.92
N SER D 63 69.05 14.74 36.59
CA SER D 63 69.47 13.49 37.22
C SER D 63 70.60 12.79 36.48
N ASP D 64 70.92 13.23 35.27
CA ASP D 64 71.89 12.50 34.43
C ASP D 64 73.29 12.41 35.03
N PRO D 65 73.89 13.47 35.58
CA PRO D 65 75.24 13.29 36.16
C PRO D 65 75.27 12.29 37.31
N GLY D 66 74.24 12.27 38.15
CA GLY D 66 74.24 11.36 39.29
C GLY D 66 74.18 9.90 38.88
N LEU D 67 73.30 9.57 37.93
CA LEU D 67 73.15 8.19 37.50
C LEU D 67 74.41 7.67 36.82
N SER D 68 75.02 8.50 35.95
CA SER D 68 76.26 8.11 35.31
C SER D 68 77.38 7.98 36.33
N PHE D 69 77.36 8.80 37.38
CA PHE D 69 78.39 8.73 38.41
C PHE D 69 78.33 7.40 39.14
N VAL D 70 77.12 6.96 39.52
CA VAL D 70 76.99 5.70 40.24
C VAL D 70 77.28 4.52 39.33
N TYR D 71 76.84 4.58 38.08
CA TYR D 71 76.93 3.43 37.17
C TYR D 71 78.37 3.04 36.92
N VAL D 72 79.26 4.02 36.70
CA VAL D 72 80.65 3.69 36.39
C VAL D 72 81.34 3.09 37.62
N HIS D 73 81.00 3.58 38.81
CA HIS D 73 81.56 3.00 40.03
C HIS D 73 81.08 1.56 40.21
N LEU D 74 79.83 1.27 39.89
CA LEU D 74 79.31 -0.08 40.00
C LEU D 74 80.02 -1.02 39.04
N ASN D 75 80.34 -0.53 37.84
CA ASN D 75 81.09 -1.36 36.89
C ASN D 75 82.48 -1.66 37.41
N ARG D 76 83.08 -0.73 38.14
CA ARG D 76 84.35 -1.00 38.80
C ARG D 76 84.21 -2.11 39.84
N LEU D 77 83.15 -2.04 40.65
CA LEU D 77 82.97 -3.03 41.71
C LEU D 77 82.55 -4.39 41.15
N ILE D 78 81.81 -4.40 40.04
CA ILE D 78 81.39 -5.67 39.44
C ILE D 78 82.56 -6.36 38.75
N ARG D 79 83.62 -5.64 38.41
CA ARG D 79 84.79 -6.27 37.81
C ARG D 79 85.58 -7.06 38.85
N ARG D 80 85.76 -6.49 40.04
CA ARG D 80 86.61 -7.12 41.03
C ARG D 80 85.90 -8.26 41.75
N LEU D 81 84.70 -8.01 42.24
CA LEU D 81 83.99 -8.99 43.06
C LEU D 81 83.10 -9.92 42.24
N ASP D 82 83.03 -9.72 40.91
CA ASP D 82 82.26 -10.57 40.00
C ASP D 82 80.80 -10.70 40.44
N LEU D 83 80.20 -9.57 40.78
CA LEU D 83 78.82 -9.53 41.25
C LEU D 83 77.87 -9.54 40.06
N ASN D 84 76.59 -9.30 40.34
CA ASN D 84 75.59 -9.11 39.30
C ASN D 84 74.59 -8.06 39.78
N LEU D 85 74.40 -7.03 38.98
CA LEU D 85 73.57 -5.89 39.35
C LEU D 85 72.46 -5.69 38.34
N ILE D 86 71.45 -4.93 38.75
CA ILE D 86 70.29 -4.63 37.91
C ILE D 86 70.16 -3.14 37.65
N TYR D 87 70.37 -2.31 38.68
CA TYR D 87 70.32 -0.85 38.60
C TYR D 87 68.94 -0.37 38.14
N VAL D 88 67.95 -0.62 38.99
CA VAL D 88 66.64 -0.03 38.81
C VAL D 88 66.75 1.47 39.09
N THR D 89 66.21 2.28 38.19
CA THR D 89 66.35 3.73 38.25
C THR D 89 65.11 4.36 38.87
N GLY D 90 65.33 5.21 39.86
CA GLY D 90 64.25 5.88 40.57
C GLY D 90 63.63 7.03 39.80
N PRO D 91 64.41 8.08 39.50
CA PRO D 91 63.84 9.24 38.82
C PRO D 91 63.21 8.93 37.48
N GLY D 92 63.70 7.92 36.76
CA GLY D 92 63.09 7.48 35.52
C GLY D 92 63.34 8.36 34.31
N HIS D 93 63.64 9.64 34.52
CA HIS D 93 64.02 10.53 33.43
C HIS D 93 65.53 10.54 33.21
N GLY D 94 66.27 9.71 33.92
CA GLY D 94 67.70 9.59 33.73
C GLY D 94 68.05 8.55 32.69
N ALA D 95 67.07 8.21 31.85
CA ALA D 95 67.30 7.27 30.75
C ALA D 95 68.46 7.63 29.83
N PRO D 96 68.74 8.90 29.49
CA PRO D 96 69.97 9.18 28.74
C PRO D 96 71.23 8.68 29.41
N ALA D 97 71.29 8.75 30.75
CA ALA D 97 72.44 8.21 31.45
C ALA D 97 72.53 6.70 31.30
N LEU D 98 71.38 6.01 31.36
CA LEU D 98 71.37 4.56 31.21
C LEU D 98 71.72 4.15 29.78
N LEU D 99 71.14 4.83 28.80
CA LEU D 99 71.37 4.45 27.40
C LEU D 99 72.81 4.72 26.99
N ALA D 100 73.41 5.80 27.51
CA ALA D 100 74.80 6.07 27.22
C ALA D 100 75.70 4.96 27.75
N ASN D 101 75.46 4.54 28.99
CA ASN D 101 76.25 3.45 29.57
C ASN D 101 76.01 2.14 28.83
N ALA D 102 74.78 1.88 28.42
CA ALA D 102 74.48 0.68 27.65
C ALA D 102 75.19 0.70 26.30
N TRP D 103 75.22 1.87 25.66
CA TRP D 103 75.94 2.00 24.40
C TRP D 103 77.44 1.82 24.60
N LEU D 104 77.99 2.39 25.68
CA LEU D 104 79.42 2.27 25.94
C LEU D 104 79.82 0.83 26.20
N GLU D 105 79.00 0.11 26.98
CA GLU D 105 79.29 -1.30 27.26
C GLU D 105 79.12 -2.19 26.05
N GLY D 106 78.49 -1.70 24.97
CA GLY D 106 78.25 -2.50 23.80
C GLY D 106 76.95 -3.29 23.82
N THR D 107 76.22 -3.24 24.94
CA THR D 107 74.95 -3.96 25.01
C THR D 107 73.93 -3.39 24.03
N TYR D 108 73.85 -2.06 23.93
CA TYR D 108 72.86 -1.43 23.07
C TYR D 108 73.11 -1.74 21.61
N SER D 109 74.39 -1.81 21.21
CA SER D 109 74.71 -2.17 19.84
C SER D 109 74.28 -3.59 19.51
N GLU D 110 74.45 -4.51 20.47
CA GLU D 110 74.04 -5.89 20.24
C GLU D 110 72.52 -6.01 20.14
N VAL D 111 71.80 -5.33 21.02
CA VAL D 111 70.34 -5.37 20.98
C VAL D 111 69.83 -4.65 19.74
N TYR D 112 70.38 -3.49 19.43
CA TYR D 112 69.98 -2.71 18.26
C TYR D 112 71.17 -2.59 17.31
N PRO D 113 71.24 -3.43 16.27
CA PRO D 113 72.39 -3.37 15.35
C PRO D 113 72.48 -2.07 14.56
N ASN D 114 71.40 -1.32 14.43
CA ASN D 114 71.45 -0.04 13.73
C ASN D 114 72.37 0.94 14.46
N CYS D 115 72.28 0.99 15.78
CA CYS D 115 73.11 1.88 16.59
C CYS D 115 74.46 1.22 16.87
N GLN D 116 75.21 0.99 15.79
CA GLN D 116 76.51 0.37 15.89
C GLN D 116 77.52 1.32 16.51
N GLN D 117 78.56 0.75 17.11
CA GLN D 117 79.63 1.54 17.72
C GLN D 117 80.51 2.11 16.61
N SER D 118 80.05 3.23 16.04
CA SER D 118 80.75 3.90 14.96
C SER D 118 80.27 5.34 14.90
N THR D 119 80.86 6.12 14.00
CA THR D 119 80.43 7.50 13.82
C THR D 119 79.00 7.56 13.28
N ALA D 120 78.68 6.70 12.31
CA ALA D 120 77.33 6.66 11.77
C ALA D 120 76.33 6.19 12.82
N GLY D 121 76.70 5.20 13.62
CA GLY D 121 75.83 4.75 14.68
C GLY D 121 75.63 5.79 15.75
N LEU D 122 76.67 6.58 16.05
CA LEU D 122 76.53 7.66 17.00
C LEU D 122 75.54 8.72 16.51
N GLN D 123 75.56 9.00 15.21
CA GLN D 123 74.57 9.91 14.65
C GLN D 123 73.17 9.34 14.78
N GLN D 124 73.01 8.04 14.55
CA GLN D 124 71.71 7.41 14.72
C GLN D 124 71.31 7.33 16.20
N PHE D 125 72.29 7.11 17.08
CA PHE D 125 72.00 7.00 18.50
C PHE D 125 71.45 8.32 19.06
N PHE D 126 72.07 9.45 18.67
CA PHE D 126 71.58 10.74 19.12
C PHE D 126 70.24 11.08 18.48
N LYS D 127 70.06 10.71 17.21
CA LYS D 127 68.87 11.08 16.47
C LYS D 127 67.62 10.44 17.05
N GLN D 128 67.71 9.17 17.47
CA GLN D 128 66.52 8.43 17.83
C GLN D 128 65.93 8.88 19.17
N PHE D 129 66.76 9.39 20.08
CA PHE D 129 66.26 9.75 21.40
C PHE D 129 65.34 10.97 21.32
N SER D 130 64.23 10.91 22.07
CA SER D 130 63.27 12.00 22.18
C SER D 130 62.76 12.45 20.81
N PHE D 131 62.52 11.49 19.93
CA PHE D 131 62.17 11.78 18.55
C PHE D 131 60.99 10.92 18.14
N PRO D 132 60.15 11.41 17.23
CA PRO D 132 59.11 10.56 16.65
C PRO D 132 59.72 9.34 15.97
N GLY D 133 59.11 8.18 16.20
CA GLY D 133 59.69 6.94 15.74
C GLY D 133 61.01 6.63 16.41
N GLY D 134 61.12 6.90 17.71
CA GLY D 134 62.35 6.69 18.44
C GLY D 134 62.07 6.35 19.88
N ILE D 135 63.16 6.10 20.61
CA ILE D 135 63.05 5.75 22.03
C ILE D 135 62.57 6.94 22.83
N GLY D 136 61.78 6.68 23.87
CA GLY D 136 61.19 7.73 24.67
C GLY D 136 62.16 8.35 25.66
N SER D 137 61.68 9.42 26.30
CA SER D 137 62.51 10.14 27.27
C SER D 137 62.73 9.33 28.53
N HIS D 138 61.70 8.68 29.03
CA HIS D 138 61.83 7.85 30.23
C HIS D 138 62.40 6.48 29.86
N CYS D 139 62.74 5.71 30.88
CA CYS D 139 63.26 4.35 30.67
C CYS D 139 62.09 3.44 30.35
N THR D 140 61.91 3.16 29.08
CA THR D 140 60.80 2.36 28.56
C THR D 140 61.23 0.90 28.44
N PRO D 141 60.31 0.00 28.07
CA PRO D 141 60.73 -1.37 27.76
C PRO D 141 61.78 -1.48 26.65
N GLU D 142 61.87 -0.49 25.75
CA GLU D 142 62.92 -0.51 24.75
C GLU D 142 64.31 -0.35 25.37
N THR D 143 64.40 0.23 26.55
CA THR D 143 65.69 0.41 27.20
C THR D 143 66.24 -0.92 27.67
N PRO D 144 67.43 -1.32 27.23
CA PRO D 144 68.03 -2.55 27.75
C PRO D 144 68.35 -2.45 29.23
N GLY D 145 68.21 -3.57 29.93
CA GLY D 145 68.52 -3.62 31.35
C GLY D 145 67.63 -2.73 32.20
N SER D 146 66.34 -2.70 31.93
CA SER D 146 65.41 -1.87 32.69
C SER D 146 64.14 -2.66 32.98
N ILE D 147 63.69 -2.62 34.24
CA ILE D 147 62.42 -3.21 34.63
C ILE D 147 61.43 -2.18 35.13
N HIS D 148 61.87 -1.02 35.59
CA HIS D 148 61.01 0.00 36.14
C HIS D 148 60.84 1.12 35.13
N GLU D 149 59.59 1.44 34.79
CA GLU D 149 59.33 2.48 33.81
C GLU D 149 59.78 3.84 34.33
N GLY D 150 59.58 4.11 35.62
CA GLY D 150 60.13 5.27 36.26
C GLY D 150 59.42 6.58 35.99
N GLY D 151 58.44 6.59 35.09
CA GLY D 151 57.72 7.82 34.81
C GLY D 151 56.89 8.28 36.00
N GLU D 152 56.20 7.35 36.64
CA GLU D 152 55.52 7.62 37.90
C GLU D 152 56.50 7.38 39.04
N LEU D 153 56.56 8.33 39.97
CA LEU D 153 57.57 8.32 41.02
C LEU D 153 57.00 7.73 42.30
N GLY D 154 57.85 6.99 43.00
CA GLY D 154 57.49 6.39 44.28
C GLY D 154 57.46 4.87 44.29
N TYR D 155 57.55 4.21 43.13
CA TYR D 155 57.45 2.77 43.04
C TYR D 155 58.80 2.10 42.73
N SER D 156 59.89 2.86 42.76
CA SER D 156 61.18 2.30 42.37
C SER D 156 61.73 1.37 43.43
N LEU D 157 61.60 1.73 44.70
CA LEU D 157 62.17 0.90 45.77
C LEU D 157 61.44 -0.43 45.89
N SER D 158 60.12 -0.42 45.73
CA SER D 158 59.36 -1.66 45.77
C SER D 158 59.79 -2.59 44.64
N HIS D 159 60.04 -2.03 43.45
CA HIS D 159 60.52 -2.85 42.35
C HIS D 159 61.93 -3.37 42.60
N ALA D 160 62.72 -2.67 43.41
CA ALA D 160 64.03 -3.19 43.76
C ALA D 160 63.91 -4.44 44.63
N PHE D 161 63.03 -4.43 45.61
CA PHE D 161 62.86 -5.58 46.49
C PHE D 161 62.19 -6.75 45.76
N GLY D 162 61.26 -6.45 44.87
CA GLY D 162 60.55 -7.51 44.17
C GLY D 162 61.47 -8.32 43.26
N ALA D 163 62.44 -7.65 42.64
CA ALA D 163 63.37 -8.37 41.77
C ALA D 163 64.30 -9.29 42.52
N ALA D 164 64.49 -9.06 43.83
CA ALA D 164 65.38 -9.89 44.64
C ALA D 164 64.62 -10.78 45.61
N LEU D 165 63.35 -11.08 45.31
CA LEU D 165 62.55 -11.82 46.27
C LEU D 165 62.94 -13.29 46.34
N ASP D 166 63.51 -13.84 45.28
CA ASP D 166 63.93 -15.24 45.33
C ASP D 166 65.25 -15.49 44.60
N ASN D 167 66.01 -14.45 44.30
CA ASN D 167 67.33 -14.63 43.71
C ASN D 167 68.36 -14.42 44.82
N PRO D 168 69.07 -15.47 45.24
CA PRO D 168 69.97 -15.29 46.40
C PRO D 168 71.22 -14.50 46.09
N ASP D 169 71.85 -14.74 44.94
CA ASP D 169 73.11 -14.08 44.60
C ASP D 169 72.93 -12.72 43.95
N LEU D 170 71.72 -12.36 43.55
CA LEU D 170 71.50 -11.10 42.87
C LEU D 170 71.67 -9.92 43.81
N ILE D 171 72.26 -8.85 43.31
CA ILE D 171 72.38 -7.59 44.02
C ILE D 171 71.65 -6.53 43.20
N VAL D 172 70.84 -5.71 43.86
CA VAL D 172 70.04 -4.70 43.20
C VAL D 172 70.43 -3.34 43.77
N ALA D 173 70.75 -2.40 42.88
CA ALA D 173 71.12 -1.05 43.28
C ALA D 173 70.03 -0.10 42.79
N CYS D 174 69.26 0.44 43.73
CA CYS D 174 68.17 1.36 43.42
C CYS D 174 68.59 2.77 43.81
N VAL D 175 68.51 3.69 42.85
CA VAL D 175 68.84 5.10 43.07
C VAL D 175 67.55 5.83 43.38
N ILE D 176 67.51 6.54 44.49
CA ILE D 176 66.30 7.22 44.96
C ILE D 176 66.53 8.71 44.94
N GLY D 177 65.64 9.44 44.26
CA GLY D 177 65.69 10.88 44.31
C GLY D 177 65.04 11.43 45.57
N ASP D 178 65.56 12.57 46.02
CA ASP D 178 65.05 13.22 47.21
C ASP D 178 63.59 13.59 46.99
N GLY D 179 63.30 14.21 45.85
CA GLY D 179 61.93 14.58 45.55
C GLY D 179 61.01 13.37 45.50
N GLU D 180 61.50 12.27 44.93
CA GLU D 180 60.72 11.03 44.88
C GLU D 180 60.41 10.51 46.28
N ALA D 181 61.29 10.74 47.24
CA ALA D 181 61.09 10.29 48.61
C ALA D 181 59.95 11.02 49.31
N GLU D 182 59.49 12.14 48.76
CA GLU D 182 58.32 12.80 49.32
C GLU D 182 57.04 12.00 49.10
N THR D 183 57.01 11.14 48.07
CA THR D 183 55.80 10.39 47.77
C THR D 183 55.49 9.39 48.88
N GLY D 184 54.19 9.15 49.08
CA GLY D 184 53.72 8.21 50.08
C GLY D 184 54.17 6.78 49.89
N PRO D 185 54.04 6.23 48.67
CA PRO D 185 54.53 4.85 48.45
C PRO D 185 56.01 4.66 48.72
N LEU D 186 56.84 5.67 48.47
CA LEU D 186 58.26 5.50 48.75
C LEU D 186 58.57 5.61 50.24
N ALA D 187 57.80 6.40 50.97
CA ALA D 187 58.05 6.54 52.41
C ALA D 187 57.86 5.21 53.13
N THR D 188 56.83 4.46 52.76
CA THR D 188 56.59 3.16 53.38
C THR D 188 57.57 2.10 52.89
N SER D 189 57.97 2.16 51.62
CA SER D 189 58.73 1.10 50.99
C SER D 189 60.10 0.89 51.62
N TRP D 190 60.57 1.83 52.44
CA TRP D 190 61.83 1.62 53.16
C TRP D 190 61.72 0.43 54.12
N HIS D 191 60.56 0.25 54.73
CA HIS D 191 60.36 -0.82 55.71
C HIS D 191 60.41 -2.21 55.10
N SER D 192 60.47 -2.32 53.77
CA SER D 192 60.49 -3.62 53.10
C SER D 192 61.76 -4.42 53.38
N ASN D 193 62.78 -3.80 53.98
CA ASN D 193 63.97 -4.54 54.39
C ASN D 193 63.63 -5.63 55.40
N LYS D 194 62.65 -5.37 56.27
CA LYS D 194 62.26 -6.35 57.28
C LYS D 194 61.67 -7.60 56.64
N PHE D 195 60.83 -7.43 55.62
CA PHE D 195 60.22 -8.59 54.97
C PHE D 195 61.22 -9.37 54.14
N LEU D 196 62.30 -8.73 53.69
CA LEU D 196 63.31 -9.43 52.91
C LEU D 196 64.06 -10.41 53.79
N ASN D 197 64.30 -11.62 53.26
CA ASN D 197 64.95 -12.66 54.02
C ASN D 197 66.40 -12.77 53.58
N PRO D 198 67.37 -12.42 54.42
CA PRO D 198 68.78 -12.47 54.00
C PRO D 198 69.29 -13.86 53.68
N ALA D 199 68.64 -14.91 54.20
CA ALA D 199 69.18 -16.25 54.04
C ALA D 199 69.02 -16.77 52.62
N GLN D 200 67.84 -16.58 52.02
CA GLN D 200 67.53 -17.17 50.73
C GLN D 200 67.36 -16.15 49.61
N ASP D 201 67.49 -14.87 49.89
CA ASP D 201 67.27 -13.83 48.89
C ASP D 201 68.53 -12.99 48.71
N GLY D 202 68.49 -12.15 47.69
CA GLY D 202 69.58 -11.23 47.43
C GLY D 202 69.51 -10.00 48.31
N ALA D 203 70.47 -9.11 48.09
CA ALA D 203 70.58 -7.87 48.84
C ALA D 203 70.33 -6.69 47.93
N VAL D 204 69.53 -5.74 48.41
CA VAL D 204 69.20 -4.53 47.68
C VAL D 204 69.94 -3.37 48.33
N LEU D 205 70.70 -2.62 47.53
CA LEU D 205 71.47 -1.49 48.04
C LEU D 205 70.80 -0.20 47.59
N PRO D 206 70.08 0.49 48.48
CA PRO D 206 69.43 1.74 48.08
C PRO D 206 70.40 2.90 48.15
N ILE D 207 70.31 3.77 47.15
CA ILE D 207 71.15 4.97 47.07
C ILE D 207 70.24 6.18 46.99
N LEU D 208 70.45 7.13 47.87
CA LEU D 208 69.63 8.34 47.94
C LEU D 208 70.35 9.47 47.23
N HIS D 209 69.75 9.98 46.15
CA HIS D 209 70.33 11.08 45.40
C HIS D 209 69.77 12.39 45.94
N LEU D 210 70.33 12.83 47.06
CA LEU D 210 69.87 14.04 47.75
C LEU D 210 70.51 15.28 47.10
N ASN D 211 70.11 15.54 45.85
CA ASN D 211 70.70 16.65 45.10
C ASN D 211 70.26 18.00 45.64
N GLY D 212 69.15 18.06 46.38
CA GLY D 212 68.73 19.26 47.04
C GLY D 212 67.59 20.02 46.39
N TYR D 213 67.31 19.75 45.11
CA TYR D 213 66.32 20.52 44.39
C TYR D 213 65.45 19.61 43.53
N LYS D 214 64.18 19.97 43.42
CA LYS D 214 63.25 19.37 42.49
C LYS D 214 63.26 20.17 41.18
N ILE D 215 62.17 20.07 40.43
CA ILE D 215 62.02 20.81 39.19
C ILE D 215 61.76 22.29 39.49
N ALA D 216 61.19 22.58 40.65
CA ALA D 216 60.91 23.97 41.02
C ALA D 216 60.99 24.28 42.51
N ASN D 217 61.39 23.34 43.36
CA ASN D 217 61.43 23.63 44.79
C ASN D 217 62.58 22.86 45.42
N PRO D 218 63.17 23.38 46.51
CA PRO D 218 64.08 22.55 47.30
C PRO D 218 63.36 21.34 47.88
N THR D 219 64.07 20.22 47.93
CA THR D 219 63.48 18.98 48.42
C THR D 219 63.37 19.01 49.93
N LEU D 220 62.38 18.27 50.44
CA LEU D 220 62.13 18.25 51.88
C LEU D 220 63.26 17.56 52.64
N LEU D 221 63.77 16.47 52.09
CA LEU D 221 64.80 15.70 52.80
C LEU D 221 66.17 16.36 52.76
N SER D 222 66.39 17.32 51.87
CA SER D 222 67.65 18.05 51.88
C SER D 222 67.62 19.23 52.85
N ARG D 223 66.43 19.71 53.19
CA ARG D 223 66.27 20.84 54.09
C ARG D 223 66.06 20.41 55.54
N ILE D 224 66.23 19.14 55.85
CA ILE D 224 66.27 18.70 57.23
C ILE D 224 67.74 18.57 57.64
N SER D 225 67.98 18.61 58.95
CA SER D 225 69.35 18.56 59.45
C SER D 225 69.93 17.17 59.21
N HIS D 226 71.28 17.13 59.20
CA HIS D 226 71.97 15.86 58.99
C HIS D 226 71.68 14.88 60.11
N GLU D 227 71.56 15.38 61.34
CA GLU D 227 71.24 14.52 62.47
C GLU D 227 69.83 13.93 62.33
N GLU D 228 68.85 14.77 61.98
CA GLU D 228 67.49 14.28 61.83
C GLU D 228 67.37 13.32 60.67
N LEU D 229 68.09 13.59 59.58
CA LEU D 229 68.10 12.66 58.45
C LEU D 229 68.69 11.31 58.85
N ARG D 230 69.76 11.33 59.63
CA ARG D 230 70.34 10.08 60.10
C ARG D 230 69.40 9.37 61.06
N SER D 231 68.67 10.12 61.88
CA SER D 231 67.67 9.50 62.76
C SER D 231 66.55 8.87 61.95
N LEU D 232 66.11 9.53 60.87
CA LEU D 232 65.01 9.01 60.08
C LEU D 232 65.37 7.70 59.40
N PHE D 233 66.57 7.61 58.83
CA PHE D 233 66.96 6.40 58.12
C PHE D 233 67.44 5.28 59.04
N ILE D 234 67.78 5.61 60.29
CA ILE D 234 68.00 4.55 61.28
C ILE D 234 66.68 3.90 61.64
N GLY D 235 65.63 4.70 61.80
CA GLY D 235 64.32 4.16 62.13
C GLY D 235 63.77 3.25 61.06
N TYR D 236 64.11 3.51 59.79
CA TYR D 236 63.73 2.59 58.71
C TYR D 236 64.51 1.29 58.77
N GLY D 237 65.59 1.24 59.54
CA GLY D 237 66.37 0.03 59.69
C GLY D 237 67.61 -0.07 58.83
N TYR D 238 67.99 1.00 58.15
CA TYR D 238 69.15 0.99 57.28
C TYR D 238 70.36 1.60 57.97
N GLU D 239 71.54 1.13 57.58
CA GLU D 239 72.78 1.72 58.05
C GLU D 239 73.12 2.90 57.15
N PRO D 240 73.10 4.14 57.64
CA PRO D 240 73.29 5.29 56.76
C PRO D 240 74.75 5.62 56.51
N PHE D 241 75.11 5.83 55.25
CA PHE D 241 76.42 6.33 54.86
C PHE D 241 76.24 7.59 54.01
N PHE D 242 77.09 8.58 54.26
CA PHE D 242 76.95 9.90 53.66
C PHE D 242 78.15 10.19 52.78
N VAL D 243 77.89 10.55 51.52
CA VAL D 243 78.91 11.00 50.59
C VAL D 243 78.51 12.39 50.13
N GLU D 244 79.38 13.37 50.33
CA GLU D 244 79.08 14.76 50.06
C GLU D 244 80.20 15.39 49.24
N GLY D 245 79.93 16.57 48.71
CA GLY D 245 80.93 17.34 47.99
C GLY D 245 80.59 17.46 46.52
N ASN D 246 81.44 18.22 45.82
CA ASN D 246 81.28 18.42 44.39
C ASN D 246 82.62 18.36 43.64
N ASP D 247 83.69 17.88 44.27
CA ASP D 247 84.98 17.77 43.62
C ASP D 247 85.15 16.34 43.11
N PRO D 248 85.26 16.13 41.80
CA PRO D 248 85.38 14.75 41.28
C PRO D 248 86.58 13.99 41.82
N ALA D 249 87.71 14.66 42.04
CA ALA D 249 88.88 13.98 42.59
C ALA D 249 88.60 13.45 44.00
N ILE D 250 87.95 14.27 44.83
CA ILE D 250 87.54 13.80 46.15
C ILE D 250 86.41 12.79 46.03
N LEU D 251 85.42 13.06 45.16
CA LEU D 251 84.22 12.25 45.11
C LEU D 251 84.49 10.85 44.59
N HIS D 252 85.45 10.69 43.69
CA HIS D 252 85.79 9.35 43.20
C HIS D 252 86.31 8.47 44.32
N GLY D 253 87.21 9.01 45.15
CA GLY D 253 87.77 8.22 46.23
C GLY D 253 86.76 7.88 47.31
N VAL D 254 85.93 8.85 47.69
CA VAL D 254 84.98 8.63 48.77
C VAL D 254 83.88 7.66 48.35
N MET D 255 83.34 7.84 47.15
CA MET D 255 82.21 7.01 46.73
C MET D 255 82.63 5.57 46.44
N ALA D 256 83.84 5.39 45.89
CA ALA D 256 84.35 4.04 45.69
C ALA D 256 84.63 3.35 47.03
N SER D 257 85.13 4.10 48.01
CA SER D 257 85.36 3.54 49.33
C SER D 257 84.06 3.13 50.00
N THR D 258 83.03 3.99 49.90
CA THR D 258 81.76 3.68 50.53
C THR D 258 81.09 2.47 49.89
N LEU D 259 81.18 2.35 48.55
CA LEU D 259 80.62 1.19 47.88
C LEU D 259 81.29 -0.10 48.32
N ALA D 260 82.62 -0.08 48.43
CA ALA D 260 83.33 -1.27 48.91
C ALA D 260 82.99 -1.58 50.36
N THR D 261 82.77 -0.53 51.17
CA THR D 261 82.37 -0.73 52.55
C THR D 261 81.01 -1.42 52.64
N CYS D 262 80.07 -1.00 51.79
CA CYS D 262 78.71 -1.52 51.88
C CYS D 262 78.61 -2.94 51.35
N VAL D 263 79.29 -3.25 50.25
CA VAL D 263 79.13 -4.55 49.62
C VAL D 263 79.70 -5.66 50.50
N GLN D 264 80.80 -5.38 51.21
CA GLN D 264 81.36 -6.38 52.11
C GLN D 264 80.43 -6.65 53.28
N LYS D 265 79.76 -5.59 53.79
CA LYS D 265 78.73 -5.80 54.79
C LYS D 265 77.56 -6.59 54.22
N ILE D 266 77.22 -6.35 52.96
CA ILE D 266 76.17 -7.12 52.29
C ILE D 266 76.58 -8.60 52.20
N GLN D 267 77.83 -8.85 51.83
CA GLN D 267 78.31 -10.22 51.78
C GLN D 267 78.44 -10.82 53.18
N ALA D 268 78.83 -9.99 54.16
CA ALA D 268 78.89 -10.47 55.54
C ALA D 268 77.51 -10.83 56.06
N ILE D 269 76.51 -10.01 55.75
CA ILE D 269 75.15 -10.28 56.20
C ILE D 269 74.61 -11.54 55.55
N GLN D 270 74.82 -11.69 54.24
CA GLN D 270 74.33 -12.87 53.53
C GLN D 270 75.03 -14.14 54.01
N ALA D 271 76.35 -14.06 54.23
CA ALA D 271 77.08 -15.23 54.71
C ALA D 271 76.66 -15.61 56.12
N ALA D 272 76.46 -14.61 56.99
CA ALA D 272 76.02 -14.88 58.35
C ALA D 272 74.62 -15.50 58.37
N ALA D 273 73.73 -15.01 57.50
CA ALA D 273 72.38 -15.56 57.44
C ALA D 273 72.37 -17.00 56.95
N ARG D 274 73.15 -17.29 55.91
CA ARG D 274 73.18 -18.65 55.38
C ARG D 274 73.88 -19.61 56.33
N SER D 275 74.87 -19.13 57.08
CA SER D 275 75.48 -19.96 58.11
C SER D 275 74.55 -20.20 59.29
N GLY D 276 73.59 -19.32 59.50
CA GLY D 276 72.63 -19.47 60.59
C GLY D 276 73.13 -18.98 61.94
N GLU D 277 74.34 -18.44 62.03
CA GLU D 277 74.86 -17.99 63.31
C GLU D 277 74.21 -16.69 63.76
N SER D 278 73.78 -15.86 62.82
CA SER D 278 73.18 -14.55 63.12
C SER D 278 71.79 -14.52 62.48
N SER D 279 70.80 -15.00 63.24
CA SER D 279 69.41 -15.01 62.78
C SER D 279 68.68 -13.83 63.41
N ASP D 280 68.95 -12.65 62.88
CA ASP D 280 68.31 -11.42 63.34
C ASP D 280 68.29 -10.41 62.21
N ARG D 281 67.42 -9.42 62.34
CA ARG D 281 67.31 -8.39 61.31
C ARG D 281 68.50 -7.46 61.36
N PRO D 282 69.30 -7.38 60.29
CA PRO D 282 70.48 -6.51 60.32
C PRO D 282 70.22 -5.13 59.73
N MET D 283 71.04 -4.15 60.13
CA MET D 283 70.98 -2.82 59.53
C MET D 283 71.56 -2.89 58.13
N TRP D 284 70.73 -2.75 57.11
CA TRP D 284 71.20 -2.83 55.74
C TRP D 284 71.97 -1.56 55.38
N PRO D 285 73.01 -1.66 54.56
CA PRO D 285 73.75 -0.47 54.14
C PRO D 285 72.94 0.40 53.19
N MET D 286 73.25 1.69 53.21
CA MET D 286 72.60 2.68 52.35
C MET D 286 73.54 3.85 52.16
N ILE D 287 73.47 4.48 50.99
CA ILE D 287 74.37 5.55 50.60
C ILE D 287 73.56 6.81 50.32
N VAL D 288 74.04 7.94 50.84
CA VAL D 288 73.41 9.24 50.64
C VAL D 288 74.38 10.12 49.86
N LEU D 289 73.90 10.72 48.78
CA LEU D 289 74.70 11.57 47.91
C LEU D 289 74.21 13.01 48.00
N ARG D 290 75.12 13.93 48.33
CA ARG D 290 74.81 15.35 48.43
C ARG D 290 75.35 16.12 47.22
N THR D 291 75.66 15.43 46.13
CA THR D 291 76.21 16.10 44.96
C THR D 291 75.18 17.05 44.36
N PRO D 292 75.60 18.25 43.96
CA PRO D 292 74.66 19.21 43.38
C PRO D 292 74.08 18.72 42.06
N LYS D 293 72.84 19.13 41.79
CA LYS D 293 72.18 18.69 40.57
C LYS D 293 72.83 19.32 39.35
N GLY D 294 73.21 18.48 38.39
CA GLY D 294 73.89 18.97 37.20
C GLY D 294 75.22 19.60 37.49
N TRP D 295 76.01 19.00 38.38
CA TRP D 295 77.27 19.60 38.81
C TRP D 295 78.38 19.47 37.77
N THR D 296 78.14 18.76 36.67
CA THR D 296 79.09 18.67 35.57
C THR D 296 78.68 19.53 34.38
N GLY D 297 77.63 20.33 34.52
CA GLY D 297 77.12 21.11 33.42
C GLY D 297 77.42 22.59 33.57
N PRO D 298 76.69 23.42 32.81
CA PRO D 298 76.89 24.87 32.91
C PRO D 298 76.49 25.40 34.27
N ALA D 299 77.20 26.44 34.72
CA ALA D 299 76.97 27.03 36.03
C ALA D 299 75.97 28.19 35.97
N THR D 300 76.27 29.20 35.16
CA THR D 300 75.41 30.36 35.01
C THR D 300 75.23 30.63 33.51
N ILE D 301 73.99 30.89 33.11
CA ILE D 301 73.68 31.07 31.69
C ILE D 301 73.01 32.41 31.46
N LYS D 302 71.89 32.65 32.15
CA LYS D 302 71.10 33.86 31.98
C LYS D 302 71.07 34.68 33.27
N GLY D 303 72.24 34.83 33.90
CA GLY D 303 72.32 35.55 35.15
C GLY D 303 71.81 34.80 36.35
N HIS D 304 71.54 33.50 36.22
CA HIS D 304 71.04 32.68 37.31
C HIS D 304 71.86 31.41 37.40
N VAL D 305 71.92 30.83 38.60
CA VAL D 305 72.72 29.64 38.85
C VAL D 305 71.99 28.44 38.28
N VAL D 306 72.52 27.88 37.18
CA VAL D 306 71.90 26.72 36.53
C VAL D 306 72.50 25.39 37.00
N GLU D 307 73.50 25.42 37.86
CA GLU D 307 74.14 24.22 38.38
C GLU D 307 73.86 24.09 39.87
N GLY D 308 73.39 22.92 40.29
CA GLY D 308 73.09 22.70 41.68
C GLY D 308 71.86 23.42 42.18
N SER D 309 70.92 23.73 41.29
CA SER D 309 69.69 24.40 41.65
C SER D 309 68.54 23.75 40.90
N TRP D 310 67.32 24.23 41.17
CA TRP D 310 66.14 23.67 40.51
C TRP D 310 66.12 24.00 39.02
N ARG D 311 66.88 24.99 38.58
CA ARG D 311 66.93 25.33 37.16
C ARG D 311 67.61 24.25 36.33
N SER D 312 68.41 23.40 36.96
CA SER D 312 69.12 22.34 36.24
C SER D 312 68.21 21.22 35.78
N HIS D 313 66.95 21.18 36.23
CA HIS D 313 66.06 20.09 35.89
C HIS D 313 65.56 20.24 34.47
N GLN D 314 65.96 19.31 33.60
CA GLN D 314 65.40 19.07 32.28
C GLN D 314 65.74 20.15 31.26
N VAL D 315 66.30 21.28 31.71
CA VAL D 315 66.62 22.38 30.81
C VAL D 315 67.88 23.06 31.34
N PRO D 316 69.03 22.85 30.71
CA PRO D 316 70.17 23.73 30.96
C PRO D 316 69.92 25.12 30.41
N MET D 317 69.56 25.20 29.12
CA MET D 317 69.18 26.45 28.49
C MET D 317 67.89 26.23 27.70
N ALA D 318 66.99 27.22 27.79
CA ALA D 318 65.67 27.06 27.19
C ALA D 318 65.73 27.10 25.67
N ASP D 319 66.44 28.09 25.13
CA ASP D 319 66.49 28.32 23.69
C ASP D 319 67.93 28.22 23.20
N VAL D 320 68.13 27.47 22.11
CA VAL D 320 69.43 27.30 21.48
C VAL D 320 69.42 27.80 20.05
N LEU D 321 68.39 27.42 19.28
CA LEU D 321 68.29 27.86 17.89
C LEU D 321 68.08 29.36 17.80
N THR D 322 67.26 29.92 18.68
CA THR D 322 66.97 31.35 18.63
C THR D 322 68.18 32.18 19.02
N ASN D 323 68.87 31.81 20.09
CA ASN D 323 69.98 32.59 20.60
C ASN D 323 71.30 31.92 20.26
N PRO D 324 72.12 32.50 19.38
CA PRO D 324 73.43 31.91 19.09
C PRO D 324 74.38 31.93 20.27
N GLU D 325 74.17 32.83 21.24
CA GLU D 325 75.02 32.86 22.42
C GLU D 325 74.89 31.58 23.22
N HIS D 326 73.67 31.09 23.40
CA HIS D 326 73.46 29.82 24.10
C HIS D 326 74.08 28.66 23.34
N LEU D 327 73.99 28.70 22.00
CA LEU D 327 74.61 27.65 21.19
C LEU D 327 76.12 27.65 21.38
N GLN D 328 76.73 28.84 21.48
CA GLN D 328 78.15 28.92 21.78
C GLN D 328 78.44 28.38 23.18
N LEU D 329 77.59 28.71 24.16
CA LEU D 329 77.74 28.13 25.49
C LEU D 329 77.51 26.63 25.46
N LEU D 330 76.56 26.17 24.64
CA LEU D 330 76.34 24.74 24.48
C LEU D 330 77.56 24.06 23.87
N GLU D 331 78.17 24.69 22.86
CA GLU D 331 79.35 24.09 22.25
C GLU D 331 80.50 24.02 23.25
N ASP D 332 80.67 25.06 24.07
CA ASP D 332 81.69 25.02 25.10
C ASP D 332 81.40 23.94 26.15
N TRP D 333 80.12 23.67 26.41
CA TRP D 333 79.76 22.61 27.33
C TRP D 333 80.21 21.25 26.82
N LEU D 334 80.01 20.99 25.53
CA LEU D 334 80.45 19.71 24.96
C LEU D 334 81.97 19.64 24.91
N ARG D 335 82.64 20.77 24.69
CA ARG D 335 84.11 20.77 24.67
C ARG D 335 84.70 20.52 26.05
N SER D 336 83.96 20.79 27.12
CA SER D 336 84.48 20.62 28.46
C SER D 336 84.78 19.16 28.80
N TYR D 337 84.11 18.22 28.14
CA TYR D 337 84.37 16.80 28.36
C TYR D 337 85.58 16.29 27.60
N ARG D 338 86.13 17.10 26.68
CA ARG D 338 87.22 16.72 25.79
C ARG D 338 86.87 15.42 25.06
N PRO D 339 85.91 15.46 24.12
CA PRO D 339 85.49 14.23 23.45
C PRO D 339 86.52 13.66 22.50
N GLU D 340 87.55 14.42 22.13
CA GLU D 340 88.53 13.96 21.15
C GLU D 340 89.31 12.76 21.67
N GLU D 341 89.69 12.78 22.94
CA GLU D 341 90.45 11.68 23.52
C GLU D 341 89.59 10.46 23.83
N LEU D 342 88.28 10.66 24.02
CA LEU D 342 87.40 9.56 24.41
C LEU D 342 87.08 8.62 23.26
N PHE D 343 87.00 9.14 22.03
CA PHE D 343 86.61 8.35 20.87
C PHE D 343 87.72 8.38 19.83
N ASP D 344 87.79 7.32 19.03
CA ASP D 344 88.77 7.22 17.96
C ASP D 344 88.23 7.90 16.70
N ALA D 345 88.92 7.69 15.57
CA ALA D 345 88.45 8.23 14.31
C ALA D 345 87.14 7.58 13.88
N SER D 346 86.99 6.28 14.11
CA SER D 346 85.78 5.58 13.71
C SER D 346 84.58 5.94 14.57
N GLY D 347 84.81 6.52 15.75
CA GLY D 347 83.74 6.87 16.66
C GLY D 347 83.52 5.91 17.80
N ALA D 348 84.16 4.74 17.76
CA ALA D 348 84.07 3.80 18.84
C ALA D 348 84.83 4.31 20.06
N PRO D 349 84.46 3.87 21.26
CA PRO D 349 85.25 4.24 22.45
C PRO D 349 86.66 3.67 22.36
N VAL D 350 87.60 4.38 22.98
CA VAL D 350 89.01 4.02 22.94
C VAL D 350 89.25 2.75 23.75
N ALA D 351 90.43 2.16 23.59
CA ALA D 351 90.75 0.91 24.28
C ALA D 351 90.76 1.05 25.79
N GLU D 352 90.99 2.27 26.30
CA GLU D 352 90.90 2.49 27.75
C GLU D 352 89.49 2.24 28.25
N LEU D 353 88.48 2.71 27.51
CA LEU D 353 87.10 2.50 27.91
C LEU D 353 86.65 1.06 27.71
N GLN D 354 87.17 0.40 26.66
CA GLN D 354 86.76 -0.97 26.38
C GLN D 354 87.22 -1.93 27.47
N ALA D 355 88.44 -1.73 27.98
CA ALA D 355 88.99 -2.65 28.98
C ALA D 355 88.20 -2.59 30.28
N ILE D 356 87.80 -1.39 30.72
CA ILE D 356 87.11 -1.25 31.99
C ILE D 356 85.64 -1.62 31.92
N ALA D 357 85.13 -1.92 30.74
CA ALA D 357 83.73 -2.32 30.62
C ALA D 357 83.57 -3.78 31.03
N PRO D 358 82.42 -4.12 31.64
CA PRO D 358 82.15 -5.54 31.94
C PRO D 358 82.06 -6.37 30.68
N ILE D 359 82.41 -7.64 30.81
CA ILE D 359 82.56 -8.55 29.68
C ILE D 359 81.46 -9.60 29.75
N GLY D 360 80.78 -9.82 28.63
CA GLY D 360 79.80 -10.88 28.53
C GLY D 360 78.51 -10.57 29.27
N ASP D 361 77.93 -11.63 29.84
CA ASP D 361 76.64 -11.53 30.52
C ASP D 361 76.70 -10.76 31.83
N ARG D 362 77.90 -10.50 32.35
CA ARG D 362 78.03 -9.76 33.60
C ARG D 362 77.64 -8.29 33.47
N ARG D 363 77.45 -7.80 32.25
CA ARG D 363 77.04 -6.41 32.06
C ARG D 363 75.67 -6.17 32.66
N MET D 364 75.56 -5.08 33.43
CA MET D 364 74.32 -4.79 34.13
C MET D 364 73.17 -4.50 33.17
N SER D 365 73.47 -3.85 32.04
CA SER D 365 72.46 -3.60 31.03
C SER D 365 72.09 -4.85 30.25
N ALA D 366 72.87 -5.93 30.36
CA ALA D 366 72.61 -7.17 29.66
C ALA D 366 72.30 -8.33 30.59
N ASN D 367 71.95 -8.04 31.84
CA ASN D 367 71.64 -9.09 32.80
C ASN D 367 70.34 -9.79 32.40
N PRO D 368 70.29 -11.13 32.42
CA PRO D 368 69.05 -11.83 32.06
C PRO D 368 67.91 -11.60 33.02
N VAL D 369 68.19 -11.11 34.24
CA VAL D 369 67.13 -10.86 35.21
C VAL D 369 66.21 -9.76 34.72
N THR D 370 66.77 -8.73 34.09
CA THR D 370 65.96 -7.63 33.57
C THR D 370 65.00 -8.12 32.48
N ASN D 371 65.48 -8.97 31.57
CA ASN D 371 64.62 -9.62 30.60
C ASN D 371 64.17 -10.96 31.16
N GLY D 372 63.26 -10.88 32.13
CA GLY D 372 62.91 -12.02 32.95
C GLY D 372 62.18 -13.13 32.21
N GLY D 373 61.65 -12.83 31.02
CA GLY D 373 60.95 -13.87 30.27
C GLY D 373 61.87 -15.02 29.87
N LEU D 374 63.13 -14.71 29.59
CA LEU D 374 64.10 -15.77 29.33
C LEU D 374 64.33 -16.62 30.57
N LEU D 375 64.37 -15.99 31.74
CA LEU D 375 64.58 -16.69 32.99
C LEU D 375 63.33 -17.43 33.46
N ARG D 376 62.17 -17.13 32.88
CA ARG D 376 60.91 -17.68 33.35
C ARG D 376 60.78 -19.16 33.01
N ARG D 377 60.36 -19.95 33.98
CA ARG D 377 60.03 -21.36 33.79
C ARG D 377 58.55 -21.56 34.05
N ALA D 378 57.93 -22.46 33.29
CA ALA D 378 56.49 -22.69 33.41
C ALA D 378 56.15 -23.24 34.79
N LEU D 379 55.04 -22.76 35.35
CA LEU D 379 54.65 -23.15 36.69
C LEU D 379 54.11 -24.57 36.68
N THR D 380 54.59 -25.39 37.61
CA THR D 380 54.10 -26.75 37.79
C THR D 380 52.98 -26.72 38.81
N LEU D 381 51.77 -27.04 38.38
CA LEU D 381 50.61 -26.96 39.24
C LEU D 381 49.83 -28.26 39.21
N PRO D 382 49.25 -28.68 40.33
CA PRO D 382 48.44 -29.90 40.34
C PRO D 382 47.08 -29.66 39.71
N ASP D 383 46.39 -30.77 39.44
CA ASP D 383 45.04 -30.69 38.92
C ASP D 383 44.11 -30.13 39.98
N PHE D 384 43.32 -29.12 39.60
CA PHE D 384 42.43 -28.48 40.56
C PHE D 384 41.23 -29.34 40.91
N ARG D 385 40.94 -30.38 40.11
CA ARG D 385 39.80 -31.23 40.38
C ARG D 385 39.95 -32.02 41.67
N ASP D 386 41.17 -32.15 42.18
CA ASP D 386 41.37 -32.79 43.48
C ASP D 386 40.78 -31.94 44.61
N GLN D 387 40.95 -30.64 44.54
CA GLN D 387 40.49 -29.73 45.59
C GLN D 387 39.09 -29.18 45.34
N ALA D 388 38.46 -29.53 44.21
CA ALA D 388 37.14 -29.01 43.91
C ALA D 388 36.09 -29.66 44.80
N VAL D 389 35.08 -28.88 45.18
CA VAL D 389 33.99 -29.42 45.98
C VAL D 389 33.09 -30.29 45.12
N SER D 390 32.39 -31.20 45.77
CA SER D 390 31.47 -32.12 45.11
C SER D 390 30.05 -31.59 45.23
N VAL D 391 29.35 -31.51 44.11
CA VAL D 391 27.98 -31.02 44.08
C VAL D 391 27.09 -32.09 43.45
N PRO D 392 26.21 -32.73 44.22
CA PRO D 392 25.26 -33.66 43.61
C PRO D 392 24.18 -32.94 42.81
N ALA D 393 23.63 -31.85 43.35
CA ALA D 393 22.61 -31.07 42.68
C ALA D 393 23.05 -29.63 42.59
N PRO D 394 23.03 -29.02 41.40
CA PRO D 394 23.49 -27.63 41.27
C PRO D 394 22.51 -26.67 41.92
N GLY D 395 23.04 -25.76 42.72
CA GLY D 395 22.23 -24.75 43.37
C GLY D 395 21.60 -25.15 44.67
N LYS D 396 21.80 -26.39 45.12
CA LYS D 396 21.18 -26.86 46.35
C LYS D 396 22.16 -27.10 47.49
N SER D 397 23.45 -27.18 47.20
CA SER D 397 24.47 -27.43 48.20
C SER D 397 25.22 -26.15 48.49
N ARG D 398 25.38 -25.83 49.77
CA ARG D 398 25.97 -24.58 50.21
C ARG D 398 27.33 -24.84 50.83
N ALA D 399 28.36 -24.18 50.30
CA ALA D 399 29.70 -24.32 50.83
C ALA D 399 30.49 -23.04 50.53
N ASP D 400 31.41 -22.71 51.42
CA ASP D 400 32.22 -21.51 51.24
C ASP D 400 33.18 -21.71 50.07
N SER D 401 33.36 -20.65 49.29
CA SER D 401 34.16 -20.73 48.07
C SER D 401 35.63 -20.38 48.29
N THR D 402 35.99 -19.86 49.46
CA THR D 402 37.38 -19.49 49.70
C THR D 402 38.25 -20.70 49.99
N ARG D 403 37.70 -21.68 50.72
CA ARG D 403 38.50 -22.84 51.12
C ARG D 403 39.06 -23.66 49.96
N PRO D 404 38.31 -23.98 48.90
CA PRO D 404 38.94 -24.70 47.78
C PRO D 404 40.08 -23.93 47.13
N LEU D 405 39.98 -22.61 47.05
CA LEU D 405 41.07 -21.82 46.47
C LEU D 405 42.30 -21.85 47.37
N GLY D 406 42.09 -21.76 48.68
CA GLY D 406 43.23 -21.79 49.60
C GLY D 406 43.98 -23.11 49.56
N GLN D 407 43.25 -24.22 49.47
CA GLN D 407 43.91 -25.51 49.34
C GLN D 407 44.68 -25.61 48.02
N PHE D 408 44.10 -25.08 46.94
CA PHE D 408 44.78 -25.13 45.65
C PHE D 408 46.05 -24.30 45.66
N LEU D 409 46.01 -23.13 46.30
CA LEU D 409 47.22 -22.30 46.39
C LEU D 409 48.27 -22.96 47.28
N ARG D 410 47.84 -23.69 48.31
CA ARG D 410 48.80 -24.41 49.15
C ARG D 410 49.55 -25.47 48.35
N GLU D 411 48.84 -26.21 47.49
CA GLU D 411 49.48 -27.24 46.70
C GLU D 411 50.48 -26.65 45.69
N VAL D 412 50.15 -25.49 45.14
CA VAL D 412 51.08 -24.83 44.21
C VAL D 412 52.36 -24.41 44.93
N ILE D 413 52.23 -23.99 46.19
CA ILE D 413 53.39 -23.57 46.97
C ILE D 413 54.36 -24.73 47.17
N ARG D 414 53.83 -25.91 47.53
CA ARG D 414 54.70 -27.07 47.74
C ARG D 414 55.36 -27.50 46.43
N HIS D 415 54.60 -27.52 45.33
CA HIS D 415 55.15 -27.93 44.06
C HIS D 415 56.06 -26.89 43.44
N ASN D 416 55.94 -25.63 43.84
CA ASN D 416 56.77 -24.53 43.36
C ASN D 416 57.30 -23.76 44.55
N PRO D 417 58.29 -24.31 45.27
CA PRO D 417 58.73 -23.67 46.52
C PRO D 417 59.56 -22.42 46.30
N ASP D 418 60.08 -22.19 45.09
CA ASP D 418 60.97 -21.07 44.85
C ASP D 418 60.32 -19.93 44.06
N ASN D 419 59.69 -20.23 42.93
CA ASN D 419 59.20 -19.19 42.03
C ASN D 419 57.72 -18.90 42.22
N PHE D 420 57.22 -18.92 43.45
CA PHE D 420 55.82 -18.59 43.71
C PHE D 420 55.69 -17.97 45.08
N ARG D 421 54.93 -16.88 45.18
CA ARG D 421 54.67 -16.21 46.43
C ARG D 421 53.25 -15.66 46.44
N LEU D 422 52.75 -15.37 47.64
CA LEU D 422 51.43 -14.80 47.83
C LEU D 422 51.53 -13.44 48.51
N PHE D 423 50.57 -12.57 48.22
CA PHE D 423 50.58 -11.21 48.74
C PHE D 423 49.19 -10.85 49.24
N GLY D 424 49.12 -10.30 50.46
CA GLY D 424 47.87 -9.89 51.04
C GLY D 424 48.05 -8.76 52.03
N PRO D 425 47.05 -7.87 52.13
CA PRO D 425 47.13 -6.74 53.07
C PRO D 425 46.53 -7.08 54.44
N ASP D 426 47.08 -8.11 55.08
CA ASP D 426 46.54 -8.66 56.33
C ASP D 426 45.07 -9.02 56.17
N GLU D 427 44.75 -9.62 55.03
CA GLU D 427 43.40 -10.11 54.77
C GLU D 427 43.36 -11.57 54.39
N THR D 428 44.52 -12.23 54.31
CA THR D 428 44.55 -13.66 54.00
C THR D 428 43.83 -14.47 55.07
N ALA D 429 44.09 -14.15 56.35
CA ALA D 429 43.31 -14.76 57.43
C ALA D 429 41.85 -14.33 57.36
N SER D 430 41.61 -13.06 57.03
CA SER D 430 40.24 -12.57 56.90
C SER D 430 39.52 -13.25 55.75
N ASN D 431 40.21 -13.47 54.64
CA ASN D 431 39.65 -14.12 53.44
C ASN D 431 39.41 -15.59 53.61
N ARG D 432 39.59 -16.15 54.81
CA ARG D 432 39.43 -17.58 55.08
C ARG D 432 40.35 -18.41 54.19
N LEU D 433 41.55 -17.89 53.91
CA LEU D 433 42.56 -18.59 53.12
C LEU D 433 43.62 -19.23 54.00
N ASP D 434 43.24 -19.72 55.18
CA ASP D 434 44.20 -20.31 56.12
C ASP D 434 44.67 -21.69 55.69
N ALA D 435 44.20 -22.20 54.56
CA ALA D 435 44.68 -23.50 54.08
C ALA D 435 46.15 -23.45 53.70
N VAL D 436 46.62 -22.33 53.16
CA VAL D 436 48.05 -22.20 52.84
C VAL D 436 48.90 -22.12 54.10
N TYR D 437 48.31 -21.79 55.25
CA TYR D 437 49.06 -21.71 56.49
C TYR D 437 49.48 -23.08 57.01
N GLU D 438 48.98 -24.17 56.43
CA GLU D 438 49.32 -25.50 56.91
C GLU D 438 50.78 -25.84 56.64
N VAL D 439 51.31 -25.46 55.49
CA VAL D 439 52.66 -25.83 55.09
C VAL D 439 53.64 -24.68 55.22
N THR D 440 53.21 -23.46 54.91
CA THR D 440 54.07 -22.29 54.98
C THR D 440 53.35 -21.17 55.74
N SER D 441 54.13 -20.32 56.38
CA SER D 441 53.60 -19.24 57.20
C SER D 441 54.06 -17.90 56.67
N LYS D 442 53.53 -16.84 57.26
CA LYS D 442 53.92 -15.49 56.89
C LYS D 442 55.34 -15.19 57.34
N VAL D 443 56.01 -14.31 56.61
CA VAL D 443 57.39 -13.92 56.90
C VAL D 443 57.37 -12.58 57.63
N TRP D 444 58.03 -12.53 58.78
CA TRP D 444 58.07 -11.31 59.59
C TRP D 444 59.49 -10.80 59.82
N LEU D 445 60.40 -11.68 60.23
CA LEU D 445 61.79 -11.33 60.53
C LEU D 445 61.88 -10.19 61.54
N GLY D 446 61.18 -10.37 62.66
CA GLY D 446 61.20 -9.42 63.75
C GLY D 446 61.14 -10.15 65.08
N ASP D 447 61.07 -9.36 66.15
CA ASP D 447 60.92 -9.94 67.48
C ASP D 447 59.57 -10.64 67.59
N ARG D 448 59.55 -11.76 68.29
CA ARG D 448 58.36 -12.60 68.40
C ARG D 448 58.13 -12.98 69.85
N ILE D 449 56.86 -13.18 70.19
CA ILE D 449 56.47 -13.58 71.54
C ILE D 449 55.66 -14.87 71.42
N PRO D 450 55.61 -15.67 72.48
CA PRO D 450 54.81 -16.92 72.41
C PRO D 450 53.34 -16.68 72.14
N GLU D 451 52.81 -15.50 72.47
CA GLU D 451 51.43 -15.17 72.12
C GLU D 451 51.26 -15.11 70.61
N ASP D 452 52.27 -14.60 69.89
CA ASP D 452 52.20 -14.56 68.44
C ASP D 452 52.23 -15.96 67.84
N GLU D 453 52.98 -16.87 68.46
CA GLU D 453 53.10 -18.23 67.92
C GLU D 453 51.77 -18.96 67.91
N ASP D 454 50.99 -18.84 68.99
CA ASP D 454 49.70 -19.51 69.05
C ASP D 454 48.69 -18.86 68.12
N GLY D 455 48.70 -17.53 68.03
CA GLY D 455 47.73 -16.82 67.23
C GLY D 455 48.09 -16.70 65.76
N GLY D 456 49.26 -16.13 65.48
CA GLY D 456 49.68 -15.89 64.12
C GLY D 456 50.67 -16.92 63.61
N HIS D 457 50.74 -17.05 62.29
CA HIS D 457 51.67 -17.95 61.62
C HIS D 457 52.83 -17.11 61.11
N LEU D 458 53.85 -16.95 61.94
CA LEU D 458 55.00 -16.11 61.62
C LEU D 458 56.28 -16.93 61.73
N SER D 459 57.16 -16.75 60.74
CA SER D 459 58.44 -17.44 60.73
C SER D 459 59.40 -16.64 59.84
N ASP D 460 60.69 -16.94 60.00
CA ASP D 460 61.70 -16.31 59.16
C ASP D 460 61.54 -16.73 57.71
N ARG D 461 61.25 -18.00 57.47
CA ARG D 461 61.03 -18.52 56.13
C ARG D 461 59.54 -18.56 55.84
N GLY D 462 59.14 -17.99 54.70
CA GLY D 462 57.75 -17.96 54.32
C GLY D 462 57.60 -17.59 52.87
N ARG D 463 56.39 -17.82 52.36
CA ARG D 463 56.07 -17.51 50.96
C ARG D 463 54.89 -16.54 50.84
N VAL D 464 54.42 -15.97 51.94
CA VAL D 464 53.28 -15.06 51.93
C VAL D 464 53.71 -13.73 52.53
N MET D 465 53.47 -12.64 51.81
CA MET D 465 53.80 -11.30 52.25
C MET D 465 52.55 -10.62 52.79
N GLU D 466 52.68 -9.96 53.95
CA GLU D 466 51.54 -9.33 54.61
C GLU D 466 51.95 -7.95 55.11
N ILE D 467 51.55 -6.92 54.35
CA ILE D 467 51.77 -5.53 54.74
C ILE D 467 50.54 -4.73 54.32
N LEU D 468 50.12 -3.80 55.17
CA LEU D 468 48.87 -3.08 54.91
C LEU D 468 48.97 -2.16 53.70
N SER D 469 50.12 -1.54 53.47
CA SER D 469 50.28 -0.63 52.34
C SER D 469 50.26 -1.43 51.05
N GLU D 470 49.17 -1.30 50.30
CA GLU D 470 49.07 -1.97 49.01
C GLU D 470 50.03 -1.40 47.97
N HIS D 471 50.54 -0.18 48.20
CA HIS D 471 51.50 0.41 47.28
C HIS D 471 52.78 -0.43 47.21
N THR D 472 53.46 -0.59 48.35
CA THR D 472 54.66 -1.40 48.37
C THR D 472 54.34 -2.88 48.16
N LEU D 473 53.15 -3.32 48.55
CA LEU D 473 52.79 -4.72 48.39
C LEU D 473 52.61 -5.07 46.93
N GLU D 474 51.92 -4.22 46.17
CA GLU D 474 51.74 -4.49 44.75
C GLU D 474 53.02 -4.23 43.97
N GLY D 475 53.87 -3.31 44.45
CA GLY D 475 55.14 -3.08 43.80
C GLY D 475 56.07 -4.28 43.88
N TRP D 476 55.98 -5.05 44.98
CA TRP D 476 56.77 -6.26 45.07
C TRP D 476 56.39 -7.26 43.99
N LEU D 477 55.09 -7.39 43.72
CA LEU D 477 54.63 -8.40 42.78
C LEU D 477 55.01 -8.04 41.34
N GLU D 478 54.93 -6.76 40.98
CA GLU D 478 55.20 -6.35 39.61
C GLU D 478 56.63 -6.67 39.22
N ALA D 479 57.58 -6.37 40.08
CA ALA D 479 58.97 -6.72 39.81
C ALA D 479 59.17 -8.23 39.84
N TYR D 480 58.41 -8.93 40.69
CA TYR D 480 58.54 -10.38 40.78
C TYR D 480 58.15 -11.05 39.46
N LEU D 481 57.13 -10.53 38.80
CA LEU D 481 56.72 -11.09 37.51
C LEU D 481 57.69 -10.70 36.40
N LEU D 482 58.16 -9.45 36.39
CA LEU D 482 59.11 -9.02 35.38
C LEU D 482 60.46 -9.69 35.54
N THR D 483 60.76 -10.21 36.74
CA THR D 483 61.96 -11.00 36.94
C THR D 483 61.86 -12.38 36.33
N GLY D 484 60.64 -12.87 36.09
CA GLY D 484 60.42 -14.18 35.51
C GLY D 484 59.73 -15.16 36.42
N ARG D 485 59.34 -14.75 37.62
CA ARG D 485 58.69 -15.65 38.57
C ARG D 485 57.17 -15.54 38.44
N HIS D 486 56.45 -16.17 39.35
CA HIS D 486 54.99 -16.17 39.34
C HIS D 486 54.47 -15.77 40.72
N GLY D 487 53.32 -15.11 40.74
CA GLY D 487 52.76 -14.64 41.99
C GLY D 487 51.25 -14.58 41.92
N PHE D 488 50.64 -14.25 43.06
CA PHE D 488 49.20 -14.15 43.17
C PHE D 488 48.85 -13.13 44.24
N PHE D 489 47.96 -12.20 43.91
CA PHE D 489 47.60 -11.10 44.79
C PHE D 489 46.16 -11.25 45.24
N ALA D 490 45.94 -11.19 46.56
CA ALA D 490 44.60 -11.30 47.12
C ALA D 490 44.36 -10.10 48.03
N THR D 491 43.22 -9.43 47.84
CA THR D 491 42.89 -8.25 48.62
C THR D 491 41.39 -8.01 48.55
N TYR D 492 40.93 -7.02 49.30
CA TYR D 492 39.55 -6.60 49.23
C TYR D 492 39.32 -5.75 47.99
N GLU D 493 38.06 -5.70 47.56
CA GLU D 493 37.68 -4.84 46.46
C GLU D 493 37.57 -3.38 46.88
N ALA D 494 37.29 -3.13 48.15
CA ALA D 494 37.07 -1.76 48.63
C ALA D 494 38.34 -0.93 48.55
N PHE D 495 39.51 -1.56 48.69
CA PHE D 495 40.78 -0.84 48.66
C PHE D 495 41.53 -1.04 47.35
N ALA D 496 40.82 -1.38 46.28
CA ALA D 496 41.46 -1.55 44.99
C ALA D 496 41.77 -0.23 44.31
N HIS D 497 41.16 0.88 44.76
CA HIS D 497 41.53 2.18 44.24
C HIS D 497 42.93 2.61 44.67
N VAL D 498 43.49 1.96 45.70
CA VAL D 498 44.83 2.30 46.15
C VAL D 498 45.87 1.95 45.08
N ILE D 499 45.70 0.80 44.43
CA ILE D 499 46.67 0.34 43.44
C ILE D 499 46.24 0.78 42.05
N ASP D 500 45.35 1.76 41.97
CA ASP D 500 44.85 2.23 40.68
C ASP D 500 45.98 2.79 39.82
N SER D 501 46.85 3.61 40.42
CA SER D 501 47.96 4.18 39.65
C SER D 501 48.96 3.12 39.25
N MET D 502 49.20 2.14 40.12
CA MET D 502 50.25 1.15 39.85
C MET D 502 49.84 0.19 38.74
N VAL D 503 48.56 -0.15 38.66
CA VAL D 503 48.09 -1.08 37.63
C VAL D 503 48.25 -0.47 36.25
N ASN D 504 47.94 0.83 36.11
CA ASN D 504 48.10 1.49 34.82
C ASN D 504 49.57 1.51 34.39
N GLN D 505 50.48 1.64 35.35
CA GLN D 505 51.90 1.59 35.02
C GLN D 505 52.30 0.21 34.51
N HIS D 506 51.81 -0.85 35.16
CA HIS D 506 52.18 -2.19 34.73
C HIS D 506 51.53 -2.54 33.39
N ALA D 507 50.28 -2.13 33.18
CA ALA D 507 49.63 -2.37 31.91
C ALA D 507 50.32 -1.62 30.78
N LYS D 508 50.86 -0.44 31.07
CA LYS D 508 51.66 0.27 30.08
C LYS D 508 52.90 -0.52 29.70
N TRP D 509 53.56 -1.13 30.70
CA TRP D 509 54.77 -1.89 30.44
C TRP D 509 54.49 -3.11 29.57
N LEU D 510 53.41 -3.84 29.87
CA LEU D 510 53.11 -5.05 29.12
C LEU D 510 52.67 -4.73 27.70
N ASP D 511 51.93 -3.64 27.52
CA ASP D 511 51.45 -3.28 26.20
C ASP D 511 52.59 -2.93 25.26
N VAL D 512 53.57 -2.16 25.75
CA VAL D 512 54.73 -1.81 24.92
C VAL D 512 55.60 -3.03 24.68
N SER D 513 55.79 -3.86 25.71
CA SER D 513 56.66 -5.02 25.58
C SER D 513 56.10 -6.04 24.61
N LYS D 514 54.77 -6.17 24.55
CA LYS D 514 54.18 -7.17 23.66
C LYS D 514 54.31 -6.77 22.21
N ARG D 515 53.98 -5.52 21.89
CA ARG D 515 53.90 -5.06 20.50
C ARG D 515 55.17 -4.40 20.01
N GLU D 516 55.58 -3.30 20.66
CA GLU D 516 56.65 -2.47 20.12
C GLU D 516 58.01 -3.16 20.22
N VAL D 517 58.31 -3.73 21.38
CA VAL D 517 59.61 -4.34 21.60
C VAL D 517 59.55 -5.80 21.20
N ASP D 518 60.55 -6.24 20.42
CA ASP D 518 60.58 -7.60 19.92
C ASP D 518 61.52 -8.51 20.70
N TRP D 519 62.56 -7.96 21.33
CA TRP D 519 63.48 -8.80 22.09
C TRP D 519 63.00 -9.07 23.52
N ARG D 520 61.92 -8.42 23.95
CA ARG D 520 61.38 -8.68 25.28
C ARG D 520 60.67 -10.03 25.29
N ALA D 521 61.09 -10.90 26.15
CA ALA D 521 60.39 -12.18 26.23
C ALA D 521 59.20 -12.06 27.16
N PRO D 522 58.13 -12.81 26.90
CA PRO D 522 56.92 -12.70 27.73
C PRO D 522 57.19 -13.11 29.18
N VAL D 523 56.58 -12.36 30.10
CA VAL D 523 56.70 -12.59 31.53
C VAL D 523 55.41 -13.21 32.02
N SER D 524 55.37 -13.61 33.29
CA SER D 524 54.16 -14.18 33.85
C SER D 524 53.07 -13.11 33.99
N SER D 525 51.84 -13.57 34.17
CA SER D 525 50.71 -12.67 34.24
C SER D 525 50.53 -12.11 35.65
N LEU D 526 49.79 -11.00 35.72
CA LEU D 526 49.47 -10.34 36.98
C LEU D 526 48.09 -10.78 37.44
N ASN D 527 48.03 -11.58 38.49
CA ASN D 527 46.79 -12.15 38.99
C ASN D 527 46.42 -11.45 40.29
N ILE D 528 45.31 -10.73 40.27
CA ILE D 528 44.80 -10.01 41.43
C ILE D 528 43.45 -10.59 41.80
N LEU D 529 43.29 -10.98 43.07
CA LEU D 529 42.05 -11.53 43.57
C LEU D 529 41.37 -10.48 44.45
N LEU D 530 40.15 -10.12 44.09
CA LEU D 530 39.36 -9.15 44.83
C LEU D 530 38.26 -9.86 45.59
N SER D 531 38.20 -9.63 46.90
CA SER D 531 37.24 -10.30 47.76
C SER D 531 36.44 -9.26 48.54
N SER D 532 35.47 -9.76 49.30
CA SER D 532 34.60 -8.94 50.15
C SER D 532 33.97 -7.80 49.34
N THR D 533 33.16 -8.22 48.37
CA THR D 533 32.57 -7.29 47.42
C THR D 533 31.62 -6.32 48.12
N VAL D 534 31.11 -5.37 47.34
CA VAL D 534 30.32 -4.27 47.90
C VAL D 534 28.96 -4.75 48.39
N TRP D 535 28.53 -5.94 48.01
CA TRP D 535 27.16 -6.37 48.31
C TRP D 535 27.02 -6.94 49.71
N ARG D 536 28.05 -7.63 50.21
CA ARG D 536 27.93 -8.28 51.51
C ARG D 536 28.05 -7.29 52.67
N GLN D 537 28.81 -6.21 52.49
CA GLN D 537 29.01 -5.17 53.49
C GLN D 537 29.58 -5.76 54.78
N ASP D 538 30.81 -6.25 54.66
CA ASP D 538 31.51 -6.84 55.78
C ASP D 538 31.88 -5.76 56.81
N HIS D 539 32.35 -6.21 57.98
CA HIS D 539 32.75 -5.29 59.03
C HIS D 539 33.94 -4.44 58.60
N ASN D 540 34.90 -5.02 57.91
CA ASN D 540 36.08 -4.29 57.47
C ASN D 540 35.73 -3.34 56.33
N GLY D 541 36.57 -2.32 56.17
CA GLY D 541 36.39 -1.36 55.11
C GLY D 541 35.31 -0.35 55.41
N PHE D 542 35.34 0.74 54.66
CA PHE D 542 34.30 1.75 54.77
C PHE D 542 32.97 1.19 54.28
N SER D 543 31.88 1.68 54.87
CA SER D 543 30.57 1.09 54.60
C SER D 543 30.13 1.31 53.17
N HIS D 544 30.61 2.37 52.52
CA HIS D 544 30.22 2.69 51.15
C HIS D 544 31.32 2.23 50.19
N GLN D 545 31.40 0.92 50.01
CA GLN D 545 32.40 0.35 49.11
C GLN D 545 32.08 0.71 47.66
N ASP D 546 33.11 0.74 46.83
CA ASP D 546 32.98 1.17 45.44
C ASP D 546 33.54 0.10 44.51
N PRO D 547 32.75 -0.44 43.58
CA PRO D 547 33.27 -1.43 42.65
C PRO D 547 33.90 -0.80 41.42
N GLY D 548 34.24 0.48 41.50
CA GLY D 548 34.73 1.24 40.37
C GLY D 548 36.07 0.77 39.82
N PHE D 549 36.79 -0.08 40.55
CA PHE D 549 38.07 -0.57 40.05
C PHE D 549 37.90 -1.42 38.80
N ILE D 550 36.76 -2.09 38.65
CA ILE D 550 36.51 -2.89 37.46
C ILE D 550 36.41 -2.00 36.24
N ASP D 551 35.85 -0.80 36.39
CA ASP D 551 35.66 0.09 35.26
C ASP D 551 36.97 0.64 34.73
N LEU D 552 37.87 1.06 35.62
CA LEU D 552 39.12 1.66 35.17
C LEU D 552 40.02 0.64 34.50
N VAL D 553 39.92 -0.63 34.90
CA VAL D 553 40.67 -1.68 34.23
C VAL D 553 40.19 -1.85 32.80
N THR D 554 38.88 -1.76 32.58
CA THR D 554 38.33 -1.86 31.23
C THR D 554 38.70 -0.69 30.35
N ASN D 555 39.14 0.43 30.93
CA ASN D 555 39.63 1.53 30.10
C ASN D 555 40.88 1.14 29.34
N LYS D 556 41.70 0.27 29.93
CA LYS D 556 42.81 -0.32 29.21
C LYS D 556 42.29 -1.29 28.16
N SER D 557 43.13 -1.60 27.18
CA SER D 557 42.71 -2.44 26.07
C SER D 557 42.43 -3.86 26.55
N ALA D 558 41.53 -4.54 25.83
CA ALA D 558 41.18 -5.92 26.16
C ALA D 558 42.32 -6.89 25.89
N ARG D 559 43.37 -6.47 25.20
CA ARG D 559 44.51 -7.32 24.91
C ARG D 559 45.56 -7.30 25.99
N VAL D 560 45.34 -6.56 27.07
CA VAL D 560 46.28 -6.56 28.19
C VAL D 560 45.63 -6.85 29.53
N THR D 561 44.32 -6.74 29.67
CA THR D 561 43.63 -7.00 30.92
C THR D 561 42.49 -7.98 30.70
N ARG D 562 42.30 -8.87 31.67
CA ARG D 562 41.19 -9.81 31.66
C ARG D 562 40.52 -9.77 33.02
N ILE D 563 39.19 -9.73 33.03
CA ILE D 563 38.41 -9.64 34.27
C ILE D 563 37.51 -10.85 34.36
N TYR D 564 37.59 -11.56 35.49
CA TYR D 564 36.84 -12.78 35.69
C TYR D 564 36.00 -12.67 36.96
N LEU D 565 34.74 -13.07 36.87
CA LEU D 565 33.82 -13.05 38.01
C LEU D 565 33.19 -14.44 38.13
N PRO D 566 33.91 -15.38 38.74
CA PRO D 566 33.37 -16.73 38.87
C PRO D 566 32.25 -16.79 39.88
N PRO D 567 31.18 -17.54 39.59
CA PRO D 567 30.06 -17.59 40.55
C PRO D 567 30.34 -18.43 41.77
N ASP D 568 30.95 -19.60 41.63
CA ASP D 568 31.11 -20.50 42.77
C ASP D 568 32.55 -20.97 42.94
N ALA D 569 32.76 -21.92 43.85
CA ALA D 569 34.11 -22.36 44.19
C ALA D 569 34.77 -23.10 43.03
N ASN D 570 34.02 -24.00 42.37
CA ASN D 570 34.60 -24.76 41.27
C ASN D 570 34.96 -23.86 40.10
N CYS D 571 34.11 -22.88 39.80
CA CYS D 571 34.44 -21.93 38.74
C CYS D 571 35.58 -21.01 39.17
N LEU D 572 35.73 -20.77 40.46
CA LEU D 572 36.86 -19.99 40.95
C LEU D 572 38.17 -20.74 40.75
N LEU D 573 38.18 -22.05 41.01
CA LEU D 573 39.39 -22.85 40.83
C LEU D 573 39.81 -22.90 39.36
N SER D 574 38.84 -23.07 38.46
CA SER D 574 39.16 -23.13 37.04
C SER D 574 39.74 -21.81 36.55
N VAL D 575 39.20 -20.69 37.04
CA VAL D 575 39.75 -19.38 36.69
C VAL D 575 41.15 -19.23 37.26
N ALA D 576 41.34 -19.63 38.51
CA ALA D 576 42.66 -19.50 39.13
C ALA D 576 43.68 -20.41 38.44
N ASP D 577 43.26 -21.63 38.06
CA ASP D 577 44.15 -22.53 37.35
C ASP D 577 44.52 -21.97 35.98
N HIS D 578 43.53 -21.47 35.25
CA HIS D 578 43.78 -20.97 33.90
C HIS D 578 44.65 -19.71 33.93
N CYS D 579 44.42 -18.83 34.89
CA CYS D 579 45.16 -17.56 34.91
C CYS D 579 46.60 -17.75 35.33
N LEU D 580 46.91 -18.82 36.07
CA LEU D 580 48.31 -19.08 36.41
C LEU D 580 49.13 -19.57 35.23
N ARG D 581 48.48 -19.91 34.11
CA ARG D 581 49.20 -20.30 32.90
C ARG D 581 49.45 -19.13 31.96
N SER D 582 48.59 -18.11 32.00
CA SER D 582 48.69 -16.99 31.06
C SER D 582 49.94 -16.17 31.34
N THR D 583 50.37 -15.43 30.32
CA THR D 583 51.65 -14.73 30.38
C THR D 583 51.51 -13.21 30.34
N ASP D 584 50.93 -12.64 29.30
CA ASP D 584 51.02 -11.21 29.06
C ASP D 584 49.70 -10.49 29.33
N TYR D 585 49.03 -10.85 30.42
CA TYR D 585 47.75 -10.25 30.77
C TYR D 585 47.76 -9.84 32.24
N ILE D 586 46.85 -8.93 32.56
CA ILE D 586 46.53 -8.59 33.94
C ILE D 586 45.19 -9.22 34.26
N ASN D 587 45.19 -10.19 35.18
CA ASN D 587 43.99 -10.95 35.51
C ASN D 587 43.40 -10.42 36.80
N VAL D 588 42.16 -9.95 36.72
CA VAL D 588 41.43 -9.46 37.88
C VAL D 588 40.29 -10.44 38.15
N ILE D 589 40.32 -11.07 39.32
CA ILE D 589 39.35 -12.09 39.69
C ILE D 589 38.55 -11.56 40.87
N VAL D 590 37.24 -11.51 40.71
CA VAL D 590 36.34 -10.94 41.71
C VAL D 590 35.47 -12.07 42.24
N ALA D 591 35.82 -12.59 43.41
CA ALA D 591 35.05 -13.61 44.09
C ALA D 591 34.69 -13.11 45.48
N ASP D 592 33.61 -13.66 46.04
CA ASP D 592 33.11 -13.20 47.32
C ASP D 592 33.49 -14.16 48.43
N LYS D 593 33.84 -13.57 49.58
CA LYS D 593 34.33 -14.36 50.71
C LYS D 593 33.22 -15.19 51.34
N GLN D 594 32.01 -14.63 51.43
CA GLN D 594 30.94 -15.24 52.21
C GLN D 594 30.49 -16.56 51.60
N SER D 595 29.99 -17.45 52.45
CA SER D 595 29.52 -18.76 52.01
C SER D 595 28.30 -18.61 51.12
N HIS D 596 28.30 -19.32 50.00
CA HIS D 596 27.26 -19.18 48.99
C HIS D 596 26.85 -20.56 48.51
N LEU D 597 25.93 -20.57 47.53
CA LEU D 597 25.56 -21.79 46.86
C LEU D 597 26.69 -22.24 45.93
N GLN D 598 26.56 -23.45 45.42
CA GLN D 598 27.46 -23.97 44.40
C GLN D 598 26.63 -24.41 43.20
N TYR D 599 27.04 -23.98 42.01
CA TYR D 599 26.24 -24.21 40.81
C TYR D 599 26.90 -25.12 39.79
N LEU D 600 28.22 -25.28 39.83
CA LEU D 600 28.93 -26.01 38.78
C LEU D 600 29.76 -27.13 39.38
N ASP D 601 29.81 -28.25 38.68
CA ASP D 601 30.66 -29.36 39.05
C ASP D 601 32.09 -29.06 38.61
N ALA D 602 33.03 -29.91 39.08
CA ALA D 602 34.43 -29.72 38.72
C ALA D 602 34.63 -29.84 37.22
N GLU D 603 33.97 -30.80 36.58
CA GLU D 603 34.08 -30.93 35.13
C GLU D 603 33.31 -29.83 34.42
N ALA D 604 32.13 -29.46 34.94
CA ALA D 604 31.32 -28.46 34.29
C ALA D 604 31.92 -27.06 34.44
N ALA D 605 32.64 -26.81 35.52
CA ALA D 605 33.33 -25.53 35.68
C ALA D 605 34.41 -25.35 34.62
N ALA D 606 35.13 -26.42 34.31
CA ALA D 606 36.17 -26.34 33.29
C ALA D 606 35.59 -26.02 31.92
N ARG D 607 34.45 -26.64 31.58
CA ARG D 607 33.79 -26.31 30.31
C ARG D 607 33.27 -24.88 30.33
N HIS D 608 32.79 -24.42 31.48
CA HIS D 608 32.25 -23.07 31.58
C HIS D 608 33.34 -22.03 31.38
N CYS D 609 34.49 -22.22 32.04
CA CYS D 609 35.59 -21.27 31.91
C CYS D 609 36.26 -21.35 30.56
N ALA D 610 36.15 -22.49 29.87
CA ALA D 610 36.68 -22.59 28.52
C ALA D 610 35.94 -21.65 27.58
N LYS D 611 34.61 -21.68 27.63
CA LYS D 611 33.82 -20.75 26.83
C LYS D 611 33.81 -19.35 27.42
N GLY D 612 33.92 -19.24 28.74
CA GLY D 612 33.84 -17.96 29.40
C GLY D 612 32.42 -17.52 29.70
N ILE D 613 31.54 -17.69 28.71
CA ILE D 613 30.12 -17.39 28.84
C ILE D 613 29.34 -18.56 28.29
N GLY D 614 28.35 -19.03 29.04
CA GLY D 614 27.58 -20.17 28.60
C GLY D 614 26.22 -20.24 29.24
N ILE D 615 25.31 -20.93 28.55
CA ILE D 615 23.96 -21.15 29.05
C ILE D 615 24.01 -22.21 30.15
N TRP D 616 23.35 -21.94 31.26
CA TRP D 616 23.16 -22.95 32.29
C TRP D 616 21.88 -23.72 32.00
N ASP D 617 22.02 -25.01 31.69
CA ASP D 617 20.89 -25.79 31.21
C ASP D 617 19.90 -26.10 32.31
N TRP D 618 20.39 -26.38 33.52
CA TRP D 618 19.50 -26.69 34.63
C TRP D 618 18.70 -25.46 35.04
N ALA D 619 19.31 -24.28 35.02
CA ALA D 619 18.59 -23.06 35.34
C ALA D 619 17.66 -22.64 34.23
N SER D 620 17.98 -22.98 32.98
CA SER D 620 17.15 -22.58 31.86
C SER D 620 15.81 -23.30 31.90
N ASN D 621 14.75 -22.57 31.59
CA ASN D 621 13.41 -23.14 31.69
C ASN D 621 13.13 -24.10 30.55
N ASP D 622 13.14 -23.61 29.32
CA ASP D 622 12.72 -24.41 28.18
C ASP D 622 13.82 -24.46 27.13
N GLN D 623 14.11 -25.66 26.67
CA GLN D 623 15.03 -25.91 25.57
C GLN D 623 14.24 -26.42 24.38
N GLY D 624 14.76 -26.17 23.18
CA GLY D 624 14.03 -26.52 21.97
C GLY D 624 12.95 -25.52 21.60
N ALA D 625 12.85 -24.41 22.32
CA ALA D 625 11.90 -23.37 22.00
C ALA D 625 12.57 -22.02 22.21
N SER D 626 12.06 -21.01 21.54
CA SER D 626 12.62 -19.67 21.66
C SER D 626 12.29 -19.10 23.02
N PRO D 627 13.28 -18.68 23.82
CA PRO D 627 12.98 -18.15 25.15
C PRO D 627 12.26 -16.82 25.07
N ASP D 628 11.41 -16.58 26.06
CA ASP D 628 10.72 -15.30 26.14
C ASP D 628 11.63 -14.19 26.66
N VAL D 629 12.56 -14.52 27.55
CA VAL D 629 13.48 -13.54 28.11
C VAL D 629 14.78 -14.25 28.43
N VAL D 630 15.88 -13.52 28.31
CA VAL D 630 17.21 -14.02 28.63
C VAL D 630 17.67 -13.33 29.91
N ILE D 631 17.86 -14.10 30.96
CA ILE D 631 18.32 -13.57 32.24
C ILE D 631 19.80 -13.86 32.37
N ALA D 632 20.60 -12.82 32.51
CA ALA D 632 22.05 -12.94 32.57
C ALA D 632 22.57 -12.37 33.88
N SER D 633 23.55 -13.04 34.45
CA SER D 633 24.21 -12.58 35.66
C SER D 633 25.72 -12.69 35.48
N CYS D 634 26.45 -11.82 36.14
CA CYS D 634 27.89 -11.78 36.00
C CYS D 634 28.64 -12.14 37.27
N GLY D 635 28.32 -11.49 38.38
CA GLY D 635 29.00 -11.75 39.64
C GLY D 635 28.57 -13.06 40.27
N ASP D 636 28.69 -13.12 41.58
CA ASP D 636 28.27 -14.28 42.35
C ASP D 636 27.10 -14.00 43.29
N VAL D 637 27.11 -12.86 43.96
CA VAL D 637 25.95 -12.46 44.75
C VAL D 637 24.77 -12.17 43.84
N VAL D 638 25.01 -11.43 42.74
CA VAL D 638 23.94 -11.13 41.81
C VAL D 638 23.50 -12.37 41.04
N THR D 639 24.34 -13.40 40.96
CA THR D 639 23.92 -14.65 40.35
C THR D 639 22.85 -15.33 41.19
N LEU D 640 23.01 -15.31 42.52
CA LEU D 640 22.01 -15.89 43.39
C LEU D 640 20.67 -15.16 43.26
N GLU D 641 20.71 -13.84 43.18
CA GLU D 641 19.48 -13.08 42.99
C GLU D 641 18.87 -13.35 41.62
N ALA D 642 19.70 -13.49 40.59
CA ALA D 642 19.19 -13.83 39.27
C ALA D 642 18.57 -15.21 39.26
N LEU D 643 19.18 -16.17 39.95
CA LEU D 643 18.59 -17.50 40.06
C LEU D 643 17.30 -17.46 40.86
N ALA D 644 17.28 -16.71 41.96
CA ALA D 644 16.09 -16.62 42.78
C ALA D 644 14.95 -15.94 42.03
N ALA D 645 15.29 -14.96 41.18
CA ALA D 645 14.27 -14.35 40.33
C ALA D 645 13.72 -15.34 39.33
N THR D 646 14.56 -16.23 38.82
CA THR D 646 14.10 -17.26 37.89
C THR D 646 13.13 -18.22 38.57
N ALA D 647 13.39 -18.56 39.84
CA ALA D 647 12.51 -19.45 40.57
C ALA D 647 11.13 -18.84 40.77
N LEU D 648 11.09 -17.54 41.09
CA LEU D 648 9.80 -16.87 41.28
C LEU D 648 9.01 -16.81 39.98
N LEU D 649 9.68 -16.49 38.87
CA LEU D 649 8.97 -16.37 37.60
C LEU D 649 8.47 -17.72 37.11
N ARG D 650 9.28 -18.77 37.27
CA ARG D 650 8.83 -20.10 36.86
C ARG D 650 7.72 -20.61 37.77
N GLU D 651 7.68 -20.17 39.03
CA GLU D 651 6.61 -20.58 39.93
C GLU D 651 5.30 -19.91 39.55
N HIS D 652 5.32 -18.61 39.27
CA HIS D 652 4.11 -17.86 38.99
C HIS D 652 3.69 -17.89 37.54
N PHE D 653 4.62 -18.13 36.61
CA PHE D 653 4.32 -18.19 35.18
C PHE D 653 4.86 -19.52 34.65
N PRO D 654 4.08 -20.60 34.75
CA PRO D 654 4.55 -21.89 34.24
C PRO D 654 4.82 -21.90 32.75
N ASP D 655 4.07 -21.12 31.98
CA ASP D 655 4.25 -21.07 30.53
C ASP D 655 5.46 -20.24 30.10
N LEU D 656 6.02 -19.43 30.99
CA LEU D 656 7.13 -18.57 30.63
C LEU D 656 8.38 -19.39 30.37
N LYS D 657 9.11 -19.04 29.31
CA LYS D 657 10.33 -19.72 28.93
C LYS D 657 11.51 -18.78 29.17
N ILE D 658 12.43 -19.19 30.04
CA ILE D 658 13.52 -18.35 30.48
C ILE D 658 14.84 -19.06 30.18
N ARG D 659 15.74 -18.36 29.50
CA ARG D 659 17.09 -18.84 29.27
C ARG D 659 18.04 -18.13 30.22
N PHE D 660 18.82 -18.90 30.97
CA PHE D 660 19.76 -18.34 31.93
C PHE D 660 21.17 -18.43 31.38
N VAL D 661 21.85 -17.30 31.34
CA VAL D 661 23.21 -17.21 30.83
C VAL D 661 24.09 -16.61 31.92
N ASN D 662 25.21 -17.25 32.20
CA ASN D 662 26.17 -16.74 33.16
C ASN D 662 27.47 -16.41 32.45
N VAL D 663 28.01 -15.23 32.74
CA VAL D 663 29.23 -14.74 32.11
C VAL D 663 30.34 -14.69 33.15
N VAL D 664 31.49 -15.27 32.82
CA VAL D 664 32.66 -15.22 33.69
C VAL D 664 33.71 -14.26 33.15
N ASP D 665 34.03 -14.40 31.86
CA ASP D 665 34.99 -13.51 31.21
C ASP D 665 34.21 -12.32 30.67
N LEU D 666 34.47 -11.14 31.23
CA LEU D 666 33.71 -9.95 30.85
C LEU D 666 33.97 -9.56 29.39
N PHE D 667 35.22 -9.65 28.95
CA PHE D 667 35.57 -9.13 27.63
C PHE D 667 35.08 -10.00 26.49
N ARG D 668 34.46 -11.15 26.79
CA ARG D 668 33.78 -11.91 25.74
C ARG D 668 32.62 -11.14 25.13
N LEU D 669 32.08 -10.15 25.85
CA LEU D 669 30.96 -9.38 25.33
C LEU D 669 31.40 -8.47 24.18
N GLN D 670 32.67 -8.06 24.16
CA GLN D 670 33.15 -7.20 23.10
C GLN D 670 33.07 -7.93 21.76
N PRO D 671 32.77 -7.23 20.67
CA PRO D 671 32.65 -7.89 19.37
C PRO D 671 33.99 -8.42 18.88
N ASP D 672 33.91 -9.33 17.92
CA ASP D 672 35.11 -9.96 17.37
C ASP D 672 36.01 -8.94 16.67
N THR D 673 35.43 -7.87 16.14
CA THR D 673 36.23 -6.83 15.50
C THR D 673 37.14 -6.13 16.51
N GLU D 674 36.62 -5.84 17.70
CA GLU D 674 37.42 -5.17 18.72
C GLU D 674 38.58 -6.04 19.18
N HIS D 675 38.35 -7.34 19.35
CA HIS D 675 39.41 -8.24 19.77
C HIS D 675 39.06 -9.65 19.33
N PRO D 676 40.03 -10.46 18.92
CA PRO D 676 39.71 -11.85 18.56
C PRO D 676 39.20 -12.69 19.70
N HIS D 677 39.51 -12.32 20.95
CA HIS D 677 39.02 -13.07 22.09
C HIS D 677 37.51 -12.93 22.28
N GLY D 678 36.94 -11.79 21.88
CA GLY D 678 35.52 -11.59 22.05
C GLY D 678 34.70 -12.51 21.16
N LEU D 679 33.45 -12.69 21.56
CA LEU D 679 32.54 -13.55 20.82
C LEU D 679 32.19 -12.93 19.47
N SER D 680 32.01 -13.81 18.48
CA SER D 680 31.56 -13.35 17.18
C SER D 680 30.09 -12.93 17.25
N ASP D 681 29.63 -12.28 16.18
CA ASP D 681 28.24 -11.83 16.14
C ASP D 681 27.28 -13.02 16.13
N ARG D 682 27.62 -14.08 15.40
CA ARG D 682 26.78 -15.27 15.40
C ARG D 682 26.80 -15.96 16.76
N ASP D 683 27.97 -16.04 17.39
CA ASP D 683 28.04 -16.66 18.72
C ASP D 683 27.26 -15.85 19.74
N PHE D 684 27.36 -14.52 19.69
CA PHE D 684 26.62 -13.68 20.62
C PHE D 684 25.13 -13.80 20.39
N ASP D 685 24.71 -13.87 19.13
CA ASP D 685 23.28 -14.01 18.84
C ASP D 685 22.73 -15.37 19.25
N SER D 686 23.58 -16.39 19.30
CA SER D 686 23.13 -17.68 19.81
C SER D 686 22.91 -17.63 21.31
N LEU D 687 23.86 -17.06 22.05
CA LEU D 687 23.71 -16.92 23.50
C LEU D 687 22.53 -16.01 23.82
N PHE D 688 22.63 -14.74 23.44
CA PHE D 688 21.57 -13.77 23.64
C PHE D 688 20.79 -13.61 22.34
N THR D 689 19.50 -13.85 22.40
CA THR D 689 18.68 -13.83 21.20
C THR D 689 18.67 -12.44 20.56
N VAL D 690 18.46 -12.42 19.25
CA VAL D 690 18.54 -11.16 18.50
C VAL D 690 17.40 -10.21 18.86
N ASP D 691 16.28 -10.73 19.35
CA ASP D 691 15.10 -9.91 19.55
C ASP D 691 14.55 -9.92 20.97
N LYS D 692 14.70 -11.01 21.72
CA LYS D 692 14.11 -11.08 23.04
C LYS D 692 14.88 -10.20 24.02
N PRO D 693 14.21 -9.62 25.01
CA PRO D 693 14.90 -8.75 25.97
C PRO D 693 15.90 -9.51 26.82
N ILE D 694 16.95 -8.82 27.23
CA ILE D 694 18.01 -9.38 28.05
C ILE D 694 18.02 -8.64 29.38
N ILE D 695 17.85 -9.37 30.47
CA ILE D 695 17.87 -8.79 31.81
C ILE D 695 19.22 -9.13 32.41
N PHE D 696 20.19 -8.23 32.23
CA PHE D 696 21.53 -8.44 32.73
C PHE D 696 21.61 -7.98 34.17
N ASN D 697 22.26 -8.78 35.01
CA ASN D 697 22.41 -8.49 36.43
C ASN D 697 23.90 -8.49 36.74
N PHE D 698 24.51 -7.31 36.72
CA PHE D 698 25.95 -7.17 36.72
C PHE D 698 26.45 -6.71 38.07
N HIS D 699 27.48 -7.39 38.57
CA HIS D 699 28.20 -6.91 39.76
C HIS D 699 29.04 -5.71 39.35
N GLY D 700 28.82 -4.58 40.00
CA GLY D 700 29.52 -3.36 39.64
C GLY D 700 28.60 -2.38 38.94
N TYR D 701 29.23 -1.37 38.35
CA TYR D 701 28.47 -0.28 37.74
C TYR D 701 27.74 -0.78 36.50
N PRO D 702 26.44 -0.48 36.36
CA PRO D 702 25.65 -1.11 35.29
C PRO D 702 26.05 -0.66 33.91
N TRP D 703 26.75 0.46 33.77
CA TRP D 703 27.09 0.98 32.46
CA TRP D 703 27.07 0.95 32.44
C TRP D 703 28.28 0.27 31.81
N LEU D 704 29.05 -0.49 32.59
CA LEU D 704 30.20 -1.17 32.02
C LEU D 704 29.77 -2.18 30.97
N ILE D 705 28.61 -2.82 31.18
CA ILE D 705 28.11 -3.78 30.20
C ILE D 705 27.74 -3.09 28.91
N HIS D 706 27.18 -1.89 29.00
CA HIS D 706 26.82 -1.15 27.79
C HIS D 706 28.04 -0.72 27.00
N LYS D 707 29.15 -0.45 27.68
CA LYS D 707 30.38 -0.11 26.98
C LYS D 707 30.89 -1.28 26.14
N LEU D 708 30.88 -2.48 26.73
CA LEU D 708 31.40 -3.64 26.03
C LEU D 708 30.49 -4.06 24.89
N ALA D 709 29.19 -4.13 25.14
CA ALA D 709 28.23 -4.62 24.16
C ALA D 709 27.58 -3.49 23.37
N TYR D 710 28.29 -2.38 23.16
CA TYR D 710 27.69 -1.26 22.46
C TYR D 710 27.51 -1.55 20.97
N ARG D 711 28.48 -2.21 20.36
CA ARG D 711 28.44 -2.46 18.93
C ARG D 711 27.55 -3.64 18.55
N ARG D 712 27.03 -4.37 19.52
CA ARG D 712 26.18 -5.52 19.22
C ARG D 712 24.87 -5.08 18.58
N HIS D 713 24.30 -5.99 17.78
CA HIS D 713 23.01 -5.72 17.15
C HIS D 713 21.91 -5.59 18.20
N ASN D 714 21.92 -6.45 19.21
CA ASN D 714 20.86 -6.48 20.22
C ASN D 714 21.20 -5.62 21.43
N HIS D 715 22.00 -4.57 21.26
CA HIS D 715 22.34 -3.73 22.40
C HIS D 715 21.14 -2.95 22.92
N ASN D 716 20.24 -2.54 22.01
CA ASN D 716 19.10 -1.74 22.43
C ASN D 716 18.15 -2.53 23.32
N ASN D 717 18.12 -3.85 23.19
CA ASN D 717 17.27 -4.69 24.00
C ASN D 717 17.95 -5.18 25.26
N LEU D 718 19.18 -4.73 25.53
CA LEU D 718 19.91 -5.13 26.71
C LEU D 718 19.58 -4.21 27.87
N HIS D 719 19.20 -4.79 29.00
CA HIS D 719 18.89 -4.05 30.20
CA HIS D 719 18.89 -4.06 30.21
C HIS D 719 19.77 -4.54 31.33
N VAL D 720 20.49 -3.63 31.98
CA VAL D 720 21.48 -3.96 32.99
C VAL D 720 21.07 -3.35 34.31
N ARG D 721 21.04 -4.17 35.35
CA ARG D 721 20.87 -3.72 36.72
C ARG D 721 22.19 -3.95 37.44
N GLY D 722 22.62 -2.97 38.22
CA GLY D 722 23.90 -3.09 38.89
C GLY D 722 24.01 -2.13 40.04
N TYR D 723 25.23 -1.99 40.53
CA TYR D 723 25.50 -1.13 41.69
C TYR D 723 25.23 0.33 41.32
N LYS D 724 24.39 0.99 42.12
CA LYS D 724 24.14 2.41 41.96
C LYS D 724 24.61 3.20 43.18
N GLU D 725 24.09 2.88 44.36
CA GLU D 725 24.51 3.56 45.59
C GLU D 725 24.20 2.65 46.76
N VAL D 726 24.84 2.95 47.89
CA VAL D 726 24.72 2.13 49.09
C VAL D 726 24.42 3.03 50.27
N GLY D 727 23.48 2.62 51.11
CA GLY D 727 23.14 3.36 52.31
C GLY D 727 24.23 3.23 53.36
N ASN D 728 24.00 3.90 54.49
CA ASN D 728 24.99 3.91 55.55
C ASN D 728 25.23 2.51 56.11
N ILE D 729 24.15 1.80 56.43
CA ILE D 729 24.24 0.40 56.85
C ILE D 729 22.95 -0.30 56.43
N ASN D 730 23.11 -1.44 55.76
CA ASN D 730 21.97 -2.18 55.24
C ASN D 730 22.27 -3.67 55.38
N THR D 731 21.19 -4.46 55.40
CA THR D 731 21.32 -5.89 55.32
C THR D 731 21.66 -6.29 53.89
N PRO D 732 22.24 -7.49 53.69
CA PRO D 732 22.54 -7.92 52.31
C PRO D 732 21.34 -7.94 51.39
N LEU D 733 20.15 -8.28 51.90
CA LEU D 733 18.97 -8.27 51.05
C LEU D 733 18.50 -6.85 50.78
N GLU D 734 18.52 -5.98 51.80
CA GLU D 734 18.04 -4.62 51.62
C GLU D 734 18.94 -3.82 50.69
N LEU D 735 20.24 -4.10 50.70
CA LEU D 735 21.15 -3.42 49.79
C LEU D 735 20.82 -3.74 48.33
N ALA D 736 20.47 -5.01 48.06
CA ALA D 736 20.07 -5.38 46.71
C ALA D 736 18.76 -4.70 46.31
N ILE D 737 17.89 -4.43 47.28
CA ILE D 737 16.62 -3.77 46.98
C ILE D 737 16.86 -2.33 46.53
N ARG D 738 17.74 -1.61 47.23
CA ARG D 738 18.01 -0.22 46.88
C ARG D 738 18.66 -0.11 45.51
N ASN D 739 19.52 -1.07 45.16
CA ASN D 739 20.16 -1.09 43.85
C ASN D 739 19.33 -1.80 42.79
N GLN D 740 18.16 -2.32 43.17
CA GLN D 740 17.23 -2.98 42.25
C GLN D 740 17.85 -4.18 41.55
N VAL D 741 18.77 -4.86 42.22
CA VAL D 741 19.31 -6.13 41.75
C VAL D 741 18.74 -7.30 42.54
N ASP D 742 17.75 -7.05 43.38
CA ASP D 742 17.15 -8.10 44.19
C ASP D 742 16.36 -9.06 43.31
N ARG D 743 16.02 -10.22 43.88
CA ARG D 743 15.25 -11.22 43.17
C ARG D 743 13.87 -10.68 42.78
N PHE D 744 13.28 -9.86 43.64
CA PHE D 744 11.95 -9.32 43.33
C PHE D 744 12.05 -8.22 42.28
N ASN D 745 13.07 -7.36 42.37
CA ASN D 745 13.22 -6.29 41.40
C ASN D 745 13.51 -6.84 40.01
N LEU D 746 14.33 -7.89 39.93
CA LEU D 746 14.57 -8.53 38.64
C LEU D 746 13.30 -9.17 38.10
N ALA D 747 12.52 -9.81 38.97
CA ALA D 747 11.27 -10.40 38.53
C ALA D 747 10.28 -9.35 38.06
N ILE D 748 10.28 -8.19 38.72
CA ILE D 748 9.45 -7.08 38.27
C ILE D 748 9.90 -6.60 36.90
N ASP D 749 11.21 -6.50 36.69
CA ASP D 749 11.74 -6.01 35.42
C ASP D 749 11.40 -6.95 34.27
N VAL D 750 11.47 -8.26 34.51
CA VAL D 750 11.14 -9.23 33.47
C VAL D 750 9.69 -9.08 33.03
N ILE D 751 8.80 -8.82 33.98
CA ILE D 751 7.38 -8.64 33.68
C ILE D 751 7.19 -7.42 32.77
N ASP D 752 7.97 -6.37 33.00
CA ASP D 752 7.84 -5.16 32.18
C ASP D 752 8.31 -5.39 30.75
N ARG D 753 9.46 -6.05 30.58
CA ARG D 753 10.05 -6.15 29.24
C ARG D 753 9.31 -7.16 28.37
N VAL D 754 8.85 -8.27 28.96
CA VAL D 754 8.18 -9.30 28.17
C VAL D 754 6.84 -8.77 27.69
N PRO D 755 6.58 -8.78 26.38
CA PRO D 755 5.35 -8.15 25.87
C PRO D 755 4.07 -8.79 26.36
N HIS D 756 4.03 -10.10 26.54
CA HIS D 756 2.80 -10.78 26.90
C HIS D 756 2.64 -10.95 28.40
N LEU D 757 3.53 -10.38 29.21
CA LEU D 757 3.38 -10.38 30.65
C LEU D 757 3.00 -9.03 31.23
N ARG D 758 2.97 -7.97 30.42
CA ARG D 758 2.65 -6.66 30.94
C ARG D 758 1.20 -6.58 31.40
N ASP D 759 0.32 -7.41 30.84
CA ASP D 759 -1.07 -7.47 31.25
C ASP D 759 -1.37 -8.65 32.15
N ARG D 760 -0.82 -9.83 31.83
CA ARG D 760 -1.07 -11.01 32.66
C ARG D 760 -0.37 -10.91 34.00
N GLY D 761 0.80 -10.29 34.05
CA GLY D 761 1.61 -10.25 35.23
C GLY D 761 1.33 -9.10 36.18
N ALA D 762 0.23 -8.37 35.97
CA ALA D 762 -0.08 -7.24 36.85
C ALA D 762 -0.32 -7.70 38.28
N HIS D 763 -1.04 -8.81 38.45
CA HIS D 763 -1.26 -9.34 39.80
C HIS D 763 0.04 -9.78 40.45
N VAL D 764 0.90 -10.47 39.68
CA VAL D 764 2.16 -10.94 40.23
C VAL D 764 3.08 -9.77 40.55
N LYS D 765 3.08 -8.75 39.70
CA LYS D 765 3.89 -7.56 39.96
C LYS D 765 3.44 -6.86 41.22
N GLU D 766 2.13 -6.85 41.49
CA GLU D 766 1.64 -6.31 42.76
C GLU D 766 2.10 -7.16 43.93
N TRP D 767 2.09 -8.49 43.77
CA TRP D 767 2.52 -9.36 44.85
C TRP D 767 4.00 -9.18 45.16
N LEU D 768 4.82 -8.98 44.13
CA LEU D 768 6.26 -8.81 44.34
C LEU D 768 6.54 -7.52 45.11
N LYS D 769 5.83 -6.45 44.80
CA LYS D 769 6.01 -5.20 45.53
C LYS D 769 5.64 -5.35 46.99
N ASP D 770 4.65 -6.21 47.28
CA ASP D 770 4.33 -6.51 48.68
C ASP D 770 5.50 -7.23 49.36
N GLN D 771 6.15 -8.14 48.65
CA GLN D 771 7.29 -8.85 49.21
C GLN D 771 8.46 -7.92 49.47
N ILE D 772 8.66 -6.94 48.60
CA ILE D 772 9.73 -5.96 48.81
C ILE D 772 9.45 -5.15 50.07
N HIS D 773 8.22 -4.66 50.21
CA HIS D 773 7.86 -3.90 51.39
C HIS D 773 7.92 -4.74 52.65
N ASP D 774 7.47 -6.00 52.56
CA ASP D 774 7.44 -6.87 53.72
C ASP D 774 8.84 -7.16 54.25
N HIS D 775 9.79 -7.43 53.34
CA HIS D 775 11.14 -7.76 53.77
C HIS D 775 11.86 -6.55 54.34
N ILE D 776 11.59 -5.35 53.81
CA ILE D 776 12.19 -4.15 54.35
C ILE D 776 11.69 -3.89 55.77
N GLN D 777 10.38 -4.06 55.99
CA GLN D 777 9.82 -3.85 57.32
C GLN D 777 10.39 -4.83 58.33
N TYR D 778 10.55 -6.09 57.93
CA TYR D 778 11.18 -7.07 58.81
C TYR D 778 12.64 -6.71 59.07
N ALA D 779 13.33 -6.19 58.07
CA ALA D 779 14.72 -5.81 58.24
C ALA D 779 14.86 -4.64 59.20
N TYR D 780 13.91 -3.71 59.18
CA TYR D 780 13.98 -2.57 60.08
C TYR D 780 13.72 -2.97 61.52
N GLN D 781 12.76 -3.87 61.75
CA GLN D 781 12.43 -4.27 63.11
C GLN D 781 13.48 -5.20 63.69
N GLU D 782 13.97 -6.15 62.91
CA GLU D 782 14.85 -7.18 63.41
C GLU D 782 16.33 -6.92 63.14
N GLY D 783 16.66 -6.26 62.03
CA GLY D 783 18.03 -6.04 61.66
C GLY D 783 18.67 -7.16 60.87
N ILE D 784 17.95 -8.26 60.65
CA ILE D 784 18.46 -9.39 59.89
C ILE D 784 17.38 -9.81 58.91
N ASP D 785 17.80 -10.42 57.80
CA ASP D 785 16.86 -10.92 56.82
C ASP D 785 16.09 -12.12 57.36
N ARG D 786 14.99 -12.43 56.70
CA ARG D 786 14.20 -13.59 57.08
C ARG D 786 15.00 -14.87 56.86
N PRO D 787 14.77 -15.91 57.67
CA PRO D 787 15.55 -17.14 57.54
C PRO D 787 15.45 -17.80 56.18
N GLU D 788 14.29 -17.72 55.51
CA GLU D 788 14.16 -18.34 54.20
C GLU D 788 14.90 -17.59 53.12
N ILE D 789 15.19 -16.30 53.34
CA ILE D 789 16.02 -15.56 52.39
C ILE D 789 17.47 -16.02 52.48
N ASN D 790 17.98 -16.16 53.70
CA ASN D 790 19.37 -16.56 53.88
C ASN D 790 19.59 -18.02 53.48
N GLN D 791 18.60 -18.88 53.75
CA GLN D 791 18.71 -20.31 53.48
C GLN D 791 18.01 -20.71 52.19
N TRP D 792 17.98 -19.83 51.20
CA TRP D 792 17.31 -20.14 49.95
C TRP D 792 18.10 -21.17 49.15
N GLN D 793 17.38 -22.06 48.48
CA GLN D 793 17.97 -23.09 47.64
C GLN D 793 17.14 -23.22 46.38
N TRP D 794 17.80 -23.63 45.29
CA TRP D 794 17.11 -23.86 44.03
C TRP D 794 15.99 -24.89 44.25
N PRO D 795 14.76 -24.56 43.89
CA PRO D 795 13.65 -25.45 44.25
C PRO D 795 13.33 -26.49 43.20
N PHE D 796 14.19 -26.66 42.20
CA PHE D 796 13.93 -27.65 41.17
C PHE D 796 15.05 -28.69 41.10
N ASP E 9 98.39 -33.59 14.47
CA ASP E 9 97.69 -34.77 15.01
C ASP E 9 96.18 -34.54 15.03
N ILE E 10 95.71 -33.59 14.23
CA ILE E 10 94.28 -33.30 14.16
C ILE E 10 93.54 -34.44 13.46
N ALA E 11 94.14 -34.99 12.40
CA ALA E 11 93.49 -36.06 11.65
C ALA E 11 93.30 -37.30 12.51
N THR E 12 94.32 -37.68 13.27
CA THR E 12 94.21 -38.81 14.18
C THR E 12 93.49 -38.39 15.45
N LEU E 13 92.92 -39.38 16.15
CA LEU E 13 92.19 -39.14 17.38
C LEU E 13 92.75 -40.01 18.49
N SER E 14 92.75 -39.47 19.70
CA SER E 14 93.14 -40.23 20.87
C SER E 14 92.08 -41.29 21.18
N PRO E 15 92.50 -42.46 21.68
CA PRO E 15 91.50 -43.48 22.06
C PRO E 15 90.56 -43.03 23.17
N ASN E 16 91.03 -42.21 24.11
CA ASN E 16 90.19 -41.79 25.22
C ASN E 16 89.10 -40.83 24.76
N GLU E 17 89.43 -39.87 23.90
CA GLU E 17 88.43 -38.94 23.40
C GLU E 17 87.45 -39.61 22.44
N GLN E 18 87.86 -40.72 21.81
CA GLN E 18 86.94 -41.46 20.95
C GLN E 18 85.79 -42.03 21.75
N ALA E 19 86.06 -42.50 22.97
CA ALA E 19 85.01 -42.99 23.84
C ALA E 19 84.03 -41.87 24.21
N ALA E 20 84.56 -40.68 24.51
CA ALA E 20 83.69 -39.54 24.80
C ALA E 20 82.88 -39.14 23.59
N ILE E 21 83.49 -39.18 22.40
CA ILE E 21 82.75 -38.92 21.16
C ILE E 21 81.69 -39.98 20.96
N ASP E 22 82.04 -41.25 21.18
CA ASP E 22 81.06 -42.32 21.08
C ASP E 22 80.00 -42.19 22.16
N ALA E 23 80.40 -41.73 23.35
CA ALA E 23 79.42 -41.49 24.42
C ALA E 23 78.42 -40.41 24.02
N TRP E 24 78.91 -39.33 23.41
CA TRP E 24 78.01 -38.31 22.88
C TRP E 24 77.15 -38.88 21.77
N TRP E 25 77.74 -39.69 20.89
CA TRP E 25 76.99 -40.26 19.78
C TRP E 25 75.92 -41.23 20.27
N ARG E 26 76.24 -42.02 21.29
CA ARG E 26 75.23 -42.91 21.88
C ARG E 26 74.13 -42.12 22.56
N ALA E 27 74.49 -41.05 23.28
CA ALA E 27 73.49 -40.28 24.01
C ALA E 27 72.53 -39.59 23.05
N ALA E 28 73.03 -39.09 21.92
CA ALA E 28 72.15 -38.46 20.93
C ALA E 28 71.16 -39.45 20.36
N ASN E 29 71.61 -40.66 20.04
CA ASN E 29 70.69 -41.67 19.52
C ASN E 29 69.71 -42.13 20.59
N TYR E 30 70.16 -42.21 21.85
CA TYR E 30 69.25 -42.55 22.93
C TYR E 30 68.18 -41.49 23.12
N LEU E 31 68.57 -40.21 23.06
CA LEU E 31 67.58 -39.15 23.11
C LEU E 31 66.73 -39.11 21.85
N SER E 32 67.28 -39.57 20.72
CA SER E 32 66.53 -39.57 19.46
C SER E 32 65.34 -40.51 19.54
N VAL E 33 65.58 -41.75 19.95
CA VAL E 33 64.49 -42.71 20.07
C VAL E 33 63.60 -42.41 21.27
N GLY E 34 64.11 -41.69 22.27
CA GLY E 34 63.28 -41.35 23.41
C GLY E 34 62.12 -40.44 23.03
N GLN E 35 62.40 -39.41 22.24
CA GLN E 35 61.33 -38.50 21.82
C GLN E 35 60.47 -39.11 20.73
N ILE E 36 61.00 -40.06 19.96
CA ILE E 36 60.19 -40.74 18.97
C ILE E 36 59.17 -41.65 19.65
N TYR E 37 59.59 -42.36 20.71
CA TYR E 37 58.76 -43.38 21.33
C TYR E 37 58.27 -42.99 22.71
N LEU E 38 59.17 -42.67 23.63
CA LEU E 38 58.79 -42.55 25.03
C LEU E 38 57.97 -41.30 25.29
N ARG E 39 56.94 -41.44 26.11
CA ARG E 39 56.16 -40.33 26.64
C ARG E 39 56.45 -40.06 28.10
N ASP E 40 56.72 -41.10 28.87
CA ASP E 40 57.11 -40.98 30.27
C ASP E 40 58.26 -41.94 30.52
N ASN E 41 58.80 -41.90 31.75
CA ASN E 41 59.93 -42.71 32.18
C ASN E 41 61.11 -42.51 31.24
N PRO E 42 61.76 -41.34 31.27
CA PRO E 42 62.79 -41.07 30.27
C PRO E 42 64.06 -41.87 30.48
N LEU E 43 64.46 -42.10 31.73
CA LEU E 43 65.72 -42.76 32.03
C LEU E 43 65.58 -44.26 32.24
N LEU E 44 64.38 -44.82 32.05
CA LEU E 44 64.10 -46.25 32.21
C LEU E 44 64.49 -46.75 33.60
N GLN E 45 64.16 -45.96 34.62
CA GLN E 45 64.38 -46.39 35.99
C GLN E 45 63.52 -47.61 36.32
N GLU E 46 62.29 -47.61 35.87
CA GLU E 46 61.37 -48.74 35.99
C GLU E 46 61.25 -49.46 34.67
N PRO E 47 60.83 -50.73 34.67
CA PRO E 47 60.65 -51.45 33.40
C PRO E 47 59.60 -50.77 32.52
N LEU E 48 59.84 -50.84 31.21
CA LEU E 48 59.01 -50.13 30.25
C LEU E 48 57.61 -50.74 30.19
N ARG E 49 56.61 -49.87 30.14
CA ARG E 49 55.21 -50.26 30.07
C ARG E 49 54.54 -49.50 28.93
N PRO E 50 53.46 -50.04 28.37
CA PRO E 50 52.84 -49.41 27.20
C PRO E 50 52.36 -47.97 27.43
N GLU E 51 52.01 -47.61 28.67
CA GLU E 51 51.57 -46.24 28.90
C GLU E 51 52.70 -45.22 28.77
N HIS E 52 53.95 -45.67 28.74
CA HIS E 52 55.07 -44.78 28.50
C HIS E 52 55.31 -44.50 27.02
N ILE E 53 54.65 -45.23 26.14
CA ILE E 53 54.89 -45.14 24.70
C ILE E 53 53.82 -44.24 24.08
N LYS E 54 54.24 -43.43 23.12
CA LYS E 54 53.29 -42.57 22.39
C LYS E 54 52.32 -43.43 21.59
N GLN E 55 51.05 -43.02 21.59
CA GLN E 55 50.02 -43.78 20.89
C GLN E 55 50.22 -43.74 19.37
N ARG E 56 50.50 -42.56 18.83
CA ARG E 56 50.73 -42.37 17.41
C ARG E 56 52.19 -42.04 17.17
N LEU E 57 52.84 -42.79 16.29
CA LEU E 57 54.26 -42.65 16.02
C LEU E 57 54.44 -42.02 14.64
N LEU E 58 54.99 -40.81 14.60
CA LEU E 58 55.20 -40.09 13.37
C LEU E 58 56.65 -39.70 13.13
N GLY E 59 57.54 -39.96 14.08
CA GLY E 59 58.92 -39.59 13.92
C GLY E 59 59.63 -40.44 12.87
N HIS E 60 60.77 -39.94 12.42
CA HIS E 60 61.58 -40.61 11.41
C HIS E 60 62.90 -41.03 12.03
N TRP E 61 63.31 -42.28 11.75
CA TRP E 61 64.53 -42.83 12.33
C TRP E 61 65.64 -43.06 11.32
N GLY E 62 65.32 -43.23 10.04
CA GLY E 62 66.32 -43.69 9.08
C GLY E 62 67.51 -42.77 8.95
N SER E 63 67.29 -41.46 9.04
CA SER E 63 68.37 -40.49 8.90
C SER E 63 69.03 -40.13 10.22
N ASP E 64 68.41 -40.48 11.34
CA ASP E 64 68.90 -40.02 12.65
C ASP E 64 70.31 -40.48 13.00
N PRO E 65 70.72 -41.74 12.80
CA PRO E 65 72.11 -42.09 13.13
C PRO E 65 73.15 -41.32 12.33
N GLY E 66 72.88 -41.05 11.04
CA GLY E 66 73.85 -40.34 10.24
C GLY E 66 74.06 -38.90 10.68
N LEU E 67 72.97 -38.20 10.97
CA LEU E 67 73.07 -36.79 11.39
C LEU E 67 73.78 -36.67 12.73
N SER E 68 73.45 -37.54 13.68
CA SER E 68 74.14 -37.53 14.96
C SER E 68 75.60 -37.90 14.81
N PHE E 69 75.92 -38.78 13.85
CA PHE E 69 77.30 -39.17 13.63
C PHE E 69 78.14 -37.99 13.15
N VAL E 70 77.61 -37.21 12.21
CA VAL E 70 78.35 -36.08 11.68
C VAL E 70 78.45 -34.96 12.71
N TYR E 71 77.36 -34.74 13.47
CA TYR E 71 77.30 -33.60 14.38
C TYR E 71 78.36 -33.69 15.48
N VAL E 72 78.55 -34.89 16.05
CA VAL E 72 79.51 -35.03 17.13
C VAL E 72 80.93 -34.84 16.62
N HIS E 73 81.22 -35.31 15.40
CA HIS E 73 82.54 -35.08 14.81
C HIS E 73 82.78 -33.61 14.55
N LEU E 74 81.74 -32.88 14.12
CA LEU E 74 81.87 -31.44 13.90
C LEU E 74 82.18 -30.70 15.19
N ASN E 75 81.55 -31.12 16.30
CA ASN E 75 81.83 -30.49 17.58
C ASN E 75 83.26 -30.77 18.01
N ARG E 76 83.81 -31.93 17.64
CA ARG E 76 85.22 -32.19 17.88
C ARG E 76 86.11 -31.23 17.11
N LEU E 77 85.79 -31.01 15.84
CA LEU E 77 86.61 -30.14 15.00
C LEU E 77 86.44 -28.68 15.36
N ILE E 78 85.26 -28.29 15.83
CA ILE E 78 85.03 -26.90 16.22
C ILE E 78 85.74 -26.56 17.53
N ARG E 79 86.08 -27.57 18.34
CA ARG E 79 86.81 -27.31 19.57
C ARG E 79 88.27 -26.96 19.29
N ARG E 80 88.89 -27.67 18.35
CA ARG E 80 90.32 -27.49 18.11
C ARG E 80 90.60 -26.27 17.24
N LEU E 81 89.91 -26.15 16.11
CA LEU E 81 90.17 -25.09 15.16
C LEU E 81 89.37 -23.83 15.42
N ASP E 82 88.47 -23.85 16.41
CA ASP E 82 87.67 -22.68 16.81
C ASP E 82 86.88 -22.11 15.62
N LEU E 83 86.25 -23.01 14.87
CA LEU E 83 85.50 -22.61 13.70
C LEU E 83 84.10 -22.15 14.09
N ASN E 84 83.23 -21.97 13.11
CA ASN E 84 81.82 -21.68 13.34
C ASN E 84 81.01 -22.38 12.25
N LEU E 85 80.04 -23.18 12.67
CA LEU E 85 79.27 -24.01 11.76
C LEU E 85 77.79 -23.71 11.92
N ILE E 86 77.02 -24.10 10.90
CA ILE E 86 75.58 -23.89 10.87
C ILE E 86 74.82 -25.22 10.83
N TYR E 87 75.33 -26.19 10.06
CA TYR E 87 74.75 -27.52 9.93
C TYR E 87 73.31 -27.46 9.39
N VAL E 88 73.21 -27.02 8.14
CA VAL E 88 71.95 -27.09 7.42
C VAL E 88 71.63 -28.54 7.11
N THR E 89 70.43 -28.98 7.46
CA THR E 89 70.03 -30.37 7.36
C THR E 89 69.26 -30.60 6.07
N GLY E 90 69.69 -31.61 5.30
CA GLY E 90 69.05 -31.94 4.04
C GLY E 90 67.78 -32.75 4.17
N PRO E 91 67.84 -33.94 4.76
CA PRO E 91 66.64 -34.77 4.86
C PRO E 91 65.48 -34.12 5.59
N GLY E 92 65.76 -33.25 6.56
CA GLY E 92 64.72 -32.49 7.23
C GLY E 92 63.91 -33.27 8.25
N HIS E 93 63.83 -34.59 8.12
CA HIS E 93 63.17 -35.43 9.10
C HIS E 93 64.15 -35.92 10.17
N GLY E 94 65.40 -35.47 10.13
CA GLY E 94 66.37 -35.82 11.13
C GLY E 94 66.37 -34.84 12.29
N ALA E 95 65.26 -34.14 12.45
CA ALA E 95 65.11 -33.20 13.56
C ALA E 95 65.33 -33.81 14.95
N PRO E 96 64.92 -35.06 15.24
CA PRO E 96 65.30 -35.63 16.55
C PRO E 96 66.80 -35.68 16.77
N ALA E 97 67.58 -35.91 15.72
CA ALA E 97 69.04 -35.87 15.86
C ALA E 97 69.51 -34.47 16.21
N LEU E 98 68.93 -33.45 15.58
CA LEU E 98 69.33 -32.07 15.87
C LEU E 98 68.91 -31.66 17.27
N LEU E 99 67.67 -31.97 17.66
CA LEU E 99 67.16 -31.53 18.95
C LEU E 99 67.89 -32.23 20.09
N ALA E 100 68.27 -33.50 19.90
CA ALA E 100 69.04 -34.19 20.92
C ALA E 100 70.39 -33.52 21.14
N ASN E 101 71.08 -33.17 20.05
CA ASN E 101 72.36 -32.50 20.17
C ASN E 101 72.21 -31.12 20.78
N ALA E 102 71.15 -30.40 20.41
CA ALA E 102 70.89 -29.09 20.99
C ALA E 102 70.60 -29.21 22.49
N TRP E 103 69.86 -30.24 22.89
CA TRP E 103 69.62 -30.47 24.30
C TRP E 103 70.90 -30.84 25.03
N LEU E 104 71.74 -31.67 24.41
CA LEU E 104 72.99 -32.08 25.05
C LEU E 104 73.94 -30.90 25.23
N GLU E 105 74.04 -30.04 24.22
CA GLU E 105 74.89 -28.86 24.32
C GLU E 105 74.36 -27.82 25.30
N GLY E 106 73.12 -27.94 25.74
CA GLY E 106 72.52 -26.98 26.64
C GLY E 106 71.84 -25.82 25.96
N THR E 107 71.92 -25.72 24.63
CA THR E 107 71.27 -24.63 23.91
C THR E 107 69.76 -24.71 24.05
N TYR E 108 69.19 -25.91 23.93
CA TYR E 108 67.74 -26.06 23.97
C TYR E 108 67.18 -25.69 25.33
N SER E 109 67.91 -26.00 26.40
CA SER E 109 67.47 -25.63 27.74
C SER E 109 67.46 -24.12 27.91
N GLU E 110 68.46 -23.43 27.36
CA GLU E 110 68.49 -21.97 27.45
C GLU E 110 67.36 -21.33 26.65
N VAL E 111 67.11 -21.83 25.44
CA VAL E 111 66.02 -21.30 24.63
C VAL E 111 64.67 -21.65 25.24
N TYR E 112 64.50 -22.90 25.67
CA TYR E 112 63.27 -23.35 26.30
C TYR E 112 63.56 -23.76 27.74
N PRO E 113 63.28 -22.89 28.71
CA PRO E 113 63.58 -23.22 30.11
C PRO E 113 62.77 -24.38 30.66
N ASN E 114 61.62 -24.70 30.05
CA ASN E 114 60.83 -25.83 30.51
C ASN E 114 61.59 -27.14 30.34
N CYS E 115 62.27 -27.30 29.22
CA CYS E 115 63.05 -28.51 28.94
C CYS E 115 64.43 -28.38 29.57
N GLN E 116 64.42 -28.32 30.90
CA GLN E 116 65.65 -28.19 31.66
C GLN E 116 66.45 -29.50 31.62
N GLN E 117 67.76 -29.38 31.82
CA GLN E 117 68.64 -30.55 31.85
C GLN E 117 68.47 -31.26 33.19
N SER E 118 67.41 -32.07 33.26
CA SER E 118 67.08 -32.81 34.46
C SER E 118 66.18 -33.97 34.05
N THR E 119 65.83 -34.81 35.05
CA THR E 119 64.92 -35.92 34.78
C THR E 119 63.54 -35.43 34.38
N ALA E 120 63.03 -34.41 35.08
CA ALA E 120 61.73 -33.84 34.73
C ALA E 120 61.76 -33.19 33.36
N GLY E 121 62.85 -32.49 33.02
CA GLY E 121 62.97 -31.90 31.71
C GLY E 121 63.08 -32.94 30.61
N LEU E 122 63.75 -34.05 30.89
CA LEU E 122 63.83 -35.14 29.92
C LEU E 122 62.44 -35.72 29.64
N GLN E 123 61.61 -35.83 30.66
CA GLN E 123 60.23 -36.27 30.45
C GLN E 123 59.48 -35.29 29.58
N GLN E 124 59.69 -33.98 29.80
CA GLN E 124 59.05 -32.97 28.97
C GLN E 124 59.66 -32.95 27.57
N PHE E 125 60.96 -33.18 27.46
CA PHE E 125 61.62 -33.17 26.16
C PHE E 125 61.10 -34.26 25.25
N PHE E 126 60.90 -35.47 25.79
CA PHE E 126 60.34 -36.56 24.99
C PHE E 126 58.85 -36.39 24.74
N LYS E 127 58.14 -35.74 25.66
CA LYS E 127 56.69 -35.63 25.52
C LYS E 127 56.31 -34.67 24.40
N GLN E 128 57.08 -33.57 24.24
CA GLN E 128 56.66 -32.51 23.34
C GLN E 128 56.84 -32.88 21.88
N PHE E 129 57.78 -33.77 21.56
CA PHE E 129 58.07 -34.06 20.16
C PHE E 129 56.93 -34.82 19.50
N SER E 130 56.57 -34.38 18.29
CA SER E 130 55.55 -35.02 17.46
C SER E 130 54.24 -35.19 18.22
N PHE E 131 53.87 -34.17 18.98
CA PHE E 131 52.72 -34.21 19.87
C PHE E 131 51.88 -32.97 19.68
N PRO E 132 50.56 -33.08 19.85
CA PRO E 132 49.72 -31.88 19.83
C PRO E 132 50.15 -30.89 20.90
N GLY E 133 50.16 -29.61 20.54
CA GLY E 133 50.73 -28.60 21.41
C GLY E 133 52.21 -28.80 21.64
N GLY E 134 52.95 -29.21 20.61
CA GLY E 134 54.36 -29.47 20.73
C GLY E 134 55.05 -29.27 19.40
N ILE E 135 56.36 -29.53 19.40
CA ILE E 135 57.16 -29.33 18.20
C ILE E 135 56.85 -30.43 17.17
N GLY E 136 57.07 -30.10 15.90
CA GLY E 136 56.74 -31.00 14.82
C GLY E 136 57.85 -32.00 14.52
N SER E 137 57.58 -32.87 13.55
CA SER E 137 58.53 -33.92 13.20
C SER E 137 59.71 -33.35 12.43
N HIS E 138 59.46 -32.45 11.48
CA HIS E 138 60.53 -31.84 10.71
C HIS E 138 61.20 -30.73 11.50
N CYS E 139 62.32 -30.24 10.97
CA CYS E 139 63.04 -29.13 11.60
C CYS E 139 62.33 -27.83 11.25
N THR E 140 61.61 -27.29 12.22
CA THR E 140 60.77 -26.12 12.10
C THR E 140 61.49 -24.89 12.62
N PRO E 141 60.91 -23.69 12.49
CA PRO E 141 61.50 -22.51 13.14
C PRO E 141 61.63 -22.65 14.65
N GLU E 142 60.84 -23.50 15.30
CA GLU E 142 61.04 -23.75 16.73
C GLU E 142 62.37 -24.42 17.03
N THR E 143 62.95 -25.13 16.06
CA THR E 143 64.20 -25.82 16.27
C THR E 143 65.34 -24.82 16.37
N PRO E 144 66.10 -24.80 17.46
CA PRO E 144 67.26 -23.91 17.54
C PRO E 144 68.33 -24.29 16.52
N GLY E 145 69.00 -23.27 16.01
CA GLY E 145 70.08 -23.48 15.05
C GLY E 145 69.64 -24.11 13.75
N SER E 146 68.51 -23.67 13.20
CA SER E 146 68.00 -24.21 11.96
C SER E 146 67.49 -23.08 11.08
N ILE E 147 67.88 -23.10 9.80
CA ILE E 147 67.35 -22.17 8.82
C ILE E 147 66.56 -22.86 7.72
N HIS E 148 66.79 -24.14 7.48
CA HIS E 148 66.13 -24.87 6.40
C HIS E 148 65.02 -25.73 7.00
N GLU E 149 63.80 -25.55 6.48
CA GLU E 149 62.67 -26.32 7.00
C GLU E 149 62.84 -27.80 6.71
N GLY E 150 63.37 -28.14 5.54
CA GLY E 150 63.73 -29.50 5.23
C GLY E 150 62.59 -30.42 4.88
N GLY E 151 61.34 -29.96 4.98
CA GLY E 151 60.22 -30.81 4.61
C GLY E 151 60.19 -31.12 3.13
N GLU E 152 60.42 -30.10 2.30
CA GLU E 152 60.62 -30.31 0.87
C GLU E 152 62.09 -30.65 0.63
N LEU E 153 62.32 -31.61 -0.26
CA LEU E 153 63.64 -32.16 -0.49
C LEU E 153 64.19 -31.63 -1.81
N GLY E 154 65.37 -31.01 -1.76
CA GLY E 154 66.03 -30.54 -2.95
C GLY E 154 66.58 -29.13 -2.83
N TYR E 155 66.15 -28.41 -1.79
CA TYR E 155 66.52 -27.02 -1.59
C TYR E 155 67.57 -26.85 -0.49
N SER E 156 68.15 -27.94 0.00
CA SER E 156 69.06 -27.84 1.14
C SER E 156 70.39 -27.22 0.75
N LEU E 157 70.96 -27.63 -0.39
CA LEU E 157 72.29 -27.15 -0.77
C LEU E 157 72.25 -25.68 -1.14
N SER E 158 71.18 -25.23 -1.80
CA SER E 158 71.06 -23.82 -2.12
C SER E 158 71.03 -22.97 -0.86
N HIS E 159 70.35 -23.45 0.19
CA HIS E 159 70.35 -22.73 1.45
C HIS E 159 71.70 -22.75 2.13
N ALA E 160 72.52 -23.75 1.85
CA ALA E 160 73.88 -23.77 2.38
C ALA E 160 74.72 -22.65 1.77
N PHE E 161 74.62 -22.48 0.46
CA PHE E 161 75.41 -21.45 -0.22
C PHE E 161 74.88 -20.05 0.11
N GLY E 162 73.56 -19.90 0.22
CA GLY E 162 72.99 -18.60 0.50
C GLY E 162 73.40 -18.04 1.86
N ALA E 163 73.53 -18.92 2.86
CA ALA E 163 73.92 -18.46 4.18
C ALA E 163 75.37 -17.99 4.23
N ALA E 164 76.20 -18.43 3.29
CA ALA E 164 77.61 -18.06 3.26
C ALA E 164 77.93 -17.08 2.12
N LEU E 165 76.93 -16.34 1.64
CA LEU E 165 77.16 -15.48 0.48
C LEU E 165 77.99 -14.26 0.82
N ASP E 166 77.98 -13.81 2.08
CA ASP E 166 78.80 -12.66 2.44
C ASP E 166 79.42 -12.79 3.82
N ASN E 167 79.46 -13.99 4.38
CA ASN E 167 80.16 -14.22 5.63
C ASN E 167 81.48 -14.90 5.33
N PRO E 168 82.63 -14.23 5.48
CA PRO E 168 83.88 -14.84 5.04
C PRO E 168 84.36 -15.96 5.93
N ASP E 169 84.25 -15.81 7.25
CA ASP E 169 84.76 -16.80 8.18
C ASP E 169 83.78 -17.94 8.46
N LEU E 170 82.54 -17.81 8.03
CA LEU E 170 81.54 -18.83 8.31
C LEU E 170 81.82 -20.10 7.50
N ILE E 171 81.60 -21.24 8.13
CA ILE E 171 81.66 -22.54 7.47
C ILE E 171 80.30 -23.19 7.62
N VAL E 172 79.77 -23.75 6.53
CA VAL E 172 78.46 -24.38 6.51
C VAL E 172 78.64 -25.83 6.10
N ALA E 173 78.14 -26.74 6.92
CA ALA E 173 78.21 -28.17 6.65
C ALA E 173 76.80 -28.67 6.38
N CYS E 174 76.48 -28.89 5.10
CA CYS E 174 75.17 -29.35 4.70
C CYS E 174 75.22 -30.83 4.41
N VAL E 175 74.33 -31.58 5.06
CA VAL E 175 74.23 -33.03 4.87
C VAL E 175 73.16 -33.29 3.81
N ILE E 176 73.53 -34.06 2.79
CA ILE E 176 72.65 -34.31 1.64
C ILE E 176 72.28 -35.78 1.63
N GLY E 177 70.98 -36.08 1.57
CA GLY E 177 70.55 -37.44 1.41
C GLY E 177 70.63 -37.89 -0.04
N ASP E 178 70.89 -39.18 -0.22
CA ASP E 178 71.06 -39.72 -1.57
C ASP E 178 69.74 -39.70 -2.35
N GLY E 179 68.63 -39.99 -1.67
CA GLY E 179 67.33 -39.85 -2.33
C GLY E 179 66.99 -38.42 -2.67
N GLU E 180 67.41 -37.48 -1.83
CA GLU E 180 67.21 -36.07 -2.12
C GLU E 180 68.13 -35.59 -3.23
N ALA E 181 69.34 -36.14 -3.31
CA ALA E 181 70.36 -35.62 -4.23
C ALA E 181 69.99 -35.81 -5.68
N GLU E 182 69.10 -36.73 -6.00
CA GLU E 182 68.73 -36.96 -7.39
C GLU E 182 67.68 -35.96 -7.90
N THR E 183 67.09 -35.17 -7.01
CA THR E 183 66.04 -34.23 -7.43
C THR E 183 66.62 -33.13 -8.31
N GLY E 184 65.74 -32.51 -9.09
CA GLY E 184 66.12 -31.47 -10.02
C GLY E 184 66.79 -30.27 -9.39
N PRO E 185 66.15 -29.65 -8.40
CA PRO E 185 66.79 -28.52 -7.70
C PRO E 185 68.12 -28.86 -7.06
N LEU E 186 68.31 -30.09 -6.59
CA LEU E 186 69.59 -30.43 -5.99
C LEU E 186 70.61 -30.87 -7.04
N ALA E 187 70.16 -31.40 -8.18
CA ALA E 187 71.10 -31.77 -9.22
C ALA E 187 71.82 -30.55 -9.78
N THR E 188 71.10 -29.44 -9.95
CA THR E 188 71.72 -28.21 -10.45
C THR E 188 72.54 -27.52 -9.37
N SER E 189 72.12 -27.58 -8.12
CA SER E 189 72.70 -26.77 -7.05
C SER E 189 74.15 -27.14 -6.75
N TRP E 190 74.65 -28.27 -7.27
CA TRP E 190 76.06 -28.60 -7.11
C TRP E 190 76.95 -27.56 -7.79
N HIS E 191 76.53 -27.06 -8.94
CA HIS E 191 77.32 -26.09 -9.69
C HIS E 191 77.45 -24.74 -9.01
N SER E 192 76.77 -24.53 -7.88
CA SER E 192 76.82 -23.26 -7.17
C SER E 192 78.18 -22.96 -6.56
N ASN E 193 79.09 -23.95 -6.54
CA ASN E 193 80.45 -23.69 -6.09
C ASN E 193 81.15 -22.67 -6.98
N LYS E 194 80.84 -22.67 -8.28
CA LYS E 194 81.48 -21.75 -9.21
C LYS E 194 81.09 -20.30 -8.89
N PHE E 195 79.82 -20.06 -8.59
CA PHE E 195 79.38 -18.70 -8.28
C PHE E 195 79.87 -18.22 -6.94
N LEU E 196 80.21 -19.12 -6.02
CA LEU E 196 80.74 -18.72 -4.73
C LEU E 196 82.14 -18.16 -4.89
N ASN E 197 82.41 -17.07 -4.18
CA ASN E 197 83.70 -16.40 -4.29
C ASN E 197 84.56 -16.75 -3.07
N PRO E 198 85.64 -17.51 -3.25
CA PRO E 198 86.45 -17.90 -2.09
C PRO E 198 87.12 -16.75 -1.37
N ALA E 199 87.32 -15.61 -2.04
CA ALA E 199 88.08 -14.52 -1.43
C ALA E 199 87.29 -13.83 -0.32
N GLN E 200 86.02 -13.53 -0.56
CA GLN E 200 85.24 -12.73 0.37
C GLN E 200 84.11 -13.48 1.04
N ASP E 201 83.92 -14.76 0.73
CA ASP E 201 82.81 -15.53 1.28
C ASP E 201 83.35 -16.73 2.06
N GLY E 202 82.44 -17.37 2.78
CA GLY E 202 82.77 -18.57 3.52
C GLY E 202 82.85 -19.79 2.63
N ALA E 203 83.11 -20.93 3.28
CA ALA E 203 83.23 -22.21 2.60
C ALA E 203 82.12 -23.14 3.04
N VAL E 204 81.48 -23.78 2.08
CA VAL E 204 80.41 -24.74 2.33
C VAL E 204 80.96 -26.14 2.13
N LEU E 205 80.77 -27.00 3.13
CA LEU E 205 81.27 -28.37 3.07
C LEU E 205 80.10 -29.33 2.91
N PRO E 206 79.77 -29.74 1.69
CA PRO E 206 78.64 -30.66 1.50
C PRO E 206 79.01 -32.08 1.88
N ILE E 207 78.07 -32.76 2.52
CA ILE E 207 78.26 -34.14 2.93
C ILE E 207 77.10 -34.97 2.38
N LEU E 208 77.43 -36.07 1.71
CA LEU E 208 76.43 -36.92 1.09
C LEU E 208 76.16 -38.12 2.00
N HIS E 209 74.91 -38.27 2.43
CA HIS E 209 74.52 -39.41 3.26
C HIS E 209 74.00 -40.50 2.33
N LEU E 210 74.95 -41.20 1.71
CA LEU E 210 74.64 -42.22 0.70
C LEU E 210 74.36 -43.56 1.37
N ASN E 211 73.26 -43.61 2.12
CA ASN E 211 72.92 -44.83 2.86
C ASN E 211 72.41 -45.94 1.94
N GLY E 212 71.96 -45.61 0.74
CA GLY E 212 71.61 -46.59 -0.26
C GLY E 212 70.14 -46.83 -0.47
N TYR E 213 69.28 -46.36 0.44
CA TYR E 213 67.86 -46.67 0.38
C TYR E 213 67.01 -45.44 0.58
N LYS E 214 65.96 -45.33 -0.24
CA LYS E 214 64.88 -44.37 -0.02
C LYS E 214 63.90 -44.96 0.97
N ILE E 215 62.68 -44.41 1.03
CA ILE E 215 61.66 -44.96 1.91
C ILE E 215 61.24 -46.35 1.45
N ALA E 216 61.22 -46.60 0.14
CA ALA E 216 60.81 -47.91 -0.37
C ALA E 216 61.62 -48.39 -1.57
N ASN E 217 62.66 -47.68 -1.97
CA ASN E 217 63.43 -48.03 -3.16
C ASN E 217 64.91 -47.81 -2.89
N PRO E 218 65.79 -48.58 -3.52
CA PRO E 218 67.21 -48.23 -3.48
C PRO E 218 67.46 -46.89 -4.17
N THR E 219 68.36 -46.11 -3.59
CA THR E 219 68.68 -44.80 -4.15
C THR E 219 69.45 -44.95 -5.45
N LEU E 220 69.18 -44.05 -6.39
CA LEU E 220 69.80 -44.13 -7.70
C LEU E 220 71.30 -43.86 -7.63
N LEU E 221 71.72 -42.94 -6.76
CA LEU E 221 73.12 -42.55 -6.72
C LEU E 221 74.01 -43.57 -6.02
N SER E 222 73.48 -44.29 -5.02
CA SER E 222 74.32 -45.27 -4.33
C SER E 222 74.59 -46.49 -5.18
N ARG E 223 73.72 -46.79 -6.14
CA ARG E 223 73.83 -48.01 -6.91
C ARG E 223 74.65 -47.85 -8.18
N ILE E 224 75.04 -46.62 -8.53
CA ILE E 224 75.99 -46.48 -9.63
C ILE E 224 77.38 -46.89 -9.16
N SER E 225 78.24 -47.20 -10.13
CA SER E 225 79.59 -47.64 -9.80
C SER E 225 80.39 -46.53 -9.13
N HIS E 226 81.34 -46.94 -8.29
CA HIS E 226 82.15 -45.96 -7.57
C HIS E 226 82.97 -45.11 -8.52
N GLU E 227 83.35 -45.65 -9.68
CA GLU E 227 84.06 -44.86 -10.67
C GLU E 227 83.17 -43.79 -11.27
N GLU E 228 81.94 -44.16 -11.65
CA GLU E 228 81.01 -43.20 -12.23
C GLU E 228 80.59 -42.15 -11.21
N LEU E 229 80.40 -42.57 -9.95
CA LEU E 229 80.05 -41.61 -8.91
C LEU E 229 81.18 -40.61 -8.69
N ARG E 230 82.42 -41.08 -8.72
CA ARG E 230 83.56 -40.16 -8.61
C ARG E 230 83.66 -39.27 -9.84
N SER E 231 83.33 -39.81 -11.01
CA SER E 231 83.31 -38.99 -12.22
C SER E 231 82.25 -37.89 -12.13
N LEU E 232 81.09 -38.21 -11.56
CA LEU E 232 80.01 -37.24 -11.46
C LEU E 232 80.38 -36.07 -10.56
N PHE E 233 81.05 -36.34 -9.43
CA PHE E 233 81.41 -35.26 -8.52
C PHE E 233 82.58 -34.44 -9.02
N ILE E 234 83.43 -35.02 -9.86
CA ILE E 234 84.46 -34.23 -10.52
C ILE E 234 83.84 -33.26 -11.52
N GLY E 235 82.83 -33.73 -12.26
CA GLY E 235 82.15 -32.85 -13.20
C GLY E 235 81.46 -31.69 -12.53
N TYR E 236 80.91 -31.91 -11.33
CA TYR E 236 80.36 -30.82 -10.55
C TYR E 236 81.42 -29.89 -10.00
N GLY E 237 82.69 -30.31 -10.01
CA GLY E 237 83.77 -29.47 -9.55
C GLY E 237 84.21 -29.68 -8.12
N TYR E 238 83.73 -30.73 -7.47
CA TYR E 238 84.09 -31.01 -6.08
C TYR E 238 85.18 -32.06 -6.01
N GLU E 239 85.99 -31.97 -4.96
CA GLU E 239 86.99 -32.98 -4.67
C GLU E 239 86.34 -34.07 -3.83
N PRO E 240 86.13 -35.28 -4.36
CA PRO E 240 85.36 -36.28 -3.61
C PRO E 240 86.22 -37.06 -2.65
N PHE E 241 85.69 -37.26 -1.44
CA PHE E 241 86.27 -38.14 -0.44
C PHE E 241 85.22 -39.15 0.00
N PHE E 242 85.65 -40.40 0.17
CA PHE E 242 84.74 -41.51 0.42
C PHE E 242 85.02 -42.11 1.79
N VAL E 243 83.98 -42.20 2.61
CA VAL E 243 84.05 -42.86 3.91
C VAL E 243 82.98 -43.94 3.91
N GLU E 244 83.40 -45.19 4.13
CA GLU E 244 82.51 -46.34 4.03
C GLU E 244 82.66 -47.20 5.28
N GLY E 245 81.79 -48.19 5.40
CA GLY E 245 81.84 -49.15 6.46
C GLY E 245 80.69 -48.99 7.45
N ASN E 246 80.66 -49.92 8.42
CA ASN E 246 79.64 -49.89 9.47
C ASN E 246 80.21 -50.19 10.84
N ASP E 247 81.53 -50.17 11.01
CA ASP E 247 82.15 -50.43 12.29
C ASP E 247 82.46 -49.10 12.97
N PRO E 248 81.84 -48.80 14.13
CA PRO E 248 82.09 -47.50 14.77
C PRO E 248 83.55 -47.24 15.11
N ALA E 249 84.29 -48.27 15.51
CA ALA E 249 85.70 -48.09 15.82
C ALA E 249 86.48 -47.66 14.59
N ILE E 250 86.20 -48.28 13.44
CA ILE E 250 86.83 -47.86 12.20
C ILE E 250 86.26 -46.52 11.76
N LEU E 251 84.94 -46.34 11.86
CA LEU E 251 84.30 -45.16 11.29
C LEU E 251 84.67 -43.89 12.03
N HIS E 252 84.90 -43.96 13.35
CA HIS E 252 85.29 -42.78 14.09
C HIS E 252 86.64 -42.26 13.60
N GLY E 253 87.61 -43.16 13.43
CA GLY E 253 88.93 -42.73 12.98
C GLY E 253 88.94 -42.20 11.56
N VAL E 254 88.24 -42.87 10.64
CA VAL E 254 88.27 -42.49 9.24
C VAL E 254 87.54 -41.17 9.02
N MET E 255 86.36 -41.02 9.63
CA MET E 255 85.55 -39.83 9.37
C MET E 255 86.15 -38.59 10.01
N ALA E 256 86.75 -38.74 11.20
CA ALA E 256 87.45 -37.62 11.81
C ALA E 256 88.67 -37.22 10.99
N SER E 257 89.38 -38.21 10.44
CA SER E 257 90.53 -37.92 9.59
C SER E 257 90.11 -37.19 8.32
N THR E 258 89.01 -37.63 7.71
CA THR E 258 88.53 -36.99 6.48
C THR E 258 88.07 -35.56 6.73
N LEU E 259 87.39 -35.32 7.86
CA LEU E 259 86.97 -33.97 8.20
C LEU E 259 88.17 -33.04 8.39
N ALA E 260 89.21 -33.52 9.07
CA ALA E 260 90.41 -32.72 9.24
C ALA E 260 91.11 -32.48 7.91
N THR E 261 91.08 -33.48 7.02
CA THR E 261 91.66 -33.31 5.69
C THR E 261 90.95 -32.23 4.90
N CYS E 262 89.61 -32.20 4.99
CA CYS E 262 88.84 -31.27 4.17
C CYS E 262 88.94 -29.84 4.68
N VAL E 263 88.91 -29.65 6.01
CA VAL E 263 88.88 -28.30 6.55
C VAL E 263 90.20 -27.56 6.30
N GLN E 264 91.32 -28.29 6.35
CA GLN E 264 92.61 -27.66 6.05
C GLN E 264 92.68 -27.23 4.61
N LYS E 265 92.14 -28.04 3.69
CA LYS E 265 92.04 -27.61 2.29
C LYS E 265 91.10 -26.42 2.16
N ILE E 266 90.02 -26.39 2.95
CA ILE E 266 89.13 -25.23 2.96
C ILE E 266 89.87 -24.00 3.45
N GLN E 267 90.66 -24.13 4.51
CA GLN E 267 91.44 -23.00 4.98
C GLN E 267 92.56 -22.66 4.00
N ALA E 268 93.13 -23.66 3.34
CA ALA E 268 94.15 -23.40 2.32
C ALA E 268 93.55 -22.64 1.14
N ILE E 269 92.35 -23.03 0.71
CA ILE E 269 91.69 -22.36 -0.40
C ILE E 269 91.36 -20.92 -0.04
N GLN E 270 90.80 -20.71 1.15
CA GLN E 270 90.43 -19.36 1.57
C GLN E 270 91.67 -18.48 1.75
N ALA E 271 92.74 -19.02 2.32
CA ALA E 271 93.97 -18.24 2.50
C ALA E 271 94.60 -17.92 1.15
N ALA E 272 94.60 -18.87 0.22
CA ALA E 272 95.17 -18.62 -1.10
C ALA E 272 94.35 -17.58 -1.86
N ALA E 273 93.02 -17.62 -1.72
CA ALA E 273 92.18 -16.64 -2.41
C ALA E 273 92.38 -15.25 -1.86
N ARG E 274 92.46 -15.11 -0.53
CA ARG E 274 92.63 -13.79 0.06
C ARG E 274 94.03 -13.23 -0.20
N SER E 275 95.04 -14.11 -0.26
CA SER E 275 96.37 -13.66 -0.62
C SER E 275 96.47 -13.25 -2.09
N GLY E 276 95.58 -13.76 -2.93
CA GLY E 276 95.57 -13.42 -4.34
C GLY E 276 96.54 -14.20 -5.20
N GLU E 277 97.31 -15.11 -4.62
CA GLU E 277 98.29 -15.85 -5.40
C GLU E 277 97.63 -16.90 -6.28
N SER E 278 96.48 -17.43 -5.87
CA SER E 278 95.76 -18.47 -6.59
C SER E 278 94.36 -17.96 -6.90
N SER E 279 94.22 -17.25 -8.02
CA SER E 279 92.94 -16.71 -8.45
C SER E 279 92.36 -17.63 -9.52
N ASP E 280 91.84 -18.77 -9.07
CA ASP E 280 91.23 -19.73 -9.97
C ASP E 280 90.20 -20.54 -9.19
N ARG E 281 89.29 -21.16 -9.91
CA ARG E 281 88.25 -21.97 -9.27
C ARG E 281 88.85 -23.27 -8.76
N PRO E 282 88.80 -23.54 -7.46
CA PRO E 282 89.37 -24.78 -6.92
C PRO E 282 88.32 -25.88 -6.78
N MET E 283 88.83 -27.10 -6.62
CA MET E 283 87.97 -28.26 -6.38
C MET E 283 87.64 -28.32 -4.89
N TRP E 284 86.40 -27.99 -4.55
CA TRP E 284 85.99 -27.96 -3.16
C TRP E 284 85.91 -29.37 -2.59
N PRO E 285 86.21 -29.56 -1.31
CA PRO E 285 86.11 -30.90 -0.71
C PRO E 285 84.67 -31.40 -0.65
N MET E 286 84.54 -32.72 -0.78
CA MET E 286 83.25 -33.40 -0.79
C MET E 286 83.39 -34.73 -0.07
N ILE E 287 82.40 -35.07 0.77
CA ILE E 287 82.44 -36.25 1.60
C ILE E 287 81.26 -37.15 1.26
N VAL E 288 81.54 -38.44 1.08
CA VAL E 288 80.53 -39.45 0.78
C VAL E 288 80.51 -40.46 1.91
N LEU E 289 79.32 -40.72 2.46
CA LEU E 289 79.15 -41.66 3.56
C LEU E 289 78.32 -42.85 3.07
N ARG E 290 78.88 -44.05 3.19
CA ARG E 290 78.20 -45.28 2.81
C ARG E 290 77.67 -46.04 4.02
N THR E 291 77.48 -45.35 5.15
CA THR E 291 76.99 -46.02 6.35
C THR E 291 75.57 -46.52 6.12
N PRO E 292 75.23 -47.72 6.61
CA PRO E 292 73.87 -48.24 6.41
C PRO E 292 72.84 -47.40 7.13
N LYS E 293 71.64 -47.37 6.56
CA LYS E 293 70.55 -46.60 7.16
C LYS E 293 70.11 -47.25 8.47
N GLY E 294 70.15 -46.49 9.56
CA GLY E 294 69.81 -47.04 10.86
C GLY E 294 70.76 -48.14 11.30
N TRP E 295 72.06 -47.95 11.11
CA TRP E 295 73.04 -48.99 11.41
C TRP E 295 73.27 -49.15 12.91
N THR E 296 72.71 -48.28 13.75
CA THR E 296 72.77 -48.44 15.20
C THR E 296 71.48 -49.01 15.77
N GLY E 297 70.48 -49.26 14.94
CA GLY E 297 69.19 -49.73 15.40
C GLY E 297 69.06 -51.23 15.32
N PRO E 298 67.83 -51.74 15.45
CA PRO E 298 67.60 -53.18 15.34
C PRO E 298 67.88 -53.69 13.93
N ALA E 299 68.32 -54.95 13.86
CA ALA E 299 68.69 -55.56 12.59
C ALA E 299 67.51 -56.29 11.94
N THR E 300 66.91 -57.23 12.65
CA THR E 300 65.77 -57.99 12.15
C THR E 300 64.69 -58.02 13.21
N ILE E 301 63.45 -57.77 12.80
CA ILE E 301 62.34 -57.67 13.74
C ILE E 301 61.24 -58.68 13.39
N LYS E 302 60.71 -58.59 12.18
CA LYS E 302 59.62 -59.43 11.73
C LYS E 302 60.04 -60.32 10.57
N GLY E 303 61.22 -60.93 10.69
CA GLY E 303 61.74 -61.76 9.63
C GLY E 303 62.27 -61.02 8.44
N HIS E 304 62.42 -59.71 8.53
CA HIS E 304 62.95 -58.89 7.45
C HIS E 304 64.04 -57.98 7.99
N VAL E 305 64.92 -57.55 7.07
CA VAL E 305 66.05 -56.71 7.45
C VAL E 305 65.55 -55.30 7.74
N VAL E 306 65.77 -54.83 8.96
CA VAL E 306 65.37 -53.48 9.37
C VAL E 306 66.54 -52.53 9.52
N GLU E 307 67.77 -53.00 9.38
CA GLU E 307 68.95 -52.16 9.47
C GLU E 307 69.64 -52.11 8.11
N GLY E 308 69.96 -50.90 7.66
CA GLY E 308 70.58 -50.72 6.35
C GLY E 308 69.67 -51.09 5.19
N SER E 309 68.39 -50.79 5.30
CA SER E 309 67.43 -51.07 4.24
C SER E 309 66.36 -50.00 4.25
N TRP E 310 65.48 -50.06 3.25
CA TRP E 310 64.40 -49.08 3.16
C TRP E 310 63.40 -49.22 4.29
N ARG E 311 63.35 -50.37 4.95
CA ARG E 311 62.47 -50.56 6.10
C ARG E 311 62.90 -49.72 7.31
N SER E 312 64.15 -49.27 7.34
CA SER E 312 64.65 -48.47 8.45
C SER E 312 64.11 -47.05 8.47
N HIS E 313 63.44 -46.62 7.40
CA HIS E 313 62.95 -45.25 7.31
C HIS E 313 61.67 -45.09 8.13
N GLN E 314 61.73 -44.23 9.15
CA GLN E 314 60.58 -43.69 9.87
C GLN E 314 59.91 -44.72 10.79
N VAL E 315 60.24 -46.00 10.65
CA VAL E 315 59.58 -47.01 11.46
C VAL E 315 60.48 -48.24 11.59
N PRO E 316 61.11 -48.44 12.75
CA PRO E 316 61.73 -49.74 13.02
C PRO E 316 60.71 -50.84 13.17
N MET E 317 59.72 -50.63 14.05
CA MET E 317 58.63 -51.57 14.25
C MET E 317 57.31 -50.82 14.15
N ALA E 318 56.33 -51.43 13.47
CA ALA E 318 55.07 -50.75 13.21
C ALA E 318 54.23 -50.64 14.47
N ASP E 319 54.10 -51.73 15.23
CA ASP E 319 53.24 -51.78 16.40
C ASP E 319 54.06 -52.12 17.63
N VAL E 320 53.86 -51.35 18.70
CA VAL E 320 54.50 -51.57 19.99
C VAL E 320 53.49 -51.85 21.09
N LEU E 321 52.42 -51.05 21.14
CA LEU E 321 51.39 -51.25 22.14
C LEU E 321 50.67 -52.58 21.94
N THR E 322 50.37 -52.93 20.69
CA THR E 322 49.63 -54.15 20.40
C THR E 322 50.47 -55.38 20.71
N ASN E 323 51.73 -55.40 20.28
CA ASN E 323 52.58 -56.57 20.43
C ASN E 323 53.59 -56.34 21.54
N PRO E 324 53.50 -57.05 22.67
CA PRO E 324 54.51 -56.90 23.72
C PRO E 324 55.89 -57.39 23.31
N GLU E 325 55.98 -58.27 22.31
CA GLU E 325 57.29 -58.73 21.85
C GLU E 325 58.11 -57.58 21.27
N HIS E 326 57.47 -56.72 20.47
CA HIS E 326 58.18 -55.56 19.93
C HIS E 326 58.55 -54.59 21.03
N LEU E 327 57.70 -54.44 22.05
CA LEU E 327 58.05 -53.59 23.19
C LEU E 327 59.28 -54.11 23.90
N GLN E 328 59.40 -55.44 24.03
CA GLN E 328 60.61 -56.01 24.60
C GLN E 328 61.82 -55.76 23.71
N LEU E 329 61.64 -55.88 22.39
CA LEU E 329 62.72 -55.54 21.47
C LEU E 329 63.05 -54.07 21.55
N LEU E 330 62.03 -53.22 21.74
CA LEU E 330 62.26 -51.79 21.90
C LEU E 330 63.06 -51.51 23.17
N GLU E 331 62.73 -52.20 24.27
CA GLU E 331 63.47 -52.01 25.51
C GLU E 331 64.91 -52.47 25.37
N ASP E 332 65.13 -53.59 24.68
CA ASP E 332 66.49 -54.06 24.43
C ASP E 332 67.25 -53.08 23.54
N TRP E 333 66.55 -52.47 22.58
CA TRP E 333 67.17 -51.45 21.76
C TRP E 333 67.60 -50.25 22.59
N LEU E 334 66.74 -49.82 23.53
CA LEU E 334 67.09 -48.71 24.40
C LEU E 334 68.25 -49.06 25.32
N ARG E 335 68.29 -50.30 25.82
CA ARG E 335 69.38 -50.72 26.68
C ARG E 335 70.71 -50.83 25.94
N SER E 336 70.68 -50.95 24.62
CA SER E 336 71.91 -51.13 23.85
C SER E 336 72.84 -49.93 23.92
N TYR E 337 72.30 -48.74 24.19
CA TYR E 337 73.14 -47.54 24.33
C TYR E 337 73.75 -47.41 25.71
N ARG E 338 73.34 -48.25 26.66
CA ARG E 338 73.75 -48.18 28.06
C ARG E 338 73.51 -46.77 28.61
N PRO E 339 72.25 -46.38 28.80
CA PRO E 339 71.98 -44.99 29.25
C PRO E 339 72.40 -44.72 30.67
N GLU E 340 72.67 -45.74 31.47
CA GLU E 340 73.00 -45.54 32.88
C GLU E 340 74.30 -44.75 33.05
N GLU E 341 75.30 -45.06 32.24
CA GLU E 341 76.58 -44.36 32.34
C GLU E 341 76.53 -42.97 31.73
N LEU E 342 75.63 -42.72 30.79
CA LEU E 342 75.58 -41.45 30.09
C LEU E 342 74.97 -40.34 30.93
N PHE E 343 74.01 -40.67 31.80
CA PHE E 343 73.30 -39.68 32.59
C PHE E 343 73.50 -39.95 34.07
N ASP E 344 73.47 -38.89 34.86
CA ASP E 344 73.60 -39.00 36.31
C ASP E 344 72.24 -39.29 36.93
N ALA E 345 72.16 -39.20 38.26
CA ALA E 345 70.90 -39.41 38.95
C ALA E 345 69.90 -38.30 38.62
N SER E 346 70.37 -37.06 38.50
CA SER E 346 69.49 -35.94 38.21
C SER E 346 68.97 -35.97 36.79
N GLY E 347 69.63 -36.69 35.89
CA GLY E 347 69.23 -36.75 34.50
C GLY E 347 70.07 -35.90 33.57
N ALA E 348 70.94 -35.04 34.11
CA ALA E 348 71.83 -34.26 33.28
C ALA E 348 72.91 -35.15 32.68
N PRO E 349 73.49 -34.75 31.55
CA PRO E 349 74.63 -35.49 31.01
C PRO E 349 75.82 -35.44 31.96
N VAL E 350 76.62 -36.51 31.93
CA VAL E 350 77.76 -36.63 32.83
C VAL E 350 78.84 -35.63 32.44
N ALA E 351 79.83 -35.46 33.33
CA ALA E 351 80.90 -34.49 33.10
C ALA E 351 81.73 -34.82 31.87
N GLU E 352 81.78 -36.08 31.45
CA GLU E 352 82.47 -36.42 30.21
C GLU E 352 81.80 -35.77 29.01
N LEU E 353 80.46 -35.79 28.98
CA LEU E 353 79.75 -35.15 27.87
C LEU E 353 79.80 -33.64 27.96
N GLN E 354 79.79 -33.08 29.18
CA GLN E 354 79.80 -31.63 29.32
C GLN E 354 81.09 -31.02 28.83
N ALA E 355 82.23 -31.68 29.09
CA ALA E 355 83.52 -31.12 28.71
C ALA E 355 83.68 -31.05 27.20
N ILE E 356 83.22 -32.07 26.47
CA ILE E 356 83.40 -32.11 25.02
C ILE E 356 82.40 -31.24 24.27
N ALA E 357 81.42 -30.66 24.97
CA ALA E 357 80.47 -29.79 24.31
C ALA E 357 81.08 -28.40 24.05
N PRO E 358 80.70 -27.76 22.96
CA PRO E 358 81.15 -26.38 22.72
C PRO E 358 80.64 -25.42 23.78
N ILE E 359 81.40 -24.36 24.01
CA ILE E 359 81.15 -23.44 25.11
C ILE E 359 80.73 -22.09 24.53
N GLY E 360 79.64 -21.54 25.04
CA GLY E 360 79.24 -20.19 24.67
C GLY E 360 78.64 -20.12 23.29
N ASP E 361 78.96 -19.03 22.58
CA ASP E 361 78.38 -18.77 21.27
C ASP E 361 78.91 -19.69 20.19
N ARG E 362 80.01 -20.40 20.45
CA ARG E 362 80.58 -21.32 19.47
C ARG E 362 79.71 -22.55 19.23
N ARG E 363 78.69 -22.77 20.05
CA ARG E 363 77.80 -23.90 19.85
C ARG E 363 77.09 -23.80 18.50
N MET E 364 77.04 -24.93 17.79
CA MET E 364 76.50 -24.94 16.43
C MET E 364 75.02 -24.59 16.41
N SER E 365 74.28 -25.04 17.42
CA SER E 365 72.86 -24.74 17.50
C SER E 365 72.58 -23.37 18.09
N ALA E 366 73.59 -22.66 18.58
CA ALA E 366 73.41 -21.34 19.17
C ALA E 366 74.11 -20.25 18.35
N ASN E 367 74.48 -20.55 17.12
CA ASN E 367 75.15 -19.56 16.28
C ASN E 367 74.19 -18.44 15.90
N PRO E 368 74.60 -17.18 16.01
CA PRO E 368 73.70 -16.07 15.66
C PRO E 368 73.34 -16.01 14.19
N VAL E 369 74.09 -16.70 13.33
CA VAL E 369 73.77 -16.71 11.90
C VAL E 369 72.43 -17.38 11.65
N THR E 370 72.14 -18.46 12.39
CA THR E 370 70.87 -19.15 12.22
C THR E 370 69.69 -18.26 12.58
N ASN E 371 69.80 -17.52 13.69
CA ASN E 371 68.81 -16.50 14.04
C ASN E 371 69.29 -15.16 13.49
N GLY E 372 69.18 -15.04 12.16
CA GLY E 372 69.80 -13.93 11.46
C GLY E 372 69.19 -12.58 11.74
N GLY E 373 68.00 -12.54 12.33
CA GLY E 373 67.37 -11.27 12.65
C GLY E 373 68.17 -10.44 13.62
N LEU E 374 68.84 -11.10 14.57
CA LEU E 374 69.76 -10.40 15.46
C LEU E 374 70.94 -9.83 14.69
N LEU E 375 71.45 -10.58 13.72
CA LEU E 375 72.57 -10.13 12.91
C LEU E 375 72.17 -9.07 11.89
N ARG E 376 70.88 -8.90 11.64
CA ARG E 376 70.42 -8.01 10.57
C ARG E 376 70.61 -6.55 10.95
N ARG E 377 71.15 -5.77 10.00
CA ARG E 377 71.26 -4.33 10.13
C ARG E 377 70.38 -3.67 9.08
N ALA E 378 69.80 -2.53 9.43
CA ALA E 378 68.90 -1.84 8.52
C ALA E 378 69.64 -1.36 7.28
N LEU E 379 68.98 -1.51 6.13
CA LEU E 379 69.60 -1.16 4.87
C LEU E 379 69.68 0.35 4.72
N THR E 380 70.86 0.84 4.34
CA THR E 380 71.07 2.27 4.07
C THR E 380 70.81 2.50 2.59
N LEU E 381 69.76 3.26 2.28
CA LEU E 381 69.39 3.47 0.90
C LEU E 381 69.23 4.96 0.63
N PRO E 382 69.60 5.42 -0.57
CA PRO E 382 69.42 6.84 -0.91
C PRO E 382 67.97 7.16 -1.22
N ASP E 383 67.70 8.45 -1.29
CA ASP E 383 66.36 8.91 -1.66
C ASP E 383 66.10 8.57 -3.12
N PHE E 384 64.95 7.96 -3.39
CA PHE E 384 64.64 7.54 -4.75
C PHE E 384 64.24 8.72 -5.63
N ARG E 385 63.92 9.87 -5.04
CA ARG E 385 63.52 11.03 -5.82
C ARG E 385 64.65 11.57 -6.68
N ASP E 386 65.90 11.21 -6.37
CA ASP E 386 67.01 11.59 -7.23
C ASP E 386 66.96 10.87 -8.57
N GLN E 387 66.58 9.59 -8.56
CA GLN E 387 66.55 8.79 -9.78
C GLN E 387 65.19 8.79 -10.46
N ALA E 388 64.19 9.45 -9.87
CA ALA E 388 62.86 9.45 -10.46
C ALA E 388 62.82 10.31 -11.72
N VAL E 389 62.03 9.88 -12.71
CA VAL E 389 61.87 10.66 -13.92
C VAL E 389 60.99 11.87 -13.63
N SER E 390 61.14 12.89 -14.48
CA SER E 390 60.40 14.14 -14.34
C SER E 390 59.23 14.14 -15.32
N VAL E 391 58.04 14.40 -14.81
CA VAL E 391 56.85 14.44 -15.67
C VAL E 391 56.16 15.79 -15.54
N PRO E 392 56.19 16.62 -16.59
CA PRO E 392 55.42 17.87 -16.52
C PRO E 392 53.93 17.65 -16.63
N ALA E 393 53.49 16.76 -17.52
CA ALA E 393 52.10 16.45 -17.71
C ALA E 393 51.88 14.95 -17.52
N PRO E 394 50.97 14.54 -16.63
CA PRO E 394 50.76 13.11 -16.40
C PRO E 394 50.08 12.46 -17.59
N GLY E 395 50.65 11.34 -18.03
CA GLY E 395 50.07 10.58 -19.12
C GLY E 395 50.44 11.05 -20.50
N LYS E 396 51.31 12.07 -20.62
CA LYS E 396 51.70 12.57 -21.92
C LYS E 396 53.16 12.35 -22.26
N SER E 397 54.00 12.03 -21.28
CA SER E 397 55.42 11.82 -21.49
C SER E 397 55.72 10.33 -21.42
N ARG E 398 56.45 9.83 -22.41
CA ARG E 398 56.72 8.41 -22.54
C ARG E 398 58.18 8.13 -22.20
N ALA E 399 58.41 7.23 -21.26
CA ALA E 399 59.75 6.85 -20.86
C ALA E 399 59.71 5.42 -20.32
N ASP E 400 60.80 4.69 -20.55
CA ASP E 400 60.89 3.32 -20.06
C ASP E 400 61.01 3.29 -18.55
N SER E 401 60.32 2.33 -17.93
CA SER E 401 60.22 2.28 -16.48
C SER E 401 61.33 1.47 -15.82
N THR E 402 62.08 0.67 -16.59
CA THR E 402 63.12 -0.16 -15.99
C THR E 402 64.36 0.63 -15.63
N ARG E 403 64.72 1.63 -16.44
CA ARG E 403 65.94 2.39 -16.20
C ARG E 403 65.96 3.12 -14.86
N PRO E 404 64.89 3.80 -14.40
CA PRO E 404 64.96 4.37 -13.04
C PRO E 404 65.17 3.33 -11.95
N LEU E 405 64.59 2.14 -12.09
CA LEU E 405 64.80 1.11 -11.09
C LEU E 405 66.23 0.61 -11.09
N GLY E 406 66.83 0.46 -12.28
CA GLY E 406 68.20 0.01 -12.35
C GLY E 406 69.18 0.98 -11.71
N GLN E 407 68.97 2.27 -11.94
CA GLN E 407 69.82 3.28 -11.30
C GLN E 407 69.65 3.24 -9.79
N PHE E 408 68.42 3.08 -9.30
CA PHE E 408 68.18 3.03 -7.87
C PHE E 408 68.84 1.82 -7.24
N LEU E 409 68.78 0.67 -7.91
CA LEU E 409 69.45 -0.51 -7.38
C LEU E 409 70.97 -0.36 -7.41
N ARG E 410 71.50 0.36 -8.40
CA ARG E 410 72.94 0.60 -8.44
C ARG E 410 73.39 1.42 -7.24
N GLU E 411 72.62 2.45 -6.87
CA GLU E 411 72.98 3.28 -5.73
C GLU E 411 72.92 2.52 -4.42
N VAL E 412 71.95 1.60 -4.30
CA VAL E 412 71.87 0.77 -3.09
C VAL E 412 73.08 -0.14 -2.98
N ILE E 413 73.56 -0.65 -4.12
CA ILE E 413 74.71 -1.54 -4.11
C ILE E 413 75.95 -0.81 -3.59
N ARG E 414 76.19 0.41 -4.06
CA ARG E 414 77.36 1.16 -3.60
C ARG E 414 77.24 1.51 -2.12
N HIS E 415 76.06 1.92 -1.67
CA HIS E 415 75.89 2.29 -0.27
C HIS E 415 75.84 1.08 0.65
N ASN E 416 75.55 -0.11 0.11
CA ASN E 416 75.51 -1.35 0.88
C ASN E 416 76.33 -2.40 0.14
N PRO E 417 77.66 -2.28 0.20
CA PRO E 417 78.50 -3.19 -0.60
C PRO E 417 78.58 -4.60 -0.06
N ASP E 418 78.17 -4.84 1.18
CA ASP E 418 78.30 -6.15 1.79
C ASP E 418 76.98 -6.89 1.93
N ASN E 419 75.97 -6.26 2.55
CA ASN E 419 74.73 -6.96 2.88
C ASN E 419 73.64 -6.76 1.85
N PHE E 420 74.00 -6.70 0.56
CA PHE E 420 73.01 -6.59 -0.50
C PHE E 420 73.51 -7.28 -1.74
N ARG E 421 72.64 -8.08 -2.37
CA ARG E 421 72.94 -8.75 -3.62
C ARG E 421 71.70 -8.75 -4.50
N LEU E 422 71.92 -8.92 -5.80
CA LEU E 422 70.86 -8.93 -6.79
C LEU E 422 70.86 -10.27 -7.53
N PHE E 423 69.67 -10.81 -7.79
CA PHE E 423 69.52 -12.12 -8.39
C PHE E 423 68.65 -12.02 -9.64
N GLY E 424 69.10 -12.63 -10.72
CA GLY E 424 68.35 -12.64 -11.96
C GLY E 424 68.72 -13.81 -12.85
N PRO E 425 67.73 -14.51 -13.41
CA PRO E 425 68.01 -15.69 -14.25
C PRO E 425 68.37 -15.32 -15.68
N ASP E 426 69.53 -14.67 -15.82
CA ASP E 426 70.03 -14.17 -17.10
C ASP E 426 69.02 -13.25 -17.78
N GLU E 427 68.37 -12.40 -16.98
CA GLU E 427 67.42 -11.44 -17.50
C GLU E 427 67.69 -10.02 -17.03
N THR E 428 68.76 -9.80 -16.25
CA THR E 428 69.11 -8.44 -15.85
C THR E 428 69.44 -7.58 -17.06
N ALA E 429 70.20 -8.13 -18.00
CA ALA E 429 70.42 -7.44 -19.28
C ALA E 429 69.13 -7.38 -20.09
N SER E 430 68.35 -8.46 -20.07
CA SER E 430 67.10 -8.50 -20.82
C SER E 430 66.09 -7.48 -20.29
N ASN E 431 65.97 -7.37 -18.97
CA ASN E 431 65.03 -6.42 -18.35
C ASN E 431 65.50 -4.99 -18.40
N ARG E 432 66.53 -4.68 -19.20
CA ARG E 432 67.05 -3.32 -19.34
C ARG E 432 67.51 -2.76 -18.00
N LEU E 433 68.07 -3.63 -17.15
CA LEU E 433 68.62 -3.25 -15.86
C LEU E 433 70.14 -3.09 -15.91
N ASP E 434 70.68 -2.62 -17.03
CA ASP E 434 72.12 -2.50 -17.20
C ASP E 434 72.72 -1.34 -16.41
N ALA E 435 71.90 -0.54 -15.72
CA ALA E 435 72.42 0.56 -14.94
C ALA E 435 73.26 0.07 -13.77
N VAL E 436 72.94 -1.10 -13.21
CA VAL E 436 73.76 -1.65 -12.14
C VAL E 436 75.10 -2.16 -12.65
N TYR E 437 75.22 -2.40 -13.96
CA TYR E 437 76.49 -2.86 -14.53
C TYR E 437 77.56 -1.78 -14.54
N GLU E 438 77.21 -0.54 -14.24
CA GLU E 438 78.19 0.55 -14.28
C GLU E 438 79.25 0.39 -13.18
N VAL E 439 78.83 0.00 -11.98
CA VAL E 439 79.72 -0.05 -10.83
C VAL E 439 80.12 -1.48 -10.48
N THR E 440 79.21 -2.44 -10.64
CA THR E 440 79.48 -3.83 -10.31
C THR E 440 79.05 -4.72 -11.47
N SER E 441 79.70 -5.86 -11.60
CA SER E 441 79.45 -6.79 -12.69
C SER E 441 79.05 -8.14 -12.15
N LYS E 442 78.62 -9.02 -13.06
CA LYS E 442 78.24 -10.37 -12.68
C LYS E 442 79.46 -11.16 -12.24
N VAL E 443 79.23 -12.14 -11.36
CA VAL E 443 80.28 -13.00 -10.85
C VAL E 443 80.23 -14.33 -11.61
N TRP E 444 81.36 -14.75 -12.14
CA TRP E 444 81.44 -15.99 -12.89
C TRP E 444 82.46 -16.98 -12.35
N LEU E 445 83.67 -16.50 -12.00
CA LEU E 445 84.75 -17.34 -11.48
C LEU E 445 85.03 -18.54 -12.39
N GLY E 446 85.25 -18.24 -13.67
CA GLY E 446 85.57 -19.26 -14.65
C GLY E 446 86.52 -18.69 -15.68
N ASP E 447 86.82 -19.51 -16.69
CA ASP E 447 87.65 -19.05 -17.78
C ASP E 447 86.95 -17.94 -18.56
N ARG E 448 87.74 -16.97 -19.02
CA ARG E 448 87.20 -15.79 -19.69
C ARG E 448 87.99 -15.53 -20.96
N ILE E 449 87.31 -14.97 -21.95
CA ILE E 449 87.91 -14.64 -23.23
C ILE E 449 87.69 -13.15 -23.47
N PRO E 450 88.54 -12.51 -24.28
CA PRO E 450 88.35 -11.08 -24.57
C PRO E 450 87.01 -10.77 -25.22
N GLU E 451 86.40 -11.74 -25.91
CA GLU E 451 85.06 -11.53 -26.44
C GLU E 451 84.04 -11.35 -25.32
N ASP E 452 84.21 -12.08 -24.22
CA ASP E 452 83.32 -11.91 -23.07
C ASP E 452 83.51 -10.55 -22.41
N GLU E 453 84.74 -10.01 -22.42
CA GLU E 453 85.00 -8.73 -21.77
C GLU E 453 84.24 -7.60 -22.44
N ASP E 454 84.21 -7.57 -23.77
CA ASP E 454 83.51 -6.52 -24.48
C ASP E 454 82.00 -6.70 -24.40
N GLY E 455 81.53 -7.95 -24.46
CA GLY E 455 80.11 -8.21 -24.47
C GLY E 455 79.47 -8.27 -23.10
N GLY E 456 79.98 -9.15 -22.23
CA GLY E 456 79.42 -9.34 -20.92
C GLY E 456 80.20 -8.64 -19.83
N HIS E 457 79.54 -8.45 -18.70
CA HIS E 457 80.15 -7.83 -17.51
C HIS E 457 80.43 -8.94 -16.52
N LEU E 458 81.61 -9.54 -16.62
CA LEU E 458 82.01 -10.67 -15.80
C LEU E 458 83.27 -10.33 -15.03
N SER E 459 83.28 -10.67 -13.74
CA SER E 459 84.46 -10.47 -12.91
C SER E 459 84.39 -11.42 -11.73
N ASP E 460 85.53 -11.62 -11.07
CA ASP E 460 85.57 -12.46 -9.89
C ASP E 460 84.76 -11.84 -8.75
N ARG E 461 84.83 -10.53 -8.59
CA ARG E 461 84.09 -9.82 -7.56
C ARG E 461 82.82 -9.22 -8.18
N GLY E 462 81.68 -9.49 -7.56
CA GLY E 462 80.42 -8.99 -8.06
C GLY E 462 79.34 -9.11 -7.01
N ARG E 463 78.25 -8.38 -7.24
CA ARG E 463 77.09 -8.42 -6.35
C ARG E 463 75.83 -8.88 -7.05
N VAL E 464 75.93 -9.36 -8.29
CA VAL E 464 74.77 -9.80 -9.06
C VAL E 464 74.98 -11.26 -9.44
N MET E 465 74.01 -12.11 -9.08
CA MET E 465 74.03 -13.52 -9.41
C MET E 465 73.17 -13.75 -10.64
N GLU E 466 73.73 -14.43 -11.64
CA GLU E 466 73.04 -14.60 -12.93
C GLU E 466 73.18 -16.05 -13.38
N ILE E 467 72.18 -16.86 -13.06
CA ILE E 467 72.07 -18.24 -13.53
C ILE E 467 70.59 -18.53 -13.77
N LEU E 468 70.27 -19.10 -14.93
CA LEU E 468 68.88 -19.17 -15.35
C LEU E 468 68.09 -20.30 -14.68
N SER E 469 68.73 -21.13 -13.88
CA SER E 469 68.00 -22.12 -13.10
C SER E 469 67.40 -21.42 -11.89
N GLU E 470 66.08 -21.19 -11.92
CA GLU E 470 65.44 -20.44 -10.86
C GLU E 470 65.37 -21.21 -9.55
N HIS E 471 65.49 -22.54 -9.59
CA HIS E 471 65.43 -23.32 -8.36
C HIS E 471 66.60 -22.99 -7.44
N THR E 472 67.82 -23.09 -7.96
CA THR E 472 68.97 -22.77 -7.15
C THR E 472 69.11 -21.27 -6.94
N LEU E 473 68.66 -20.47 -7.89
CA LEU E 473 68.79 -19.02 -7.76
C LEU E 473 67.90 -18.48 -6.66
N GLU E 474 66.66 -18.98 -6.56
CA GLU E 474 65.77 -18.53 -5.49
C GLU E 474 66.19 -19.09 -4.15
N GLY E 475 66.76 -20.30 -4.13
CA GLY E 475 67.24 -20.86 -2.88
C GLY E 475 68.36 -20.07 -2.26
N TRP E 476 69.20 -19.46 -3.09
CA TRP E 476 70.27 -18.60 -2.56
C TRP E 476 69.70 -17.41 -1.81
N LEU E 477 68.64 -16.81 -2.34
CA LEU E 477 68.10 -15.60 -1.74
C LEU E 477 67.43 -15.89 -0.40
N GLU E 478 66.71 -17.02 -0.30
CA GLU E 478 65.99 -17.32 0.93
C GLU E 478 66.92 -17.47 2.11
N ALA E 479 68.04 -18.18 1.93
CA ALA E 479 69.01 -18.29 3.00
C ALA E 479 69.70 -16.96 3.28
N TYR E 480 69.88 -16.15 2.23
CA TYR E 480 70.52 -14.86 2.40
C TYR E 480 69.70 -13.95 3.31
N LEU E 481 68.37 -14.01 3.19
CA LEU E 481 67.52 -13.20 4.05
C LEU E 481 67.44 -13.77 5.47
N LEU E 482 67.36 -15.09 5.60
CA LEU E 482 67.33 -15.70 6.92
C LEU E 482 68.65 -15.54 7.66
N THR E 483 69.74 -15.29 6.94
CA THR E 483 71.01 -14.99 7.57
C THR E 483 71.04 -13.58 8.15
N GLY E 484 70.16 -12.69 7.68
CA GLY E 484 70.11 -11.32 8.16
C GLY E 484 70.47 -10.28 7.13
N ARG E 485 70.74 -10.68 5.89
CA ARG E 485 71.13 -9.74 4.85
C ARG E 485 69.89 -9.32 4.05
N HIS E 486 70.10 -8.58 2.97
CA HIS E 486 69.03 -8.09 2.13
C HIS E 486 69.31 -8.45 0.68
N GLY E 487 68.24 -8.67 -0.09
CA GLY E 487 68.39 -9.06 -1.47
C GLY E 487 67.22 -8.61 -2.31
N PHE E 488 67.32 -8.85 -3.61
CA PHE E 488 66.29 -8.47 -4.56
C PHE E 488 66.30 -9.44 -5.72
N PHE E 489 65.13 -9.94 -6.09
CA PHE E 489 64.99 -10.93 -7.15
C PHE E 489 64.22 -10.34 -8.31
N ALA E 490 64.79 -10.42 -9.52
CA ALA E 490 64.16 -9.92 -10.72
C ALA E 490 64.11 -11.01 -11.77
N THR E 491 62.93 -11.27 -12.30
CA THR E 491 62.76 -12.35 -13.27
C THR E 491 61.54 -12.07 -14.13
N TYR E 492 61.33 -12.92 -15.13
CA TYR E 492 60.12 -12.87 -15.92
C TYR E 492 58.94 -13.42 -15.14
N GLU E 493 57.74 -12.99 -15.55
CA GLU E 493 56.52 -13.52 -14.96
C GLU E 493 56.19 -14.90 -15.50
N ALA E 494 56.62 -15.21 -16.72
CA ALA E 494 56.26 -16.47 -17.35
C ALA E 494 56.83 -17.67 -16.60
N PHE E 495 58.05 -17.56 -16.09
CA PHE E 495 58.71 -18.65 -15.40
C PHE E 495 58.57 -18.56 -13.89
N ALA E 496 57.56 -17.84 -13.40
CA ALA E 496 57.35 -17.75 -11.97
C ALA E 496 56.72 -19.01 -11.39
N HIS E 497 56.15 -19.87 -12.22
CA HIS E 497 55.65 -21.16 -11.73
C HIS E 497 56.78 -22.09 -11.30
N VAL E 498 58.01 -21.82 -11.73
CA VAL E 498 59.14 -22.66 -11.35
C VAL E 498 59.41 -22.56 -9.85
N ILE E 499 59.34 -21.35 -9.30
CA ILE E 499 59.65 -21.13 -7.90
C ILE E 499 58.39 -21.19 -7.06
N ASP E 500 57.32 -21.72 -7.63
CA ASP E 500 56.03 -21.79 -6.92
C ASP E 500 56.14 -22.65 -5.67
N SER E 501 56.81 -23.80 -5.76
CA SER E 501 56.99 -24.65 -4.60
C SER E 501 57.89 -24.00 -3.56
N MET E 502 58.94 -23.30 -4.01
CA MET E 502 59.90 -22.73 -3.09
C MET E 502 59.31 -21.55 -2.32
N VAL E 503 58.44 -20.78 -2.96
CA VAL E 503 57.84 -19.62 -2.30
C VAL E 503 56.95 -20.07 -1.14
N ASN E 504 56.16 -21.12 -1.35
CA ASN E 504 55.30 -21.63 -0.28
C ASN E 504 56.12 -22.13 0.90
N GLN E 505 57.31 -22.67 0.64
CA GLN E 505 58.19 -23.07 1.73
C GLN E 505 58.64 -21.88 2.55
N HIS E 506 59.03 -20.79 1.88
CA HIS E 506 59.50 -19.62 2.61
C HIS E 506 58.36 -18.92 3.35
N ALA E 507 57.19 -18.85 2.73
CA ALA E 507 56.04 -18.27 3.42
C ALA E 507 55.63 -19.12 4.61
N LYS E 508 55.84 -20.43 4.53
CA LYS E 508 55.61 -21.29 5.68
C LYS E 508 56.55 -20.93 6.83
N TRP E 509 57.81 -20.65 6.50
CA TRP E 509 58.79 -20.33 7.54
C TRP E 509 58.47 -19.01 8.23
N LEU E 510 58.13 -17.98 7.45
CA LEU E 510 57.90 -16.66 8.03
C LEU E 510 56.63 -16.64 8.87
N ASP E 511 55.61 -17.39 8.45
CA ASP E 511 54.35 -17.40 9.20
C ASP E 511 54.53 -18.02 10.58
N VAL E 512 55.28 -19.12 10.67
CA VAL E 512 55.53 -19.74 11.97
C VAL E 512 56.46 -18.87 12.80
N SER E 513 57.48 -18.29 12.17
CA SER E 513 58.46 -17.49 12.91
C SER E 513 57.83 -16.24 13.50
N LYS E 514 56.88 -15.65 12.80
CA LYS E 514 56.26 -14.42 13.27
C LYS E 514 55.37 -14.67 14.48
N ARG E 515 54.51 -15.69 14.40
CA ARG E 515 53.49 -15.92 15.41
C ARG E 515 53.91 -16.92 16.47
N GLU E 516 54.21 -18.16 16.06
CA GLU E 516 54.40 -19.24 17.02
C GLU E 516 55.69 -19.07 17.80
N VAL E 517 56.79 -18.78 17.12
CA VAL E 517 58.10 -18.68 17.76
C VAL E 517 58.31 -17.26 18.23
N ASP E 518 58.77 -17.11 19.47
CA ASP E 518 58.96 -15.79 20.07
C ASP E 518 60.41 -15.35 20.08
N TRP E 519 61.36 -16.28 20.08
CA TRP E 519 62.77 -15.92 20.09
C TRP E 519 63.34 -15.67 18.70
N ARG E 520 62.57 -15.91 17.65
CA ARG E 520 63.02 -15.64 16.29
C ARG E 520 62.97 -14.15 16.03
N ALA E 521 64.09 -13.57 15.73
CA ALA E 521 64.04 -12.15 15.40
C ALA E 521 63.65 -11.96 13.94
N PRO E 522 62.96 -10.86 13.62
CA PRO E 522 62.52 -10.65 12.24
C PRO E 522 63.69 -10.53 11.27
N VAL E 523 63.52 -11.11 10.09
CA VAL E 523 64.53 -11.11 9.05
C VAL E 523 64.08 -10.12 7.98
N SER E 524 64.93 -9.91 6.97
CA SER E 524 64.54 -9.02 5.87
C SER E 524 63.47 -9.68 5.00
N SER E 525 62.82 -8.84 4.20
CA SER E 525 61.71 -9.31 3.38
C SER E 525 62.20 -9.93 2.09
N LEU E 526 61.32 -10.72 1.46
CA LEU E 526 61.60 -11.37 0.19
C LEU E 526 60.98 -10.55 -0.93
N ASN E 527 61.82 -9.92 -1.74
CA ASN E 527 61.38 -9.03 -2.80
C ASN E 527 61.62 -9.71 -4.14
N ILE E 528 60.54 -9.99 -4.86
CA ILE E 528 60.59 -10.61 -6.18
C ILE E 528 60.01 -9.64 -7.18
N LEU E 529 60.77 -9.37 -8.24
CA LEU E 529 60.33 -8.49 -9.32
C LEU E 529 59.99 -9.33 -10.54
N LEU E 530 58.77 -9.17 -11.03
CA LEU E 530 58.28 -9.89 -12.19
C LEU E 530 58.22 -8.96 -13.38
N SER E 531 58.93 -9.30 -14.44
CA SER E 531 58.99 -8.47 -15.64
C SER E 531 58.40 -9.23 -16.81
N SER E 532 58.26 -8.51 -17.93
CA SER E 532 57.76 -9.05 -19.19
C SER E 532 56.42 -9.76 -19.00
N THR E 533 55.42 -8.96 -18.66
CA THR E 533 54.09 -9.47 -18.39
C THR E 533 53.51 -10.15 -19.63
N VAL E 534 52.38 -10.83 -19.41
CA VAL E 534 51.78 -11.66 -20.44
C VAL E 534 51.18 -10.82 -21.57
N TRP E 535 50.98 -9.52 -21.36
CA TRP E 535 50.26 -8.72 -22.34
C TRP E 535 51.16 -8.27 -23.48
N ARG E 536 52.43 -7.98 -23.20
CA ARG E 536 53.31 -7.50 -24.25
C ARG E 536 53.75 -8.62 -25.18
N GLN E 537 53.84 -9.85 -24.68
CA GLN E 537 54.24 -11.03 -25.45
C GLN E 537 55.63 -10.82 -26.07
N ASP E 538 56.62 -10.75 -25.17
CA ASP E 538 58.01 -10.58 -25.57
C ASP E 538 58.49 -11.80 -26.36
N HIS E 539 59.60 -11.63 -27.07
CA HIS E 539 60.13 -12.70 -27.89
C HIS E 539 60.53 -13.91 -27.05
N ASN E 540 61.15 -13.68 -25.90
CA ASN E 540 61.53 -14.77 -25.02
C ASN E 540 60.31 -15.32 -24.29
N GLY E 541 60.45 -16.55 -23.82
CA GLY E 541 59.38 -17.23 -23.11
C GLY E 541 58.38 -17.88 -24.05
N PHE E 542 57.65 -18.84 -23.50
CA PHE E 542 56.64 -19.54 -24.28
C PHE E 542 55.49 -18.60 -24.63
N SER E 543 54.79 -18.93 -25.71
CA SER E 543 53.75 -18.04 -26.24
C SER E 543 52.57 -17.93 -25.28
N HIS E 544 52.25 -19.01 -24.57
CA HIS E 544 51.10 -19.01 -23.67
C HIS E 544 51.56 -18.73 -22.24
N GLN E 545 51.93 -17.48 -22.00
CA GLN E 545 52.33 -17.05 -20.66
C GLN E 545 51.12 -17.08 -19.73
N ASP E 546 51.39 -17.35 -18.45
CA ASP E 546 50.34 -17.54 -17.45
C ASP E 546 50.58 -16.59 -16.29
N PRO E 547 49.65 -15.71 -15.96
CA PRO E 547 49.84 -14.83 -14.80
C PRO E 547 49.37 -15.48 -13.51
N GLY E 548 49.23 -16.81 -13.52
CA GLY E 548 48.68 -17.54 -12.39
C GLY E 548 49.54 -17.52 -11.14
N PHE E 549 50.79 -17.06 -11.23
CA PHE E 549 51.63 -16.98 -10.04
C PHE E 549 51.06 -16.00 -9.03
N ILE E 550 50.37 -14.95 -9.49
CA ILE E 550 49.76 -14.00 -8.58
C ILE E 550 48.67 -14.67 -7.74
N ASP E 551 47.95 -15.62 -8.34
CA ASP E 551 46.84 -16.26 -7.64
C ASP E 551 47.34 -17.17 -6.52
N LEU E 552 48.38 -17.96 -6.77
CA LEU E 552 48.86 -18.88 -5.74
C LEU E 552 49.50 -18.15 -4.58
N VAL E 553 50.05 -16.96 -4.82
CA VAL E 553 50.57 -16.15 -3.73
C VAL E 553 49.43 -15.67 -2.83
N THR E 554 48.30 -15.31 -3.44
CA THR E 554 47.15 -14.88 -2.65
C THR E 554 46.52 -16.02 -1.85
N ASN E 555 46.82 -17.27 -2.20
CA ASN E 555 46.38 -18.38 -1.36
C ASN E 555 47.03 -18.31 0.01
N LYS E 556 48.29 -17.89 0.05
CA LYS E 556 48.92 -17.60 1.33
C LYS E 556 48.25 -16.39 1.97
N SER E 557 48.38 -16.30 3.29
CA SER E 557 47.69 -15.26 4.04
C SER E 557 48.20 -13.88 3.68
N ALA E 558 47.32 -12.88 3.81
CA ALA E 558 47.68 -11.50 3.53
C ALA E 558 48.68 -10.94 4.52
N ARG E 559 48.91 -11.62 5.64
CA ARG E 559 49.86 -11.17 6.65
C ARG E 559 51.27 -11.67 6.40
N VAL E 560 51.50 -12.39 5.31
CA VAL E 560 52.85 -12.83 4.97
C VAL E 560 53.24 -12.48 3.54
N THR E 561 52.31 -12.19 2.64
CA THR E 561 52.63 -11.86 1.26
C THR E 561 51.98 -10.54 0.89
N ARG E 562 52.70 -9.74 0.10
CA ARG E 562 52.21 -8.48 -0.43
C ARG E 562 52.49 -8.44 -1.93
N ILE E 563 51.50 -8.03 -2.70
CA ILE E 563 51.60 -7.97 -4.15
C ILE E 563 51.38 -6.53 -4.59
N TYR E 564 52.33 -6.00 -5.36
CA TYR E 564 52.29 -4.62 -5.82
C TYR E 564 52.37 -4.57 -7.34
N LEU E 565 51.49 -3.77 -7.94
CA LEU E 565 51.42 -3.61 -9.39
C LEU E 565 51.58 -2.13 -9.71
N PRO E 566 52.80 -1.62 -9.72
CA PRO E 566 53.01 -0.21 -10.00
C PRO E 566 52.78 0.13 -11.46
N PRO E 567 52.05 1.21 -11.75
CA PRO E 567 51.78 1.54 -13.15
C PRO E 567 52.98 2.10 -13.90
N ASP E 568 53.74 3.01 -13.29
CA ASP E 568 54.83 3.67 -14.02
C ASP E 568 56.16 3.60 -13.27
N ALA E 569 57.15 4.33 -13.78
CA ALA E 569 58.50 4.26 -13.21
C ALA E 569 58.56 4.85 -11.82
N ASN E 570 57.93 6.01 -11.61
CA ASN E 570 57.98 6.66 -10.30
C ASN E 570 57.27 5.82 -9.25
N CYS E 571 56.13 5.23 -9.61
CA CYS E 571 55.44 4.36 -8.67
C CYS E 571 56.20 3.06 -8.45
N LEU E 572 57.02 2.65 -9.42
CA LEU E 572 57.87 1.48 -9.24
C LEU E 572 58.97 1.75 -8.23
N LEU E 573 59.58 2.94 -8.28
CA LEU E 573 60.65 3.28 -7.35
C LEU E 573 60.12 3.36 -5.92
N SER E 574 58.93 3.95 -5.73
CA SER E 574 58.37 4.05 -4.39
C SER E 574 58.06 2.67 -3.82
N VAL E 575 57.56 1.76 -4.66
CA VAL E 575 57.31 0.39 -4.23
C VAL E 575 58.62 -0.30 -3.88
N ALA E 576 59.63 -0.13 -4.73
CA ALA E 576 60.93 -0.76 -4.47
C ALA E 576 61.58 -0.18 -3.23
N ASP E 577 61.47 1.14 -3.03
CA ASP E 577 62.01 1.76 -1.82
C ASP E 577 61.28 1.29 -0.58
N HIS E 578 59.96 1.21 -0.63
CA HIS E 578 59.19 0.81 0.54
C HIS E 578 59.43 -0.65 0.90
N CYS E 579 59.51 -1.52 -0.11
CA CYS E 579 59.65 -2.94 0.16
C CYS E 579 61.03 -3.30 0.69
N LEU E 580 62.04 -2.50 0.39
CA LEU E 580 63.36 -2.76 0.94
C LEU E 580 63.45 -2.46 2.42
N ARG E 581 62.45 -1.78 2.99
CA ARG E 581 62.41 -1.52 4.42
C ARG E 581 61.64 -2.58 5.19
N SER E 582 60.70 -3.26 4.54
CA SER E 582 59.84 -4.23 5.22
C SER E 582 60.64 -5.45 5.65
N THR E 583 60.11 -6.17 6.64
CA THR E 583 60.84 -7.26 7.27
C THR E 583 60.22 -8.64 7.04
N ASP E 584 58.98 -8.85 7.45
CA ASP E 584 58.42 -10.20 7.52
C ASP E 584 57.35 -10.44 6.46
N TYR E 585 57.61 -10.01 5.24
CA TYR E 585 56.67 -10.18 4.15
C TYR E 585 57.38 -10.72 2.92
N ILE E 586 56.60 -11.31 2.02
CA ILE E 586 57.05 -11.68 0.69
C ILE E 586 56.46 -10.66 -0.27
N ASN E 587 57.31 -9.87 -0.91
CA ASN E 587 56.88 -8.78 -1.77
C ASN E 587 57.01 -9.22 -3.22
N VAL E 588 55.89 -9.23 -3.94
CA VAL E 588 55.87 -9.57 -5.36
C VAL E 588 55.51 -8.31 -6.13
N ILE E 589 56.42 -7.86 -6.97
CA ILE E 589 56.26 -6.63 -7.74
C ILE E 589 56.25 -7.01 -9.21
N VAL E 590 55.21 -6.62 -9.92
CA VAL E 590 55.04 -6.94 -11.32
C VAL E 590 55.10 -5.65 -12.13
N ALA E 591 56.11 -5.52 -12.97
CA ALA E 591 56.29 -4.37 -13.85
C ALA E 591 56.58 -4.87 -15.25
N ASP E 592 56.57 -3.96 -16.21
CA ASP E 592 56.77 -4.31 -17.61
C ASP E 592 58.00 -3.60 -18.16
N LYS E 593 58.77 -4.33 -18.97
CA LYS E 593 60.00 -3.77 -19.52
C LYS E 593 59.71 -2.71 -20.57
N GLN E 594 58.65 -2.89 -21.35
CA GLN E 594 58.41 -2.04 -22.51
C GLN E 594 58.15 -0.60 -22.11
N SER E 595 58.60 0.33 -22.97
CA SER E 595 58.43 1.74 -22.71
C SER E 595 56.95 2.11 -22.69
N HIS E 596 56.55 2.86 -21.66
CA HIS E 596 55.15 3.16 -21.43
C HIS E 596 55.00 4.63 -21.10
N LEU E 597 53.76 5.04 -20.87
CA LEU E 597 53.49 6.38 -20.38
C LEU E 597 53.92 6.50 -18.92
N GLN E 598 53.97 7.72 -18.44
CA GLN E 598 54.23 8.01 -17.03
C GLN E 598 53.09 8.84 -16.49
N TYR E 599 52.54 8.43 -15.35
CA TYR E 599 51.34 9.06 -14.81
C TYR E 599 51.55 9.79 -13.50
N LEU E 600 52.61 9.50 -12.76
CA LEU E 600 52.79 10.04 -11.43
C LEU E 600 54.14 10.74 -11.31
N ASP E 601 54.15 11.87 -10.62
CA ASP E 601 55.39 12.56 -10.30
C ASP E 601 56.09 11.85 -9.14
N ALA E 602 57.32 12.26 -8.88
CA ALA E 602 58.09 11.65 -7.79
C ALA E 602 57.41 11.85 -6.44
N GLU E 603 56.88 13.04 -6.20
CA GLU E 603 56.16 13.28 -4.96
C GLU E 603 54.80 12.60 -4.95
N ALA E 604 54.10 12.62 -6.09
CA ALA E 604 52.77 12.02 -6.16
C ALA E 604 52.84 10.50 -6.09
N ALA E 605 53.92 9.90 -6.56
CA ALA E 605 54.08 8.46 -6.44
C ALA E 605 54.19 8.04 -4.98
N ALA E 606 54.90 8.82 -4.18
CA ALA E 606 55.05 8.50 -2.76
C ALA E 606 53.71 8.55 -2.04
N ARG E 607 52.89 9.55 -2.35
CA ARG E 607 51.56 9.61 -1.75
C ARG E 607 50.70 8.45 -2.23
N HIS E 608 50.84 8.06 -3.50
CA HIS E 608 50.05 6.96 -4.04
C HIS E 608 50.40 5.64 -3.36
N CYS E 609 51.70 5.36 -3.22
CA CYS E 609 52.11 4.12 -2.57
C CYS E 609 51.85 4.12 -1.08
N ALA E 610 51.76 5.31 -0.46
CA ALA E 610 51.41 5.37 0.94
C ALA E 610 49.99 4.87 1.17
N LYS E 611 49.05 5.33 0.35
CA LYS E 611 47.68 4.85 0.44
C LYS E 611 47.54 3.46 -0.18
N GLY E 612 48.33 3.16 -1.22
CA GLY E 612 48.22 1.92 -1.96
C GLY E 612 47.18 1.96 -3.05
N ILE E 613 46.02 2.54 -2.76
CA ILE E 613 44.94 2.71 -3.71
C ILE E 613 44.43 4.14 -3.58
N GLY E 614 44.29 4.82 -4.71
CA GLY E 614 43.83 6.20 -4.67
C GLY E 614 43.25 6.66 -5.98
N ILE E 615 42.42 7.68 -5.88
CA ILE E 615 41.79 8.30 -7.05
C ILE E 615 42.83 9.14 -7.78
N TRP E 616 42.91 8.99 -9.10
CA TRP E 616 43.71 9.87 -9.91
C TRP E 616 42.85 11.06 -10.32
N ASP E 617 43.23 12.25 -9.84
CA ASP E 617 42.38 13.42 -10.02
C ASP E 617 42.39 13.91 -11.46
N TRP E 618 43.54 13.87 -12.12
CA TRP E 618 43.62 14.33 -13.50
C TRP E 618 42.85 13.42 -14.43
N ALA E 619 42.90 12.11 -14.20
CA ALA E 619 42.15 11.18 -15.03
C ALA E 619 40.66 11.23 -14.73
N SER E 620 40.28 11.57 -13.50
CA SER E 620 38.88 11.60 -13.13
C SER E 620 38.16 12.73 -13.87
N ASN E 621 36.94 12.45 -14.32
CA ASN E 621 36.21 13.42 -15.12
C ASN E 621 35.68 14.55 -14.25
N ASP E 622 34.80 14.23 -13.30
CA ASP E 622 34.10 15.25 -12.54
C ASP E 622 34.33 15.04 -11.06
N GLN E 623 34.69 16.12 -10.38
CA GLN E 623 34.80 16.17 -8.93
C GLN E 623 33.68 17.05 -8.38
N GLY E 624 33.30 16.80 -7.15
CA GLY E 624 32.18 17.50 -6.56
C GLY E 624 30.82 16.98 -6.97
N ALA E 625 30.78 15.88 -7.74
CA ALA E 625 29.54 15.26 -8.13
C ALA E 625 29.70 13.75 -8.06
N SER E 626 28.59 13.05 -7.93
CA SER E 626 28.62 11.60 -7.86
C SER E 626 28.99 11.03 -9.21
N PRO E 627 30.04 10.22 -9.31
CA PRO E 627 30.42 9.67 -10.62
C PRO E 627 29.38 8.68 -11.13
N ASP E 628 29.25 8.64 -12.45
CA ASP E 628 28.33 7.68 -13.06
C ASP E 628 28.92 6.28 -13.09
N VAL E 629 30.24 6.16 -13.20
CA VAL E 629 30.91 4.87 -13.24
C VAL E 629 32.31 5.04 -12.67
N VAL E 630 32.80 3.99 -12.02
CA VAL E 630 34.15 3.96 -11.47
C VAL E 630 34.98 3.02 -12.31
N ILE E 631 36.03 3.55 -12.93
CA ILE E 631 36.93 2.75 -13.76
C ILE E 631 38.20 2.52 -12.98
N ALA E 632 38.49 1.26 -12.67
CA ALA E 632 39.64 0.89 -11.87
C ALA E 632 40.59 0.04 -12.69
N SER E 633 41.88 0.27 -12.53
CA SER E 633 42.91 -0.52 -13.19
C SER E 633 43.97 -0.91 -12.17
N CYS E 634 44.56 -2.08 -12.36
CA CYS E 634 45.51 -2.60 -11.40
C CYS E 634 46.92 -2.68 -11.96
N GLY E 635 47.10 -3.31 -13.13
CA GLY E 635 48.41 -3.44 -13.71
C GLY E 635 48.91 -2.15 -14.32
N ASP E 636 49.82 -2.29 -15.29
CA ASP E 636 50.37 -1.16 -16.00
C ASP E 636 49.96 -1.12 -17.47
N VAL E 637 49.96 -2.26 -18.15
CA VAL E 637 49.44 -2.32 -19.52
C VAL E 637 47.94 -2.06 -19.51
N VAL E 638 47.21 -2.70 -18.59
CA VAL E 638 45.78 -2.48 -18.51
C VAL E 638 45.44 -1.09 -18.01
N THR E 639 46.37 -0.42 -17.32
CA THR E 639 46.13 0.97 -16.93
C THR E 639 46.08 1.88 -18.15
N LEU E 640 46.96 1.63 -19.13
CA LEU E 640 46.93 2.40 -20.36
C LEU E 640 45.62 2.20 -21.10
N GLU E 641 45.13 0.96 -21.15
CA GLU E 641 43.85 0.69 -21.80
C GLU E 641 42.71 1.31 -21.02
N ALA E 642 42.78 1.28 -19.69
CA ALA E 642 41.74 1.92 -18.88
C ALA E 642 41.74 3.42 -19.07
N LEU E 643 42.92 4.03 -19.19
CA LEU E 643 43.00 5.46 -19.47
C LEU E 643 42.49 5.77 -20.87
N ALA E 644 42.85 4.93 -21.85
CA ALA E 644 42.39 5.16 -23.21
C ALA E 644 40.88 5.01 -23.33
N ALA E 645 40.31 4.06 -22.58
CA ALA E 645 38.85 3.94 -22.55
C ALA E 645 38.21 5.18 -21.95
N THR E 646 38.85 5.78 -20.95
CA THR E 646 38.33 7.00 -20.35
C THR E 646 38.35 8.15 -21.34
N ALA E 647 39.40 8.24 -22.16
CA ALA E 647 39.47 9.30 -23.16
C ALA E 647 38.37 9.16 -24.20
N LEU E 648 38.08 7.94 -24.64
CA LEU E 648 37.01 7.73 -25.61
C LEU E 648 35.66 8.10 -25.04
N LEU E 649 35.38 7.70 -23.81
CA LEU E 649 34.06 7.96 -23.22
C LEU E 649 33.86 9.45 -22.97
N ARG E 650 34.90 10.15 -22.50
CA ARG E 650 34.79 11.58 -22.29
C ARG E 650 34.67 12.33 -23.62
N GLU E 651 35.24 11.77 -24.68
CA GLU E 651 35.11 12.42 -25.99
C GLU E 651 33.70 12.28 -26.54
N HIS E 652 33.09 11.09 -26.40
CA HIS E 652 31.78 10.84 -26.99
C HIS E 652 30.63 11.18 -26.06
N PHE E 653 30.86 11.19 -24.74
CA PHE E 653 29.82 11.52 -23.76
C PHE E 653 30.35 12.63 -22.86
N PRO E 654 30.21 13.89 -23.29
CA PRO E 654 30.71 14.99 -22.47
C PRO E 654 30.05 15.09 -21.10
N ASP E 655 28.78 14.69 -20.99
CA ASP E 655 28.07 14.77 -19.73
C ASP E 655 28.41 13.63 -18.78
N LEU E 656 29.08 12.58 -19.25
CA LEU E 656 29.40 11.44 -18.41
C LEU E 656 30.44 11.81 -17.37
N LYS E 657 30.23 11.35 -16.14
CA LYS E 657 31.14 11.61 -15.03
C LYS E 657 31.83 10.31 -14.65
N ILE E 658 33.15 10.28 -14.78
CA ILE E 658 33.95 9.08 -14.60
C ILE E 658 34.98 9.33 -13.50
N ARG E 659 35.01 8.44 -12.51
CA ARG E 659 36.04 8.46 -11.49
C ARG E 659 37.04 7.37 -11.78
N PHE E 660 38.32 7.74 -11.86
CA PHE E 660 39.38 6.79 -12.17
C PHE E 660 40.14 6.46 -10.89
N VAL E 661 40.26 5.16 -10.60
CA VAL E 661 40.94 4.67 -9.41
C VAL E 661 42.03 3.72 -9.86
N ASN E 662 43.23 3.88 -9.31
CA ASN E 662 44.33 2.97 -9.57
C ASN E 662 44.73 2.29 -8.28
N VAL E 663 44.90 0.97 -8.34
CA VAL E 663 45.24 0.16 -7.19
C VAL E 663 46.65 -0.39 -7.39
N VAL E 664 47.51 -0.18 -6.40
CA VAL E 664 48.86 -0.71 -6.42
C VAL E 664 49.01 -1.90 -5.49
N ASP E 665 48.61 -1.74 -4.24
CA ASP E 665 48.63 -2.83 -3.27
C ASP E 665 47.34 -3.62 -3.42
N LEU E 666 47.46 -4.88 -3.86
CA LEU E 666 46.28 -5.68 -4.13
C LEU E 666 45.48 -5.97 -2.87
N PHE E 667 46.17 -6.26 -1.77
CA PHE E 667 45.48 -6.72 -0.57
C PHE E 667 44.74 -5.62 0.16
N ARG E 668 44.83 -4.38 -0.29
CA ARG E 668 44.00 -3.31 0.25
C ARG E 668 42.52 -3.57 0.00
N LEU E 669 42.19 -4.38 -1.02
CA LEU E 669 40.80 -4.65 -1.32
C LEU E 669 40.14 -5.51 -0.24
N GLN E 670 40.93 -6.32 0.46
CA GLN E 670 40.37 -7.18 1.50
C GLN E 670 39.80 -6.33 2.63
N PRO E 671 38.70 -6.75 3.24
CA PRO E 671 38.08 -5.94 4.30
C PRO E 671 38.96 -5.86 5.53
N ASP E 672 38.65 -4.86 6.37
CA ASP E 672 39.45 -4.63 7.57
C ASP E 672 39.36 -5.80 8.54
N THR E 673 38.26 -6.55 8.50
CA THR E 673 38.12 -7.72 9.37
C THR E 673 39.13 -8.80 9.01
N GLU E 674 39.35 -9.03 7.70
CA GLU E 674 40.31 -10.04 7.28
C GLU E 674 41.73 -9.68 7.69
N HIS E 675 42.09 -8.41 7.55
CA HIS E 675 43.43 -7.98 7.94
C HIS E 675 43.38 -6.48 8.24
N PRO E 676 44.15 -6.00 9.23
CA PRO E 676 44.18 -4.55 9.47
C PRO E 676 44.76 -3.74 8.32
N HIS E 677 45.54 -4.37 7.44
CA HIS E 677 46.11 -3.64 6.31
C HIS E 677 45.05 -3.24 5.30
N GLY E 678 43.99 -4.03 5.17
CA GLY E 678 42.96 -3.73 4.19
C GLY E 678 42.17 -2.49 4.54
N LEU E 679 41.53 -1.93 3.51
CA LEU E 679 40.72 -0.74 3.70
C LEU E 679 39.47 -1.05 4.52
N SER E 680 39.06 -0.07 5.32
CA SER E 680 37.81 -0.21 6.05
C SER E 680 36.62 -0.12 5.10
N ASP E 681 35.45 -0.44 5.62
CA ASP E 681 34.25 -0.38 4.78
C ASP E 681 33.94 1.05 4.35
N ARG E 682 34.15 2.01 5.25
CA ARG E 682 33.92 3.40 4.88
C ARG E 682 34.97 3.90 3.90
N ASP E 683 36.23 3.48 4.08
CA ASP E 683 37.27 3.87 3.13
C ASP E 683 37.02 3.28 1.76
N PHE E 684 36.62 2.01 1.71
CA PHE E 684 36.33 1.36 0.43
C PHE E 684 35.13 2.01 -0.25
N ASP E 685 34.12 2.36 0.54
CA ASP E 685 32.93 3.00 -0.04
C ASP E 685 33.23 4.40 -0.55
N SER E 686 34.24 5.07 0.01
CA SER E 686 34.63 6.37 -0.51
C SER E 686 35.32 6.24 -1.86
N LEU E 687 36.26 5.30 -1.97
CA LEU E 687 36.94 5.05 -3.24
C LEU E 687 35.95 4.56 -4.29
N PHE E 688 35.37 3.39 -4.07
CA PHE E 688 34.38 2.81 -4.95
C PHE E 688 33.00 3.08 -4.37
N THR E 689 32.15 3.76 -5.13
CA THR E 689 30.84 4.15 -4.63
C THR E 689 30.00 2.92 -4.30
N VAL E 690 29.08 3.09 -3.36
CA VAL E 690 28.26 1.97 -2.88
C VAL E 690 27.28 1.47 -3.92
N ASP E 691 26.97 2.25 -4.95
CA ASP E 691 25.90 1.88 -5.86
C ASP E 691 26.30 1.89 -7.32
N LYS E 692 27.21 2.79 -7.70
CA LYS E 692 27.57 2.92 -9.10
C LYS E 692 28.42 1.74 -9.55
N PRO E 693 28.30 1.31 -10.80
CA PRO E 693 29.07 0.16 -11.28
C PRO E 693 30.56 0.44 -11.31
N ILE E 694 31.34 -0.62 -11.09
CA ILE E 694 32.79 -0.55 -11.07
C ILE E 694 33.31 -1.40 -12.21
N ILE E 695 34.06 -0.80 -13.12
CA ILE E 695 34.63 -1.51 -14.25
C ILE E 695 36.11 -1.71 -13.93
N PHE E 696 36.42 -2.85 -13.32
CA PHE E 696 37.78 -3.15 -12.91
C PHE E 696 38.53 -3.78 -14.06
N ASN E 697 39.76 -3.33 -14.29
CA ASN E 697 40.60 -3.83 -15.36
C ASN E 697 41.88 -4.36 -14.71
N PHE E 698 41.97 -5.68 -14.55
CA PHE E 698 42.98 -6.29 -13.71
C PHE E 698 43.98 -7.06 -14.56
N HIS E 699 45.27 -6.87 -14.25
CA HIS E 699 46.31 -7.67 -14.85
C HIS E 699 46.33 -9.04 -14.18
N GLY E 700 46.06 -10.09 -14.95
CA GLY E 700 45.97 -11.42 -14.41
C GLY E 700 44.55 -11.96 -14.47
N TYR E 701 44.34 -13.04 -13.74
CA TYR E 701 43.05 -13.72 -13.79
C TYR E 701 41.97 -12.87 -13.15
N PRO E 702 40.85 -12.64 -13.83
CA PRO E 702 39.87 -11.67 -13.34
C PRO E 702 39.20 -12.07 -12.06
N TRP E 703 39.21 -13.35 -11.72
CA TRP E 703 38.51 -13.83 -10.53
CA TRP E 703 38.49 -13.79 -10.53
C TRP E 703 39.23 -13.48 -9.24
N LEU E 704 40.53 -13.20 -9.30
CA LEU E 704 41.27 -12.87 -8.10
C LEU E 704 40.71 -11.64 -7.41
N ILE E 705 40.22 -10.68 -8.17
CA ILE E 705 39.61 -9.49 -7.59
C ILE E 705 38.34 -9.85 -6.83
N HIS E 706 37.57 -10.80 -7.34
CA HIS E 706 36.36 -11.21 -6.64
C HIS E 706 36.66 -11.93 -5.33
N LYS E 707 37.79 -12.64 -5.27
CA LYS E 707 38.16 -13.30 -4.01
C LYS E 707 38.44 -12.28 -2.93
N LEU E 708 39.18 -11.23 -3.27
CA LEU E 708 39.57 -10.23 -2.28
C LEU E 708 38.37 -9.40 -1.84
N ALA E 709 37.57 -8.93 -2.80
CA ALA E 709 36.47 -8.02 -2.52
C ALA E 709 35.15 -8.75 -2.40
N TYR E 710 35.14 -9.98 -1.90
CA TYR E 710 33.89 -10.73 -1.81
C TYR E 710 33.01 -10.21 -0.69
N ARG E 711 33.60 -9.90 0.47
CA ARG E 711 32.83 -9.48 1.62
C ARG E 711 32.36 -8.04 1.55
N ARG E 712 32.79 -7.28 0.54
CA ARG E 712 32.39 -5.89 0.41
C ARG E 712 30.90 -5.79 0.10
N HIS E 713 30.32 -4.66 0.51
CA HIS E 713 28.91 -4.42 0.23
C HIS E 713 28.65 -4.28 -1.27
N ASN E 714 29.54 -3.59 -1.97
CA ASN E 714 29.36 -3.31 -3.40
C ASN E 714 30.01 -4.37 -4.28
N HIS E 715 30.14 -5.60 -3.81
CA HIS E 715 30.77 -6.64 -4.61
C HIS E 715 29.92 -6.99 -5.84
N ASN E 716 28.60 -6.95 -5.69
CA ASN E 716 27.72 -7.31 -6.80
C ASN E 716 27.81 -6.35 -7.98
N ASN E 717 28.25 -5.11 -7.74
CA ASN E 717 28.43 -4.14 -8.81
C ASN E 717 29.85 -4.14 -9.37
N LEU E 718 30.71 -5.03 -8.89
CA LEU E 718 32.09 -5.08 -9.34
C LEU E 718 32.20 -5.96 -10.57
N HIS E 719 32.75 -5.39 -11.64
CA HIS E 719 32.95 -6.11 -12.89
CA HIS E 719 32.95 -6.09 -12.89
C HIS E 719 34.43 -6.10 -13.22
N VAL E 720 35.00 -7.28 -13.40
CA VAL E 720 36.43 -7.43 -13.64
C VAL E 720 36.64 -7.95 -15.05
N ARG E 721 37.51 -7.27 -15.79
CA ARG E 721 38.01 -7.76 -17.07
C ARG E 721 39.49 -8.06 -16.89
N GLY E 722 39.91 -9.24 -17.31
CA GLY E 722 41.28 -9.62 -17.10
C GLY E 722 41.71 -10.70 -18.06
N TYR E 723 42.85 -11.31 -17.75
CA TYR E 723 43.42 -12.34 -18.60
C TYR E 723 42.52 -13.57 -18.62
N LYS E 724 42.13 -14.01 -19.81
CA LYS E 724 41.38 -15.24 -19.99
C LYS E 724 42.16 -16.28 -20.76
N GLU E 725 42.59 -15.96 -21.98
CA GLU E 725 43.37 -16.88 -22.79
C GLU E 725 44.17 -16.07 -23.81
N VAL E 726 45.17 -16.71 -24.38
CA VAL E 726 46.09 -16.06 -25.31
C VAL E 726 46.17 -16.90 -26.58
N GLY E 727 46.18 -16.22 -27.73
CA GLY E 727 46.37 -16.89 -29.00
C GLY E 727 47.82 -17.30 -29.18
N ASN E 728 48.08 -17.95 -30.32
CA ASN E 728 49.43 -18.40 -30.60
C ASN E 728 50.40 -17.24 -30.74
N ILE E 729 50.03 -16.24 -31.55
CA ILE E 729 50.81 -15.01 -31.68
C ILE E 729 49.83 -13.87 -31.98
N ASN E 730 50.01 -12.77 -31.26
CA ASN E 730 49.11 -11.63 -31.38
C ASN E 730 49.91 -10.34 -31.17
N THR E 731 49.38 -9.26 -31.72
CA THR E 731 49.89 -7.94 -31.42
C THR E 731 49.45 -7.53 -30.02
N PRO E 732 50.16 -6.56 -29.40
CA PRO E 732 49.72 -6.11 -28.07
C PRO E 732 48.31 -5.57 -28.03
N LEU E 733 47.85 -4.92 -29.10
CA LEU E 733 46.47 -4.44 -29.13
C LEU E 733 45.49 -5.58 -29.33
N GLU E 734 45.82 -6.53 -30.22
CA GLU E 734 44.89 -7.62 -30.50
C GLU E 734 44.77 -8.58 -29.33
N LEU E 735 45.85 -8.75 -28.56
CA LEU E 735 45.78 -9.60 -27.38
C LEU E 735 44.80 -9.04 -26.35
N ALA E 736 44.76 -7.71 -26.21
CA ALA E 736 43.80 -7.10 -25.32
C ALA E 736 42.37 -7.28 -25.83
N ILE E 737 42.19 -7.34 -27.15
CA ILE E 737 40.86 -7.55 -27.72
C ILE E 737 40.36 -8.95 -27.39
N ARG E 738 41.24 -9.95 -27.47
CA ARG E 738 40.84 -11.32 -27.17
C ARG E 738 40.39 -11.47 -25.73
N ASN E 739 41.09 -10.83 -24.80
CA ASN E 739 40.73 -10.86 -23.39
C ASN E 739 39.76 -9.78 -22.99
N GLN E 740 39.35 -8.93 -23.94
CA GLN E 740 38.35 -7.88 -23.72
C GLN E 740 38.80 -6.87 -22.67
N VAL E 741 40.11 -6.68 -22.53
CA VAL E 741 40.65 -5.60 -21.70
C VAL E 741 41.09 -4.41 -22.53
N ASP E 742 40.76 -4.40 -23.81
CA ASP E 742 41.14 -3.32 -24.70
C ASP E 742 40.35 -2.06 -24.35
N ARG E 743 40.82 -0.92 -24.88
CA ARG E 743 40.14 0.34 -24.64
C ARG E 743 38.73 0.34 -25.20
N PHE E 744 38.52 -0.31 -26.34
CA PHE E 744 37.20 -0.33 -26.93
C PHE E 744 36.27 -1.28 -26.20
N ASN E 745 36.78 -2.46 -25.82
CA ASN E 745 35.96 -3.40 -25.07
C ASN E 745 35.60 -2.85 -23.71
N LEU E 746 36.55 -2.17 -23.05
CA LEU E 746 36.26 -1.56 -21.77
C LEU E 746 35.24 -0.44 -21.90
N ALA E 747 35.35 0.36 -22.97
CA ALA E 747 34.37 1.42 -23.19
C ALA E 747 32.99 0.85 -23.49
N ILE E 748 32.94 -0.30 -24.17
CA ILE E 748 31.66 -0.96 -24.40
C ILE E 748 31.03 -1.40 -23.08
N ASP E 749 31.83 -1.96 -22.18
CA ASP E 749 31.31 -2.45 -20.91
C ASP E 749 30.79 -1.31 -20.04
N VAL E 750 31.38 -0.13 -20.14
CA VAL E 750 30.85 1.03 -19.41
C VAL E 750 29.47 1.39 -19.94
N ILE E 751 29.29 1.33 -21.26
CA ILE E 751 28.01 1.70 -21.86
C ILE E 751 26.91 0.76 -21.40
N ASP E 752 27.20 -0.55 -21.34
CA ASP E 752 26.21 -1.50 -20.88
C ASP E 752 25.87 -1.31 -19.42
N ARG E 753 26.87 -1.04 -18.58
CA ARG E 753 26.65 -1.00 -17.14
C ARG E 753 25.96 0.29 -16.69
N VAL E 754 26.28 1.41 -17.31
CA VAL E 754 25.67 2.68 -16.89
C VAL E 754 24.20 2.69 -17.31
N PRO E 755 23.26 2.93 -16.40
CA PRO E 755 21.84 2.81 -16.75
C PRO E 755 21.37 3.77 -17.82
N HIS E 756 21.89 4.99 -17.85
CA HIS E 756 21.39 5.98 -18.79
C HIS E 756 22.18 6.04 -20.09
N LEU E 757 23.14 5.14 -20.28
CA LEU E 757 23.86 5.04 -21.54
C LEU E 757 23.46 3.84 -22.38
N ARG E 758 22.59 2.97 -21.87
CA ARG E 758 22.21 1.79 -22.62
C ARG E 758 21.39 2.14 -23.85
N ASP E 759 20.70 3.28 -23.83
CA ASP E 759 19.94 3.76 -24.96
C ASP E 759 20.65 4.87 -25.73
N ARG E 760 21.26 5.82 -25.03
CA ARG E 760 21.95 6.91 -25.70
C ARG E 760 23.22 6.43 -26.38
N GLY E 761 23.90 5.45 -25.81
CA GLY E 761 25.18 4.99 -26.31
C GLY E 761 25.12 3.91 -27.36
N ALA E 762 23.94 3.62 -27.91
CA ALA E 762 23.85 2.57 -28.93
C ALA E 762 24.65 2.92 -30.18
N HIS E 763 24.59 4.19 -30.60
CA HIS E 763 25.39 4.60 -31.75
C HIS E 763 26.88 4.50 -31.46
N VAL E 764 27.30 4.94 -30.27
CA VAL E 764 28.72 4.89 -29.92
C VAL E 764 29.18 3.45 -29.78
N LYS E 765 28.34 2.58 -29.22
CA LYS E 765 28.69 1.17 -29.09
C LYS E 765 28.87 0.53 -30.46
N GLU E 766 28.05 0.94 -31.43
CA GLU E 766 28.26 0.46 -32.80
C GLU E 766 29.57 0.97 -33.38
N TRP E 767 29.92 2.22 -33.09
CA TRP E 767 31.17 2.77 -33.60
C TRP E 767 32.37 2.07 -32.99
N LEU E 768 32.30 1.73 -31.71
CA LEU E 768 33.42 1.05 -31.05
C LEU E 768 33.64 -0.34 -31.64
N LYS E 769 32.55 -1.05 -31.95
CA LYS E 769 32.69 -2.36 -32.58
C LYS E 769 33.33 -2.25 -33.95
N ASP E 770 33.07 -1.16 -34.66
CA ASP E 770 33.74 -0.94 -35.94
C ASP E 770 35.24 -0.75 -35.73
N GLN E 771 35.61 -0.03 -34.67
CA GLN E 771 37.03 0.18 -34.38
C GLN E 771 37.73 -1.12 -34.02
N ILE E 772 37.04 -2.01 -33.31
CA ILE E 772 37.62 -3.31 -32.97
C ILE E 772 37.87 -4.11 -34.24
N HIS E 773 36.89 -4.17 -35.14
CA HIS E 773 37.05 -4.90 -36.38
C HIS E 773 38.09 -4.25 -37.27
N ASP E 774 38.12 -2.92 -37.30
CA ASP E 774 39.08 -2.22 -38.15
C ASP E 774 40.51 -2.49 -37.73
N HIS E 775 40.77 -2.46 -36.42
CA HIS E 775 42.13 -2.67 -35.95
C HIS E 775 42.59 -4.12 -36.13
N ILE E 776 41.67 -5.08 -35.98
CA ILE E 776 42.01 -6.48 -36.21
C ILE E 776 42.36 -6.71 -37.67
N GLN E 777 41.57 -6.13 -38.58
CA GLN E 777 41.85 -6.28 -40.00
C GLN E 777 43.19 -5.67 -40.38
N TYR E 778 43.51 -4.50 -39.82
CA TYR E 778 44.82 -3.89 -40.07
C TYR E 778 45.93 -4.76 -39.48
N ALA E 779 45.67 -5.38 -38.33
CA ALA E 779 46.68 -6.23 -37.72
C ALA E 779 46.98 -7.46 -38.57
N TYR E 780 45.95 -8.03 -39.19
CA TYR E 780 46.16 -9.21 -40.02
C TYR E 780 46.95 -8.87 -41.28
N GLN E 781 46.68 -7.71 -41.89
CA GLN E 781 47.36 -7.35 -43.12
C GLN E 781 48.80 -6.92 -42.85
N GLU E 782 49.04 -6.15 -41.80
CA GLU E 782 50.35 -5.55 -41.57
C GLU E 782 51.17 -6.26 -40.52
N GLY E 783 50.54 -6.90 -39.54
CA GLY E 783 51.26 -7.54 -38.46
C GLY E 783 51.66 -6.62 -37.33
N ILE E 784 51.34 -5.33 -37.42
CA ILE E 784 51.65 -4.36 -36.38
C ILE E 784 50.44 -3.48 -36.18
N ASP E 785 50.34 -2.89 -34.98
CA ASP E 785 49.25 -1.99 -34.68
C ASP E 785 49.39 -0.69 -35.45
N ARG E 786 48.30 0.06 -35.52
CA ARG E 786 48.32 1.36 -36.16
C ARG E 786 49.22 2.31 -35.38
N PRO E 787 49.87 3.27 -36.06
CA PRO E 787 50.79 4.17 -35.36
C PRO E 787 50.15 4.99 -34.25
N GLU E 788 48.88 5.37 -34.41
CA GLU E 788 48.23 6.15 -33.36
C GLU E 788 47.91 5.32 -32.13
N ILE E 789 47.79 4.01 -32.28
CA ILE E 789 47.60 3.15 -31.11
C ILE E 789 48.87 3.09 -30.27
N ASN E 790 50.02 2.91 -30.93
CA ASN E 790 51.28 2.80 -30.21
C ASN E 790 51.71 4.14 -29.62
N GLN E 791 51.41 5.24 -30.30
CA GLN E 791 51.80 6.57 -29.86
C GLN E 791 50.65 7.31 -29.18
N TRP E 792 49.73 6.60 -28.57
CA TRP E 792 48.63 7.24 -27.88
C TRP E 792 49.13 7.92 -26.61
N GLN E 793 48.51 9.05 -26.28
CA GLN E 793 48.81 9.76 -25.05
C GLN E 793 47.56 10.49 -24.58
N TRP E 794 47.57 10.89 -23.32
CA TRP E 794 46.40 11.49 -22.71
C TRP E 794 46.05 12.80 -23.42
N PRO E 795 44.84 12.94 -23.95
CA PRO E 795 44.52 14.13 -24.74
C PRO E 795 44.18 15.35 -23.90
N PHE E 796 43.59 15.13 -22.73
CA PHE E 796 43.18 16.24 -21.87
C PHE E 796 44.33 16.72 -21.01
N ASP F 9 81.80 -47.69 -45.27
CA ASP F 9 82.07 -46.33 -45.73
C ASP F 9 80.99 -45.36 -45.26
N ILE F 10 80.20 -45.78 -44.27
CA ILE F 10 79.14 -44.94 -43.75
C ILE F 10 79.72 -43.76 -42.97
N ALA F 11 80.77 -44.01 -42.18
CA ALA F 11 81.39 -42.94 -41.41
C ALA F 11 82.03 -41.90 -42.32
N THR F 12 82.71 -42.34 -43.38
CA THR F 12 83.28 -41.41 -44.35
C THR F 12 82.17 -40.81 -45.21
N LEU F 13 82.46 -39.63 -45.76
CA LEU F 13 81.49 -38.88 -46.55
C LEU F 13 82.08 -38.60 -47.93
N SER F 14 81.31 -38.90 -48.97
CA SER F 14 81.75 -38.61 -50.32
C SER F 14 81.68 -37.11 -50.59
N PRO F 15 82.63 -36.54 -51.32
CA PRO F 15 82.59 -35.10 -51.59
C PRO F 15 81.38 -34.66 -52.41
N ASN F 16 80.89 -35.49 -53.32
CA ASN F 16 79.78 -35.09 -54.17
C ASN F 16 78.48 -34.96 -53.37
N GLU F 17 78.20 -35.92 -52.50
CA GLU F 17 77.02 -35.83 -51.65
C GLU F 17 77.18 -34.80 -50.55
N GLN F 18 78.42 -34.47 -50.17
CA GLN F 18 78.65 -33.43 -49.19
C GLN F 18 78.15 -32.07 -49.68
N ALA F 19 78.35 -31.80 -50.98
CA ALA F 19 77.81 -30.58 -51.56
C ALA F 19 76.30 -30.55 -51.51
N ALA F 20 75.66 -31.69 -51.80
CA ALA F 20 74.20 -31.77 -51.72
C ALA F 20 73.72 -31.60 -50.28
N ILE F 21 74.45 -32.18 -49.33
CA ILE F 21 74.14 -31.97 -47.91
C ILE F 21 74.31 -30.51 -47.55
N ASP F 22 75.42 -29.89 -48.01
CA ASP F 22 75.61 -28.47 -47.78
C ASP F 22 74.56 -27.65 -48.50
N ALA F 23 74.13 -28.10 -49.69
CA ALA F 23 73.07 -27.40 -50.41
C ALA F 23 71.76 -27.44 -49.63
N TRP F 24 71.43 -28.58 -49.04
CA TRP F 24 70.27 -28.66 -48.17
C TRP F 24 70.46 -27.79 -46.94
N TRP F 25 71.65 -27.79 -46.37
CA TRP F 25 71.91 -26.99 -45.17
C TRP F 25 71.81 -25.50 -45.46
N ARG F 26 72.31 -25.07 -46.62
CA ARG F 26 72.16 -23.68 -47.02
C ARG F 26 70.70 -23.32 -47.25
N ALA F 27 69.95 -24.20 -47.93
CA ALA F 27 68.56 -23.92 -48.23
C ALA F 27 67.71 -23.81 -46.97
N ALA F 28 68.00 -24.66 -45.98
CA ALA F 28 67.27 -24.58 -44.72
C ALA F 28 67.53 -23.25 -44.02
N ASN F 29 68.79 -22.80 -43.99
CA ASN F 29 69.10 -21.51 -43.39
C ASN F 29 68.51 -20.36 -44.19
N TYR F 30 68.49 -20.49 -45.51
CA TYR F 30 67.89 -19.45 -46.34
C TYR F 30 66.40 -19.31 -46.06
N LEU F 31 65.70 -20.45 -45.94
CA LEU F 31 64.29 -20.39 -45.59
C LEU F 31 64.09 -19.95 -44.15
N SER F 32 65.05 -20.24 -43.27
CA SER F 32 64.95 -19.83 -41.88
C SER F 32 64.96 -18.31 -41.76
N VAL F 33 65.93 -17.66 -42.42
CA VAL F 33 66.00 -16.21 -42.38
C VAL F 33 64.81 -15.59 -43.11
N GLY F 34 64.36 -16.23 -44.19
CA GLY F 34 63.26 -15.68 -44.96
C GLY F 34 61.98 -15.53 -44.17
N GLN F 35 61.62 -16.55 -43.39
CA GLN F 35 60.41 -16.46 -42.60
C GLN F 35 60.58 -15.56 -41.38
N ILE F 36 61.82 -15.38 -40.91
CA ILE F 36 62.06 -14.45 -39.82
C ILE F 36 61.87 -13.01 -40.30
N TYR F 37 62.38 -12.69 -41.49
CA TYR F 37 62.43 -11.33 -41.98
C TYR F 37 61.46 -11.06 -43.13
N LEU F 38 61.56 -11.83 -44.21
CA LEU F 38 60.86 -11.47 -45.44
C LEU F 38 59.36 -11.71 -45.31
N ARG F 39 58.59 -10.71 -45.75
CA ARG F 39 57.14 -10.85 -45.88
C ARG F 39 56.71 -11.04 -47.33
N ASP F 40 57.44 -10.45 -48.27
CA ASP F 40 57.18 -10.62 -49.69
C ASP F 40 58.52 -10.79 -50.38
N ASN F 41 58.48 -11.08 -51.69
CA ASN F 41 59.65 -11.30 -52.54
C ASN F 41 60.50 -12.43 -51.95
N PRO F 42 60.03 -13.67 -51.99
CA PRO F 42 60.77 -14.74 -51.30
C PRO F 42 62.09 -15.11 -51.96
N LEU F 43 62.16 -15.09 -53.29
CA LEU F 43 63.34 -15.53 -54.01
C LEU F 43 64.28 -14.39 -54.36
N LEU F 44 63.99 -13.16 -53.92
CA LEU F 44 64.83 -11.99 -54.19
C LEU F 44 65.05 -11.77 -55.67
N GLN F 45 63.98 -11.94 -56.46
CA GLN F 45 64.07 -11.63 -57.89
C GLN F 45 64.34 -10.15 -58.12
N GLU F 46 63.69 -9.30 -57.34
CA GLU F 46 63.92 -7.85 -57.36
C GLU F 46 64.75 -7.45 -56.15
N PRO F 47 65.42 -6.29 -56.21
CA PRO F 47 66.16 -5.82 -55.04
C PRO F 47 65.27 -5.61 -53.83
N LEU F 48 65.82 -5.91 -52.66
CA LEU F 48 65.06 -5.89 -51.43
C LEU F 48 64.65 -4.47 -51.06
N ARG F 49 63.40 -4.32 -50.62
CA ARG F 49 62.83 -3.04 -50.21
C ARG F 49 62.18 -3.21 -48.85
N PRO F 50 62.06 -2.13 -48.07
CA PRO F 50 61.55 -2.26 -46.70
C PRO F 50 60.14 -2.83 -46.60
N GLU F 51 59.31 -2.67 -47.63
CA GLU F 51 57.96 -3.23 -47.57
C GLU F 51 57.96 -4.75 -47.61
N HIS F 52 59.07 -5.37 -48.01
CA HIS F 52 59.17 -6.82 -47.97
C HIS F 52 59.54 -7.36 -46.59
N ILE F 53 59.93 -6.50 -45.66
CA ILE F 53 60.40 -6.91 -44.34
C ILE F 53 59.24 -6.81 -43.35
N LYS F 54 59.17 -7.78 -42.44
CA LYS F 54 58.16 -7.74 -41.39
C LYS F 54 58.39 -6.57 -40.45
N GLN F 55 57.30 -5.91 -40.05
CA GLN F 55 57.42 -4.74 -39.18
C GLN F 55 57.93 -5.13 -37.80
N ARG F 56 57.39 -6.19 -37.22
CA ARG F 56 57.78 -6.66 -35.90
C ARG F 56 58.51 -7.98 -36.05
N LEU F 57 59.70 -8.06 -35.46
CA LEU F 57 60.57 -9.23 -35.59
C LEU F 57 60.58 -9.97 -34.26
N LEU F 58 60.01 -11.17 -34.25
CA LEU F 58 59.95 -11.99 -33.06
C LEU F 58 60.61 -13.35 -33.20
N GLY F 59 61.14 -13.67 -34.38
CA GLY F 59 61.77 -14.96 -34.58
C GLY F 59 63.08 -15.09 -33.86
N HIS F 60 63.54 -16.34 -33.73
CA HIS F 60 64.80 -16.65 -33.09
C HIS F 60 65.78 -17.21 -34.11
N TRP F 61 67.01 -16.73 -34.07
CA TRP F 61 68.04 -17.16 -35.00
C TRP F 61 69.18 -17.94 -34.34
N GLY F 62 69.43 -17.73 -33.06
CA GLY F 62 70.64 -18.25 -32.44
C GLY F 62 70.78 -19.76 -32.52
N SER F 63 69.67 -20.48 -32.38
CA SER F 63 69.71 -21.93 -32.45
C SER F 63 69.48 -22.49 -33.84
N ASP F 64 69.08 -21.64 -34.79
CA ASP F 64 68.68 -22.13 -36.11
C ASP F 64 69.81 -22.82 -36.89
N PRO F 65 71.04 -22.29 -36.96
CA PRO F 65 72.08 -23.03 -37.71
C PRO F 65 72.37 -24.40 -37.14
N GLY F 66 72.36 -24.55 -35.82
CA GLY F 66 72.67 -25.85 -35.23
C GLY F 66 71.61 -26.90 -35.53
N LEU F 67 70.33 -26.54 -35.40
CA LEU F 67 69.26 -27.48 -35.64
C LEU F 67 69.22 -27.92 -37.10
N SER F 68 69.38 -26.98 -38.02
CA SER F 68 69.44 -27.34 -39.44
C SER F 68 70.67 -28.17 -39.75
N PHE F 69 71.77 -27.94 -39.03
CA PHE F 69 72.98 -28.71 -39.24
C PHE F 69 72.78 -30.17 -38.87
N VAL F 70 72.14 -30.43 -37.73
CA VAL F 70 71.91 -31.80 -37.30
C VAL F 70 70.86 -32.48 -38.18
N TYR F 71 69.83 -31.74 -38.57
CA TYR F 71 68.69 -32.35 -39.28
C TYR F 71 69.12 -32.92 -40.62
N VAL F 72 69.95 -32.18 -41.37
CA VAL F 72 70.35 -32.66 -42.69
C VAL F 72 71.24 -33.89 -42.58
N HIS F 73 72.09 -33.94 -41.55
CA HIS F 73 72.91 -35.12 -41.32
C HIS F 73 72.07 -36.33 -40.95
N LEU F 74 71.01 -36.11 -40.17
CA LEU F 74 70.12 -37.21 -39.81
C LEU F 74 69.38 -37.75 -41.03
N ASN F 75 69.00 -36.87 -41.96
CA ASN F 75 68.38 -37.32 -43.19
C ASN F 75 69.35 -38.15 -44.02
N ARG F 76 70.65 -37.82 -43.96
CA ARG F 76 71.65 -38.65 -44.62
C ARG F 76 71.70 -40.04 -44.00
N LEU F 77 71.70 -40.11 -42.67
CA LEU F 77 71.82 -41.40 -41.99
C LEU F 77 70.54 -42.21 -42.11
N ILE F 78 69.37 -41.54 -42.18
CA ILE F 78 68.11 -42.27 -42.31
C ILE F 78 67.95 -42.84 -43.71
N ARG F 79 68.67 -42.31 -44.70
CA ARG F 79 68.60 -42.87 -46.05
C ARG F 79 69.33 -44.20 -46.14
N ARG F 80 70.50 -44.30 -45.50
CA ARG F 80 71.32 -45.49 -45.65
C ARG F 80 70.85 -46.63 -44.74
N LEU F 81 70.61 -46.33 -43.47
CA LEU F 81 70.26 -47.35 -42.50
C LEU F 81 68.76 -47.58 -42.36
N ASP F 82 67.94 -46.79 -43.06
CA ASP F 82 66.48 -46.93 -43.06
C ASP F 82 65.91 -46.89 -41.65
N LEU F 83 66.37 -45.91 -40.87
CA LEU F 83 65.95 -45.76 -39.49
C LEU F 83 64.63 -45.00 -39.42
N ASN F 84 64.24 -44.59 -38.23
CA ASN F 84 63.09 -43.72 -38.02
C ASN F 84 63.40 -42.80 -36.85
N LEU F 85 63.24 -41.50 -37.08
CA LEU F 85 63.62 -40.48 -36.11
C LEU F 85 62.43 -39.59 -35.79
N ILE F 86 62.52 -38.89 -34.66
CA ILE F 86 61.48 -37.99 -34.20
C ILE F 86 61.97 -36.55 -34.11
N TYR F 87 63.21 -36.35 -33.66
CA TYR F 87 63.85 -35.04 -33.53
C TYR F 87 63.04 -34.13 -32.59
N VAL F 88 63.03 -34.52 -31.32
CA VAL F 88 62.52 -33.64 -30.27
C VAL F 88 63.49 -32.49 -30.09
N THR F 89 62.98 -31.26 -30.13
CA THR F 89 63.81 -30.07 -30.11
C THR F 89 63.86 -29.50 -28.69
N GLY F 90 65.08 -29.26 -28.21
CA GLY F 90 65.29 -28.74 -26.88
C GLY F 90 65.03 -27.26 -26.73
N PRO F 91 65.77 -26.42 -27.46
CA PRO F 91 65.57 -24.97 -27.34
C PRO F 91 64.16 -24.50 -27.65
N GLY F 92 63.45 -25.19 -28.56
CA GLY F 92 62.07 -24.89 -28.84
C GLY F 92 61.84 -23.64 -29.67
N HIS F 93 62.77 -22.69 -29.66
CA HIS F 93 62.69 -21.51 -30.50
C HIS F 93 63.37 -21.71 -31.85
N GLY F 94 63.85 -22.91 -32.13
CA GLY F 94 64.46 -23.22 -33.40
C GLY F 94 63.44 -23.75 -34.39
N ALA F 95 62.18 -23.42 -34.14
CA ALA F 95 61.09 -23.81 -35.04
C ALA F 95 61.29 -23.40 -36.51
N PRO F 96 61.85 -22.22 -36.85
CA PRO F 96 62.15 -21.95 -38.25
C PRO F 96 63.05 -22.99 -38.90
N ALA F 97 64.01 -23.54 -38.15
CA ALA F 97 64.84 -24.60 -38.69
C ALA F 97 64.03 -25.84 -38.99
N LEU F 98 63.10 -26.19 -38.10
CA LEU F 98 62.27 -27.37 -38.32
C LEU F 98 61.29 -27.16 -39.46
N LEU F 99 60.65 -25.99 -39.51
CA LEU F 99 59.64 -25.74 -40.54
C LEU F 99 60.28 -25.67 -41.93
N ALA F 100 61.50 -25.12 -42.01
CA ALA F 100 62.20 -25.09 -43.29
C ALA F 100 62.49 -26.49 -43.79
N ASN F 101 62.97 -27.37 -42.90
CA ASN F 101 63.24 -28.75 -43.29
C ASN F 101 61.95 -29.49 -43.65
N ALA F 102 60.88 -29.24 -42.91
CA ALA F 102 59.59 -29.85 -43.25
C ALA F 102 59.09 -29.38 -44.60
N TRP F 103 59.28 -28.08 -44.90
CA TRP F 103 58.91 -27.57 -46.22
C TRP F 103 59.78 -28.17 -47.31
N LEU F 104 61.08 -28.30 -47.05
CA LEU F 104 61.99 -28.87 -48.05
C LEU F 104 61.66 -30.32 -48.34
N GLU F 105 61.36 -31.10 -47.30
CA GLU F 105 61.01 -32.50 -47.48
C GLU F 105 59.65 -32.69 -48.14
N GLY F 106 58.85 -31.64 -48.24
CA GLY F 106 57.52 -31.73 -48.81
C GLY F 106 56.43 -32.11 -47.83
N THR F 107 56.79 -32.40 -46.57
CA THR F 107 55.79 -32.74 -45.57
C THR F 107 54.86 -31.56 -45.29
N TYR F 108 55.42 -30.36 -45.16
CA TYR F 108 54.62 -29.19 -44.82
C TYR F 108 53.62 -28.85 -45.91
N SER F 109 54.02 -29.05 -47.17
CA SER F 109 53.09 -28.80 -48.28
C SER F 109 51.92 -29.78 -48.25
N GLU F 110 52.19 -31.04 -47.91
CA GLU F 110 51.11 -32.02 -47.83
C GLU F 110 50.17 -31.72 -46.68
N VAL F 111 50.71 -31.35 -45.51
CA VAL F 111 49.86 -31.02 -44.37
C VAL F 111 49.11 -29.72 -44.63
N TYR F 112 49.79 -28.71 -45.16
CA TYR F 112 49.18 -27.42 -45.47
C TYR F 112 49.26 -27.18 -46.97
N PRO F 113 48.19 -27.44 -47.72
CA PRO F 113 48.24 -27.26 -49.18
C PRO F 113 48.42 -25.81 -49.61
N ASN F 114 48.11 -24.84 -48.76
CA ASN F 114 48.32 -23.45 -49.11
C ASN F 114 49.80 -23.15 -49.32
N CYS F 115 50.65 -23.69 -48.44
CA CYS F 115 52.09 -23.49 -48.55
C CYS F 115 52.70 -24.50 -49.53
N GLN F 116 52.26 -24.39 -50.78
CA GLN F 116 52.72 -25.28 -51.83
C GLN F 116 54.17 -24.98 -52.19
N GLN F 117 54.86 -26.00 -52.72
CA GLN F 117 56.25 -25.85 -53.14
C GLN F 117 56.28 -25.08 -54.46
N SER F 118 56.20 -23.76 -54.35
CA SER F 118 56.20 -22.86 -55.49
C SER F 118 56.63 -21.48 -55.02
N THR F 119 56.73 -20.55 -55.97
CA THR F 119 57.06 -19.18 -55.62
C THR F 119 55.96 -18.54 -54.79
N ALA F 120 54.69 -18.75 -55.17
CA ALA F 120 53.59 -18.22 -54.40
C ALA F 120 53.50 -18.85 -53.02
N GLY F 121 53.74 -20.16 -52.94
CA GLY F 121 53.74 -20.81 -51.64
C GLY F 121 54.87 -20.35 -50.75
N LEU F 122 56.03 -20.06 -51.34
CA LEU F 122 57.15 -19.52 -50.56
C LEU F 122 56.80 -18.17 -49.98
N GLN F 123 56.08 -17.34 -50.74
CA GLN F 123 55.62 -16.06 -50.22
C GLN F 123 54.66 -16.27 -49.05
N GLN F 124 53.76 -17.25 -49.16
CA GLN F 124 52.85 -17.56 -48.08
C GLN F 124 53.58 -18.18 -46.89
N PHE F 125 54.59 -19.02 -47.17
CA PHE F 125 55.33 -19.68 -46.10
C PHE F 125 56.07 -18.67 -45.23
N PHE F 126 56.70 -17.67 -45.85
CA PHE F 126 57.39 -16.65 -45.08
C PHE F 126 56.40 -15.74 -44.36
N LYS F 127 55.27 -15.44 -45.01
CA LYS F 127 54.31 -14.50 -44.46
C LYS F 127 53.68 -15.02 -43.17
N GLN F 128 53.37 -16.32 -43.11
CA GLN F 128 52.59 -16.84 -42.01
C GLN F 128 53.39 -16.90 -40.71
N PHE F 129 54.71 -17.05 -40.79
CA PHE F 129 55.50 -17.21 -39.58
C PHE F 129 55.54 -15.92 -38.78
N SER F 130 55.39 -16.04 -37.46
CA SER F 130 55.47 -14.92 -36.52
C SER F 130 54.51 -13.79 -36.89
N PHE F 131 53.32 -14.16 -37.31
CA PHE F 131 52.34 -13.20 -37.80
C PHE F 131 50.99 -13.48 -37.17
N PRO F 132 50.16 -12.45 -36.99
CA PRO F 132 48.77 -12.69 -36.57
C PRO F 132 48.06 -13.58 -37.58
N GLY F 133 47.29 -14.53 -37.04
CA GLY F 133 46.69 -15.54 -37.89
C GLY F 133 47.72 -16.42 -38.58
N GLY F 134 48.78 -16.79 -37.87
CA GLY F 134 49.84 -17.59 -38.44
C GLY F 134 50.48 -18.47 -37.40
N ILE F 135 51.45 -19.27 -37.85
CA ILE F 135 52.15 -20.18 -36.96
C ILE F 135 53.02 -19.40 -35.99
N GLY F 136 53.14 -19.93 -34.77
CA GLY F 136 53.87 -19.24 -33.72
C GLY F 136 55.37 -19.35 -33.87
N SER F 137 56.07 -18.61 -33.00
CA SER F 137 57.54 -18.60 -33.04
C SER F 137 58.11 -19.93 -32.53
N HIS F 138 57.56 -20.47 -31.45
CA HIS F 138 58.03 -21.75 -30.95
C HIS F 138 57.40 -22.90 -31.75
N CYS F 139 57.88 -24.11 -31.45
CA CYS F 139 57.34 -25.30 -32.11
C CYS F 139 56.03 -25.68 -31.42
N THR F 140 54.93 -25.32 -32.06
CA THR F 140 53.57 -25.49 -31.58
C THR F 140 53.00 -26.79 -32.11
N PRO F 141 51.79 -27.19 -31.69
CA PRO F 141 51.12 -28.32 -32.32
C PRO F 141 50.90 -28.16 -33.81
N GLU F 142 50.84 -26.93 -34.33
CA GLU F 142 50.75 -26.75 -35.77
C GLU F 142 51.99 -27.23 -36.50
N THR F 143 53.13 -27.27 -35.82
CA THR F 143 54.37 -27.71 -36.46
C THR F 143 54.31 -29.21 -36.74
N PRO F 144 54.46 -29.65 -37.99
CA PRO F 144 54.50 -31.09 -38.26
C PRO F 144 55.72 -31.74 -37.65
N GLY F 145 55.54 -32.97 -37.21
CA GLY F 145 56.64 -33.74 -36.63
C GLY F 145 57.19 -33.16 -35.34
N SER F 146 56.31 -32.68 -34.46
CA SER F 146 56.74 -32.11 -33.20
C SER F 146 55.84 -32.59 -32.08
N ILE F 147 56.45 -33.02 -30.98
CA ILE F 147 55.69 -33.38 -29.78
C ILE F 147 56.01 -32.48 -28.60
N HIS F 148 57.16 -31.82 -28.58
CA HIS F 148 57.58 -30.98 -27.47
C HIS F 148 57.35 -29.52 -27.82
N GLU F 149 56.60 -28.82 -26.98
CA GLU F 149 56.31 -27.41 -27.25
C GLU F 149 57.57 -26.58 -27.20
N GLY F 150 58.48 -26.87 -26.26
CA GLY F 150 59.79 -26.27 -26.25
C GLY F 150 59.88 -24.86 -25.72
N GLY F 151 58.73 -24.22 -25.44
CA GLY F 151 58.77 -22.87 -24.91
C GLY F 151 59.36 -22.81 -23.51
N GLU F 152 58.95 -23.73 -22.65
CA GLU F 152 59.57 -23.90 -21.34
C GLU F 152 60.75 -24.85 -21.49
N LEU F 153 61.88 -24.46 -20.90
CA LEU F 153 63.13 -25.17 -21.10
C LEU F 153 63.40 -26.12 -19.94
N GLY F 154 63.88 -27.31 -20.26
CA GLY F 154 64.25 -28.31 -19.28
C GLY F 154 63.49 -29.62 -19.38
N TYR F 155 62.46 -29.70 -20.20
CA TYR F 155 61.62 -30.90 -20.30
C TYR F 155 61.83 -31.65 -21.60
N SER F 156 62.84 -31.28 -22.39
CA SER F 156 63.00 -31.88 -23.71
C SER F 156 63.50 -33.32 -23.60
N LEU F 157 64.49 -33.57 -22.74
CA LEU F 157 65.07 -34.90 -22.65
C LEU F 157 64.07 -35.91 -22.09
N SER F 158 63.27 -35.50 -21.12
CA SER F 158 62.24 -36.38 -20.60
C SER F 158 61.24 -36.77 -21.68
N HIS F 159 60.89 -35.81 -22.54
CA HIS F 159 60.00 -36.12 -23.65
C HIS F 159 60.68 -37.03 -24.68
N ALA F 160 62.00 -36.98 -24.76
CA ALA F 160 62.71 -37.90 -25.65
C ALA F 160 62.60 -39.33 -25.16
N PHE F 161 62.77 -39.54 -23.85
CA PHE F 161 62.68 -40.89 -23.29
C PHE F 161 61.25 -41.41 -23.29
N GLY F 162 60.29 -40.53 -23.02
CA GLY F 162 58.90 -40.96 -22.98
C GLY F 162 58.37 -41.45 -24.30
N ALA F 163 58.82 -40.85 -25.41
CA ALA F 163 58.37 -41.28 -26.72
C ALA F 163 58.93 -42.65 -27.09
N ALA F 164 60.02 -43.08 -26.48
CA ALA F 164 60.63 -44.37 -26.77
C ALA F 164 60.42 -45.37 -25.64
N LEU F 165 59.40 -45.18 -24.81
CA LEU F 165 59.23 -46.03 -23.64
C LEU F 165 58.78 -47.44 -24.01
N ASP F 166 58.08 -47.60 -25.14
CA ASP F 166 57.67 -48.94 -25.55
C ASP F 166 57.76 -49.15 -27.06
N ASN F 167 58.48 -48.29 -27.77
CA ASN F 167 58.72 -48.51 -29.19
C ASN F 167 60.12 -49.08 -29.35
N PRO F 168 60.27 -50.34 -29.77
CA PRO F 168 61.61 -50.94 -29.79
C PRO F 168 62.49 -50.43 -30.92
N ASP F 169 61.92 -50.22 -32.11
CA ASP F 169 62.72 -49.82 -33.27
C ASP F 169 62.86 -48.32 -33.42
N LEU F 170 62.12 -47.53 -32.64
CA LEU F 170 62.18 -46.08 -32.77
C LEU F 170 63.51 -45.54 -32.26
N ILE F 171 64.03 -44.54 -32.95
CA ILE F 171 65.21 -43.80 -32.51
C ILE F 171 64.80 -42.34 -32.35
N VAL F 172 65.18 -41.74 -31.23
CA VAL F 172 64.83 -40.35 -30.93
C VAL F 172 66.12 -39.56 -30.77
N ALA F 173 66.23 -38.47 -31.52
CA ALA F 173 67.41 -37.60 -31.46
C ALA F 173 66.97 -36.27 -30.86
N CYS F 174 67.34 -36.04 -29.60
CA CYS F 174 66.97 -34.81 -28.91
C CYS F 174 68.17 -33.90 -28.84
N VAL F 175 68.00 -32.67 -29.31
CA VAL F 175 69.06 -31.66 -29.29
C VAL F 175 68.89 -30.83 -28.04
N ILE F 176 69.95 -30.73 -27.23
CA ILE F 176 69.89 -30.06 -25.94
C ILE F 176 70.77 -28.81 -26.00
N GLY F 177 70.18 -27.67 -25.67
CA GLY F 177 70.96 -26.46 -25.53
C GLY F 177 71.72 -26.41 -24.22
N ASP F 178 72.90 -25.79 -24.26
CA ASP F 178 73.73 -25.72 -23.06
C ASP F 178 73.11 -24.85 -21.98
N GLY F 179 72.47 -23.75 -22.37
CA GLY F 179 71.75 -22.95 -21.40
C GLY F 179 70.57 -23.69 -20.79
N GLU F 180 69.90 -24.52 -21.60
CA GLU F 180 68.82 -25.36 -21.07
C GLU F 180 69.36 -26.48 -20.20
N ALA F 181 70.53 -27.01 -20.54
CA ALA F 181 71.05 -28.22 -19.89
C ALA F 181 71.37 -28.01 -18.42
N GLU F 182 71.59 -26.77 -17.98
CA GLU F 182 71.91 -26.54 -16.59
C GLU F 182 70.68 -26.52 -15.69
N THR F 183 69.47 -26.48 -16.26
CA THR F 183 68.26 -26.38 -15.44
C THR F 183 68.05 -27.66 -14.62
N GLY F 184 67.27 -27.51 -13.55
CA GLY F 184 66.99 -28.60 -12.64
C GLY F 184 66.37 -29.83 -13.28
N PRO F 185 65.23 -29.65 -13.97
CA PRO F 185 64.62 -30.80 -14.64
C PRO F 185 65.51 -31.47 -15.67
N LEU F 186 66.37 -30.73 -16.36
CA LEU F 186 67.25 -31.36 -17.32
C LEU F 186 68.48 -31.96 -16.67
N ALA F 187 68.94 -31.41 -15.55
CA ALA F 187 70.08 -31.99 -14.85
C ALA F 187 69.77 -33.40 -14.36
N THR F 188 68.56 -33.61 -13.84
CA THR F 188 68.17 -34.93 -13.36
C THR F 188 67.87 -35.88 -14.53
N SER F 189 67.28 -35.36 -15.61
CA SER F 189 66.77 -36.20 -16.69
C SER F 189 67.86 -36.98 -17.41
N TRP F 190 69.13 -36.65 -17.20
CA TRP F 190 70.19 -37.45 -17.80
C TRP F 190 70.18 -38.88 -17.28
N HIS F 191 69.88 -39.06 -15.98
CA HIS F 191 69.88 -40.39 -15.38
C HIS F 191 68.78 -41.29 -15.90
N SER F 192 67.89 -40.80 -16.77
CA SER F 192 66.82 -41.61 -17.31
C SER F 192 67.29 -42.73 -18.22
N ASN F 193 68.58 -42.73 -18.60
CA ASN F 193 69.12 -43.84 -19.36
C ASN F 193 69.08 -45.14 -18.58
N LYS F 194 69.24 -45.07 -17.26
CA LYS F 194 69.21 -46.27 -16.43
C LYS F 194 67.85 -46.93 -16.43
N PHE F 195 66.78 -46.13 -16.37
CA PHE F 195 65.43 -46.70 -16.37
C PHE F 195 65.01 -47.22 -17.74
N LEU F 196 65.63 -46.74 -18.81
CA LEU F 196 65.30 -47.22 -20.14
C LEU F 196 65.79 -48.66 -20.32
N ASN F 197 64.95 -49.49 -20.93
CA ASN F 197 65.29 -50.89 -21.12
C ASN F 197 65.74 -51.12 -22.55
N PRO F 198 67.01 -51.44 -22.79
CA PRO F 198 67.48 -51.62 -24.18
C PRO F 198 66.83 -52.79 -24.90
N ALA F 199 66.32 -53.78 -24.18
CA ALA F 199 65.83 -54.99 -24.83
C ALA F 199 64.52 -54.74 -25.58
N GLN F 200 63.57 -54.05 -24.94
CA GLN F 200 62.24 -53.90 -25.50
C GLN F 200 61.92 -52.48 -25.94
N ASP F 201 62.84 -51.53 -25.79
CA ASP F 201 62.58 -50.14 -26.11
C ASP F 201 63.58 -49.65 -27.14
N GLY F 202 63.29 -48.48 -27.70
CA GLY F 202 64.18 -47.84 -28.63
C GLY F 202 65.34 -47.15 -27.93
N ALA F 203 66.17 -46.51 -28.76
CA ALA F 203 67.35 -45.81 -28.27
C ALA F 203 67.20 -44.31 -28.52
N VAL F 204 67.55 -43.52 -27.52
CA VAL F 204 67.50 -42.06 -27.60
C VAL F 204 68.93 -41.54 -27.68
N LEU F 205 69.19 -40.73 -28.69
CA LEU F 205 70.52 -40.16 -28.91
C LEU F 205 70.50 -38.69 -28.52
N PRO F 206 71.01 -38.32 -27.35
CA PRO F 206 71.02 -36.91 -26.96
C PRO F 206 72.19 -36.16 -27.58
N ILE F 207 71.91 -34.96 -28.06
CA ILE F 207 72.91 -34.11 -28.69
C ILE F 207 72.95 -32.80 -27.91
N LEU F 208 74.14 -32.41 -27.46
CA LEU F 208 74.33 -31.21 -26.67
C LEU F 208 74.84 -30.10 -27.58
N HIS F 209 74.06 -29.03 -27.70
CA HIS F 209 74.45 -27.87 -28.51
C HIS F 209 75.14 -26.86 -27.62
N LEU F 210 76.43 -27.12 -27.37
CA LEU F 210 77.24 -26.31 -26.46
C LEU F 210 77.79 -25.10 -27.23
N ASN F 211 76.87 -24.21 -27.61
CA ASN F 211 77.26 -23.04 -28.40
C ASN F 211 78.03 -22.02 -27.59
N GLY F 212 77.97 -22.07 -26.26
CA GLY F 212 78.79 -21.25 -25.40
C GLY F 212 78.09 -20.06 -24.78
N TYR F 213 76.94 -19.65 -25.31
CA TYR F 213 76.30 -18.44 -24.85
C TYR F 213 74.80 -18.64 -24.67
N LYS F 214 74.27 -18.05 -23.60
CA LYS F 214 72.83 -17.95 -23.39
C LYS F 214 72.33 -16.70 -24.12
N ILE F 215 71.13 -16.23 -23.76
CA ILE F 215 70.61 -15.00 -24.35
C ILE F 215 71.51 -13.82 -24.03
N ALA F 216 72.06 -13.77 -22.81
CA ALA F 216 72.90 -12.64 -22.42
C ALA F 216 74.10 -13.04 -21.58
N ASN F 217 74.38 -14.33 -21.39
CA ASN F 217 75.46 -14.76 -20.53
C ASN F 217 76.16 -15.96 -21.16
N PRO F 218 77.45 -16.15 -20.91
CA PRO F 218 78.08 -17.42 -21.27
C PRO F 218 77.45 -18.57 -20.52
N THR F 219 77.30 -19.70 -21.22
CA THR F 219 76.67 -20.86 -20.62
C THR F 219 77.57 -21.47 -19.55
N LEU F 220 76.94 -22.10 -18.57
CA LEU F 220 77.68 -22.68 -17.46
C LEU F 220 78.47 -23.90 -17.90
N LEU F 221 77.91 -24.69 -18.81
CA LEU F 221 78.55 -25.93 -19.22
C LEU F 221 79.63 -25.75 -20.27
N SER F 222 79.71 -24.59 -20.91
CA SER F 222 80.81 -24.34 -21.85
C SER F 222 82.04 -23.76 -21.17
N ARG F 223 81.87 -23.11 -20.03
CA ARG F 223 82.98 -22.49 -19.32
C ARG F 223 83.64 -23.45 -18.33
N ILE F 224 83.22 -24.70 -18.29
CA ILE F 224 83.95 -25.71 -17.55
C ILE F 224 84.97 -26.35 -18.48
N SER F 225 86.00 -26.96 -17.91
CA SER F 225 87.05 -27.57 -18.70
C SER F 225 86.52 -28.79 -19.44
N HIS F 226 87.20 -29.14 -20.52
CA HIS F 226 86.81 -30.30 -21.32
C HIS F 226 86.91 -31.58 -20.52
N GLU F 227 87.91 -31.67 -19.63
CA GLU F 227 88.05 -32.85 -18.79
C GLU F 227 86.88 -32.95 -17.81
N GLU F 228 86.52 -31.84 -17.17
CA GLU F 228 85.41 -31.88 -16.21
C GLU F 228 84.08 -32.15 -16.92
N LEU F 229 83.90 -31.61 -18.12
CA LEU F 229 82.70 -31.90 -18.88
C LEU F 229 82.62 -33.38 -19.23
N ARG F 230 83.75 -33.97 -19.61
CA ARG F 230 83.77 -35.41 -19.89
C ARG F 230 83.52 -36.21 -18.61
N SER F 231 84.03 -35.74 -17.47
CA SER F 231 83.75 -36.40 -16.21
C SER F 231 82.28 -36.33 -15.86
N LEU F 232 81.64 -35.19 -16.13
CA LEU F 232 80.23 -35.02 -15.79
C LEU F 232 79.35 -35.97 -16.58
N PHE F 233 79.61 -36.11 -17.88
CA PHE F 233 78.76 -36.97 -18.70
C PHE F 233 79.09 -38.45 -18.56
N ILE F 234 80.28 -38.79 -18.05
CA ILE F 234 80.53 -40.16 -17.65
C ILE F 234 79.72 -40.51 -16.41
N GLY F 235 79.65 -39.59 -15.46
CA GLY F 235 78.87 -39.81 -14.26
C GLY F 235 77.39 -39.99 -14.54
N TYR F 236 76.86 -39.28 -15.55
CA TYR F 236 75.49 -39.50 -15.99
C TYR F 236 75.31 -40.83 -16.70
N GLY F 237 76.39 -41.51 -17.06
CA GLY F 237 76.28 -42.81 -17.70
C GLY F 237 76.25 -42.78 -19.21
N TYR F 238 76.67 -41.69 -19.83
CA TYR F 238 76.67 -41.56 -21.28
C TYR F 238 78.10 -41.64 -21.81
N GLU F 239 78.24 -42.20 -23.01
CA GLU F 239 79.52 -42.20 -23.70
C GLU F 239 79.71 -40.85 -24.38
N PRO F 240 80.69 -40.04 -23.99
CA PRO F 240 80.81 -38.69 -24.54
C PRO F 240 81.56 -38.68 -25.86
N PHE F 241 80.99 -37.97 -26.83
CA PHE F 241 81.66 -37.70 -28.10
C PHE F 241 81.65 -36.20 -28.35
N PHE F 242 82.78 -35.69 -28.84
CA PHE F 242 82.99 -34.25 -28.99
C PHE F 242 83.21 -33.91 -30.46
N VAL F 243 82.42 -32.96 -30.95
CA VAL F 243 82.57 -32.40 -32.29
C VAL F 243 82.73 -30.90 -32.15
N GLU F 244 83.84 -30.37 -32.64
CA GLU F 244 84.17 -28.96 -32.46
C GLU F 244 84.56 -28.35 -33.80
N GLY F 245 84.68 -27.03 -33.81
CA GLY F 245 85.12 -26.29 -34.97
C GLY F 245 84.02 -25.42 -35.55
N ASN F 246 84.41 -24.66 -36.57
CA ASN F 246 83.48 -23.77 -37.26
C ASN F 246 83.67 -23.79 -38.78
N ASP F 247 84.42 -24.78 -39.30
CA ASP F 247 84.62 -24.90 -40.73
C ASP F 247 83.67 -25.93 -41.29
N PRO F 248 82.75 -25.55 -42.19
CA PRO F 248 81.78 -26.54 -42.71
C PRO F 248 82.42 -27.72 -43.40
N ALA F 249 83.53 -27.51 -44.12
CA ALA F 249 84.20 -28.63 -44.79
C ALA F 249 84.72 -29.64 -43.78
N ILE F 250 85.31 -29.17 -42.68
CA ILE F 250 85.73 -30.06 -41.61
C ILE F 250 84.52 -30.62 -40.88
N LEU F 251 83.53 -29.77 -40.59
CA LEU F 251 82.42 -30.17 -39.74
C LEU F 251 81.54 -31.21 -40.40
N HIS F 252 81.37 -31.13 -41.73
CA HIS F 252 80.55 -32.12 -42.42
C HIS F 252 81.13 -33.51 -42.29
N GLY F 253 82.45 -33.65 -42.47
CA GLY F 253 83.07 -34.96 -42.34
C GLY F 253 83.06 -35.50 -40.93
N VAL F 254 83.37 -34.64 -39.95
CA VAL F 254 83.49 -35.10 -38.58
C VAL F 254 82.13 -35.48 -38.00
N MET F 255 81.12 -34.62 -38.23
CA MET F 255 79.81 -34.87 -37.64
C MET F 255 79.10 -36.05 -38.29
N ALA F 256 79.30 -36.25 -39.59
CA ALA F 256 78.77 -37.46 -40.23
C ALA F 256 79.46 -38.71 -39.69
N SER F 257 80.77 -38.62 -39.44
CA SER F 257 81.49 -39.76 -38.88
C SER F 257 81.02 -40.08 -37.47
N THR F 258 80.81 -39.06 -36.64
CA THR F 258 80.40 -39.30 -35.25
C THR F 258 79.00 -39.88 -35.19
N LEU F 259 78.10 -39.42 -36.05
CA LEU F 259 76.74 -39.97 -36.09
C LEU F 259 76.77 -41.45 -36.48
N ALA F 260 77.58 -41.81 -37.48
CA ALA F 260 77.68 -43.21 -37.86
C ALA F 260 78.33 -44.04 -36.77
N THR F 261 79.27 -43.44 -36.03
CA THR F 261 79.89 -44.15 -34.91
C THR F 261 78.87 -44.46 -33.82
N CYS F 262 77.98 -43.50 -33.52
CA CYS F 262 77.06 -43.67 -32.41
C CYS F 262 75.93 -44.64 -32.77
N VAL F 263 75.41 -44.56 -33.99
CA VAL F 263 74.24 -45.36 -34.35
C VAL F 263 74.58 -46.85 -34.38
N GLN F 264 75.80 -47.18 -34.81
CA GLN F 264 76.22 -48.58 -34.80
C GLN F 264 76.35 -49.11 -33.38
N LYS F 265 76.85 -48.29 -32.46
CA LYS F 265 76.85 -48.66 -31.06
C LYS F 265 75.43 -48.79 -30.53
N ILE F 266 74.52 -47.92 -30.98
CA ILE F 266 73.11 -48.03 -30.61
C ILE F 266 72.54 -49.35 -31.12
N GLN F 267 72.84 -49.70 -32.37
CA GLN F 267 72.37 -50.98 -32.90
C GLN F 267 73.07 -52.15 -32.23
N ALA F 268 74.35 -51.98 -31.88
CA ALA F 268 75.05 -53.04 -31.16
C ALA F 268 74.45 -53.25 -29.77
N ILE F 269 74.11 -52.16 -29.08
CA ILE F 269 73.52 -52.27 -27.76
C ILE F 269 72.15 -52.94 -27.83
N GLN F 270 71.32 -52.51 -28.80
CA GLN F 270 69.99 -53.10 -28.93
C GLN F 270 70.07 -54.57 -29.32
N ALA F 271 70.98 -54.93 -30.23
CA ALA F 271 71.12 -56.32 -30.63
C ALA F 271 71.64 -57.17 -29.48
N ALA F 272 72.60 -56.65 -28.71
CA ALA F 272 73.13 -57.40 -27.58
C ALA F 272 72.06 -57.60 -26.50
N ALA F 273 71.23 -56.59 -26.27
CA ALA F 273 70.19 -56.71 -25.26
C ALA F 273 69.13 -57.72 -25.67
N ARG F 274 68.71 -57.69 -26.94
CA ARG F 274 67.69 -58.64 -27.40
C ARG F 274 68.23 -60.05 -27.46
N SER F 275 69.52 -60.22 -27.79
CA SER F 275 70.12 -61.54 -27.75
C SER F 275 70.29 -62.05 -26.32
N GLY F 276 70.36 -61.15 -25.35
CA GLY F 276 70.51 -61.53 -23.95
C GLY F 276 71.93 -61.84 -23.52
N GLU F 277 72.91 -61.71 -24.41
CA GLU F 277 74.28 -62.03 -24.03
C GLU F 277 74.89 -60.96 -23.13
N SER F 278 74.45 -59.72 -23.26
CA SER F 278 74.97 -58.60 -22.47
C SER F 278 73.80 -57.96 -21.72
N SER F 279 73.50 -58.50 -20.55
CA SER F 279 72.42 -57.98 -19.71
C SER F 279 73.01 -57.06 -18.63
N ASP F 280 73.43 -55.88 -19.09
CA ASP F 280 73.98 -54.87 -18.19
C ASP F 280 73.71 -53.50 -18.79
N ARG F 281 73.79 -52.48 -17.93
CA ARG F 281 73.52 -51.12 -18.37
C ARG F 281 74.72 -50.59 -19.16
N PRO F 282 74.56 -50.24 -20.43
CA PRO F 282 75.68 -49.71 -21.21
C PRO F 282 75.75 -48.19 -21.21
N MET F 283 76.94 -47.65 -21.41
CA MET F 283 77.11 -46.21 -21.55
C MET F 283 76.60 -45.78 -22.92
N TRP F 284 75.46 -45.08 -22.94
CA TRP F 284 74.85 -44.70 -24.19
C TRP F 284 75.67 -43.61 -24.90
N PRO F 285 75.67 -43.60 -26.23
CA PRO F 285 76.39 -42.54 -26.96
C PRO F 285 75.72 -41.19 -26.79
N MET F 286 76.54 -40.15 -26.88
CA MET F 286 76.08 -38.76 -26.75
C MET F 286 77.08 -37.87 -27.46
N ILE F 287 76.57 -36.79 -28.06
CA ILE F 287 77.34 -35.93 -28.94
C ILE F 287 77.37 -34.52 -28.37
N VAL F 288 78.55 -33.91 -28.37
CA VAL F 288 78.74 -32.53 -27.91
C VAL F 288 79.17 -31.68 -29.10
N LEU F 289 78.48 -30.57 -29.31
CA LEU F 289 78.76 -29.66 -30.42
C LEU F 289 79.25 -28.33 -29.87
N ARG F 290 80.43 -27.90 -30.33
CA ARG F 290 81.02 -26.63 -29.93
C ARG F 290 80.89 -25.57 -31.03
N THR F 291 79.95 -25.74 -31.95
CA THR F 291 79.80 -24.79 -33.04
C THR F 291 79.36 -23.43 -32.50
N PRO F 292 79.89 -22.34 -33.02
CA PRO F 292 79.49 -21.01 -32.54
C PRO F 292 78.03 -20.72 -32.85
N LYS F 293 77.41 -19.92 -31.98
CA LYS F 293 76.02 -19.57 -32.16
C LYS F 293 75.86 -18.65 -33.37
N GLY F 294 75.04 -19.04 -34.32
CA GLY F 294 74.88 -18.27 -35.54
C GLY F 294 76.14 -18.17 -36.36
N TRP F 295 76.87 -19.27 -36.50
CA TRP F 295 78.16 -19.24 -37.19
C TRP F 295 78.01 -19.13 -38.70
N THR F 296 76.79 -19.22 -39.24
CA THR F 296 76.54 -19.02 -40.66
C THR F 296 75.96 -17.64 -40.96
N GLY F 297 75.86 -16.77 -39.95
CA GLY F 297 75.25 -15.47 -40.13
C GLY F 297 76.26 -14.35 -40.13
N PRO F 298 75.78 -13.12 -39.91
CA PRO F 298 76.69 -11.97 -39.88
C PRO F 298 77.64 -12.04 -38.69
N ALA F 299 78.84 -11.50 -38.90
CA ALA F 299 79.89 -11.54 -37.88
C ALA F 299 79.91 -10.28 -37.03
N THR F 300 80.03 -9.13 -37.66
CA THR F 300 80.04 -7.84 -36.98
C THR F 300 79.09 -6.89 -37.70
N ILE F 301 78.25 -6.19 -36.94
CA ILE F 301 77.24 -5.32 -37.53
C ILE F 301 77.38 -3.90 -37.00
N LYS F 302 77.31 -3.74 -35.69
CA LYS F 302 77.35 -2.42 -35.05
C LYS F 302 78.58 -2.29 -34.17
N GLY F 303 79.74 -2.71 -34.69
CA GLY F 303 80.96 -2.65 -33.92
C GLY F 303 81.09 -3.71 -32.85
N HIS F 304 80.20 -4.70 -32.82
CA HIS F 304 80.24 -5.77 -31.85
C HIS F 304 80.10 -7.11 -32.57
N VAL F 305 80.59 -8.16 -31.90
CA VAL F 305 80.55 -9.50 -32.48
C VAL F 305 79.14 -10.03 -32.43
N VAL F 306 78.61 -10.41 -33.59
CA VAL F 306 77.26 -10.94 -33.68
C VAL F 306 77.24 -12.44 -33.99
N GLU F 307 78.41 -13.01 -34.25
CA GLU F 307 78.53 -14.42 -34.56
C GLU F 307 79.26 -15.14 -33.44
N GLY F 308 78.67 -16.23 -32.94
CA GLY F 308 79.26 -16.97 -31.85
C GLY F 308 79.30 -16.22 -30.53
N SER F 309 78.28 -15.43 -30.25
CA SER F 309 78.19 -14.69 -29.00
C SER F 309 76.74 -14.63 -28.58
N TRP F 310 76.50 -14.04 -27.41
CA TRP F 310 75.14 -13.89 -26.92
C TRP F 310 74.32 -12.92 -27.77
N ARG F 311 74.98 -12.05 -28.54
CA ARG F 311 74.27 -11.16 -29.45
C ARG F 311 73.67 -11.91 -30.64
N SER F 312 74.14 -13.12 -30.90
CA SER F 312 73.62 -13.93 -32.01
C SER F 312 72.24 -14.53 -31.73
N HIS F 313 71.74 -14.42 -30.51
CA HIS F 313 70.46 -15.03 -30.13
C HIS F 313 69.32 -14.12 -30.60
N GLN F 314 68.65 -14.53 -31.67
CA GLN F 314 67.35 -14.05 -32.13
C GLN F 314 67.34 -12.63 -32.69
N VAL F 315 68.41 -11.85 -32.50
CA VAL F 315 68.49 -10.49 -33.04
C VAL F 315 69.85 -10.31 -33.71
N PRO F 316 70.00 -10.75 -34.97
CA PRO F 316 71.20 -10.32 -35.72
C PRO F 316 71.33 -8.81 -35.76
N MET F 317 70.32 -8.11 -36.25
CA MET F 317 70.28 -6.66 -36.23
C MET F 317 68.96 -6.19 -35.63
N ALA F 318 69.02 -5.15 -34.81
CA ALA F 318 67.83 -4.67 -34.11
C ALA F 318 66.84 -4.00 -35.08
N ASP F 319 67.34 -3.12 -35.92
CA ASP F 319 66.51 -2.32 -36.81
C ASP F 319 66.92 -2.55 -38.26
N VAL F 320 65.92 -2.76 -39.12
CA VAL F 320 66.13 -2.94 -40.55
C VAL F 320 65.41 -1.88 -41.36
N LEU F 321 64.14 -1.61 -41.02
CA LEU F 321 63.39 -0.58 -41.73
C LEU F 321 63.97 0.80 -41.48
N THR F 322 64.38 1.08 -40.24
CA THR F 322 64.91 2.40 -39.92
C THR F 322 66.26 2.67 -40.58
N ASN F 323 67.15 1.68 -40.55
CA ASN F 323 68.51 1.87 -41.08
C ASN F 323 68.66 1.11 -42.39
N PRO F 324 68.81 1.80 -43.53
CA PRO F 324 69.05 1.09 -44.79
C PRO F 324 70.38 0.36 -44.84
N GLU F 325 71.35 0.76 -44.02
CA GLU F 325 72.64 0.05 -44.00
C GLU F 325 72.46 -1.37 -43.52
N HIS F 326 71.66 -1.58 -42.47
CA HIS F 326 71.39 -2.93 -41.99
C HIS F 326 70.62 -3.73 -43.02
N LEU F 327 69.70 -3.08 -43.74
CA LEU F 327 68.98 -3.76 -44.81
C LEU F 327 69.92 -4.22 -45.92
N GLN F 328 70.92 -3.39 -46.24
CA GLN F 328 71.94 -3.81 -47.19
C GLN F 328 72.76 -4.97 -46.65
N LEU F 329 73.12 -4.92 -45.37
CA LEU F 329 73.79 -6.06 -44.75
C LEU F 329 72.89 -7.28 -44.71
N LEU F 330 71.59 -7.07 -44.47
CA LEU F 330 70.65 -8.18 -44.50
C LEU F 330 70.56 -8.78 -45.90
N GLU F 331 70.53 -7.93 -46.94
CA GLU F 331 70.48 -8.44 -48.30
C GLU F 331 71.73 -9.23 -48.63
N ASP F 332 72.89 -8.76 -48.19
CA ASP F 332 74.14 -9.50 -48.41
C ASP F 332 74.12 -10.82 -47.65
N TRP F 333 73.46 -10.86 -46.49
CA TRP F 333 73.35 -12.10 -45.73
C TRP F 333 72.57 -13.15 -46.52
N LEU F 334 71.47 -12.75 -47.16
CA LEU F 334 70.71 -13.69 -47.96
C LEU F 334 71.47 -14.11 -49.21
N ARG F 335 72.26 -13.20 -49.78
CA ARG F 335 73.06 -13.53 -50.95
C ARG F 335 74.17 -14.52 -50.63
N SER F 336 74.61 -14.59 -49.37
CA SER F 336 75.71 -15.47 -49.01
C SER F 336 75.35 -16.94 -49.16
N TYR F 337 74.07 -17.29 -49.11
CA TYR F 337 73.65 -18.67 -49.31
C TYR F 337 73.54 -19.05 -50.77
N ARG F 338 73.65 -18.09 -51.68
CA ARG F 338 73.46 -18.28 -53.12
C ARG F 338 72.13 -18.97 -53.40
N PRO F 339 71.01 -18.29 -53.18
CA PRO F 339 69.70 -18.95 -53.34
C PRO F 339 69.35 -19.27 -54.78
N GLU F 340 70.05 -18.68 -55.76
CA GLU F 340 69.69 -18.89 -57.16
C GLU F 340 69.88 -20.34 -57.59
N GLU F 341 70.95 -20.98 -57.12
CA GLU F 341 71.21 -22.37 -57.49
C GLU F 341 70.32 -23.34 -56.73
N LEU F 342 69.84 -22.94 -55.55
CA LEU F 342 69.08 -23.86 -54.70
C LEU F 342 67.65 -24.04 -55.19
N PHE F 343 67.07 -23.02 -55.82
CA PHE F 343 65.68 -23.07 -56.26
C PHE F 343 65.60 -22.85 -57.77
N ASP F 344 64.56 -23.40 -58.38
CA ASP F 344 64.34 -23.26 -59.80
C ASP F 344 63.52 -21.99 -60.06
N ALA F 345 63.04 -21.83 -61.29
CA ALA F 345 62.21 -20.68 -61.62
C ALA F 345 60.86 -20.74 -60.90
N SER F 346 60.30 -21.94 -60.78
CA SER F 346 59.00 -22.08 -60.12
C SER F 346 59.07 -21.87 -58.62
N GLY F 347 60.26 -21.96 -58.03
CA GLY F 347 60.43 -21.81 -56.60
C GLY F 347 60.60 -23.10 -55.84
N ALA F 348 60.36 -24.25 -56.48
CA ALA F 348 60.56 -25.53 -55.84
C ALA F 348 62.05 -25.80 -55.66
N PRO F 349 62.42 -26.63 -54.68
CA PRO F 349 63.82 -27.04 -54.58
C PRO F 349 64.26 -27.83 -55.81
N VAL F 350 65.55 -27.71 -56.13
CA VAL F 350 66.11 -28.33 -57.32
C VAL F 350 66.16 -29.84 -57.15
N ALA F 351 66.41 -30.56 -58.24
CA ALA F 351 66.42 -32.02 -58.21
C ALA F 351 67.52 -32.58 -57.31
N GLU F 352 68.59 -31.81 -57.09
CA GLU F 352 69.62 -32.25 -56.14
C GLU F 352 69.05 -32.35 -54.73
N LEU F 353 68.24 -31.38 -54.32
CA LEU F 353 67.64 -31.42 -52.99
C LEU F 353 66.54 -32.46 -52.89
N GLN F 354 65.79 -32.68 -53.97
CA GLN F 354 64.69 -33.64 -53.93
C GLN F 354 65.20 -35.07 -53.76
N ALA F 355 66.31 -35.40 -54.41
CA ALA F 355 66.82 -36.77 -54.35
C ALA F 355 67.29 -37.13 -52.94
N ILE F 356 67.95 -36.19 -52.25
CA ILE F 356 68.50 -36.48 -50.92
C ILE F 356 67.45 -36.42 -49.82
N ALA F 357 66.23 -36.01 -50.14
CA ALA F 357 65.18 -35.98 -49.13
C ALA F 357 64.62 -37.38 -48.87
N PRO F 358 64.22 -37.66 -47.63
CA PRO F 358 63.57 -38.95 -47.34
C PRO F 358 62.25 -39.07 -48.10
N ILE F 359 61.89 -40.31 -48.42
CA ILE F 359 60.76 -40.61 -49.28
C ILE F 359 59.68 -41.30 -48.46
N GLY F 360 58.44 -40.80 -48.58
CA GLY F 360 57.32 -41.46 -47.94
C GLY F 360 57.25 -41.22 -46.44
N ASP F 361 56.79 -42.24 -45.73
CA ASP F 361 56.57 -42.15 -44.29
C ASP F 361 57.87 -42.09 -43.49
N ARG F 362 59.01 -42.38 -44.12
CA ARG F 362 60.29 -42.33 -43.42
C ARG F 362 60.72 -40.92 -43.06
N ARG F 363 60.06 -39.91 -43.59
CA ARG F 363 60.40 -38.52 -43.26
C ARG F 363 60.17 -38.27 -41.78
N MET F 364 61.16 -37.63 -41.14
CA MET F 364 61.10 -37.40 -39.71
C MET F 364 59.96 -36.46 -39.34
N SER F 365 59.72 -35.45 -40.18
CA SER F 365 58.60 -34.55 -39.95
C SER F 365 57.25 -35.19 -40.24
N ALA F 366 57.22 -36.35 -40.91
CA ALA F 366 55.98 -37.04 -41.23
C ALA F 366 55.86 -38.38 -40.52
N ASN F 367 56.63 -38.60 -39.48
CA ASN F 367 56.58 -39.86 -38.75
C ASN F 367 55.26 -39.97 -38.00
N PRO F 368 54.57 -41.11 -38.07
CA PRO F 368 53.29 -41.24 -37.34
C PRO F 368 53.43 -41.20 -35.83
N VAL F 369 54.63 -41.41 -35.30
CA VAL F 369 54.82 -41.37 -33.85
C VAL F 369 54.54 -39.97 -33.31
N THR F 370 54.96 -38.93 -34.06
CA THR F 370 54.73 -37.56 -33.62
C THR F 370 53.24 -37.26 -33.52
N ASN F 371 52.46 -37.69 -34.52
CA ASN F 371 51.01 -37.60 -34.44
C ASN F 371 50.47 -38.92 -33.87
N GLY F 372 50.71 -39.08 -32.56
CA GLY F 372 50.49 -40.37 -31.91
C GLY F 372 49.05 -40.81 -31.85
N GLY F 373 48.11 -39.89 -32.04
CA GLY F 373 46.70 -40.27 -32.01
C GLY F 373 46.33 -41.23 -33.11
N LEU F 374 47.06 -41.20 -34.23
CA LEU F 374 46.82 -42.19 -35.29
C LEU F 374 47.22 -43.58 -34.83
N LEU F 375 48.26 -43.70 -34.02
CA LEU F 375 48.74 -44.98 -33.54
C LEU F 375 48.04 -45.44 -32.26
N ARG F 376 47.15 -44.62 -31.72
CA ARG F 376 46.52 -44.95 -30.44
C ARG F 376 45.47 -46.03 -30.64
N ARG F 377 45.53 -47.06 -29.79
CA ARG F 377 44.54 -48.12 -29.75
C ARG F 377 43.81 -48.06 -28.41
N ALA F 378 42.51 -48.32 -28.44
CA ALA F 378 41.71 -48.25 -27.23
C ALA F 378 42.17 -49.28 -26.22
N LEU F 379 42.25 -48.87 -24.96
CA LEU F 379 42.73 -49.74 -23.90
C LEU F 379 41.71 -50.82 -23.61
N THR F 380 42.20 -52.05 -23.39
CA THR F 380 41.34 -53.16 -23.02
C THR F 380 41.13 -53.13 -21.51
N LEU F 381 39.93 -52.74 -21.09
CA LEU F 381 39.65 -52.53 -19.68
C LEU F 381 38.83 -53.68 -19.13
N PRO F 382 39.35 -54.45 -18.18
CA PRO F 382 38.52 -55.43 -17.49
C PRO F 382 37.47 -54.74 -16.64
N ASP F 383 36.36 -55.45 -16.42
CA ASP F 383 35.28 -54.90 -15.62
C ASP F 383 35.74 -54.66 -14.20
N PHE F 384 35.57 -53.42 -13.71
CA PHE F 384 36.05 -53.08 -12.39
C PHE F 384 35.18 -53.65 -11.29
N ARG F 385 33.96 -54.09 -11.61
CA ARG F 385 33.07 -54.66 -10.61
C ARG F 385 33.62 -55.95 -10.02
N ASP F 386 34.54 -56.61 -10.72
CA ASP F 386 35.19 -57.79 -10.16
C ASP F 386 36.04 -57.43 -8.95
N GLN F 387 36.76 -56.31 -9.02
CA GLN F 387 37.66 -55.90 -7.95
C GLN F 387 37.00 -54.98 -6.93
N ALA F 388 35.75 -54.60 -7.15
CA ALA F 388 35.08 -53.69 -6.22
C ALA F 388 34.76 -54.38 -4.92
N VAL F 389 34.87 -53.64 -3.81
CA VAL F 389 34.52 -54.20 -2.52
C VAL F 389 33.01 -54.34 -2.39
N SER F 390 32.59 -55.21 -1.48
CA SER F 390 31.18 -55.48 -1.24
C SER F 390 30.73 -54.75 0.02
N VAL F 391 29.64 -54.01 -0.07
CA VAL F 391 29.12 -53.25 1.05
C VAL F 391 27.67 -53.67 1.29
N PRO F 392 27.38 -54.36 2.39
CA PRO F 392 25.98 -54.67 2.72
C PRO F 392 25.22 -53.42 3.14
N ALA F 393 25.84 -52.60 3.98
CA ALA F 393 25.24 -51.39 4.48
C ALA F 393 26.16 -50.20 4.21
N PRO F 394 25.67 -49.14 3.57
CA PRO F 394 26.54 -48.00 3.27
C PRO F 394 26.90 -47.23 4.53
N GLY F 395 28.18 -46.89 4.65
CA GLY F 395 28.65 -46.11 5.77
C GLY F 395 28.92 -46.88 7.04
N LYS F 396 28.82 -48.21 7.01
CA LYS F 396 29.06 -49.02 8.19
C LYS F 396 30.23 -49.97 8.08
N SER F 397 30.69 -50.27 6.87
CA SER F 397 31.79 -51.20 6.66
C SER F 397 33.05 -50.43 6.30
N ARG F 398 34.15 -50.74 6.98
CA ARG F 398 35.40 -50.00 6.85
C ARG F 398 36.41 -50.85 6.09
N ALA F 399 36.95 -50.28 5.02
CA ALA F 399 37.96 -50.96 4.21
C ALA F 399 38.83 -49.91 3.53
N ASP F 400 40.10 -50.24 3.35
CA ASP F 400 41.03 -49.34 2.69
C ASP F 400 40.70 -49.21 1.22
N SER F 401 40.79 -47.99 0.70
CA SER F 401 40.37 -47.71 -0.67
C SER F 401 41.48 -47.88 -1.69
N THR F 402 42.73 -48.00 -1.27
CA THR F 402 43.83 -48.13 -2.22
C THR F 402 43.92 -49.53 -2.81
N ARG F 403 43.64 -50.56 -2.02
CA ARG F 403 43.77 -51.93 -2.50
C ARG F 403 42.87 -52.27 -3.69
N PRO F 404 41.59 -51.89 -3.75
CA PRO F 404 40.83 -52.16 -4.97
C PRO F 404 41.40 -51.49 -6.21
N LEU F 405 41.96 -50.29 -6.07
CA LEU F 405 42.55 -49.63 -7.23
C LEU F 405 43.82 -50.34 -7.69
N GLY F 406 44.62 -50.82 -6.74
CA GLY F 406 45.83 -51.54 -7.12
C GLY F 406 45.53 -52.81 -7.88
N GLN F 407 44.51 -53.56 -7.43
CA GLN F 407 44.12 -54.77 -8.15
C GLN F 407 43.61 -54.45 -9.55
N PHE F 408 42.82 -53.39 -9.68
CA PHE F 408 42.31 -53.00 -10.99
C PHE F 408 43.44 -52.56 -11.91
N LEU F 409 44.42 -51.84 -11.38
CA LEU F 409 45.57 -51.44 -12.18
C LEU F 409 46.43 -52.64 -12.55
N ARG F 410 46.48 -53.64 -11.69
CA ARG F 410 47.20 -54.88 -12.02
C ARG F 410 46.57 -55.58 -13.21
N GLU F 411 45.24 -55.65 -13.24
CA GLU F 411 44.55 -56.33 -14.33
C GLU F 411 44.74 -55.61 -15.65
N VAL F 412 44.81 -54.28 -15.63
CA VAL F 412 45.04 -53.52 -16.86
C VAL F 412 46.43 -53.83 -17.41
N ILE F 413 47.41 -54.03 -16.53
CA ILE F 413 48.78 -54.31 -16.97
C ILE F 413 48.83 -55.62 -17.74
N ARG F 414 48.20 -56.67 -17.20
CA ARG F 414 48.21 -57.96 -17.89
C ARG F 414 47.48 -57.91 -19.22
N HIS F 415 46.33 -57.24 -19.26
CA HIS F 415 45.56 -57.16 -20.49
C HIS F 415 46.18 -56.20 -21.50
N ASN F 416 47.01 -55.26 -21.04
CA ASN F 416 47.68 -54.29 -21.91
C ASN F 416 49.15 -54.28 -21.54
N PRO F 417 49.90 -55.30 -21.97
CA PRO F 417 51.30 -55.41 -21.53
C PRO F 417 52.25 -54.45 -22.22
N ASP F 418 51.85 -53.84 -23.34
CA ASP F 418 52.75 -53.01 -24.11
C ASP F 418 52.44 -51.52 -24.00
N ASN F 419 51.18 -51.12 -24.16
CA ASN F 419 50.82 -49.71 -24.22
C ASN F 419 50.26 -49.18 -22.91
N PHE F 420 50.80 -49.63 -21.77
CA PHE F 420 50.37 -49.12 -20.49
C PHE F 420 51.53 -49.17 -19.51
N ARG F 421 51.65 -48.12 -18.70
CA ARG F 421 52.72 -48.03 -17.71
C ARG F 421 52.22 -47.25 -16.50
N LEU F 422 52.90 -47.44 -15.37
CA LEU F 422 52.62 -46.74 -14.14
C LEU F 422 53.82 -45.91 -13.72
N PHE F 423 53.55 -44.73 -13.17
CA PHE F 423 54.61 -43.81 -12.76
C PHE F 423 54.36 -43.41 -11.32
N GLY F 424 55.33 -43.65 -10.45
CA GLY F 424 55.22 -43.31 -9.05
C GLY F 424 56.53 -42.85 -8.46
N PRO F 425 56.54 -41.65 -7.87
CA PRO F 425 57.76 -41.10 -7.27
C PRO F 425 58.03 -41.63 -5.86
N ASP F 426 58.51 -42.87 -5.80
CA ASP F 426 58.89 -43.54 -4.55
C ASP F 426 57.71 -43.69 -3.59
N GLU F 427 56.48 -43.68 -4.12
CA GLU F 427 55.30 -43.76 -3.27
C GLU F 427 54.33 -44.86 -3.69
N THR F 428 54.65 -45.66 -4.71
CA THR F 428 53.76 -46.75 -5.11
C THR F 428 53.62 -47.77 -3.99
N ALA F 429 54.72 -48.12 -3.33
CA ALA F 429 54.64 -48.96 -2.14
C ALA F 429 54.03 -48.21 -0.98
N SER F 430 54.33 -46.92 -0.87
CA SER F 430 53.78 -46.11 0.22
C SER F 430 52.27 -45.96 0.12
N ASN F 431 51.75 -45.78 -1.10
CA ASN F 431 50.32 -45.62 -1.34
C ASN F 431 49.55 -46.92 -1.25
N ARG F 432 50.17 -48.00 -0.74
CA ARG F 432 49.51 -49.30 -0.59
C ARG F 432 49.02 -49.82 -1.94
N LEU F 433 49.80 -49.57 -2.99
CA LEU F 433 49.51 -50.06 -4.33
C LEU F 433 50.34 -51.29 -4.68
N ASP F 434 50.62 -52.15 -3.69
CA ASP F 434 51.45 -53.32 -3.90
C ASP F 434 50.74 -54.43 -4.66
N ALA F 435 49.45 -54.26 -4.98
CA ALA F 435 48.75 -55.29 -5.73
C ALA F 435 49.31 -55.46 -7.14
N VAL F 436 49.81 -54.37 -7.73
CA VAL F 436 50.42 -54.48 -9.05
C VAL F 436 51.76 -55.20 -9.00
N TYR F 437 52.39 -55.27 -7.82
CA TYR F 437 53.67 -55.96 -7.68
C TYR F 437 53.53 -57.47 -7.78
N GLU F 438 52.30 -58.00 -7.77
CA GLU F 438 52.11 -59.44 -7.81
C GLU F 438 52.54 -60.03 -9.15
N VAL F 439 52.21 -59.36 -10.26
CA VAL F 439 52.48 -59.88 -11.58
C VAL F 439 53.74 -59.27 -12.19
N THR F 440 53.94 -57.96 -12.02
CA THR F 440 55.08 -57.27 -12.59
C THR F 440 55.74 -56.41 -11.52
N SER F 441 57.04 -56.23 -11.64
CA SER F 441 57.82 -55.39 -10.74
C SER F 441 58.28 -54.13 -11.46
N LYS F 442 58.83 -53.21 -10.69
CA LYS F 442 59.30 -51.95 -11.25
C LYS F 442 60.58 -52.17 -12.04
N VAL F 443 60.64 -51.59 -13.24
CA VAL F 443 61.83 -51.68 -14.07
C VAL F 443 62.86 -50.69 -13.56
N TRP F 444 64.04 -51.19 -13.19
CA TRP F 444 65.06 -50.34 -12.60
C TRP F 444 66.38 -50.42 -13.37
N LEU F 445 66.75 -51.64 -13.78
CA LEU F 445 67.96 -51.91 -14.58
C LEU F 445 69.21 -51.37 -13.90
N GLY F 446 69.50 -51.96 -12.74
CA GLY F 446 70.68 -51.61 -11.98
C GLY F 446 71.26 -52.82 -11.29
N ASP F 447 72.42 -52.63 -10.68
CA ASP F 447 73.05 -53.70 -9.92
C ASP F 447 72.21 -54.05 -8.71
N ARG F 448 71.96 -55.34 -8.52
CA ARG F 448 71.03 -55.80 -7.50
C ARG F 448 71.76 -56.67 -6.48
N ILE F 449 71.29 -56.62 -5.24
CA ILE F 449 71.84 -57.42 -4.16
C ILE F 449 70.71 -58.30 -3.64
N PRO F 450 71.04 -59.44 -3.01
CA PRO F 450 69.99 -60.30 -2.46
C PRO F 450 69.11 -59.61 -1.42
N GLU F 451 69.62 -58.60 -0.73
CA GLU F 451 68.79 -57.84 0.20
C GLU F 451 67.69 -57.09 -0.55
N ASP F 452 68.01 -56.54 -1.72
CA ASP F 452 67.01 -55.86 -2.52
C ASP F 452 65.96 -56.82 -3.07
N GLU F 453 66.35 -58.06 -3.34
CA GLU F 453 65.42 -59.03 -3.91
C GLU F 453 64.28 -59.34 -2.95
N ASP F 454 64.59 -59.52 -1.66
CA ASP F 454 63.55 -59.81 -0.68
C ASP F 454 62.73 -58.57 -0.36
N GLY F 455 63.37 -57.42 -0.29
CA GLY F 455 62.69 -56.19 0.08
C GLY F 455 61.92 -55.53 -1.04
N GLY F 456 62.62 -55.15 -2.11
CA GLY F 456 62.01 -54.44 -3.21
C GLY F 456 61.72 -55.33 -4.41
N HIS F 457 60.75 -54.89 -5.21
CA HIS F 457 60.37 -55.58 -6.44
C HIS F 457 61.06 -54.88 -7.60
N LEU F 458 62.24 -55.36 -7.96
CA LEU F 458 63.07 -54.77 -9.00
C LEU F 458 63.45 -55.81 -10.02
N SER F 459 63.38 -55.45 -11.29
CA SER F 459 63.78 -56.35 -12.38
C SER F 459 64.09 -55.51 -13.61
N ASP F 460 64.79 -56.12 -14.56
CA ASP F 460 65.08 -55.45 -15.82
C ASP F 460 63.82 -55.19 -16.62
N ARG F 461 62.89 -56.13 -16.62
CA ARG F 461 61.61 -55.99 -17.31
C ARG F 461 60.54 -55.55 -16.32
N GLY F 462 59.83 -54.49 -16.65
CA GLY F 462 58.80 -53.98 -15.78
C GLY F 462 57.93 -52.96 -16.47
N ARG F 463 56.80 -52.66 -15.85
CA ARG F 463 55.85 -51.69 -16.37
C ARG F 463 55.59 -50.54 -15.40
N VAL F 464 56.35 -50.45 -14.30
CA VAL F 464 56.17 -49.40 -13.31
C VAL F 464 57.49 -48.64 -13.19
N MET F 465 57.42 -47.32 -13.38
CA MET F 465 58.58 -46.45 -13.27
C MET F 465 58.61 -45.82 -11.88
N GLU F 466 59.78 -45.83 -11.25
CA GLU F 466 59.90 -45.40 -9.86
C GLU F 466 61.14 -44.50 -9.71
N ILE F 467 60.91 -43.20 -9.58
CA ILE F 467 61.96 -42.23 -9.31
C ILE F 467 61.31 -41.00 -8.69
N LEU F 468 61.87 -40.52 -7.58
CA LEU F 468 61.16 -39.51 -6.79
C LEU F 468 61.32 -38.10 -7.32
N SER F 469 62.05 -37.89 -8.41
CA SER F 469 62.08 -36.59 -9.08
C SER F 469 60.86 -36.49 -9.97
N GLU F 470 59.87 -35.70 -9.54
CA GLU F 470 58.63 -35.60 -10.28
C GLU F 470 58.79 -34.87 -11.61
N HIS F 471 59.86 -34.09 -11.77
CA HIS F 471 60.07 -33.38 -13.03
C HIS F 471 60.30 -34.36 -14.18
N THR F 472 61.31 -35.22 -14.04
CA THR F 472 61.58 -36.19 -15.09
C THR F 472 60.50 -37.25 -15.15
N LEU F 473 59.89 -37.59 -14.01
CA LEU F 473 58.88 -38.64 -14.00
C LEU F 473 57.62 -38.21 -14.74
N GLU F 474 57.19 -36.97 -14.54
CA GLU F 474 56.00 -36.49 -15.24
C GLU F 474 56.30 -36.24 -16.71
N GLY F 475 57.53 -35.84 -17.04
CA GLY F 475 57.90 -35.64 -18.43
C GLY F 475 57.84 -36.92 -19.24
N TRP F 476 58.14 -38.06 -18.61
CA TRP F 476 58.05 -39.33 -19.30
C TRP F 476 56.62 -39.63 -19.72
N LEU F 477 55.65 -39.32 -18.84
CA LEU F 477 54.26 -39.65 -19.12
C LEU F 477 53.69 -38.80 -20.25
N GLU F 478 54.04 -37.51 -20.29
CA GLU F 478 53.47 -36.62 -21.28
C GLU F 478 53.85 -37.06 -22.69
N ALA F 479 55.10 -37.42 -22.90
CA ALA F 479 55.51 -37.95 -24.20
C ALA F 479 54.88 -39.30 -24.49
N TYR F 480 54.68 -40.10 -23.44
CA TYR F 480 54.08 -41.42 -23.61
C TYR F 480 52.66 -41.30 -24.15
N LEU F 481 51.91 -40.30 -23.67
CA LEU F 481 50.55 -40.11 -24.16
C LEU F 481 50.53 -39.51 -25.56
N LEU F 482 51.42 -38.54 -25.83
CA LEU F 482 51.50 -37.95 -27.15
C LEU F 482 52.00 -38.94 -28.20
N THR F 483 52.69 -40.00 -27.77
CA THR F 483 53.09 -41.05 -28.68
C THR F 483 51.92 -41.94 -29.08
N GLY F 484 50.84 -41.95 -28.30
CA GLY F 484 49.67 -42.75 -28.58
C GLY F 484 49.39 -43.83 -27.57
N ARG F 485 50.18 -43.93 -26.51
CA ARG F 485 50.01 -44.98 -25.50
C ARG F 485 49.16 -44.45 -24.35
N HIS F 486 49.07 -45.23 -23.27
CA HIS F 486 48.27 -44.87 -22.11
C HIS F 486 49.11 -45.02 -20.85
N GLY F 487 48.82 -44.20 -19.85
CA GLY F 487 49.58 -44.23 -18.61
C GLY F 487 48.74 -43.78 -17.44
N PHE F 488 49.35 -43.84 -16.26
CA PHE F 488 48.69 -43.45 -15.02
C PHE F 488 49.74 -42.97 -14.02
N PHE F 489 49.49 -41.82 -13.42
CA PHE F 489 50.43 -41.18 -12.50
C PHE F 489 49.83 -41.14 -11.11
N ALA F 490 50.58 -41.65 -10.13
CA ALA F 490 50.14 -41.67 -8.74
C ALA F 490 51.23 -41.06 -7.87
N THR F 491 50.85 -40.09 -7.04
CA THR F 491 51.80 -39.37 -6.20
C THR F 491 51.08 -38.79 -5.01
N TYR F 492 51.85 -38.18 -4.10
CA TYR F 492 51.27 -37.43 -3.01
C TYR F 492 50.72 -36.10 -3.52
N GLU F 493 49.76 -35.56 -2.77
CA GLU F 493 49.24 -34.23 -3.07
C GLU F 493 50.19 -33.14 -2.62
N ALA F 494 51.00 -33.41 -1.59
CA ALA F 494 51.86 -32.37 -1.03
C ALA F 494 52.94 -31.92 -2.00
N PHE F 495 53.35 -32.79 -2.92
CA PHE F 495 54.40 -32.47 -3.88
C PHE F 495 53.85 -32.22 -5.27
N ALA F 496 52.56 -31.90 -5.38
CA ALA F 496 51.99 -31.62 -6.69
C ALA F 496 52.37 -30.25 -7.22
N HIS F 497 52.89 -29.36 -6.37
CA HIS F 497 53.39 -28.08 -6.86
C HIS F 497 54.66 -28.24 -7.68
N VAL F 498 55.34 -29.38 -7.58
CA VAL F 498 56.55 -29.60 -8.35
C VAL F 498 56.24 -29.68 -9.84
N ILE F 499 55.14 -30.32 -10.21
CA ILE F 499 54.78 -30.52 -11.60
C ILE F 499 53.82 -29.42 -12.05
N ASP F 500 53.78 -28.32 -11.31
CA ASP F 500 52.88 -27.23 -11.64
C ASP F 500 53.19 -26.64 -13.00
N SER F 501 54.47 -26.39 -13.29
CA SER F 501 54.84 -25.83 -14.58
C SER F 501 54.62 -26.83 -15.71
N MET F 502 54.86 -28.11 -15.45
CA MET F 502 54.77 -29.11 -16.52
C MET F 502 53.33 -29.34 -16.94
N VAL F 503 52.39 -29.29 -15.99
CA VAL F 503 50.98 -29.52 -16.31
C VAL F 503 50.45 -28.43 -17.23
N ASN F 504 50.81 -27.18 -16.95
CA ASN F 504 50.36 -26.07 -17.80
C ASN F 504 50.92 -26.20 -19.21
N GLN F 505 52.14 -26.70 -19.34
CA GLN F 505 52.71 -26.93 -20.67
C GLN F 505 51.93 -28.00 -21.43
N HIS F 506 51.53 -29.06 -20.75
CA HIS F 506 50.78 -30.11 -21.43
C HIS F 506 49.36 -29.66 -21.72
N ALA F 507 48.76 -28.88 -20.82
CA ALA F 507 47.38 -28.45 -21.03
C ALA F 507 47.25 -27.52 -22.22
N LYS F 508 48.20 -26.61 -22.41
CA LYS F 508 48.14 -25.73 -23.57
C LYS F 508 48.39 -26.48 -24.87
N TRP F 509 49.10 -27.62 -24.80
CA TRP F 509 49.28 -28.43 -25.98
C TRP F 509 47.96 -29.07 -26.41
N LEU F 510 47.20 -29.59 -25.46
CA LEU F 510 45.95 -30.26 -25.80
C LEU F 510 44.89 -29.27 -26.28
N ASP F 511 44.85 -28.09 -25.67
CA ASP F 511 43.83 -27.10 -26.05
C ASP F 511 44.05 -26.62 -27.48
N VAL F 512 45.30 -26.36 -27.86
CA VAL F 512 45.60 -25.97 -29.24
C VAL F 512 45.33 -27.14 -30.19
N SER F 513 45.74 -28.35 -29.80
CA SER F 513 45.57 -29.50 -30.67
C SER F 513 44.11 -29.83 -30.89
N LYS F 514 43.27 -29.63 -29.87
CA LYS F 514 41.85 -29.95 -30.01
C LYS F 514 41.14 -28.95 -30.92
N ARG F 515 41.38 -27.66 -30.72
CA ARG F 515 40.63 -26.61 -31.41
C ARG F 515 41.33 -26.10 -32.65
N GLU F 516 42.54 -25.55 -32.49
CA GLU F 516 43.19 -24.84 -33.59
C GLU F 516 43.65 -25.78 -34.68
N VAL F 517 44.30 -26.87 -34.32
CA VAL F 517 44.86 -27.80 -35.30
C VAL F 517 43.82 -28.86 -35.63
N ASP F 518 43.66 -29.14 -36.91
CA ASP F 518 42.64 -30.09 -37.37
C ASP F 518 43.22 -31.45 -37.74
N TRP F 519 44.49 -31.51 -38.13
CA TRP F 519 45.10 -32.78 -38.49
C TRP F 519 45.66 -33.54 -37.31
N ARG F 520 45.66 -32.95 -36.12
CA ARG F 520 46.13 -33.65 -34.93
C ARG F 520 45.08 -34.65 -34.47
N ALA F 521 45.47 -35.89 -34.38
CA ALA F 521 44.51 -36.86 -33.89
C ALA F 521 44.51 -36.86 -32.36
N PRO F 522 43.36 -37.16 -31.74
CA PRO F 522 43.30 -37.15 -30.28
C PRO F 522 44.20 -38.20 -29.66
N VAL F 523 44.85 -37.82 -28.57
CA VAL F 523 45.77 -38.70 -27.84
C VAL F 523 45.06 -39.16 -26.58
N SER F 524 45.70 -40.05 -25.82
CA SER F 524 45.13 -40.50 -24.56
C SER F 524 45.16 -39.39 -23.52
N SER F 525 44.37 -39.56 -22.47
CA SER F 525 44.24 -38.55 -21.44
C SER F 525 45.37 -38.65 -20.42
N LEU F 526 45.57 -37.56 -19.68
CA LEU F 526 46.58 -37.49 -18.63
C LEU F 526 45.91 -37.73 -17.30
N ASN F 527 46.23 -38.85 -16.66
CA ASN F 527 45.59 -39.25 -15.42
C ASN F 527 46.59 -39.13 -14.29
N ILE F 528 46.29 -38.26 -13.32
CA ILE F 528 47.15 -38.03 -12.16
C ILE F 528 46.35 -38.40 -10.92
N LEU F 529 46.93 -39.26 -10.09
CA LEU F 529 46.32 -39.68 -8.84
C LEU F 529 47.09 -39.02 -7.69
N LEU F 530 46.38 -38.28 -6.86
CA LEU F 530 46.96 -37.59 -5.72
C LEU F 530 46.53 -38.32 -4.44
N SER F 531 47.50 -38.81 -3.69
CA SER F 531 47.24 -39.55 -2.46
C SER F 531 47.74 -38.75 -1.27
N SER F 532 47.41 -39.25 -0.08
CA SER F 532 47.84 -38.69 1.20
C SER F 532 47.50 -37.20 1.29
N THR F 533 46.19 -36.95 1.33
CA THR F 533 45.68 -35.59 1.38
C THR F 533 46.18 -34.87 2.63
N VAL F 534 45.95 -33.55 2.65
CA VAL F 534 46.47 -32.70 3.70
C VAL F 534 45.82 -32.97 5.05
N TRP F 535 44.66 -33.63 5.07
CA TRP F 535 43.91 -33.78 6.31
C TRP F 535 44.48 -34.88 7.21
N ARG F 536 45.00 -35.95 6.63
CA ARG F 536 45.48 -37.07 7.45
C ARG F 536 46.82 -36.77 8.10
N GLN F 537 47.64 -35.93 7.47
CA GLN F 537 48.96 -35.54 8.00
C GLN F 537 49.84 -36.78 8.22
N ASP F 538 50.17 -37.43 7.10
CA ASP F 538 51.03 -38.60 7.14
C ASP F 538 52.45 -38.21 7.57
N HIS F 539 53.23 -39.23 7.90
CA HIS F 539 54.60 -39.00 8.37
C HIS F 539 55.46 -38.38 7.27
N ASN F 540 55.32 -38.84 6.04
CA ASN F 540 56.07 -38.27 4.94
C ASN F 540 55.53 -36.89 4.57
N GLY F 541 56.37 -36.11 3.90
CA GLY F 541 56.01 -34.78 3.47
C GLY F 541 56.10 -33.76 4.60
N PHE F 542 56.22 -32.49 4.20
CA PHE F 542 56.26 -31.41 5.16
C PHE F 542 54.93 -31.29 5.88
N SER F 543 54.99 -30.86 7.14
CA SER F 543 53.80 -30.87 7.99
C SER F 543 52.73 -29.90 7.50
N HIS F 544 53.13 -28.83 6.81
CA HIS F 544 52.18 -27.84 6.30
C HIS F 544 51.93 -28.10 4.82
N GLN F 545 51.16 -29.15 4.54
CA GLN F 545 50.81 -29.49 3.17
C GLN F 545 49.85 -28.45 2.59
N ASP F 546 49.79 -28.41 1.27
CA ASP F 546 49.00 -27.39 0.59
C ASP F 546 48.16 -28.02 -0.52
N PRO F 547 46.83 -27.90 -0.45
CA PRO F 547 45.98 -28.44 -1.52
C PRO F 547 45.83 -27.50 -2.70
N GLY F 548 46.73 -26.52 -2.80
CA GLY F 548 46.63 -25.48 -3.82
C GLY F 548 46.77 -25.97 -5.25
N PHE F 549 47.22 -27.20 -5.46
CA PHE F 549 47.34 -27.72 -6.82
C PHE F 549 45.98 -27.83 -7.50
N ILE F 550 44.92 -28.07 -6.72
CA ILE F 550 43.59 -28.16 -7.30
C ILE F 550 43.17 -26.81 -7.88
N ASP F 551 43.58 -25.71 -7.23
CA ASP F 551 43.14 -24.40 -7.68
C ASP F 551 43.79 -24.00 -9.00
N LEU F 552 45.08 -24.26 -9.16
CA LEU F 552 45.76 -23.84 -10.39
C LEU F 552 45.28 -24.65 -11.58
N VAL F 553 44.87 -25.90 -11.37
CA VAL F 553 44.29 -26.69 -12.45
C VAL F 553 42.97 -26.07 -12.90
N THR F 554 42.16 -25.60 -11.96
CA THR F 554 40.90 -24.95 -12.30
C THR F 554 41.10 -23.62 -13.01
N ASN F 555 42.27 -22.99 -12.87
CA ASN F 555 42.53 -21.77 -13.62
C ASN F 555 42.55 -22.04 -15.12
N LYS F 556 42.97 -23.24 -15.53
CA LYS F 556 42.90 -23.64 -16.91
C LYS F 556 41.45 -23.96 -17.26
N SER F 557 41.18 -24.04 -18.56
CA SER F 557 39.81 -24.19 -19.05
C SER F 557 39.23 -25.53 -18.64
N ALA F 558 37.92 -25.53 -18.38
CA ALA F 558 37.20 -26.75 -18.06
C ALA F 558 37.12 -27.73 -19.22
N ARG F 559 37.45 -27.28 -20.43
CA ARG F 559 37.44 -28.14 -21.61
C ARG F 559 38.70 -28.96 -21.75
N VAL F 560 39.68 -28.79 -20.87
CA VAL F 560 40.91 -29.57 -20.94
C VAL F 560 41.28 -30.23 -19.63
N THR F 561 40.71 -29.83 -18.49
CA THR F 561 41.04 -30.42 -17.21
C THR F 561 39.77 -30.91 -16.52
N ARG F 562 39.86 -32.06 -15.86
CA ARG F 562 38.77 -32.61 -15.08
C ARG F 562 39.33 -33.04 -13.74
N ILE F 563 38.63 -32.70 -12.66
CA ILE F 563 39.06 -32.99 -11.30
C ILE F 563 38.00 -33.86 -10.63
N TYR F 564 38.42 -35.00 -10.09
CA TYR F 564 37.52 -35.95 -9.49
C TYR F 564 37.95 -36.22 -8.06
N LEU F 565 36.98 -36.19 -7.14
CA LEU F 565 37.22 -36.42 -5.72
C LEU F 565 36.32 -37.56 -5.27
N PRO F 566 36.70 -38.80 -5.53
CA PRO F 566 35.86 -39.94 -5.16
C PRO F 566 35.89 -40.17 -3.66
N PRO F 567 34.72 -40.41 -3.05
CA PRO F 567 34.69 -40.60 -1.59
C PRO F 567 35.23 -41.95 -1.15
N ASP F 568 34.87 -43.04 -1.82
CA ASP F 568 35.27 -44.36 -1.34
C ASP F 568 35.95 -45.19 -2.42
N ALA F 569 36.16 -46.48 -2.13
CA ALA F 569 36.91 -47.34 -3.03
C ALA F 569 36.14 -47.61 -4.31
N ASN F 570 34.85 -47.91 -4.20
CA ASN F 570 34.05 -48.21 -5.39
C ASN F 570 33.94 -46.99 -6.30
N CYS F 571 33.74 -45.81 -5.71
CA CYS F 571 33.71 -44.59 -6.53
C CYS F 571 35.08 -44.30 -7.13
N LEU F 572 36.15 -44.67 -6.44
CA LEU F 572 37.48 -44.51 -7.00
C LEU F 572 37.69 -45.39 -8.22
N LEU F 573 37.20 -46.63 -8.18
CA LEU F 573 37.35 -47.53 -9.32
C LEU F 573 36.57 -47.02 -10.53
N SER F 574 35.36 -46.53 -10.31
CA SER F 574 34.56 -46.02 -11.42
C SER F 574 35.21 -44.80 -12.06
N VAL F 575 35.81 -43.93 -11.25
CA VAL F 575 36.53 -42.78 -11.77
C VAL F 575 37.75 -43.24 -12.57
N ALA F 576 38.51 -44.19 -12.02
CA ALA F 576 39.69 -44.68 -12.71
C ALA F 576 39.32 -45.41 -14.00
N ASP F 577 38.23 -46.18 -13.96
CA ASP F 577 37.76 -46.86 -15.17
C ASP F 577 37.31 -45.86 -16.22
N HIS F 578 36.55 -44.84 -15.82
CA HIS F 578 36.04 -43.87 -16.78
C HIS F 578 37.17 -43.03 -17.36
N CYS F 579 38.14 -42.63 -16.54
CA CYS F 579 39.18 -41.73 -17.01
C CYS F 579 40.15 -42.42 -17.95
N LEU F 580 40.29 -43.74 -17.85
CA LEU F 580 41.15 -44.45 -18.79
C LEU F 580 40.56 -44.53 -20.19
N ARG F 581 39.29 -44.16 -20.36
CA ARG F 581 38.68 -44.13 -21.68
C ARG F 581 38.74 -42.74 -22.32
N SER F 582 38.85 -41.68 -21.53
CA SER F 582 38.84 -40.33 -22.06
C SER F 582 40.12 -40.06 -22.84
N THR F 583 40.04 -39.05 -23.73
CA THR F 583 41.13 -38.79 -24.67
C THR F 583 41.81 -37.45 -24.43
N ASP F 584 41.10 -36.33 -24.51
CA ASP F 584 41.73 -35.02 -24.59
C ASP F 584 41.54 -34.21 -23.32
N TYR F 585 41.70 -34.84 -22.17
CA TYR F 585 41.55 -34.18 -20.89
C TYR F 585 42.73 -34.50 -19.98
N ILE F 586 42.92 -33.64 -18.99
CA ILE F 586 43.84 -33.89 -17.90
C ILE F 586 43.00 -34.26 -16.69
N ASN F 587 43.12 -35.50 -16.22
CA ASN F 587 42.30 -36.00 -15.14
C ASN F 587 43.10 -35.99 -13.84
N VAL F 588 42.62 -35.25 -12.86
CA VAL F 588 43.24 -35.17 -11.54
C VAL F 588 42.31 -35.85 -10.56
N ILE F 589 42.80 -36.94 -9.95
CA ILE F 589 42.01 -37.74 -9.02
C ILE F 589 42.68 -37.65 -7.66
N VAL F 590 41.93 -37.24 -6.65
CA VAL F 590 42.45 -37.09 -5.30
C VAL F 590 41.76 -38.10 -4.40
N ALA F 591 42.54 -39.03 -3.84
CA ALA F 591 42.05 -40.03 -2.92
C ALA F 591 42.98 -40.09 -1.73
N ASP F 592 42.58 -40.82 -0.69
CA ASP F 592 43.34 -40.91 0.53
C ASP F 592 43.74 -42.35 0.82
N LYS F 593 44.97 -42.53 1.29
CA LYS F 593 45.49 -43.87 1.55
C LYS F 593 44.81 -44.50 2.76
N GLN F 594 44.50 -43.70 3.77
CA GLN F 594 44.06 -44.22 5.06
C GLN F 594 42.74 -44.96 4.93
N SER F 595 42.57 -46.00 5.76
CA SER F 595 41.37 -46.80 5.73
C SER F 595 40.17 -45.97 6.16
N HIS F 596 39.09 -46.04 5.38
CA HIS F 596 37.93 -45.19 5.56
C HIS F 596 36.67 -46.03 5.47
N LEU F 597 35.54 -45.37 5.66
CA LEU F 597 34.25 -45.99 5.43
C LEU F 597 34.03 -46.21 3.93
N GLN F 598 33.02 -47.00 3.62
CA GLN F 598 32.59 -47.21 2.25
C GLN F 598 31.11 -46.86 2.15
N TYR F 599 30.76 -46.05 1.15
CA TYR F 599 29.40 -45.51 1.05
C TYR F 599 28.63 -45.99 -0.17
N LEU F 600 29.31 -46.49 -1.20
CA LEU F 600 28.64 -46.82 -2.45
C LEU F 600 28.95 -48.25 -2.85
N ASP F 601 27.94 -48.93 -3.39
CA ASP F 601 28.12 -50.25 -3.95
C ASP F 601 28.76 -50.15 -5.33
N ALA F 602 29.15 -51.30 -5.88
CA ALA F 602 29.77 -51.33 -7.20
C ALA F 602 28.82 -50.77 -8.26
N GLU F 603 27.55 -51.16 -8.19
CA GLU F 603 26.58 -50.64 -9.14
C GLU F 603 26.23 -49.18 -8.85
N ALA F 604 26.11 -48.84 -7.56
CA ALA F 604 25.74 -47.47 -7.20
C ALA F 604 26.86 -46.48 -7.49
N ALA F 605 28.12 -46.92 -7.40
CA ALA F 605 29.23 -46.06 -7.75
C ALA F 605 29.21 -45.70 -9.22
N ALA F 606 28.85 -46.66 -10.08
CA ALA F 606 28.78 -46.38 -11.51
C ALA F 606 27.71 -45.35 -11.83
N ARG F 607 26.56 -45.44 -11.18
CA ARG F 607 25.52 -44.43 -11.38
C ARG F 607 25.97 -43.08 -10.84
N HIS F 608 26.70 -43.09 -9.72
CA HIS F 608 27.16 -41.83 -9.13
C HIS F 608 28.16 -41.12 -10.03
N CYS F 609 29.15 -41.86 -10.54
CA CYS F 609 30.14 -41.25 -11.42
C CYS F 609 29.56 -40.90 -12.78
N ALA F 610 28.46 -41.53 -13.18
CA ALA F 610 27.80 -41.13 -14.42
C ALA F 610 27.24 -39.73 -14.31
N LYS F 611 26.53 -39.44 -13.22
CA LYS F 611 26.03 -38.09 -12.98
C LYS F 611 27.13 -37.16 -12.51
N GLY F 612 28.11 -37.68 -11.76
CA GLY F 612 29.16 -36.86 -11.20
C GLY F 612 28.77 -36.26 -9.87
N ILE F 613 27.54 -35.77 -9.78
CA ILE F 613 26.99 -35.20 -8.55
C ILE F 613 25.59 -35.78 -8.35
N GLY F 614 25.31 -36.25 -7.15
CA GLY F 614 24.01 -36.84 -6.90
C GLY F 614 23.68 -36.88 -5.42
N ILE F 615 22.38 -36.95 -5.16
CA ILE F 615 21.87 -37.05 -3.80
C ILE F 615 22.10 -38.46 -3.29
N TRP F 616 22.60 -38.58 -2.06
CA TRP F 616 22.70 -39.86 -1.39
C TRP F 616 21.40 -40.09 -0.62
N ASP F 617 20.64 -41.10 -1.02
CA ASP F 617 19.29 -41.28 -0.48
C ASP F 617 19.34 -41.80 0.95
N TRP F 618 20.27 -42.70 1.25
CA TRP F 618 20.38 -43.25 2.60
C TRP F 618 20.82 -42.19 3.59
N ALA F 619 21.73 -41.30 3.18
CA ALA F 619 22.18 -40.24 4.07
C ALA F 619 21.14 -39.13 4.19
N SER F 620 20.31 -38.94 3.17
CA SER F 620 19.30 -37.89 3.20
C SER F 620 18.24 -38.21 4.24
N ASN F 621 17.82 -37.19 4.97
CA ASN F 621 16.87 -37.40 6.06
C ASN F 621 15.47 -37.66 5.52
N ASP F 622 14.90 -36.68 4.82
CA ASP F 622 13.51 -36.75 4.42
C ASP F 622 13.38 -36.59 2.92
N GLN F 623 12.62 -37.50 2.31
CA GLN F 623 12.26 -37.43 0.90
C GLN F 623 10.77 -37.14 0.79
N GLY F 624 10.38 -36.52 -0.31
CA GLY F 624 9.01 -36.09 -0.47
C GLY F 624 8.67 -34.80 0.25
N ALA F 625 9.66 -34.15 0.87
CA ALA F 625 9.45 -32.87 1.52
C ALA F 625 10.64 -31.97 1.20
N SER F 626 10.41 -30.67 1.30
CA SER F 626 11.48 -29.71 1.02
C SER F 626 12.50 -29.76 2.15
N PRO F 627 13.77 -30.01 1.86
CA PRO F 627 14.78 -30.07 2.92
C PRO F 627 14.99 -28.72 3.58
N ASP F 628 15.31 -28.76 4.87
CA ASP F 628 15.61 -27.52 5.58
C ASP F 628 17.01 -27.02 5.27
N VAL F 629 17.95 -27.92 5.00
CA VAL F 629 19.32 -27.55 4.70
C VAL F 629 19.91 -28.62 3.79
N VAL F 630 20.80 -28.20 2.90
CA VAL F 630 21.50 -29.10 1.99
C VAL F 630 22.95 -29.18 2.46
N ILE F 631 23.39 -30.38 2.81
CA ILE F 631 24.75 -30.61 3.25
C ILE F 631 25.50 -31.29 2.12
N ALA F 632 26.52 -30.61 1.61
CA ALA F 632 27.28 -31.11 0.48
C ALA F 632 28.73 -31.34 0.89
N SER F 633 29.32 -32.43 0.40
CA SER F 633 30.71 -32.73 0.64
C SER F 633 31.36 -33.11 -0.67
N CYS F 634 32.65 -32.79 -0.80
CA CYS F 634 33.36 -33.02 -2.05
C CYS F 634 34.45 -34.07 -1.92
N GLY F 635 35.34 -33.94 -0.95
CA GLY F 635 36.43 -34.88 -0.77
C GLY F 635 35.97 -36.19 -0.17
N ASP F 636 36.89 -36.88 0.50
CA ASP F 636 36.60 -38.13 1.18
C ASP F 636 36.72 -38.04 2.68
N VAL F 637 37.76 -37.37 3.18
CA VAL F 637 37.85 -37.13 4.62
C VAL F 637 36.73 -36.19 5.07
N VAL F 638 36.50 -35.12 4.31
CA VAL F 638 35.44 -34.18 4.65
C VAL F 638 34.07 -34.80 4.44
N THR F 639 33.96 -35.84 3.64
CA THR F 639 32.68 -36.55 3.50
C THR F 639 32.33 -37.26 4.80
N LEU F 640 33.31 -37.86 5.46
CA LEU F 640 33.06 -38.53 6.74
C LEU F 640 32.60 -37.52 7.78
N GLU F 641 33.23 -36.34 7.82
CA GLU F 641 32.81 -35.30 8.75
C GLU F 641 31.43 -34.79 8.40
N ALA F 642 31.13 -34.65 7.11
CA ALA F 642 29.79 -34.21 6.70
C ALA F 642 28.74 -35.24 7.08
N LEU F 643 29.05 -36.53 6.92
CA LEU F 643 28.12 -37.58 7.36
C LEU F 643 27.97 -37.59 8.87
N ALA F 644 29.08 -37.44 9.60
CA ALA F 644 29.01 -37.43 11.05
C ALA F 644 28.24 -36.23 11.56
N ALA F 645 28.35 -35.10 10.87
CA ALA F 645 27.54 -33.93 11.22
C ALA F 645 26.06 -34.21 10.98
N THR F 646 25.73 -34.95 9.93
CA THR F 646 24.34 -35.29 9.67
C THR F 646 23.78 -36.20 10.76
N ALA F 647 24.60 -37.11 11.27
CA ALA F 647 24.15 -38.01 12.33
C ALA F 647 23.84 -37.24 13.61
N LEU F 648 24.68 -36.26 13.94
CA LEU F 648 24.44 -35.47 15.14
C LEU F 648 23.16 -34.65 15.02
N LEU F 649 22.94 -34.02 13.87
CA LEU F 649 21.76 -33.18 13.70
C LEU F 649 20.49 -34.01 13.69
N ARG F 650 20.51 -35.17 13.04
CA ARG F 650 19.33 -36.02 13.05
C ARG F 650 19.07 -36.61 14.42
N GLU F 651 20.11 -36.78 15.23
CA GLU F 651 19.92 -37.27 16.59
C GLU F 651 19.28 -36.21 17.48
N HIS F 652 19.75 -34.97 17.39
CA HIS F 652 19.28 -33.92 18.28
C HIS F 652 18.05 -33.19 17.74
N PHE F 653 17.83 -33.19 16.43
CA PHE F 653 16.68 -32.54 15.82
C PHE F 653 15.95 -33.56 14.96
N PRO F 654 15.04 -34.34 15.56
CA PRO F 654 14.31 -35.34 14.77
C PRO F 654 13.47 -34.74 13.66
N ASP F 655 12.93 -33.54 13.85
CA ASP F 655 12.09 -32.90 12.85
C ASP F 655 12.89 -32.27 11.71
N LEU F 656 14.20 -32.12 11.85
CA LEU F 656 15.01 -31.49 10.82
C LEU F 656 15.11 -32.38 9.59
N LYS F 657 14.97 -31.76 8.42
CA LYS F 657 15.03 -32.47 7.14
C LYS F 657 16.29 -32.06 6.42
N ILE F 658 17.20 -33.02 6.20
CA ILE F 658 18.52 -32.77 5.66
C ILE F 658 18.68 -33.55 4.37
N ARG F 659 19.07 -32.87 3.31
CA ARG F 659 19.40 -33.50 2.04
C ARG F 659 20.91 -33.55 1.90
N PHE F 660 21.46 -34.74 1.67
CA PHE F 660 22.89 -34.91 1.54
C PHE F 660 23.25 -35.09 0.07
N VAL F 661 24.17 -34.26 -0.41
CA VAL F 661 24.60 -34.27 -1.79
C VAL F 661 26.12 -34.48 -1.79
N ASN F 662 26.58 -35.41 -2.61
CA ASN F 662 28.01 -35.65 -2.77
C ASN F 662 28.41 -35.33 -4.19
N VAL F 663 29.50 -34.59 -4.35
CA VAL F 663 30.01 -34.16 -5.64
C VAL F 663 31.34 -34.85 -5.90
N VAL F 664 31.46 -35.50 -7.05
CA VAL F 664 32.70 -36.13 -7.47
C VAL F 664 33.39 -35.33 -8.56
N ASP F 665 32.66 -34.97 -9.60
CA ASP F 665 33.19 -34.15 -10.68
C ASP F 665 33.03 -32.69 -10.29
N LEU F 666 34.15 -32.00 -10.06
CA LEU F 666 34.10 -30.63 -9.57
C LEU F 666 33.46 -29.70 -10.59
N PHE F 667 33.79 -29.86 -11.88
CA PHE F 667 33.37 -28.89 -12.88
C PHE F 667 31.90 -28.99 -13.23
N ARG F 668 31.17 -29.97 -12.67
CA ARG F 668 29.73 -29.99 -12.82
C ARG F 668 29.07 -28.76 -12.20
N LEU F 669 29.74 -28.12 -11.24
CA LEU F 669 29.16 -26.94 -10.60
C LEU F 669 29.10 -25.75 -11.55
N GLN F 670 29.98 -25.70 -12.53
CA GLN F 670 29.98 -24.59 -13.47
C GLN F 670 28.69 -24.60 -14.28
N PRO F 671 28.14 -23.43 -14.61
CA PRO F 671 26.88 -23.39 -15.35
C PRO F 671 27.02 -23.93 -16.76
N ASP F 672 25.87 -24.26 -17.35
CA ASP F 672 25.85 -24.84 -18.68
C ASP F 672 26.39 -23.88 -19.73
N THR F 673 26.27 -22.57 -19.48
CA THR F 673 26.80 -21.59 -20.42
C THR F 673 28.32 -21.65 -20.48
N GLU F 674 28.98 -21.82 -19.33
CA GLU F 674 30.43 -21.90 -19.32
C GLU F 674 30.94 -23.13 -20.05
N HIS F 675 30.27 -24.28 -19.86
CA HIS F 675 30.68 -25.48 -20.55
C HIS F 675 29.47 -26.40 -20.67
N PRO F 676 29.33 -27.14 -21.76
CA PRO F 676 28.22 -28.10 -21.86
C PRO F 676 28.29 -29.23 -20.84
N HIS F 677 29.49 -29.51 -20.31
CA HIS F 677 29.62 -30.56 -19.31
C HIS F 677 28.97 -30.18 -17.98
N GLY F 678 28.93 -28.89 -17.67
CA GLY F 678 28.36 -28.46 -16.40
C GLY F 678 26.86 -28.66 -16.34
N LEU F 679 26.35 -28.68 -15.12
CA LEU F 679 24.93 -28.87 -14.90
C LEU F 679 24.14 -27.66 -15.38
N SER F 680 22.94 -27.93 -15.89
CA SER F 680 22.05 -26.84 -16.26
C SER F 680 21.50 -26.16 -15.01
N ASP F 681 20.86 -25.01 -15.22
CA ASP F 681 20.32 -24.27 -14.10
C ASP F 681 19.18 -25.04 -13.42
N ARG F 682 18.35 -25.72 -14.21
CA ARG F 682 17.29 -26.52 -13.62
C ARG F 682 17.84 -27.74 -12.91
N ASP F 683 18.87 -28.38 -13.46
CA ASP F 683 19.49 -29.51 -12.79
C ASP F 683 20.14 -29.09 -11.49
N PHE F 684 20.84 -27.96 -11.49
CA PHE F 684 21.48 -27.48 -10.28
C PHE F 684 20.45 -27.11 -9.22
N ASP F 685 19.34 -26.49 -9.64
CA ASP F 685 18.31 -26.12 -8.68
C ASP F 685 17.60 -27.34 -8.11
N SER F 686 17.58 -28.46 -8.84
CA SER F 686 17.01 -29.69 -8.29
C SER F 686 17.91 -30.27 -7.22
N LEU F 687 19.22 -30.34 -7.48
CA LEU F 687 20.17 -30.83 -6.49
C LEU F 687 20.20 -29.91 -5.28
N PHE F 688 20.64 -28.68 -5.48
CA PHE F 688 20.69 -27.67 -4.44
C PHE F 688 19.48 -26.77 -4.59
N THR F 689 18.66 -26.69 -3.55
CA THR F 689 17.42 -25.93 -3.63
C THR F 689 17.69 -24.46 -3.86
N VAL F 690 16.73 -23.77 -4.49
CA VAL F 690 16.91 -22.38 -4.86
C VAL F 690 16.98 -21.44 -3.66
N ASP F 691 16.48 -21.86 -2.50
CA ASP F 691 16.37 -20.96 -1.37
C ASP F 691 17.00 -21.48 -0.09
N LYS F 692 17.03 -22.79 0.14
CA LYS F 692 17.54 -23.31 1.39
C LYS F 692 19.07 -23.18 1.43
N PRO F 693 19.64 -22.97 2.62
CA PRO F 693 21.10 -22.82 2.71
C PRO F 693 21.83 -24.10 2.36
N ILE F 694 23.02 -23.94 1.81
CA ILE F 694 23.87 -25.05 1.40
C ILE F 694 25.14 -25.00 2.24
N ILE F 695 25.41 -26.08 2.95
CA ILE F 695 26.61 -26.19 3.78
C ILE F 695 27.59 -27.08 3.03
N PHE F 696 28.48 -26.47 2.27
CA PHE F 696 29.43 -27.20 1.45
C PHE F 696 30.68 -27.47 2.27
N ASN F 697 31.16 -28.71 2.22
CA ASN F 697 32.34 -29.13 2.96
C ASN F 697 33.35 -29.63 1.93
N PHE F 698 34.29 -28.76 1.55
CA PHE F 698 35.14 -28.99 0.39
C PHE F 698 36.55 -29.31 0.82
N HIS F 699 37.13 -30.36 0.22
CA HIS F 699 38.54 -30.65 0.38
C HIS F 699 39.35 -29.67 -0.44
N GLY F 700 40.17 -28.88 0.21
CA GLY F 700 40.93 -27.85 -0.46
C GLY F 700 40.45 -26.46 -0.07
N TYR F 701 40.91 -25.48 -0.82
CA TYR F 701 40.63 -24.09 -0.48
C TYR F 701 39.15 -23.78 -0.67
N PRO F 702 38.50 -23.18 0.33
CA PRO F 702 37.04 -23.05 0.28
C PRO F 702 36.56 -22.12 -0.81
N TRP F 703 37.41 -21.26 -1.32
CA TRP F 703 37.00 -20.28 -2.32
CA TRP F 703 36.95 -20.29 -2.31
C TRP F 703 36.84 -20.88 -3.71
N LEU F 704 37.44 -22.05 -3.95
CA LEU F 704 37.33 -22.66 -5.28
C LEU F 704 35.89 -22.97 -5.63
N ILE F 705 35.07 -23.34 -4.64
CA ILE F 705 33.67 -23.62 -4.89
C ILE F 705 32.94 -22.35 -5.31
N HIS F 706 33.31 -21.21 -4.73
CA HIS F 706 32.66 -19.96 -5.10
C HIS F 706 33.02 -19.54 -6.51
N LYS F 707 34.23 -19.89 -6.99
CA LYS F 707 34.61 -19.56 -8.35
C LYS F 707 33.73 -20.30 -9.35
N LEU F 708 33.50 -21.59 -9.10
CA LEU F 708 32.73 -22.40 -10.04
C LEU F 708 31.26 -22.02 -10.01
N ALA F 709 30.69 -21.90 -8.82
CA ALA F 709 29.26 -21.66 -8.66
C ALA F 709 28.93 -20.18 -8.50
N TYR F 710 29.70 -19.30 -9.13
CA TYR F 710 29.45 -17.88 -8.97
C TYR F 710 28.21 -17.43 -9.73
N ARG F 711 28.03 -17.92 -10.95
CA ARG F 711 26.91 -17.49 -11.79
C ARG F 711 25.59 -18.13 -11.40
N ARG F 712 25.59 -19.08 -10.47
CA ARG F 712 24.36 -19.73 -10.06
C ARG F 712 23.44 -18.76 -9.35
N HIS F 713 22.13 -19.05 -9.44
CA HIS F 713 21.15 -18.20 -8.76
C HIS F 713 21.31 -18.29 -7.25
N ASN F 714 21.56 -19.48 -6.72
CA ASN F 714 21.65 -19.69 -5.29
C ASN F 714 23.08 -19.58 -4.76
N HIS F 715 23.92 -18.79 -5.41
CA HIS F 715 25.30 -18.66 -4.94
C HIS F 715 25.37 -17.95 -3.60
N ASN F 716 24.50 -16.97 -3.36
CA ASN F 716 24.54 -16.22 -2.12
C ASN F 716 24.19 -17.08 -0.90
N ASN F 717 23.49 -18.19 -1.10
CA ASN F 717 23.16 -19.09 -0.02
C ASN F 717 24.16 -20.24 0.12
N LEU F 718 25.25 -20.20 -0.63
CA LEU F 718 26.24 -21.27 -0.60
C LEU F 718 27.32 -20.93 0.42
N HIS F 719 27.54 -21.83 1.36
CA HIS F 719 28.56 -21.67 2.40
CA HIS F 719 28.55 -21.67 2.41
C HIS F 719 29.55 -22.81 2.31
N VAL F 720 30.83 -22.46 2.21
CA VAL F 720 31.89 -23.44 2.01
C VAL F 720 32.80 -23.44 3.24
N ARG F 721 33.07 -24.61 3.76
CA ARG F 721 34.11 -24.82 4.75
C ARG F 721 35.21 -25.66 4.11
N GLY F 722 36.45 -25.26 4.32
CA GLY F 722 37.54 -25.97 3.68
C GLY F 722 38.85 -25.66 4.35
N TYR F 723 39.92 -26.06 3.67
CA TYR F 723 41.27 -25.89 4.20
C TYR F 723 41.61 -24.42 4.32
N LYS F 724 42.03 -24.00 5.51
CA LYS F 724 42.52 -22.65 5.73
C LYS F 724 43.98 -22.64 6.15
N GLU F 725 44.33 -23.32 7.23
CA GLU F 725 45.71 -23.39 7.70
C GLU F 725 45.87 -24.64 8.55
N VAL F 726 47.12 -25.04 8.73
CA VAL F 726 47.45 -26.27 9.47
C VAL F 726 48.53 -25.94 10.49
N GLY F 727 48.36 -26.46 11.71
CA GLY F 727 49.36 -26.29 12.74
C GLY F 727 50.59 -27.13 12.47
N ASN F 728 51.56 -27.00 13.37
CA ASN F 728 52.83 -27.71 13.19
C ASN F 728 52.63 -29.22 13.26
N ILE F 729 51.83 -29.69 14.21
CA ILE F 729 51.49 -31.11 14.32
C ILE F 729 50.14 -31.23 15.01
N ASN F 730 49.23 -32.00 14.40
CA ASN F 730 47.88 -32.13 14.92
C ASN F 730 47.37 -33.53 14.65
N THR F 731 46.37 -33.93 15.43
CA THR F 731 45.63 -35.15 15.15
C THR F 731 44.68 -34.92 13.99
N PRO F 732 44.23 -36.00 13.32
CA PRO F 732 43.26 -35.81 12.24
C PRO F 732 41.98 -35.11 12.67
N LEU F 733 41.50 -35.35 13.88
CA LEU F 733 40.31 -34.67 14.35
C LEU F 733 40.59 -33.21 14.69
N GLU F 734 41.72 -32.95 15.33
CA GLU F 734 42.05 -31.58 15.72
C GLU F 734 42.30 -30.69 14.52
N LEU F 735 42.89 -31.25 13.45
CA LEU F 735 43.11 -30.47 12.24
C LEU F 735 41.79 -30.02 11.62
N ALA F 736 40.78 -30.88 11.65
CA ALA F 736 39.47 -30.49 11.16
C ALA F 736 38.85 -29.39 12.01
N ILE F 737 39.15 -29.39 13.32
CA ILE F 737 38.62 -28.36 14.20
C ILE F 737 39.25 -27.00 13.86
N ARG F 738 40.55 -26.99 13.57
CA ARG F 738 41.22 -25.74 13.22
C ARG F 738 40.65 -25.15 11.94
N ASN F 739 40.36 -25.98 10.95
CA ASN F 739 39.80 -25.53 9.68
C ASN F 739 38.28 -25.48 9.70
N GLN F 740 37.65 -25.83 10.82
CA GLN F 740 36.20 -25.76 11.01
C GLN F 740 35.45 -26.61 9.99
N VAL F 741 36.04 -27.73 9.57
CA VAL F 741 35.37 -28.73 8.75
C VAL F 741 34.98 -29.95 9.57
N ASP F 742 35.12 -29.88 10.89
CA ASP F 742 34.82 -31.00 11.75
C ASP F 742 33.31 -31.24 11.80
N ARG F 743 32.93 -32.42 12.29
CA ARG F 743 31.52 -32.77 12.41
C ARG F 743 30.78 -31.81 13.34
N PHE F 744 31.46 -31.34 14.39
CA PHE F 744 30.82 -30.41 15.32
C PHE F 744 30.71 -29.02 14.72
N ASN F 745 31.75 -28.56 14.04
CA ASN F 745 31.72 -27.23 13.42
C ASN F 745 30.68 -27.16 12.31
N LEU F 746 30.55 -28.23 11.52
CA LEU F 746 29.51 -28.26 10.50
C LEU F 746 28.13 -28.25 11.13
N ALA F 747 27.94 -29.00 12.21
CA ALA F 747 26.65 -29.02 12.89
C ALA F 747 26.33 -27.66 13.49
N ILE F 748 27.35 -26.95 13.98
CA ILE F 748 27.15 -25.58 14.45
C ILE F 748 26.72 -24.67 13.32
N ASP F 749 27.36 -24.81 12.15
CA ASP F 749 27.05 -23.95 11.03
C ASP F 749 25.64 -24.17 10.51
N VAL F 750 25.17 -25.42 10.54
CA VAL F 750 23.80 -25.70 10.11
C VAL F 750 22.80 -25.00 11.04
N ILE F 751 23.09 -25.00 12.34
CA ILE F 751 22.21 -24.37 13.32
C ILE F 751 22.11 -22.86 13.05
N ASP F 752 23.24 -22.23 12.71
CA ASP F 752 23.22 -20.80 12.42
C ASP F 752 22.44 -20.49 11.15
N ARG F 753 22.62 -21.30 10.10
CA ARG F 753 22.03 -20.97 8.81
C ARG F 753 20.54 -21.26 8.76
N VAL F 754 20.10 -22.34 9.39
CA VAL F 754 18.68 -22.70 9.34
C VAL F 754 17.88 -21.69 10.16
N PRO F 755 16.86 -21.04 9.58
CA PRO F 755 16.17 -19.96 10.31
C PRO F 755 15.46 -20.41 11.57
N HIS F 756 14.90 -21.61 11.60
CA HIS F 756 14.11 -22.05 12.75
C HIS F 756 14.93 -22.84 13.75
N LEU F 757 16.25 -22.90 13.60
CA LEU F 757 17.11 -23.53 14.59
C LEU F 757 17.97 -22.54 15.35
N ARG F 758 17.95 -21.26 14.99
CA ARG F 758 18.79 -20.28 15.67
C ARG F 758 18.34 -20.07 17.11
N ASP F 759 17.07 -20.32 17.40
CA ASP F 759 16.53 -20.23 18.76
C ASP F 759 16.38 -21.59 19.43
N ARG F 760 15.88 -22.58 18.69
CA ARG F 760 15.69 -23.91 19.27
C ARG F 760 17.03 -24.61 19.52
N GLY F 761 18.01 -24.38 18.67
CA GLY F 761 19.27 -25.08 18.73
C GLY F 761 20.32 -24.45 19.61
N ALA F 762 19.97 -23.46 20.43
CA ALA F 762 20.94 -22.82 21.29
C ALA F 762 21.54 -23.79 22.29
N HIS F 763 20.71 -24.65 22.88
CA HIS F 763 21.21 -25.66 23.81
C HIS F 763 22.13 -26.65 23.11
N VAL F 764 21.74 -27.10 21.92
CA VAL F 764 22.55 -28.05 21.17
C VAL F 764 23.86 -27.41 20.74
N LYS F 765 23.80 -26.15 20.32
CA LYS F 765 25.01 -25.44 19.92
C LYS F 765 25.98 -25.30 21.10
N GLU F 766 25.44 -25.10 22.31
CA GLU F 766 26.28 -25.10 23.49
C GLU F 766 26.88 -26.48 23.74
N TRP F 767 26.10 -27.53 23.52
CA TRP F 767 26.61 -28.88 23.73
C TRP F 767 27.71 -29.21 22.74
N LEU F 768 27.57 -28.77 21.49
CA LEU F 768 28.59 -29.05 20.48
C LEU F 768 29.91 -28.37 20.80
N LYS F 769 29.84 -27.13 21.31
CA LYS F 769 31.07 -26.45 21.70
C LYS F 769 31.76 -27.15 22.86
N ASP F 770 30.99 -27.80 23.74
CA ASP F 770 31.59 -28.61 24.79
C ASP F 770 32.33 -29.80 24.20
N GLN F 771 31.77 -30.42 23.16
CA GLN F 771 32.43 -31.56 22.53
C GLN F 771 33.71 -31.16 21.83
N ILE F 772 33.74 -29.96 21.24
CA ILE F 772 34.95 -29.47 20.61
C ILE F 772 36.05 -29.27 21.65
N HIS F 773 35.71 -28.63 22.77
CA HIS F 773 36.69 -28.40 23.83
C HIS F 773 37.13 -29.72 24.45
N ASP F 774 36.19 -30.65 24.64
CA ASP F 774 36.52 -31.92 25.28
C ASP F 774 37.49 -32.73 24.42
N HIS F 775 37.26 -32.78 23.12
CA HIS F 775 38.12 -33.58 22.25
C HIS F 775 39.50 -32.97 22.11
N ILE F 776 39.59 -31.63 22.10
CA ILE F 776 40.90 -30.98 22.05
C ILE F 776 41.69 -31.28 23.32
N GLN F 777 41.03 -31.20 24.48
CA GLN F 777 41.72 -31.49 25.74
C GLN F 777 42.21 -32.93 25.79
N TYR F 778 41.39 -33.87 25.34
CA TYR F 778 41.83 -35.26 25.28
C TYR F 778 42.98 -35.43 24.31
N ALA F 779 42.96 -34.68 23.20
CA ALA F 779 44.05 -34.75 22.25
C ALA F 779 45.36 -34.24 22.85
N TYR F 780 45.30 -33.20 23.68
CA TYR F 780 46.51 -32.69 24.29
C TYR F 780 47.04 -33.64 25.35
N GLN F 781 46.16 -34.32 26.07
CA GLN F 781 46.62 -35.24 27.12
C GLN F 781 47.18 -36.52 26.54
N GLU F 782 46.54 -37.06 25.51
CA GLU F 782 46.90 -38.38 24.99
C GLU F 782 47.67 -38.35 23.68
N GLY F 783 47.42 -37.37 22.83
CA GLY F 783 48.05 -37.32 21.53
C GLY F 783 47.29 -38.06 20.44
N ILE F 784 46.21 -38.74 20.77
CA ILE F 784 45.39 -39.46 19.80
C ILE F 784 43.93 -39.14 20.08
N ASP F 785 43.10 -39.30 19.05
CA ASP F 785 41.68 -39.06 19.19
C ASP F 785 41.02 -40.14 20.05
N ARG F 786 39.82 -39.85 20.50
CA ARG F 786 39.06 -40.83 21.27
C ARG F 786 38.70 -42.02 20.39
N PRO F 787 38.60 -43.22 20.98
CA PRO F 787 38.32 -44.42 20.16
C PRO F 787 37.02 -44.34 19.39
N GLU F 788 35.97 -43.71 19.94
CA GLU F 788 34.71 -43.63 19.22
C GLU F 788 34.78 -42.66 18.04
N ILE F 789 35.72 -41.73 18.04
CA ILE F 789 35.91 -40.86 16.89
C ILE F 789 36.52 -41.64 15.73
N ASN F 790 37.55 -42.44 16.02
CA ASN F 790 38.21 -43.20 14.96
C ASN F 790 37.32 -44.32 14.44
N GLN F 791 36.55 -44.95 15.33
CA GLN F 791 35.71 -46.08 14.97
C GLN F 791 34.25 -45.66 14.73
N TRP F 792 34.03 -44.43 14.30
CA TRP F 792 32.68 -43.98 14.02
C TRP F 792 32.13 -44.62 12.77
N GLN F 793 30.84 -44.90 12.77
CA GLN F 793 30.15 -45.42 11.60
C GLN F 793 28.72 -44.92 11.63
N TRP F 794 28.08 -44.97 10.46
CA TRP F 794 26.72 -44.46 10.29
C TRP F 794 25.77 -45.16 11.24
N PRO F 795 25.09 -44.44 12.13
CA PRO F 795 24.24 -45.10 13.12
C PRO F 795 22.89 -45.54 12.59
N PHE F 796 22.34 -44.84 11.61
CA PHE F 796 21.00 -45.15 11.11
C PHE F 796 21.08 -46.27 10.09
N ASP G 9 46.69 -59.13 -73.06
CA ASP G 9 46.05 -60.20 -72.30
C ASP G 9 45.32 -59.65 -71.08
N ILE G 10 45.01 -58.36 -71.11
CA ILE G 10 44.32 -57.73 -69.99
C ILE G 10 42.86 -58.19 -69.94
N ALA G 11 42.22 -58.34 -71.10
CA ALA G 11 40.83 -58.76 -71.13
C ALA G 11 40.65 -60.17 -70.57
N THR G 12 41.53 -61.09 -70.95
CA THR G 12 41.49 -62.44 -70.42
C THR G 12 42.15 -62.47 -69.03
N LEU G 13 41.84 -63.52 -68.27
CA LEU G 13 42.39 -63.70 -66.94
C LEU G 13 43.00 -65.09 -66.81
N SER G 14 44.08 -65.17 -66.03
CA SER G 14 44.67 -66.46 -65.73
C SER G 14 43.77 -67.24 -64.78
N PRO G 15 43.74 -68.57 -64.89
CA PRO G 15 42.94 -69.37 -63.94
C PRO G 15 43.41 -69.25 -62.51
N ASN G 16 44.72 -69.06 -62.28
CA ASN G 16 45.22 -68.98 -60.92
C ASN G 16 44.79 -67.69 -60.23
N GLU G 17 44.88 -66.56 -60.93
CA GLU G 17 44.45 -65.29 -60.35
C GLU G 17 42.94 -65.22 -60.20
N GLN G 18 42.18 -65.96 -61.01
CA GLN G 18 40.74 -65.99 -60.86
C GLN G 18 40.35 -66.59 -59.51
N ALA G 19 41.08 -67.61 -59.05
CA ALA G 19 40.84 -68.17 -57.73
C ALA G 19 41.12 -67.16 -56.64
N ALA G 20 42.21 -66.40 -56.77
CA ALA G 20 42.52 -65.35 -55.80
C ALA G 20 41.46 -64.26 -55.82
N ILE G 21 40.98 -63.88 -57.01
CA ILE G 21 39.89 -62.92 -57.11
C ILE G 21 38.63 -63.49 -56.47
N ASP G 22 38.33 -64.77 -56.75
CA ASP G 22 37.19 -65.41 -56.10
C ASP G 22 37.42 -65.55 -54.60
N ALA G 23 38.67 -65.76 -54.19
CA ALA G 23 38.97 -65.81 -52.76
C ALA G 23 38.69 -64.47 -52.09
N TRP G 24 39.07 -63.37 -52.74
CA TRP G 24 38.73 -62.06 -52.21
C TRP G 24 37.23 -61.84 -52.24
N TRP G 25 36.57 -62.28 -53.30
CA TRP G 25 35.12 -62.09 -53.40
C TRP G 25 34.37 -62.88 -52.35
N ARG G 26 34.83 -64.11 -52.06
CA ARG G 26 34.22 -64.89 -50.99
C ARG G 26 34.47 -64.24 -49.63
N ALA G 27 35.68 -63.74 -49.40
CA ALA G 27 36.01 -63.16 -48.10
C ALA G 27 35.20 -61.90 -47.84
N ALA G 28 34.97 -61.09 -48.87
CA ALA G 28 34.16 -59.89 -48.71
C ALA G 28 32.72 -60.24 -48.33
N ASN G 29 32.14 -61.25 -48.98
CA ASN G 29 30.78 -61.66 -48.63
C ASN G 29 30.74 -62.30 -47.25
N TYR G 30 31.79 -63.04 -46.90
CA TYR G 30 31.84 -63.62 -45.55
C TYR G 30 31.91 -62.54 -44.49
N LEU G 31 32.71 -61.50 -44.72
CA LEU G 31 32.74 -60.37 -43.79
C LEU G 31 31.45 -59.56 -43.86
N SER G 32 30.77 -59.58 -45.02
CA SER G 32 29.53 -58.84 -45.16
C SER G 32 28.45 -59.39 -44.25
N VAL G 33 28.22 -60.70 -44.29
CA VAL G 33 27.22 -61.31 -43.43
C VAL G 33 27.69 -61.38 -41.99
N GLY G 34 29.00 -61.33 -41.76
CA GLY G 34 29.51 -61.35 -40.39
C GLY G 34 29.07 -60.14 -39.59
N GLN G 35 29.20 -58.96 -40.19
CA GLN G 35 28.79 -57.74 -39.51
C GLN G 35 27.27 -57.56 -39.52
N ILE G 36 26.57 -58.16 -40.47
CA ILE G 36 25.11 -58.11 -40.45
C ILE G 36 24.56 -58.94 -39.30
N TYR G 37 25.14 -60.13 -39.08
CA TYR G 37 24.60 -61.09 -38.13
C TYR G 37 25.46 -61.26 -36.89
N LEU G 38 26.73 -61.62 -37.06
CA LEU G 38 27.53 -62.06 -35.93
C LEU G 38 27.89 -60.89 -35.02
N ARG G 39 27.75 -61.11 -33.72
CA ARG G 39 28.22 -60.19 -32.70
C ARG G 39 29.49 -60.68 -32.02
N ASP G 40 29.64 -62.00 -31.89
CA ASP G 40 30.83 -62.62 -31.34
C ASP G 40 31.15 -63.84 -32.19
N ASN G 41 32.31 -64.46 -31.90
CA ASN G 41 32.82 -65.64 -32.60
C ASN G 41 32.93 -65.34 -34.09
N PRO G 42 33.87 -64.49 -34.50
CA PRO G 42 33.91 -64.07 -35.91
C PRO G 42 34.36 -65.16 -36.86
N LEU G 43 35.30 -66.00 -36.44
CA LEU G 43 35.87 -67.02 -37.32
C LEU G 43 35.18 -68.37 -37.20
N LEU G 44 34.12 -68.48 -36.40
CA LEU G 44 33.36 -69.72 -36.21
C LEU G 44 34.25 -70.85 -35.74
N GLN G 45 35.15 -70.57 -34.80
CA GLN G 45 35.97 -71.61 -34.20
C GLN G 45 35.10 -72.60 -33.43
N GLU G 46 34.12 -72.10 -32.70
CA GLU G 46 33.13 -72.90 -32.00
C GLU G 46 31.82 -72.90 -32.76
N PRO G 47 30.95 -73.89 -32.53
CA PRO G 47 29.64 -73.89 -33.20
C PRO G 47 28.83 -72.67 -32.83
N LEU G 48 28.04 -72.19 -33.80
CA LEU G 48 27.30 -70.95 -33.64
C LEU G 48 26.18 -71.11 -32.61
N ARG G 49 26.03 -70.09 -31.77
CA ARG G 49 25.03 -70.05 -30.71
C ARG G 49 24.27 -68.74 -30.80
N PRO G 50 23.03 -68.69 -30.30
CA PRO G 50 22.23 -67.47 -30.46
C PRO G 50 22.83 -66.23 -29.82
N GLU G 51 23.66 -66.38 -28.77
CA GLU G 51 24.25 -65.20 -28.16
C GLU G 51 25.30 -64.54 -29.05
N HIS G 52 25.74 -65.21 -30.11
CA HIS G 52 26.65 -64.60 -31.08
C HIS G 52 25.93 -63.76 -32.12
N ILE G 53 24.60 -63.84 -32.18
CA ILE G 53 23.81 -63.17 -33.22
C ILE G 53 23.28 -61.86 -32.66
N LYS G 54 23.26 -60.83 -33.49
CA LYS G 54 22.69 -59.55 -33.09
C LYS G 54 21.19 -59.67 -32.88
N GLN G 55 20.69 -59.01 -31.84
CA GLN G 55 19.27 -59.09 -31.52
C GLN G 55 18.42 -58.42 -32.59
N ARG G 56 18.83 -57.23 -33.03
CA ARG G 56 18.10 -56.48 -34.05
C ARG G 56 18.94 -56.44 -35.32
N LEU G 57 18.33 -56.84 -36.43
CA LEU G 57 19.02 -56.96 -37.71
C LEU G 57 18.51 -55.87 -38.64
N LEU G 58 19.29 -54.81 -38.79
CA LEU G 58 18.94 -53.69 -39.65
C LEU G 58 19.79 -53.62 -40.92
N GLY G 59 20.63 -54.63 -41.15
CA GLY G 59 21.49 -54.61 -42.32
C GLY G 59 20.74 -54.92 -43.60
N HIS G 60 21.42 -54.66 -44.71
CA HIS G 60 20.89 -54.92 -46.05
C HIS G 60 21.81 -55.88 -46.77
N TRP G 61 21.22 -56.90 -47.40
CA TRP G 61 21.99 -57.92 -48.09
C TRP G 61 21.82 -57.93 -49.60
N GLY G 62 20.71 -57.41 -50.12
CA GLY G 62 20.39 -57.60 -51.52
C GLY G 62 21.44 -57.04 -52.48
N SER G 63 22.02 -55.90 -52.13
CA SER G 63 23.01 -55.27 -52.99
C SER G 63 24.44 -55.71 -52.67
N ASP G 64 24.67 -56.39 -51.56
CA ASP G 64 26.03 -56.71 -51.14
C ASP G 64 26.81 -57.60 -52.10
N PRO G 65 26.26 -58.69 -52.66
CA PRO G 65 27.08 -59.48 -53.61
C PRO G 65 27.51 -58.70 -54.82
N GLY G 66 26.65 -57.83 -55.36
CA GLY G 66 27.00 -57.08 -56.56
C GLY G 66 28.13 -56.10 -56.34
N LEU G 67 28.07 -55.36 -55.23
CA LEU G 67 29.10 -54.36 -54.94
C LEU G 67 30.45 -55.02 -54.70
N SER G 68 30.47 -56.12 -53.94
CA SER G 68 31.71 -56.86 -53.73
C SER G 68 32.24 -57.46 -55.02
N PHE G 69 31.33 -57.86 -55.91
CA PHE G 69 31.75 -58.43 -57.19
C PHE G 69 32.49 -57.39 -58.04
N VAL G 70 31.96 -56.17 -58.11
CA VAL G 70 32.60 -55.13 -58.91
C VAL G 70 33.89 -54.68 -58.28
N TYR G 71 33.91 -54.56 -56.94
CA TYR G 71 35.06 -53.98 -56.25
C TYR G 71 36.33 -54.81 -56.45
N VAL G 72 36.21 -56.13 -56.36
CA VAL G 72 37.40 -56.98 -56.50
C VAL G 72 37.95 -56.93 -57.91
N HIS G 73 37.06 -56.84 -58.91
CA HIS G 73 37.51 -56.71 -60.28
C HIS G 73 38.23 -55.38 -60.52
N LEU G 74 37.74 -54.31 -59.89
CA LEU G 74 38.36 -53.00 -60.05
C LEU G 74 39.76 -52.97 -59.45
N ASN G 75 39.97 -53.67 -58.34
CA ASN G 75 41.31 -53.76 -57.76
C ASN G 75 42.26 -54.47 -58.71
N ARG G 76 41.76 -55.45 -59.46
CA ARG G 76 42.59 -56.11 -60.47
C ARG G 76 43.03 -55.13 -61.55
N LEU G 77 42.10 -54.29 -62.02
CA LEU G 77 42.44 -53.34 -63.07
C LEU G 77 43.36 -52.24 -62.57
N ILE G 78 43.27 -51.89 -61.29
CA ILE G 78 44.19 -50.91 -60.71
C ILE G 78 45.60 -51.48 -60.63
N ARG G 79 45.72 -52.77 -60.33
CA ARG G 79 47.04 -53.40 -60.24
C ARG G 79 47.76 -53.38 -61.57
N ARG G 80 47.02 -53.52 -62.67
CA ARG G 80 47.64 -53.62 -63.98
C ARG G 80 47.83 -52.25 -64.63
N LEU G 81 46.79 -51.43 -64.67
CA LEU G 81 46.84 -50.16 -65.40
C LEU G 81 47.20 -48.98 -64.51
N ASP G 82 47.44 -49.20 -63.21
CA ASP G 82 47.84 -48.15 -62.27
C ASP G 82 46.87 -46.98 -62.26
N LEU G 83 45.58 -47.29 -62.25
CA LEU G 83 44.54 -46.27 -62.27
C LEU G 83 44.27 -45.77 -60.86
N ASN G 84 43.29 -44.86 -60.75
CA ASN G 84 42.80 -44.39 -59.46
C ASN G 84 41.28 -44.35 -59.54
N LEU G 85 40.62 -44.94 -58.55
CA LEU G 85 39.17 -45.06 -58.54
C LEU G 85 38.61 -44.49 -57.24
N ILE G 86 37.31 -44.18 -57.27
CA ILE G 86 36.61 -43.62 -56.13
C ILE G 86 35.49 -44.55 -55.64
N TYR G 87 34.76 -45.17 -56.56
CA TYR G 87 33.67 -46.10 -56.27
C TYR G 87 32.57 -45.41 -55.45
N VAL G 88 31.91 -44.46 -56.11
CA VAL G 88 30.68 -43.90 -55.57
C VAL G 88 29.59 -44.95 -55.63
N THR G 89 28.93 -45.19 -54.50
CA THR G 89 27.95 -46.26 -54.38
C THR G 89 26.54 -45.71 -54.54
N GLY G 90 25.77 -46.33 -55.43
CA GLY G 90 24.41 -45.92 -55.70
C GLY G 90 23.40 -46.34 -54.65
N PRO G 91 23.23 -47.65 -54.45
CA PRO G 91 22.21 -48.11 -53.49
C PRO G 91 22.43 -47.60 -52.08
N GLY G 92 23.67 -47.38 -51.65
CA GLY G 92 23.94 -46.80 -50.36
C GLY G 92 23.79 -47.73 -49.18
N HIS G 93 22.97 -48.78 -49.30
CA HIS G 93 22.84 -49.79 -48.27
C HIS G 93 23.83 -50.93 -48.44
N GLY G 94 24.72 -50.84 -49.43
CA GLY G 94 25.74 -51.83 -49.63
C GLY G 94 27.02 -51.50 -48.88
N ALA G 95 26.87 -50.69 -47.84
CA ALA G 95 28.01 -50.35 -46.99
C ALA G 95 28.76 -51.54 -46.40
N PRO G 96 28.11 -52.64 -45.99
CA PRO G 96 28.89 -53.81 -45.58
C PRO G 96 29.84 -54.32 -46.64
N ALA G 97 29.45 -54.25 -47.91
CA ALA G 97 30.36 -54.64 -48.99
C ALA G 97 31.57 -53.72 -49.05
N LEU G 98 31.36 -52.42 -48.88
CA LEU G 98 32.46 -51.47 -48.92
C LEU G 98 33.38 -51.63 -47.71
N LEU G 99 32.79 -51.76 -46.51
CA LEU G 99 33.60 -51.85 -45.30
C LEU G 99 34.41 -53.14 -45.26
N ALA G 100 33.86 -54.23 -45.77
CA ALA G 100 34.61 -55.48 -45.85
C ALA G 100 35.83 -55.33 -46.76
N ASN G 101 35.64 -54.70 -47.92
CA ASN G 101 36.76 -54.47 -48.83
C ASN G 101 37.78 -53.52 -48.23
N ALA G 102 37.32 -52.50 -47.51
CA ALA G 102 38.23 -51.59 -46.83
C ALA G 102 39.04 -52.31 -45.76
N TRP G 103 38.40 -53.24 -45.06
CA TRP G 103 39.09 -54.04 -44.04
C TRP G 103 40.04 -55.04 -44.71
N GLU G 105 41.67 -54.73 -47.51
CA GLU G 105 42.75 -53.92 -48.06
C GLU G 105 43.63 -53.33 -46.97
N GLY G 106 43.13 -53.35 -45.73
CA GLY G 106 43.86 -52.80 -44.61
C GLY G 106 43.65 -51.33 -44.37
N THR G 107 42.89 -50.65 -45.23
CA THR G 107 42.64 -49.22 -45.04
C THR G 107 41.86 -48.95 -43.76
N TYR G 108 40.84 -49.77 -43.48
CA TYR G 108 39.99 -49.55 -42.32
C TYR G 108 40.78 -49.71 -41.02
N SER G 109 41.73 -50.64 -41.00
CA SER G 109 42.57 -50.81 -39.82
C SER G 109 43.43 -49.58 -39.58
N GLU G 110 43.96 -48.98 -40.63
CA GLU G 110 44.77 -47.78 -40.47
C GLU G 110 43.94 -46.61 -39.99
N VAL G 111 42.74 -46.42 -40.55
CA VAL G 111 41.88 -45.33 -40.12
C VAL G 111 41.39 -45.58 -38.70
N TYR G 112 40.96 -46.81 -38.42
CA TYR G 112 40.47 -47.18 -37.09
C TYR G 112 41.38 -48.25 -36.50
N PRO G 113 42.32 -47.87 -35.63
CA PRO G 113 43.25 -48.87 -35.07
C PRO G 113 42.58 -49.91 -34.18
N ASN G 114 41.39 -49.62 -33.66
CA ASN G 114 40.69 -50.62 -32.85
C ASN G 114 40.32 -51.84 -33.67
N CYS G 115 39.86 -51.64 -34.90
CA CYS G 115 39.50 -52.73 -35.79
C CYS G 115 40.75 -53.24 -36.52
N GLN G 116 41.67 -53.79 -35.72
CA GLN G 116 42.91 -54.31 -36.25
C GLN G 116 42.67 -55.61 -37.02
N GLN G 117 43.58 -55.93 -37.94
CA GLN G 117 43.50 -57.16 -38.71
C GLN G 117 43.94 -58.32 -37.83
N SER G 118 43.01 -58.80 -37.02
CA SER G 118 43.26 -59.90 -36.10
C SER G 118 41.91 -60.52 -35.73
N THR G 119 41.97 -61.58 -34.93
CA THR G 119 40.74 -62.22 -34.46
C THR G 119 39.95 -61.28 -33.55
N ALA G 120 40.64 -60.60 -32.64
CA ALA G 120 39.98 -59.64 -31.76
C ALA G 120 39.41 -58.46 -32.54
N GLY G 121 40.16 -57.98 -33.54
CA GLY G 121 39.65 -56.90 -34.36
C GLY G 121 38.45 -57.31 -35.19
N LEU G 122 38.44 -58.56 -35.67
CA LEU G 122 37.29 -59.07 -36.40
C LEU G 122 36.05 -59.10 -35.53
N GLN G 123 36.21 -59.47 -34.25
CA GLN G 123 35.10 -59.42 -33.32
C GLN G 123 34.59 -58.00 -33.14
N GLN G 124 35.52 -57.04 -33.04
CA GLN G 124 35.11 -55.64 -32.93
C GLN G 124 34.52 -55.11 -34.22
N PHE G 125 35.04 -55.57 -35.37
CA PHE G 125 34.54 -55.11 -36.66
C PHE G 125 33.09 -55.52 -36.87
N PHE G 126 32.76 -56.75 -36.52
CA PHE G 126 31.37 -57.21 -36.66
C PHE G 126 30.47 -56.54 -35.63
N LYS G 127 31.00 -56.33 -34.42
CA LYS G 127 30.19 -55.79 -33.33
C LYS G 127 29.72 -54.37 -33.61
N GLN G 128 30.60 -53.55 -34.20
CA GLN G 128 30.29 -52.12 -34.32
C GLN G 128 29.23 -51.84 -35.36
N PHE G 129 29.12 -52.67 -36.39
CA PHE G 129 28.17 -52.39 -37.45
C PHE G 129 26.73 -52.54 -36.97
N SER G 130 25.88 -51.59 -37.38
CA SER G 130 24.45 -51.61 -37.09
C SER G 130 24.18 -51.71 -35.59
N PHE G 131 24.98 -51.01 -34.80
CA PHE G 131 24.92 -51.10 -33.36
C PHE G 131 24.93 -49.70 -32.76
N PRO G 132 24.29 -49.52 -31.60
CA PRO G 132 24.43 -48.25 -30.88
C PRO G 132 25.89 -47.98 -30.55
N GLY G 133 26.30 -46.73 -30.75
CA GLY G 133 27.70 -46.38 -30.63
C GLY G 133 28.56 -47.07 -31.68
N GLY G 134 28.07 -47.16 -32.91
CA GLY G 134 28.79 -47.84 -33.96
C GLY G 134 28.47 -47.24 -35.31
N ILE G 135 29.10 -47.78 -36.34
CA ILE G 135 28.91 -47.28 -37.69
C ILE G 135 27.51 -47.62 -38.18
N GLY G 136 26.94 -46.73 -38.98
CA GLY G 136 25.58 -46.89 -39.45
C GLY G 136 25.44 -47.90 -40.57
N SER G 137 24.19 -48.18 -40.92
CA SER G 137 23.90 -49.16 -41.96
C SER G 137 24.29 -48.63 -43.33
N HIS G 138 23.98 -47.37 -43.62
CA HIS G 138 24.35 -46.79 -44.89
C HIS G 138 25.81 -46.33 -44.88
N CYS G 139 26.30 -45.93 -46.05
CA CYS G 139 27.66 -45.43 -46.18
C CYS G 139 27.69 -43.99 -45.68
N THR G 140 28.13 -43.82 -44.44
CA THR G 140 28.19 -42.55 -43.74
C THR G 140 29.55 -41.91 -43.92
N PRO G 141 29.75 -40.68 -43.42
CA PRO G 141 31.11 -40.11 -43.42
C PRO G 141 32.12 -40.94 -42.65
N GLU G 142 31.71 -41.77 -41.70
CA GLU G 142 32.65 -42.67 -41.04
C GLU G 142 33.23 -43.70 -41.99
N THR G 143 32.54 -44.02 -43.07
CA THR G 143 33.02 -45.02 -44.01
C THR G 143 34.22 -44.47 -44.79
N PRO G 144 35.38 -45.11 -44.74
CA PRO G 144 36.51 -44.65 -45.55
C PRO G 144 36.22 -44.78 -47.04
N GLY G 145 36.77 -43.83 -47.79
CA GLY G 145 36.61 -43.86 -49.24
C GLY G 145 35.19 -43.70 -49.71
N SER G 146 34.42 -42.81 -49.10
CA SER G 146 33.04 -42.59 -49.48
C SER G 146 32.73 -41.10 -49.48
N ILE G 147 32.10 -40.64 -50.55
CA ILE G 147 31.62 -39.26 -50.63
C ILE G 147 30.10 -39.17 -50.71
N HIS G 148 29.42 -40.21 -51.14
CA HIS G 148 27.98 -40.20 -51.31
C HIS G 148 27.33 -40.94 -50.14
N GLU G 149 26.41 -40.26 -49.46
CA GLU G 149 25.75 -40.87 -48.31
C GLU G 149 24.90 -42.06 -48.73
N GLY G 150 24.21 -41.95 -49.87
CA GLY G 150 23.53 -43.07 -50.48
C GLY G 150 22.21 -43.44 -49.84
N GLY G 151 21.84 -42.83 -48.72
CA GLY G 151 20.55 -43.15 -48.10
C GLY G 151 19.38 -42.71 -48.96
N GLU G 152 19.46 -41.50 -49.50
CA GLU G 152 18.48 -41.02 -50.47
C GLU G 152 18.95 -41.45 -51.86
N LEU G 153 18.02 -42.00 -52.64
CA LEU G 153 18.36 -42.61 -53.92
C LEU G 153 18.09 -41.64 -55.06
N GLY G 154 18.97 -41.65 -56.05
CA GLY G 154 18.83 -40.84 -57.25
C GLY G 154 19.92 -39.80 -57.45
N TYR G 155 20.80 -39.58 -56.47
CA TYR G 155 21.83 -38.56 -56.55
C TYR G 155 23.22 -39.13 -56.73
N SER G 156 23.33 -40.44 -56.96
CA SER G 156 24.65 -41.06 -57.01
C SER G 156 25.42 -40.69 -58.28
N LEU G 157 24.74 -40.70 -59.43
CA LEU G 157 25.44 -40.43 -60.69
C LEU G 157 25.90 -38.99 -60.76
N SER G 158 25.10 -38.06 -60.26
CA SER G 158 25.52 -36.66 -60.23
C SER G 158 26.77 -36.48 -59.39
N HIS G 159 26.84 -37.20 -58.26
CA HIS G 159 28.05 -37.15 -57.43
C HIS G 159 29.23 -37.79 -58.12
N ALA G 160 28.99 -38.74 -59.03
CA ALA G 160 30.09 -39.32 -59.80
C ALA G 160 30.69 -38.29 -60.74
N PHE G 161 29.85 -37.51 -61.42
CA PHE G 161 30.36 -36.51 -62.36
C PHE G 161 31.00 -35.35 -61.63
N GLY G 162 30.43 -34.94 -60.49
CA GLY G 162 30.97 -33.81 -59.76
C GLY G 162 32.37 -34.04 -59.24
N ALA G 163 32.68 -35.29 -58.84
CA ALA G 163 34.01 -35.59 -58.35
C ALA G 163 35.07 -35.55 -59.44
N ALA G 164 34.66 -35.69 -60.70
CA ALA G 164 35.59 -35.69 -61.83
C ALA G 164 35.49 -34.41 -62.65
N LEU G 165 34.97 -33.34 -62.08
CA LEU G 165 34.73 -32.13 -62.86
C LEU G 165 36.02 -31.42 -63.25
N ASP G 166 37.09 -31.59 -62.47
CA ASP G 166 38.35 -30.95 -62.83
C ASP G 166 39.56 -31.83 -62.53
N ASN G 167 39.35 -33.12 -62.29
CA ASN G 167 40.47 -34.03 -62.13
C ASN G 167 40.66 -34.79 -63.44
N PRO G 168 41.76 -34.57 -64.17
CA PRO G 168 41.89 -35.20 -65.48
C PRO G 168 42.17 -36.69 -65.42
N ASP G 169 43.04 -37.13 -64.51
CA ASP G 169 43.44 -38.52 -64.45
C ASP G 169 42.52 -39.39 -63.59
N LEU G 170 41.60 -38.78 -62.85
CA LEU G 170 40.73 -39.56 -61.98
C LEU G 170 39.71 -40.36 -62.78
N ILE G 171 39.45 -41.59 -62.34
CA ILE G 171 38.40 -42.43 -62.89
C ILE G 171 37.42 -42.72 -61.77
N VAL G 172 36.14 -42.58 -62.05
CA VAL G 172 35.08 -42.80 -61.06
C VAL G 172 34.17 -43.89 -61.58
N ALA G 173 33.97 -44.92 -60.75
CA ALA G 173 33.09 -46.03 -61.09
C ALA G 173 31.87 -45.99 -60.17
N CYS G 174 30.74 -45.58 -60.72
CA CYS G 174 29.51 -45.47 -59.95
C CYS G 174 28.60 -46.64 -60.29
N VAL G 175 28.18 -47.36 -59.25
CA VAL G 175 27.28 -48.50 -59.42
C VAL G 175 25.86 -48.00 -59.21
N ILE G 176 24.99 -48.24 -60.19
CA ILE G 176 23.63 -47.73 -60.18
C ILE G 176 22.66 -48.89 -60.02
N GLY G 177 21.79 -48.82 -59.02
CA GLY G 177 20.74 -49.80 -58.88
C GLY G 177 19.61 -49.56 -59.84
N ASP G 178 18.99 -50.65 -60.29
CA ASP G 178 17.91 -50.55 -61.26
C ASP G 178 16.68 -49.88 -60.68
N GLY G 179 16.36 -50.17 -59.41
CA GLY G 179 15.27 -49.46 -58.76
C GLY G 179 15.57 -47.99 -58.56
N GLU G 180 16.83 -47.65 -58.30
CA GLU G 180 17.22 -46.25 -58.19
C GLU G 180 17.22 -45.55 -59.55
N ALA G 181 17.56 -46.29 -60.61
CA ALA G 181 17.77 -45.67 -61.92
C ALA G 181 16.50 -45.07 -62.51
N GLU G 182 15.33 -45.53 -62.07
CA GLU G 182 14.09 -45.00 -62.63
C GLU G 182 13.69 -43.67 -62.03
N THR G 183 14.33 -43.23 -60.95
CA THR G 183 13.94 -41.99 -60.29
C THR G 183 14.25 -40.78 -61.18
N GLY G 184 13.53 -39.69 -60.90
CA GLY G 184 13.66 -38.46 -61.67
C GLY G 184 15.04 -37.87 -61.71
N PRO G 185 15.66 -37.66 -60.54
CA PRO G 185 17.05 -37.17 -60.53
C PRO G 185 18.04 -38.06 -61.25
N LEU G 186 17.83 -39.37 -61.24
CA LEU G 186 18.75 -40.26 -61.94
C LEU G 186 18.38 -40.43 -63.40
N ALA G 187 17.11 -40.24 -63.77
CA ALA G 187 16.74 -40.32 -65.18
C ALA G 187 17.42 -39.22 -65.99
N THR G 188 17.48 -38.01 -65.44
CA THR G 188 18.13 -36.90 -66.13
C THR G 188 19.65 -36.99 -66.08
N SER G 189 20.20 -37.50 -64.98
CA SER G 189 21.64 -37.41 -64.72
C SER G 189 22.46 -38.20 -65.73
N TRP G 190 21.85 -39.06 -66.53
CA TRP G 190 22.59 -39.74 -67.59
C TRP G 190 23.12 -38.75 -68.62
N HIS G 191 22.36 -37.68 -68.89
CA HIS G 191 22.75 -36.70 -69.89
C HIS G 191 23.96 -35.87 -69.49
N SER G 192 24.44 -36.01 -68.25
CA SER G 192 25.59 -35.25 -67.78
C SER G 192 26.88 -35.63 -68.48
N ASN G 193 26.90 -36.71 -69.26
CA ASN G 193 28.08 -37.04 -70.06
C ASN G 193 28.38 -35.95 -71.08
N LYS G 194 27.34 -35.28 -71.60
CA LYS G 194 27.54 -34.24 -72.59
C LYS G 194 28.29 -33.05 -72.00
N PHE G 195 27.95 -32.65 -70.77
CA PHE G 195 28.60 -31.51 -70.14
C PHE G 195 30.01 -31.84 -69.68
N LEU G 196 30.35 -33.11 -69.51
CA LEU G 196 31.69 -33.49 -69.12
C LEU G 196 32.66 -33.26 -70.27
N ASN G 197 33.82 -32.67 -69.97
CA ASN G 197 34.79 -32.35 -71.00
C ASN G 197 35.88 -33.41 -71.01
N PRO G 198 35.99 -34.25 -72.04
CA PRO G 198 37.01 -35.31 -72.03
C PRO G 198 38.43 -34.80 -72.04
N ALA G 199 38.67 -33.57 -72.48
CA ALA G 199 40.03 -33.08 -72.64
C ALA G 199 40.69 -32.80 -71.30
N GLN G 200 39.98 -32.13 -70.40
CA GLN G 200 40.56 -31.65 -69.16
C GLN G 200 40.03 -32.35 -67.92
N ASP G 201 39.08 -33.27 -68.06
CA ASP G 201 38.46 -33.93 -66.93
C ASP G 201 38.64 -35.43 -67.01
N GLY G 202 38.35 -36.11 -65.91
CA GLY G 202 38.42 -37.54 -65.86
C GLY G 202 37.23 -38.21 -66.52
N ALA G 203 37.23 -39.54 -66.46
CA ALA G 203 36.18 -40.34 -67.06
C ALA G 203 35.41 -41.07 -65.96
N VAL G 204 34.09 -41.06 -66.08
CA VAL G 204 33.20 -41.73 -65.14
C VAL G 204 32.61 -42.96 -65.83
N LEU G 205 32.76 -44.11 -65.19
CA LEU G 205 32.26 -45.37 -65.75
C LEU G 205 31.02 -45.80 -64.97
N PRO G 206 29.82 -45.60 -65.52
CA PRO G 206 28.61 -46.01 -64.80
C PRO G 206 28.33 -47.49 -64.99
N ILE G 207 27.95 -48.14 -63.89
CA ILE G 207 27.61 -49.56 -63.89
C ILE G 207 26.19 -49.71 -63.39
N LEU G 208 25.37 -50.40 -64.17
CA LEU G 208 23.96 -50.60 -63.83
C LEU G 208 23.79 -51.98 -63.22
N HIS G 209 23.32 -52.02 -61.98
CA HIS G 209 23.09 -53.29 -61.28
C HIS G 209 21.62 -53.68 -61.48
N LEU G 210 21.34 -54.21 -62.66
CA LEU G 210 19.98 -54.60 -63.05
C LEU G 210 19.64 -56.00 -62.52
N ASN G 211 19.55 -56.10 -61.20
CA ASN G 211 19.28 -57.39 -60.57
C ASN G 211 17.84 -57.85 -60.76
N GLY G 212 16.95 -56.93 -61.12
CA GLY G 212 15.60 -57.30 -61.51
C GLY G 212 14.52 -56.99 -60.49
N TYR G 213 14.88 -56.71 -59.24
CA TYR G 213 13.88 -56.56 -58.20
C TYR G 213 14.18 -55.37 -57.30
N LYS G 214 13.12 -54.66 -56.91
CA LYS G 214 13.19 -53.67 -55.84
C LYS G 214 13.01 -54.38 -54.50
N ILE G 215 12.70 -53.62 -53.45
CA ILE G 215 12.44 -54.24 -52.15
C ILE G 215 11.19 -55.13 -52.22
N ALA G 216 10.18 -54.73 -52.99
CA ALA G 216 8.95 -55.50 -53.06
C ALA G 216 8.35 -55.61 -54.46
N ASN G 217 9.04 -55.13 -55.50
CA ASN G 217 8.50 -55.17 -56.85
C ASN G 217 9.61 -55.46 -57.83
N PRO G 218 9.30 -56.08 -58.97
CA PRO G 218 10.27 -56.13 -60.06
C PRO G 218 10.60 -54.72 -60.54
N THR G 219 11.88 -54.50 -60.86
CA THR G 219 12.32 -53.19 -61.29
C THR G 219 11.78 -52.86 -62.68
N LEU G 220 11.58 -51.56 -62.92
CA LEU G 220 10.99 -51.12 -64.18
C LEU G 220 11.95 -51.35 -65.35
N LEU G 221 13.24 -51.12 -65.14
CA LEU G 221 14.21 -51.22 -66.22
C LEU G 221 14.59 -52.66 -66.54
N SER G 222 14.32 -53.60 -65.65
CA SER G 222 14.61 -55.00 -65.96
C SER G 222 13.49 -55.66 -66.74
N ARG G 223 12.26 -55.15 -66.63
CA ARG G 223 11.11 -55.73 -67.28
C ARG G 223 10.86 -55.15 -68.67
N ILE G 224 11.75 -54.32 -69.16
CA ILE G 224 11.71 -53.89 -70.54
C ILE G 224 12.58 -54.83 -71.36
N SER G 225 12.34 -54.87 -72.67
CA SER G 225 13.09 -55.75 -73.54
C SER G 225 14.54 -55.30 -73.64
N HIS G 226 15.42 -56.26 -73.98
CA HIS G 226 16.84 -55.95 -74.12
C HIS G 226 17.08 -54.95 -75.25
N GLU G 227 16.28 -55.03 -76.31
CA GLU G 227 16.41 -54.06 -77.40
C GLU G 227 16.02 -52.66 -76.95
N GLU G 228 14.90 -52.53 -76.23
CA GLU G 228 14.47 -51.22 -75.77
C GLU G 228 15.44 -50.66 -74.73
N LEU G 229 15.99 -51.52 -73.88
CA LEU G 229 16.98 -51.06 -72.92
C LEU G 229 18.24 -50.56 -73.63
N ARG G 230 18.65 -51.25 -74.68
CA ARG G 230 19.79 -50.78 -75.47
C ARG G 230 19.45 -49.48 -76.20
N SER G 231 18.21 -49.35 -76.67
CA SER G 231 17.79 -48.09 -77.29
C SER G 231 17.80 -46.94 -76.29
N LEU G 232 17.38 -47.21 -75.06
CA LEU G 232 17.33 -46.16 -74.04
C LEU G 232 18.71 -45.62 -73.70
N PHE G 233 19.69 -46.51 -73.55
CA PHE G 233 21.02 -46.07 -73.18
C PHE G 233 21.82 -45.52 -74.36
N ILE G 234 21.42 -45.83 -75.59
CA ILE G 234 21.99 -45.14 -76.74
C ILE G 234 21.49 -43.70 -76.77
N GLY G 235 20.20 -43.50 -76.48
CA GLY G 235 19.64 -42.16 -76.44
C GLY G 235 20.28 -41.28 -75.39
N TYR G 236 20.66 -41.87 -74.25
CA TYR G 236 21.41 -41.14 -73.23
C TYR G 236 22.84 -40.84 -73.67
N GLY G 237 23.31 -41.45 -74.74
CA GLY G 237 24.65 -41.18 -75.23
C GLY G 237 25.73 -42.08 -74.70
N TYR G 238 25.38 -43.23 -74.14
CA TYR G 238 26.36 -44.17 -73.60
C TYR G 238 26.49 -45.38 -74.51
N GLU G 239 27.68 -45.94 -74.54
CA GLU G 239 27.90 -47.20 -75.24
C GLU G 239 27.48 -48.35 -74.33
N PRO G 240 26.46 -49.12 -74.70
CA PRO G 240 25.95 -50.14 -73.78
C PRO G 240 26.73 -51.44 -73.87
N PHE G 241 27.10 -51.98 -72.71
CA PHE G 241 27.71 -53.30 -72.60
C PHE G 241 26.90 -54.12 -71.62
N PHE G 242 26.68 -55.39 -71.96
CA PHE G 242 25.81 -56.27 -71.19
C PHE G 242 26.59 -57.46 -70.65
N VAL G 243 26.50 -57.67 -69.34
CA VAL G 243 27.08 -58.84 -68.68
C VAL G 243 25.95 -59.54 -67.93
N GLU G 244 25.72 -60.80 -68.25
CA GLU G 244 24.59 -61.55 -67.70
C GLU G 244 25.08 -62.89 -67.16
N GLY G 245 24.18 -63.56 -66.45
CA GLY G 245 24.45 -64.90 -65.94
C GLY G 245 24.54 -64.92 -64.42
N ASN G 246 24.72 -66.14 -63.90
CA ASN G 246 24.86 -66.35 -62.48
C ASN G 246 25.94 -67.37 -62.13
N ASP G 247 26.78 -67.76 -63.08
CA ASP G 247 27.85 -68.71 -62.82
C ASP G 247 29.14 -67.94 -62.57
N PRO G 248 29.74 -68.05 -61.37
CA PRO G 248 30.96 -67.27 -61.09
C PRO G 248 32.10 -67.57 -62.04
N ALA G 249 32.27 -68.83 -62.47
CA ALA G 249 33.34 -69.16 -63.40
C ALA G 249 33.15 -68.43 -64.73
N ILE G 250 31.91 -68.39 -65.24
CA ILE G 250 31.64 -67.61 -66.44
C ILE G 250 31.71 -66.12 -66.14
N LEU G 251 31.15 -65.69 -65.02
CA LEU G 251 31.01 -64.27 -64.74
C LEU G 251 32.34 -63.58 -64.49
N HIS G 252 33.30 -64.29 -63.89
CA HIS G 252 34.61 -63.69 -63.65
C HIS G 252 35.30 -63.34 -64.97
N GLY G 253 35.26 -64.26 -65.94
CA GLY G 253 35.90 -64.00 -67.21
C GLY G 253 35.22 -62.91 -68.02
N VAL G 254 33.89 -62.92 -68.06
CA VAL G 254 33.15 -61.97 -68.88
C VAL G 254 33.25 -60.55 -68.31
N MET G 255 33.07 -60.42 -67.00
CA MET G 255 33.05 -59.09 -66.38
C MET G 255 34.43 -58.46 -66.38
N ALA G 256 35.48 -59.26 -66.19
CA ALA G 256 36.83 -58.73 -66.29
C ALA G 256 37.16 -58.32 -67.72
N SER G 257 36.66 -59.09 -68.70
CA SER G 257 36.86 -58.73 -70.10
C SER G 257 36.17 -57.43 -70.46
N THR G 258 34.93 -57.25 -69.99
CA THR G 258 34.18 -56.03 -70.30
C THR G 258 34.82 -54.81 -69.66
N LEU G 259 35.33 -54.95 -68.44
CA LEU G 259 36.01 -53.84 -67.78
C LEU G 259 37.26 -53.42 -68.55
N ALA G 260 38.05 -54.39 -69.01
CA ALA G 260 39.22 -54.07 -69.81
C ALA G 260 38.83 -53.45 -71.14
N THR G 261 37.72 -53.90 -71.72
CA THR G 261 37.24 -53.31 -72.97
C THR G 261 36.86 -51.85 -72.77
N CYS G 262 36.19 -51.53 -71.65
CA CYS G 262 35.70 -50.17 -71.44
C CYS G 262 36.83 -49.21 -71.10
N VAL G 263 37.78 -49.64 -70.26
CA VAL G 263 38.81 -48.71 -69.79
C VAL G 263 39.74 -48.29 -70.92
N GLN G 264 40.01 -49.19 -71.86
CA GLN G 264 40.83 -48.83 -73.01
C GLN G 264 40.13 -47.81 -73.90
N LYS G 265 38.81 -47.96 -74.07
CA LYS G 265 38.04 -46.93 -74.76
C LYS G 265 38.04 -45.63 -73.98
N ILE G 266 38.00 -45.71 -72.66
CA ILE G 266 38.10 -44.51 -71.83
C ILE G 266 39.46 -43.84 -72.01
N GLN G 267 40.53 -44.63 -72.04
CA GLN G 267 41.85 -44.07 -72.29
C GLN G 267 41.98 -43.59 -73.72
N ALA G 268 41.35 -44.29 -74.67
CA ALA G 268 41.37 -43.83 -76.06
C ALA G 268 40.63 -42.50 -76.21
N ILE G 269 39.49 -42.36 -75.53
CA ILE G 269 38.73 -41.13 -75.61
C ILE G 269 39.51 -39.97 -74.99
N GLN G 270 40.10 -40.20 -73.82
CA GLN G 270 40.87 -39.15 -73.16
C GLN G 270 42.10 -38.76 -73.98
N ALA G 271 42.80 -39.75 -74.54
CA ALA G 271 43.98 -39.45 -75.35
C ALA G 271 43.59 -38.70 -76.63
N ALA G 272 42.49 -39.11 -77.27
CA ALA G 272 42.04 -38.43 -78.48
C ALA G 272 41.62 -36.99 -78.19
N ALA G 273 40.97 -36.77 -77.05
CA ALA G 273 40.54 -35.42 -76.70
C ALA G 273 41.72 -34.51 -76.41
N ARG G 274 42.72 -35.02 -75.66
CA ARG G 274 43.88 -34.19 -75.34
C ARG G 274 44.75 -33.94 -76.57
N SER G 275 44.81 -34.91 -77.49
CA SER G 275 45.52 -34.68 -78.74
C SER G 275 44.78 -33.70 -79.65
N GLY G 276 43.47 -33.56 -79.48
CA GLY G 276 42.69 -32.65 -80.28
C GLY G 276 42.26 -33.17 -81.63
N GLU G 277 42.61 -34.42 -81.97
CA GLU G 277 42.27 -34.94 -83.29
C GLU G 277 40.79 -35.28 -83.38
N SER G 278 40.15 -35.63 -82.26
CA SER G 278 38.74 -36.01 -82.23
C SER G 278 38.03 -35.09 -81.25
N SER G 279 37.59 -33.93 -81.74
CA SER G 279 36.87 -32.96 -80.92
C SER G 279 35.37 -33.11 -81.14
N ASP G 280 34.83 -34.21 -80.60
CA ASP G 280 33.40 -34.48 -80.69
C ASP G 280 32.99 -35.29 -79.48
N ARG G 281 31.70 -35.28 -79.19
CA ARG G 281 31.17 -35.99 -78.04
C ARG G 281 31.13 -37.49 -78.33
N PRO G 282 31.87 -38.32 -77.56
CA PRO G 282 31.85 -39.75 -77.81
C PRO G 282 30.84 -40.49 -76.94
N MET G 283 30.37 -41.64 -77.41
CA MET G 283 29.48 -42.49 -76.61
C MET G 283 30.32 -43.18 -75.53
N TRP G 284 30.12 -42.77 -74.28
CA TRP G 284 30.90 -43.30 -73.19
C TRP G 284 30.52 -44.75 -72.90
N PRO G 285 31.48 -45.56 -72.44
CA PRO G 285 31.17 -46.95 -72.08
C PRO G 285 30.29 -47.03 -70.83
N MET G 286 29.50 -48.09 -70.77
CA MET G 286 28.59 -48.34 -69.66
C MET G 286 28.31 -49.83 -69.60
N ILE G 287 28.15 -50.34 -68.38
CA ILE G 287 28.06 -51.79 -68.13
C ILE G 287 26.71 -52.09 -67.49
N VAL G 288 26.06 -53.15 -67.98
CA VAL G 288 24.79 -53.62 -67.44
C VAL G 288 25.00 -55.01 -66.84
N LEU G 289 24.57 -55.18 -65.60
CA LEU G 289 24.72 -56.44 -64.88
C LEU G 289 23.34 -57.05 -64.63
N ARG G 290 23.15 -58.30 -65.07
CA ARG G 290 21.90 -59.02 -64.85
C ARG G 290 22.04 -60.09 -63.77
N THR G 291 23.03 -59.95 -62.88
CA THR G 291 23.23 -60.95 -61.84
C THR G 291 22.05 -60.94 -60.88
N PRO G 292 21.57 -62.11 -60.44
CA PRO G 292 20.43 -62.16 -59.52
C PRO G 292 20.77 -61.53 -58.18
N LYS G 293 19.75 -60.95 -57.54
CA LYS G 293 19.94 -60.29 -56.26
C LYS G 293 20.24 -61.33 -55.18
N GLY G 294 21.39 -61.18 -54.52
CA GLY G 294 21.80 -62.15 -53.52
C GLY G 294 22.06 -63.53 -54.11
N TRP G 295 22.74 -63.59 -55.26
CA TRP G 295 22.95 -64.86 -55.94
C TRP G 295 23.98 -65.74 -55.25
N THR G 296 24.68 -65.23 -54.23
CA THR G 296 25.59 -66.03 -53.44
C THR G 296 25.00 -66.47 -52.11
N GLY G 297 23.77 -66.06 -51.81
CA GLY G 297 23.14 -66.37 -50.54
C GLY G 297 22.24 -67.58 -50.62
N PRO G 298 21.40 -67.77 -49.61
CA PRO G 298 20.46 -68.88 -49.63
C PRO G 298 19.42 -68.74 -50.72
N ALA G 299 18.96 -69.88 -51.23
CA ALA G 299 18.01 -69.92 -52.33
C ALA G 299 16.56 -69.98 -51.84
N THR G 300 16.25 -70.97 -51.01
CA THR G 300 14.92 -71.14 -50.46
C THR G 300 15.04 -71.39 -48.96
N ILE G 301 14.20 -70.70 -48.19
CA ILE G 301 14.27 -70.79 -46.73
C ILE G 301 12.94 -71.22 -46.14
N LYS G 302 11.88 -70.47 -46.44
CA LYS G 302 10.56 -70.72 -45.89
C LYS G 302 9.57 -71.07 -47.00
N GLY G 303 9.98 -71.93 -47.92
CA GLY G 303 9.14 -72.29 -49.04
C GLY G 303 9.03 -71.25 -50.12
N HIS G 304 9.84 -70.20 -50.07
CA HIS G 304 9.84 -69.14 -51.06
C HIS G 304 11.25 -68.86 -51.51
N VAL G 305 11.37 -68.30 -52.72
CA VAL G 305 12.68 -68.03 -53.31
C VAL G 305 13.28 -66.81 -52.63
N VAL G 306 14.46 -66.98 -52.05
CA VAL G 306 15.18 -65.89 -51.37
C VAL G 306 16.40 -65.45 -52.14
N GLU G 307 16.69 -66.04 -53.29
CA GLU G 307 17.82 -65.66 -54.12
C GLU G 307 17.32 -65.16 -55.48
N GLY G 308 17.79 -64.00 -55.88
CA GLY G 308 17.36 -63.40 -57.14
C GLY G 308 15.90 -62.98 -57.14
N SER G 309 15.40 -62.50 -56.01
CA SER G 309 14.02 -62.04 -55.92
C SER G 309 13.99 -60.86 -54.94
N TRP G 310 12.80 -60.26 -54.80
CA TRP G 310 12.65 -59.14 -53.89
C TRP G 310 12.81 -59.55 -52.43
N ARG G 311 12.67 -60.83 -52.12
CA ARG G 311 12.89 -61.31 -50.76
C ARG G 311 14.36 -61.27 -50.37
N SER G 312 15.28 -61.14 -51.33
CA SER G 312 16.70 -61.11 -51.04
C SER G 312 17.15 -59.77 -50.46
N HIS G 313 16.28 -58.76 -50.43
CA HIS G 313 16.68 -57.42 -49.98
C HIS G 313 16.58 -57.35 -48.46
N GLN G 314 17.73 -57.29 -47.80
CA GLN G 314 17.90 -56.88 -46.40
C GLN G 314 17.39 -57.91 -45.40
N VAL G 315 16.65 -58.91 -45.84
CA VAL G 315 16.16 -59.96 -44.97
C VAL G 315 16.32 -61.30 -45.68
N PRO G 316 17.43 -61.98 -45.51
CA PRO G 316 17.51 -63.38 -45.93
C PRO G 316 16.54 -64.24 -45.13
N MET G 317 16.66 -64.20 -43.80
CA MET G 317 15.71 -64.84 -42.91
C MET G 317 15.24 -63.83 -41.88
N ALA G 318 13.94 -63.87 -41.57
CA ALA G 318 13.37 -62.89 -40.66
C ALA G 318 13.83 -63.12 -39.22
N ASP G 319 13.78 -64.37 -38.76
CA ASP G 319 14.07 -64.70 -37.37
C ASP G 319 15.19 -65.74 -37.32
N VAL G 320 16.16 -65.52 -36.44
CA VAL G 320 17.27 -66.45 -36.22
C VAL G 320 17.28 -66.95 -34.78
N LEU G 321 17.14 -66.05 -33.82
CA LEU G 321 17.13 -66.44 -32.42
C LEU G 321 15.92 -67.30 -32.08
N THR G 322 14.75 -66.97 -32.63
CA THR G 322 13.53 -67.71 -32.33
C THR G 322 13.57 -69.12 -32.93
N ASN G 323 13.99 -69.23 -34.18
CA ASN G 323 13.97 -70.51 -34.89
C ASN G 323 15.38 -71.06 -35.02
N PRO G 324 15.72 -72.16 -34.34
CA PRO G 324 17.06 -72.75 -34.52
C PRO G 324 17.29 -73.31 -35.91
N GLU G 325 16.22 -73.64 -36.66
CA GLU G 325 16.40 -74.13 -38.01
C GLU G 325 17.04 -73.07 -38.91
N HIS G 326 16.58 -71.82 -38.79
CA HIS G 326 17.20 -70.74 -39.57
C HIS G 326 18.63 -70.49 -39.13
N LEU G 327 18.92 -70.64 -37.84
CA LEU G 327 20.30 -70.50 -37.36
C LEU G 327 21.20 -71.57 -37.97
N GLN G 328 20.67 -72.79 -38.11
CA GLN G 328 21.43 -73.84 -38.79
C GLN G 328 21.62 -73.50 -40.26
N LEU G 329 20.58 -72.97 -40.92
CA LEU G 329 20.73 -72.52 -42.29
C LEU G 329 21.71 -71.35 -42.39
N LEU G 330 21.68 -70.47 -41.38
CA LEU G 330 22.65 -69.38 -41.33
C LEU G 330 24.07 -69.90 -41.20
N GLU G 331 24.27 -70.91 -40.35
CA GLU G 331 25.59 -71.49 -40.19
C GLU G 331 26.06 -72.16 -41.46
N ASP G 332 25.16 -72.85 -42.17
CA ASP G 332 25.51 -73.45 -43.44
C ASP G 332 25.83 -72.39 -44.48
N TRP G 333 25.13 -71.25 -44.42
CA TRP G 333 25.44 -70.13 -45.31
C TRP G 333 26.84 -69.60 -45.05
N LEU G 334 27.22 -69.48 -43.79
CA LEU G 334 28.56 -69.02 -43.44
C LEU G 334 29.62 -70.03 -43.87
N ARG G 335 29.33 -71.32 -43.73
CA ARG G 335 30.28 -72.36 -44.13
C ARG G 335 30.44 -72.42 -45.65
N SER G 336 29.48 -71.91 -46.41
CA SER G 336 29.54 -72.03 -47.87
C SER G 336 30.69 -71.24 -48.47
N TYR G 337 31.19 -70.22 -47.78
CA TYR G 337 32.34 -69.47 -48.26
C TYR G 337 33.66 -70.12 -47.93
N ARG G 338 33.66 -71.18 -47.12
CA ARG G 338 34.85 -71.84 -46.61
C ARG G 338 35.80 -70.83 -45.97
N PRO G 339 35.44 -70.27 -44.82
CA PRO G 339 36.27 -69.22 -44.22
C PRO G 339 37.61 -69.72 -43.68
N GLU G 340 37.77 -71.03 -43.52
CA GLU G 340 38.98 -71.56 -42.91
C GLU G 340 40.21 -71.28 -43.79
N GLU G 341 40.06 -71.42 -45.11
CA GLU G 341 41.18 -71.17 -46.00
C GLU G 341 41.45 -69.69 -46.20
N LEU G 342 40.43 -68.85 -46.03
CA LEU G 342 40.58 -67.42 -46.29
C LEU G 342 41.34 -66.69 -45.20
N PHE G 343 41.30 -67.18 -43.97
CA PHE G 343 41.94 -66.52 -42.84
C PHE G 343 42.89 -67.47 -42.14
N ASP G 344 43.92 -66.89 -41.52
CA ASP G 344 44.90 -67.66 -40.78
C ASP G 344 44.42 -67.85 -39.34
N ALA G 345 45.31 -68.36 -38.48
CA ALA G 345 44.97 -68.53 -37.07
C ALA G 345 44.78 -67.18 -36.38
N SER G 346 45.61 -66.19 -36.74
CA SER G 346 45.52 -64.88 -36.10
C SER G 346 44.27 -64.12 -36.52
N GLY G 347 43.65 -64.49 -37.65
CA GLY G 347 42.47 -63.80 -38.14
C GLY G 347 42.74 -62.85 -39.29
N ALA G 348 44.00 -62.56 -39.60
CA ALA G 348 44.33 -61.73 -40.74
C ALA G 348 44.06 -62.48 -42.04
N PRO G 349 43.82 -61.75 -43.13
CA PRO G 349 43.70 -62.41 -44.43
C PRO G 349 45.01 -63.09 -44.82
N VAL G 350 44.88 -64.19 -45.57
CA VAL G 350 46.03 -64.99 -45.96
C VAL G 350 46.89 -64.24 -46.97
N ALA G 351 48.09 -64.75 -47.22
CA ALA G 351 49.03 -64.07 -48.12
C ALA G 351 48.52 -63.99 -49.54
N GLU G 352 47.61 -64.89 -49.94
CA GLU G 352 47.00 -64.79 -51.27
C GLU G 352 46.17 -63.52 -51.39
N LEU G 353 45.41 -63.18 -50.34
CA LEU G 353 44.59 -61.98 -50.38
C LEU G 353 45.45 -60.73 -50.24
N GLN G 354 46.53 -60.80 -49.47
CA GLN G 354 47.38 -59.62 -49.26
C GLN G 354 48.07 -59.20 -50.55
N ALA G 355 48.53 -60.17 -51.34
CA ALA G 355 49.25 -59.84 -52.56
C ALA G 355 48.36 -59.13 -53.58
N ILE G 356 47.11 -59.58 -53.72
CA ILE G 356 46.22 -59.01 -54.72
C ILE G 356 45.59 -57.70 -54.29
N ALA G 357 45.82 -57.27 -53.05
CA ALA G 357 45.29 -55.99 -52.61
C ALA G 357 46.13 -54.83 -53.14
N PRO G 358 45.51 -53.69 -53.44
CA PRO G 358 46.27 -52.52 -53.85
C PRO G 358 47.19 -52.04 -52.74
N ILE G 359 48.31 -51.45 -53.12
CA ILE G 359 49.38 -51.08 -52.19
C ILE G 359 49.46 -49.56 -52.12
N GLY G 360 49.48 -49.04 -50.89
CA GLY G 360 49.70 -47.62 -50.70
C GLY G 360 48.46 -46.79 -51.00
N ASP G 361 48.71 -45.60 -51.54
CA ASP G 361 47.64 -44.62 -51.80
C ASP G 361 46.72 -45.02 -52.95
N ARG G 362 47.10 -46.03 -53.74
CA ARG G 362 46.27 -46.45 -54.86
C ARG G 362 45.00 -47.15 -54.42
N ARG G 363 44.86 -47.49 -53.14
CA ARG G 363 43.65 -48.12 -52.66
C ARG G 363 42.46 -47.18 -52.79
N MET G 364 41.34 -47.71 -53.30
CA MET G 364 40.17 -46.89 -53.55
C MET G 364 39.58 -46.35 -52.25
N SER G 365 39.60 -47.15 -51.19
CA SER G 365 39.13 -46.70 -49.89
C SER G 365 40.07 -45.70 -49.24
N ALA G 366 41.31 -45.60 -49.72
CA ALA G 366 42.30 -44.67 -49.17
C ALA G 366 42.66 -43.55 -50.14
N ASN G 367 41.87 -43.34 -51.18
CA ASN G 367 42.17 -42.30 -52.16
C ASN G 367 41.98 -40.93 -51.52
N PRO G 368 42.92 -40.00 -51.69
CA PRO G 368 42.75 -38.66 -51.09
C PRO G 368 41.60 -37.87 -51.67
N VAL G 369 41.10 -38.23 -52.85
CA VAL G 369 39.99 -37.51 -53.45
C VAL G 369 38.73 -37.65 -52.59
N THR G 370 38.50 -38.84 -52.02
CA THR G 370 37.34 -39.05 -51.18
C THR G 370 37.37 -38.16 -49.95
N ASN G 371 38.52 -38.03 -49.31
CA ASN G 371 38.70 -37.08 -48.21
C ASN G 371 39.28 -35.82 -48.81
N GLY G 372 38.42 -35.08 -49.50
CA GLY G 372 38.87 -33.97 -50.34
C GLY G 372 39.42 -32.79 -49.57
N GLY G 373 39.18 -32.72 -48.26
CA GLY G 373 39.72 -31.63 -47.47
C GLY G 373 41.24 -31.61 -47.45
N LEU G 374 41.87 -32.77 -47.61
CA LEU G 374 43.32 -32.81 -47.72
C LEU G 374 43.80 -32.14 -49.00
N LEU G 375 43.04 -32.28 -50.08
CA LEU G 375 43.40 -31.71 -51.37
C LEU G 375 42.91 -30.28 -51.55
N ARG G 376 42.20 -29.73 -50.56
CA ARG G 376 41.63 -28.40 -50.72
C ARG G 376 42.70 -27.33 -50.56
N ARG G 377 42.74 -26.39 -51.50
CA ARG G 377 43.62 -25.23 -51.43
C ARG G 377 42.75 -23.98 -51.32
N ALA G 378 43.21 -23.03 -50.52
CA ALA G 378 42.43 -21.81 -50.30
C ALA G 378 42.30 -21.02 -51.59
N LEU G 379 41.10 -20.51 -51.83
CA LEU G 379 40.81 -19.78 -53.06
C LEU G 379 41.53 -18.44 -53.07
N THR G 380 42.07 -18.07 -54.22
CA THR G 380 42.73 -16.78 -54.39
C THR G 380 41.65 -15.75 -54.72
N LEU G 381 41.32 -14.90 -53.75
CA LEU G 381 40.23 -13.95 -53.89
C LEU G 381 40.76 -12.57 -54.17
N PRO G 382 40.47 -11.99 -55.33
CA PRO G 382 40.79 -10.59 -55.56
C PRO G 382 39.95 -9.69 -54.66
N ASP G 383 40.48 -8.52 -54.36
CA ASP G 383 39.78 -7.58 -53.50
C ASP G 383 38.49 -7.12 -54.17
N PHE G 384 37.38 -7.28 -53.45
CA PHE G 384 36.08 -6.94 -54.04
C PHE G 384 35.85 -5.44 -54.11
N ARG G 385 36.63 -4.65 -53.38
CA ARG G 385 36.47 -3.20 -53.41
C ARG G 385 36.77 -2.61 -54.78
N ASP G 386 37.50 -3.33 -55.63
CA ASP G 386 37.72 -2.88 -57.00
C ASP G 386 36.43 -2.87 -57.80
N GLN G 387 35.60 -3.90 -57.62
CA GLN G 387 34.37 -4.03 -58.39
C GLN G 387 33.16 -3.41 -57.69
N ALA G 388 33.33 -2.88 -56.48
CA ALA G 388 32.22 -2.30 -55.77
C ALA G 388 31.78 -0.99 -56.40
N VAL G 389 30.48 -0.73 -56.40
CA VAL G 389 29.97 0.53 -56.93
C VAL G 389 30.29 1.66 -55.96
N SER G 390 30.27 2.88 -56.49
CA SER G 390 30.57 4.06 -55.71
C SER G 390 29.27 4.69 -55.25
N VAL G 391 29.15 4.92 -53.95
CA VAL G 391 27.95 5.50 -53.36
C VAL G 391 28.31 6.82 -52.71
N PRO G 392 28.06 7.95 -53.35
CA PRO G 392 28.34 9.24 -52.73
C PRO G 392 27.38 9.54 -51.58
N ALA G 393 26.08 9.32 -51.82
CA ALA G 393 25.06 9.51 -50.82
C ALA G 393 24.26 8.23 -50.67
N PRO G 394 24.13 7.69 -49.46
CA PRO G 394 23.41 6.43 -49.28
C PRO G 394 21.91 6.61 -49.49
N GLY G 395 21.32 5.70 -50.26
CA GLY G 395 19.90 5.72 -50.52
C GLY G 395 19.45 6.65 -51.62
N LYS G 396 20.38 7.29 -52.33
CA LYS G 396 20.02 8.20 -53.40
C LYS G 396 20.53 7.78 -54.77
N SER G 397 21.48 6.86 -54.85
CA SER G 397 22.04 6.42 -56.12
C SER G 397 21.47 5.04 -56.45
N ARG G 398 20.96 4.90 -57.66
CA ARG G 398 20.29 3.68 -58.09
C ARG G 398 21.16 2.94 -59.09
N ALA G 399 21.46 1.68 -58.79
CA ALA G 399 22.25 0.84 -59.67
C ALA G 399 21.89 -0.62 -59.43
N ASP G 400 21.94 -1.40 -60.50
CA ASP G 400 21.62 -2.83 -60.40
C ASP G 400 22.69 -3.55 -59.59
N SER G 401 22.26 -4.47 -58.73
CA SER G 401 23.15 -5.14 -57.81
C SER G 401 23.78 -6.41 -58.37
N THR G 402 23.28 -6.91 -59.51
CA THR G 402 23.82 -8.14 -60.06
C THR G 402 25.14 -7.93 -60.78
N ARG G 403 25.32 -6.79 -61.45
CA ARG G 403 26.53 -6.55 -62.22
C ARG G 403 27.81 -6.54 -61.37
N PRO G 404 27.87 -5.90 -60.19
CA PRO G 404 29.11 -6.03 -59.39
C PRO G 404 29.44 -7.45 -58.99
N LEU G 405 28.42 -8.27 -58.73
CA LEU G 405 28.69 -9.67 -58.37
C LEU G 405 29.21 -10.45 -59.57
N GLY G 406 28.68 -10.18 -60.76
CA GLY G 406 29.16 -10.86 -61.95
C GLY G 406 30.61 -10.55 -62.25
N GLN G 407 31.01 -9.29 -62.10
CA GLN G 407 32.40 -8.93 -62.31
C GLN G 407 33.30 -9.60 -61.29
N PHE G 408 32.88 -9.64 -60.03
CA PHE G 408 33.68 -10.28 -58.99
C PHE G 408 33.82 -11.77 -59.25
N LEU G 409 32.74 -12.41 -59.71
CA LEU G 409 32.83 -13.83 -60.05
C LEU G 409 33.73 -14.07 -61.24
N ARG G 410 33.75 -13.14 -62.20
CA ARG G 410 34.66 -13.26 -63.34
C ARG G 410 36.11 -13.21 -62.89
N GLU G 411 36.44 -12.30 -61.96
CA GLU G 411 37.82 -12.18 -61.49
C GLU G 411 38.27 -13.43 -60.76
N VAL G 412 37.37 -14.05 -60.00
CA VAL G 412 37.71 -15.28 -59.29
C VAL G 412 37.99 -16.40 -60.29
N ILE G 413 37.25 -16.43 -61.39
CA ILE G 413 37.44 -17.49 -62.40
C ILE G 413 38.82 -17.40 -63.02
N ARG G 414 39.27 -16.19 -63.38
CA ARG G 414 40.60 -16.04 -63.97
C ARG G 414 41.70 -16.37 -62.97
N HIS G 415 41.56 -15.93 -61.73
CA HIS G 415 42.58 -16.19 -60.73
C HIS G 415 42.56 -17.64 -60.25
N ASN G 416 41.44 -18.34 -60.41
CA ASN G 416 41.31 -19.74 -60.02
C ASN G 416 40.74 -20.51 -61.21
N PRO G 417 41.57 -20.77 -62.22
CA PRO G 417 41.04 -21.36 -63.45
C PRO G 417 40.65 -22.83 -63.34
N ASP G 418 41.11 -23.53 -62.31
CA ASP G 418 40.89 -24.97 -62.19
C ASP G 418 39.92 -25.34 -61.07
N ASN G 419 40.13 -24.84 -59.86
CA ASN G 419 39.37 -25.28 -58.70
C ASN G 419 38.17 -24.37 -58.41
N PHE G 420 37.56 -23.80 -59.44
CA PHE G 420 36.36 -22.99 -59.26
C PHE G 420 35.44 -23.15 -60.45
N ARG G 421 34.15 -23.26 -60.19
CA ARG G 421 33.13 -23.40 -61.23
C ARG G 421 31.86 -22.71 -60.78
N LEU G 422 31.02 -22.36 -61.76
CA LEU G 422 29.77 -21.68 -61.52
C LEU G 422 28.62 -22.50 -62.11
N PHE G 423 27.52 -22.58 -61.38
CA PHE G 423 26.38 -23.40 -61.76
C PHE G 423 25.12 -22.56 -61.82
N GLY G 424 24.36 -22.71 -62.90
CA GLY G 424 23.12 -21.99 -63.06
C GLY G 424 22.16 -22.69 -64.01
N PRO G 425 20.88 -22.76 -63.62
CA PRO G 425 19.86 -23.43 -64.46
C PRO G 425 19.28 -22.50 -65.53
N ASP G 426 20.13 -22.13 -66.48
CA ASP G 426 19.76 -21.22 -67.58
C ASP G 426 19.26 -19.87 -67.06
N GLU G 427 19.77 -19.44 -65.91
CA GLU G 427 19.41 -18.16 -65.34
C GLU G 427 20.62 -17.25 -65.14
N THR G 428 21.82 -17.70 -65.51
CA THR G 428 22.99 -16.83 -65.44
C THR G 428 22.83 -15.62 -66.35
N ALA G 429 22.33 -15.83 -67.57
CA ALA G 429 21.98 -14.71 -68.42
C ALA G 429 20.76 -13.97 -67.89
N SER G 430 19.79 -14.70 -67.34
CA SER G 430 18.59 -14.07 -66.80
C SER G 430 18.90 -13.20 -65.60
N ASN G 431 19.77 -13.68 -64.69
CA ASN G 431 20.15 -12.92 -63.50
C ASN G 431 21.11 -11.80 -63.79
N ARG G 432 21.32 -11.44 -65.05
CA ARG G 432 22.21 -10.34 -65.44
C ARG G 432 23.63 -10.58 -64.96
N LEU G 433 24.06 -11.84 -65.00
CA LEU G 433 25.43 -12.23 -64.64
C LEU G 433 26.30 -12.43 -65.87
N ASP G 434 26.08 -11.63 -66.92
CA ASP G 434 26.82 -11.79 -68.17
C ASP G 434 28.25 -11.29 -68.08
N ALA G 435 28.66 -10.72 -66.94
CA ALA G 435 30.03 -10.25 -66.79
C ALA G 435 31.03 -11.41 -66.83
N VAL G 436 30.63 -12.59 -66.35
CA VAL G 436 31.51 -13.75 -66.42
C VAL G 436 31.62 -14.28 -67.84
N TYR G 437 30.68 -13.92 -68.72
CA TYR G 437 30.74 -14.36 -70.11
C TYR G 437 31.85 -13.68 -70.89
N GLU G 438 32.48 -12.65 -70.34
CA GLU G 438 33.53 -11.93 -71.05
C GLU G 438 34.77 -12.80 -71.26
N VAL G 439 35.17 -13.55 -70.25
CA VAL G 439 36.40 -14.32 -70.30
C VAL G 439 36.16 -15.80 -70.54
N THR G 440 35.07 -16.35 -70.00
CA THR G 440 34.75 -17.76 -70.14
C THR G 440 33.28 -17.92 -70.53
N SER G 441 32.99 -19.02 -71.23
CA SER G 441 31.65 -19.31 -71.71
C SER G 441 31.16 -20.62 -71.12
N LYS G 442 29.87 -20.88 -71.31
CA LYS G 442 29.28 -22.11 -70.82
C LYS G 442 29.75 -23.30 -71.66
N VAL G 443 29.85 -24.46 -71.01
CA VAL G 443 30.29 -25.68 -71.67
C VAL G 443 29.07 -26.44 -72.19
N TRP G 444 29.08 -26.78 -73.46
CA TRP G 444 27.99 -27.50 -74.08
C TRP G 444 28.41 -28.84 -74.67
N LEU G 445 29.49 -28.86 -75.46
CA LEU G 445 30.01 -30.06 -76.11
C LEU G 445 28.93 -30.76 -76.94
N GLY G 446 28.39 -30.02 -77.89
CA GLY G 446 27.38 -30.53 -78.81
C GLY G 446 27.51 -29.82 -80.14
N ASP G 447 26.61 -30.17 -81.05
CA ASP G 447 26.57 -29.49 -82.34
C ASP G 447 26.21 -28.02 -82.16
N ARG G 448 26.82 -27.17 -82.96
CA ARG G 448 26.65 -25.73 -82.83
C ARG G 448 26.35 -25.12 -84.19
N ILE G 449 25.61 -24.03 -84.18
CA ILE G 449 25.24 -23.32 -85.40
C ILE G 449 25.73 -21.89 -85.26
N PRO G 450 25.96 -21.19 -86.37
CA PRO G 450 26.39 -19.78 -86.27
C PRO G 450 25.40 -18.88 -85.55
N GLU G 451 24.12 -19.25 -85.54
CA GLU G 451 23.14 -18.49 -84.75
C GLU G 451 23.45 -18.59 -83.26
N ASP G 452 23.90 -19.76 -82.80
CA ASP G 452 24.28 -19.92 -81.40
C ASP G 452 25.52 -19.10 -81.07
N GLU G 453 26.45 -18.97 -82.01
CA GLU G 453 27.70 -18.27 -81.75
C GLU G 453 27.45 -16.79 -81.44
N ASP G 454 26.57 -16.14 -82.19
CA ASP G 454 26.30 -14.73 -81.95
C ASP G 454 25.47 -14.51 -80.69
N GLY G 455 24.51 -15.39 -80.42
CA GLY G 455 23.62 -15.23 -79.29
C GLY G 455 24.14 -15.78 -77.99
N GLY G 456 24.47 -17.06 -77.96
CA GLY G 456 24.89 -17.72 -76.75
C GLY G 456 26.39 -17.88 -76.62
N HIS G 457 26.87 -17.92 -75.39
CA HIS G 457 28.29 -18.12 -75.11
C HIS G 457 28.51 -19.60 -74.82
N LEU G 458 28.83 -20.36 -75.87
CA LEU G 458 29.00 -21.80 -75.79
C LEU G 458 30.33 -22.20 -76.38
N SER G 459 31.04 -23.08 -75.66
CA SER G 459 32.32 -23.59 -76.13
C SER G 459 32.61 -24.90 -75.41
N ASP G 460 33.55 -25.67 -75.98
CA ASP G 460 33.95 -26.92 -75.35
C ASP G 460 34.61 -26.67 -74.00
N ARG G 461 35.45 -25.65 -73.90
CA ARG G 461 36.11 -25.29 -72.66
C ARG G 461 35.32 -24.21 -71.95
N GLY G 462 34.98 -24.45 -70.69
CA GLY G 462 34.20 -23.49 -69.94
C GLY G 462 34.22 -23.81 -68.47
N ARG G 463 33.80 -22.83 -67.67
CA ARG G 463 33.72 -22.98 -66.22
C ARG G 463 32.31 -22.80 -65.69
N VAL G 464 31.31 -22.69 -66.57
CA VAL G 464 29.92 -22.48 -66.17
C VAL G 464 29.08 -23.60 -66.77
N MET G 465 28.31 -24.28 -65.91
CA MET G 465 27.43 -25.36 -66.33
C MET G 465 26.00 -24.87 -66.36
N GLU G 466 25.22 -25.34 -67.34
CA GLU G 466 23.87 -24.85 -67.57
C GLU G 466 22.95 -26.03 -67.89
N ILE G 467 22.03 -26.32 -66.97
CA ILE G 467 21.06 -27.39 -67.17
C ILE G 467 19.84 -27.07 -66.31
N LEU G 468 18.65 -27.30 -66.87
CA LEU G 468 17.42 -26.91 -66.17
C LEU G 468 17.17 -27.77 -64.93
N SER G 469 17.50 -29.06 -64.98
CA SER G 469 17.27 -29.93 -63.84
C SER G 469 18.20 -29.54 -62.70
N GLU G 470 17.63 -28.94 -61.65
CA GLU G 470 18.44 -28.58 -60.49
C GLU G 470 18.90 -29.80 -59.72
N HIS G 471 18.26 -30.96 -59.91
CA HIS G 471 18.67 -32.17 -59.21
C HIS G 471 20.09 -32.57 -59.62
N THR G 472 20.33 -32.68 -60.93
CA THR G 472 21.67 -33.00 -61.38
C THR G 472 22.61 -31.81 -61.28
N LEU G 473 22.07 -30.59 -61.39
CA LEU G 473 22.91 -29.41 -61.31
C LEU G 473 23.46 -29.21 -59.91
N GLU G 474 22.62 -29.40 -58.89
CA GLU G 474 23.10 -29.28 -57.52
C GLU G 474 23.92 -30.50 -57.11
N GLY G 475 23.63 -31.66 -57.68
CA GLY G 475 24.42 -32.84 -57.38
C GLY G 475 25.86 -32.72 -57.85
N TRP G 476 26.07 -32.00 -58.96
CA TRP G 476 27.44 -31.76 -59.43
C TRP G 476 28.22 -30.95 -58.41
N LEU G 477 27.59 -29.94 -57.81
CA LEU G 477 28.30 -29.05 -56.91
C LEU G 477 28.67 -29.74 -55.60
N GLU G 478 27.79 -30.59 -55.07
CA GLU G 478 28.04 -31.23 -53.79
C GLU G 478 29.27 -32.11 -53.85
N ALA G 479 29.40 -32.90 -54.92
CA ALA G 479 30.59 -33.72 -55.08
C ALA G 479 31.82 -32.85 -55.35
N TYR G 480 31.63 -31.73 -56.04
CA TYR G 480 32.76 -30.84 -56.34
C TYR G 480 33.36 -30.28 -55.06
N LEU G 481 32.52 -29.96 -54.07
CA LEU G 481 33.03 -29.45 -52.80
C LEU G 481 33.66 -30.56 -51.97
N LEU G 482 33.04 -31.73 -51.95
CA LEU G 482 33.60 -32.86 -51.20
C LEU G 482 34.90 -33.36 -51.81
N THR G 483 35.13 -33.08 -53.10
CA THR G 483 36.39 -33.41 -53.73
C THR G 483 37.51 -32.50 -53.28
N GLY G 484 37.19 -31.31 -52.76
CA GLY G 484 38.16 -30.35 -52.31
C GLY G 484 38.20 -29.06 -53.08
N ARG G 485 37.33 -28.88 -54.07
CA ARG G 485 37.32 -27.70 -54.91
C ARG G 485 36.31 -26.70 -54.35
N HIS G 486 36.09 -25.61 -55.10
CA HIS G 486 35.18 -24.56 -54.69
C HIS G 486 34.18 -24.29 -55.82
N GLY G 487 32.98 -23.85 -55.44
CA GLY G 487 31.94 -23.59 -56.42
C GLY G 487 30.96 -22.55 -55.93
N PHE G 488 30.04 -22.19 -56.82
CA PHE G 488 29.02 -21.18 -56.52
C PHE G 488 27.76 -21.51 -57.31
N PHE G 489 26.62 -21.46 -56.64
CA PHE G 489 25.34 -21.84 -57.24
C PHE G 489 24.42 -20.64 -57.27
N ALA G 490 23.86 -20.33 -58.44
CA ALA G 490 22.96 -19.22 -58.62
C ALA G 490 21.69 -19.69 -59.30
N THR G 491 20.54 -19.38 -58.72
CA THR G 491 19.26 -19.82 -59.26
C THR G 491 18.16 -18.88 -58.76
N TYR G 492 16.95 -19.10 -59.27
CA TYR G 492 15.80 -18.39 -58.75
C TYR G 492 15.40 -18.92 -57.38
N GLU G 493 14.73 -18.08 -56.60
CA GLU G 493 14.20 -18.51 -55.31
C GLU G 493 12.95 -19.36 -55.47
N ALA G 494 12.22 -19.18 -56.57
CA ALA G 494 10.95 -19.88 -56.76
C ALA G 494 11.15 -21.39 -56.89
N PHE G 495 12.25 -21.82 -57.53
CA PHE G 495 12.51 -23.23 -57.74
C PHE G 495 13.51 -23.79 -56.73
N ALA G 496 13.56 -23.20 -55.54
CA ALA G 496 14.46 -23.72 -54.51
C ALA G 496 13.89 -24.91 -53.78
N HIS G 497 12.59 -25.17 -53.90
CA HIS G 497 12.01 -26.38 -53.33
C HIS G 497 12.46 -27.63 -54.07
N VAL G 498 12.99 -27.48 -55.29
CA VAL G 498 13.45 -28.64 -56.04
C VAL G 498 14.65 -29.29 -55.37
N ILE G 499 15.56 -28.49 -54.83
CA ILE G 499 16.79 -28.99 -54.23
C ILE G 499 16.61 -29.15 -52.73
N ASP G 500 15.36 -29.17 -52.27
CA ASP G 500 15.09 -29.27 -50.84
C ASP G 500 15.62 -30.58 -50.27
N SER G 501 15.39 -31.69 -50.96
CA SER G 501 15.86 -32.98 -50.47
C SER G 501 17.38 -33.05 -50.52
N MET G 502 18.00 -32.48 -51.56
CA MET G 502 19.44 -32.59 -51.72
C MET G 502 20.19 -31.79 -50.66
N VAL G 503 19.65 -30.62 -50.29
CA VAL G 503 20.32 -29.77 -49.31
C VAL G 503 20.34 -30.46 -47.95
N ASN G 504 19.23 -31.10 -47.56
CA ASN G 504 19.20 -31.82 -46.29
C ASN G 504 20.19 -32.96 -46.27
N GLN G 505 20.39 -33.62 -47.42
CA GLN G 505 21.40 -34.67 -47.50
C GLN G 505 22.80 -34.12 -47.29
N HIS G 506 23.11 -32.98 -47.90
CA HIS G 506 24.45 -32.42 -47.79
C HIS G 506 24.70 -31.89 -46.37
N ALA G 507 23.70 -31.24 -45.78
CA ALA G 507 23.87 -30.75 -44.42
C ALA G 507 24.01 -31.89 -43.42
N LYS G 508 23.37 -33.03 -43.70
CA LYS G 508 23.59 -34.22 -42.89
C LYS G 508 25.04 -34.66 -42.97
N TRP G 509 25.62 -34.63 -44.16
CA TRP G 509 27.01 -35.05 -44.34
C TRP G 509 27.96 -34.14 -43.59
N LEU G 510 27.75 -32.83 -43.67
CA LEU G 510 28.69 -31.89 -43.04
C LEU G 510 28.63 -31.95 -41.53
N ASP G 511 27.42 -32.11 -40.97
CA ASP G 511 27.27 -32.12 -39.52
C ASP G 511 27.96 -33.33 -38.90
N VAL G 512 27.82 -34.50 -39.52
CA VAL G 512 28.49 -35.69 -39.04
C VAL G 512 30.00 -35.57 -39.22
N SER G 513 30.43 -35.05 -40.38
CA SER G 513 31.85 -34.94 -40.67
C SER G 513 32.53 -33.97 -39.71
N LYS G 514 31.85 -32.91 -39.33
CA LYS G 514 32.45 -31.91 -38.45
C LYS G 514 32.61 -32.44 -37.03
N ARG G 515 31.57 -33.06 -36.49
CA ARG G 515 31.55 -33.46 -35.08
C ARG G 515 31.97 -34.91 -34.86
N GLU G 516 31.23 -35.85 -35.45
CA GLU G 516 31.42 -37.27 -35.12
C GLU G 516 32.75 -37.79 -35.67
N VAL G 517 33.05 -37.52 -36.92
CA VAL G 517 34.24 -38.05 -37.56
C VAL G 517 35.39 -37.08 -37.33
N ASP G 518 36.54 -37.62 -36.96
CA ASP G 518 37.71 -36.80 -36.65
C ASP G 518 38.75 -36.80 -37.76
N TRP G 519 38.81 -37.85 -38.58
CA TRP G 519 39.79 -37.89 -39.66
C TRP G 519 39.31 -37.18 -40.92
N ARG G 520 38.04 -36.77 -40.97
CA ARG G 520 37.56 -36.02 -42.12
C ARG G 520 38.11 -34.60 -42.09
N ALA G 521 38.71 -34.20 -43.17
CA ALA G 521 39.20 -32.83 -43.19
C ALA G 521 38.10 -31.90 -43.71
N PRO G 522 38.09 -30.65 -43.24
CA PRO G 522 37.06 -29.71 -43.70
C PRO G 522 37.14 -29.47 -45.20
N VAL G 523 35.97 -29.32 -45.82
CA VAL G 523 35.86 -29.10 -47.26
C VAL G 523 35.35 -27.69 -47.47
N SER G 524 35.20 -27.28 -48.73
CA SER G 524 34.70 -25.94 -49.01
C SER G 524 33.22 -25.84 -48.69
N SER G 525 32.74 -24.61 -48.58
CA SER G 525 31.35 -24.38 -48.21
C SER G 525 30.43 -24.46 -49.43
N LEU G 526 29.15 -24.65 -49.16
CA LEU G 526 28.13 -24.70 -50.19
C LEU G 526 27.46 -23.34 -50.29
N ASN G 527 27.67 -22.66 -51.42
CA ASN G 527 27.19 -21.30 -51.62
C ASN G 527 26.07 -21.32 -52.66
N ILE G 528 24.87 -20.97 -52.23
CA ILE G 528 23.69 -20.93 -53.08
C ILE G 528 23.21 -19.48 -53.15
N LEU G 529 23.07 -18.96 -54.36
CA LEU G 529 22.55 -17.63 -54.59
C LEU G 529 21.13 -17.73 -55.12
N LEU G 530 20.20 -17.10 -54.44
CA LEU G 530 18.79 -17.09 -54.82
C LEU G 530 18.44 -15.72 -55.37
N SER G 531 17.99 -15.67 -56.62
CA SER G 531 17.63 -14.43 -57.27
C SER G 531 16.14 -14.41 -57.56
N SER G 532 15.67 -13.25 -58.02
CA SER G 532 14.28 -13.02 -58.42
C SER G 532 13.32 -13.42 -57.29
N THR G 533 13.41 -12.65 -56.20
CA THR G 533 12.59 -12.90 -55.04
C THR G 533 11.10 -12.79 -55.36
N VAL G 534 10.28 -13.24 -54.42
CA VAL G 534 8.85 -13.33 -54.63
C VAL G 534 8.18 -11.97 -54.77
N TRP G 535 8.85 -10.89 -54.33
CA TRP G 535 8.21 -9.59 -54.30
C TRP G 535 8.15 -8.93 -55.67
N ARG G 536 9.17 -9.12 -56.50
CA ARG G 536 9.21 -8.45 -57.79
C ARG G 536 8.27 -9.08 -58.81
N GLN G 537 8.05 -10.40 -58.71
CA GLN G 537 7.15 -11.15 -59.60
C GLN G 537 7.59 -11.00 -61.06
N ASP G 538 8.76 -11.56 -61.34
CA ASP G 538 9.31 -11.55 -62.69
C ASP G 538 8.44 -12.37 -63.64
N HIS G 539 8.71 -12.22 -64.94
CA HIS G 539 7.94 -12.94 -65.94
C HIS G 539 8.11 -14.45 -65.80
N ASN G 540 9.32 -14.92 -65.54
CA ASN G 540 9.57 -16.33 -65.39
C ASN G 540 9.08 -16.84 -64.03
N GLY G 541 8.85 -18.14 -63.96
CA GLY G 541 8.38 -18.77 -62.75
C GLY G 541 6.88 -18.65 -62.57
N PHE G 542 6.34 -19.55 -61.75
CA PHE G 542 4.93 -19.52 -61.43
C PHE G 542 4.59 -18.27 -60.62
N SER G 543 3.35 -17.78 -60.77
CA SER G 543 2.97 -16.53 -60.15
C SER G 543 2.94 -16.63 -58.63
N HIS G 544 2.73 -17.82 -58.09
CA HIS G 544 2.68 -18.01 -56.64
C HIS G 544 4.03 -18.54 -56.13
N GLN G 545 5.03 -17.67 -56.18
CA GLN G 545 6.33 -18.01 -55.65
C GLN G 545 6.27 -18.14 -54.14
N ASP G 546 7.15 -18.99 -53.59
CA ASP G 546 7.13 -19.32 -52.17
C ASP G 546 8.52 -19.10 -51.60
N PRO G 547 8.66 -18.27 -50.56
CA PRO G 547 9.98 -18.10 -49.94
C PRO G 547 10.25 -19.13 -48.86
N GLY G 548 9.49 -20.22 -48.88
CA GLY G 548 9.57 -21.23 -47.84
C GLY G 548 10.89 -21.99 -47.77
N PHE G 549 11.74 -21.86 -48.79
CA PHE G 549 13.04 -22.52 -48.74
C PHE G 549 13.90 -21.99 -47.60
N ILE G 550 13.72 -20.72 -47.25
CA ILE G 550 14.47 -20.14 -46.14
C ILE G 550 14.09 -20.83 -44.84
N ASP G 551 12.82 -21.20 -44.69
CA ASP G 551 12.36 -21.79 -43.44
C ASP G 551 12.93 -23.19 -43.23
N LEU G 552 12.93 -24.02 -44.27
CA LEU G 552 13.41 -25.39 -44.10
C LEU G 552 14.91 -25.43 -43.84
N VAL G 553 15.65 -24.46 -44.36
CA VAL G 553 17.07 -24.38 -44.05
C VAL G 553 17.28 -24.07 -42.58
N THR G 554 16.46 -23.18 -42.02
CA THR G 554 16.55 -22.86 -40.60
C THR G 554 16.17 -24.03 -39.71
N ASN G 555 15.41 -25.00 -40.23
CA ASN G 555 15.10 -26.19 -39.43
C ASN G 555 16.36 -26.97 -39.11
N LYS G 556 17.33 -26.95 -40.01
CA LYS G 556 18.63 -27.55 -39.72
C LYS G 556 19.40 -26.66 -38.76
N SER G 557 20.43 -27.23 -38.16
CA SER G 557 21.17 -26.55 -37.11
C SER G 557 21.89 -25.31 -37.64
N ALA G 558 21.99 -24.30 -36.78
CA ALA G 558 22.71 -23.08 -37.11
C ALA G 558 24.21 -23.30 -37.26
N ARG G 559 24.72 -24.44 -36.82
CA ARG G 559 26.14 -24.75 -36.94
C ARG G 559 26.52 -25.29 -38.31
N VAL G 560 25.54 -25.50 -39.19
CA VAL G 560 25.84 -25.99 -40.53
C VAL G 560 25.26 -25.13 -41.64
N THR G 561 24.28 -24.27 -41.36
CA THR G 561 23.67 -23.43 -42.38
C THR G 561 23.76 -21.97 -41.98
N ARG G 562 24.02 -21.11 -42.96
CA ARG G 562 24.04 -19.67 -42.77
C ARG G 562 23.23 -19.03 -43.88
N ILE G 563 22.38 -18.07 -43.52
CA ILE G 563 21.50 -17.40 -44.46
C ILE G 563 21.80 -15.91 -44.44
N TYR G 564 22.07 -15.35 -45.60
CA TYR G 564 22.46 -13.95 -45.74
C TYR G 564 21.50 -13.25 -46.69
N LEU G 565 21.02 -12.08 -46.28
CA LEU G 565 20.09 -11.27 -47.06
C LEU G 565 20.71 -9.89 -47.24
N PRO G 566 21.63 -9.74 -48.18
CA PRO G 566 22.28 -8.45 -48.39
C PRO G 566 21.33 -7.45 -49.03
N PRO G 567 21.30 -6.21 -48.54
CA PRO G 567 20.38 -5.23 -49.12
C PRO G 567 20.82 -4.69 -50.46
N ASP G 568 22.10 -4.37 -50.64
CA ASP G 568 22.53 -3.74 -51.88
C ASP G 568 23.71 -4.44 -52.52
N ALA G 569 24.30 -3.83 -53.55
CA ALA G 569 25.36 -4.47 -54.31
C ALA G 569 26.63 -4.61 -53.49
N ASN G 570 27.03 -3.56 -52.76
CA ASN G 570 28.24 -3.62 -51.98
C ASN G 570 28.14 -4.64 -50.86
N CYS G 571 26.97 -4.70 -50.20
CA CYS G 571 26.78 -5.72 -49.17
C CYS G 571 26.70 -7.11 -49.77
N LEU G 572 26.26 -7.22 -51.03
CA LEU G 572 26.27 -8.51 -51.71
C LEU G 572 27.68 -8.99 -51.98
N LEU G 573 28.57 -8.08 -52.38
CA LEU G 573 29.96 -8.48 -52.65
C LEU G 573 30.66 -8.93 -51.38
N SER G 574 30.44 -8.22 -50.26
CA SER G 574 31.08 -8.60 -49.01
C SER G 574 30.60 -9.97 -48.55
N VAL G 575 29.31 -10.26 -48.72
CA VAL G 575 28.78 -11.58 -48.38
C VAL G 575 29.40 -12.64 -49.27
N ALA G 576 29.47 -12.38 -50.58
CA ALA G 576 30.05 -13.35 -51.49
C ALA G 576 31.53 -13.54 -51.23
N ASP G 577 32.24 -12.46 -50.92
CA ASP G 577 33.65 -12.57 -50.60
C ASP G 577 33.87 -13.38 -49.31
N HIS G 578 33.07 -13.10 -48.28
CA HIS G 578 33.24 -13.78 -47.01
C HIS G 578 32.86 -15.26 -47.12
N CYS G 579 31.81 -15.57 -47.87
CA CYS G 579 31.33 -16.95 -47.92
C CYS G 579 32.26 -17.84 -48.73
N LEU G 580 33.02 -17.27 -49.67
CA LEU G 580 33.99 -18.07 -50.41
C LEU G 580 35.18 -18.49 -49.56
N ARG G 581 35.34 -17.93 -48.36
CA ARG G 581 36.39 -18.34 -47.45
C ARG G 581 35.93 -19.39 -46.45
N SER G 582 34.64 -19.46 -46.14
CA SER G 582 34.13 -20.38 -45.15
C SER G 582 34.24 -21.82 -45.65
N THR G 583 34.27 -22.77 -44.70
CA THR G 583 34.54 -24.16 -45.02
C THR G 583 33.36 -25.08 -44.78
N ASP G 584 32.85 -25.18 -43.55
CA ASP G 584 31.93 -26.25 -43.19
C ASP G 584 30.51 -25.73 -43.00
N TYR G 585 30.05 -24.86 -43.89
CA TYR G 585 28.72 -24.28 -43.80
C TYR G 585 28.02 -24.38 -45.14
N ILE G 586 26.70 -24.27 -45.10
CA ILE G 586 25.87 -24.11 -46.29
C ILE G 586 25.41 -22.66 -46.29
N ASN G 587 25.84 -21.89 -47.28
CA ASN G 587 25.57 -20.47 -47.35
C ASN G 587 24.46 -20.22 -48.36
N VAL G 588 23.36 -19.65 -47.89
CA VAL G 588 22.22 -19.30 -48.73
C VAL G 588 22.14 -17.79 -48.80
N ILE G 589 22.30 -17.24 -50.00
CA ILE G 589 22.32 -15.80 -50.22
C ILE G 589 21.14 -15.46 -51.12
N VAL G 590 20.30 -14.54 -50.67
CA VAL G 590 19.11 -14.14 -51.40
C VAL G 590 19.25 -12.69 -51.80
N ALA G 591 19.33 -12.45 -53.11
CA ALA G 591 19.42 -11.12 -53.68
C ALA G 591 18.36 -10.97 -54.76
N ASP G 592 18.21 -9.77 -55.28
CA ASP G 592 17.19 -9.48 -56.28
C ASP G 592 17.85 -8.90 -57.54
N LYS G 593 17.35 -9.34 -58.69
CA LYS G 593 17.91 -8.91 -59.96
C LYS G 593 17.60 -7.44 -60.25
N GLN G 594 16.41 -6.99 -59.86
CA GLN G 594 15.92 -5.68 -60.29
C GLN G 594 16.78 -4.55 -59.73
N SER G 595 16.89 -3.48 -60.52
CA SER G 595 17.70 -2.34 -60.12
C SER G 595 17.12 -1.68 -58.88
N HIS G 596 17.97 -1.44 -57.89
CA HIS G 596 17.54 -0.95 -56.58
C HIS G 596 18.42 0.20 -56.16
N LEU G 597 18.12 0.74 -54.99
CA LEU G 597 18.97 1.77 -54.38
C LEU G 597 20.27 1.14 -53.87
N GLN G 598 21.21 2.00 -53.51
CA GLN G 598 22.44 1.59 -52.86
C GLN G 598 22.53 2.31 -51.53
N TYR G 599 22.79 1.53 -50.46
CA TYR G 599 22.79 2.09 -49.12
C TYR G 599 24.15 2.06 -48.44
N LEU G 600 25.08 1.23 -48.90
CA LEU G 600 26.35 1.07 -48.21
C LEU G 600 27.50 1.29 -49.18
N ASP G 601 28.53 1.97 -48.70
CA ASP G 601 29.77 2.10 -49.45
C ASP G 601 30.57 0.80 -49.37
N ALA G 602 31.64 0.75 -50.16
CA ALA G 602 32.48 -0.45 -50.17
C ALA G 602 33.08 -0.73 -48.80
N GLU G 603 33.56 0.31 -48.12
CA GLU G 603 34.12 0.12 -46.79
C GLU G 603 33.04 -0.14 -45.75
N ALA G 604 31.91 0.56 -45.86
CA ALA G 604 30.84 0.40 -44.88
C ALA G 604 30.16 -0.97 -45.02
N ALA G 605 30.13 -1.52 -46.23
CA ALA G 605 29.58 -2.86 -46.40
C ALA G 605 30.41 -3.91 -45.68
N ALA G 606 31.73 -3.76 -45.71
CA ALA G 606 32.61 -4.69 -45.02
C ALA G 606 32.39 -4.67 -43.52
N ARG G 607 32.22 -3.47 -42.95
CA ARG G 607 31.92 -3.38 -41.52
C ARG G 607 30.54 -3.95 -41.22
N HIS G 608 29.59 -3.76 -42.12
CA HIS G 608 28.24 -4.28 -41.90
C HIS G 608 28.22 -5.79 -41.89
N CYS G 609 28.88 -6.42 -42.88
CA CYS G 609 28.90 -7.88 -42.93
C CYS G 609 29.78 -8.47 -41.84
N ALA G 610 30.72 -7.72 -41.30
CA ALA G 610 31.51 -8.20 -40.17
C ALA G 610 30.63 -8.40 -38.95
N LYS G 611 29.80 -7.41 -38.62
CA LYS G 611 28.85 -7.56 -37.53
C LYS G 611 27.65 -8.42 -37.91
N GLY G 612 27.25 -8.38 -39.17
CA GLY G 612 26.07 -9.07 -39.65
C GLY G 612 24.79 -8.31 -39.43
N ILE G 613 24.66 -7.66 -38.28
CA ILE G 613 23.51 -6.83 -37.95
C ILE G 613 24.04 -5.53 -37.35
N GLY G 614 23.55 -4.41 -37.84
CA GLY G 614 24.03 -3.13 -37.35
C GLY G 614 23.06 -2.01 -37.61
N ILE G 615 23.18 -0.96 -36.81
CA ILE G 615 22.36 0.23 -36.94
C ILE G 615 22.88 1.04 -38.13
N TRP G 616 21.96 1.50 -38.97
CA TRP G 616 22.29 2.43 -40.03
C TRP G 616 22.15 3.84 -39.49
N ASP G 617 23.28 4.56 -39.40
CA ASP G 617 23.29 5.85 -38.73
C ASP G 617 22.58 6.92 -39.56
N TRP G 618 22.76 6.89 -40.88
CA TRP G 618 22.11 7.89 -41.72
C TRP G 618 20.60 7.71 -41.74
N ALA G 619 20.13 6.46 -41.73
CA ALA G 619 18.69 6.22 -41.70
C ALA G 619 18.11 6.49 -40.32
N SER G 620 18.90 6.31 -39.27
CA SER G 620 18.40 6.53 -37.92
C SER G 620 18.08 7.99 -37.70
N ASN G 621 16.97 8.24 -37.00
CA ASN G 621 16.52 9.62 -36.81
C ASN G 621 17.37 10.33 -35.76
N ASP G 622 17.36 9.83 -34.53
CA ASP G 622 17.99 10.54 -33.43
C ASP G 622 19.01 9.64 -32.74
N GLN G 623 20.21 10.18 -32.53
CA GLN G 623 21.26 9.54 -31.77
C GLN G 623 21.47 10.32 -30.48
N GLY G 624 21.94 9.63 -29.45
CA GLY G 624 22.06 10.23 -28.14
C GLY G 624 20.78 10.29 -27.36
N ALA G 625 19.69 9.73 -27.88
CA ALA G 625 18.42 9.68 -27.18
C ALA G 625 17.82 8.29 -27.39
N SER G 626 16.94 7.91 -26.47
CA SER G 626 16.29 6.62 -26.58
C SER G 626 15.28 6.65 -27.72
N PRO G 627 15.38 5.75 -28.70
CA PRO G 627 14.44 5.77 -29.82
C PRO G 627 13.04 5.41 -29.37
N ASP G 628 12.05 6.00 -30.05
CA ASP G 628 10.67 5.67 -29.76
C ASP G 628 10.26 4.33 -30.37
N VAL G 629 10.86 3.97 -31.51
CA VAL G 629 10.54 2.72 -32.18
C VAL G 629 11.78 2.26 -32.94
N VAL G 630 11.94 0.95 -33.05
CA VAL G 630 13.05 0.36 -33.81
C VAL G 630 12.46 -0.27 -35.05
N ILE G 631 12.88 0.20 -36.21
CA ILE G 631 12.42 -0.33 -37.48
C ILE G 631 13.53 -1.20 -38.05
N ALA G 632 13.25 -2.48 -38.23
CA ALA G 632 14.23 -3.43 -38.71
C ALA G 632 13.78 -4.03 -40.02
N SER G 633 14.72 -4.22 -40.94
CA SER G 633 14.45 -4.85 -42.22
C SER G 633 15.51 -5.90 -42.47
N CYS G 634 15.12 -6.96 -43.17
CA CYS G 634 16.02 -8.08 -43.41
C CYS G 634 16.38 -8.23 -44.88
N GLY G 635 15.39 -8.29 -45.77
CA GLY G 635 15.64 -8.46 -47.19
C GLY G 635 16.17 -7.20 -47.84
N ASP G 636 15.94 -7.09 -49.15
CA ASP G 636 16.33 -5.93 -49.92
C ASP G 636 15.15 -5.14 -50.46
N VAL G 637 14.12 -5.82 -50.95
CA VAL G 637 12.90 -5.13 -51.36
C VAL G 637 12.20 -4.54 -50.14
N VAL G 638 12.10 -5.31 -49.07
CA VAL G 638 11.47 -4.82 -47.85
C VAL G 638 12.32 -3.76 -47.16
N THR G 639 13.62 -3.73 -47.44
CA THR G 639 14.46 -2.66 -46.91
C THR G 639 14.07 -1.31 -47.52
N LEU G 640 13.78 -1.30 -48.82
CA LEU G 640 13.32 -0.07 -49.46
C LEU G 640 12.01 0.40 -48.87
N GLU G 641 11.09 -0.52 -48.62
CA GLU G 641 9.83 -0.15 -48.00
C GLU G 641 10.04 0.32 -46.56
N ALA G 642 10.96 -0.31 -45.84
CA ALA G 642 11.25 0.10 -44.48
C ALA G 642 11.86 1.50 -44.45
N LEU G 643 12.74 1.80 -45.41
CA LEU G 643 13.29 3.15 -45.49
C LEU G 643 12.23 4.16 -45.89
N ALA G 644 11.38 3.81 -46.85
CA ALA G 644 10.31 4.72 -47.26
C ALA G 644 9.31 4.94 -46.14
N ALA G 645 9.08 3.93 -45.32
CA ALA G 645 8.23 4.10 -44.14
C ALA G 645 8.88 5.05 -43.15
N THR G 646 10.21 5.00 -43.02
CA THR G 646 10.91 5.91 -42.13
C THR G 646 10.82 7.35 -42.65
N ALA G 647 10.86 7.53 -43.96
CA ALA G 647 10.78 8.87 -44.53
C ALA G 647 9.42 9.50 -44.28
N LEU G 648 8.34 8.72 -44.38
CA LEU G 648 7.01 9.26 -44.11
C LEU G 648 6.87 9.66 -42.66
N LEU G 649 7.34 8.82 -41.73
CA LEU G 649 7.17 9.10 -40.32
C LEU G 649 8.00 10.32 -39.89
N ARG G 650 9.23 10.43 -40.41
CA ARG G 650 10.04 11.59 -40.07
C ARG G 650 9.48 12.86 -40.70
N GLU G 651 8.77 12.73 -41.82
CA GLU G 651 8.16 13.90 -42.44
C GLU G 651 6.96 14.38 -41.63
N HIS G 652 6.10 13.45 -41.18
CA HIS G 652 4.87 13.82 -40.50
C HIS G 652 5.04 13.97 -38.99
N PHE G 653 6.04 13.33 -38.39
CA PHE G 653 6.30 13.42 -36.97
C PHE G 653 7.74 13.84 -36.77
N PRO G 654 8.03 15.15 -36.79
CA PRO G 654 9.41 15.60 -36.59
C PRO G 654 10.00 15.22 -35.25
N ASP G 655 9.17 15.13 -34.20
CA ASP G 655 9.65 14.79 -32.88
C ASP G 655 9.91 13.30 -32.70
N LEU G 656 9.42 12.46 -33.61
CA LEU G 656 9.59 11.01 -33.47
C LEU G 656 11.04 10.62 -33.66
N LYS G 657 11.52 9.72 -32.81
CA LYS G 657 12.89 9.24 -32.86
C LYS G 657 12.88 7.78 -33.29
N ILE G 658 13.48 7.50 -34.45
CA ILE G 658 13.43 6.19 -35.08
C ILE G 658 14.84 5.66 -35.23
N ARG G 659 15.09 4.45 -34.74
CA ARG G 659 16.34 3.76 -34.95
C ARG G 659 16.15 2.71 -36.03
N PHE G 660 16.99 2.75 -37.06
CA PHE G 660 16.90 1.82 -38.17
C PHE G 660 17.99 0.78 -38.04
N VAL G 661 17.59 -0.49 -38.04
CA VAL G 661 18.51 -1.62 -37.91
C VAL G 661 18.33 -2.51 -39.13
N ASN G 662 19.43 -2.89 -39.75
CA ASN G 662 19.40 -3.81 -40.88
C ASN G 662 20.15 -5.08 -40.52
N VAL G 663 19.54 -6.23 -40.81
CA VAL G 663 20.10 -7.53 -40.48
C VAL G 663 20.45 -8.24 -41.78
N VAL G 664 21.69 -8.72 -41.88
CA VAL G 664 22.13 -9.50 -43.02
C VAL G 664 22.25 -10.97 -42.68
N ASP G 665 22.93 -11.29 -41.58
CA ASP G 665 23.06 -12.66 -41.11
C ASP G 665 21.85 -12.97 -40.24
N LEU G 666 21.00 -13.89 -40.72
CA LEU G 666 19.75 -14.18 -40.02
C LEU G 666 20.02 -14.80 -38.66
N PHE G 667 20.98 -15.72 -38.57
CA PHE G 667 21.17 -16.48 -37.34
C PHE G 667 21.80 -15.68 -36.22
N ARG G 668 22.18 -14.43 -36.46
CA ARG G 668 22.62 -13.58 -35.37
C ARG G 668 21.50 -13.32 -34.37
N LEU G 669 20.24 -13.47 -34.78
CA LEU G 669 19.13 -13.24 -33.87
C LEU G 669 19.05 -14.32 -32.79
N GLN G 670 19.54 -15.52 -33.07
CA GLN G 670 19.50 -16.59 -32.09
C GLN G 670 20.37 -16.23 -30.89
N PRO G 671 19.97 -16.60 -29.68
CA PRO G 671 20.75 -16.23 -28.50
C PRO G 671 22.09 -16.93 -28.46
N ASP G 672 22.98 -16.38 -27.63
CA ASP G 672 24.33 -16.90 -27.53
C ASP G 672 24.34 -18.32 -26.98
N THR G 673 23.33 -18.69 -26.18
CA THR G 673 23.24 -20.05 -25.66
C THR G 673 23.02 -21.06 -26.79
N GLU G 674 22.15 -20.72 -27.74
CA GLU G 674 21.88 -21.63 -28.85
C GLU G 674 23.11 -21.84 -29.72
N HIS G 675 23.87 -20.77 -29.98
CA HIS G 675 25.07 -20.90 -30.78
C HIS G 675 26.01 -19.77 -30.43
N PRO G 676 27.33 -20.00 -30.40
CA PRO G 676 28.27 -18.90 -30.15
C PRO G 676 28.24 -17.82 -31.21
N HIS G 677 27.80 -18.14 -32.43
CA HIS G 677 27.73 -17.15 -33.49
C HIS G 677 26.66 -16.10 -33.23
N GLY G 678 25.58 -16.48 -32.54
CA GLY G 678 24.51 -15.54 -32.28
C GLY G 678 24.91 -14.44 -31.34
N LEU G 679 24.14 -13.34 -31.39
CA LEU G 679 24.42 -12.20 -30.54
C LEU G 679 24.14 -12.51 -29.08
N SER G 680 24.92 -11.92 -28.20
CA SER G 680 24.68 -12.05 -26.78
C SER G 680 23.45 -11.25 -26.38
N ASP G 681 22.98 -11.48 -25.16
CA ASP G 681 21.80 -10.77 -24.68
C ASP G 681 22.06 -9.27 -24.56
N ARG G 682 23.25 -8.90 -24.09
CA ARG G 682 23.59 -7.48 -24.00
C ARG G 682 23.73 -6.86 -25.38
N ASP G 683 24.33 -7.58 -26.33
CA ASP G 683 24.46 -7.06 -27.68
C ASP G 683 23.10 -6.89 -28.34
N PHE G 684 22.22 -7.88 -28.16
CA PHE G 684 20.88 -7.78 -28.74
C PHE G 684 20.09 -6.63 -28.11
N ASP G 685 20.24 -6.44 -26.80
CA ASP G 685 19.52 -5.35 -26.14
C ASP G 685 20.06 -3.99 -26.56
N SER G 686 21.32 -3.92 -26.97
CA SER G 686 21.84 -2.65 -27.48
C SER G 686 21.25 -2.33 -28.84
N LEU G 687 21.21 -3.30 -29.75
CA LEU G 687 20.62 -3.10 -31.06
C LEU G 687 19.13 -2.81 -30.93
N PHE G 688 18.36 -3.78 -30.44
CA PHE G 688 16.94 -3.64 -30.21
C PHE G 688 16.72 -3.35 -28.73
N THR G 689 16.09 -2.22 -28.43
CA THR G 689 15.91 -1.80 -27.05
C THR G 689 15.05 -2.79 -26.29
N VAL G 690 15.27 -2.86 -24.97
CA VAL G 690 14.58 -3.84 -24.14
C VAL G 690 13.09 -3.57 -24.01
N ASP G 691 12.63 -2.36 -24.30
CA ASP G 691 11.24 -2.00 -24.05
C ASP G 691 10.51 -1.40 -25.25
N LYS G 692 11.21 -0.69 -26.13
CA LYS G 692 10.53 -0.04 -27.24
C LYS G 692 10.10 -1.08 -28.28
N PRO G 693 8.98 -0.85 -28.96
CA PRO G 693 8.51 -1.81 -29.96
C PRO G 693 9.45 -1.92 -31.14
N ILE G 694 9.49 -3.12 -31.72
CA ILE G 694 10.33 -3.41 -32.87
C ILE G 694 9.42 -3.77 -34.03
N ILE G 695 9.53 -3.01 -35.12
CA ILE G 695 8.72 -3.24 -36.31
C ILE G 695 9.63 -3.91 -37.33
N PHE G 696 9.62 -5.24 -37.34
CA PHE G 696 10.49 -6.01 -38.20
C PHE G 696 9.82 -6.22 -39.56
N ASN G 697 10.56 -5.98 -40.63
CA ASN G 697 10.05 -6.13 -41.98
C ASN G 697 10.91 -7.18 -42.68
N PHE G 698 10.41 -8.42 -42.70
CA PHE G 698 11.21 -9.58 -43.06
C PHE G 698 10.81 -10.10 -44.43
N HIS G 699 11.81 -10.34 -45.28
CA HIS G 699 11.59 -11.04 -46.54
C HIS G 699 11.36 -12.52 -46.24
N GLY G 700 10.21 -13.03 -46.63
CA GLY G 700 9.86 -14.41 -46.31
C GLY G 700 8.78 -14.48 -45.26
N TYR G 701 8.59 -15.70 -44.75
CA TYR G 701 7.48 -15.95 -43.83
C TYR G 701 7.73 -15.24 -42.50
N PRO G 702 6.76 -14.47 -42.00
CA PRO G 702 7.04 -13.61 -40.84
C PRO G 702 7.30 -14.37 -39.57
N TRP G 703 6.89 -15.63 -39.49
CA TRP G 703 7.06 -16.40 -38.26
CA TRP G 703 7.06 -16.37 -38.24
C TRP G 703 8.50 -16.85 -38.04
N LEU G 704 9.31 -16.90 -39.10
CA LEU G 704 10.68 -17.35 -38.94
C LEU G 704 11.47 -16.47 -37.99
N ILE G 705 11.17 -15.18 -37.95
CA ILE G 705 11.83 -14.28 -37.03
C ILE G 705 11.48 -14.61 -35.59
N HIS G 706 10.22 -15.01 -35.35
CA HIS G 706 9.82 -15.37 -34.00
C HIS G 706 10.48 -16.65 -33.52
N LYS G 707 10.77 -17.58 -34.44
CA LYS G 707 11.46 -18.81 -34.06
C LYS G 707 12.86 -18.49 -33.55
N LEU G 708 13.58 -17.63 -34.26
CA LEU G 708 14.96 -17.32 -33.89
C LEU G 708 15.02 -16.50 -32.61
N ALA G 709 14.20 -15.47 -32.52
CA ALA G 709 14.26 -14.53 -31.40
C ALA G 709 13.25 -14.86 -30.31
N TYR G 710 12.94 -16.12 -30.10
CA TYR G 710 11.95 -16.49 -29.09
C TYR G 710 12.50 -16.33 -27.68
N ARG G 711 13.74 -16.77 -27.46
CA ARG G 711 14.31 -16.75 -26.12
C ARG G 711 14.72 -15.35 -25.67
N ARG G 712 14.68 -14.37 -26.56
CA ARG G 712 15.07 -13.02 -26.21
C ARG G 712 14.10 -12.42 -25.18
N HIS G 713 14.61 -11.49 -24.38
CA HIS G 713 13.77 -10.84 -23.39
C HIS G 713 12.69 -9.99 -24.04
N ASN G 714 13.04 -9.30 -25.14
CA ASN G 714 12.11 -8.39 -25.80
C ASN G 714 11.36 -9.07 -26.95
N HIS G 715 11.14 -10.38 -26.87
CA HIS G 715 10.43 -11.07 -27.94
C HIS G 715 8.97 -10.62 -28.02
N ASN G 716 8.35 -10.36 -26.87
CA ASN G 716 6.94 -9.98 -26.86
C ASN G 716 6.70 -8.62 -27.53
N ASN G 717 7.71 -7.79 -27.64
CA ASN G 717 7.59 -6.50 -28.31
C ASN G 717 8.03 -6.56 -29.76
N LEU G 718 8.33 -7.75 -30.27
CA LEU G 718 8.78 -7.90 -31.65
C LEU G 718 7.59 -8.12 -32.55
N HIS G 719 7.46 -7.29 -33.58
CA HIS G 719 6.38 -7.38 -34.54
CA HIS G 719 6.38 -7.38 -34.54
C HIS G 719 6.97 -7.58 -35.93
N VAL G 720 6.58 -8.65 -36.58
CA VAL G 720 7.13 -9.02 -37.89
C VAL G 720 6.05 -8.90 -38.94
N ARG G 721 6.36 -8.19 -40.02
CA ARG G 721 5.55 -8.18 -41.23
C ARG G 721 6.32 -8.87 -42.32
N GLY G 722 5.68 -9.77 -43.04
CA GLY G 722 6.37 -10.52 -44.05
C GLY G 722 5.42 -11.13 -45.04
N TYR G 723 5.94 -12.06 -45.83
CA TYR G 723 5.16 -12.70 -46.88
C TYR G 723 4.05 -13.54 -46.27
N LYS G 724 2.81 -13.28 -46.70
CA LYS G 724 1.67 -14.09 -46.30
C LYS G 724 1.04 -14.83 -47.46
N GLU G 725 0.62 -14.10 -48.50
CA GLU G 725 0.04 -14.71 -49.68
C GLU G 725 0.21 -13.77 -50.85
N VAL G 726 0.07 -14.31 -52.06
CA VAL G 726 0.29 -13.57 -53.28
C VAL G 726 -0.95 -13.68 -54.17
N GLY G 727 -1.32 -12.57 -54.79
CA GLY G 727 -2.42 -12.59 -55.74
C GLY G 727 -1.98 -13.21 -57.06
N ASN G 728 -2.95 -13.29 -57.98
CA ASN G 728 -2.66 -13.89 -59.28
C ASN G 728 -1.63 -13.08 -60.05
N ILE G 729 -1.86 -11.77 -60.18
CA ILE G 729 -0.88 -10.86 -60.77
C ILE G 729 -1.04 -9.51 -60.10
N ASN G 730 0.09 -8.94 -59.67
CA ASN G 730 0.09 -7.68 -58.94
C ASN G 730 1.31 -6.87 -59.34
N THR G 731 1.19 -5.55 -59.15
CA THR G 731 2.34 -4.68 -59.28
C THR G 731 3.25 -4.87 -58.06
N PRO G 732 4.53 -4.49 -58.18
CA PRO G 732 5.42 -4.60 -57.00
C PRO G 732 4.93 -3.83 -55.79
N LEU G 733 4.29 -2.68 -55.99
CA LEU G 733 3.76 -1.93 -54.86
C LEU G 733 2.49 -2.59 -54.32
N GLU G 734 1.63 -3.08 -55.21
CA GLU G 734 0.37 -3.67 -54.78
C GLU G 734 0.60 -4.98 -54.02
N LEU G 735 1.62 -5.74 -54.43
CA LEU G 735 1.93 -6.98 -53.73
C LEU G 735 2.36 -6.71 -52.29
N ALA G 736 3.13 -5.63 -52.08
CA ALA G 736 3.50 -5.26 -50.73
C ALA G 736 2.29 -4.85 -49.90
N ILE G 737 1.28 -4.25 -50.53
CA ILE G 737 0.07 -3.87 -49.82
C ILE G 737 -0.68 -5.10 -49.34
N ARG G 738 -0.76 -6.14 -50.18
CA ARG G 738 -1.46 -7.35 -49.80
C ARG G 738 -0.81 -8.02 -48.59
N ASN G 739 0.51 -8.06 -48.55
CA ASN G 739 1.24 -8.63 -47.44
C ASN G 739 1.51 -7.64 -46.32
N GLN G 740 1.08 -6.39 -46.49
CA GLN G 740 1.20 -5.34 -45.48
C GLN G 740 2.65 -5.04 -45.11
N VAL G 741 3.58 -5.26 -46.06
CA VAL G 741 4.96 -4.84 -45.90
C VAL G 741 5.24 -3.54 -46.64
N ASP G 742 4.21 -2.87 -47.14
CA ASP G 742 4.38 -1.63 -47.87
C ASP G 742 4.79 -0.51 -46.93
N ARG G 743 5.28 0.58 -47.52
CA ARG G 743 5.72 1.72 -46.73
C ARG G 743 4.57 2.32 -45.94
N PHE G 744 3.37 2.32 -46.52
CA PHE G 744 2.22 2.89 -45.83
C PHE G 744 1.74 1.96 -44.71
N ASN G 745 1.67 0.66 -45.00
CA ASN G 745 1.25 -0.29 -43.97
C ASN G 745 2.24 -0.34 -42.82
N LEU G 746 3.53 -0.29 -43.14
CA LEU G 746 4.55 -0.28 -42.09
C LEU G 746 4.47 0.99 -41.25
N ALA G 747 4.21 2.13 -41.90
CA ALA G 747 4.05 3.38 -41.17
C ALA G 747 2.83 3.33 -40.25
N ILE G 748 1.75 2.69 -40.71
CA ILE G 748 0.57 2.53 -39.88
C ILE G 748 0.88 1.70 -38.64
N ASP G 749 1.65 0.62 -38.80
CA ASP G 749 1.97 -0.24 -37.68
C ASP G 749 2.81 0.49 -36.63
N VAL G 750 3.68 1.40 -37.07
CA VAL G 750 4.45 2.20 -36.11
C VAL G 750 3.53 3.08 -35.30
N ILE G 751 2.52 3.67 -35.94
CA ILE G 751 1.59 4.56 -35.26
C ILE G 751 0.82 3.79 -34.18
N ASP G 752 0.38 2.58 -34.50
CA ASP G 752 -0.35 1.78 -33.51
C ASP G 752 0.54 1.38 -32.35
N ARG G 753 1.78 0.99 -32.62
CA ARG G 753 2.64 0.43 -31.58
C ARG G 753 3.21 1.50 -30.66
N VAL G 754 3.54 2.67 -31.20
CA VAL G 754 4.12 3.72 -30.34
C VAL G 754 3.03 4.28 -29.43
N PRO G 755 3.26 4.30 -28.11
CA PRO G 755 2.18 4.70 -27.19
C PRO G 755 1.70 6.13 -27.36
N HIS G 756 2.59 7.06 -27.70
CA HIS G 756 2.21 8.47 -27.77
C HIS G 756 1.82 8.91 -29.18
N LEU G 757 1.68 7.97 -30.11
CA LEU G 757 1.19 8.29 -31.44
C LEU G 757 -0.20 7.73 -31.73
N ARG G 758 -0.77 6.94 -30.81
CA ARG G 758 -2.09 6.37 -31.06
C ARG G 758 -3.17 7.43 -31.09
N ASP G 759 -2.95 8.56 -30.41
CA ASP G 759 -3.87 9.68 -30.42
C ASP G 759 -3.43 10.80 -31.35
N ARG G 760 -2.14 11.15 -31.34
CA ARG G 760 -1.66 12.22 -32.19
C ARG G 760 -1.65 11.82 -33.66
N GLY G 761 -1.40 10.55 -33.96
CA GLY G 761 -1.25 10.09 -35.32
C GLY G 761 -2.52 9.64 -35.99
N ALA G 762 -3.69 9.93 -35.42
CA ALA G 762 -4.95 9.51 -36.03
C ALA G 762 -5.16 10.17 -37.38
N HIS G 763 -4.84 11.47 -37.50
CA HIS G 763 -4.97 12.14 -38.78
C HIS G 763 -4.00 11.57 -39.80
N VAL G 764 -2.75 11.30 -39.39
CA VAL G 764 -1.77 10.76 -40.31
C VAL G 764 -2.15 9.34 -40.72
N LYS G 765 -2.66 8.55 -39.78
CA LYS G 765 -3.10 7.20 -40.10
C LYS G 765 -4.25 7.22 -41.10
N GLU G 766 -5.13 8.21 -40.99
CA GLU G 766 -6.17 8.38 -41.99
C GLU G 766 -5.58 8.76 -43.34
N TRP G 767 -4.57 9.62 -43.34
CA TRP G 767 -3.94 10.02 -44.60
C TRP G 767 -3.24 8.85 -45.27
N LEU G 768 -2.60 7.99 -44.48
CA LEU G 768 -1.90 6.85 -45.05
C LEU G 768 -2.87 5.87 -45.70
N LYS G 769 -4.03 5.65 -45.08
CA LYS G 769 -5.03 4.77 -45.68
C LYS G 769 -5.55 5.33 -46.99
N ASP G 770 -5.60 6.66 -47.11
CA ASP G 770 -5.95 7.27 -48.39
C ASP G 770 -4.91 6.97 -49.45
N GLN G 771 -3.63 6.99 -49.06
CA GLN G 771 -2.57 6.70 -50.02
C GLN G 771 -2.60 5.26 -50.48
N ILE G 772 -2.96 4.34 -49.58
CA ILE G 772 -3.08 2.93 -49.95
C ILE G 772 -4.18 2.75 -50.99
N HIS G 773 -5.35 3.34 -50.74
CA HIS G 773 -6.46 3.22 -51.67
C HIS G 773 -6.16 3.93 -52.98
N ASP G 774 -5.50 5.08 -52.92
CA ASP G 774 -5.19 5.84 -54.13
C ASP G 774 -4.24 5.07 -55.03
N HIS G 775 -3.22 4.44 -54.46
CA HIS G 775 -2.24 3.73 -55.29
C HIS G 775 -2.84 2.45 -55.86
N ILE G 776 -3.72 1.79 -55.11
CA ILE G 776 -4.39 0.60 -55.64
C ILE G 776 -5.30 0.98 -56.80
N GLN G 777 -6.05 2.07 -56.66
CA GLN G 777 -6.93 2.50 -57.73
C GLN G 777 -6.15 2.88 -58.98
N TYR G 778 -5.02 3.58 -58.81
CA TYR G 778 -4.18 3.90 -59.95
C TYR G 778 -3.60 2.64 -60.57
N ALA G 779 -3.29 1.63 -59.74
CA ALA G 779 -2.77 0.38 -60.26
C ALA G 779 -3.80 -0.34 -61.12
N TYR G 780 -5.07 -0.29 -60.72
CA TYR G 780 -6.11 -0.94 -61.51
C TYR G 780 -6.37 -0.22 -62.81
N GLN G 781 -6.26 1.11 -62.83
CA GLN G 781 -6.50 1.86 -64.05
C GLN G 781 -5.36 1.72 -65.05
N GLU G 782 -4.12 1.77 -64.58
CA GLU G 782 -2.96 1.82 -65.46
C GLU G 782 -2.19 0.52 -65.55
N GLY G 783 -2.18 -0.30 -64.50
CA GLY G 783 -1.39 -1.50 -64.49
C GLY G 783 0.04 -1.33 -64.06
N ILE G 784 0.46 -0.10 -63.75
CA ILE G 784 1.81 0.18 -63.29
C ILE G 784 1.73 1.16 -62.12
N ASP G 785 2.75 1.14 -61.29
CA ASP G 785 2.81 2.06 -60.15
C ASP G 785 3.04 3.48 -60.63
N ARG G 786 2.78 4.43 -59.72
CA ARG G 786 3.03 5.83 -60.01
C ARG G 786 4.53 6.07 -60.19
N PRO G 787 4.91 7.03 -61.03
CA PRO G 787 6.34 7.27 -61.27
C PRO G 787 7.13 7.63 -60.03
N GLU G 788 6.53 8.34 -59.07
CA GLU G 788 7.26 8.69 -57.86
C GLU G 788 7.48 7.49 -56.94
N ILE G 789 6.65 6.46 -57.07
CA ILE G 789 6.89 5.24 -56.30
C ILE G 789 8.10 4.50 -56.85
N ASN G 790 8.19 4.36 -58.17
CA ASN G 790 9.30 3.64 -58.77
C ASN G 790 10.60 4.41 -58.66
N GLN G 791 10.54 5.74 -58.73
CA GLN G 791 11.73 6.59 -58.69
C GLN G 791 11.94 7.21 -57.32
N TRP G 792 11.50 6.54 -56.26
CA TRP G 792 11.67 7.06 -54.92
C TRP G 792 13.14 6.97 -54.48
N GLN G 793 13.58 7.96 -53.74
CA GLN G 793 14.92 7.94 -53.16
C GLN G 793 14.87 8.66 -51.82
N TRP G 794 15.85 8.33 -50.97
CA TRP G 794 15.99 8.89 -49.63
C TRP G 794 15.91 10.41 -49.64
N PRO G 795 14.85 11.00 -49.08
CA PRO G 795 14.71 12.46 -49.08
C PRO G 795 15.84 13.19 -48.37
N PHE G 796 16.06 12.86 -47.11
CA PHE G 796 17.01 13.58 -46.28
C PHE G 796 18.45 13.28 -46.68
N ASP H 9 -9.36 -40.41 -96.42
CA ASP H 9 -8.86 -39.09 -96.79
C ASP H 9 -8.70 -38.20 -95.57
N ILE H 10 -8.65 -38.82 -94.39
CA ILE H 10 -8.49 -38.07 -93.16
C ILE H 10 -7.07 -37.50 -93.06
N ALA H 11 -6.08 -38.27 -93.48
CA ALA H 11 -4.69 -37.82 -93.41
C ALA H 11 -4.46 -36.61 -94.30
N THR H 12 -4.98 -36.63 -95.52
CA THR H 12 -4.87 -35.50 -96.41
C THR H 12 -5.91 -34.44 -96.06
N LEU H 13 -5.67 -33.21 -96.49
CA LEU H 13 -6.59 -32.11 -96.21
C LEU H 13 -6.89 -31.28 -97.45
N SER H 14 -8.16 -30.91 -97.60
CA SER H 14 -8.58 -30.12 -98.74
C SER H 14 -7.89 -28.76 -98.71
N PRO H 15 -7.58 -28.19 -99.88
CA PRO H 15 -6.97 -26.84 -99.91
C PRO H 15 -7.88 -25.76 -99.32
N ASN H 16 -9.20 -25.89 -99.47
CA ASN H 16 -10.10 -24.86 -98.96
C ASN H 16 -10.15 -24.85 -97.45
N GLU H 17 -10.23 -26.02 -96.83
CA GLU H 17 -10.26 -26.10 -95.37
C GLU H 17 -8.92 -25.73 -94.75
N GLN H 18 -7.82 -25.88 -95.50
CA GLN H 18 -6.52 -25.46 -94.99
C GLN H 18 -6.47 -23.95 -94.77
N ALA H 19 -7.12 -23.19 -95.66
CA ALA H 19 -7.21 -21.74 -95.48
C ALA H 19 -8.00 -21.40 -94.22
N ALA H 20 -9.11 -22.11 -93.99
CA ALA H 20 -9.89 -21.88 -92.77
C ALA H 20 -9.09 -22.26 -91.53
N ILE H 21 -8.34 -23.36 -91.60
CA ILE H 21 -7.45 -23.74 -90.51
C ILE H 21 -6.39 -22.68 -90.30
N ASP H 22 -5.79 -22.21 -91.40
CA ASP H 22 -4.81 -21.13 -91.29
C ASP H 22 -5.45 -19.84 -90.80
N ALA H 23 -6.71 -19.59 -91.21
CA ALA H 23 -7.42 -18.42 -90.71
C ALA H 23 -7.63 -18.50 -89.21
N TRP H 24 -8.01 -19.68 -88.71
CA TRP H 24 -8.10 -19.87 -87.26
C TRP H 24 -6.74 -19.73 -86.61
N TRP H 25 -5.69 -20.27 -87.24
CA TRP H 25 -4.35 -20.18 -86.68
C TRP H 25 -3.84 -18.75 -86.65
N ARG H 26 -4.13 -17.97 -87.69
CA ARG H 26 -3.77 -16.56 -87.70
C ARG H 26 -4.54 -15.80 -86.63
N ALA H 27 -5.84 -16.08 -86.49
CA ALA H 27 -6.66 -15.34 -85.53
C ALA H 27 -6.22 -15.61 -84.10
N ALA H 28 -5.82 -16.85 -83.81
CA ALA H 28 -5.32 -17.17 -82.48
C ALA H 28 -4.06 -16.38 -82.15
N ASN H 29 -3.13 -16.30 -83.11
CA ASN H 29 -1.90 -15.54 -82.87
C ASN H 29 -2.19 -14.04 -82.78
N TYR H 30 -3.15 -13.55 -83.57
CA TYR H 30 -3.53 -12.15 -83.48
C TYR H 30 -4.13 -11.83 -82.11
N LEU H 31 -4.99 -12.71 -81.60
CA LEU H 31 -5.51 -12.51 -80.25
C LEU H 31 -4.44 -12.74 -79.21
N SER H 32 -3.43 -13.56 -79.52
CA SER H 32 -2.35 -13.83 -78.56
C SER H 32 -1.54 -12.57 -78.29
N VAL H 33 -1.10 -11.89 -79.36
CA VAL H 33 -0.32 -10.67 -79.18
C VAL H 33 -1.19 -9.51 -78.75
N GLY H 34 -2.50 -9.58 -79.01
CA GLY H 34 -3.38 -8.51 -78.58
C GLY H 34 -3.46 -8.40 -77.07
N GLN H 35 -3.61 -9.53 -76.39
CA GLN H 35 -3.66 -9.51 -74.94
C GLN H 35 -2.29 -9.31 -74.31
N ILE H 36 -1.22 -9.70 -75.02
CA ILE H 36 0.12 -9.45 -74.52
C ILE H 36 0.44 -7.95 -74.55
N TYR H 37 0.06 -7.28 -75.63
CA TYR H 37 0.45 -5.90 -75.86
C TYR H 37 -0.70 -4.91 -75.74
N LEU H 38 -1.76 -5.10 -76.51
CA LEU H 38 -2.78 -4.06 -76.63
C LEU H 38 -3.62 -3.95 -75.36
N ARG H 39 -3.88 -2.71 -74.96
CA ARG H 39 -4.82 -2.39 -73.90
C ARG H 39 -6.12 -1.82 -74.43
N ASP H 40 -6.07 -1.05 -75.51
CA ASP H 40 -7.24 -0.52 -76.18
C ASP H 40 -7.04 -0.67 -77.68
N ASN H 41 -8.08 -0.31 -78.44
CA ASN H 41 -8.11 -0.41 -79.90
C ASN H 41 -7.81 -1.84 -80.32
N PRO H 42 -8.73 -2.78 -80.08
CA PRO H 42 -8.41 -4.19 -80.34
C PRO H 42 -8.31 -4.54 -81.81
N LEU H 43 -9.14 -3.93 -82.67
CA LEU H 43 -9.20 -4.27 -84.08
C LEU H 43 -8.34 -3.36 -84.96
N LEU H 44 -7.59 -2.44 -84.35
CA LEU H 44 -6.70 -1.52 -85.07
C LEU H 44 -7.47 -0.71 -86.11
N GLN H 45 -8.66 -0.24 -85.74
CA GLN H 45 -9.41 0.65 -86.62
C GLN H 45 -8.66 1.96 -86.85
N GLU H 46 -8.07 2.50 -85.80
CA GLU H 46 -7.23 3.68 -85.85
C GLU H 46 -5.77 3.28 -85.76
N PRO H 47 -4.85 4.14 -86.23
CA PRO H 47 -3.42 3.82 -86.11
C PRO H 47 -3.00 3.66 -84.65
N LEU H 48 -2.06 2.75 -84.42
CA LEU H 48 -1.65 2.40 -83.07
C LEU H 48 -0.90 3.55 -82.40
N ARG H 49 -1.22 3.78 -81.14
CA ARG H 49 -0.63 4.84 -80.33
C ARG H 49 -0.15 4.24 -79.01
N PRO H 50 0.84 4.86 -78.37
CA PRO H 50 1.40 4.26 -77.14
C PRO H 50 0.41 4.07 -76.01
N GLU H 51 -0.67 4.87 -75.95
CA GLU H 51 -1.64 4.69 -74.89
C GLU H 51 -2.44 3.40 -75.05
N HIS H 52 -2.40 2.77 -76.22
CA HIS H 52 -3.05 1.48 -76.41
C HIS H 52 -2.20 0.31 -75.94
N ILE H 53 -0.94 0.54 -75.60
CA ILE H 53 -0.02 -0.53 -75.23
C ILE H 53 0.07 -0.60 -73.71
N LYS H 54 0.16 -1.82 -73.19
CA LYS H 54 0.32 -2.01 -71.76
C LYS H 54 1.67 -1.49 -71.30
N GLN H 55 1.68 -0.85 -70.13
CA GLN H 55 2.91 -0.27 -69.62
C GLN H 55 3.93 -1.35 -69.24
N ARG H 56 3.49 -2.37 -68.52
CA ARG H 56 4.35 -3.47 -68.10
C ARG H 56 3.98 -4.72 -68.87
N LEU H 57 4.98 -5.34 -69.49
CA LEU H 57 4.78 -6.50 -70.35
C LEU H 57 5.31 -7.74 -69.64
N LEU H 58 4.44 -8.69 -69.35
CA LEU H 58 4.81 -9.92 -68.67
C LEU H 58 4.47 -11.18 -69.44
N GLY H 59 3.90 -11.05 -70.64
CA GLY H 59 3.54 -12.23 -71.40
C GLY H 59 4.75 -12.92 -72.00
N HIS H 60 4.54 -14.18 -72.40
CA HIS H 60 5.57 -14.98 -73.05
C HIS H 60 5.08 -15.36 -74.44
N TRP H 61 5.90 -15.06 -75.46
CA TRP H 61 5.56 -15.34 -76.84
C TRP H 61 6.21 -16.61 -77.37
N GLY H 62 7.20 -17.16 -76.66
CA GLY H 62 7.99 -18.25 -77.22
C GLY H 62 7.20 -19.50 -77.54
N SER H 63 6.23 -19.83 -76.71
CA SER H 63 5.45 -21.06 -76.90
C SER H 63 4.12 -20.82 -77.62
N ASP H 64 3.69 -19.56 -77.73
CA ASP H 64 2.36 -19.28 -78.26
C ASP H 64 2.11 -19.78 -79.69
N PRO H 65 3.02 -19.59 -80.66
CA PRO H 65 2.74 -20.13 -82.00
C PRO H 65 2.59 -21.65 -82.03
N GLY H 66 3.39 -22.36 -81.24
CA GLY H 66 3.31 -23.82 -81.26
C GLY H 66 2.00 -24.34 -80.70
N LEU H 67 1.55 -23.78 -79.57
CA LEU H 67 0.30 -24.25 -78.95
C LEU H 67 -0.89 -23.97 -79.85
N SER H 68 -0.95 -22.78 -80.44
CA SER H 68 -2.04 -22.46 -81.36
C SER H 68 -2.00 -23.35 -82.60
N PHE H 69 -0.80 -23.73 -83.03
CA PHE H 69 -0.66 -24.60 -84.19
C PHE H 69 -1.26 -25.97 -83.93
N VAL H 70 -0.98 -26.55 -82.77
CA VAL H 70 -1.50 -27.87 -82.44
C VAL H 70 -3.01 -27.82 -82.18
N TYR H 71 -3.46 -26.75 -81.52
CA TYR H 71 -4.86 -26.68 -81.09
C TYR H 71 -5.82 -26.67 -82.28
N VAL H 72 -5.48 -25.91 -83.33
CA VAL H 72 -6.39 -25.82 -84.47
C VAL H 72 -6.45 -27.14 -85.21
N HIS H 73 -5.32 -27.86 -85.30
CA HIS H 73 -5.32 -29.18 -85.92
C HIS H 73 -6.15 -30.17 -85.11
N LEU H 74 -6.10 -30.07 -83.78
CA LEU H 74 -6.90 -30.95 -82.94
C LEU H 74 -8.39 -30.70 -83.14
N ASN H 75 -8.78 -29.43 -83.29
CA ASN H 75 -10.18 -29.13 -83.56
C ASN H 75 -10.62 -29.68 -84.91
N ARG H 76 -9.71 -29.73 -85.88
CA ARG H 76 -10.01 -30.40 -87.15
C ARG H 76 -10.26 -31.88 -86.95
N LEU H 77 -9.42 -32.54 -86.16
CA LEU H 77 -9.56 -33.98 -85.96
C LEU H 77 -10.74 -34.31 -85.07
N ILE H 78 -11.09 -33.44 -84.14
CA ILE H 78 -12.23 -33.69 -83.26
C ILE H 78 -13.55 -33.51 -84.00
N ARG H 79 -13.55 -32.78 -85.13
CA ARG H 79 -14.77 -32.64 -85.91
C ARG H 79 -15.10 -33.93 -86.66
N ARG H 80 -14.08 -34.58 -87.23
CA ARG H 80 -14.33 -35.74 -88.08
C ARG H 80 -14.57 -37.00 -87.25
N LEU H 81 -13.67 -37.28 -86.30
CA LEU H 81 -13.73 -38.52 -85.55
C LEU H 81 -14.58 -38.41 -84.29
N ASP H 82 -15.10 -37.21 -83.97
CA ASP H 82 -15.97 -36.98 -82.82
C ASP H 82 -15.32 -37.44 -81.52
N LEU H 83 -14.05 -37.06 -81.34
CA LEU H 83 -13.30 -37.45 -80.17
C LEU H 83 -13.60 -36.51 -79.02
N ASN H 84 -12.82 -36.62 -77.94
CA ASN H 84 -12.88 -35.69 -76.82
C ASN H 84 -11.47 -35.49 -76.30
N LEU H 85 -11.03 -34.24 -76.22
CA LEU H 85 -9.67 -33.90 -75.86
C LEU H 85 -9.66 -32.97 -74.66
N ILE H 86 -8.50 -32.91 -74.00
CA ILE H 86 -8.31 -32.08 -72.82
C ILE H 86 -7.24 -31.01 -73.06
N TYR H 87 -6.16 -31.36 -73.75
CA TYR H 87 -5.05 -30.46 -74.09
C TYR H 87 -4.41 -29.86 -72.83
N VAL H 88 -3.77 -30.76 -72.07
CA VAL H 88 -2.93 -30.33 -70.96
C VAL H 88 -1.69 -29.64 -71.53
N THR H 89 -1.41 -28.45 -71.02
CA THR H 89 -0.32 -27.61 -71.54
C THR H 89 0.92 -27.78 -70.70
N GLY H 90 2.05 -28.06 -71.35
CA GLY H 90 3.31 -28.25 -70.69
C GLY H 90 4.02 -26.98 -70.28
N PRO H 91 4.36 -26.12 -71.25
CA PRO H 91 5.11 -24.89 -70.91
C PRO H 91 4.39 -23.99 -69.93
N GLY H 92 3.06 -23.97 -69.92
CA GLY H 92 2.31 -23.22 -68.93
C GLY H 92 2.24 -21.73 -69.16
N HIS H 93 3.21 -21.15 -69.86
CA HIS H 93 3.17 -19.75 -70.24
C HIS H 93 2.50 -19.54 -71.59
N GLY H 94 1.97 -20.60 -72.20
CA GLY H 94 1.26 -20.49 -73.45
C GLY H 94 -0.23 -20.24 -73.24
N ALA H 95 -0.57 -19.75 -72.05
CA ALA H 95 -1.95 -19.39 -71.74
C ALA H 95 -2.59 -18.42 -72.71
N PRO H 96 -1.90 -17.40 -73.26
CA PRO H 96 -2.53 -16.60 -74.32
C PRO H 96 -3.00 -17.42 -75.51
N ALA H 97 -2.26 -18.46 -75.88
CA ALA H 97 -2.69 -19.33 -76.96
C ALA H 97 -3.97 -20.08 -76.59
N LEU H 98 -4.05 -20.54 -75.34
CA LEU H 98 -5.25 -21.26 -74.90
C LEU H 98 -6.45 -20.33 -74.79
N LEU H 99 -6.25 -19.15 -74.21
CA LEU H 99 -7.37 -18.22 -74.01
C LEU H 99 -7.89 -17.69 -75.34
N ALA H 100 -7.01 -17.50 -76.31
CA ALA H 100 -7.45 -17.06 -77.63
C ALA H 100 -8.33 -18.12 -78.28
N ASN H 101 -7.93 -19.38 -78.21
CA ASN H 101 -8.73 -20.46 -78.76
C ASN H 101 -10.05 -20.62 -78.02
N ALA H 102 -10.02 -20.47 -76.69
CA ALA H 102 -11.25 -20.54 -75.91
C ALA H 102 -12.19 -19.40 -76.28
N TRP H 103 -11.65 -18.20 -76.49
CA TRP H 103 -12.47 -17.08 -76.93
C TRP H 103 -13.03 -17.32 -78.32
N LEU H 104 -12.21 -17.86 -79.23
CA LEU H 104 -12.67 -18.12 -80.60
C LEU H 104 -13.78 -19.16 -80.63
N GLU H 105 -13.63 -20.23 -79.85
CA GLU H 105 -14.66 -21.27 -79.79
C GLU H 105 -15.93 -20.80 -79.10
N GLY H 106 -15.90 -19.65 -78.42
CA GLY H 106 -17.06 -19.17 -77.71
C GLY H 106 -17.19 -19.66 -76.28
N THR H 107 -16.31 -20.56 -75.85
CA THR H 107 -16.37 -21.06 -74.48
C THR H 107 -16.09 -19.95 -73.47
N TYR H 108 -15.09 -19.11 -73.75
CA TYR H 108 -14.72 -18.07 -72.80
C TYR H 108 -15.83 -17.05 -72.62
N SER H 109 -16.55 -16.74 -73.70
CA SER H 109 -17.67 -15.81 -73.60
C SER H 109 -18.78 -16.39 -72.72
N GLU H 110 -19.05 -17.68 -72.84
CA GLU H 110 -20.08 -18.31 -72.03
C GLU H 110 -19.68 -18.33 -70.55
N VAL H 111 -18.42 -18.68 -70.27
CA VAL H 111 -17.96 -18.71 -68.89
C VAL H 111 -17.88 -17.30 -68.33
N TYR H 112 -17.34 -16.36 -69.11
CA TYR H 112 -17.23 -14.96 -68.70
C TYR H 112 -18.07 -14.10 -69.62
N PRO H 113 -19.29 -13.73 -69.22
CA PRO H 113 -20.15 -12.92 -70.11
C PRO H 113 -19.62 -11.54 -70.39
N ASN H 114 -18.72 -11.01 -69.56
CA ASN H 114 -18.15 -9.69 -69.82
C ASN H 114 -17.34 -9.69 -71.11
N CYS H 115 -16.54 -10.74 -71.33
CA CYS H 115 -15.72 -10.86 -72.52
C CYS H 115 -16.57 -11.45 -73.66
N GLN H 116 -17.56 -10.68 -74.06
CA GLN H 116 -18.46 -11.08 -75.13
C GLN H 116 -17.74 -11.04 -76.48
N GLN H 117 -18.25 -11.83 -77.43
CA GLN H 117 -17.69 -11.86 -78.78
C GLN H 117 -18.15 -10.61 -79.52
N SER H 118 -17.46 -9.50 -79.26
CA SER H 118 -17.77 -8.23 -79.88
C SER H 118 -16.53 -7.35 -79.79
N THR H 119 -16.63 -6.15 -80.37
CA THR H 119 -15.51 -5.21 -80.30
C THR H 119 -15.25 -4.77 -78.87
N ALA H 120 -16.31 -4.48 -78.11
CA ALA H 120 -16.15 -4.10 -76.71
C ALA H 120 -15.58 -5.24 -75.88
N GLY H 121 -16.05 -6.47 -76.14
CA GLY H 121 -15.50 -7.61 -75.43
C GLY H 121 -14.05 -7.87 -75.78
N LEU H 122 -13.67 -7.63 -77.03
CA LEU H 122 -12.28 -7.77 -77.42
C LEU H 122 -11.39 -6.79 -76.68
N GLN H 123 -11.88 -5.57 -76.48
CA GLN H 123 -11.14 -4.60 -75.68
C GLN H 123 -10.99 -5.08 -74.24
N GLN H 124 -12.06 -5.65 -73.69
CA GLN H 124 -11.98 -6.18 -72.33
C GLN H 124 -11.10 -7.43 -72.27
N PHE H 125 -11.16 -8.27 -73.31
CA PHE H 125 -10.36 -9.49 -73.33
C PHE H 125 -8.88 -9.20 -73.31
N PHE H 126 -8.43 -8.22 -74.11
CA PHE H 126 -7.03 -7.85 -74.11
C PHE H 126 -6.63 -7.15 -72.83
N LYS H 127 -7.53 -6.33 -72.28
CA LYS H 127 -7.22 -5.53 -71.10
C LYS H 127 -6.97 -6.41 -69.88
N GLN H 128 -7.75 -7.48 -69.71
CA GLN H 128 -7.70 -8.23 -68.47
C GLN H 128 -6.44 -9.06 -68.33
N PHE H 129 -5.85 -9.50 -69.45
CA PHE H 129 -4.69 -10.37 -69.37
C PHE H 129 -3.47 -9.64 -68.83
N SER H 130 -2.74 -10.31 -67.95
CA SER H 130 -1.49 -9.79 -67.37
C SER H 130 -1.69 -8.42 -66.72
N PHE H 131 -2.81 -8.25 -66.05
CA PHE H 131 -3.19 -6.96 -65.49
C PHE H 131 -3.65 -7.15 -64.05
N PRO H 132 -3.45 -6.15 -63.20
CA PRO H 132 -4.05 -6.19 -61.86
C PRO H 132 -5.55 -6.32 -61.95
N GLY H 133 -6.10 -7.18 -61.09
CA GLY H 133 -7.51 -7.52 -61.19
C GLY H 133 -7.85 -8.22 -62.49
N GLY H 134 -6.99 -9.13 -62.94
CA GLY H 134 -7.19 -9.81 -64.20
C GLY H 134 -6.59 -11.19 -64.16
N ILE H 135 -6.76 -11.92 -65.27
CA ILE H 135 -6.25 -13.27 -65.38
C ILE H 135 -4.73 -13.24 -65.45
N GLY H 136 -4.11 -14.27 -64.86
CA GLY H 136 -2.66 -14.32 -64.78
C GLY H 136 -2.00 -14.74 -66.08
N SER H 137 -0.66 -14.65 -66.08
CA SER H 137 0.10 -14.99 -67.27
C SER H 137 0.08 -16.49 -67.54
N HIS H 138 0.22 -17.30 -66.49
CA HIS H 138 0.17 -18.74 -66.65
C HIS H 138 -1.27 -19.23 -66.72
N CYS H 139 -1.43 -20.51 -67.05
CA CYS H 139 -2.76 -21.12 -67.11
C CYS H 139 -3.22 -21.42 -65.69
N THR H 140 -4.06 -20.55 -65.16
CA THR H 140 -4.57 -20.60 -63.80
C THR H 140 -5.91 -21.34 -63.77
N PRO H 141 -6.47 -21.57 -62.58
CA PRO H 141 -7.84 -22.10 -62.53
C PRO H 141 -8.88 -21.23 -63.22
N GLU H 142 -8.63 -19.93 -63.38
CA GLU H 142 -9.56 -19.10 -64.14
C GLU H 142 -9.60 -19.49 -65.62
N THR H 143 -8.56 -20.12 -66.13
CA THR H 143 -8.53 -20.51 -67.53
C THR H 143 -9.50 -21.65 -67.79
N PRO H 144 -10.47 -21.50 -68.68
CA PRO H 144 -11.36 -22.61 -69.00
C PRO H 144 -10.60 -23.75 -69.66
N GLY H 145 -11.04 -24.97 -69.38
CA GLY H 145 -10.44 -26.15 -69.97
C GLY H 145 -8.99 -26.37 -69.60
N SER H 146 -8.64 -26.15 -68.33
CA SER H 146 -7.27 -26.33 -67.87
C SER H 146 -7.26 -27.04 -66.53
N ILE H 147 -6.42 -28.06 -66.41
CA ILE H 147 -6.21 -28.73 -65.13
C ILE H 147 -4.79 -28.56 -64.61
N HIS H 148 -3.83 -28.26 -65.46
CA HIS H 148 -2.43 -28.14 -65.07
C HIS H 148 -2.06 -26.66 -64.97
N GLU H 149 -1.55 -26.26 -63.81
CA GLU H 149 -1.17 -24.87 -63.61
C GLU H 149 -0.03 -24.47 -64.54
N GLY H 150 0.93 -25.36 -64.75
CA GLY H 150 1.95 -25.17 -65.74
C GLY H 150 3.05 -24.21 -65.37
N GLY H 151 2.96 -23.54 -64.22
CA GLY H 151 4.03 -22.64 -63.82
C GLY H 151 5.30 -23.39 -63.49
N GLU H 152 5.20 -24.49 -62.76
CA GLU H 152 6.32 -25.39 -62.54
C GLU H 152 6.41 -26.35 -63.72
N LEU H 153 7.64 -26.61 -64.17
CA LEU H 153 7.88 -27.38 -65.37
C LEU H 153 8.36 -28.78 -65.01
N GLY H 154 7.68 -29.79 -65.53
CA GLY H 154 8.08 -31.17 -65.32
C GLY H 154 6.95 -32.08 -64.91
N TYR H 155 5.82 -31.50 -64.50
CA TYR H 155 4.68 -32.25 -63.99
C TYR H 155 3.54 -32.33 -65.00
N SER H 156 3.77 -31.91 -66.24
CA SER H 156 2.69 -31.88 -67.21
C SER H 156 2.31 -33.27 -67.69
N LEU H 157 3.32 -34.12 -67.96
CA LEU H 157 3.02 -35.44 -68.51
C LEU H 157 2.31 -36.32 -67.50
N SER H 158 2.69 -36.23 -66.22
CA SER H 158 2.02 -37.00 -65.19
C SER H 158 0.55 -36.61 -65.08
N HIS H 159 0.26 -35.31 -65.22
CA HIS H 159 -1.13 -34.86 -65.19
C HIS H 159 -1.90 -35.34 -66.41
N ALA H 160 -1.20 -35.59 -67.53
CA ALA H 160 -1.88 -36.15 -68.69
C ALA H 160 -2.34 -37.57 -68.42
N PHE H 161 -1.48 -38.39 -67.81
CA PHE H 161 -1.84 -39.78 -67.53
C PHE H 161 -2.88 -39.87 -66.43
N GLY H 162 -2.78 -39.02 -65.41
CA GLY H 162 -3.72 -39.08 -64.30
C GLY H 162 -5.14 -38.76 -64.70
N ALA H 163 -5.32 -37.85 -65.66
CA ALA H 163 -6.66 -37.51 -66.11
C ALA H 163 -7.32 -38.63 -66.90
N ALA H 164 -6.52 -39.56 -67.45
CA ALA H 164 -7.04 -40.67 -68.24
C ALA H 164 -6.93 -42.00 -67.51
N LEU H 165 -6.85 -41.98 -66.18
CA LEU H 165 -6.62 -43.21 -65.44
C LEU H 165 -7.84 -44.11 -65.41
N ASP H 166 -9.04 -43.56 -65.55
CA ASP H 166 -10.23 -44.39 -65.57
C ASP H 166 -11.28 -43.92 -66.56
N ASN H 167 -10.91 -43.05 -67.50
CA ASN H 167 -11.83 -42.65 -68.56
C ASN H 167 -11.43 -43.40 -69.82
N PRO H 168 -12.23 -44.36 -70.29
CA PRO H 168 -11.78 -45.18 -71.42
C PRO H 168 -11.79 -44.45 -72.75
N ASP H 169 -12.81 -43.63 -73.00
CA ASP H 169 -12.94 -42.95 -74.28
C ASP H 169 -12.20 -41.62 -74.36
N LEU H 170 -11.69 -41.12 -73.23
CA LEU H 170 -11.02 -39.83 -73.23
C LEU H 170 -9.67 -39.92 -73.93
N ILE H 171 -9.33 -38.88 -74.67
CA ILE H 171 -8.02 -38.72 -75.29
C ILE H 171 -7.40 -37.44 -74.74
N VAL H 172 -6.14 -37.52 -74.34
CA VAL H 172 -5.44 -36.37 -73.76
C VAL H 172 -4.22 -36.07 -74.62
N ALA H 173 -4.11 -34.83 -75.06
CA ALA H 173 -2.98 -34.38 -75.88
C ALA H 173 -2.15 -33.41 -75.06
N CYS H 174 -1.01 -33.87 -74.55
CA CYS H 174 -0.14 -33.06 -73.73
C CYS H 174 1.05 -32.59 -74.56
N VAL H 175 1.27 -31.29 -74.60
CA VAL H 175 2.38 -30.70 -75.33
C VAL H 175 3.56 -30.53 -74.39
N ILE H 176 4.71 -31.07 -74.77
CA ILE H 176 5.89 -31.08 -73.92
C ILE H 176 6.94 -30.17 -74.54
N GLY H 177 7.44 -29.21 -73.76
CA GLY H 177 8.55 -28.40 -74.20
C GLY H 177 9.87 -29.13 -74.04
N ASP H 178 10.80 -28.84 -74.96
CA ASP H 178 12.10 -29.51 -74.92
C ASP H 178 12.91 -29.08 -73.70
N GLY H 179 12.79 -27.82 -73.30
CA GLY H 179 13.42 -27.40 -72.06
C GLY H 179 12.82 -28.07 -70.85
N GLU H 180 11.50 -28.25 -70.86
CA GLU H 180 10.83 -28.96 -69.76
C GLU H 180 11.30 -30.39 -69.65
N ALA H 181 11.69 -31.01 -70.77
CA ALA H 181 12.16 -32.38 -70.75
C ALA H 181 13.50 -32.53 -70.05
N GLU H 182 14.21 -31.43 -69.81
CA GLU H 182 15.42 -31.51 -69.01
C GLU H 182 15.13 -31.80 -67.54
N THR H 183 13.94 -31.47 -67.06
CA THR H 183 13.61 -31.68 -65.65
C THR H 183 13.53 -33.17 -65.33
N GLY H 184 13.91 -33.51 -64.11
CA GLY H 184 13.89 -34.87 -63.62
C GLY H 184 12.53 -35.55 -63.61
N PRO H 185 11.51 -34.88 -63.05
CA PRO H 185 10.16 -35.48 -63.07
C PRO H 185 9.62 -35.79 -64.45
N LEU H 186 9.96 -34.99 -65.47
CA LEU H 186 9.48 -35.29 -66.81
C LEU H 186 10.23 -36.45 -67.44
N ALA H 187 11.53 -36.59 -67.14
CA ALA H 187 12.29 -37.69 -67.73
C ALA H 187 11.75 -39.04 -67.29
N THR H 188 11.38 -39.18 -66.02
CA THR H 188 10.82 -40.43 -65.54
C THR H 188 9.41 -40.65 -66.04
N SER H 189 8.62 -39.58 -66.18
CA SER H 189 7.20 -39.70 -66.48
C SER H 189 6.91 -40.31 -67.84
N TRP H 190 7.92 -40.42 -68.71
CA TRP H 190 7.73 -41.10 -69.99
C TRP H 190 7.34 -42.56 -69.80
N HIS H 191 7.93 -43.21 -68.80
CA HIS H 191 7.68 -44.63 -68.57
C HIS H 191 6.27 -44.91 -68.08
N SER H 192 5.46 -43.88 -67.82
CA SER H 192 4.10 -44.08 -67.34
C SER H 192 3.18 -44.73 -68.35
N ASN H 193 3.62 -44.86 -69.61
CA ASN H 193 2.83 -45.60 -70.60
C ASN H 193 2.65 -47.06 -70.20
N LYS H 194 3.66 -47.64 -69.55
CA LYS H 194 3.59 -49.04 -69.13
C LYS H 194 2.50 -49.25 -68.09
N PHE H 195 2.39 -48.34 -67.12
CA PHE H 195 1.39 -48.49 -66.07
C PHE H 195 -0.02 -48.23 -66.60
N LEU H 196 -0.15 -47.48 -67.68
CA LEU H 196 -1.46 -47.23 -68.26
C LEU H 196 -2.02 -48.51 -68.88
N ASN H 197 -3.31 -48.75 -68.66
CA ASN H 197 -3.95 -49.96 -69.16
C ASN H 197 -4.78 -49.63 -70.38
N PRO H 198 -4.39 -50.10 -71.57
CA PRO H 198 -5.14 -49.75 -72.79
C PRO H 198 -6.56 -50.28 -72.81
N ALA H 199 -6.87 -51.33 -72.04
CA ALA H 199 -8.18 -51.96 -72.13
C ALA H 199 -9.27 -51.09 -71.53
N GLN H 200 -9.03 -50.54 -70.34
CA GLN H 200 -10.07 -49.83 -69.59
C GLN H 200 -9.81 -48.34 -69.46
N ASP H 201 -8.71 -47.82 -70.00
CA ASP H 201 -8.37 -46.41 -69.84
C ASP H 201 -8.26 -45.76 -71.21
N GLY H 202 -8.19 -44.42 -71.18
CA GLY H 202 -8.01 -43.65 -72.39
C GLY H 202 -6.58 -43.67 -72.88
N ALA H 203 -6.36 -42.96 -73.98
CA ALA H 203 -5.06 -42.87 -74.60
C ALA H 203 -4.54 -41.44 -74.52
N VAL H 204 -3.28 -41.30 -74.13
CA VAL H 204 -2.62 -40.00 -74.01
C VAL H 204 -1.66 -39.86 -75.17
N LEU H 205 -1.78 -38.74 -75.89
CA LEU H 205 -0.92 -38.49 -77.05
C LEU H 205 0.06 -37.38 -76.71
N PRO H 206 1.30 -37.71 -76.33
CA PRO H 206 2.26 -36.66 -76.00
C PRO H 206 2.87 -36.05 -77.25
N ILE H 207 3.08 -34.73 -77.20
CA ILE H 207 3.66 -33.98 -78.31
C ILE H 207 4.85 -33.21 -77.78
N LEU H 208 6.00 -33.35 -78.45
CA LEU H 208 7.22 -32.68 -78.06
C LEU H 208 7.38 -31.41 -78.89
N HIS H 209 7.46 -30.26 -78.21
CA HIS H 209 7.67 -28.98 -78.89
C HIS H 209 9.16 -28.69 -78.86
N LEU H 210 9.89 -29.37 -79.75
CA LEU H 210 11.34 -29.27 -79.83
C LEU H 210 11.72 -28.02 -80.63
N ASN H 211 11.45 -26.86 -80.03
CA ASN H 211 11.67 -25.59 -80.71
C ASN H 211 13.15 -25.24 -80.84
N GLY H 212 14.01 -25.84 -80.01
CA GLY H 212 15.44 -25.70 -80.14
C GLY H 212 16.07 -24.77 -79.13
N TYR H 213 15.29 -23.93 -78.45
CA TYR H 213 15.86 -22.92 -77.56
C TYR H 213 15.05 -22.81 -76.28
N LYS H 214 15.76 -22.60 -75.18
CA LYS H 214 15.15 -22.25 -73.90
C LYS H 214 15.08 -20.74 -73.79
N ILE H 215 14.88 -20.23 -72.57
CA ILE H 215 14.88 -18.78 -72.34
C ILE H 215 16.22 -18.17 -72.74
N ALA H 216 17.34 -18.87 -72.47
CA ALA H 216 18.66 -18.34 -72.80
C ALA H 216 19.64 -19.40 -73.29
N ASN H 217 19.21 -20.63 -73.54
CA ASN H 217 20.12 -21.69 -73.93
C ASN H 217 19.50 -22.58 -74.99
N PRO H 218 20.29 -23.13 -75.90
CA PRO H 218 19.78 -24.21 -76.76
C PRO H 218 19.40 -25.42 -75.92
N THR H 219 18.29 -26.05 -76.30
CA THR H 219 17.81 -27.18 -75.51
C THR H 219 18.67 -28.41 -75.73
N LEU H 220 18.75 -29.24 -74.70
CA LEU H 220 19.59 -30.44 -74.77
C LEU H 220 19.07 -31.42 -75.81
N LEU H 221 17.75 -31.59 -75.88
CA LEU H 221 17.19 -32.57 -76.80
C LEU H 221 17.21 -32.11 -78.25
N SER H 222 17.37 -30.82 -78.52
CA SER H 222 17.53 -30.37 -79.89
C SER H 222 18.97 -30.47 -80.36
N ARG H 223 19.92 -30.54 -79.44
CA ARG H 223 21.33 -30.62 -79.78
C ARG H 223 21.87 -32.04 -79.78
N ILE H 224 21.00 -33.04 -79.68
CA ILE H 224 21.38 -34.42 -79.89
C ILE H 224 21.00 -34.81 -81.30
N SER H 225 21.66 -35.84 -81.82
CA SER H 225 21.40 -36.28 -83.18
C SER H 225 20.00 -36.87 -83.30
N HIS H 226 19.45 -36.82 -84.52
CA HIS H 226 18.13 -37.37 -84.75
C HIS H 226 18.08 -38.87 -84.51
N GLU H 227 19.19 -39.56 -84.73
CA GLU H 227 19.25 -41.00 -84.45
C GLU H 227 19.19 -41.27 -82.95
N GLU H 228 19.97 -40.53 -82.17
CA GLU H 228 19.96 -40.72 -80.72
C GLU H 228 18.63 -40.32 -80.11
N LEU H 229 18.01 -39.26 -80.63
CA LEU H 229 16.70 -38.85 -80.14
C LEU H 229 15.66 -39.93 -80.42
N ARG H 230 15.73 -40.54 -81.60
CA ARG H 230 14.80 -41.64 -81.91
C ARG H 230 15.08 -42.85 -81.04
N SER H 231 16.36 -43.10 -80.73
CA SER H 231 16.68 -44.20 -79.82
C SER H 231 16.13 -43.95 -78.43
N LEU H 232 16.17 -42.70 -77.98
CA LEU H 232 15.68 -42.37 -76.64
C LEU H 232 14.18 -42.60 -76.52
N PHE H 233 13.42 -42.22 -77.54
CA PHE H 233 11.97 -42.39 -77.46
C PHE H 233 11.54 -43.85 -77.64
N ILE H 234 12.35 -44.64 -78.34
CA ILE H 234 12.09 -46.07 -78.41
C ILE H 234 12.31 -46.71 -77.04
N GLY H 235 13.37 -46.29 -76.34
CA GLY H 235 13.63 -46.81 -75.00
C GLY H 235 12.52 -46.49 -74.02
N TYR H 236 11.91 -45.32 -74.15
CA TYR H 236 10.74 -44.98 -73.34
C TYR H 236 9.50 -45.78 -73.73
N GLY H 237 9.51 -46.43 -74.88
CA GLY H 237 8.39 -47.24 -75.31
C GLY H 237 7.41 -46.56 -76.23
N TYR H 238 7.73 -45.39 -76.76
CA TYR H 238 6.84 -44.66 -77.63
C TYR H 238 7.24 -44.85 -79.09
N GLU H 239 6.24 -44.78 -79.97
CA GLU H 239 6.49 -44.81 -81.41
C GLU H 239 6.73 -43.37 -81.87
N PRO H 240 7.95 -43.00 -82.27
CA PRO H 240 8.24 -41.61 -82.56
C PRO H 240 7.85 -41.22 -83.99
N PHE H 241 7.25 -40.04 -84.11
CA PHE H 241 6.96 -39.42 -85.40
C PHE H 241 7.54 -38.02 -85.40
N PHE H 242 8.15 -37.63 -86.52
CA PHE H 242 8.87 -36.37 -86.61
C PHE H 242 8.21 -35.45 -87.63
N VAL H 243 7.89 -34.24 -87.21
CA VAL H 243 7.36 -33.19 -88.08
C VAL H 243 8.30 -32.00 -87.97
N GLU H 244 8.88 -31.59 -89.09
CA GLU H 244 9.89 -30.54 -89.11
C GLU H 244 9.51 -29.49 -90.15
N GLY H 245 10.26 -28.40 -90.15
CA GLY H 245 10.10 -27.35 -91.14
C GLY H 245 9.52 -26.08 -90.53
N ASN H 246 9.44 -25.06 -91.38
CA ASN H 246 8.87 -23.78 -90.99
C ASN H 246 7.96 -23.18 -92.04
N ASP H 247 7.53 -23.95 -93.04
CA ASP H 247 6.63 -23.46 -94.07
C ASP H 247 5.21 -23.84 -93.71
N PRO H 248 4.30 -22.88 -93.49
CA PRO H 248 2.93 -23.24 -93.09
C PRO H 248 2.21 -24.13 -94.10
N ALA H 249 2.44 -23.90 -95.39
CA ALA H 249 1.79 -24.73 -96.40
C ALA H 249 2.23 -26.18 -96.30
N ILE H 250 3.54 -26.40 -96.09
CA ILE H 250 4.04 -27.74 -95.87
C ILE H 250 3.60 -28.26 -94.50
N LEU H 251 3.69 -27.42 -93.48
CA LEU H 251 3.46 -27.87 -92.11
C LEU H 251 2.01 -28.25 -91.85
N HIS H 252 1.07 -27.56 -92.49
CA HIS H 252 -0.34 -27.92 -92.32
C HIS H 252 -0.62 -29.33 -92.82
N GLY H 253 -0.10 -29.67 -94.00
CA GLY H 253 -0.35 -30.98 -94.56
C GLY H 253 0.34 -32.10 -93.77
N VAL H 254 1.59 -31.87 -93.37
CA VAL H 254 2.35 -32.92 -92.70
C VAL H 254 1.81 -33.17 -91.30
N MET H 255 1.52 -32.11 -90.55
CA MET H 255 1.10 -32.27 -89.16
C MET H 255 -0.31 -32.84 -89.07
N ALA H 256 -1.19 -32.46 -89.99
CA ALA H 256 -2.53 -33.05 -90.02
C ALA H 256 -2.45 -34.53 -90.40
N SER H 257 -1.55 -34.88 -91.32
CA SER H 257 -1.37 -36.28 -91.68
C SER H 257 -0.83 -37.09 -90.52
N THR H 258 0.13 -36.54 -89.78
CA THR H 258 0.71 -37.27 -88.65
C THR H 258 -0.31 -37.46 -87.54
N LEU H 259 -1.14 -36.45 -87.28
CA LEU H 259 -2.18 -36.58 -86.27
C LEU H 259 -3.18 -37.67 -86.64
N ALA H 260 -3.59 -37.71 -87.91
CA ALA H 260 -4.50 -38.77 -88.35
C ALA H 260 -3.84 -40.13 -88.28
N THR H 261 -2.54 -40.20 -88.56
CA THR H 261 -1.81 -41.46 -88.44
C THR H 261 -1.79 -41.96 -87.00
N CYS H 262 -1.58 -41.05 -86.04
CA CYS H 262 -1.43 -41.46 -84.66
C CYS H 262 -2.76 -41.87 -84.04
N VAL H 263 -3.84 -41.14 -84.34
CA VAL H 263 -5.12 -41.40 -83.68
C VAL H 263 -5.68 -42.75 -84.12
N GLN H 264 -5.50 -43.12 -85.38
CA GLN H 264 -5.97 -44.42 -85.84
C GLN H 264 -5.22 -45.56 -85.15
N LYS H 265 -3.90 -45.38 -84.94
CA LYS H 265 -3.15 -46.34 -84.15
C LYS H 265 -3.64 -46.36 -82.70
N ILE H 266 -3.99 -45.19 -82.16
CA ILE H 266 -4.57 -45.13 -80.83
C ILE H 266 -5.89 -45.88 -80.77
N GLN H 267 -6.74 -45.70 -81.79
CA GLN H 267 -7.99 -46.44 -81.83
C GLN H 267 -7.74 -47.92 -82.10
N ALA H 268 -6.73 -48.24 -82.91
CA ALA H 268 -6.38 -49.63 -83.14
C ALA H 268 -5.89 -50.29 -81.86
N ILE H 269 -5.07 -49.58 -81.08
CA ILE H 269 -4.56 -50.14 -79.84
C ILE H 269 -5.70 -50.35 -78.84
N GLN H 270 -6.58 -49.36 -78.70
CA GLN H 270 -7.70 -49.49 -77.77
C GLN H 270 -8.66 -50.59 -78.18
N ALA H 271 -8.95 -50.70 -79.48
CA ALA H 271 -9.85 -51.75 -79.96
C ALA H 271 -9.23 -53.13 -79.77
N ALA H 272 -7.92 -53.26 -80.04
CA ALA H 272 -7.25 -54.54 -79.85
C ALA H 272 -7.20 -54.94 -78.39
N ALA H 273 -6.99 -53.97 -77.49
CA ALA H 273 -6.95 -54.27 -76.07
C ALA H 273 -8.32 -54.71 -75.55
N ARG H 274 -9.38 -54.01 -75.96
CA ARG H 274 -10.72 -54.37 -75.49
C ARG H 274 -11.19 -55.69 -76.09
N SER H 275 -10.79 -56.00 -77.32
CA SER H 275 -11.09 -57.30 -77.89
C SER H 275 -10.32 -58.42 -77.23
N GLY H 276 -9.19 -58.11 -76.61
CA GLY H 276 -8.38 -59.10 -75.92
C GLY H 276 -7.46 -59.90 -76.81
N GLU H 277 -7.44 -59.63 -78.12
CA GLU H 277 -6.60 -60.41 -79.02
C GLU H 277 -5.12 -60.04 -78.87
N SER H 278 -4.82 -58.80 -78.49
CA SER H 278 -3.46 -58.31 -78.35
C SER H 278 -3.27 -57.83 -76.92
N SER H 279 -2.92 -58.74 -76.02
CA SER H 279 -2.67 -58.42 -74.62
C SER H 279 -1.17 -58.26 -74.38
N ASP H 280 -0.64 -57.15 -74.90
CA ASP H 280 0.77 -56.83 -74.75
C ASP H 280 0.93 -55.31 -74.75
N ARG H 281 2.06 -54.86 -74.23
CA ARG H 281 2.33 -53.44 -74.16
C ARG H 281 2.68 -52.91 -75.54
N PRO H 282 1.92 -51.96 -76.10
CA PRO H 282 2.22 -51.44 -77.44
C PRO H 282 3.06 -50.17 -77.39
N MET H 283 3.66 -49.86 -78.53
CA MET H 283 4.42 -48.63 -78.69
C MET H 283 3.45 -47.49 -78.98
N TRP H 284 3.25 -46.61 -78.00
CA TRP H 284 2.31 -45.52 -78.16
C TRP H 284 2.85 -44.48 -79.15
N PRO H 285 1.98 -43.81 -79.89
CA PRO H 285 2.44 -42.78 -80.82
C PRO H 285 3.05 -41.58 -80.10
N MET H 286 4.02 -40.97 -80.76
CA MET H 286 4.76 -39.83 -80.23
C MET H 286 5.09 -38.87 -81.37
N ILE H 287 4.90 -37.58 -81.13
CA ILE H 287 5.06 -36.56 -82.17
C ILE H 287 6.15 -35.58 -81.74
N VAL H 288 7.08 -35.29 -82.66
CA VAL H 288 8.17 -34.35 -82.43
C VAL H 288 8.01 -33.19 -83.40
N LEU H 289 8.03 -31.96 -82.88
CA LEU H 289 7.89 -30.76 -83.69
C LEU H 289 9.20 -29.98 -83.65
N ARG H 290 9.77 -29.72 -84.83
CA ARG H 290 11.00 -28.95 -84.96
C ARG H 290 10.74 -27.53 -85.43
N THR H 291 9.51 -27.03 -85.28
CA THR H 291 9.19 -25.68 -85.72
C THR H 291 9.99 -24.67 -84.89
N PRO H 292 10.52 -23.62 -85.54
CA PRO H 292 11.29 -22.62 -84.79
C PRO H 292 10.43 -21.87 -83.79
N LYS H 293 11.04 -21.45 -82.70
CA LYS H 293 10.32 -20.73 -81.66
C LYS H 293 9.90 -19.36 -82.17
N GLY H 294 8.60 -19.09 -82.12
CA GLY H 294 8.08 -17.83 -82.64
C GLY H 294 8.30 -17.66 -84.13
N TRP H 295 8.05 -18.72 -84.90
CA TRP H 295 8.30 -18.67 -86.35
C TRP H 295 7.28 -17.83 -87.10
N THR H 296 6.20 -17.40 -86.45
CA THR H 296 5.23 -16.50 -87.05
C THR H 296 5.44 -15.05 -86.63
N GLY H 297 6.43 -14.77 -85.80
CA GLY H 297 6.66 -13.43 -85.30
C GLY H 297 7.73 -12.70 -86.07
N PRO H 298 8.23 -11.61 -85.50
CA PRO H 298 9.29 -10.85 -86.16
C PRO H 298 10.59 -11.65 -86.22
N ALA H 299 11.36 -11.38 -87.27
CA ALA H 299 12.62 -12.11 -87.50
C ALA H 299 13.80 -11.39 -86.86
N THR H 300 14.03 -10.13 -87.23
CA THR H 300 15.13 -9.34 -86.70
C THR H 300 14.59 -7.99 -86.25
N ILE H 301 15.01 -7.54 -85.06
CA ILE H 301 14.50 -6.30 -84.49
C ILE H 301 15.64 -5.34 -84.21
N LYS H 302 16.59 -5.77 -83.39
CA LYS H 302 17.72 -4.94 -82.95
C LYS H 302 19.03 -5.51 -83.45
N GLY H 303 19.07 -5.92 -84.71
CA GLY H 303 20.26 -6.52 -85.27
C GLY H 303 20.51 -7.95 -84.83
N HIS H 304 19.53 -8.59 -84.20
CA HIS H 304 19.66 -9.97 -83.75
C HIS H 304 18.44 -10.76 -84.19
N VAL H 305 18.63 -12.07 -84.34
CA VAL H 305 17.57 -12.95 -84.82
C VAL H 305 16.60 -13.20 -83.68
N VAL H 306 15.38 -12.67 -83.80
CA VAL H 306 14.36 -12.82 -82.78
C VAL H 306 13.38 -13.94 -83.09
N GLU H 307 13.54 -14.62 -84.21
CA GLU H 307 12.67 -15.72 -84.62
C GLU H 307 13.46 -17.02 -84.62
N GLY H 308 12.93 -18.04 -83.95
CA GLY H 308 13.61 -19.31 -83.83
C GLY H 308 14.88 -19.24 -83.01
N SER H 309 14.90 -18.39 -81.99
CA SER H 309 16.05 -18.25 -81.11
C SER H 309 15.54 -18.03 -79.69
N TRP H 310 16.48 -17.96 -78.74
CA TRP H 310 16.12 -17.75 -77.34
C TRP H 310 15.49 -16.38 -77.11
N ARG H 311 15.76 -15.42 -78.01
CA ARG H 311 15.15 -14.10 -77.88
C ARG H 311 13.64 -14.15 -78.12
N SER H 312 13.17 -15.16 -78.86
CA SER H 312 11.74 -15.27 -79.15
C SER H 312 10.92 -15.48 -77.88
N HIS H 313 11.52 -16.05 -76.84
CA HIS H 313 10.85 -16.18 -75.55
C HIS H 313 10.54 -14.80 -74.96
N GLN H 314 9.60 -14.78 -74.01
CA GLN H 314 9.10 -13.59 -73.28
C GLN H 314 8.58 -12.62 -74.32
N VAL H 315 8.99 -11.36 -74.32
CA VAL H 315 8.53 -10.37 -75.30
C VAL H 315 9.57 -10.29 -76.41
N PRO H 316 9.14 -10.28 -77.69
CA PRO H 316 10.08 -10.06 -78.80
C PRO H 316 10.90 -8.79 -78.64
N MET H 317 10.22 -7.66 -78.46
CA MET H 317 10.88 -6.37 -78.24
C MET H 317 10.74 -5.97 -76.77
N ALA H 318 11.85 -5.48 -76.20
CA ALA H 318 11.83 -5.10 -74.79
C ALA H 318 11.05 -3.82 -74.57
N ASP H 319 11.28 -2.80 -75.39
CA ASP H 319 10.69 -1.49 -75.22
C ASP H 319 9.83 -1.14 -76.43
N VAL H 320 8.61 -0.68 -76.18
CA VAL H 320 7.71 -0.22 -77.23
C VAL H 320 7.31 1.24 -77.04
N LEU H 321 6.96 1.62 -75.81
CA LEU H 321 6.58 3.01 -75.54
C LEU H 321 7.75 3.96 -75.75
N THR H 322 8.95 3.55 -75.32
CA THR H 322 10.12 4.42 -75.43
C THR H 322 10.54 4.62 -76.88
N ASN H 323 10.57 3.53 -77.66
CA ASN H 323 11.06 3.60 -79.02
C ASN H 323 9.89 3.51 -79.99
N PRO H 324 9.57 4.58 -80.72
CA PRO H 324 8.48 4.49 -81.71
C PRO H 324 8.80 3.55 -82.87
N GLU H 325 10.09 3.28 -83.14
CA GLU H 325 10.44 2.36 -84.21
C GLU H 325 9.94 0.95 -83.91
N HIS H 326 10.09 0.50 -82.67
CA HIS H 326 9.56 -0.81 -82.28
C HIS H 326 8.05 -0.84 -82.34
N LEU H 327 7.39 0.27 -82.00
CA LEU H 327 5.94 0.34 -82.11
C LEU H 327 5.50 0.21 -83.56
N GLN H 328 6.25 0.81 -84.48
CA GLN H 328 5.96 0.63 -85.90
C GLN H 328 6.18 -0.82 -86.32
N LEU H 329 7.25 -1.44 -85.84
CA LEU H 329 7.47 -2.86 -86.11
C LEU H 329 6.38 -3.71 -85.48
N LEU H 330 5.91 -3.31 -84.30
CA LEU H 330 4.79 -4.01 -83.66
C LEU H 330 3.53 -3.90 -84.51
N GLU H 331 3.25 -2.70 -85.04
CA GLU H 331 2.06 -2.53 -85.87
C GLU H 331 2.18 -3.35 -87.15
N ASP H 332 3.36 -3.39 -87.75
CA ASP H 332 3.58 -4.21 -88.94
C ASP H 332 3.41 -5.69 -88.62
N TRP H 333 3.85 -6.11 -87.43
CA TRP H 333 3.64 -7.48 -86.99
C TRP H 333 2.16 -7.80 -86.86
N LEU H 334 1.39 -6.87 -86.30
CA LEU H 334 -0.05 -7.06 -86.17
C LEU H 334 -0.73 -7.11 -87.52
N ARG H 335 -0.28 -6.28 -88.47
CA ARG H 335 -0.86 -6.28 -89.81
C ARG H 335 -0.54 -7.55 -90.59
N SER H 336 0.53 -8.26 -90.22
CA SER H 336 0.94 -9.45 -90.96
C SER H 336 -0.08 -10.56 -90.90
N TYR H 337 -0.95 -10.58 -89.89
CA TYR H 337 -1.99 -11.59 -89.79
C TYR H 337 -3.22 -11.23 -90.60
N ARG H 338 -3.30 -10.02 -91.15
CA ARG H 338 -4.46 -9.49 -91.87
C ARG H 338 -5.72 -9.64 -91.02
N PRO H 339 -5.85 -8.87 -89.94
CA PRO H 339 -7.01 -9.05 -89.05
C PRO H 339 -8.33 -8.59 -89.66
N GLU H 340 -8.30 -7.82 -90.74
CA GLU H 340 -9.52 -7.27 -91.31
C GLU H 340 -10.44 -8.37 -91.84
N GLU H 341 -9.86 -9.39 -92.47
CA GLU H 341 -10.67 -10.48 -93.02
C GLU H 341 -11.15 -11.44 -91.94
N LEU H 342 -10.41 -11.55 -90.83
CA LEU H 342 -10.74 -12.52 -89.80
C LEU H 342 -11.95 -12.10 -88.96
N PHE H 343 -12.16 -10.82 -88.75
CA PHE H 343 -13.23 -10.32 -87.91
C PHE H 343 -14.16 -9.43 -88.71
N ASP H 344 -15.43 -9.41 -88.31
CA ASP H 344 -16.43 -8.58 -88.95
C ASP H 344 -16.40 -7.16 -88.35
N ALA H 345 -17.41 -6.36 -88.68
CA ALA H 345 -17.50 -5.02 -88.12
C ALA H 345 -17.77 -5.07 -86.62
N SER H 346 -18.61 -6.01 -86.18
CA SER H 346 -18.95 -6.11 -84.77
C SER H 346 -17.78 -6.63 -83.92
N GLY H 347 -16.80 -7.27 -84.54
CA GLY H 347 -15.67 -7.82 -83.82
C GLY H 347 -15.73 -9.32 -83.61
N ALA H 348 -16.87 -9.96 -83.90
CA ALA H 348 -16.96 -11.39 -83.80
C ALA H 348 -16.18 -12.06 -84.92
N PRO H 349 -15.74 -13.30 -84.72
CA PRO H 349 -15.11 -14.04 -85.82
C PRO H 349 -16.09 -14.26 -86.96
N VAL H 350 -15.55 -14.33 -88.17
CA VAL H 350 -16.35 -14.47 -89.38
C VAL H 350 -16.96 -15.87 -89.43
N ALA H 351 -17.92 -16.06 -90.34
CA ALA H 351 -18.62 -17.34 -90.45
C ALA H 351 -17.70 -18.48 -90.84
N GLU H 352 -16.57 -18.19 -91.50
CA GLU H 352 -15.59 -19.23 -91.79
C GLU H 352 -15.00 -19.81 -90.52
N LEU H 353 -14.69 -18.95 -89.55
CA LEU H 353 -14.15 -19.44 -88.28
C LEU H 353 -15.22 -20.10 -87.43
N GLN H 354 -16.46 -19.62 -87.49
CA GLN H 354 -17.52 -20.20 -86.67
C GLN H 354 -17.84 -21.63 -87.08
N ALA H 355 -17.84 -21.90 -88.38
CA ALA H 355 -18.20 -23.24 -88.86
C ALA H 355 -17.18 -24.29 -88.43
N ILE H 356 -15.89 -23.96 -88.48
CA ILE H 356 -14.86 -24.93 -88.14
C ILE H 356 -14.66 -25.13 -86.65
N ALA H 357 -15.35 -24.34 -85.82
CA ALA H 357 -15.23 -24.50 -84.38
C ALA H 357 -16.08 -25.69 -83.90
N PRO H 358 -15.64 -26.38 -82.87
CA PRO H 358 -16.45 -27.46 -82.29
C PRO H 358 -17.73 -26.91 -81.69
N ILE H 359 -18.76 -27.76 -81.67
CA ILE H 359 -20.12 -27.35 -81.30
C ILE H 359 -20.50 -28.05 -80.00
N GLY H 360 -21.00 -27.27 -79.04
CA GLY H 360 -21.53 -27.85 -77.82
C GLY H 360 -20.44 -28.34 -76.88
N ASP H 361 -20.71 -29.46 -76.22
CA ASP H 361 -19.81 -29.98 -75.21
C ASP H 361 -18.53 -30.56 -75.80
N ARG H 362 -18.49 -30.79 -77.11
CA ARG H 362 -17.30 -31.35 -77.74
C ARG H 362 -16.14 -30.36 -77.78
N ARG H 363 -16.37 -29.09 -77.44
CA ARG H 363 -15.29 -28.12 -77.41
C ARG H 363 -14.23 -28.52 -76.40
N MET H 364 -12.98 -28.40 -76.80
CA MET H 364 -11.86 -28.86 -75.97
C MET H 364 -11.77 -28.06 -74.67
N SER H 365 -12.02 -26.76 -74.74
CA SER H 365 -11.98 -25.92 -73.55
C SER H 365 -13.24 -26.01 -72.71
N ALA H 366 -14.28 -26.69 -73.20
CA ALA H 366 -15.53 -26.83 -72.47
C ALA H 366 -15.81 -28.27 -72.05
N ASN H 367 -14.79 -29.12 -72.08
CA ASN H 367 -14.97 -30.51 -71.70
C ASN H 367 -15.23 -30.62 -70.19
N PRO H 368 -16.23 -31.40 -69.77
CA PRO H 368 -16.51 -31.52 -68.34
C PRO H 368 -15.40 -32.20 -67.55
N VAL H 369 -14.49 -32.91 -68.21
CA VAL H 369 -13.37 -33.55 -67.51
C VAL H 369 -12.48 -32.51 -66.85
N THR H 370 -12.24 -31.39 -67.54
CA THR H 370 -11.39 -30.34 -66.97
C THR H 370 -12.00 -29.76 -65.70
N ASN H 371 -13.30 -29.50 -65.71
CA ASN H 371 -14.01 -29.11 -64.50
C ASN H 371 -14.59 -30.37 -63.85
N GLY H 372 -13.69 -31.14 -63.25
CA GLY H 372 -14.03 -32.48 -62.78
C GLY H 372 -14.99 -32.52 -61.63
N GLY H 373 -15.20 -31.40 -60.94
CA GLY H 373 -16.14 -31.38 -59.83
C GLY H 373 -17.56 -31.70 -60.26
N LEU H 374 -17.95 -31.26 -61.46
CA LEU H 374 -19.24 -31.64 -62.00
C LEU H 374 -19.31 -33.15 -62.26
N LEU H 375 -18.22 -33.73 -62.74
CA LEU H 375 -18.16 -35.16 -63.01
C LEU H 375 -18.03 -35.99 -61.75
N ARG H 376 -17.69 -35.37 -60.62
CA ARG H 376 -17.40 -36.11 -59.39
C ARG H 376 -18.67 -36.68 -58.78
N ARG H 377 -18.62 -37.95 -58.39
CA ARG H 377 -19.68 -38.61 -57.63
C ARG H 377 -19.15 -38.96 -56.26
N ALA H 378 -20.03 -38.89 -55.26
CA ALA H 378 -19.64 -39.15 -53.88
C ALA H 378 -19.20 -40.61 -53.72
N LEU H 379 -18.13 -40.81 -52.95
CA LEU H 379 -17.58 -42.13 -52.77
C LEU H 379 -18.47 -42.96 -51.87
N THR H 380 -18.78 -44.18 -52.30
CA THR H 380 -19.55 -45.13 -51.50
C THR H 380 -18.59 -45.97 -50.69
N LEU H 381 -18.63 -45.80 -49.37
CA LEU H 381 -17.69 -46.50 -48.50
C LEU H 381 -18.43 -47.23 -47.40
N PRO H 382 -17.94 -48.40 -46.99
CA PRO H 382 -18.59 -49.13 -45.90
C PRO H 382 -18.27 -48.52 -44.55
N ASP H 383 -19.01 -48.97 -43.54
CA ASP H 383 -18.75 -48.53 -42.18
C ASP H 383 -17.40 -49.07 -41.71
N PHE H 384 -16.57 -48.20 -41.16
CA PHE H 384 -15.25 -48.64 -40.73
C PHE H 384 -15.29 -49.44 -39.44
N ARG H 385 -16.41 -49.41 -38.72
CA ARG H 385 -16.51 -50.15 -37.46
C ARG H 385 -16.48 -51.65 -37.68
N ASP H 386 -16.73 -52.12 -38.90
CA ASP H 386 -16.60 -53.54 -39.20
C ASP H 386 -15.15 -53.99 -39.13
N GLN H 387 -14.23 -53.17 -39.62
CA GLN H 387 -12.82 -53.53 -39.68
C GLN H 387 -12.04 -53.05 -38.47
N ALA H 388 -12.68 -52.33 -37.55
CA ALA H 388 -11.96 -51.82 -36.39
C ALA H 388 -11.60 -52.95 -35.43
N VAL H 389 -10.44 -52.83 -34.79
CA VAL H 389 -10.04 -53.82 -33.81
C VAL H 389 -10.85 -53.64 -32.53
N SER H 390 -10.89 -54.69 -31.72
CA SER H 390 -11.64 -54.69 -30.48
C SER H 390 -10.69 -54.37 -29.34
N VAL H 391 -11.04 -53.36 -28.54
CA VAL H 391 -10.21 -52.94 -27.43
C VAL H 391 -11.00 -53.10 -26.14
N PRO H 392 -10.81 -54.19 -25.39
CA PRO H 392 -11.51 -54.31 -24.10
C PRO H 392 -10.99 -53.36 -23.05
N ALA H 393 -9.67 -53.23 -22.92
CA ALA H 393 -9.04 -52.31 -21.99
C ALA H 393 -8.15 -51.37 -22.76
N PRO H 394 -8.32 -50.06 -22.64
CA PRO H 394 -7.49 -49.13 -23.43
C PRO H 394 -6.06 -49.11 -22.92
N GLY H 395 -5.11 -49.20 -23.85
CA GLY H 395 -3.71 -49.15 -23.51
C GLY H 395 -3.10 -50.46 -23.07
N LYS H 396 -3.87 -51.55 -23.05
CA LYS H 396 -3.36 -52.83 -22.61
C LYS H 396 -3.30 -53.88 -23.72
N SER H 397 -3.98 -53.66 -24.83
CA SER H 397 -4.01 -54.61 -25.94
C SER H 397 -3.13 -54.09 -27.07
N ARG H 398 -2.25 -54.95 -27.56
CA ARG H 398 -1.26 -54.57 -28.56
C ARG H 398 -1.63 -55.20 -29.90
N ALA H 399 -1.76 -54.36 -30.92
CA ALA H 399 -2.08 -54.83 -32.26
C ALA H 399 -1.53 -53.84 -33.27
N ASP H 400 -1.11 -54.35 -34.41
CA ASP H 400 -0.59 -53.50 -35.47
C ASP H 400 -1.69 -52.65 -36.08
N SER H 401 -1.37 -51.39 -36.36
CA SER H 401 -2.36 -50.42 -36.81
C SER H 401 -2.54 -50.39 -38.32
N THR H 402 -1.62 -50.97 -39.09
CA THR H 402 -1.73 -50.92 -40.54
C THR H 402 -2.77 -51.89 -41.09
N ARG H 403 -2.92 -53.06 -40.47
CA ARG H 403 -3.85 -54.06 -40.97
C ARG H 403 -5.30 -53.59 -41.00
N PRO H 404 -5.85 -52.93 -39.97
CA PRO H 404 -7.23 -52.42 -40.12
C PRO H 404 -7.39 -51.43 -41.26
N LEU H 405 -6.39 -50.59 -41.51
CA LEU H 405 -6.48 -49.65 -42.62
C LEU H 405 -6.46 -50.37 -43.96
N GLY H 406 -5.62 -51.39 -44.09
CA GLY H 406 -5.56 -52.14 -45.34
C GLY H 406 -6.86 -52.85 -45.67
N GLN H 407 -7.51 -53.42 -44.66
CA GLN H 407 -8.81 -54.05 -44.88
C GLN H 407 -9.85 -53.01 -45.29
N PHE H 408 -9.82 -51.83 -44.64
CA PHE H 408 -10.79 -50.79 -44.98
C PHE H 408 -10.59 -50.30 -46.40
N LEU H 409 -9.34 -50.13 -46.83
CA LEU H 409 -9.09 -49.72 -48.21
C LEU H 409 -9.49 -50.80 -49.20
N ARG H 410 -9.36 -52.08 -48.84
CA ARG H 410 -9.80 -53.16 -49.71
C ARG H 410 -11.31 -53.09 -49.94
N GLU H 411 -12.07 -52.83 -48.88
CA GLU H 411 -13.53 -52.76 -49.02
C GLU H 411 -13.96 -51.58 -49.87
N VAL H 412 -13.25 -50.46 -49.77
CA VAL H 412 -13.55 -49.30 -50.60
C VAL H 412 -13.30 -49.61 -52.07
N ILE H 413 -12.24 -50.38 -52.36
CA ILE H 413 -11.91 -50.73 -53.74
C ILE H 413 -13.03 -51.56 -54.37
N ARG H 414 -13.53 -52.55 -53.64
CA ARG H 414 -14.62 -53.38 -54.18
C ARG H 414 -15.88 -52.57 -54.38
N HIS H 415 -16.23 -51.71 -53.42
CA HIS H 415 -17.44 -50.92 -53.54
C HIS H 415 -17.31 -49.79 -54.54
N ASN H 416 -16.08 -49.39 -54.86
CA ASN H 416 -15.82 -48.33 -55.85
C ASN H 416 -14.78 -48.83 -56.82
N PRO H 417 -15.17 -49.72 -57.75
CA PRO H 417 -14.18 -50.34 -58.63
C PRO H 417 -13.66 -49.42 -59.72
N ASP H 418 -14.34 -48.31 -59.99
CA ASP H 418 -13.95 -47.43 -61.09
C ASP H 418 -13.28 -46.14 -60.62
N ASN H 419 -13.89 -45.40 -59.70
CA ASN H 419 -13.41 -44.07 -59.34
C ASN H 419 -12.57 -44.08 -58.07
N PHE H 420 -11.74 -45.11 -57.88
CA PHE H 420 -10.85 -45.14 -56.73
C PHE H 420 -9.58 -45.91 -57.10
N ARG H 421 -8.42 -45.35 -56.73
CA ARG H 421 -7.14 -46.00 -56.95
C ARG H 421 -6.24 -45.71 -55.75
N LEU H 422 -5.23 -46.56 -55.58
CA LEU H 422 -4.28 -46.46 -54.49
C LEU H 422 -2.87 -46.31 -55.05
N PHE H 423 -2.08 -45.43 -54.42
CA PHE H 423 -0.74 -45.11 -54.91
C PHE H 423 0.28 -45.33 -53.81
N GLY H 424 1.37 -46.00 -54.14
CA GLY H 424 2.45 -46.24 -53.21
C GLY H 424 3.77 -46.49 -53.89
N PRO H 425 4.85 -45.87 -53.38
CA PRO H 425 6.17 -46.00 -54.02
C PRO H 425 6.89 -47.30 -53.61
N ASP H 426 6.29 -48.42 -53.99
CA ASP H 426 6.79 -49.76 -53.63
C ASP H 426 6.95 -49.90 -52.11
N GLU H 427 5.96 -49.39 -51.39
CA GLU H 427 5.92 -49.52 -49.93
C GLU H 427 4.60 -50.08 -49.43
N THR H 428 3.66 -50.39 -50.31
CA THR H 428 2.39 -50.98 -49.89
C THR H 428 2.63 -52.32 -49.20
N ALA H 429 3.50 -53.15 -49.77
CA ALA H 429 3.90 -54.37 -49.09
C ALA H 429 4.73 -54.06 -47.85
N SER H 430 5.60 -53.04 -47.94
CA SER H 430 6.43 -52.67 -46.80
C SER H 430 5.59 -52.13 -45.64
N ASN H 431 4.58 -51.32 -45.95
CA ASN H 431 3.70 -50.75 -44.93
C ASN H 431 2.69 -51.74 -44.38
N ARG H 432 2.84 -53.04 -44.67
CA ARG H 432 1.94 -54.08 -44.18
C ARG H 432 0.49 -53.84 -44.63
N LEU H 433 0.33 -53.29 -45.84
CA LEU H 433 -0.98 -53.05 -46.42
C LEU H 433 -1.37 -54.13 -47.42
N ASP H 434 -0.98 -55.38 -47.15
CA ASP H 434 -1.24 -56.48 -48.07
C ASP H 434 -2.70 -56.93 -48.07
N ALA H 435 -3.54 -56.34 -47.21
CA ALA H 435 -4.95 -56.71 -47.19
C ALA H 435 -5.65 -56.33 -48.49
N VAL H 436 -5.21 -55.26 -49.15
CA VAL H 436 -5.80 -54.89 -50.43
C VAL H 436 -5.38 -55.85 -51.54
N TYR H 437 -4.31 -56.62 -51.34
CA TYR H 437 -3.86 -57.57 -52.34
C TYR H 437 -4.78 -58.77 -52.47
N GLU H 438 -5.75 -58.93 -51.56
CA GLU H 438 -6.64 -60.09 -51.61
C GLU H 438 -7.55 -60.04 -52.83
N VAL H 439 -8.09 -58.88 -53.16
CA VAL H 439 -9.07 -58.75 -54.23
C VAL H 439 -8.48 -58.13 -55.49
N THR H 440 -7.55 -57.20 -55.35
CA THR H 440 -6.93 -56.54 -56.49
C THR H 440 -5.41 -56.55 -56.32
N SER H 441 -4.71 -56.51 -57.44
CA SER H 441 -3.26 -56.59 -57.46
C SER H 441 -2.67 -55.39 -58.18
N LYS H 442 -1.35 -55.26 -58.10
CA LYS H 442 -0.65 -54.19 -58.77
C LYS H 442 -0.71 -54.37 -60.29
N VAL H 443 -0.64 -53.24 -61.00
CA VAL H 443 -0.68 -53.23 -62.46
C VAL H 443 0.75 -53.05 -62.98
N TRP H 444 1.17 -53.92 -63.88
CA TRP H 444 2.51 -53.87 -64.43
C TRP H 444 2.54 -53.77 -65.95
N LEU H 445 1.73 -54.55 -66.65
CA LEU H 445 1.66 -54.57 -68.11
C LEU H 445 3.04 -54.75 -68.74
N GLY H 446 3.74 -55.79 -68.27
CA GLY H 446 5.05 -56.11 -68.79
C GLY H 446 5.23 -57.62 -68.79
N ASP H 447 6.44 -58.05 -69.15
CA ASP H 447 6.76 -59.47 -69.11
C ASP H 447 6.74 -59.97 -67.68
N ARG H 448 6.26 -61.21 -67.51
CA ARG H 448 6.10 -61.79 -66.19
C ARG H 448 6.69 -63.21 -66.18
N ILE H 449 7.17 -63.61 -65.01
CA ILE H 449 7.75 -64.94 -64.83
C ILE H 449 6.99 -65.62 -63.70
N PRO H 450 6.99 -66.95 -63.65
CA PRO H 450 6.29 -67.64 -62.54
C PRO H 450 6.85 -67.29 -61.17
N GLU H 451 8.11 -66.87 -61.08
CA GLU H 451 8.65 -66.40 -59.81
C GLU H 451 7.93 -65.14 -59.34
N ASP H 452 7.57 -64.26 -60.28
CA ASP H 452 6.81 -63.07 -59.91
C ASP H 452 5.40 -63.40 -59.45
N GLU H 453 4.80 -64.46 -60.01
CA GLU H 453 3.43 -64.83 -59.65
C GLU H 453 3.34 -65.24 -58.19
N ASP H 454 4.29 -66.03 -57.71
CA ASP H 454 4.26 -66.48 -56.32
C ASP H 454 4.65 -65.35 -55.38
N GLY H 455 5.64 -64.54 -55.76
CA GLY H 455 6.13 -63.48 -54.90
C GLY H 455 5.30 -62.22 -54.92
N GLY H 456 5.12 -61.63 -56.10
CA GLY H 456 4.41 -60.38 -56.23
C GLY H 456 2.98 -60.57 -56.73
N HIS H 457 2.18 -59.53 -56.55
CA HIS H 457 0.80 -59.50 -57.00
C HIS H 457 0.73 -58.58 -58.22
N LEU H 458 0.97 -59.14 -59.40
CA LEU H 458 1.04 -58.39 -60.64
C LEU H 458 -0.01 -58.92 -61.62
N SER H 459 -0.74 -57.99 -62.25
CA SER H 459 -1.73 -58.36 -63.26
C SER H 459 -1.95 -57.16 -64.16
N ASP H 460 -2.54 -57.45 -65.33
CA ASP H 460 -2.87 -56.37 -66.26
C ASP H 460 -3.92 -55.44 -65.69
N ARG H 461 -4.92 -55.98 -64.99
CA ARG H 461 -5.97 -55.20 -64.36
C ARG H 461 -5.65 -55.01 -62.88
N GLY H 462 -5.67 -53.76 -62.43
CA GLY H 462 -5.38 -53.46 -61.05
C GLY H 462 -5.83 -52.07 -60.69
N ARG H 463 -5.91 -51.82 -59.39
CA ARG H 463 -6.30 -50.52 -58.86
C ARG H 463 -5.21 -49.89 -58.00
N VAL H 464 -4.02 -50.48 -57.94
CA VAL H 464 -2.92 -50.00 -57.12
C VAL H 464 -1.74 -49.69 -58.01
N MET H 465 -1.24 -48.46 -57.95
CA MET H 465 -0.08 -48.03 -58.70
C MET H 465 1.15 -48.09 -57.81
N GLU H 466 2.20 -48.77 -58.27
CA GLU H 466 3.39 -49.01 -57.45
C GLU H 466 4.64 -48.72 -58.28
N ILE H 467 5.15 -47.49 -58.17
CA ILE H 467 6.41 -47.08 -58.76
C ILE H 467 7.09 -46.14 -57.78
N LEU H 468 8.38 -46.37 -57.52
CA LEU H 468 9.05 -45.69 -56.41
C LEU H 468 9.49 -44.28 -56.73
N SER H 469 9.27 -43.79 -57.95
CA SER H 469 9.52 -42.39 -58.27
C SER H 469 8.31 -41.59 -57.82
N GLU H 470 8.47 -40.86 -56.71
CA GLU H 470 7.34 -40.13 -56.13
C GLU H 470 6.91 -38.95 -56.98
N HIS H 471 7.77 -38.45 -57.87
CA HIS H 471 7.40 -37.32 -58.72
C HIS H 471 6.26 -37.69 -59.66
N THR H 472 6.48 -38.73 -60.47
CA THR H 472 5.43 -39.16 -61.39
C THR H 472 4.26 -39.80 -60.64
N LEU H 473 4.54 -40.43 -59.50
CA LEU H 473 3.47 -41.10 -58.76
C LEU H 473 2.49 -40.10 -58.16
N GLU H 474 3.01 -39.01 -57.60
CA GLU H 474 2.13 -37.99 -57.04
C GLU H 474 1.44 -37.19 -58.11
N GLY H 475 2.08 -37.01 -59.27
CA GLY H 475 1.45 -36.30 -60.37
C GLY H 475 0.25 -37.02 -60.92
N TRP H 476 0.26 -38.36 -60.87
CA TRP H 476 -0.91 -39.12 -61.31
C TRP H 476 -2.11 -38.83 -60.44
N LEU H 477 -1.90 -38.73 -59.12
CA LEU H 477 -3.01 -38.56 -58.20
C LEU H 477 -3.65 -37.18 -58.34
N GLU H 478 -2.83 -36.14 -58.54
CA GLU H 478 -3.37 -34.78 -58.60
C GLU H 478 -4.33 -34.62 -59.77
N ALA H 479 -3.97 -35.13 -60.93
CA ALA H 479 -4.87 -35.09 -62.07
C ALA H 479 -6.08 -35.98 -61.85
N TYR H 480 -5.90 -37.09 -61.15
CA TYR H 480 -7.02 -38.00 -60.88
C TYR H 480 -8.08 -37.32 -60.04
N LEU H 481 -7.69 -36.49 -59.08
CA LEU H 481 -8.65 -35.78 -58.25
C LEU H 481 -9.29 -34.62 -59.01
N LEU H 482 -8.50 -33.88 -59.79
CA LEU H 482 -9.05 -32.79 -60.58
C LEU H 482 -9.98 -33.28 -61.68
N THR H 483 -9.84 -34.55 -62.08
CA THR H 483 -10.78 -35.14 -63.03
C THR H 483 -12.12 -35.45 -62.40
N GLY H 484 -12.18 -35.54 -61.07
CA GLY H 484 -13.40 -35.84 -60.36
C GLY H 484 -13.42 -37.18 -59.66
N ARG H 485 -12.32 -37.94 -59.69
CA ARG H 485 -12.27 -39.24 -59.06
C ARG H 485 -11.72 -39.10 -57.64
N HIS H 486 -11.45 -40.23 -56.98
CA HIS H 486 -10.94 -40.25 -55.62
C HIS H 486 -9.71 -41.14 -55.56
N GLY H 487 -8.78 -40.81 -54.67
CA GLY H 487 -7.55 -41.56 -54.56
C GLY H 487 -7.00 -41.51 -53.16
N PHE H 488 -5.92 -42.26 -52.95
CA PHE H 488 -5.26 -42.32 -51.64
C PHE H 488 -3.78 -42.59 -51.86
N PHE H 489 -2.93 -41.82 -51.19
CA PHE H 489 -1.49 -41.92 -51.34
C PHE H 489 -0.87 -42.39 -50.03
N ALA H 490 -0.06 -43.45 -50.10
CA ALA H 490 0.61 -43.99 -48.94
C ALA H 490 2.09 -44.09 -49.22
N THR H 491 2.91 -43.53 -48.34
CA THR H 491 4.35 -43.50 -48.54
C THR H 491 5.05 -43.36 -47.19
N TYR H 492 6.38 -43.42 -47.24
CA TYR H 492 7.18 -43.13 -46.07
C TYR H 492 7.23 -41.63 -45.80
N GLU H 493 7.49 -41.28 -44.55
CA GLU H 493 7.69 -39.89 -44.18
C GLU H 493 9.06 -39.37 -44.59
N ALA H 494 10.05 -40.26 -44.66
CA ALA H 494 11.42 -39.84 -44.94
C ALA H 494 11.57 -39.25 -46.34
N PHE H 495 10.78 -39.74 -47.30
CA PHE H 495 10.87 -39.26 -48.67
C PHE H 495 9.76 -38.29 -49.03
N ALA H 496 9.14 -37.67 -48.03
CA ALA H 496 8.08 -36.70 -48.30
C ALA H 496 8.63 -35.38 -48.81
N HIS H 497 9.91 -35.11 -48.62
CA HIS H 497 10.51 -33.91 -49.20
C HIS H 497 10.57 -33.96 -50.71
N VAL H 498 10.45 -35.15 -51.30
CA VAL H 498 10.50 -35.28 -52.76
C VAL H 498 9.30 -34.60 -53.40
N ILE H 499 8.12 -34.74 -52.81
CA ILE H 499 6.89 -34.21 -53.39
C ILE H 499 6.59 -32.84 -52.79
N ASP H 500 7.59 -32.21 -52.19
CA ASP H 500 7.39 -30.90 -51.58
C ASP H 500 6.99 -29.86 -52.61
N SER H 501 7.67 -29.84 -53.76
CA SER H 501 7.33 -28.87 -54.79
C SER H 501 5.96 -29.15 -55.39
N MET H 502 5.60 -30.42 -55.55
CA MET H 502 4.34 -30.77 -56.18
C MET H 502 3.15 -30.44 -55.30
N VAL H 503 3.30 -30.59 -53.98
CA VAL H 503 2.20 -30.32 -53.07
C VAL H 503 1.83 -28.84 -53.09
N ASN H 504 2.84 -27.96 -53.10
CA ASN H 504 2.57 -26.53 -53.14
C ASN H 504 1.87 -26.14 -54.43
N GLN H 505 2.21 -26.80 -55.54
CA GLN H 505 1.52 -26.54 -56.80
C GLN H 505 0.05 -26.93 -56.70
N HIS H 506 -0.25 -28.06 -56.07
CA HIS H 506 -1.64 -28.46 -55.94
C HIS H 506 -2.37 -27.63 -54.90
N ALA H 507 -1.67 -27.19 -53.86
CA ALA H 507 -2.31 -26.39 -52.83
C ALA H 507 -2.76 -25.04 -53.36
N LYS H 508 -1.94 -24.41 -54.20
CA LYS H 508 -2.33 -23.12 -54.76
C LYS H 508 -3.46 -23.27 -55.77
N TRP H 509 -3.59 -24.44 -56.40
CA TRP H 509 -4.70 -24.66 -57.31
C TRP H 509 -6.03 -24.69 -56.56
N LEU H 510 -6.07 -25.41 -55.44
CA LEU H 510 -7.30 -25.49 -54.67
C LEU H 510 -7.64 -24.16 -54.02
N ASP H 511 -6.63 -23.41 -53.60
CA ASP H 511 -6.88 -22.12 -52.95
C ASP H 511 -7.52 -21.13 -53.92
N VAL H 512 -7.02 -21.07 -55.15
CA VAL H 512 -7.60 -20.17 -56.14
C VAL H 512 -8.98 -20.68 -56.57
N SER H 513 -9.12 -21.99 -56.74
CA SER H 513 -10.39 -22.54 -57.21
C SER H 513 -11.50 -22.35 -56.19
N LYS H 514 -11.17 -22.41 -54.90
CA LYS H 514 -12.19 -22.27 -53.86
C LYS H 514 -12.70 -20.84 -53.78
N ARG H 515 -11.80 -19.86 -53.76
CA ARG H 515 -12.15 -18.47 -53.50
C ARG H 515 -12.34 -17.67 -54.78
N GLU H 516 -11.30 -17.56 -55.60
CA GLU H 516 -11.33 -16.62 -56.72
C GLU H 516 -12.28 -17.07 -57.81
N VAL H 517 -12.21 -18.34 -58.19
CA VAL H 517 -13.00 -18.85 -59.30
C VAL H 517 -14.33 -19.37 -58.75
N ASP H 518 -15.43 -18.98 -59.39
CA ASP H 518 -16.75 -19.35 -58.95
C ASP H 518 -17.36 -20.50 -59.74
N TRP H 519 -16.97 -20.68 -61.00
CA TRP H 519 -17.51 -21.76 -61.80
C TRP H 519 -16.78 -23.08 -61.58
N ARG H 520 -15.68 -23.08 -60.84
CA ARG H 520 -14.98 -24.33 -60.55
C ARG H 520 -15.76 -25.13 -59.51
N ALA H 521 -16.14 -26.33 -59.87
CA ALA H 521 -16.82 -27.13 -58.88
C ALA H 521 -15.80 -27.85 -57.99
N PRO H 522 -16.14 -28.09 -56.72
CA PRO H 522 -15.18 -28.73 -55.82
C PRO H 522 -14.81 -30.13 -56.27
N VAL H 523 -13.53 -30.47 -56.10
CA VAL H 523 -13.00 -31.76 -56.48
C VAL H 523 -12.76 -32.56 -55.21
N SER H 524 -12.37 -33.82 -55.34
CA SER H 524 -12.07 -34.63 -54.18
C SER H 524 -10.79 -34.15 -53.49
N SER H 525 -10.60 -34.60 -52.25
CA SER H 525 -9.47 -34.15 -51.46
C SER H 525 -8.22 -34.97 -51.77
N LEU H 526 -7.08 -34.41 -51.40
CA LEU H 526 -5.78 -35.06 -51.58
C LEU H 526 -5.37 -35.71 -50.26
N ASN H 527 -5.39 -37.04 -50.22
CA ASN H 527 -5.11 -37.80 -49.01
C ASN H 527 -3.75 -38.44 -49.15
N ILE H 528 -2.81 -38.05 -48.29
CA ILE H 528 -1.46 -38.59 -48.27
C ILE H 528 -1.24 -39.27 -46.94
N LEU H 529 -0.82 -40.52 -46.97
CA LEU H 529 -0.52 -41.28 -45.76
C LEU H 529 0.99 -41.42 -45.62
N LEU H 530 1.50 -40.99 -44.47
CA LEU H 530 2.93 -41.03 -44.17
C LEU H 530 3.18 -42.14 -43.16
N SER H 531 4.02 -43.09 -43.53
CA SER H 531 4.34 -44.23 -42.67
C SER H 531 5.82 -44.20 -42.31
N SER H 532 6.19 -45.10 -41.40
CA SER H 532 7.56 -45.30 -40.96
C SER H 532 8.18 -43.98 -40.47
N THR H 533 7.62 -43.49 -39.39
CA THR H 533 8.04 -42.22 -38.81
C THR H 533 9.51 -42.26 -38.41
N VAL H 534 10.05 -41.08 -38.08
CA VAL H 534 11.46 -40.93 -37.80
C VAL H 534 11.88 -41.62 -36.50
N TRP H 535 10.93 -41.97 -35.64
CA TRP H 535 11.28 -42.49 -34.33
C TRP H 535 11.62 -43.97 -34.35
N ARG H 536 10.98 -44.76 -35.21
CA ARG H 536 11.24 -46.20 -35.22
C ARG H 536 12.55 -46.54 -35.91
N GLN H 537 12.96 -45.77 -36.91
CA GLN H 537 14.21 -45.96 -37.64
C GLN H 537 14.27 -47.36 -38.27
N ASP H 538 13.37 -47.58 -39.22
CA ASP H 538 13.30 -48.84 -39.95
C ASP H 538 14.54 -49.04 -40.80
N HIS H 539 14.64 -50.24 -41.39
CA HIS H 539 15.79 -50.57 -42.23
C HIS H 539 15.85 -49.67 -43.47
N ASN H 540 14.72 -49.39 -44.09
CA ASN H 540 14.69 -48.54 -45.27
C ASN H 540 14.83 -47.08 -44.86
N GLY H 541 15.18 -46.26 -45.84
CA GLY H 541 15.36 -44.84 -45.62
C GLY H 541 16.72 -44.51 -45.04
N PHE H 542 17.12 -43.26 -45.25
CA PHE H 542 18.39 -42.80 -44.72
C PHE H 542 18.32 -42.68 -43.20
N SER H 543 19.50 -42.66 -42.57
CA SER H 543 19.56 -42.66 -41.11
C SER H 543 18.96 -41.40 -40.51
N HIS H 544 19.19 -40.25 -41.13
CA HIS H 544 18.72 -38.98 -40.60
C HIS H 544 17.41 -38.58 -41.26
N GLN H 545 16.35 -39.28 -40.88
CA GLN H 545 15.03 -38.95 -41.36
C GLN H 545 14.58 -37.59 -40.82
N ASP H 546 13.82 -36.87 -41.63
CA ASP H 546 13.43 -35.50 -41.33
C ASP H 546 11.92 -35.39 -41.31
N PRO H 547 11.31 -34.99 -40.19
CA PRO H 547 9.85 -34.81 -40.16
C PRO H 547 9.43 -33.44 -40.63
N GLY H 548 10.33 -32.74 -41.33
CA GLY H 548 10.09 -31.37 -41.76
C GLY H 548 8.98 -31.19 -42.77
N PHE H 549 8.49 -32.28 -43.36
CA PHE H 549 7.38 -32.16 -44.31
C PHE H 549 6.12 -31.63 -43.63
N ILE H 550 5.94 -31.93 -42.34
CA ILE H 550 4.78 -31.42 -41.62
C ILE H 550 4.85 -29.90 -41.52
N ASP H 551 6.05 -29.35 -41.38
CA ASP H 551 6.19 -27.92 -41.19
C ASP H 551 5.87 -27.15 -42.47
N LEU H 552 6.36 -27.61 -43.63
CA LEU H 552 6.13 -26.88 -44.87
C LEU H 552 4.66 -26.93 -45.28
N VAL H 553 3.94 -27.98 -44.89
CA VAL H 553 2.51 -28.03 -45.16
C VAL H 553 1.79 -26.96 -44.35
N THR H 554 2.22 -26.75 -43.10
CA THR H 554 1.61 -25.71 -42.28
C THR H 554 1.91 -24.31 -42.79
N ASN H 555 2.94 -24.14 -43.63
CA ASN H 555 3.16 -22.84 -44.26
C ASN H 555 1.99 -22.48 -45.17
N LYS H 556 1.42 -23.47 -45.86
CA LYS H 556 0.18 -23.26 -46.57
C LYS H 556 -0.94 -23.00 -45.57
N SER H 557 -1.98 -22.31 -46.05
CA SER H 557 -3.04 -21.85 -45.17
C SER H 557 -3.82 -23.03 -44.59
N ALA H 558 -4.35 -22.82 -43.39
CA ALA H 558 -5.13 -23.85 -42.69
C ALA H 558 -6.43 -24.18 -43.40
N ARG H 559 -6.86 -23.35 -44.35
CA ARG H 559 -8.09 -23.58 -45.08
C ARG H 559 -7.90 -24.43 -46.32
N VAL H 560 -6.68 -24.91 -46.57
CA VAL H 560 -6.45 -25.81 -47.71
C VAL H 560 -5.71 -27.08 -47.31
N THR H 561 -5.07 -27.14 -46.15
CA THR H 561 -4.34 -28.33 -45.71
C THR H 561 -4.80 -28.73 -44.33
N ARG H 562 -4.90 -30.04 -44.12
CA ARG H 562 -5.22 -30.61 -42.82
C ARG H 562 -4.24 -31.71 -42.50
N ILE H 563 -3.73 -31.72 -41.27
CA ILE H 563 -2.73 -32.69 -40.83
C ILE H 563 -3.32 -33.46 -39.65
N TYR H 564 -3.31 -34.79 -39.76
CA TYR H 564 -3.89 -35.66 -38.76
C TYR H 564 -2.83 -36.65 -38.28
N LEU H 565 -2.74 -36.81 -36.96
CA LEU H 565 -1.77 -37.71 -36.34
C LEU H 565 -2.53 -38.68 -35.44
N PRO H 566 -3.11 -39.72 -36.02
CA PRO H 566 -3.90 -40.66 -35.23
C PRO H 566 -3.00 -41.53 -34.37
N PRO H 567 -3.35 -41.74 -33.10
CA PRO H 567 -2.49 -42.56 -32.24
C PRO H 567 -2.57 -44.05 -32.52
N ASP H 568 -3.77 -44.60 -32.72
CA ASP H 568 -3.91 -46.04 -32.87
C ASP H 568 -4.69 -46.44 -34.12
N ALA H 569 -5.01 -47.72 -34.24
CA ALA H 569 -5.65 -48.23 -35.44
C ALA H 569 -7.07 -47.70 -35.60
N ASN H 570 -7.85 -47.70 -34.50
CA ASN H 570 -9.23 -47.22 -34.59
C ASN H 570 -9.29 -45.75 -34.93
N CYS H 571 -8.40 -44.94 -34.34
CA CYS H 571 -8.37 -43.53 -34.68
C CYS H 571 -7.84 -43.31 -36.08
N LEU H 572 -7.04 -44.25 -36.60
CA LEU H 572 -6.58 -44.16 -37.99
C LEU H 572 -7.72 -44.40 -38.96
N LEU H 573 -8.60 -45.37 -38.66
CA LEU H 573 -9.73 -45.65 -39.54
C LEU H 573 -10.70 -44.48 -39.59
N SER H 574 -10.97 -43.86 -38.43
CA SER H 574 -11.89 -42.73 -38.41
C SER H 574 -11.33 -41.56 -39.21
N VAL H 575 -10.02 -41.32 -39.10
CA VAL H 575 -9.39 -40.27 -39.90
C VAL H 575 -9.47 -40.61 -41.38
N ALA H 576 -9.17 -41.87 -41.74
CA ALA H 576 -9.23 -42.27 -43.14
C ALA H 576 -10.65 -42.21 -43.67
N ASP H 577 -11.63 -42.61 -42.87
CA ASP H 577 -13.02 -42.53 -43.29
C ASP H 577 -13.46 -41.09 -43.46
N HIS H 578 -13.09 -40.21 -42.52
CA HIS H 578 -13.52 -38.82 -42.60
C HIS H 578 -12.87 -38.09 -43.77
N CYS H 579 -11.59 -38.37 -44.03
CA CYS H 579 -10.88 -37.64 -45.06
C CYS H 579 -11.32 -38.06 -46.46
N LEU H 580 -11.85 -39.27 -46.61
CA LEU H 580 -12.35 -39.69 -47.91
C LEU H 580 -13.65 -38.98 -48.28
N ARG H 581 -14.29 -38.30 -47.34
CA ARG H 581 -15.48 -37.53 -47.62
C ARG H 581 -15.18 -36.07 -47.97
N SER H 582 -14.06 -35.53 -47.47
CA SER H 582 -13.75 -34.12 -47.66
C SER H 582 -13.42 -33.84 -49.12
N THR H 583 -13.56 -32.57 -49.50
CA THR H 583 -13.44 -32.18 -50.90
C THR H 583 -12.25 -31.27 -51.19
N ASP H 584 -12.17 -30.10 -50.57
CA ASP H 584 -11.22 -29.08 -51.00
C ASP H 584 -10.06 -28.91 -50.03
N TYR H 585 -9.51 -30.03 -49.55
CA TYR H 585 -8.41 -30.00 -48.61
C TYR H 585 -7.31 -30.95 -49.05
N ILE H 586 -6.11 -30.71 -48.53
CA ILE H 586 -5.00 -31.64 -48.63
C ILE H 586 -4.85 -32.29 -47.27
N ASN H 587 -5.06 -33.61 -47.20
CA ASN H 587 -5.06 -34.33 -45.95
C ASN H 587 -3.75 -35.10 -45.83
N VAL H 588 -2.99 -34.80 -44.77
CA VAL H 588 -1.73 -35.48 -44.49
C VAL H 588 -1.92 -36.29 -43.22
N ILE H 589 -1.80 -37.60 -43.33
CA ILE H 589 -2.02 -38.51 -42.22
C ILE H 589 -0.71 -39.23 -41.94
N VAL H 590 -0.22 -39.14 -40.72
CA VAL H 590 1.05 -39.73 -40.33
C VAL H 590 0.77 -40.84 -39.31
N ALA H 591 1.07 -42.07 -39.69
CA ALA H 591 0.92 -43.24 -38.83
C ALA H 591 2.21 -44.04 -38.88
N ASP H 592 2.31 -45.03 -38.00
CA ASP H 592 3.51 -45.85 -37.89
C ASP H 592 3.18 -47.31 -38.17
N LYS H 593 4.07 -47.97 -38.91
CA LYS H 593 3.85 -49.36 -39.27
C LYS H 593 3.97 -50.30 -38.08
N GLN H 594 4.89 -49.99 -37.16
CA GLN H 594 5.23 -50.92 -36.09
C GLN H 594 4.05 -51.16 -35.16
N SER H 595 3.97 -52.38 -34.63
CA SER H 595 2.89 -52.77 -33.75
C SER H 595 2.93 -51.95 -32.47
N HIS H 596 1.78 -51.41 -32.08
CA HIS H 596 1.70 -50.49 -30.96
C HIS H 596 0.51 -50.87 -30.09
N LEU H 597 0.32 -50.10 -29.01
CA LEU H 597 -0.84 -50.26 -28.16
C LEU H 597 -2.09 -49.75 -28.88
N GLN H 598 -3.24 -50.05 -28.30
CA GLN H 598 -4.51 -49.52 -28.77
C GLN H 598 -5.16 -48.78 -27.61
N TYR H 599 -5.59 -47.54 -27.86
CA TYR H 599 -6.11 -46.69 -26.81
C TYR H 599 -7.59 -46.37 -26.96
N LEU H 600 -8.15 -46.49 -28.15
CA LEU H 600 -9.51 -46.06 -28.41
C LEU H 600 -10.32 -47.21 -28.99
N ASP H 601 -11.56 -47.32 -28.54
CA ASP H 601 -12.50 -48.26 -29.13
C ASP H 601 -13.04 -47.69 -30.45
N ALA H 602 -13.77 -48.52 -31.18
CA ALA H 602 -14.31 -48.09 -32.46
C ALA H 602 -15.26 -46.91 -32.29
N GLU H 603 -16.12 -46.95 -31.27
CA GLU H 603 -17.03 -45.84 -31.04
C GLU H 603 -16.31 -44.63 -30.47
N ALA H 604 -15.36 -44.85 -29.56
CA ALA H 604 -14.64 -43.74 -28.95
C ALA H 604 -13.71 -43.06 -29.93
N ALA H 605 -13.21 -43.79 -30.92
CA ALA H 605 -12.38 -43.17 -31.96
C ALA H 605 -13.18 -42.17 -32.78
N ALA H 606 -14.44 -42.51 -33.09
CA ALA H 606 -15.28 -41.60 -33.86
C ALA H 606 -15.55 -40.31 -33.09
N ARG H 607 -15.81 -40.41 -31.80
CA ARG H 607 -15.99 -39.20 -30.99
C ARG H 607 -14.71 -38.40 -30.91
N HIS H 608 -13.56 -39.09 -30.83
CA HIS H 608 -12.28 -38.39 -30.74
C HIS H 608 -11.99 -37.61 -32.01
N CYS H 609 -12.18 -38.25 -33.17
CA CYS H 609 -11.93 -37.56 -34.43
C CYS H 609 -12.97 -36.50 -34.74
N ALA H 610 -14.16 -36.59 -34.15
CA ALA H 610 -15.14 -35.53 -34.31
C ALA H 610 -14.67 -34.24 -33.67
N LYS H 611 -14.18 -34.32 -32.43
CA LYS H 611 -13.62 -33.15 -31.78
C LYS H 611 -12.23 -32.81 -32.30
N GLY H 612 -11.47 -33.82 -32.71
CA GLY H 612 -10.09 -33.65 -33.14
C GLY H 612 -9.10 -33.64 -32.00
N ILE H 613 -9.44 -32.95 -30.92
CA ILE H 613 -8.64 -32.90 -29.71
C ILE H 613 -9.55 -33.15 -28.51
N GLY H 614 -9.16 -34.06 -27.63
CA GLY H 614 -10.01 -34.37 -26.50
C GLY H 614 -9.22 -34.98 -25.36
N ILE H 615 -9.79 -34.84 -24.17
CA ILE H 615 -9.21 -35.41 -22.96
C ILE H 615 -9.47 -36.91 -22.95
N TRP H 616 -8.43 -37.68 -22.66
CA TRP H 616 -8.58 -39.11 -22.44
C TRP H 616 -8.88 -39.33 -20.96
N ASP H 617 -10.09 -39.83 -20.67
CA ASP H 617 -10.54 -39.91 -19.29
C ASP H 617 -9.82 -41.01 -18.53
N TRP H 618 -9.56 -42.15 -19.17
CA TRP H 618 -8.88 -43.24 -18.48
C TRP H 618 -7.44 -42.89 -18.17
N ALA H 619 -6.77 -42.17 -19.07
CA ALA H 619 -5.40 -41.76 -18.81
C ALA H 619 -5.33 -40.62 -17.80
N SER H 620 -6.36 -39.79 -17.74
CA SER H 620 -6.37 -38.67 -16.82
C SER H 620 -6.42 -39.16 -15.38
N ASN H 621 -5.63 -38.51 -14.52
CA ASN H 621 -5.54 -38.95 -13.13
C ASN H 621 -6.79 -38.59 -12.35
N ASP H 622 -7.07 -37.30 -12.23
CA ASP H 622 -8.15 -36.84 -11.36
C ASP H 622 -9.14 -35.99 -12.14
N GLN H 623 -10.42 -36.31 -11.97
CA GLN H 623 -11.52 -35.53 -12.50
C GLN H 623 -12.26 -34.88 -11.34
N GLY H 624 -12.91 -33.76 -11.62
CA GLY H 624 -13.56 -32.99 -10.59
C GLY H 624 -12.62 -32.11 -9.79
N ALA H 625 -11.34 -32.06 -10.16
CA ALA H 625 -10.38 -31.20 -9.49
C ALA H 625 -9.48 -30.57 -10.56
N SER H 626 -8.88 -29.45 -10.20
CA SER H 626 -8.00 -28.76 -11.13
C SER H 626 -6.71 -29.56 -11.30
N PRO H 627 -6.33 -29.94 -12.51
CA PRO H 627 -5.10 -30.73 -12.69
C PRO H 627 -3.87 -29.91 -12.36
N ASP H 628 -2.85 -30.59 -11.85
CA ASP H 628 -1.59 -29.93 -11.57
C ASP H 628 -0.78 -29.69 -12.84
N VAL H 629 -0.90 -30.57 -13.82
CA VAL H 629 -0.17 -30.46 -15.07
C VAL H 629 -0.99 -31.10 -16.17
N VAL H 630 -0.86 -30.56 -17.38
CA VAL H 630 -1.55 -31.09 -18.55
C VAL H 630 -0.49 -31.72 -19.45
N ILE H 631 -0.62 -33.02 -19.70
CA ILE H 631 0.31 -33.74 -20.55
C ILE H 631 -0.37 -34.01 -21.87
N ALA H 632 0.17 -33.44 -22.94
CA ALA H 632 -0.41 -33.53 -24.26
C ALA H 632 0.55 -34.26 -25.20
N SER H 633 -0.01 -35.12 -26.05
CA SER H 633 0.77 -35.84 -27.05
C SER H 633 0.07 -35.73 -28.38
N CYS H 634 0.85 -35.71 -29.45
CA CYS H 634 0.29 -35.52 -30.79
C CYS H 634 0.46 -36.74 -31.66
N GLY H 635 1.66 -37.28 -31.78
CA GLY H 635 1.90 -38.44 -32.63
C GLY H 635 1.40 -39.72 -32.00
N ASP H 636 1.97 -40.82 -32.44
CA ASP H 636 1.63 -42.14 -31.91
C ASP H 636 2.75 -42.77 -31.11
N VAL H 637 4.00 -42.66 -31.57
CA VAL H 637 5.12 -43.12 -30.76
C VAL H 637 5.28 -42.25 -29.52
N VAL H 638 5.19 -40.93 -29.69
CA VAL H 638 5.31 -40.03 -28.56
C VAL H 638 4.11 -40.13 -27.63
N THR H 639 2.97 -40.63 -28.12
CA THR H 639 1.84 -40.88 -27.24
C THR H 639 2.14 -41.98 -26.25
N LEU H 640 2.82 -43.03 -26.70
CA LEU H 640 3.21 -44.11 -25.80
C LEU H 640 4.16 -43.61 -24.73
N GLU H 641 5.12 -42.76 -25.11
CA GLU H 641 6.02 -42.19 -24.12
C GLU H 641 5.28 -41.25 -23.17
N ALA H 642 4.33 -40.48 -23.69
CA ALA H 642 3.54 -39.60 -22.83
C ALA H 642 2.70 -40.42 -21.85
N LEU H 643 2.13 -41.54 -22.31
CA LEU H 643 1.39 -42.40 -21.40
C LEU H 643 2.31 -43.05 -20.38
N ALA H 644 3.49 -43.50 -20.83
CA ALA H 644 4.42 -44.14 -19.91
C ALA H 644 4.93 -43.16 -18.86
N ALA H 645 5.12 -41.90 -19.25
CA ALA H 645 5.50 -40.88 -18.27
C ALA H 645 4.39 -40.64 -17.27
N THR H 646 3.14 -40.72 -17.72
CA THR H 646 2.01 -40.57 -16.79
C THR H 646 1.97 -41.71 -15.78
N ALA H 647 2.29 -42.92 -16.23
CA ALA H 647 2.30 -44.05 -15.31
C ALA H 647 3.38 -43.90 -14.25
N LEU H 648 4.56 -43.41 -14.63
CA LEU H 648 5.63 -43.21 -13.66
C LEU H 648 5.26 -42.15 -12.64
N LEU H 649 4.69 -41.03 -13.09
CA LEU H 649 4.38 -39.94 -12.17
C LEU H 649 3.26 -40.33 -11.22
N ARG H 650 2.25 -41.05 -11.71
CA ARG H 650 1.18 -41.51 -10.82
C ARG H 650 1.67 -42.56 -9.85
N GLU H 651 2.69 -43.33 -10.24
CA GLU H 651 3.24 -44.32 -9.32
C GLU H 651 4.03 -43.67 -8.20
N HIS H 652 4.84 -42.66 -8.52
CA HIS H 652 5.70 -42.03 -7.53
C HIS H 652 5.05 -40.87 -6.80
N PHE H 653 4.04 -40.23 -7.40
CA PHE H 653 3.33 -39.11 -6.77
C PHE H 653 1.85 -39.44 -6.79
N PRO H 654 1.36 -40.16 -5.78
CA PRO H 654 -0.07 -40.50 -5.75
C PRO H 654 -0.98 -39.28 -5.66
N ASP H 655 -0.53 -38.20 -5.02
CA ASP H 655 -1.34 -37.01 -4.88
C ASP H 655 -1.36 -36.14 -6.13
N LEU H 656 -0.47 -36.39 -7.09
CA LEU H 656 -0.39 -35.57 -8.29
C LEU H 656 -1.62 -35.79 -9.17
N LYS H 657 -2.17 -34.70 -9.70
CA LYS H 657 -3.33 -34.76 -10.57
C LYS H 657 -2.90 -34.38 -11.98
N ILE H 658 -3.07 -35.31 -12.92
CA ILE H 658 -2.59 -35.18 -14.28
C ILE H 658 -3.76 -35.30 -15.23
N ARG H 659 -3.91 -34.33 -16.12
CA ARG H 659 -4.88 -34.39 -17.19
C ARG H 659 -4.17 -34.73 -18.49
N PHE H 660 -4.62 -35.78 -19.16
CA PHE H 660 -4.01 -36.23 -20.40
C PHE H 660 -4.88 -35.80 -21.58
N VAL H 661 -4.26 -35.12 -22.53
CA VAL H 661 -4.95 -34.62 -23.73
C VAL H 661 -4.23 -35.17 -24.95
N ASN H 662 -4.99 -35.71 -25.89
CA ASN H 662 -4.43 -36.18 -27.15
C ASN H 662 -5.02 -35.35 -28.28
N VAL H 663 -4.15 -34.90 -29.19
CA VAL H 663 -4.53 -34.06 -30.31
C VAL H 663 -4.33 -34.84 -31.60
N VAL H 664 -5.36 -34.90 -32.43
CA VAL H 664 -5.28 -35.56 -33.73
C VAL H 664 -5.21 -34.56 -34.85
N ASP H 665 -6.13 -33.61 -34.88
CA ASP H 665 -6.12 -32.54 -35.87
C ASP H 665 -5.22 -31.43 -35.36
N LEU H 666 -4.11 -31.20 -36.07
CA LEU H 666 -3.12 -30.23 -35.60
C LEU H 666 -3.68 -28.81 -35.62
N PHE H 667 -4.44 -28.46 -36.65
CA PHE H 667 -4.86 -27.08 -36.84
C PHE H 667 -5.95 -26.66 -35.87
N ARG H 668 -6.46 -27.57 -35.04
CA ARG H 668 -7.37 -27.17 -33.98
C ARG H 668 -6.70 -26.23 -32.97
N LEU H 669 -5.37 -26.27 -32.88
CA LEU H 669 -4.68 -25.41 -31.94
C LEU H 669 -4.75 -23.93 -32.34
N GLN H 670 -4.90 -23.66 -33.63
CA GLN H 670 -4.96 -22.28 -34.09
C GLN H 670 -6.22 -21.61 -33.53
N PRO H 671 -6.16 -20.33 -33.20
CA PRO H 671 -7.32 -19.65 -32.61
C PRO H 671 -8.45 -19.52 -33.61
N ASP H 672 -9.64 -19.26 -33.07
CA ASP H 672 -10.84 -19.17 -33.89
C ASP H 672 -10.76 -17.99 -34.86
N THR H 673 -10.01 -16.96 -34.51
CA THR H 673 -9.84 -15.81 -35.40
C THR H 673 -9.09 -16.21 -36.67
N GLU H 674 -8.04 -17.03 -36.53
CA GLU H 674 -7.27 -17.45 -37.70
C GLU H 674 -8.11 -18.30 -38.65
N HIS H 675 -8.94 -19.20 -38.10
CA HIS H 675 -9.79 -20.03 -38.93
C HIS H 675 -10.96 -20.51 -38.10
N PRO H 676 -12.16 -20.63 -38.69
CA PRO H 676 -13.29 -21.16 -37.91
C PRO H 676 -13.11 -22.60 -37.47
N HIS H 677 -12.22 -23.37 -38.11
CA HIS H 677 -12.00 -24.74 -37.72
C HIS H 677 -11.31 -24.84 -36.37
N GLY H 678 -10.46 -23.87 -36.03
CA GLY H 678 -9.73 -23.93 -34.79
C GLY H 678 -10.62 -23.75 -33.58
N LEU H 679 -10.12 -24.20 -32.44
CA LEU H 679 -10.86 -24.12 -31.19
C LEU H 679 -11.00 -22.66 -30.75
N SER H 680 -12.13 -22.35 -30.13
CA SER H 680 -12.31 -21.04 -29.55
C SER H 680 -11.43 -20.88 -28.32
N ASP H 681 -11.34 -19.65 -27.82
CA ASP H 681 -10.51 -19.39 -26.65
C ASP H 681 -11.08 -20.10 -25.42
N ARG H 682 -12.40 -20.12 -25.28
CA ARG H 682 -13.00 -20.83 -24.15
C ARG H 682 -12.83 -22.33 -24.29
N ASP H 683 -12.96 -22.86 -25.50
CA ASP H 683 -12.75 -24.29 -25.72
C ASP H 683 -11.31 -24.68 -25.44
N PHE H 684 -10.36 -23.87 -25.90
CA PHE H 684 -8.95 -24.16 -25.65
C PHE H 684 -8.62 -24.08 -24.18
N ASP H 685 -9.19 -23.10 -23.47
CA ASP H 685 -8.94 -22.96 -22.05
C ASP H 685 -9.54 -24.10 -21.25
N SER H 686 -10.60 -24.73 -21.76
CA SER H 686 -11.16 -25.90 -21.08
C SER H 686 -10.23 -27.10 -21.21
N LEU H 687 -9.73 -27.36 -22.42
CA LEU H 687 -8.80 -28.45 -22.63
C LEU H 687 -7.51 -28.22 -21.85
N PHE H 688 -6.77 -27.18 -22.22
CA PHE H 688 -5.55 -26.80 -21.54
C PHE H 688 -5.86 -25.65 -20.60
N THR H 689 -5.58 -25.82 -19.31
CA THR H 689 -5.94 -24.82 -18.33
C THR H 689 -5.18 -23.53 -18.57
N VAL H 690 -5.75 -22.43 -18.07
CA VAL H 690 -5.20 -21.10 -18.33
C VAL H 690 -3.91 -20.84 -17.58
N ASP H 691 -3.60 -21.63 -16.55
CA ASP H 691 -2.46 -21.31 -15.70
C ASP H 691 -1.53 -22.49 -15.50
N LYS H 692 -2.06 -23.70 -15.56
CA LYS H 692 -1.25 -24.88 -15.29
C LYS H 692 -0.29 -25.15 -16.45
N PRO H 693 0.91 -25.65 -16.15
CA PRO H 693 1.87 -25.93 -17.22
C PRO H 693 1.39 -27.04 -18.14
N ILE H 694 1.78 -26.95 -19.41
CA ILE H 694 1.41 -27.91 -20.43
C ILE H 694 2.68 -28.57 -20.93
N ILE H 695 2.75 -29.90 -20.82
CA ILE H 695 3.90 -30.63 -21.33
C ILE H 695 3.51 -31.30 -22.64
N PHE H 696 3.76 -30.60 -23.74
CA PHE H 696 3.38 -31.11 -25.05
C PHE H 696 4.48 -32.01 -25.58
N ASN H 697 4.08 -33.16 -26.11
CA ASN H 697 5.01 -34.14 -26.66
C ASN H 697 4.63 -34.36 -28.12
N PHE H 698 5.34 -33.68 -29.02
CA PHE H 698 4.92 -33.56 -30.41
C PHE H 698 5.82 -34.38 -31.31
N HIS H 699 5.21 -35.14 -32.22
CA HIS H 699 5.95 -35.81 -33.27
C HIS H 699 6.35 -34.79 -34.33
N GLY H 700 7.65 -34.62 -34.53
CA GLY H 700 8.14 -33.62 -35.45
C GLY H 700 8.82 -32.48 -34.72
N TYR H 701 9.06 -31.41 -35.46
CA TYR H 701 9.82 -30.29 -34.94
C TYR H 701 9.04 -29.58 -33.85
N PRO H 702 9.64 -29.33 -32.68
CA PRO H 702 8.85 -28.85 -31.54
C PRO H 702 8.32 -27.45 -31.72
N TRP H 703 8.87 -26.68 -32.66
CA TRP H 703 8.45 -25.30 -32.82
CA TRP H 703 8.43 -25.30 -32.79
C TRP H 703 7.13 -25.15 -33.58
N LEU H 704 6.71 -26.20 -34.30
CA LEU H 704 5.45 -26.11 -35.03
C LEU H 704 4.28 -25.88 -34.09
N ILE H 705 4.33 -26.45 -32.90
CA ILE H 705 3.27 -26.24 -31.91
C ILE H 705 3.24 -24.79 -31.46
N HIS H 706 4.40 -24.15 -31.32
CA HIS H 706 4.43 -22.76 -30.91
C HIS H 706 3.90 -21.84 -32.00
N LYS H 707 4.07 -22.21 -33.27
CA LYS H 707 3.52 -21.39 -34.35
C LYS H 707 1.99 -21.39 -34.31
N LEU H 708 1.39 -22.56 -34.11
CA LEU H 708 -0.06 -22.66 -34.13
C LEU H 708 -0.68 -21.99 -32.91
N ALA H 709 -0.13 -22.27 -31.72
CA ALA H 709 -0.68 -21.76 -30.48
C ALA H 709 0.00 -20.49 -29.99
N TYR H 710 0.47 -19.65 -30.93
CA TYR H 710 1.18 -18.44 -30.52
C TYR H 710 0.23 -17.41 -29.94
N ARG H 711 -0.96 -17.27 -30.52
CA ARG H 711 -1.89 -16.24 -30.08
C ARG H 711 -2.68 -16.62 -28.84
N ARG H 712 -2.54 -17.85 -28.36
CA ARG H 712 -3.28 -18.30 -27.18
C ARG H 712 -2.81 -17.55 -25.94
N HIS H 713 -3.72 -17.42 -24.97
CA HIS H 713 -3.37 -16.77 -23.71
C HIS H 713 -2.33 -17.56 -22.94
N ASN H 714 -2.47 -18.89 -22.91
CA ASN H 714 -1.58 -19.76 -22.15
C ASN H 714 -0.39 -20.24 -22.96
N HIS H 715 0.03 -19.49 -23.98
CA HIS H 715 1.15 -19.92 -24.81
C HIS H 715 2.45 -19.94 -24.01
N ASN H 716 2.63 -18.99 -23.10
CA ASN H 716 3.86 -18.91 -22.33
C ASN H 716 4.06 -20.11 -21.41
N ASN H 717 2.98 -20.80 -21.05
CA ASN H 717 3.06 -21.99 -20.23
C ASN H 717 3.14 -23.27 -21.05
N LEU H 718 3.25 -23.17 -22.35
CA LEU H 718 3.31 -24.33 -23.23
C LEU H 718 4.75 -24.77 -23.42
N HIS H 719 5.04 -26.02 -23.10
CA HIS H 719 6.37 -26.59 -23.27
CA HIS H 719 6.36 -26.60 -23.26
C HIS H 719 6.27 -27.77 -24.22
N VAL H 720 7.04 -27.72 -25.30
CA VAL H 720 6.98 -28.73 -26.35
C VAL H 720 8.28 -29.51 -26.37
N ARG H 721 8.17 -30.83 -26.40
CA ARG H 721 9.28 -31.72 -26.65
C ARG H 721 9.05 -32.38 -28.00
N GLY H 722 10.10 -32.47 -28.81
CA GLY H 722 9.92 -33.03 -30.12
C GLY H 722 11.24 -33.38 -30.76
N TYR H 723 11.18 -33.65 -32.05
CA TYR H 723 12.36 -34.07 -32.80
C TYR H 723 13.37 -32.93 -32.87
N LYS H 724 14.61 -33.21 -32.45
CA LYS H 724 15.70 -32.25 -32.58
C LYS H 724 16.79 -32.78 -33.50
N GLU H 725 17.36 -33.93 -33.21
CA GLU H 725 18.38 -34.54 -34.06
C GLU H 725 18.42 -36.03 -33.78
N VAL H 726 19.04 -36.75 -34.70
CA VAL H 726 19.10 -38.21 -34.63
C VAL H 726 20.55 -38.65 -34.82
N GLY H 727 20.98 -39.64 -34.04
CA GLY H 727 22.28 -40.21 -34.21
C GLY H 727 22.34 -41.10 -35.44
N ASN H 728 23.52 -41.67 -35.66
CA ASN H 728 23.72 -42.51 -36.85
C ASN H 728 22.83 -43.76 -36.78
N ILE H 729 22.85 -44.45 -35.65
CA ILE H 729 21.97 -45.59 -35.42
C ILE H 729 21.63 -45.64 -33.93
N ASN H 730 20.35 -45.81 -33.63
CA ASN H 730 19.87 -45.77 -32.26
C ASN H 730 18.73 -46.76 -32.10
N THR H 731 18.55 -47.23 -30.87
CA THR H 731 17.37 -48.00 -30.53
C THR H 731 16.16 -47.08 -30.44
N PRO H 732 14.95 -47.62 -30.56
CA PRO H 732 13.76 -46.77 -30.43
C PRO H 732 13.65 -46.07 -29.09
N LEU H 733 14.19 -46.66 -28.02
CA LEU H 733 14.11 -46.01 -26.71
C LEU H 733 15.17 -44.93 -26.58
N GLU H 734 16.41 -45.22 -26.94
CA GLU H 734 17.48 -44.24 -26.75
C GLU H 734 17.40 -43.10 -27.75
N LEU H 735 16.71 -43.29 -28.88
CA LEU H 735 16.45 -42.18 -29.77
C LEU H 735 15.54 -41.14 -29.11
N ALA H 736 14.54 -41.62 -28.37
CA ALA H 736 13.70 -40.71 -27.60
C ALA H 736 14.49 -40.01 -26.50
N ILE H 737 15.52 -40.66 -25.97
CA ILE H 737 16.36 -40.04 -24.95
C ILE H 737 17.15 -38.89 -25.54
N ARG H 738 17.66 -39.06 -26.75
CA ARG H 738 18.45 -38.00 -27.40
C ARG H 738 17.59 -36.76 -27.64
N ASN H 739 16.34 -36.96 -28.06
CA ASN H 739 15.42 -35.86 -28.31
C ASN H 739 14.63 -35.45 -27.07
N GLN H 740 14.86 -36.12 -25.95
CA GLN H 740 14.21 -35.80 -24.67
C GLN H 740 12.69 -35.90 -24.76
N VAL H 741 12.19 -36.83 -25.57
CA VAL H 741 10.77 -37.16 -25.60
C VAL H 741 10.50 -38.50 -24.94
N ASP H 742 11.48 -39.06 -24.25
CA ASP H 742 11.31 -40.34 -23.59
C ASP H 742 10.40 -40.20 -22.38
N ARG H 743 9.93 -41.34 -21.87
CA ARG H 743 9.07 -41.35 -20.71
C ARG H 743 9.76 -40.76 -19.49
N PHE H 744 11.06 -41.00 -19.36
CA PHE H 744 11.79 -40.47 -18.22
C PHE H 744 12.05 -38.97 -18.37
N ASN H 745 12.40 -38.54 -19.58
CA ASN H 745 12.64 -37.11 -19.81
C ASN H 745 11.35 -36.30 -19.62
N LEU H 746 10.22 -36.83 -20.08
CA LEU H 746 8.95 -36.15 -19.85
C LEU H 746 8.63 -36.07 -18.36
N ALA H 747 8.86 -37.17 -17.63
CA ALA H 747 8.61 -37.16 -16.20
C ALA H 747 9.53 -36.19 -15.48
N ILE H 748 10.77 -36.08 -15.95
CA ILE H 748 11.68 -35.07 -15.41
C ILE H 748 11.16 -33.67 -15.69
N ASP H 749 10.66 -33.44 -16.90
CA ASP H 749 10.16 -32.12 -17.27
C ASP H 749 8.95 -31.73 -16.43
N VAL H 750 8.06 -32.69 -16.15
CA VAL H 750 6.87 -32.39 -15.35
C VAL H 750 7.28 -31.96 -13.95
N ILE H 751 8.29 -32.62 -13.38
CA ILE H 751 8.75 -32.28 -12.04
C ILE H 751 9.26 -30.84 -11.97
N ASP H 752 9.94 -30.40 -13.03
CA ASP H 752 10.47 -29.04 -13.03
C ASP H 752 9.35 -27.99 -13.10
N ARG H 753 8.35 -28.22 -13.94
CA ARG H 753 7.34 -27.18 -14.16
C ARG H 753 6.37 -27.07 -12.99
N VAL H 754 5.99 -28.20 -12.39
CA VAL H 754 5.01 -28.16 -11.30
C VAL H 754 5.64 -27.49 -10.09
N PRO H 755 5.02 -26.44 -9.55
CA PRO H 755 5.67 -25.68 -8.46
C PRO H 755 5.91 -26.48 -7.20
N HIS H 756 5.01 -27.40 -6.84
CA HIS H 756 5.14 -28.12 -5.59
C HIS H 756 5.88 -29.44 -5.73
N LEU H 757 6.41 -29.75 -6.90
CA LEU H 757 7.23 -30.93 -7.09
C LEU H 757 8.71 -30.62 -7.23
N ARG H 758 9.09 -29.36 -7.32
CA ARG H 758 10.51 -29.02 -7.51
C ARG H 758 11.34 -29.38 -6.29
N ASP H 759 10.72 -29.42 -5.11
CA ASP H 759 11.39 -29.82 -3.89
C ASP H 759 11.08 -31.26 -3.48
N ARG H 760 9.81 -31.67 -3.58
CA ARG H 760 9.44 -33.02 -3.20
C ARG H 760 9.98 -34.06 -4.19
N GLY H 761 10.07 -33.71 -5.46
CA GLY H 761 10.45 -34.63 -6.50
C GLY H 761 11.93 -34.74 -6.76
N ALA H 762 12.78 -34.17 -5.89
CA ALA H 762 14.22 -34.25 -6.11
C ALA H 762 14.73 -35.68 -6.07
N HIS H 763 14.22 -36.48 -5.13
CA HIS H 763 14.61 -37.89 -5.08
C HIS H 763 14.14 -38.64 -6.31
N VAL H 764 12.91 -38.39 -6.75
CA VAL H 764 12.38 -39.08 -7.92
C VAL H 764 13.12 -38.65 -9.17
N LYS H 765 13.47 -37.36 -9.27
CA LYS H 765 14.22 -36.88 -10.42
C LYS H 765 15.60 -37.52 -10.48
N GLU H 766 16.21 -37.77 -9.33
CA GLU H 766 17.47 -38.50 -9.30
C GLU H 766 17.27 -39.95 -9.76
N TRP H 767 16.17 -40.58 -9.35
CA TRP H 767 15.91 -41.95 -9.76
C TRP H 767 15.69 -42.06 -11.25
N LEU H 768 14.99 -41.08 -11.84
CA LEU H 768 14.73 -41.11 -13.27
C LEU H 768 16.01 -40.98 -14.08
N LYS H 769 16.93 -40.13 -13.62
CA LYS H 769 18.22 -40.00 -14.30
C LYS H 769 19.02 -41.29 -14.23
N ASP H 770 18.86 -42.05 -13.15
CA ASP H 770 19.49 -43.37 -13.08
C ASP H 770 18.89 -44.31 -14.11
N GLN H 771 17.58 -44.25 -14.32
CA GLN H 771 16.93 -45.10 -15.31
C GLN H 771 17.36 -44.74 -16.72
N ILE H 772 17.59 -43.45 -16.99
CA ILE H 772 18.07 -43.02 -18.30
C ILE H 772 19.46 -43.59 -18.55
N HIS H 773 20.35 -43.46 -17.57
CA HIS H 773 21.70 -43.98 -17.73
C HIS H 773 21.72 -45.49 -17.80
N ASP H 774 20.84 -46.15 -17.02
CA ASP H 774 20.81 -47.60 -17.01
C ASP H 774 20.38 -48.17 -18.36
N HIS H 775 19.37 -47.56 -18.98
CA HIS H 775 18.88 -48.08 -20.26
C HIS H 775 19.87 -47.81 -21.38
N ILE H 776 20.58 -46.68 -21.34
CA ILE H 776 21.59 -46.40 -22.35
C ILE H 776 22.73 -47.39 -22.25
N GLN H 777 23.17 -47.70 -21.03
CA GLN H 777 24.25 -48.67 -20.85
C GLN H 777 23.83 -50.06 -21.32
N TYR H 778 22.59 -50.45 -21.04
CA TYR H 778 22.09 -51.73 -21.54
C TYR H 778 21.98 -51.71 -23.06
N ALA H 779 21.65 -50.56 -23.63
CA ALA H 779 21.55 -50.46 -25.08
C ALA H 779 22.90 -50.65 -25.75
N TYR H 780 23.96 -50.11 -25.15
CA TYR H 780 25.28 -50.24 -25.76
C TYR H 780 25.79 -51.68 -25.69
N GLN H 781 25.51 -52.37 -24.59
CA GLN H 781 26.00 -53.73 -24.43
C GLN H 781 25.23 -54.72 -25.30
N GLU H 782 23.91 -54.56 -25.39
CA GLU H 782 23.06 -55.54 -26.04
C GLU H 782 22.59 -55.12 -27.43
N GLY H 783 22.43 -53.83 -27.67
CA GLY H 783 21.92 -53.36 -28.93
C GLY H 783 20.41 -53.36 -29.05
N ILE H 784 19.70 -53.77 -28.00
CA ILE H 784 18.25 -53.80 -27.99
C ILE H 784 17.77 -53.30 -26.64
N ASP H 785 16.55 -52.76 -26.62
CA ASP H 785 15.97 -52.27 -25.37
C ASP H 785 15.64 -53.44 -24.44
N ARG H 786 15.44 -53.11 -23.17
CA ARG H 786 15.04 -54.11 -22.20
C ARG H 786 13.65 -54.64 -22.53
N PRO H 787 13.38 -55.91 -22.20
CA PRO H 787 12.08 -56.50 -22.56
C PRO H 787 10.89 -55.77 -21.96
N GLU H 788 11.02 -55.21 -20.76
CA GLU H 788 9.89 -54.51 -20.16
C GLU H 788 9.62 -53.18 -20.84
N ILE H 789 10.61 -52.59 -21.51
CA ILE H 789 10.36 -51.37 -22.27
C ILE H 789 9.54 -51.68 -23.51
N ASN H 790 9.90 -52.75 -24.23
CA ASN H 790 9.19 -53.10 -25.45
C ASN H 790 7.79 -53.63 -25.16
N GLN H 791 7.62 -54.34 -24.04
CA GLN H 791 6.34 -54.96 -23.69
C GLN H 791 5.59 -54.14 -22.65
N TRP H 792 5.80 -52.83 -22.62
CA TRP H 792 5.11 -51.98 -21.67
C TRP H 792 3.63 -51.85 -22.02
N GLN H 793 2.79 -51.77 -21.00
CA GLN H 793 1.36 -51.54 -21.18
C GLN H 793 0.85 -50.76 -19.98
N TRP H 794 -0.35 -50.19 -20.13
CA TRP H 794 -0.92 -49.27 -19.15
C TRP H 794 -1.20 -50.00 -17.84
N PRO H 795 -0.42 -49.74 -16.79
CA PRO H 795 -0.50 -50.52 -15.54
C PRO H 795 -1.55 -50.02 -14.55
N PHE H 796 -2.80 -50.00 -14.98
CA PHE H 796 -3.89 -49.59 -14.11
C PHE H 796 -5.17 -50.32 -14.48
N ASP I 9 -52.99 -29.15 -85.71
CA ASP I 9 -53.35 -30.28 -84.85
C ASP I 9 -52.65 -30.18 -83.50
N ILE I 10 -52.20 -28.97 -83.15
CA ILE I 10 -51.53 -28.77 -81.87
C ILE I 10 -52.52 -28.88 -80.73
N ALA I 11 -53.73 -28.33 -80.91
CA ALA I 11 -54.72 -28.36 -79.84
C ALA I 11 -55.15 -29.77 -79.50
N THR I 12 -55.40 -30.60 -80.52
CA THR I 12 -55.73 -31.99 -80.30
C THR I 12 -54.47 -32.81 -80.02
N LEU I 13 -54.65 -33.95 -79.38
CA LEU I 13 -53.55 -34.84 -79.04
C LEU I 13 -53.82 -36.24 -79.57
N SER I 14 -52.76 -36.90 -80.00
CA SER I 14 -52.87 -38.30 -80.42
C SER I 14 -53.13 -39.18 -79.20
N PRO I 15 -53.90 -40.26 -79.37
CA PRO I 15 -54.10 -41.19 -78.23
C PRO I 15 -52.83 -41.84 -77.74
N ASN I 16 -51.87 -42.12 -78.63
CA ASN I 16 -50.65 -42.80 -78.22
C ASN I 16 -49.78 -41.89 -77.35
N GLU I 17 -49.62 -40.62 -77.73
CA GLU I 17 -48.82 -39.71 -76.93
C GLU I 17 -49.50 -39.34 -75.63
N GLN I 18 -50.83 -39.45 -75.56
CA GLN I 18 -51.52 -39.20 -74.30
C GLN I 18 -51.14 -40.22 -73.24
N ALA I 19 -50.93 -41.48 -73.64
CA ALA I 19 -50.46 -42.49 -72.72
C ALA I 19 -49.06 -42.16 -72.19
N ALA I 20 -48.18 -41.70 -73.09
CA ALA I 20 -46.84 -41.30 -72.67
C ALA I 20 -46.90 -40.09 -71.74
N ILE I 21 -47.77 -39.14 -72.05
CA ILE I 21 -47.97 -38.00 -71.15
C ILE I 21 -48.51 -38.46 -69.81
N ASP I 22 -49.49 -39.37 -69.84
CA ASP I 22 -50.01 -39.94 -68.60
C ASP I 22 -48.94 -40.76 -67.89
N ALA I 23 -48.09 -41.46 -68.66
CA ALA I 23 -46.99 -42.21 -68.05
C ALA I 23 -46.03 -41.29 -67.33
N TRP I 24 -45.69 -40.15 -67.96
CA TRP I 24 -44.87 -39.15 -67.28
C TRP I 24 -45.60 -38.58 -66.07
N TRP I 25 -46.90 -38.34 -66.20
CA TRP I 25 -47.66 -37.78 -65.09
C TRP I 25 -47.76 -38.76 -63.93
N ARG I 26 -47.93 -40.05 -64.24
CA ARG I 26 -47.93 -41.08 -63.20
C ARG I 26 -46.56 -41.18 -62.53
N ALA I 27 -45.49 -41.15 -63.32
CA ALA I 27 -44.14 -41.29 -62.77
C ALA I 27 -43.79 -40.13 -61.86
N ALA I 28 -44.21 -38.92 -62.24
CA ALA I 28 -43.96 -37.75 -61.39
C ALA I 28 -44.68 -37.88 -60.05
N ASN I 29 -45.93 -38.33 -60.07
CA ASN I 29 -46.66 -38.52 -58.82
C ASN I 29 -46.07 -39.67 -58.01
N TYR I 30 -45.60 -40.72 -58.68
CA TYR I 30 -44.97 -41.83 -57.97
C TYR I 30 -43.69 -41.38 -57.27
N LEU I 31 -42.87 -40.58 -57.95
CA LEU I 31 -41.68 -40.05 -57.30
C LEU I 31 -42.03 -39.02 -56.23
N SER I 32 -43.15 -38.31 -56.41
CA SER I 32 -43.56 -37.32 -55.41
C SER I 32 -43.90 -37.98 -54.09
N VAL I 33 -44.68 -39.05 -54.12
CA VAL I 33 -45.04 -39.75 -52.90
C VAL I 33 -43.82 -40.46 -52.32
N GLY I 34 -42.94 -40.96 -53.19
CA GLY I 34 -41.77 -41.69 -52.72
C GLY I 34 -40.86 -40.85 -51.85
N GLN I 35 -40.58 -39.62 -52.27
CA GLN I 35 -39.72 -38.77 -51.47
C GLN I 35 -40.44 -38.23 -50.24
N ILE I 36 -41.76 -38.12 -50.29
CA ILE I 36 -42.51 -37.73 -49.10
C ILE I 36 -42.44 -38.84 -48.06
N TYR I 37 -42.58 -40.10 -48.48
CA TYR I 37 -42.73 -41.21 -47.56
C TYR I 37 -41.52 -42.13 -47.52
N LEU I 38 -41.10 -42.67 -48.66
CA LEU I 38 -40.14 -43.77 -48.66
C LEU I 38 -38.74 -43.27 -48.30
N ARG I 39 -38.08 -44.01 -47.42
CA ARG I 39 -36.67 -43.81 -47.10
C ARG I 39 -35.78 -44.84 -47.78
N ASP I 40 -36.27 -46.07 -47.94
CA ASP I 40 -35.56 -47.13 -48.63
C ASP I 40 -36.58 -47.87 -49.49
N ASN I 41 -36.07 -48.83 -50.29
CA ASN I 41 -36.86 -49.63 -51.22
C ASN I 41 -37.64 -48.73 -52.17
N PRO I 42 -36.95 -48.07 -53.10
CA PRO I 42 -37.65 -47.06 -53.93
C PRO I 42 -38.61 -47.68 -54.93
N LEU I 43 -38.25 -48.82 -55.53
CA LEU I 43 -39.05 -49.43 -56.59
C LEU I 43 -40.04 -50.47 -56.08
N LEU I 44 -40.13 -50.66 -54.76
CA LEU I 44 -41.04 -51.63 -54.15
C LEU I 44 -40.82 -53.04 -54.69
N GLN I 45 -39.55 -53.42 -54.83
CA GLN I 45 -39.23 -54.80 -55.22
C GLN I 45 -39.69 -55.79 -54.16
N GLU I 46 -39.48 -55.45 -52.90
CA GLU I 46 -39.95 -56.23 -51.77
C GLU I 46 -41.18 -55.57 -51.15
N PRO I 47 -42.00 -56.32 -50.41
CA PRO I 47 -43.16 -55.70 -49.75
C PRO I 47 -42.74 -54.63 -48.76
N LEU I 48 -43.57 -53.60 -48.67
CA LEU I 48 -43.24 -52.42 -47.87
C LEU I 48 -43.23 -52.76 -46.38
N ARG I 49 -42.25 -52.23 -45.68
CA ARG I 49 -42.07 -52.43 -44.25
C ARG I 49 -41.86 -51.07 -43.59
N PRO I 50 -42.20 -50.94 -42.30
CA PRO I 50 -42.13 -49.63 -41.64
C PRO I 50 -40.75 -48.99 -41.64
N GLU I 51 -39.67 -49.79 -41.69
CA GLU I 51 -38.34 -49.20 -41.71
C GLU I 51 -38.03 -48.48 -43.01
N HIS I 52 -38.84 -48.69 -44.06
CA HIS I 52 -38.68 -47.95 -45.30
C HIS I 52 -39.34 -46.58 -45.27
N ILE I 53 -40.14 -46.29 -44.25
CA ILE I 53 -40.92 -45.06 -44.19
C ILE I 53 -40.19 -44.06 -43.32
N LYS I 54 -40.24 -42.78 -43.70
CA LYS I 54 -39.65 -41.73 -42.89
C LYS I 54 -40.39 -41.59 -41.57
N GLN I 55 -39.64 -41.29 -40.51
CA GLN I 55 -40.23 -41.21 -39.18
C GLN I 55 -41.16 -40.01 -39.06
N ARG I 56 -40.69 -38.83 -39.47
CA ARG I 56 -41.50 -37.62 -39.44
C ARG I 56 -41.77 -37.15 -40.86
N LEU I 57 -43.02 -36.78 -41.12
CA LEU I 57 -43.48 -36.44 -42.46
C LEU I 57 -43.79 -34.95 -42.52
N LEU I 58 -42.95 -34.21 -43.23
CA LEU I 58 -43.14 -32.77 -43.40
C LEU I 58 -43.48 -32.39 -44.83
N GLY I 59 -43.60 -33.35 -45.73
CA GLY I 59 -43.90 -33.04 -47.10
C GLY I 59 -45.34 -32.56 -47.28
N HIS I 60 -45.59 -31.95 -48.43
CA HIS I 60 -46.91 -31.45 -48.79
C HIS I 60 -47.39 -32.15 -50.04
N TRP I 61 -48.63 -32.64 -50.00
CA TRP I 61 -49.19 -33.41 -51.11
C TRP I 61 -50.29 -32.68 -51.87
N GLY I 62 -50.97 -31.71 -51.25
CA GLY I 62 -52.17 -31.15 -51.84
C GLY I 62 -51.95 -30.51 -53.21
N SER I 63 -50.82 -29.83 -53.38
CA SER I 63 -50.52 -29.16 -54.64
C SER I 63 -49.80 -30.05 -55.64
N ASP I 64 -49.28 -31.20 -55.19
CA ASP I 64 -48.42 -32.02 -56.05
C ASP I 64 -49.10 -32.53 -57.31
N PRO I 65 -50.33 -33.08 -57.28
CA PRO I 65 -50.95 -33.52 -58.56
C PRO I 65 -51.13 -32.39 -59.57
N GLY I 66 -51.50 -31.20 -59.11
CA GLY I 66 -51.73 -30.11 -60.04
C GLY I 66 -50.47 -29.64 -60.73
N LEU I 67 -49.39 -29.49 -59.97
CA LEU I 67 -48.13 -29.02 -60.55
C LEU I 67 -47.56 -30.02 -61.55
N SER I 68 -47.60 -31.30 -61.20
CA SER I 68 -47.14 -32.33 -62.13
C SER I 68 -48.03 -32.41 -63.35
N PHE I 69 -49.32 -32.13 -63.19
CA PHE I 69 -50.24 -32.15 -64.33
C PHE I 69 -49.89 -31.05 -65.33
N VAL I 70 -49.61 -29.85 -64.85
CA VAL I 70 -49.29 -28.75 -65.75
C VAL I 70 -47.91 -28.94 -66.37
N TYR I 71 -46.96 -29.45 -65.59
CA TYR I 71 -45.57 -29.52 -66.04
C TYR I 71 -45.43 -30.45 -67.25
N VAL I 72 -46.09 -31.61 -67.22
CA VAL I 72 -45.95 -32.56 -68.32
C VAL I 72 -46.60 -32.00 -69.59
N HIS I 73 -47.70 -31.28 -69.46
CA HIS I 73 -48.33 -30.64 -70.61
C HIS I 73 -47.43 -29.57 -71.21
N LEU I 74 -46.74 -28.81 -70.36
CA LEU I 74 -45.83 -27.79 -70.85
C LEU I 74 -44.65 -28.41 -71.60
N ASN I 75 -44.17 -29.57 -71.14
CA ASN I 75 -43.10 -30.25 -71.86
C ASN I 75 -43.58 -30.71 -73.23
N ARG I 76 -44.85 -31.08 -73.34
CA ARG I 76 -45.43 -31.39 -74.65
C ARG I 76 -45.42 -30.18 -75.55
N LEU I 77 -45.83 -29.02 -75.03
CA LEU I 77 -45.91 -27.82 -75.85
C LEU I 77 -44.54 -27.27 -76.17
N ILE I 78 -43.56 -27.44 -75.28
CA ILE I 78 -42.22 -26.95 -75.54
C ILE I 78 -41.50 -27.82 -76.58
N ARG I 79 -41.96 -29.05 -76.79
CA ARG I 79 -41.36 -29.89 -77.82
C ARG I 79 -41.75 -29.43 -79.22
N ARG I 80 -43.03 -29.06 -79.39
CA ARG I 80 -43.52 -28.75 -80.73
C ARG I 80 -43.14 -27.33 -81.14
N LEU I 81 -43.42 -26.35 -80.28
CA LEU I 81 -43.21 -24.95 -80.62
C LEU I 81 -41.82 -24.45 -80.28
N ASP I 82 -40.98 -25.28 -79.65
CA ASP I 82 -39.59 -24.95 -79.31
C ASP I 82 -39.52 -23.67 -78.48
N LEU I 83 -40.37 -23.60 -77.47
CA LEU I 83 -40.44 -22.41 -76.60
C LEU I 83 -39.36 -22.51 -75.52
N ASN I 84 -39.45 -21.61 -74.54
CA ASN I 84 -38.60 -21.67 -73.36
C ASN I 84 -39.42 -21.20 -72.17
N LEU I 85 -39.48 -22.03 -71.13
CA LEU I 85 -40.33 -21.78 -69.98
C LEU I 85 -39.48 -21.76 -68.71
N ILE I 86 -40.06 -21.20 -67.65
CA ILE I 86 -39.41 -21.08 -66.36
C ILE I 86 -40.16 -21.84 -65.27
N TYR I 87 -41.50 -21.74 -65.27
CA TYR I 87 -42.38 -22.41 -64.32
C TYR I 87 -42.06 -21.99 -62.87
N VAL I 88 -42.32 -20.72 -62.61
CA VAL I 88 -42.30 -20.24 -61.23
C VAL I 88 -43.51 -20.81 -60.50
N THR I 89 -43.27 -21.38 -59.33
CA THR I 89 -44.30 -22.10 -58.58
C THR I 89 -44.89 -21.20 -57.50
N GLY I 90 -46.22 -21.11 -57.47
CA GLY I 90 -46.92 -20.30 -56.52
C GLY I 90 -46.98 -20.86 -55.12
N PRO I 91 -47.62 -22.03 -54.96
CA PRO I 91 -47.75 -22.61 -53.61
C PRO I 91 -46.43 -22.86 -52.90
N GLY I 92 -45.36 -23.16 -53.65
CA GLY I 92 -44.04 -23.31 -53.05
C GLY I 92 -43.79 -24.59 -52.30
N HIS I 93 -44.84 -25.23 -51.80
CA HIS I 93 -44.72 -26.54 -51.17
C HIS I 93 -44.90 -27.68 -52.16
N GLY I 94 -45.02 -27.37 -53.44
CA GLY I 94 -45.12 -28.38 -54.48
C GLY I 94 -43.75 -28.76 -55.01
N ALA I 95 -42.71 -28.50 -54.22
CA ALA I 95 -41.36 -28.88 -54.58
C ALA I 95 -41.18 -30.36 -54.93
N PRO I 96 -41.83 -31.33 -54.26
CA PRO I 96 -41.75 -32.72 -54.75
C PRO I 96 -42.18 -32.88 -56.19
N ALA I 97 -43.19 -32.14 -56.62
CA ALA I 97 -43.60 -32.20 -58.02
C ALA I 97 -42.50 -31.68 -58.95
N LEU I 98 -41.85 -30.59 -58.55
CA LEU I 98 -40.79 -30.03 -59.39
C LEU I 98 -39.56 -30.93 -59.40
N LEU I 99 -39.17 -31.45 -58.23
CA LEU I 99 -37.97 -32.27 -58.16
C LEU I 99 -38.14 -33.59 -58.89
N ALA I 100 -39.36 -34.15 -58.86
CA ALA I 100 -39.64 -35.37 -59.61
C ALA I 100 -39.47 -35.12 -61.11
N ASN I 101 -40.04 -34.02 -61.60
CA ASN I 101 -39.92 -33.69 -63.02
C ASN I 101 -38.47 -33.38 -63.40
N ALA I 102 -37.74 -32.69 -62.51
CA ALA I 102 -36.33 -32.42 -62.77
C ALA I 102 -35.52 -33.71 -62.82
N TRP I 103 -35.82 -34.65 -61.92
CA TRP I 103 -35.16 -35.94 -61.95
C TRP I 103 -35.50 -36.72 -63.21
N LEU I 104 -36.77 -36.69 -63.62
CA LEU I 104 -37.19 -37.42 -64.81
C LEU I 104 -36.53 -36.86 -66.07
N GLU I 105 -36.44 -35.53 -66.17
CA GLU I 105 -35.79 -34.91 -67.32
C GLU I 105 -34.28 -35.12 -67.34
N GLY I 106 -33.69 -35.57 -66.23
CA GLY I 106 -32.27 -35.76 -66.14
C GLY I 106 -31.50 -34.54 -65.68
N THR I 107 -32.17 -33.40 -65.48
CA THR I 107 -31.48 -32.21 -65.02
C THR I 107 -30.92 -32.40 -63.61
N TYR I 108 -31.71 -33.01 -62.72
CA TYR I 108 -31.29 -33.16 -61.34
C TYR I 108 -30.08 -34.07 -61.22
N SER I 109 -30.01 -35.11 -62.06
CA SER I 109 -28.86 -35.99 -62.06
C SER I 109 -27.60 -35.26 -62.50
N GLU I 110 -27.72 -34.37 -63.50
CA GLU I 110 -26.56 -33.61 -63.95
C GLU I 110 -26.09 -32.62 -62.89
N VAL I 111 -27.04 -31.93 -62.25
CA VAL I 111 -26.66 -30.98 -61.20
C VAL I 111 -26.12 -31.72 -59.99
N TYR I 112 -26.78 -32.79 -59.58
CA TYR I 112 -26.35 -33.59 -58.44
C TYR I 112 -25.99 -35.00 -58.91
N PRO I 113 -24.71 -35.29 -59.11
CA PRO I 113 -24.32 -36.63 -59.61
C PRO I 113 -24.62 -37.76 -58.63
N ASN I 114 -24.79 -37.45 -57.34
CA ASN I 114 -25.14 -38.51 -56.39
C ASN I 114 -26.50 -39.11 -56.70
N CYS I 115 -27.47 -38.27 -57.04
CA CYS I 115 -28.82 -38.73 -57.38
C CYS I 115 -28.87 -39.15 -58.85
N GLN I 116 -28.11 -40.19 -59.17
CA GLN I 116 -28.04 -40.71 -60.52
C GLN I 116 -29.34 -41.42 -60.88
N GLN I 117 -29.61 -41.49 -62.19
CA GLN I 117 -30.80 -42.18 -62.69
C GLN I 117 -30.57 -43.68 -62.60
N SER I 118 -30.77 -44.23 -61.41
CA SER I 118 -30.58 -45.65 -61.16
C SER I 118 -31.38 -46.02 -59.91
N THR I 119 -31.37 -47.31 -59.58
CA THR I 119 -32.05 -47.76 -58.37
C THR I 119 -31.39 -47.18 -57.12
N ALA I 120 -30.05 -47.17 -57.08
CA ALA I 120 -29.35 -46.59 -55.95
C ALA I 120 -29.60 -45.08 -55.85
N GLY I 121 -29.61 -44.40 -56.99
CA GLY I 121 -29.89 -42.97 -56.98
C GLY I 121 -31.31 -42.66 -56.55
N LEU I 122 -32.26 -43.54 -56.93
CA LEU I 122 -33.64 -43.36 -56.48
C LEU I 122 -33.76 -43.49 -54.98
N GLN I 123 -33.00 -44.41 -54.38
CA GLN I 123 -32.97 -44.52 -52.93
C GLN I 123 -32.40 -43.25 -52.30
N GLN I 124 -31.35 -42.69 -52.90
CA GLN I 124 -30.78 -41.45 -52.40
C GLN I 124 -31.72 -40.27 -52.64
N PHE I 125 -32.42 -40.28 -53.78
CA PHE I 125 -33.33 -39.18 -54.10
C PHE I 125 -34.47 -39.09 -53.10
N PHE I 126 -35.06 -40.24 -52.74
CA PHE I 126 -36.14 -40.23 -51.75
C PHE I 126 -35.61 -39.89 -50.36
N LYS I 127 -34.41 -40.38 -50.04
CA LYS I 127 -33.86 -40.20 -48.70
C LYS I 127 -33.60 -38.74 -48.38
N GLN I 128 -33.11 -37.97 -49.36
CA GLN I 128 -32.62 -36.64 -49.06
C GLN I 128 -33.75 -35.64 -48.82
N PHE I 129 -34.94 -35.89 -49.36
CA PHE I 129 -36.01 -34.91 -49.25
C PHE I 129 -36.54 -34.83 -47.82
N SER I 130 -36.72 -33.60 -47.33
CA SER I 130 -37.30 -33.33 -46.03
C SER I 130 -36.55 -34.05 -44.92
N PHE I 131 -35.23 -34.07 -45.03
CA PHE I 131 -34.37 -34.83 -44.13
C PHE I 131 -33.24 -33.95 -43.64
N PRO I 132 -32.74 -34.20 -42.44
CA PRO I 132 -31.53 -33.50 -41.98
C PRO I 132 -30.37 -33.78 -42.91
N GLY I 133 -29.60 -32.74 -43.21
CA GLY I 133 -28.56 -32.87 -44.22
C GLY I 133 -29.10 -33.17 -45.60
N GLY I 134 -30.24 -32.57 -45.94
CA GLY I 134 -30.86 -32.82 -47.23
C GLY I 134 -31.61 -31.59 -47.70
N ILE I 135 -32.29 -31.75 -48.84
CA ILE I 135 -33.03 -30.64 -49.42
C ILE I 135 -34.30 -30.37 -48.60
N GLY I 136 -34.79 -29.15 -48.71
CA GLY I 136 -35.94 -28.72 -47.93
C GLY I 136 -37.26 -29.03 -48.59
N SER I 137 -38.33 -28.76 -47.85
CA SER I 137 -39.68 -29.03 -48.34
C SER I 137 -40.14 -27.99 -49.35
N HIS I 138 -39.78 -26.73 -49.15
CA HIS I 138 -40.18 -25.68 -50.07
C HIS I 138 -39.20 -25.58 -51.24
N CYS I 139 -39.50 -24.67 -52.16
CA CYS I 139 -38.64 -24.44 -53.33
C CYS I 139 -37.42 -23.65 -52.89
N THR I 140 -36.40 -24.37 -52.48
CA THR I 140 -35.15 -23.77 -52.01
C THR I 140 -34.24 -23.47 -53.19
N PRO I 141 -33.19 -22.67 -52.97
CA PRO I 141 -32.21 -22.46 -54.05
C PRO I 141 -31.52 -23.73 -54.53
N GLU I 142 -31.51 -24.80 -53.71
CA GLU I 142 -30.98 -26.07 -54.19
C GLU I 142 -31.82 -26.68 -55.29
N THR I 143 -33.08 -26.29 -55.40
CA THR I 143 -33.96 -26.84 -56.43
C THR I 143 -33.56 -26.30 -57.80
N PRO I 144 -33.23 -27.16 -58.76
CA PRO I 144 -32.92 -26.65 -60.11
C PRO I 144 -34.14 -26.02 -60.76
N GLY I 145 -33.88 -24.99 -61.55
CA GLY I 145 -34.95 -24.31 -62.27
C GLY I 145 -35.96 -23.63 -61.37
N SER I 146 -35.50 -22.94 -60.33
CA SER I 146 -36.40 -22.26 -59.41
C SER I 146 -35.82 -20.89 -59.07
N ILE I 147 -36.67 -19.86 -59.14
CA ILE I 147 -36.28 -18.53 -58.70
C ILE I 147 -37.11 -18.03 -57.54
N HIS I 148 -38.33 -18.54 -57.34
CA HIS I 148 -39.21 -18.09 -56.28
C HIS I 148 -39.22 -19.12 -55.16
N GLU I 149 -38.94 -18.68 -53.94
CA GLU I 149 -38.89 -19.61 -52.81
C GLU I 149 -40.27 -20.22 -52.54
N GLY I 150 -41.31 -19.40 -52.60
CA GLY I 150 -42.67 -19.90 -52.48
C GLY I 150 -43.12 -20.21 -51.06
N GLY I 151 -42.23 -20.12 -50.07
CA GLY I 151 -42.65 -20.37 -48.70
C GLY I 151 -43.61 -19.32 -48.20
N GLU I 152 -43.34 -18.05 -48.49
CA GLU I 152 -44.27 -16.98 -48.22
C GLU I 152 -45.15 -16.79 -49.45
N LEU I 153 -46.46 -16.75 -49.23
CA LEU I 153 -47.43 -16.78 -50.32
C LEU I 153 -47.86 -15.37 -50.70
N GLY I 154 -48.03 -15.14 -51.99
CA GLY I 154 -48.49 -13.87 -52.52
C GLY I 154 -47.51 -13.15 -53.42
N TYR I 155 -46.26 -13.61 -53.51
CA TYR I 155 -45.23 -12.93 -54.30
C TYR I 155 -44.87 -13.69 -55.56
N SER I 156 -45.62 -14.74 -55.90
CA SER I 156 -45.24 -15.57 -57.03
C SER I 156 -45.48 -14.87 -58.36
N LEU I 157 -46.64 -14.21 -58.50
CA LEU I 157 -46.97 -13.58 -59.78
C LEU I 157 -46.06 -12.41 -60.09
N SER I 158 -45.70 -11.64 -59.06
CA SER I 158 -44.76 -10.54 -59.27
C SER I 158 -43.41 -11.05 -59.75
N HIS I 159 -42.97 -12.19 -59.21
CA HIS I 159 -41.73 -12.78 -59.67
C HIS I 159 -41.85 -13.31 -61.10
N ALA I 160 -43.06 -13.67 -61.53
CA ALA I 160 -43.25 -14.09 -62.91
C ALA I 160 -43.02 -12.93 -63.87
N PHE I 161 -43.55 -11.75 -63.53
CA PHE I 161 -43.38 -10.58 -64.39
C PHE I 161 -41.95 -10.07 -64.37
N GLY I 162 -41.31 -10.13 -63.20
CA GLY I 162 -39.94 -9.62 -63.10
C GLY I 162 -38.95 -10.41 -63.95
N ALA I 163 -39.16 -11.72 -64.06
CA ALA I 163 -38.28 -12.54 -64.87
C ALA I 163 -38.41 -12.26 -66.35
N ALA I 164 -39.53 -11.69 -66.79
CA ALA I 164 -39.78 -11.41 -68.20
C ALA I 164 -39.74 -9.92 -68.50
N LEU I 165 -39.08 -9.12 -67.66
CA LEU I 165 -39.11 -7.67 -67.83
C LEU I 165 -38.31 -7.21 -69.04
N ASP I 166 -37.28 -7.97 -69.44
CA ASP I 166 -36.51 -7.57 -70.62
C ASP I 166 -36.10 -8.76 -71.48
N ASN I 167 -36.69 -9.93 -71.28
CA ASN I 167 -36.44 -11.06 -72.15
C ASN I 167 -37.58 -11.17 -73.14
N PRO I 168 -37.37 -10.91 -74.44
CA PRO I 168 -38.50 -10.88 -75.37
C PRO I 168 -39.06 -12.26 -75.69
N ASP I 169 -38.19 -13.25 -75.90
CA ASP I 169 -38.65 -14.56 -76.32
C ASP I 169 -39.03 -15.47 -75.15
N LEU I 170 -38.73 -15.07 -73.92
CA LEU I 170 -39.01 -15.92 -72.77
C LEU I 170 -40.51 -16.00 -72.51
N ILE I 171 -40.97 -17.18 -72.13
CA ILE I 171 -42.34 -17.40 -71.69
C ILE I 171 -42.29 -17.91 -70.26
N VAL I 172 -43.11 -17.35 -69.39
CA VAL I 172 -43.13 -17.68 -67.98
C VAL I 172 -44.51 -18.21 -67.62
N ALA I 173 -44.55 -19.38 -67.01
CA ALA I 173 -45.80 -20.00 -66.56
C ALA I 173 -45.83 -19.99 -65.05
N CYS I 174 -46.73 -19.19 -64.47
CA CYS I 174 -46.87 -19.08 -63.03
C CYS I 174 -48.16 -19.77 -62.62
N VAL I 175 -48.06 -20.72 -61.70
CA VAL I 175 -49.21 -21.43 -61.17
C VAL I 175 -49.62 -20.77 -59.87
N ILE I 176 -50.88 -20.34 -59.79
CA ILE I 176 -51.39 -19.57 -58.66
C ILE I 176 -52.40 -20.42 -57.91
N GLY I 177 -52.18 -20.61 -56.61
CA GLY I 177 -53.16 -21.27 -55.79
C GLY I 177 -54.29 -20.34 -55.39
N ASP I 178 -55.49 -20.92 -55.27
CA ASP I 178 -56.65 -20.12 -54.90
C ASP I 178 -56.54 -19.59 -53.48
N GLY I 179 -55.99 -20.39 -52.56
CA GLY I 179 -55.72 -19.89 -51.23
C GLY I 179 -54.67 -18.79 -51.22
N GLU I 180 -53.73 -18.84 -52.15
CA GLU I 180 -52.72 -17.79 -52.27
C GLU I 180 -53.30 -16.53 -52.91
N ALA I 181 -54.27 -16.69 -53.82
CA ALA I 181 -54.72 -15.57 -54.64
C ALA I 181 -55.48 -14.51 -53.85
N GLU I 182 -55.98 -14.85 -52.67
CA GLU I 182 -56.71 -13.85 -51.88
C GLU I 182 -55.78 -12.90 -51.13
N THR I 183 -54.48 -13.17 -51.10
CA THR I 183 -53.54 -12.29 -50.42
C THR I 183 -53.50 -10.92 -51.09
N GLY I 184 -53.20 -9.90 -50.31
CA GLY I 184 -53.09 -8.55 -50.79
C GLY I 184 -52.05 -8.34 -51.88
N PRO I 185 -50.82 -8.83 -51.66
CA PRO I 185 -49.82 -8.74 -52.73
C PRO I 185 -50.23 -9.43 -54.02
N LEU I 186 -50.93 -10.56 -53.94
CA LEU I 186 -51.34 -11.24 -55.16
C LEU I 186 -52.60 -10.61 -55.76
N ALA I 187 -53.44 -9.98 -54.95
CA ALA I 187 -54.63 -9.33 -55.48
C ALA I 187 -54.27 -8.19 -56.42
N THR I 188 -53.25 -7.40 -56.06
CA THR I 188 -52.82 -6.30 -56.89
C THR I 188 -51.99 -6.76 -58.08
N SER I 189 -51.20 -7.83 -57.91
CA SER I 189 -50.20 -8.22 -58.90
C SER I 189 -50.82 -8.64 -60.23
N TRP I 190 -52.13 -8.88 -60.29
CA TRP I 190 -52.77 -9.15 -61.57
C TRP I 190 -52.67 -7.96 -62.51
N HIS I 191 -52.75 -6.75 -61.97
CA HIS I 191 -52.72 -5.53 -62.77
C HIS I 191 -51.37 -5.30 -63.45
N SER I 192 -50.34 -6.07 -63.10
CA SER I 192 -49.02 -5.89 -63.69
C SER I 192 -48.97 -6.25 -65.16
N ASN I 193 -50.02 -6.86 -65.71
CA ASN I 193 -50.08 -7.08 -67.15
C ASN I 193 -50.08 -5.78 -67.92
N LYS I 194 -50.67 -4.73 -67.35
CA LYS I 194 -50.74 -3.44 -68.03
C LYS I 194 -49.34 -2.84 -68.22
N PHE I 195 -48.51 -2.92 -67.19
CA PHE I 195 -47.19 -2.32 -67.27
C PHE I 195 -46.20 -3.15 -68.08
N LEU I 196 -46.52 -4.42 -68.34
CA LEU I 196 -45.67 -5.23 -69.20
C LEU I 196 -45.80 -4.76 -70.65
N ASN I 197 -44.67 -4.69 -71.34
CA ASN I 197 -44.64 -4.20 -72.71
C ASN I 197 -44.57 -5.38 -73.67
N PRO I 198 -45.62 -5.65 -74.44
CA PRO I 198 -45.59 -6.83 -75.34
C PRO I 198 -44.55 -6.73 -76.44
N ALA I 199 -44.10 -5.51 -76.79
CA ALA I 199 -43.21 -5.37 -77.94
C ALA I 199 -41.81 -5.88 -77.64
N GLN I 200 -41.26 -5.55 -76.48
CA GLN I 200 -39.86 -5.85 -76.18
C GLN I 200 -39.70 -6.88 -75.06
N ASP I 201 -40.78 -7.36 -74.46
CA ASP I 201 -40.70 -8.28 -73.34
C ASP I 201 -41.40 -9.59 -73.68
N GLY I 202 -41.17 -10.59 -72.84
CA GLY I 202 -41.82 -11.86 -72.98
C GLY I 202 -43.24 -11.85 -72.47
N ALA I 203 -43.88 -13.01 -72.57
CA ALA I 203 -45.27 -13.17 -72.15
C ALA I 203 -45.33 -14.11 -70.95
N VAL I 204 -46.13 -13.74 -69.96
CA VAL I 204 -46.32 -14.52 -68.75
C VAL I 204 -47.71 -15.13 -68.79
N LEU I 205 -47.79 -16.45 -68.65
CA LEU I 205 -49.05 -17.16 -68.67
C LEU I 205 -49.43 -17.58 -67.27
N PRO I 206 -50.37 -16.89 -66.62
CA PRO I 206 -50.76 -17.27 -65.27
C PRO I 206 -51.78 -18.40 -65.29
N ILE I 207 -51.62 -19.33 -64.37
CA ILE I 207 -52.51 -20.47 -64.23
C ILE I 207 -53.04 -20.48 -62.80
N LEU I 208 -54.37 -20.51 -62.67
CA LEU I 208 -55.02 -20.49 -61.38
C LEU I 208 -55.40 -21.91 -60.98
N HIS I 209 -54.80 -22.42 -59.90
CA HIS I 209 -55.10 -23.76 -59.41
C HIS I 209 -56.22 -23.65 -58.39
N LEU I 210 -57.44 -23.53 -58.91
CA LEU I 210 -58.64 -23.33 -58.10
C LEU I 210 -59.14 -24.69 -57.60
N ASN I 211 -58.34 -25.30 -56.71
CA ASN I 211 -58.67 -26.63 -56.21
C ASN I 211 -59.85 -26.62 -55.25
N GLY I 212 -60.19 -25.47 -54.69
CA GLY I 212 -61.39 -25.31 -53.89
C GLY I 212 -61.17 -25.27 -52.40
N TYR I 213 -60.01 -25.69 -51.90
CA TYR I 213 -59.81 -25.80 -50.47
C TYR I 213 -58.46 -25.25 -50.06
N LYS I 214 -58.44 -24.60 -48.90
CA LYS I 214 -57.21 -24.19 -48.23
C LYS I 214 -56.74 -25.34 -47.35
N ILE I 215 -55.84 -25.07 -46.41
CA ILE I 215 -55.39 -26.10 -45.48
C ILE I 215 -56.56 -26.57 -44.61
N ALA I 216 -57.46 -25.66 -44.24
CA ALA I 216 -58.58 -26.02 -43.39
C ALA I 216 -59.92 -25.39 -43.78
N ASN I 217 -59.97 -24.58 -44.82
CA ASN I 217 -61.20 -23.90 -45.21
C ASN I 217 -61.38 -23.98 -46.71
N PRO I 218 -62.62 -23.94 -47.20
CA PRO I 218 -62.83 -23.73 -48.63
C PRO I 218 -62.27 -22.39 -49.07
N THR I 219 -61.70 -22.36 -50.27
CA THR I 219 -61.06 -21.14 -50.77
C THR I 219 -62.12 -20.09 -51.10
N LEU I 220 -61.71 -18.83 -50.97
CA LEU I 220 -62.63 -17.72 -51.22
C LEU I 220 -62.99 -17.63 -52.70
N LEU I 221 -62.04 -17.88 -53.59
CA LEU I 221 -62.28 -17.71 -55.01
C LEU I 221 -63.01 -18.89 -55.65
N SER I 222 -63.10 -20.02 -54.97
CA SER I 222 -63.89 -21.14 -55.50
C SER I 222 -65.34 -21.06 -55.08
N ARG I 223 -65.64 -20.38 -53.99
CA ARG I 223 -67.00 -20.26 -53.50
C ARG I 223 -67.74 -19.05 -54.07
N ILE I 224 -67.13 -18.35 -55.02
CA ILE I 224 -67.85 -17.35 -55.79
C ILE I 224 -68.38 -18.02 -57.06
N SER I 225 -69.41 -17.41 -57.65
CA SER I 225 -70.01 -17.98 -58.84
C SER I 225 -69.06 -17.90 -60.03
N HIS I 226 -69.31 -18.76 -61.02
CA HIS I 226 -68.47 -18.76 -62.21
C HIS I 226 -68.58 -17.44 -62.97
N GLU I 227 -69.77 -16.83 -62.96
CA GLU I 227 -69.93 -15.52 -63.60
C GLU I 227 -69.15 -14.44 -62.88
N GLU I 228 -69.22 -14.42 -61.54
CA GLU I 228 -68.48 -13.42 -60.78
C GLU I 228 -66.97 -13.61 -60.93
N LEU I 229 -66.51 -14.86 -60.96
CA LEU I 229 -65.09 -15.13 -61.17
C LEU I 229 -64.66 -14.65 -62.55
N ARG I 230 -65.48 -14.90 -63.57
CA ARG I 230 -65.15 -14.42 -64.91
C ARG I 230 -65.17 -12.90 -64.97
N SER I 231 -66.11 -12.26 -64.25
CA SER I 231 -66.13 -10.81 -64.19
C SER I 231 -64.88 -10.27 -63.49
N LEU I 232 -64.45 -10.93 -62.43
CA LEU I 232 -63.30 -10.44 -61.67
C LEU I 232 -62.02 -10.50 -62.50
N PHE I 233 -61.80 -11.59 -63.24
CA PHE I 233 -60.57 -11.71 -64.00
C PHE I 233 -60.61 -10.98 -65.32
N ILE I 234 -61.79 -10.60 -65.80
CA ILE I 234 -61.86 -9.67 -66.93
C ILE I 234 -61.44 -8.28 -66.48
N GLY I 235 -61.87 -7.87 -65.28
CA GLY I 235 -61.48 -6.57 -64.75
C GLY I 235 -60.00 -6.43 -64.53
N TYR I 236 -59.32 -7.53 -64.17
CA TYR I 236 -57.87 -7.53 -64.08
C TYR I 236 -57.20 -7.40 -65.44
N GLY I 237 -57.93 -7.59 -66.54
CA GLY I 237 -57.38 -7.46 -67.86
C GLY I 237 -56.92 -8.73 -68.51
N TYR I 238 -57.33 -9.89 -67.99
CA TYR I 238 -56.92 -11.17 -68.55
C TYR I 238 -58.08 -11.81 -69.29
N GLU I 239 -57.74 -12.62 -70.30
CA GLU I 239 -58.72 -13.42 -71.01
C GLU I 239 -58.90 -14.72 -70.24
N PRO I 240 -60.06 -14.98 -69.65
CA PRO I 240 -60.20 -16.17 -68.80
C PRO I 240 -60.55 -17.43 -69.58
N PHE I 241 -59.86 -18.52 -69.29
CA PHE I 241 -60.18 -19.84 -69.81
C PHE I 241 -60.36 -20.80 -68.65
N PHE I 242 -61.37 -21.66 -68.75
CA PHE I 242 -61.77 -22.54 -67.65
C PHE I 242 -61.58 -23.99 -68.05
N VAL I 243 -60.84 -24.73 -67.24
CA VAL I 243 -60.67 -26.17 -67.39
C VAL I 243 -61.15 -26.82 -66.10
N GLU I 244 -62.13 -27.72 -66.22
CA GLU I 244 -62.77 -28.33 -65.06
C GLU I 244 -62.81 -29.84 -65.24
N GLY I 245 -63.19 -30.53 -64.17
CA GLY I 245 -63.37 -31.96 -64.18
C GLY I 245 -62.29 -32.68 -63.38
N ASN I 246 -62.49 -33.99 -63.28
CA ASN I 246 -61.55 -34.85 -62.57
C ASN I 246 -61.24 -36.14 -63.33
N ASP I 247 -61.62 -36.25 -64.60
CA ASP I 247 -61.34 -37.43 -65.40
C ASP I 247 -60.08 -37.21 -66.21
N PRO I 248 -59.02 -37.98 -65.98
CA PRO I 248 -57.77 -37.74 -66.72
C PRO I 248 -57.91 -37.85 -68.23
N ALA I 249 -58.75 -38.77 -68.71
CA ALA I 249 -58.94 -38.90 -70.16
C ALA I 249 -59.56 -37.62 -70.74
N ILE I 250 -60.54 -37.05 -70.06
CA ILE I 250 -61.10 -35.77 -70.49
C ILE I 250 -60.10 -34.65 -70.24
N LEU I 251 -59.44 -34.66 -69.07
CA LEU I 251 -58.62 -33.54 -68.67
C LEU I 251 -57.37 -33.39 -69.54
N HIS I 252 -56.81 -34.50 -70.02
CA HIS I 252 -55.63 -34.41 -70.90
C HIS I 252 -55.97 -33.67 -72.19
N GLY I 253 -57.10 -34.02 -72.81
CA GLY I 253 -57.47 -33.37 -74.06
C GLY I 253 -57.85 -31.91 -73.89
N VAL I 254 -58.59 -31.59 -72.84
CA VAL I 254 -59.07 -30.22 -72.66
C VAL I 254 -57.92 -29.28 -72.30
N MET I 255 -57.07 -29.72 -71.38
CA MET I 255 -55.99 -28.84 -70.90
C MET I 255 -54.93 -28.63 -71.96
N ALA I 256 -54.64 -29.66 -72.75
CA ALA I 256 -53.70 -29.49 -73.86
C ALA I 256 -54.28 -28.57 -74.93
N SER I 257 -55.59 -28.67 -75.17
CA SER I 257 -56.23 -27.77 -76.12
C SER I 257 -56.19 -26.32 -75.65
N THR I 258 -56.45 -26.09 -74.36
CA THR I 258 -56.44 -24.73 -73.84
C THR I 258 -55.04 -24.14 -73.87
N LEU I 259 -54.02 -24.94 -73.56
CA LEU I 259 -52.64 -24.46 -73.62
C LEU I 259 -52.26 -24.05 -75.04
N ALA I 260 -52.64 -24.86 -76.03
CA ALA I 260 -52.35 -24.50 -77.42
C ALA I 260 -53.13 -23.26 -77.83
N THR I 261 -54.36 -23.11 -77.32
CA THR I 261 -55.14 -21.91 -77.62
C THR I 261 -54.47 -20.66 -77.07
N CYS I 262 -53.93 -20.75 -75.86
CA CYS I 262 -53.36 -19.57 -75.21
C CYS I 262 -52.02 -19.16 -75.82
N VAL I 263 -51.17 -20.14 -76.14
CA VAL I 263 -49.83 -19.82 -76.60
C VAL I 263 -49.86 -19.16 -77.97
N GLN I 264 -50.79 -19.58 -78.83
CA GLN I 264 -50.92 -18.94 -80.14
C GLN I 264 -51.39 -17.51 -80.02
N LYS I 265 -52.31 -17.25 -79.08
CA LYS I 265 -52.69 -15.87 -78.78
C LYS I 265 -51.51 -15.09 -78.22
N ILE I 266 -50.68 -15.74 -77.39
CA ILE I 266 -49.48 -15.09 -76.88
C ILE I 266 -48.53 -14.76 -78.03
N GLN I 267 -48.36 -15.69 -78.97
CA GLN I 267 -47.51 -15.40 -80.12
C GLN I 267 -48.17 -14.38 -81.04
N ALA I 268 -49.49 -14.41 -81.15
CA ALA I 268 -50.19 -13.41 -81.95
C ALA I 268 -50.04 -12.02 -81.35
N ILE I 269 -50.14 -11.92 -80.02
CA ILE I 269 -50.00 -10.63 -79.36
C ILE I 269 -48.58 -10.10 -79.51
N GLN I 270 -47.58 -10.96 -79.30
CA GLN I 270 -46.20 -10.53 -79.43
C GLN I 270 -45.86 -10.15 -80.87
N ALA I 271 -46.34 -10.90 -81.85
CA ALA I 271 -46.09 -10.57 -83.24
C ALA I 271 -46.78 -9.27 -83.64
N ALA I 272 -48.01 -9.07 -83.18
CA ALA I 272 -48.72 -7.83 -83.47
C ALA I 272 -48.04 -6.62 -82.84
N ALA I 273 -47.53 -6.78 -81.62
CA ALA I 273 -46.84 -5.68 -80.96
C ALA I 273 -45.54 -5.32 -81.65
N ARG I 274 -44.76 -6.33 -82.05
CA ARG I 274 -43.50 -6.05 -82.72
C ARG I 274 -43.70 -5.50 -84.12
N SER I 275 -44.78 -5.90 -84.80
CA SER I 275 -45.11 -5.32 -86.09
C SER I 275 -45.61 -3.88 -85.94
N GLY I 276 -46.15 -3.51 -84.79
CA GLY I 276 -46.64 -2.18 -84.55
C GLY I 276 -48.03 -1.91 -85.06
N GLU I 277 -48.70 -2.90 -85.65
CA GLU I 277 -50.04 -2.67 -86.19
C GLU I 277 -51.08 -2.56 -85.08
N SER I 278 -50.85 -3.23 -83.96
CA SER I 278 -51.78 -3.24 -82.83
C SER I 278 -51.06 -2.71 -81.60
N SER I 279 -51.07 -1.39 -81.43
CA SER I 279 -50.43 -0.74 -80.29
C SER I 279 -51.51 -0.41 -79.26
N ASP I 280 -51.96 -1.45 -78.55
CA ASP I 280 -52.96 -1.30 -77.51
C ASP I 280 -52.79 -2.43 -76.50
N ARG I 281 -53.34 -2.23 -75.31
CA ARG I 281 -53.22 -3.23 -74.26
C ARG I 281 -54.14 -4.41 -74.54
N PRO I 282 -53.62 -5.61 -74.72
CA PRO I 282 -54.48 -6.77 -75.00
C PRO I 282 -54.86 -7.54 -73.75
N MET I 283 -55.98 -8.26 -73.79
CA MET I 283 -56.37 -9.13 -72.70
C MET I 283 -55.55 -10.41 -72.77
N TRP I 284 -54.63 -10.59 -71.82
CA TRP I 284 -53.73 -11.73 -71.84
C TRP I 284 -54.48 -13.02 -71.51
N PRO I 285 -54.07 -14.15 -72.09
CA PRO I 285 -54.70 -15.42 -71.76
C PRO I 285 -54.38 -15.87 -70.35
N MET I 286 -55.31 -16.65 -69.78
CA MET I 286 -55.17 -17.19 -68.44
C MET I 286 -55.99 -18.47 -68.35
N ILE I 287 -55.53 -19.40 -67.50
CA ILE I 287 -56.14 -20.72 -67.38
C ILE I 287 -56.59 -20.93 -65.96
N VAL I 288 -57.81 -21.45 -65.79
CA VAL I 288 -58.38 -21.75 -64.48
C VAL I 288 -58.60 -23.26 -64.39
N LEU I 289 -58.10 -23.86 -63.32
CA LEU I 289 -58.20 -25.30 -63.11
C LEU I 289 -59.10 -25.58 -61.91
N ARG I 290 -60.14 -26.38 -62.13
CA ARG I 290 -61.06 -26.78 -61.07
C ARG I 290 -60.80 -28.22 -60.60
N THR I 291 -59.62 -28.75 -60.87
CA THR I 291 -59.32 -30.13 -60.48
C THR I 291 -59.31 -30.26 -58.96
N PRO I 292 -59.87 -31.33 -58.42
CA PRO I 292 -59.89 -31.51 -56.96
C PRO I 292 -58.48 -31.68 -56.40
N LYS I 293 -58.31 -31.22 -55.17
CA LYS I 293 -57.01 -31.30 -54.52
C LYS I 293 -56.65 -32.74 -54.21
N GLY I 294 -55.50 -33.18 -54.69
CA GLY I 294 -55.10 -34.57 -54.50
C GLY I 294 -56.01 -35.55 -55.18
N TRP I 295 -56.44 -35.26 -56.41
CA TRP I 295 -57.41 -36.09 -57.10
C TRP I 295 -56.82 -37.39 -57.64
N THR I 296 -55.50 -37.58 -57.53
CA THR I 296 -54.86 -38.84 -57.90
C THR I 296 -54.47 -39.67 -56.69
N GLY I 297 -54.88 -39.26 -55.49
CA GLY I 297 -54.49 -39.95 -54.28
C GLY I 297 -55.63 -40.72 -53.64
N PRO I 298 -55.48 -41.07 -52.37
CA PRO I 298 -56.55 -41.79 -51.66
C PRO I 298 -57.80 -40.93 -51.51
N ALA I 299 -58.95 -41.60 -51.55
CA ALA I 299 -60.24 -40.93 -51.46
C ALA I 299 -60.74 -40.83 -50.02
N THR I 300 -60.90 -41.97 -49.35
CA THR I 300 -61.35 -42.03 -47.97
C THR I 300 -60.43 -42.95 -47.20
N ILE I 301 -60.02 -42.52 -46.00
CA ILE I 301 -59.06 -43.26 -45.20
C ILE I 301 -59.62 -43.56 -43.83
N LYS I 302 -60.00 -42.53 -43.08
CA LYS I 302 -60.48 -42.66 -41.72
C LYS I 302 -61.94 -42.22 -41.62
N GLY I 303 -62.76 -42.66 -42.57
CA GLY I 303 -64.16 -42.27 -42.57
C GLY I 303 -64.42 -40.86 -43.04
N HIS I 304 -63.40 -40.18 -43.57
CA HIS I 304 -63.54 -38.82 -44.07
C HIS I 304 -62.93 -38.71 -45.45
N VAL I 305 -63.41 -37.75 -46.22
CA VAL I 305 -62.94 -37.55 -47.60
C VAL I 305 -61.55 -36.95 -47.56
N VAL I 306 -60.58 -37.65 -48.15
CA VAL I 306 -59.19 -37.17 -48.22
C VAL I 306 -58.81 -36.72 -49.61
N GLU I 307 -59.72 -36.80 -50.58
CA GLU I 307 -59.45 -36.38 -51.95
C GLU I 307 -60.37 -35.23 -52.31
N GLY I 308 -59.81 -34.15 -52.83
CA GLY I 308 -60.59 -32.98 -53.18
C GLY I 308 -61.18 -32.26 -51.98
N SER I 309 -60.46 -32.21 -50.88
CA SER I 309 -60.91 -31.52 -49.68
C SER I 309 -59.70 -30.94 -48.97
N TRP I 310 -59.96 -30.22 -47.87
CA TRP I 310 -58.87 -29.64 -47.10
C TRP I 310 -58.01 -30.69 -46.41
N ARG I 311 -58.53 -31.91 -46.25
CA ARG I 311 -57.75 -33.00 -45.68
C ARG I 311 -56.67 -33.51 -46.62
N SER I 312 -56.69 -33.10 -47.89
CA SER I 312 -55.71 -33.55 -48.86
C SER I 312 -54.40 -32.76 -48.79
N HIS I 313 -54.30 -31.76 -47.91
CA HIS I 313 -53.14 -30.89 -47.85
C HIS I 313 -52.11 -31.48 -46.89
N GLN I 314 -50.95 -31.85 -47.44
CA GLN I 314 -49.71 -32.18 -46.75
C GLN I 314 -49.74 -33.50 -46.00
N VAL I 315 -50.92 -34.10 -45.84
CA VAL I 315 -51.07 -35.33 -45.08
C VAL I 315 -52.23 -36.12 -45.70
N PRO I 316 -51.95 -37.18 -46.44
CA PRO I 316 -53.02 -38.13 -46.77
C PRO I 316 -53.44 -38.93 -45.55
N MET I 317 -52.47 -39.46 -44.81
CA MET I 317 -52.72 -40.17 -43.57
C MET I 317 -51.73 -39.70 -42.51
N ALA I 318 -52.25 -39.51 -41.28
CA ALA I 318 -51.42 -38.94 -40.22
C ALA I 318 -50.36 -39.94 -39.75
N ASP I 319 -50.76 -41.17 -39.50
CA ASP I 319 -49.88 -42.19 -38.94
C ASP I 319 -49.77 -43.37 -39.90
N VAL I 320 -48.53 -43.80 -40.15
CA VAL I 320 -48.25 -44.96 -40.98
C VAL I 320 -47.52 -46.04 -40.20
N LEU I 321 -46.50 -45.66 -39.44
CA LEU I 321 -45.75 -46.62 -38.64
C LEU I 321 -46.62 -47.23 -37.55
N THR I 322 -47.45 -46.41 -36.90
CA THR I 322 -48.28 -46.91 -35.81
C THR I 322 -49.37 -47.84 -36.31
N ASN I 323 -50.04 -47.49 -37.41
CA ASN I 323 -51.16 -48.26 -37.91
C ASN I 323 -50.76 -49.02 -39.17
N PRO I 324 -50.66 -50.35 -39.11
CA PRO I 324 -50.36 -51.11 -40.34
C PRO I 324 -51.44 -51.03 -41.40
N GLU I 325 -52.68 -50.72 -41.02
CA GLU I 325 -53.74 -50.58 -42.01
C GLU I 325 -53.46 -49.43 -42.95
N HIS I 326 -53.00 -48.29 -42.43
CA HIS I 326 -52.65 -47.15 -43.26
C HIS I 326 -51.46 -47.49 -44.16
N LEU I 327 -50.50 -48.26 -43.63
CA LEU I 327 -49.37 -48.67 -44.45
C LEU I 327 -49.82 -49.55 -45.61
N GLN I 328 -50.80 -50.42 -45.36
CA GLN I 328 -51.36 -51.20 -46.46
C GLN I 328 -52.09 -50.31 -47.46
N LEU I 329 -52.83 -49.32 -46.97
CA LEU I 329 -53.45 -48.35 -47.86
C LEU I 329 -52.40 -47.53 -48.60
N LEU I 330 -51.31 -47.20 -47.90
CA LEU I 330 -50.20 -46.50 -48.55
C LEU I 330 -49.57 -47.35 -49.64
N GLU I 331 -49.38 -48.65 -49.38
CA GLU I 331 -48.80 -49.52 -50.39
C GLU I 331 -49.71 -49.64 -51.60
N ASP I 332 -51.02 -49.73 -51.37
CA ASP I 332 -51.97 -49.75 -52.48
C ASP I 332 -51.97 -48.45 -53.26
N TRP I 333 -51.72 -47.33 -52.58
CA TRP I 333 -51.61 -46.04 -53.26
C TRP I 333 -50.44 -46.03 -54.24
N LEU I 334 -49.29 -46.56 -53.83
CA LEU I 334 -48.15 -46.62 -54.72
C LEU I 334 -48.37 -47.61 -55.86
N ARG I 335 -49.09 -48.69 -55.59
CA ARG I 335 -49.40 -49.66 -56.64
C ARG I 335 -50.35 -49.11 -57.69
N SER I 336 -51.16 -48.09 -57.34
CA SER I 336 -52.13 -47.54 -58.27
C SER I 336 -51.48 -46.87 -59.47
N TYR I 337 -50.24 -46.41 -59.33
CA TYR I 337 -49.53 -45.80 -60.44
C TYR I 337 -48.89 -46.82 -61.38
N ARG I 338 -48.88 -48.10 -60.99
CA ARG I 338 -48.21 -49.17 -61.72
C ARG I 338 -46.75 -48.81 -62.00
N PRO I 339 -45.91 -48.75 -60.97
CA PRO I 339 -44.51 -48.32 -61.18
C PRO I 339 -43.67 -49.31 -61.98
N GLU I 340 -44.13 -50.56 -62.12
CA GLU I 340 -43.32 -51.57 -62.78
C GLU I 340 -43.09 -51.24 -64.25
N GLU I 341 -44.11 -50.72 -64.93
CA GLU I 341 -43.97 -50.39 -66.34
C GLU I 341 -43.21 -49.09 -66.55
N LEU I 342 -43.21 -48.20 -65.55
CA LEU I 342 -42.59 -46.89 -65.72
C LEU I 342 -41.07 -46.94 -65.63
N PHE I 343 -40.51 -47.88 -64.88
CA PHE I 343 -39.08 -47.98 -64.69
C PHE I 343 -38.56 -49.35 -65.11
N ASP I 344 -37.30 -49.39 -65.53
CA ASP I 344 -36.68 -50.63 -65.94
C ASP I 344 -36.06 -51.33 -64.73
N ALA I 345 -35.25 -52.36 -64.97
CA ALA I 345 -34.58 -53.06 -63.89
C ALA I 345 -33.57 -52.16 -63.19
N SER I 346 -32.85 -51.33 -63.96
CA SER I 346 -31.85 -50.45 -63.38
C SER I 346 -32.46 -49.32 -62.57
N GLY I 347 -33.73 -49.00 -62.79
CA GLY I 347 -34.38 -47.92 -62.10
C GLY I 347 -34.54 -46.65 -62.91
N ALA I 348 -33.88 -46.55 -64.06
CA ALA I 348 -34.03 -45.40 -64.92
C ALA I 348 -35.41 -45.40 -65.57
N PRO I 349 -35.92 -44.23 -65.96
CA PRO I 349 -37.19 -44.19 -66.70
C PRO I 349 -37.05 -44.92 -68.03
N VAL I 350 -38.17 -45.49 -68.48
CA VAL I 350 -38.20 -46.28 -69.71
C VAL I 350 -38.01 -45.38 -70.92
N ALA I 351 -37.77 -45.99 -72.08
CA ALA I 351 -37.51 -45.22 -73.29
C ALA I 351 -38.72 -44.39 -73.72
N GLU I 352 -39.93 -44.77 -73.32
CA GLU I 352 -41.09 -43.94 -73.61
C GLU I 352 -41.00 -42.59 -72.90
N LEU I 353 -40.55 -42.59 -71.65
CA LEU I 353 -40.42 -41.34 -70.90
C LEU I 353 -39.22 -40.53 -71.39
N GLN I 354 -38.15 -41.19 -71.80
CA GLN I 354 -36.95 -40.48 -72.24
C GLN I 354 -37.21 -39.70 -73.52
N ALA I 355 -37.97 -40.27 -74.46
CA ALA I 355 -38.21 -39.61 -75.73
C ALA I 355 -39.03 -38.34 -75.57
N ILE I 356 -40.05 -38.36 -74.70
CA ILE I 356 -40.92 -37.19 -74.53
C ILE I 356 -40.30 -36.11 -73.66
N ALA I 357 -39.15 -36.35 -73.08
CA ALA I 357 -38.50 -35.33 -72.28
C ALA I 357 -37.80 -34.30 -73.17
N PRO I 358 -37.77 -33.04 -72.75
CA PRO I 358 -37.01 -32.03 -73.51
C PRO I 358 -35.53 -32.35 -73.52
N ILE I 359 -34.86 -31.94 -74.60
CA ILE I 359 -33.48 -32.30 -74.88
C ILE I 359 -32.60 -31.07 -74.74
N GLY I 360 -31.51 -31.19 -73.99
CA GLY I 360 -30.54 -30.12 -73.90
C GLY I 360 -30.99 -28.97 -73.03
N ASP I 361 -30.60 -27.76 -73.43
CA ASP I 361 -30.88 -26.55 -72.66
C ASP I 361 -32.35 -26.15 -72.68
N ARG I 362 -33.15 -26.74 -73.56
CA ARG I 362 -34.57 -26.40 -73.62
C ARG I 362 -35.35 -26.90 -72.41
N ARG I 363 -34.76 -27.74 -71.56
CA ARG I 363 -35.43 -28.22 -70.37
C ARG I 363 -35.75 -27.06 -69.44
N MET I 364 -36.98 -27.02 -68.95
CA MET I 364 -37.42 -25.92 -68.10
C MET I 364 -36.67 -25.88 -66.78
N SER I 365 -36.34 -27.05 -66.23
CA SER I 365 -35.55 -27.10 -65.02
C SER I 365 -34.09 -26.77 -65.24
N ALA I 366 -33.63 -26.72 -66.50
CA ALA I 366 -32.25 -26.41 -66.82
C ALA I 366 -32.10 -25.12 -67.60
N ASN I 367 -33.12 -24.27 -67.59
CA ASN I 367 -33.06 -23.01 -68.32
C ASN I 367 -32.05 -22.08 -67.66
N PRO I 368 -31.16 -21.44 -68.44
CA PRO I 368 -30.18 -20.52 -67.83
C PRO I 368 -30.79 -19.29 -67.20
N VAL I 369 -32.04 -18.97 -67.52
CA VAL I 369 -32.69 -17.79 -66.93
C VAL I 369 -32.85 -17.99 -65.43
N THR I 370 -33.20 -19.21 -65.00
CA THR I 370 -33.36 -19.48 -63.57
C THR I 370 -32.05 -19.29 -62.81
N ASN I 371 -30.94 -19.76 -63.37
CA ASN I 371 -29.62 -19.49 -62.81
C ASN I 371 -29.07 -18.24 -63.49
N GLY I 372 -29.62 -17.10 -63.10
CA GLY I 372 -29.38 -15.86 -63.81
C GLY I 372 -27.96 -15.33 -63.69
N GLY I 373 -27.18 -15.83 -62.74
CA GLY I 373 -25.81 -15.36 -62.61
C GLY I 373 -24.96 -15.68 -63.83
N LEU I 374 -25.23 -16.82 -64.47
CA LEU I 374 -24.56 -17.12 -65.73
C LEU I 374 -24.96 -16.14 -66.81
N LEU I 375 -26.23 -15.75 -66.85
CA LEU I 375 -26.72 -14.81 -67.84
C LEU I 375 -26.29 -13.38 -67.54
N ARG I 376 -25.83 -13.11 -66.33
CA ARG I 376 -25.55 -11.74 -65.91
C ARG I 376 -24.30 -11.19 -66.58
N ARG I 377 -24.41 -9.96 -67.09
CA ARG I 377 -23.28 -9.22 -67.62
C ARG I 377 -23.02 -8.00 -66.75
N ALA I 378 -21.75 -7.64 -66.60
CA ALA I 378 -21.39 -6.53 -65.74
C ALA I 378 -21.95 -5.22 -66.28
N LEU I 379 -22.44 -4.38 -65.37
CA LEU I 379 -23.06 -3.13 -65.77
C LEU I 379 -22.01 -2.14 -66.25
N THR I 380 -22.27 -1.52 -67.39
CA THR I 380 -21.39 -0.48 -67.92
C THR I 380 -21.91 0.87 -67.43
N LEU I 381 -21.13 1.53 -66.58
CA LEU I 381 -21.57 2.78 -65.99
C LEU I 381 -20.51 3.85 -66.19
N PRO I 382 -20.93 5.11 -66.39
CA PRO I 382 -19.96 6.19 -66.56
C PRO I 382 -19.37 6.61 -65.22
N ASP I 383 -18.32 7.41 -65.30
CA ASP I 383 -17.69 7.94 -64.10
C ASP I 383 -18.65 8.93 -63.44
N PHE I 384 -18.85 8.76 -62.12
CA PHE I 384 -19.78 9.63 -61.42
C PHE I 384 -19.21 11.02 -61.18
N ARG I 385 -17.90 11.19 -61.33
CA ARG I 385 -17.29 12.50 -61.10
C ARG I 385 -17.74 13.53 -62.11
N ASP I 386 -18.28 13.10 -63.26
CA ASP I 386 -18.84 14.04 -64.22
C ASP I 386 -20.10 14.71 -63.66
N GLN I 387 -20.92 13.96 -62.95
CA GLN I 387 -22.18 14.48 -62.42
C GLN I 387 -22.06 15.02 -61.01
N ALA I 388 -20.88 14.92 -60.39
CA ALA I 388 -20.72 15.37 -59.01
C ALA I 388 -20.72 16.88 -58.94
N VAL I 389 -21.29 17.42 -57.86
CA VAL I 389 -21.28 18.86 -57.67
C VAL I 389 -19.90 19.34 -57.24
N SER I 390 -19.63 20.61 -57.49
CA SER I 390 -18.35 21.21 -57.16
C SER I 390 -18.47 21.96 -55.84
N VAL I 391 -17.55 21.69 -54.92
CA VAL I 391 -17.56 22.34 -53.62
C VAL I 391 -16.23 23.05 -53.37
N PRO I 392 -16.19 24.37 -53.45
CA PRO I 392 -14.94 25.07 -53.11
C PRO I 392 -14.61 24.98 -51.63
N ALA I 393 -15.61 25.16 -50.77
CA ALA I 393 -15.43 25.08 -49.34
C ALA I 393 -16.39 24.06 -48.74
N PRO I 394 -15.90 23.10 -47.97
CA PRO I 394 -16.79 22.07 -47.42
C PRO I 394 -17.69 22.64 -46.34
N GLY I 395 -18.99 22.38 -46.45
CA GLY I 395 -19.95 22.82 -45.47
C GLY I 395 -20.48 24.22 -45.67
N LYS I 396 -20.04 24.94 -46.70
CA LYS I 396 -20.49 26.30 -46.93
C LYS I 396 -21.36 26.45 -48.17
N SER I 397 -21.36 25.47 -49.07
CA SER I 397 -22.14 25.53 -50.29
C SER I 397 -23.36 24.62 -50.16
N ARG I 398 -24.52 25.14 -50.51
CA ARG I 398 -25.80 24.46 -50.32
C ARG I 398 -26.36 24.06 -51.68
N ALA I 399 -26.63 22.77 -51.85
CA ALA I 399 -27.21 22.27 -53.09
C ALA I 399 -28.00 21.01 -52.78
N ASP I 400 -29.07 20.79 -53.53
CA ASP I 400 -29.90 19.61 -53.35
C ASP I 400 -29.14 18.35 -53.79
N SER I 401 -29.29 17.29 -53.00
CA SER I 401 -28.52 16.07 -53.22
C SER I 401 -29.21 15.08 -54.15
N THR I 402 -30.48 15.31 -54.49
CA THR I 402 -31.19 14.37 -55.35
C THR I 402 -30.81 14.53 -56.81
N ARG I 403 -30.57 15.76 -57.25
CA ARG I 403 -30.28 16.01 -58.67
C ARG I 403 -29.02 15.31 -59.18
N PRO I 404 -27.88 15.31 -58.49
CA PRO I 404 -26.72 14.55 -59.01
C PRO I 404 -27.00 13.07 -59.16
N LEU I 405 -27.78 12.47 -58.27
CA LEU I 405 -28.11 11.05 -58.39
C LEU I 405 -29.03 10.80 -59.58
N GLY I 406 -30.00 11.69 -59.79
CA GLY I 406 -30.89 11.53 -60.92
C GLY I 406 -30.17 11.59 -62.25
N GLN I 407 -29.22 12.51 -62.39
CA GLN I 407 -28.43 12.59 -63.61
C GLN I 407 -27.58 11.34 -63.79
N PHE I 408 -27.00 10.83 -62.70
CA PHE I 408 -26.17 9.63 -62.80
C PHE I 408 -27.00 8.42 -63.22
N LEU I 409 -28.21 8.29 -62.68
CA LEU I 409 -29.06 7.19 -63.10
C LEU I 409 -29.51 7.34 -64.55
N ARG I 410 -29.69 8.56 -65.02
CA ARG I 410 -30.03 8.78 -66.43
C ARG I 410 -28.90 8.29 -67.35
N GLU I 411 -27.65 8.58 -66.98
CA GLU I 411 -26.52 8.15 -67.81
C GLU I 411 -26.39 6.64 -67.84
N VAL I 412 -26.67 5.98 -66.72
CA VAL I 412 -26.63 4.52 -66.68
C VAL I 412 -27.69 3.92 -67.58
N ILE I 413 -28.86 4.56 -67.63
CA ILE I 413 -29.95 4.06 -68.47
C ILE I 413 -29.57 4.08 -69.94
N ARG I 414 -28.96 5.17 -70.39
CA ARG I 414 -28.55 5.26 -71.79
C ARG I 414 -27.46 4.25 -72.11
N HIS I 415 -26.47 4.10 -71.22
CA HIS I 415 -25.39 3.17 -71.47
C HIS I 415 -25.80 1.73 -71.29
N ASN I 416 -26.89 1.47 -70.56
CA ASN I 416 -27.42 0.12 -70.34
C ASN I 416 -28.90 0.14 -70.68
N PRO I 417 -29.25 0.14 -71.96
CA PRO I 417 -30.65 0.33 -72.34
C PRO I 417 -31.53 -0.88 -72.07
N ASP I 418 -30.95 -2.06 -71.88
CA ASP I 418 -31.72 -3.30 -71.75
C ASP I 418 -31.68 -3.88 -70.36
N ASN I 419 -30.50 -4.05 -69.77
CA ASN I 419 -30.36 -4.77 -68.50
C ASN I 419 -30.35 -3.84 -67.29
N PHE I 420 -31.08 -2.72 -67.36
CA PHE I 420 -31.21 -1.84 -66.22
C PHE I 420 -32.58 -1.20 -66.21
N ARG I 421 -33.17 -1.13 -65.02
CA ARG I 421 -34.50 -0.53 -64.84
C ARG I 421 -34.56 0.15 -63.49
N LEU I 422 -35.48 1.10 -63.37
CA LEU I 422 -35.67 1.88 -62.15
C LEU I 422 -37.10 1.73 -61.67
N PHE I 423 -37.27 1.60 -60.35
CA PHE I 423 -38.57 1.35 -59.74
C PHE I 423 -38.86 2.41 -58.71
N GLY I 424 -40.09 2.96 -58.75
CA GLY I 424 -40.50 3.97 -57.82
C GLY I 424 -42.00 4.04 -57.65
N PRO I 425 -42.47 4.10 -56.40
CA PRO I 425 -43.92 4.19 -56.13
C PRO I 425 -44.43 5.64 -56.11
N ASP I 426 -44.48 6.24 -57.30
CA ASP I 426 -44.96 7.61 -57.51
C ASP I 426 -44.18 8.63 -56.69
N GLU I 427 -42.92 8.31 -56.38
CA GLU I 427 -42.05 9.21 -55.67
C GLU I 427 -40.80 9.57 -56.46
N THR I 428 -40.66 9.06 -57.69
CA THR I 428 -39.55 9.47 -58.54
C THR I 428 -39.65 10.96 -58.86
N ALA I 429 -40.86 11.43 -59.21
CA ALA I 429 -41.07 12.86 -59.38
C ALA I 429 -41.03 13.60 -58.05
N SER I 430 -41.54 12.97 -56.99
CA SER I 430 -41.55 13.60 -55.68
C SER I 430 -40.14 13.79 -55.13
N ASN I 431 -39.28 12.78 -55.31
CA ASN I 431 -37.90 12.85 -54.81
C ASN I 431 -36.98 13.66 -55.72
N ARG I 432 -37.54 14.46 -56.62
CA ARG I 432 -36.77 15.35 -57.50
C ARG I 432 -35.79 14.57 -58.37
N LEU I 433 -36.20 13.38 -58.80
CA LEU I 433 -35.42 12.54 -59.70
C LEU I 433 -35.85 12.69 -61.14
N ASP I 434 -36.29 13.87 -61.54
CA ASP I 434 -36.79 14.12 -62.88
C ASP I 434 -35.69 14.16 -63.93
N ALA I 435 -34.42 14.03 -63.53
CA ALA I 435 -33.33 14.04 -64.51
C ALA I 435 -33.40 12.82 -65.42
N VAL I 436 -33.85 11.67 -64.90
CA VAL I 436 -34.00 10.50 -65.76
C VAL I 436 -35.16 10.66 -66.74
N TYR I 437 -36.09 11.58 -66.47
CA TYR I 437 -37.20 11.81 -67.38
C TYR I 437 -36.78 12.49 -68.67
N GLU I 438 -35.55 12.98 -68.76
CA GLU I 438 -35.09 13.67 -69.96
C GLU I 438 -35.00 12.72 -71.15
N VAL I 439 -34.50 11.50 -70.94
CA VAL I 439 -34.25 10.57 -72.03
C VAL I 439 -35.32 9.48 -72.10
N THR I 440 -35.80 9.00 -70.96
CA THR I 440 -36.80 7.95 -70.92
C THR I 440 -37.90 8.31 -69.94
N SER I 441 -39.09 7.78 -70.20
CA SER I 441 -40.27 8.06 -69.39
C SER I 441 -40.80 6.77 -68.79
N LYS I 442 -41.75 6.91 -67.87
CA LYS I 442 -42.37 5.76 -67.24
C LYS I 442 -43.28 5.02 -68.23
N VAL I 443 -43.40 3.72 -68.02
CA VAL I 443 -44.20 2.86 -68.89
C VAL I 443 -45.60 2.73 -68.29
N TRP I 444 -46.61 3.03 -69.10
CA TRP I 444 -48.00 2.96 -68.66
C TRP I 444 -48.83 1.97 -69.48
N LEU I 445 -48.77 2.06 -70.81
CA LEU I 445 -49.51 1.20 -71.73
C LEU I 445 -51.01 1.24 -71.43
N GLY I 446 -51.56 2.45 -71.39
CA GLY I 446 -52.98 2.65 -71.21
C GLY I 446 -53.46 3.80 -72.06
N ASP I 447 -54.74 4.13 -71.90
CA ASP I 447 -55.29 5.28 -72.58
C ASP I 447 -54.64 6.56 -72.06
N ARG I 448 -54.44 7.51 -72.97
CA ARG I 448 -53.74 8.74 -72.64
C ARG I 448 -54.51 9.93 -73.17
N ILE I 449 -54.35 11.08 -72.50
CA ILE I 449 -55.00 12.32 -72.90
C ILE I 449 -53.91 13.36 -73.08
N PRO I 450 -54.16 14.39 -73.89
CA PRO I 450 -53.15 15.45 -74.06
C PRO I 450 -52.78 16.16 -72.78
N GLU I 451 -53.67 16.17 -71.78
CA GLU I 451 -53.31 16.72 -70.47
C GLU I 451 -52.21 15.90 -69.81
N ASP I 452 -52.23 14.58 -69.99
CA ASP I 452 -51.18 13.73 -69.45
C ASP I 452 -49.83 13.98 -70.13
N GLU I 453 -49.86 14.31 -71.43
CA GLU I 453 -48.61 14.50 -72.17
C GLU I 453 -47.81 15.67 -71.62
N ASP I 454 -48.48 16.78 -71.30
CA ASP I 454 -47.77 17.94 -70.77
C ASP I 454 -47.39 17.72 -69.30
N GLY I 455 -48.25 17.05 -68.54
CA GLY I 455 -48.03 16.87 -67.12
C GLY I 455 -47.02 15.78 -66.78
N GLY I 456 -47.33 14.54 -67.12
CA GLY I 456 -46.52 13.40 -66.75
C GLY I 456 -45.75 12.84 -67.93
N HIS I 457 -44.63 12.20 -67.64
CA HIS I 457 -43.80 11.57 -68.66
C HIS I 457 -44.23 10.10 -68.77
N LEU I 458 -45.11 9.81 -69.72
CA LEU I 458 -45.64 8.47 -69.91
C LEU I 458 -45.52 8.06 -71.37
N SER I 459 -45.10 6.82 -71.60
CA SER I 459 -44.98 6.28 -72.94
C SER I 459 -45.03 4.76 -72.86
N ASP I 460 -45.29 4.14 -74.02
CA ASP I 460 -45.30 2.68 -74.08
C ASP I 460 -43.92 2.10 -73.80
N ARG I 461 -42.88 2.72 -74.34
CA ARG I 461 -41.50 2.30 -74.12
C ARG I 461 -40.90 3.11 -72.98
N GLY I 462 -40.34 2.42 -72.00
CA GLY I 462 -39.75 3.08 -70.86
C GLY I 462 -38.92 2.12 -70.03
N ARG I 463 -38.09 2.71 -69.18
CA ARG I 463 -37.23 1.94 -68.29
C ARG I 463 -37.56 2.18 -66.81
N VAL I 464 -38.62 2.92 -66.52
CA VAL I 464 -39.03 3.22 -65.16
C VAL I 464 -40.44 2.68 -64.94
N MET I 465 -40.59 1.84 -63.92
CA MET I 465 -41.89 1.25 -63.58
C MET I 465 -42.56 2.06 -62.48
N GLU I 466 -43.89 2.10 -62.52
CA GLU I 466 -44.66 2.96 -61.65
C GLU I 466 -45.91 2.24 -61.15
N ILE I 467 -45.99 2.04 -59.83
CA ILE I 467 -47.19 1.53 -59.18
C ILE I 467 -47.06 1.82 -57.70
N LEU I 468 -48.21 2.01 -57.04
CA LEU I 468 -48.17 2.37 -55.62
C LEU I 468 -47.94 1.18 -54.71
N SER I 469 -48.40 -0.01 -55.10
CA SER I 469 -48.20 -1.20 -54.29
C SER I 469 -46.73 -1.57 -54.29
N GLU I 470 -46.06 -1.36 -53.16
CA GLU I 470 -44.67 -1.76 -53.05
C GLU I 470 -44.49 -3.27 -53.05
N HIS I 471 -45.55 -4.03 -52.75
CA HIS I 471 -45.47 -5.48 -52.78
C HIS I 471 -45.16 -5.98 -54.18
N THR I 472 -45.96 -5.56 -55.16
CA THR I 472 -45.68 -5.95 -56.53
C THR I 472 -44.51 -5.19 -57.13
N LEU I 473 -44.18 -4.03 -56.57
CA LEU I 473 -43.07 -3.25 -57.11
C LEU I 473 -41.75 -3.91 -56.79
N GLU I 474 -41.57 -4.38 -55.55
CA GLU I 474 -40.36 -5.10 -55.19
C GLU I 474 -40.33 -6.51 -55.72
N GLY I 475 -41.49 -7.13 -55.95
CA GLY I 475 -41.51 -8.44 -56.56
C GLY I 475 -40.95 -8.44 -57.97
N TRP I 476 -41.20 -7.36 -58.72
CA TRP I 476 -40.62 -7.23 -60.04
C TRP I 476 -39.10 -7.15 -59.97
N LEU I 477 -38.58 -6.39 -59.00
CA LEU I 477 -37.14 -6.16 -58.93
C LEU I 477 -36.40 -7.42 -58.49
N GLU I 478 -36.94 -8.15 -57.52
CA GLU I 478 -36.25 -9.32 -57.00
C GLU I 478 -36.07 -10.39 -58.08
N ALA I 479 -37.11 -10.62 -58.88
CA ALA I 479 -36.98 -11.54 -60.00
C ALA I 479 -36.07 -10.98 -61.07
N TYR I 480 -36.06 -9.66 -61.24
CA TYR I 480 -35.21 -9.04 -62.24
C TYR I 480 -33.73 -9.28 -61.93
N LEU I 481 -33.37 -9.23 -60.66
CA LEU I 481 -31.99 -9.50 -60.27
C LEU I 481 -31.64 -10.98 -60.37
N LEU I 482 -32.56 -11.85 -59.95
CA LEU I 482 -32.32 -13.28 -60.05
C LEU I 482 -32.28 -13.76 -61.50
N THR I 483 -32.88 -13.00 -62.41
CA THR I 483 -32.77 -13.31 -63.83
C THR I 483 -31.38 -12.99 -64.38
N GLY I 484 -30.64 -12.11 -63.71
CA GLY I 484 -29.32 -11.72 -64.15
C GLY I 484 -29.18 -10.27 -64.55
N ARG I 485 -30.24 -9.47 -64.41
CA ARG I 485 -30.20 -8.07 -64.81
C ARG I 485 -29.85 -7.21 -63.59
N HIS I 486 -29.95 -5.90 -63.75
CA HIS I 486 -29.64 -4.94 -62.70
C HIS I 486 -30.79 -3.97 -62.53
N GLY I 487 -30.97 -3.48 -61.31
CA GLY I 487 -32.07 -2.57 -61.04
C GLY I 487 -31.74 -1.64 -59.88
N PHE I 488 -32.67 -0.72 -59.62
CA PHE I 488 -32.52 0.25 -58.55
C PHE I 488 -33.90 0.64 -58.03
N PHE I 489 -34.07 0.64 -56.71
CA PHE I 489 -35.35 0.89 -56.08
C PHE I 489 -35.25 2.17 -55.24
N ALA I 490 -36.17 3.10 -55.47
CA ALA I 490 -36.20 4.36 -54.75
C ALA I 490 -37.59 4.56 -54.16
N THR I 491 -37.66 4.83 -52.86
CA THR I 491 -38.94 5.01 -52.19
C THR I 491 -38.74 5.83 -50.93
N TYR I 492 -39.85 6.15 -50.29
CA TYR I 492 -39.80 6.81 -48.99
C TYR I 492 -39.38 5.83 -47.91
N GLU I 493 -38.82 6.38 -46.83
CA GLU I 493 -38.50 5.57 -45.66
C GLU I 493 -39.74 5.23 -44.85
N ALA I 494 -40.77 6.08 -44.92
CA ALA I 494 -41.96 5.88 -44.10
C ALA I 494 -42.70 4.62 -44.48
N PHE I 495 -42.69 4.24 -45.76
CA PHE I 495 -43.40 3.06 -46.22
C PHE I 495 -42.47 1.88 -46.47
N ALA I 496 -41.37 1.81 -45.73
CA ALA I 496 -40.45 0.70 -45.87
C ALA I 496 -40.87 -0.52 -45.05
N HIS I 497 -41.81 -0.37 -44.13
CA HIS I 497 -42.33 -1.54 -43.42
C HIS I 497 -43.20 -2.39 -44.32
N VAL I 498 -43.67 -1.85 -45.45
CA VAL I 498 -44.48 -2.63 -46.38
C VAL I 498 -43.66 -3.76 -46.99
N ILE I 499 -42.43 -3.48 -47.36
CA ILE I 499 -41.57 -4.45 -48.04
C ILE I 499 -40.76 -5.24 -47.04
N ASP I 500 -41.11 -5.13 -45.75
CA ASP I 500 -40.35 -5.80 -44.70
C ASP I 500 -40.38 -7.31 -44.86
N SER I 501 -41.55 -7.87 -45.17
CA SER I 501 -41.65 -9.31 -45.37
C SER I 501 -40.89 -9.76 -46.60
N MET I 502 -40.92 -8.96 -47.68
CA MET I 502 -40.30 -9.38 -48.92
C MET I 502 -38.78 -9.35 -48.85
N VAL I 503 -38.22 -8.39 -48.11
CA VAL I 503 -36.76 -8.28 -48.01
C VAL I 503 -36.20 -9.51 -47.31
N ASN I 504 -36.85 -9.96 -46.25
CA ASN I 504 -36.40 -11.16 -45.54
C ASN I 504 -36.43 -12.38 -46.43
N GLN I 505 -37.43 -12.46 -47.32
CA GLN I 505 -37.48 -13.56 -48.27
C GLN I 505 -36.31 -13.51 -49.24
N HIS I 506 -35.97 -12.32 -49.74
CA HIS I 506 -34.87 -12.22 -50.67
C HIS I 506 -33.54 -12.42 -49.97
N ALA I 507 -33.40 -11.93 -48.75
CA ALA I 507 -32.17 -12.15 -48.00
C ALA I 507 -31.98 -13.63 -47.68
N LYS I 508 -33.07 -14.36 -47.46
CA LYS I 508 -32.97 -15.80 -47.28
C LYS I 508 -32.44 -16.48 -48.54
N TRP I 509 -32.91 -16.04 -49.70
CA TRP I 509 -32.48 -16.66 -50.96
C TRP I 509 -30.99 -16.43 -51.21
N LEU I 510 -30.51 -15.21 -50.97
CA LEU I 510 -29.11 -14.92 -51.24
C LEU I 510 -28.19 -15.63 -50.26
N ASP I 511 -28.62 -15.75 -49.00
CA ASP I 511 -27.79 -16.39 -47.99
C ASP I 511 -27.58 -17.88 -48.30
N VAL I 512 -28.65 -18.57 -48.70
CA VAL I 512 -28.52 -19.99 -49.03
C VAL I 512 -27.75 -20.15 -50.33
N SER I 513 -28.01 -19.30 -51.32
CA SER I 513 -27.37 -19.42 -52.62
C SER I 513 -25.87 -19.21 -52.53
N LYS I 514 -25.43 -18.28 -51.67
CA LYS I 514 -24.01 -17.97 -51.59
C LYS I 514 -23.23 -19.06 -50.88
N ARG I 515 -23.78 -19.59 -49.78
CA ARG I 515 -23.05 -20.56 -48.96
C ARG I 515 -23.38 -22.00 -49.29
N GLU I 516 -24.65 -22.39 -49.14
CA GLU I 516 -25.01 -23.81 -49.24
C GLU I 516 -24.89 -24.32 -50.66
N VAL I 517 -25.45 -23.59 -51.62
CA VAL I 517 -25.49 -24.04 -53.00
C VAL I 517 -24.22 -23.60 -53.71
N ASP I 518 -23.60 -24.53 -54.44
CA ASP I 518 -22.34 -24.25 -55.12
C ASP I 518 -22.51 -23.98 -56.61
N TRP I 519 -23.55 -24.49 -57.24
CA TRP I 519 -23.77 -24.26 -58.65
C TRP I 519 -24.52 -22.96 -58.94
N ARG I 520 -25.03 -22.29 -57.92
CA ARG I 520 -25.70 -21.02 -58.13
C ARG I 520 -24.67 -19.93 -58.42
N ALA I 521 -24.82 -19.29 -59.55
CA ALA I 521 -23.90 -18.21 -59.83
C ALA I 521 -24.39 -16.91 -59.21
N PRO I 522 -23.48 -16.03 -58.80
CA PRO I 522 -23.90 -14.78 -58.13
C PRO I 522 -24.74 -13.89 -59.05
N VAL I 523 -25.76 -13.30 -58.47
CA VAL I 523 -26.67 -12.41 -59.18
C VAL I 523 -26.36 -10.98 -58.77
N SER I 524 -27.00 -10.01 -59.40
CA SER I 524 -26.77 -8.62 -59.04
C SER I 524 -27.35 -8.30 -57.66
N SER I 525 -26.89 -7.19 -57.10
CA SER I 525 -27.30 -6.81 -55.75
C SER I 525 -28.65 -6.10 -55.77
N LEU I 526 -29.28 -6.07 -54.59
CA LEU I 526 -30.56 -5.40 -54.39
C LEU I 526 -30.29 -4.02 -53.81
N ASN I 527 -30.53 -2.99 -54.61
CA ASN I 527 -30.24 -1.61 -54.23
C ASN I 527 -31.56 -0.90 -53.95
N ILE I 528 -31.77 -0.53 -52.69
CA ILE I 528 -32.97 0.16 -52.26
C ILE I 528 -32.57 1.54 -51.76
N LEU I 529 -33.21 2.57 -52.30
CA LEU I 529 -32.95 3.95 -51.90
C LEU I 529 -34.12 4.44 -51.07
N LEU I 530 -33.84 4.88 -49.86
CA LEU I 530 -34.84 5.39 -48.94
C LEU I 530 -34.72 6.91 -48.89
N SER I 531 -35.80 7.60 -49.24
CA SER I 531 -35.81 9.05 -49.30
C SER I 531 -36.80 9.61 -48.30
N SER I 532 -36.74 10.93 -48.11
CA SER I 532 -37.64 11.68 -47.23
C SER I 532 -37.67 11.07 -45.82
N THR I 533 -36.52 11.17 -45.16
CA THR I 533 -36.34 10.61 -43.84
C THR I 533 -37.32 11.24 -42.84
N VAL I 534 -37.36 10.64 -41.65
CA VAL I 534 -38.35 11.00 -40.65
C VAL I 534 -38.12 12.39 -40.08
N TRP I 535 -36.93 12.96 -40.25
CA TRP I 535 -36.60 14.22 -39.60
C TRP I 535 -37.21 15.42 -40.31
N ARG I 536 -37.34 15.38 -41.63
CA ARG I 536 -37.87 16.53 -42.34
C ARG I 536 -39.38 16.66 -42.22
N GLN I 537 -40.09 15.54 -42.08
CA GLN I 537 -41.55 15.51 -41.95
C GLN I 537 -42.23 16.21 -43.13
N ASP I 538 -42.06 15.60 -44.29
CA ASP I 538 -42.61 16.13 -45.53
C ASP I 538 -44.14 16.08 -45.51
N HIS I 539 -44.75 16.68 -46.53
CA HIS I 539 -46.21 16.70 -46.63
C HIS I 539 -46.78 15.30 -46.77
N ASN I 540 -46.17 14.47 -47.59
CA ASN I 540 -46.65 13.11 -47.79
C ASN I 540 -46.22 12.23 -46.62
N GLY I 541 -46.90 11.11 -46.47
CA GLY I 541 -46.61 10.17 -45.41
C GLY I 541 -47.31 10.54 -44.11
N PHE I 542 -47.50 9.53 -43.27
CA PHE I 542 -48.12 9.74 -41.97
C PHE I 542 -47.18 10.53 -41.07
N SER I 543 -47.76 11.18 -40.05
CA SER I 543 -46.99 12.06 -39.18
C SER I 543 -45.94 11.28 -38.40
N HIS I 544 -46.28 10.08 -37.94
CA HIS I 544 -45.37 9.30 -37.10
C HIS I 544 -44.59 8.31 -37.98
N GLN I 545 -43.66 8.86 -38.75
CA GLN I 545 -42.77 8.03 -39.54
C GLN I 545 -41.83 7.24 -38.63
N ASP I 546 -41.46 6.04 -39.08
CA ASP I 546 -40.68 5.12 -38.27
C ASP I 546 -39.43 4.72 -39.01
N PRO I 547 -38.23 4.97 -38.46
CA PRO I 547 -37.01 4.52 -39.13
C PRO I 547 -36.64 3.09 -38.78
N GLY I 548 -37.61 2.34 -38.27
CA GLY I 548 -37.38 0.98 -37.80
C GLY I 548 -37.00 -0.02 -38.88
N PHE I 549 -37.14 0.35 -40.17
CA PHE I 549 -36.74 -0.56 -41.23
C PHE I 549 -35.24 -0.82 -41.20
N ILE I 550 -34.45 0.16 -40.76
CA ILE I 550 -33.02 -0.06 -40.65
C ILE I 550 -32.71 -1.14 -39.63
N ASP I 551 -33.49 -1.20 -38.56
CA ASP I 551 -33.23 -2.18 -37.50
C ASP I 551 -33.49 -3.61 -37.96
N LEU I 552 -34.60 -3.83 -38.66
CA LEU I 552 -34.92 -5.19 -39.08
C LEU I 552 -33.96 -5.71 -40.13
N VAL I 553 -33.38 -4.81 -40.94
CA VAL I 553 -32.36 -5.21 -41.89
C VAL I 553 -31.11 -5.68 -41.16
N THR I 554 -30.75 -5.00 -40.07
CA THR I 554 -29.60 -5.41 -39.28
C THR I 554 -29.82 -6.73 -38.56
N ASN I 555 -31.07 -7.17 -38.40
CA ASN I 555 -31.31 -8.51 -37.86
C ASN I 555 -30.77 -9.58 -38.81
N LYS I 556 -30.86 -9.34 -40.11
CA LYS I 556 -30.18 -10.20 -41.07
C LYS I 556 -28.67 -10.02 -40.93
N SER I 557 -27.94 -11.03 -41.36
CA SER I 557 -26.50 -11.06 -41.14
C SER I 557 -25.80 -9.98 -41.96
N ALA I 558 -24.66 -9.52 -41.45
CA ALA I 558 -23.88 -8.49 -42.13
C ALA I 558 -23.28 -8.96 -43.44
N ARG I 559 -23.28 -10.26 -43.70
CA ARG I 559 -22.74 -10.82 -44.94
C ARG I 559 -23.77 -10.87 -46.05
N VAL I 560 -24.99 -10.39 -45.83
CA VAL I 560 -25.98 -10.33 -46.89
C VAL I 560 -26.61 -8.95 -47.04
N THR I 561 -26.53 -8.06 -46.05
CA THR I 561 -27.12 -6.74 -46.14
C THR I 561 -26.09 -5.69 -45.81
N ARG I 562 -26.14 -4.58 -46.54
CA ARG I 562 -25.29 -3.42 -46.30
C ARG I 562 -26.16 -2.18 -46.24
N ILE I 563 -25.90 -1.32 -45.26
CA ILE I 563 -26.70 -0.11 -45.05
C ILE I 563 -25.78 1.09 -45.16
N TYR I 564 -26.15 2.04 -46.01
CA TYR I 564 -25.34 3.21 -46.28
C TYR I 564 -26.16 4.47 -46.02
N LEU I 565 -25.55 5.43 -45.32
CA LEU I 565 -26.20 6.71 -45.02
C LEU I 565 -25.24 7.82 -45.45
N PRO I 566 -25.22 8.15 -46.73
CA PRO I 566 -24.32 9.19 -47.22
C PRO I 566 -24.78 10.57 -46.76
N PRO I 567 -23.86 11.43 -46.34
CA PRO I 567 -24.28 12.76 -45.87
C PRO I 567 -24.66 13.71 -47.00
N ASP I 568 -23.91 13.75 -48.10
CA ASP I 568 -24.19 14.74 -49.13
C ASP I 568 -24.32 14.12 -50.52
N ALA I 569 -24.39 14.97 -51.55
CA ALA I 569 -24.64 14.49 -52.90
C ALA I 569 -23.46 13.69 -53.44
N ASN I 570 -22.23 14.19 -53.23
CA ASN I 570 -21.06 13.49 -53.74
C ASN I 570 -20.88 12.13 -53.06
N CYS I 571 -21.12 12.07 -51.75
CA CYS I 571 -21.05 10.78 -51.07
C CYS I 571 -22.20 9.88 -51.48
N LEU I 572 -23.33 10.45 -51.88
CA LEU I 572 -24.43 9.65 -52.40
C LEU I 572 -24.07 9.01 -53.73
N LEU I 573 -23.39 9.75 -54.61
CA LEU I 573 -23.00 9.21 -55.90
C LEU I 573 -21.99 8.09 -55.75
N SER I 574 -21.02 8.25 -54.84
CA SER I 574 -20.02 7.20 -54.65
C SER I 574 -20.66 5.94 -54.09
N VAL I 575 -21.63 6.08 -53.20
CA VAL I 575 -22.36 4.91 -52.69
C VAL I 575 -23.15 4.25 -53.80
N ALA I 576 -23.85 5.06 -54.60
CA ALA I 576 -24.65 4.51 -55.69
C ALA I 576 -23.77 3.84 -56.75
N ASP I 577 -22.62 4.45 -57.05
CA ASP I 577 -21.70 3.84 -58.01
C ASP I 577 -21.14 2.53 -57.48
N HIS I 578 -20.75 2.50 -56.21
CA HIS I 578 -20.16 1.29 -55.63
C HIS I 578 -21.18 0.17 -55.52
N CYS I 579 -22.41 0.50 -55.14
CA CYS I 579 -23.42 -0.54 -54.92
C CYS I 579 -23.89 -1.16 -56.22
N LEU I 580 -23.80 -0.43 -57.34
CA LEU I 580 -24.17 -1.01 -58.62
C LEU I 580 -23.17 -2.04 -59.11
N ARG I 581 -22.00 -2.16 -58.47
CA ARG I 581 -21.03 -3.18 -58.82
C ARG I 581 -21.16 -4.44 -57.98
N SER I 582 -21.67 -4.33 -56.77
CA SER I 582 -21.74 -5.46 -55.86
C SER I 582 -22.76 -6.48 -56.36
N THR I 583 -22.59 -7.73 -55.90
CA THR I 583 -23.37 -8.83 -56.41
C THR I 583 -24.29 -9.47 -55.37
N ASP I 584 -23.76 -10.01 -54.29
CA ASP I 584 -24.56 -10.84 -53.38
C ASP I 584 -24.96 -10.10 -52.12
N TYR I 585 -25.36 -8.84 -52.23
CA TYR I 585 -25.74 -8.04 -51.07
C TYR I 585 -27.08 -7.38 -51.30
N ILE I 586 -27.71 -6.98 -50.20
CA ILE I 586 -28.88 -6.11 -50.21
C ILE I 586 -28.41 -4.74 -49.72
N ASN I 587 -28.44 -3.75 -50.60
CA ASN I 587 -27.92 -2.43 -50.31
C ASN I 587 -29.08 -1.50 -49.99
N VAL I 588 -29.07 -0.96 -48.78
CA VAL I 588 -30.08 0.01 -48.33
C VAL I 588 -29.40 1.36 -48.19
N ILE I 589 -29.83 2.33 -48.98
CA ILE I 589 -29.22 3.65 -49.01
C ILE I 589 -30.26 4.64 -48.51
N VAL I 590 -29.90 5.38 -47.46
CA VAL I 590 -30.82 6.31 -46.81
C VAL I 590 -30.28 7.71 -47.05
N ALA I 591 -30.92 8.44 -47.96
CA ALA I 591 -30.57 9.82 -48.25
C ALA I 591 -31.82 10.67 -48.15
N ASP I 592 -31.62 11.96 -47.90
CA ASP I 592 -32.74 12.87 -47.68
C ASP I 592 -33.00 13.72 -48.92
N LYS I 593 -34.28 13.95 -49.19
CA LYS I 593 -34.68 14.66 -50.40
C LYS I 593 -34.37 16.15 -50.31
N GLN I 594 -34.53 16.74 -49.13
CA GLN I 594 -34.45 18.18 -48.97
C GLN I 594 -33.05 18.70 -49.24
N SER I 595 -32.97 19.95 -49.71
CA SER I 595 -31.70 20.58 -50.01
C SER I 595 -30.89 20.78 -48.73
N HIS I 596 -29.61 20.42 -48.79
CA HIS I 596 -28.75 20.43 -47.62
C HIS I 596 -27.41 21.03 -47.98
N LEU I 597 -26.50 21.04 -47.00
CA LEU I 597 -25.13 21.43 -47.24
C LEU I 597 -24.40 20.33 -48.02
N GLN I 598 -23.21 20.66 -48.48
CA GLN I 598 -22.33 19.69 -49.12
C GLN I 598 -20.99 19.72 -48.38
N TYR I 599 -20.49 18.54 -48.02
CA TYR I 599 -19.30 18.44 -47.20
C TYR I 599 -18.11 17.80 -47.88
N LEU I 600 -18.31 17.04 -48.95
CA LEU I 600 -17.23 16.27 -49.55
C LEU I 600 -17.11 16.58 -51.03
N ASP I 601 -15.87 16.66 -51.50
CA ASP I 601 -15.60 16.82 -52.91
C ASP I 601 -15.77 15.48 -53.63
N ALA I 602 -15.76 15.53 -54.96
CA ALA I 602 -15.92 14.32 -55.75
C ALA I 602 -14.80 13.33 -55.48
N GLU I 603 -13.56 13.82 -55.37
CA GLU I 603 -12.45 12.93 -55.04
C GLU I 603 -12.49 12.51 -53.58
N ALA I 604 -12.86 13.43 -52.68
CA ALA I 604 -12.89 13.11 -51.26
C ALA I 604 -14.03 12.17 -50.91
N ALA I 605 -15.14 12.24 -51.64
CA ALA I 605 -16.23 11.30 -51.41
C ALA I 605 -15.81 9.87 -51.75
N ALA I 606 -15.04 9.69 -52.82
CA ALA I 606 -14.58 8.36 -53.18
C ALA I 606 -13.67 7.78 -52.11
N ARG I 607 -12.78 8.59 -51.55
CA ARG I 607 -11.93 8.12 -50.46
C ARG I 607 -12.77 7.81 -49.22
N HIS I 608 -13.79 8.63 -48.96
CA HIS I 608 -14.64 8.41 -47.79
C HIS I 608 -15.41 7.10 -47.90
N CYS I 609 -16.02 6.85 -49.06
CA CYS I 609 -16.78 5.62 -49.24
C CYS I 609 -15.87 4.39 -49.35
N ALA I 610 -14.61 4.58 -49.72
CA ALA I 610 -13.69 3.45 -49.72
C ALA I 610 -13.44 2.95 -48.31
N LYS I 611 -13.19 3.86 -47.37
CA LYS I 611 -13.04 3.46 -45.98
C LYS I 611 -14.38 3.18 -45.32
N GLY I 612 -15.43 3.86 -45.74
CA GLY I 612 -16.75 3.76 -45.14
C GLY I 612 -16.93 4.65 -43.94
N ILE I 613 -15.93 4.71 -43.07
CA ILE I 613 -15.92 5.57 -41.90
C ILE I 613 -14.58 6.28 -41.85
N GLY I 614 -14.61 7.60 -41.67
CA GLY I 614 -13.37 8.34 -41.63
C GLY I 614 -13.51 9.67 -40.93
N ILE I 615 -12.37 10.16 -40.45
CA ILE I 615 -12.31 11.46 -39.78
C ILE I 615 -12.42 12.55 -40.82
N TRP I 616 -13.25 13.55 -40.54
CA TRP I 616 -13.30 14.75 -41.36
C TRP I 616 -12.30 15.76 -40.81
N ASP I 617 -11.27 16.07 -41.59
CA ASP I 617 -10.17 16.87 -41.08
C ASP I 617 -10.56 18.32 -40.91
N TRP I 618 -11.36 18.86 -41.84
CA TRP I 618 -11.77 20.25 -41.74
C TRP I 618 -12.70 20.47 -40.56
N ALA I 619 -13.58 19.52 -40.28
CA ALA I 619 -14.47 19.64 -39.13
C ALA I 619 -13.74 19.38 -37.83
N SER I 620 -12.69 18.57 -37.85
CA SER I 620 -11.96 18.26 -36.64
C SER I 620 -11.22 19.49 -36.12
N ASN I 621 -11.25 19.67 -34.80
CA ASN I 621 -10.67 20.86 -34.21
C ASN I 621 -9.14 20.80 -34.21
N ASP I 622 -8.59 19.82 -33.52
CA ASP I 622 -7.15 19.77 -33.31
C ASP I 622 -6.59 18.44 -33.79
N GLN I 623 -5.52 18.52 -34.57
CA GLN I 623 -4.76 17.37 -35.02
C GLN I 623 -3.39 17.41 -34.36
N GLY I 624 -2.79 16.23 -34.19
CA GLY I 624 -1.55 16.13 -33.46
C GLY I 624 -1.70 16.14 -31.96
N ALA I 625 -2.92 16.16 -31.45
CA ALA I 625 -3.18 16.10 -30.02
C ALA I 625 -4.35 15.17 -29.77
N SER I 626 -4.42 14.64 -28.57
CA SER I 626 -5.50 13.74 -28.21
C SER I 626 -6.79 14.52 -28.08
N PRO I 627 -7.85 14.17 -28.81
CA PRO I 627 -9.10 14.92 -28.71
C PRO I 627 -9.76 14.74 -27.37
N ASP I 628 -10.46 15.78 -26.92
CA ASP I 628 -11.21 15.69 -25.68
C ASP I 628 -12.50 14.91 -25.84
N VAL I 629 -13.13 15.00 -27.01
CA VAL I 629 -14.38 14.29 -27.28
C VAL I 629 -14.42 13.95 -28.76
N VAL I 630 -15.05 12.83 -29.08
CA VAL I 630 -15.23 12.38 -30.44
C VAL I 630 -16.71 12.53 -30.79
N ILE I 631 -17.01 13.39 -31.75
CA ILE I 631 -18.38 13.62 -32.18
C ILE I 631 -18.59 12.86 -33.47
N ALA I 632 -19.56 11.95 -33.47
CA ALA I 632 -19.82 11.09 -34.61
C ALA I 632 -21.26 11.28 -35.08
N SER I 633 -21.44 11.29 -36.39
CA SER I 633 -22.75 11.38 -37.00
C SER I 633 -22.88 10.33 -38.09
N CYS I 634 -24.09 9.85 -38.32
CA CYS I 634 -24.32 8.79 -39.28
C CYS I 634 -25.16 9.23 -40.46
N GLY I 635 -26.32 9.83 -40.21
CA GLY I 635 -27.20 10.26 -41.27
C GLY I 635 -26.72 11.52 -41.97
N ASP I 636 -27.66 12.26 -42.53
CA ASP I 636 -27.35 13.53 -43.18
C ASP I 636 -27.97 14.72 -42.48
N VAL I 637 -29.22 14.61 -42.02
CA VAL I 637 -29.80 15.66 -41.20
C VAL I 637 -29.08 15.76 -39.86
N VAL I 638 -28.83 14.60 -39.24
CA VAL I 638 -28.12 14.60 -37.96
C VAL I 638 -26.65 14.98 -38.14
N THR I 639 -26.10 14.85 -39.34
CA THR I 639 -24.75 15.33 -39.58
C THR I 639 -24.68 16.86 -39.51
N LEU I 640 -25.70 17.53 -40.04
CA LEU I 640 -25.73 18.99 -39.96
C LEU I 640 -25.83 19.45 -38.52
N GLU I 641 -26.65 18.77 -37.71
CA GLU I 641 -26.75 19.12 -36.30
C GLU I 641 -25.45 18.81 -35.57
N ALA I 642 -24.79 17.71 -35.92
CA ALA I 642 -23.50 17.40 -35.30
C ALA I 642 -22.45 18.44 -35.68
N LEU I 643 -22.47 18.89 -36.94
CA LEU I 643 -21.54 19.96 -37.34
C LEU I 643 -21.88 21.27 -36.66
N ALA I 644 -23.16 21.60 -36.55
CA ALA I 644 -23.55 22.84 -35.89
C ALA I 644 -23.20 22.81 -34.42
N ALA I 645 -23.31 21.64 -33.79
CA ALA I 645 -22.89 21.50 -32.40
C ALA I 645 -21.39 21.71 -32.26
N THR I 646 -20.62 21.26 -33.24
CA THR I 646 -19.17 21.47 -33.20
C THR I 646 -18.83 22.95 -33.31
N ALA I 647 -19.58 23.69 -34.14
CA ALA I 647 -19.33 25.12 -34.28
C ALA I 647 -19.58 25.86 -32.97
N LEU I 648 -20.66 25.51 -32.27
CA LEU I 648 -20.96 26.16 -30.99
C LEU I 648 -19.87 25.86 -29.96
N LEU I 649 -19.43 24.61 -29.87
CA LEU I 649 -18.44 24.25 -28.87
C LEU I 649 -17.09 24.89 -29.16
N ARG I 650 -16.70 24.94 -30.44
CA ARG I 650 -15.44 25.60 -30.78
C ARG I 650 -15.52 27.10 -30.59
N GLU I 651 -16.71 27.67 -30.71
CA GLU I 651 -16.86 29.11 -30.48
C GLU I 651 -16.75 29.44 -28.99
N HIS I 652 -17.41 28.66 -28.14
CA HIS I 652 -17.45 28.95 -26.71
C HIS I 652 -16.27 28.36 -25.94
N PHE I 653 -15.65 27.31 -26.45
CA PHE I 653 -14.51 26.67 -25.80
C PHE I 653 -13.37 26.59 -26.81
N PRO I 654 -12.57 27.66 -26.93
CA PRO I 654 -11.45 27.63 -27.89
C PRO I 654 -10.42 26.56 -27.58
N ASP I 655 -10.21 26.23 -26.31
CA ASP I 655 -9.23 25.21 -25.94
C ASP I 655 -9.72 23.79 -26.17
N LEU I 656 -11.02 23.59 -26.38
CA LEU I 656 -11.55 22.25 -26.55
C LEU I 656 -11.10 21.65 -27.87
N LYS I 657 -10.71 20.38 -27.83
CA LYS I 657 -10.25 19.65 -29.00
C LYS I 657 -11.29 18.60 -29.36
N ILE I 658 -11.85 18.71 -30.56
CA ILE I 658 -12.96 17.87 -31.01
C ILE I 658 -12.54 17.15 -32.28
N ARG I 659 -12.72 15.84 -32.29
CA ARG I 659 -12.52 15.03 -33.49
C ARG I 659 -13.87 14.66 -34.06
N PHE I 660 -14.08 14.94 -35.34
CA PHE I 660 -15.35 14.67 -36.00
C PHE I 660 -15.18 13.45 -36.89
N VAL I 661 -16.04 12.45 -36.69
CA VAL I 661 -16.02 11.21 -37.44
C VAL I 661 -17.38 11.03 -38.09
N ASN I 662 -17.40 10.74 -39.39
CA ASN I 662 -18.63 10.47 -40.10
C ASN I 662 -18.62 9.04 -40.59
N VAL I 663 -19.72 8.32 -40.37
CA VAL I 663 -19.84 6.92 -40.75
C VAL I 663 -20.86 6.81 -41.86
N VAL I 664 -20.49 6.13 -42.95
CA VAL I 664 -21.39 5.87 -44.06
C VAL I 664 -21.85 4.43 -44.07
N ASP I 665 -20.91 3.49 -43.93
CA ASP I 665 -21.23 2.07 -43.88
C ASP I 665 -21.45 1.70 -42.42
N LEU I 666 -22.69 1.33 -42.08
CA LEU I 666 -23.02 1.05 -40.69
C LEU I 666 -22.27 -0.17 -40.16
N PHE I 667 -22.16 -1.22 -40.98
CA PHE I 667 -21.63 -2.48 -40.48
C PHE I 667 -20.12 -2.45 -40.26
N ARG I 668 -19.45 -1.34 -40.61
CA ARG I 668 -18.04 -1.18 -40.23
C ARG I 668 -17.86 -1.14 -38.72
N LEU I 669 -18.91 -0.80 -37.97
CA LEU I 669 -18.80 -0.74 -36.52
C LEU I 669 -18.66 -2.13 -35.91
N GLN I 670 -19.19 -3.16 -36.57
CA GLN I 670 -19.08 -4.51 -36.05
C GLN I 670 -17.62 -4.93 -36.00
N PRO I 671 -17.22 -5.72 -34.99
CA PRO I 671 -15.82 -6.11 -34.88
C PRO I 671 -15.40 -7.05 -36.01
N ASP I 672 -14.09 -7.18 -36.16
CA ASP I 672 -13.54 -7.99 -37.23
C ASP I 672 -13.88 -9.47 -37.05
N THR I 673 -14.09 -9.90 -35.80
CA THR I 673 -14.47 -11.28 -35.53
C THR I 673 -15.86 -11.59 -36.10
N GLU I 674 -16.80 -10.66 -35.96
CA GLU I 674 -18.15 -10.88 -36.48
C GLU I 674 -18.16 -10.97 -38.00
N HIS I 675 -17.38 -10.11 -38.66
CA HIS I 675 -17.32 -10.15 -40.12
C HIS I 675 -16.00 -9.53 -40.56
N PRO I 676 -15.37 -10.06 -41.62
CA PRO I 676 -14.13 -9.43 -42.10
C PRO I 676 -14.32 -8.02 -42.63
N HIS I 677 -15.54 -7.64 -43.02
CA HIS I 677 -15.77 -6.29 -43.51
C HIS I 677 -15.67 -5.26 -42.40
N GLY I 678 -16.00 -5.64 -41.17
CA GLY I 678 -15.94 -4.70 -40.06
C GLY I 678 -14.53 -4.28 -39.73
N LEU I 679 -14.42 -3.13 -39.06
CA LEU I 679 -13.13 -2.59 -38.68
C LEU I 679 -12.47 -3.46 -37.61
N SER I 680 -11.15 -3.54 -37.66
CA SER I 680 -10.41 -4.24 -36.64
C SER I 680 -10.43 -3.43 -35.34
N ASP I 681 -9.99 -4.07 -34.26
CA ASP I 681 -9.96 -3.38 -32.98
C ASP I 681 -8.97 -2.22 -32.99
N ARG I 682 -7.82 -2.40 -33.64
CA ARG I 682 -6.85 -1.31 -33.75
C ARG I 682 -7.39 -0.19 -34.63
N ASP I 683 -8.05 -0.53 -35.73
CA ASP I 683 -8.62 0.49 -36.59
C ASP I 683 -9.73 1.26 -35.88
N PHE I 684 -10.58 0.56 -35.15
CA PHE I 684 -11.65 1.23 -34.41
C PHE I 684 -11.08 2.12 -33.32
N ASP I 685 -10.03 1.67 -32.64
CA ASP I 685 -9.44 2.49 -31.59
C ASP I 685 -8.73 3.70 -32.14
N SER I 686 -8.28 3.64 -33.40
CA SER I 686 -7.70 4.82 -34.03
C SER I 686 -8.77 5.86 -34.33
N LEU I 687 -9.89 5.43 -34.92
CA LEU I 687 -10.99 6.34 -35.20
C LEU I 687 -11.57 6.90 -33.91
N PHE I 688 -12.14 6.02 -33.10
CA PHE I 688 -12.71 6.40 -31.80
C PHE I 688 -11.70 6.05 -30.72
N THR I 689 -11.30 7.05 -29.93
CA THR I 689 -10.28 6.85 -28.93
C THR I 689 -10.73 5.84 -27.87
N VAL I 690 -9.74 5.18 -27.26
CA VAL I 690 -10.04 4.11 -26.32
C VAL I 690 -10.68 4.62 -25.04
N ASP I 691 -10.47 5.89 -24.71
CA ASP I 691 -10.90 6.41 -23.41
C ASP I 691 -11.80 7.64 -23.49
N LYS I 692 -11.68 8.47 -24.52
CA LYS I 692 -12.46 9.68 -24.57
C LYS I 692 -13.91 9.38 -24.93
N PRO I 693 -14.87 10.15 -24.40
CA PRO I 693 -16.27 9.89 -24.70
C PRO I 693 -16.60 10.11 -26.17
N ILE I 694 -17.57 9.35 -26.66
CA ILE I 694 -18.01 9.39 -28.04
C ILE I 694 -19.46 9.85 -28.05
N ILE I 695 -19.74 10.96 -28.73
CA ILE I 695 -21.10 11.48 -28.82
C ILE I 695 -21.59 11.12 -30.22
N PHE I 696 -22.26 9.97 -30.31
CA PHE I 696 -22.76 9.49 -31.58
C PHE I 696 -24.13 10.08 -31.85
N ASN I 697 -24.35 10.55 -33.07
CA ASN I 697 -25.61 11.16 -33.47
C ASN I 697 -26.15 10.37 -34.65
N PHE I 698 -27.04 9.44 -34.39
CA PHE I 698 -27.44 8.43 -35.35
C PHE I 698 -28.83 8.70 -35.88
N HIS I 699 -28.97 8.61 -37.20
CA HIS I 699 -30.29 8.64 -37.82
C HIS I 699 -30.97 7.30 -37.60
N GLY I 700 -32.10 7.32 -36.92
CA GLY I 700 -32.79 6.09 -36.58
C GLY I 700 -32.73 5.81 -35.08
N TYR I 701 -33.10 4.59 -34.72
CA TYR I 701 -33.20 4.24 -33.31
C TYR I 701 -31.83 4.20 -32.68
N PRO I 702 -31.63 4.85 -31.53
CA PRO I 702 -30.28 5.02 -30.99
C PRO I 702 -29.66 3.73 -30.51
N TRP I 703 -30.47 2.70 -30.26
CA TRP I 703 -29.94 1.45 -29.74
CA TRP I 703 -29.90 1.47 -29.73
C TRP I 703 -29.24 0.60 -30.79
N LEU I 704 -29.51 0.86 -32.07
CA LEU I 704 -28.90 0.05 -33.12
C LEU I 704 -27.39 0.18 -33.11
N ILE I 705 -26.86 1.34 -32.74
CA ILE I 705 -25.42 1.52 -32.66
C ILE I 705 -24.83 0.66 -31.55
N HIS I 706 -25.55 0.52 -30.43
CA HIS I 706 -25.05 -0.30 -29.34
C HIS I 706 -25.02 -1.78 -29.71
N LYS I 707 -25.95 -2.22 -30.55
CA LYS I 707 -25.93 -3.61 -30.99
C LYS I 707 -24.67 -3.91 -31.79
N LEU I 708 -24.32 -3.00 -32.71
CA LEU I 708 -23.15 -3.23 -33.56
C LEU I 708 -21.86 -3.12 -32.77
N ALA I 709 -21.72 -2.08 -31.97
CA ALA I 709 -20.47 -1.78 -31.28
C ALA I 709 -20.46 -2.33 -29.85
N TYR I 710 -21.14 -3.45 -29.61
CA TYR I 710 -21.19 -3.98 -28.25
C TYR I 710 -19.88 -4.60 -27.83
N ARG I 711 -19.26 -5.38 -28.72
CA ARG I 711 -18.05 -6.10 -28.37
C ARG I 711 -16.82 -5.19 -28.31
N ARG I 712 -16.94 -3.93 -28.72
CA ARG I 712 -15.82 -3.01 -28.70
C ARG I 712 -15.38 -2.73 -27.27
N HIS I 713 -14.10 -2.42 -27.11
CA HIS I 713 -13.58 -2.08 -25.80
C HIS I 713 -14.19 -0.78 -25.27
N ASN I 714 -14.36 0.20 -26.15
CA ASN I 714 -14.86 1.51 -25.74
C ASN I 714 -16.37 1.63 -25.86
N HIS I 715 -17.10 0.52 -25.76
CA HIS I 715 -18.55 0.58 -25.86
C HIS I 715 -19.17 1.33 -24.69
N ASN I 716 -18.58 1.20 -23.50
CA ASN I 716 -19.16 1.85 -22.32
C ASN I 716 -19.09 3.36 -22.40
N ASN I 717 -18.15 3.89 -23.18
CA ASN I 717 -18.03 5.34 -23.37
C ASN I 717 -18.79 5.84 -24.58
N LEU I 718 -19.54 4.98 -25.25
CA LEU I 718 -20.30 5.36 -26.44
C LEU I 718 -21.67 5.87 -26.02
N HIS I 719 -22.02 7.07 -26.49
CA HIS I 719 -23.31 7.68 -26.21
CA HIS I 719 -23.31 7.68 -26.21
C HIS I 719 -23.99 7.99 -27.53
N VAL I 720 -25.22 7.50 -27.69
CA VAL I 720 -25.95 7.64 -28.94
C VAL I 720 -27.20 8.48 -28.70
N ARG I 721 -27.39 9.50 -29.53
CA ARG I 721 -28.63 10.24 -29.60
C ARG I 721 -29.28 9.91 -30.93
N GLY I 722 -30.58 9.63 -30.90
CA GLY I 722 -31.24 9.23 -32.11
C GLY I 722 -32.73 9.41 -32.00
N TYR I 723 -33.44 8.83 -32.96
CA TYR I 723 -34.89 8.94 -33.02
C TYR I 723 -35.52 8.23 -31.83
N LYS I 724 -36.35 8.96 -31.07
CA LYS I 724 -37.11 8.37 -29.99
C LYS I 724 -38.62 8.42 -30.25
N GLU I 725 -39.16 9.62 -30.46
CA GLU I 725 -40.58 9.77 -30.74
C GLU I 725 -40.78 11.08 -31.48
N VAL I 726 -41.93 11.21 -32.11
CA VAL I 726 -42.27 12.37 -32.92
C VAL I 726 -43.62 12.91 -32.48
N GLY I 727 -43.73 14.24 -32.41
CA GLY I 727 -45.00 14.87 -32.12
C GLY I 727 -45.93 14.81 -33.31
N ASN I 728 -47.11 15.41 -33.13
CA ASN I 728 -48.11 15.40 -34.20
C ASN I 728 -47.62 16.20 -35.40
N ILE I 729 -47.14 17.42 -35.17
CA ILE I 729 -46.53 18.23 -36.23
C ILE I 729 -45.46 19.10 -35.58
N ASN I 730 -44.29 19.16 -36.20
CA ASN I 730 -43.16 19.86 -35.65
C ASN I 730 -42.34 20.49 -36.76
N THR I 731 -41.65 21.57 -36.42
CA THR I 731 -40.66 22.13 -37.32
C THR I 731 -39.44 21.22 -37.36
N PRO I 732 -38.64 21.29 -38.44
CA PRO I 732 -37.44 20.44 -38.51
C PRO I 732 -36.49 20.63 -37.35
N LEU I 733 -36.33 21.85 -36.85
CA LEU I 733 -35.44 22.08 -35.72
C LEU I 733 -36.03 21.54 -34.43
N GLU I 734 -37.31 21.83 -34.17
CA GLU I 734 -37.89 21.44 -32.90
C GLU I 734 -38.19 19.95 -32.83
N LEU I 735 -38.28 19.26 -33.97
CA LEU I 735 -38.34 17.82 -33.94
C LEU I 735 -37.04 17.23 -33.41
N ALA I 736 -35.91 17.83 -33.79
CA ALA I 736 -34.62 17.40 -33.26
C ALA I 736 -34.52 17.68 -31.77
N ILE I 737 -35.22 18.70 -31.29
CA ILE I 737 -35.19 19.01 -29.86
C ILE I 737 -35.90 17.94 -29.06
N ARG I 738 -37.01 17.42 -29.57
CA ARG I 738 -37.73 16.36 -28.88
C ARG I 738 -36.89 15.11 -28.75
N ASN I 739 -36.17 14.75 -29.81
CA ASN I 739 -35.30 13.59 -29.80
C ASN I 739 -33.90 13.88 -29.29
N GLN I 740 -33.64 15.14 -28.90
CA GLN I 740 -32.37 15.57 -28.32
C GLN I 740 -31.19 15.30 -29.26
N VAL I 741 -31.42 15.42 -30.57
CA VAL I 741 -30.36 15.37 -31.56
C VAL I 741 -30.09 16.73 -32.15
N ASP I 742 -30.64 17.79 -31.56
CA ASP I 742 -30.41 19.14 -32.04
C ASP I 742 -28.98 19.56 -31.75
N ARG I 743 -28.57 20.67 -32.38
CA ARG I 743 -27.22 21.18 -32.18
C ARG I 743 -26.98 21.60 -30.74
N PHE I 744 -28.01 22.13 -30.08
CA PHE I 744 -27.85 22.55 -28.70
C PHE I 744 -27.82 21.36 -27.75
N ASN I 745 -28.67 20.36 -28.00
CA ASN I 745 -28.70 19.18 -27.14
C ASN I 745 -27.40 18.40 -27.22
N LEU I 746 -26.83 18.28 -28.42
CA LEU I 746 -25.53 17.65 -28.56
C LEU I 746 -24.46 18.44 -27.83
N ALA I 747 -24.49 19.77 -27.95
CA ALA I 747 -23.51 20.59 -27.26
C ALA I 747 -23.66 20.48 -25.75
N ILE I 748 -24.90 20.35 -25.26
CA ILE I 748 -25.12 20.11 -23.84
C ILE I 748 -24.52 18.77 -23.43
N ASP I 749 -24.72 17.74 -24.25
CA ASP I 749 -24.23 16.41 -23.90
C ASP I 749 -22.72 16.37 -23.85
N VAL I 750 -22.05 17.06 -24.77
CA VAL I 750 -20.59 17.09 -24.77
C VAL I 750 -20.06 17.71 -23.47
N ILE I 751 -20.73 18.75 -22.99
CA ILE I 751 -20.34 19.40 -21.75
C ILE I 751 -20.43 18.43 -20.58
N ASP I 752 -21.45 17.57 -20.58
CA ASP I 752 -21.63 16.62 -19.48
C ASP I 752 -20.55 15.55 -19.49
N ARG I 753 -20.22 15.00 -20.66
CA ARG I 753 -19.31 13.86 -20.72
C ARG I 753 -17.85 14.27 -20.50
N VAL I 754 -17.45 15.43 -21.02
CA VAL I 754 -16.07 15.87 -20.90
C VAL I 754 -15.78 16.22 -19.45
N PRO I 755 -14.77 15.60 -18.83
CA PRO I 755 -14.56 15.81 -17.39
C PRO I 755 -14.21 17.24 -17.01
N HIS I 756 -13.47 17.96 -17.84
CA HIS I 756 -13.03 19.30 -17.48
C HIS I 756 -13.97 20.39 -17.96
N LEU I 757 -15.12 20.03 -18.51
CA LEU I 757 -16.13 21.00 -18.89
C LEU I 757 -17.36 20.98 -17.99
N ARG I 758 -17.46 20.03 -17.07
CA ARG I 758 -18.64 19.96 -16.21
C ARG I 758 -18.72 21.15 -15.26
N ASP I 759 -17.58 21.75 -14.94
CA ASP I 759 -17.53 22.95 -14.11
C ASP I 759 -17.35 24.22 -14.91
N ARG I 760 -16.47 24.21 -15.90
CA ARG I 760 -16.24 25.40 -16.71
C ARG I 760 -17.42 25.71 -17.61
N GLY I 761 -18.11 24.69 -18.09
CA GLY I 761 -19.17 24.86 -19.05
C GLY I 761 -20.55 25.09 -18.47
N ALA I 762 -20.65 25.35 -17.18
CA ALA I 762 -21.96 25.56 -16.56
C ALA I 762 -22.64 26.81 -17.13
N HIS I 763 -21.88 27.89 -17.34
CA HIS I 763 -22.47 29.08 -17.94
C HIS I 763 -22.92 28.82 -19.36
N VAL I 764 -22.10 28.11 -20.15
CA VAL I 764 -22.45 27.83 -21.53
C VAL I 764 -23.65 26.89 -21.60
N LYS I 765 -23.70 25.92 -20.70
CA LYS I 765 -24.83 25.00 -20.65
C LYS I 765 -26.13 25.74 -20.32
N GLU I 766 -26.04 26.76 -19.47
CA GLU I 766 -27.21 27.60 -19.21
C GLU I 766 -27.60 28.39 -20.44
N TRP I 767 -26.62 28.90 -21.19
CA TRP I 767 -26.92 29.66 -22.39
C TRP I 767 -27.57 28.80 -23.45
N LEU I 768 -27.12 27.55 -23.59
CA LEU I 768 -27.69 26.66 -24.58
C LEU I 768 -29.15 26.34 -24.27
N LYS I 769 -29.48 26.13 -22.99
CA LYS I 769 -30.86 25.88 -22.62
C LYS I 769 -31.75 27.08 -22.91
N ASP I 770 -31.19 28.29 -22.83
CA ASP I 770 -31.93 29.48 -23.23
C ASP I 770 -32.21 29.45 -24.72
N GLN I 771 -31.24 29.01 -25.52
CA GLN I 771 -31.42 28.94 -26.97
C GLN I 771 -32.46 27.90 -27.35
N ILE I 772 -32.53 26.79 -26.61
CA ILE I 772 -33.54 25.77 -26.88
C ILE I 772 -34.93 26.34 -26.62
N HIS I 773 -35.10 27.01 -25.47
CA HIS I 773 -36.40 27.59 -25.15
C HIS I 773 -36.76 28.72 -26.09
N ASP I 774 -35.77 29.53 -26.47
CA ASP I 774 -36.03 30.66 -27.36
C ASP I 774 -36.50 30.19 -28.73
N HIS I 775 -35.86 29.16 -29.27
CA HIS I 775 -36.22 28.67 -30.59
C HIS I 775 -37.58 27.98 -30.58
N ILE I 776 -37.91 27.28 -29.50
CA ILE I 776 -39.21 26.65 -29.38
C ILE I 776 -40.30 27.70 -29.32
N GLN I 777 -40.09 28.77 -28.54
CA GLN I 777 -41.07 29.83 -28.44
C GLN I 777 -41.29 30.52 -29.78
N TYR I 778 -40.21 30.77 -30.52
CA TYR I 778 -40.35 31.36 -31.85
C TYR I 778 -41.08 30.41 -32.79
N ALA I 779 -40.87 29.11 -32.62
CA ALA I 779 -41.56 28.13 -33.46
C ALA I 779 -43.06 28.15 -33.20
N TYR I 780 -43.46 28.32 -31.94
CA TYR I 780 -44.89 28.36 -31.63
C TYR I 780 -45.53 29.64 -32.13
N GLN I 781 -44.81 30.76 -32.10
CA GLN I 781 -45.41 32.03 -32.54
C GLN I 781 -45.53 32.09 -34.06
N GLU I 782 -44.49 31.63 -34.77
CA GLU I 782 -44.43 31.81 -36.21
C GLU I 782 -44.70 30.55 -37.01
N GLY I 783 -44.40 29.38 -36.46
CA GLY I 783 -44.56 28.14 -37.20
C GLY I 783 -43.39 27.76 -38.08
N ILE I 784 -42.35 28.59 -38.12
CA ILE I 784 -41.17 28.31 -38.93
C ILE I 784 -39.94 28.62 -38.09
N ASP I 785 -38.84 27.93 -38.39
CA ASP I 785 -37.59 28.18 -37.71
C ASP I 785 -37.04 29.56 -38.07
N ARG I 786 -36.12 30.04 -37.25
CA ARG I 786 -35.50 31.33 -37.50
C ARG I 786 -34.67 31.27 -38.79
N PRO I 787 -34.55 32.40 -39.49
CA PRO I 787 -33.79 32.39 -40.76
C PRO I 787 -32.35 31.98 -40.61
N GLU I 788 -31.70 32.31 -39.49
CA GLU I 788 -30.31 31.92 -39.29
C GLU I 788 -30.15 30.44 -39.01
N ILE I 789 -31.24 29.72 -38.74
CA ILE I 789 -31.15 28.28 -38.57
C ILE I 789 -31.17 27.57 -39.93
N ASN I 790 -32.12 27.95 -40.80
CA ASN I 790 -32.22 27.31 -42.10
C ASN I 790 -31.05 27.67 -43.00
N GLN I 791 -30.47 28.85 -42.82
CA GLN I 791 -29.35 29.30 -43.64
C GLN I 791 -28.01 29.15 -42.94
N TRP I 792 -27.91 28.21 -42.00
CA TRP I 792 -26.66 27.98 -41.31
C TRP I 792 -25.63 27.35 -42.23
N GLN I 793 -24.37 27.72 -42.03
CA GLN I 793 -23.26 27.13 -42.77
C GLN I 793 -22.03 27.16 -41.88
N TRP I 794 -21.03 26.39 -42.28
CA TRP I 794 -19.83 26.20 -41.46
C TRP I 794 -19.10 27.53 -41.27
N PRO I 795 -18.95 28.02 -40.03
CA PRO I 795 -18.32 29.32 -39.80
C PRO I 795 -16.92 29.45 -40.36
N PHE I 796 -16.05 28.53 -39.94
CA PHE I 796 -14.64 28.59 -40.26
C PHE I 796 -14.38 28.29 -41.74
N ASP J 9 -89.85 10.95 -53.01
CA ASP J 9 -89.16 12.12 -53.53
C ASP J 9 -87.79 12.31 -52.89
N ILE J 10 -87.28 11.22 -52.30
CA ILE J 10 -85.97 11.27 -51.65
C ILE J 10 -84.86 11.39 -52.69
N ALA J 11 -84.99 10.68 -53.81
CA ALA J 11 -83.96 10.71 -54.85
C ALA J 11 -83.83 12.11 -55.46
N THR J 12 -84.94 12.75 -55.77
CA THR J 12 -84.92 14.11 -56.29
C THR J 12 -84.73 15.10 -55.14
N LEU J 13 -84.23 16.29 -55.48
CA LEU J 13 -83.99 17.34 -54.51
C LEU J 13 -84.70 18.62 -54.94
N SER J 14 -85.19 19.35 -53.95
CA SER J 14 -85.79 20.65 -54.21
C SER J 14 -84.71 21.65 -54.64
N PRO J 15 -85.03 22.59 -55.52
CA PRO J 15 -84.04 23.62 -55.90
C PRO J 15 -83.61 24.49 -54.73
N ASN J 16 -84.50 24.76 -53.78
CA ASN J 16 -84.15 25.64 -52.68
C ASN J 16 -83.16 24.98 -51.73
N GLU J 17 -83.37 23.71 -51.40
CA GLU J 17 -82.44 23.00 -50.51
C GLU J 17 -81.11 22.74 -51.19
N GLN J 18 -81.08 22.69 -52.53
CA GLN J 18 -79.81 22.51 -53.23
C GLN J 18 -78.89 23.70 -53.01
N ALA J 19 -79.45 24.90 -52.96
CA ALA J 19 -78.66 26.08 -52.64
C ALA J 19 -78.09 26.00 -51.23
N ALA J 20 -78.90 25.55 -50.26
CA ALA J 20 -78.40 25.39 -48.90
C ALA J 20 -77.33 24.31 -48.83
N ILE J 21 -77.52 23.21 -49.56
CA ILE J 21 -76.49 22.18 -49.65
C ILE J 21 -75.23 22.75 -50.29
N ASP J 22 -75.39 23.51 -51.37
CA ASP J 22 -74.25 24.17 -51.99
C ASP J 22 -73.63 25.19 -51.06
N ALA J 23 -74.47 25.90 -50.29
CA ALA J 23 -73.95 26.87 -49.32
C ALA J 23 -73.11 26.18 -48.25
N TRP J 24 -73.57 25.03 -47.75
CA TRP J 24 -72.77 24.24 -46.83
C TRP J 24 -71.50 23.74 -47.52
N TRP J 25 -71.63 23.30 -48.77
CA TRP J 25 -70.49 22.77 -49.51
C TRP J 25 -69.46 23.86 -49.78
N ARG J 26 -69.91 25.07 -50.12
CA ARG J 26 -69.00 26.18 -50.31
C ARG J 26 -68.31 26.56 -49.00
N ALA J 27 -69.07 26.57 -47.89
CA ALA J 27 -68.50 26.96 -46.61
C ALA J 27 -67.43 25.97 -46.15
N ALA J 28 -67.66 24.68 -46.39
CA ALA J 28 -66.66 23.68 -46.03
C ALA J 28 -65.37 23.88 -46.81
N ASN J 29 -65.48 24.16 -48.12
CA ASN J 29 -64.28 24.41 -48.92
C ASN J 29 -63.61 25.72 -48.51
N TYR J 30 -64.42 26.73 -48.15
CA TYR J 30 -63.84 27.99 -47.69
C TYR J 30 -63.06 27.79 -46.40
N LEU J 31 -63.62 27.02 -45.45
CA LEU J 31 -62.88 26.73 -44.23
C LEU J 31 -61.69 25.82 -44.49
N SER J 32 -61.79 24.95 -45.50
CA SER J 32 -60.69 24.05 -45.83
C SER J 32 -59.46 24.82 -46.29
N VAL J 33 -59.65 25.77 -47.21
CA VAL J 33 -58.54 26.58 -47.69
C VAL J 33 -58.04 27.51 -46.59
N GLY J 34 -58.95 28.00 -45.74
CA GLY J 34 -58.56 28.94 -44.70
C GLY J 34 -57.57 28.34 -43.72
N GLN J 35 -57.83 27.11 -43.26
CA GLN J 35 -56.91 26.49 -42.33
C GLN J 35 -55.63 26.03 -43.01
N ILE J 36 -55.69 25.72 -44.31
CA ILE J 36 -54.47 25.40 -45.04
C ILE J 36 -53.58 26.63 -45.16
N TYR J 37 -54.17 27.79 -45.42
CA TYR J 37 -53.41 28.99 -45.75
C TYR J 37 -53.45 30.04 -44.65
N LEU J 38 -54.64 30.50 -44.27
CA LEU J 38 -54.76 31.71 -43.46
C LEU J 38 -54.32 31.44 -42.03
N ARG J 39 -53.49 32.35 -41.51
CA ARG J 39 -53.14 32.38 -40.09
C ARG J 39 -53.92 33.43 -39.33
N ASP J 40 -54.27 34.54 -39.98
CA ASP J 40 -55.08 35.59 -39.38
C ASP J 40 -56.06 36.08 -40.44
N ASN J 41 -56.95 37.00 -40.03
CA ASN J 41 -57.99 37.57 -40.88
C ASN J 41 -58.84 36.47 -41.50
N PRO J 42 -59.66 35.78 -40.70
CA PRO J 42 -60.37 34.60 -41.23
C PRO J 42 -61.46 34.95 -42.22
N LEU J 43 -62.19 36.04 -42.00
CA LEU J 43 -63.34 36.40 -42.83
C LEU J 43 -62.99 37.36 -43.95
N LEU J 44 -61.71 37.71 -44.12
CA LEU J 44 -61.25 38.62 -45.17
C LEU J 44 -61.95 39.96 -45.10
N GLN J 45 -62.12 40.48 -43.89
CA GLN J 45 -62.68 41.82 -43.72
C GLN J 45 -61.77 42.88 -44.34
N GLU J 46 -60.47 42.73 -44.15
CA GLU J 46 -59.45 43.58 -44.74
C GLU J 46 -58.79 42.85 -45.91
N PRO J 47 -58.17 43.59 -46.83
CA PRO J 47 -57.46 42.92 -47.94
C PRO J 47 -56.33 42.04 -47.42
N LEU J 48 -56.12 40.92 -48.12
CA LEU J 48 -55.17 39.92 -47.67
C LEU J 48 -53.73 40.43 -47.77
N ARG J 49 -52.95 40.14 -46.74
CA ARG J 49 -51.55 40.53 -46.65
C ARG J 49 -50.72 39.31 -46.30
N PRO J 50 -49.43 39.30 -46.66
CA PRO J 50 -48.61 38.10 -46.45
C PRO J 50 -48.49 37.65 -45.01
N GLU J 51 -48.62 38.56 -44.04
CA GLU J 51 -48.53 38.15 -42.64
C GLU J 51 -49.73 37.31 -42.20
N HIS J 52 -50.80 37.28 -42.98
CA HIS J 52 -51.94 36.42 -42.69
C HIS J 52 -51.75 34.99 -43.18
N ILE J 53 -50.71 34.74 -43.97
CA ILE J 53 -50.50 33.43 -44.59
C ILE J 53 -49.48 32.65 -43.79
N LYS J 54 -49.71 31.34 -43.65
CA LYS J 54 -48.75 30.48 -42.96
C LYS J 54 -47.44 30.40 -43.74
N GLN J 55 -46.34 30.33 -43.01
CA GLN J 55 -45.02 30.33 -43.64
C GLN J 55 -44.78 29.05 -44.42
N ARG J 56 -45.03 27.90 -43.79
CA ARG J 56 -44.86 26.61 -44.43
C ARG J 56 -46.22 25.94 -44.57
N LEU J 57 -46.48 25.36 -45.75
CA LEU J 57 -47.78 24.81 -46.09
C LEU J 57 -47.65 23.30 -46.24
N LEU J 58 -48.13 22.57 -45.24
CA LEU J 58 -48.09 21.11 -45.25
C LEU J 58 -49.44 20.50 -45.59
N GLY J 59 -50.46 21.32 -45.86
CA GLY J 59 -51.77 20.79 -46.14
C GLY J 59 -51.87 20.14 -47.51
N HIS J 60 -52.88 19.31 -47.67
CA HIS J 60 -53.20 18.67 -48.94
C HIS J 60 -54.58 19.13 -49.38
N TRP J 61 -54.69 19.52 -50.66
CA TRP J 61 -55.93 20.05 -51.20
C TRP J 61 -56.66 19.09 -52.14
N GLY J 62 -55.94 18.14 -52.74
CA GLY J 62 -56.51 17.37 -53.84
C GLY J 62 -57.78 16.60 -53.46
N SER J 63 -57.81 16.06 -52.24
CA SER J 63 -58.95 15.27 -51.81
C SER J 63 -60.03 16.08 -51.11
N ASP J 64 -59.74 17.33 -50.74
CA ASP J 64 -60.67 18.12 -49.93
C ASP J 64 -62.01 18.39 -50.60
N PRO J 65 -62.09 18.78 -51.89
CA PRO J 65 -63.43 18.98 -52.47
C PRO J 65 -64.30 17.73 -52.48
N GLY J 66 -63.71 16.56 -52.73
CA GLY J 66 -64.50 15.35 -52.80
C GLY J 66 -65.10 14.95 -51.47
N LEU J 67 -64.32 15.03 -50.40
CA LEU J 67 -64.81 14.65 -49.07
C LEU J 67 -65.91 15.60 -48.61
N SER J 68 -65.74 16.90 -48.82
CA SER J 68 -66.77 17.86 -48.47
C SER J 68 -68.02 17.65 -49.31
N PHE J 69 -67.84 17.24 -50.57
CA PHE J 69 -68.99 16.99 -51.45
C PHE J 69 -69.84 15.83 -50.92
N VAL J 70 -69.20 14.75 -50.52
CA VAL J 70 -69.94 13.59 -50.03
C VAL J 70 -70.56 13.88 -48.66
N TYR J 71 -69.82 14.60 -47.80
CA TYR J 71 -70.26 14.80 -46.42
C TYR J 71 -71.57 15.58 -46.36
N VAL J 72 -71.71 16.62 -47.16
CA VAL J 72 -72.92 17.44 -47.10
C VAL J 72 -74.12 16.65 -47.62
N HIS J 73 -73.90 15.81 -48.64
CA HIS J 73 -74.98 14.96 -49.14
C HIS J 73 -75.41 13.94 -48.08
N LEU J 74 -74.46 13.40 -47.33
CA LEU J 74 -74.80 12.45 -46.27
C LEU J 74 -75.60 13.12 -45.17
N ASN J 75 -75.28 14.37 -44.85
CA ASN J 75 -76.07 15.10 -43.85
C ASN J 75 -77.50 15.32 -44.34
N ARG J 76 -77.68 15.50 -45.65
CA ARG J 76 -79.02 15.56 -46.20
C ARG J 76 -79.77 14.24 -46.01
N LEU J 77 -79.09 13.12 -46.29
CA LEU J 77 -79.75 11.82 -46.19
C LEU J 77 -79.98 11.41 -44.74
N ILE J 78 -79.10 11.83 -43.83
CA ILE J 78 -79.27 11.49 -42.43
C ILE J 78 -80.40 12.31 -41.79
N ARG J 79 -80.77 13.44 -42.38
CA ARG J 79 -81.88 14.22 -41.86
C ARG J 79 -83.22 13.54 -42.15
N ARG J 80 -83.37 13.00 -43.35
CA ARG J 80 -84.66 12.45 -43.75
C ARG J 80 -84.88 11.05 -43.19
N LEU J 81 -83.90 10.17 -43.35
CA LEU J 81 -84.06 8.77 -42.95
C LEU J 81 -83.61 8.50 -41.53
N ASP J 82 -83.10 9.50 -40.82
CA ASP J 82 -82.68 9.39 -39.42
C ASP J 82 -81.69 8.25 -39.21
N LEU J 83 -80.69 8.19 -40.09
CA LEU J 83 -79.69 7.14 -40.04
C LEU J 83 -78.61 7.50 -39.03
N ASN J 84 -77.51 6.74 -39.05
CA ASN J 84 -76.33 7.04 -38.26
C ASN J 84 -75.11 6.63 -39.06
N LEU J 85 -74.19 7.57 -39.26
CA LEU J 85 -73.03 7.37 -40.11
C LEU J 85 -71.75 7.62 -39.32
N ILE J 86 -70.64 7.10 -39.86
CA ILE J 86 -69.33 7.24 -39.23
C ILE J 86 -68.36 8.01 -40.12
N TYR J 87 -68.37 7.74 -41.43
CA TYR J 87 -67.53 8.41 -42.42
C TYR J 87 -66.05 8.23 -42.12
N VAL J 88 -65.61 6.98 -42.21
CA VAL J 88 -64.18 6.69 -42.19
C VAL J 88 -63.56 7.18 -43.49
N THR J 89 -62.45 7.90 -43.37
CA THR J 89 -61.83 8.58 -44.50
C THR J 89 -60.65 7.76 -45.02
N GLY J 90 -60.64 7.51 -46.32
CA GLY J 90 -59.60 6.75 -46.97
C GLY J 90 -58.30 7.51 -47.17
N PRO J 91 -58.33 8.60 -47.94
CA PRO J 91 -57.10 9.35 -48.23
C PRO J 91 -56.36 9.84 -46.99
N GLY J 92 -57.08 10.18 -45.93
CA GLY J 92 -56.44 10.52 -44.67
C GLY J 92 -55.89 11.94 -44.61
N HIS J 93 -55.56 12.50 -45.77
CA HIS J 93 -55.12 13.89 -45.86
C HIS J 93 -56.30 14.84 -46.12
N GLY J 94 -57.52 14.32 -46.13
CA GLY J 94 -58.70 15.14 -46.29
C GLY J 94 -59.24 15.62 -44.97
N ALA J 95 -58.39 15.58 -43.94
CA ALA J 95 -58.76 16.08 -42.62
C ALA J 95 -59.26 17.53 -42.60
N PRO J 96 -58.72 18.47 -43.39
CA PRO J 96 -59.37 19.80 -43.43
C PRO J 96 -60.83 19.75 -43.83
N ALA J 97 -61.21 18.85 -44.74
CA ALA J 97 -62.61 18.71 -45.10
C ALA J 97 -63.42 18.20 -43.92
N LEU J 98 -62.88 17.24 -43.16
CA LEU J 98 -63.59 16.72 -42.00
C LEU J 98 -63.71 17.76 -40.90
N LEU J 99 -62.62 18.48 -40.61
CA LEU J 99 -62.63 19.44 -39.52
C LEU J 99 -63.53 20.63 -39.84
N ALA J 100 -63.59 21.03 -41.12
CA ALA J 100 -64.51 22.09 -41.51
C ALA J 100 -65.95 21.70 -41.28
N ASN J 101 -66.32 20.48 -41.68
CA ASN J 101 -67.67 19.99 -41.46
C ASN J 101 -67.98 19.84 -39.98
N ALA J 102 -67.00 19.37 -39.20
CA ALA J 102 -67.20 19.25 -37.76
C ALA J 102 -67.40 20.61 -37.12
N TRP J 103 -66.63 21.61 -37.57
CA TRP J 103 -66.82 22.97 -37.06
C TRP J 103 -68.17 23.53 -37.45
N LEU J 104 -68.60 23.28 -38.69
CA LEU J 104 -69.89 23.79 -39.15
C LEU J 104 -71.04 23.17 -38.38
N GLU J 105 -70.97 21.87 -38.12
CA GLU J 105 -72.01 21.19 -37.35
C GLU J 105 -72.03 21.59 -35.89
N GLY J 106 -70.99 22.26 -35.41
CA GLY J 106 -70.89 22.63 -34.01
C GLY J 106 -70.26 21.60 -33.11
N THR J 107 -69.93 20.42 -33.64
CA THR J 107 -69.30 19.39 -32.83
C THR J 107 -67.93 19.82 -32.36
N TYR J 108 -67.14 20.43 -33.25
CA TYR J 108 -65.77 20.81 -32.90
C TYR J 108 -65.75 21.88 -31.82
N SER J 109 -66.71 22.81 -31.85
CA SER J 109 -66.80 23.82 -30.82
C SER J 109 -67.11 23.21 -29.46
N GLU J 110 -67.99 22.20 -29.43
CA GLU J 110 -68.32 21.55 -28.17
C GLU J 110 -67.13 20.77 -27.62
N VAL J 111 -66.42 20.05 -28.49
CA VAL J 111 -65.25 19.29 -28.04
C VAL J 111 -64.13 20.24 -27.64
N TYR J 112 -63.87 21.26 -28.44
CA TYR J 112 -62.84 22.25 -28.17
C TYR J 112 -63.48 23.62 -27.97
N PRO J 113 -63.70 24.05 -26.72
CA PRO J 113 -64.35 25.35 -26.50
C PRO J 113 -63.54 26.54 -26.97
N ASN J 114 -62.22 26.39 -27.15
CA ASN J 114 -61.42 27.49 -27.66
C ASN J 114 -61.84 27.88 -29.07
N CYS J 115 -62.09 26.89 -29.92
CA CYS J 115 -62.52 27.12 -31.30
C CYS J 115 -64.03 27.34 -31.36
N GLN J 116 -64.46 28.42 -30.71
CA GLN J 116 -65.87 28.76 -30.66
C GLN J 116 -66.36 29.25 -32.02
N GLN J 117 -67.65 29.11 -32.25
CA GLN J 117 -68.26 29.58 -33.50
C GLN J 117 -68.38 31.10 -33.46
N SER J 118 -67.27 31.76 -33.78
CA SER J 118 -67.20 33.21 -33.79
C SER J 118 -66.03 33.63 -34.66
N THR J 119 -65.86 34.94 -34.82
CA THR J 119 -64.74 35.46 -35.60
C THR J 119 -63.42 35.13 -34.92
N ALA J 120 -63.34 35.29 -33.60
CA ALA J 120 -62.13 34.96 -32.87
C ALA J 120 -61.85 33.46 -32.92
N GLY J 121 -62.89 32.64 -32.81
CA GLY J 121 -62.71 31.21 -32.91
C GLY J 121 -62.27 30.77 -34.30
N LEU J 122 -62.78 31.45 -35.33
CA LEU J 122 -62.35 31.15 -36.69
C LEU J 122 -60.87 31.45 -36.88
N GLN J 123 -60.39 32.54 -36.27
CA GLN J 123 -58.96 32.83 -36.32
C GLN J 123 -58.17 31.74 -35.61
N GLN J 124 -58.66 31.26 -34.48
CA GLN J 124 -57.98 30.18 -33.78
C GLN J 124 -58.10 28.86 -34.54
N PHE J 125 -59.24 28.63 -35.19
CA PHE J 125 -59.43 27.39 -35.94
C PHE J 125 -58.45 27.28 -37.10
N PHE J 126 -58.26 28.37 -37.84
CA PHE J 126 -57.30 28.35 -38.94
C PHE J 126 -55.87 28.27 -38.43
N LYS J 127 -55.59 28.95 -37.31
CA LYS J 127 -54.22 29.03 -36.80
C LYS J 127 -53.71 27.66 -36.36
N GLN J 128 -54.56 26.85 -35.73
CA GLN J 128 -54.08 25.63 -35.09
C GLN J 128 -53.73 24.55 -36.11
N PHE J 129 -54.37 24.54 -37.27
CA PHE J 129 -54.12 23.47 -38.23
C PHE J 129 -52.72 23.59 -38.82
N SER J 130 -52.06 22.43 -38.95
CA SER J 130 -50.74 22.31 -39.56
C SER J 130 -49.72 23.24 -38.90
N PHE J 131 -49.81 23.35 -37.58
CA PHE J 131 -49.00 24.29 -36.82
C PHE J 131 -48.38 23.59 -35.62
N PRO J 132 -47.21 24.02 -35.19
CA PRO J 132 -46.67 23.52 -33.91
C PRO J 132 -47.63 23.81 -32.77
N GLY J 133 -47.79 22.83 -31.90
CA GLY J 133 -48.79 22.92 -30.86
C GLY J 133 -50.20 22.98 -31.41
N GLY J 134 -50.50 22.20 -32.44
CA GLY J 134 -51.80 22.24 -33.07
C GLY J 134 -52.13 20.89 -33.69
N ILE J 135 -53.34 20.81 -34.25
CA ILE J 135 -53.81 19.58 -34.86
C ILE J 135 -52.99 19.27 -36.11
N GLY J 136 -52.77 17.99 -36.36
CA GLY J 136 -51.95 17.57 -37.48
C GLY J 136 -52.66 17.61 -38.81
N SER J 137 -51.89 17.35 -39.87
CA SER J 137 -52.44 17.40 -41.22
C SER J 137 -53.38 16.23 -41.48
N HIS J 138 -53.01 15.03 -41.04
CA HIS J 138 -53.87 13.88 -41.23
C HIS J 138 -54.95 13.83 -40.15
N CYS J 139 -55.91 12.94 -40.33
CA CYS J 139 -56.99 12.76 -39.37
C CYS J 139 -56.45 11.96 -38.18
N THR J 140 -56.11 12.67 -37.12
CA THR J 140 -55.51 12.13 -35.91
C THR J 140 -56.58 11.81 -34.88
N PRO J 141 -56.21 11.21 -33.75
CA PRO J 141 -57.20 11.06 -32.66
C PRO J 141 -57.79 12.36 -32.16
N GLU J 142 -57.11 13.50 -32.35
CA GLU J 142 -57.71 14.78 -31.99
C GLU J 142 -58.91 15.12 -32.86
N THR J 143 -58.99 14.56 -34.05
CA THR J 143 -60.11 14.85 -34.94
C THR J 143 -61.39 14.21 -34.42
N PRO J 144 -62.44 14.97 -34.16
CA PRO J 144 -63.71 14.37 -33.74
C PRO J 144 -64.31 13.51 -34.84
N GLY J 145 -64.97 12.44 -34.42
CA GLY J 145 -65.62 11.54 -35.36
C GLY J 145 -64.67 10.84 -36.32
N SER J 146 -63.53 10.37 -35.82
CA SER J 146 -62.56 9.68 -36.65
C SER J 146 -62.03 8.47 -35.92
N ILE J 147 -61.98 7.34 -36.63
CA ILE J 147 -61.36 6.13 -36.10
C ILE J 147 -60.15 5.68 -36.90
N HIS J 148 -60.03 6.09 -38.15
CA HIS J 148 -58.94 5.68 -39.01
C HIS J 148 -57.94 6.83 -39.15
N GLU J 149 -56.68 6.55 -38.83
CA GLU J 149 -55.65 7.59 -38.92
C GLU J 149 -55.46 8.05 -40.36
N GLY J 150 -55.50 7.12 -41.30
CA GLY J 150 -55.49 7.46 -42.71
C GLY J 150 -54.15 7.86 -43.28
N GLY J 151 -53.11 7.97 -42.44
CA GLY J 151 -51.79 8.29 -42.97
C GLY J 151 -51.24 7.19 -43.85
N GLU J 152 -51.37 5.95 -43.42
CA GLU J 152 -51.06 4.81 -44.27
C GLU J 152 -52.28 4.49 -45.12
N LEU J 153 -52.05 4.19 -46.39
CA LEU J 153 -53.11 4.03 -47.36
C LEU J 153 -53.31 2.56 -47.67
N GLY J 154 -54.55 2.09 -47.53
CA GLY J 154 -54.89 0.72 -47.85
C GLY J 154 -55.70 0.01 -46.78
N TYR J 155 -55.73 0.60 -45.58
CA TYR J 155 -56.39 -0.02 -44.44
C TYR J 155 -57.73 0.63 -44.12
N SER J 156 -58.23 1.50 -44.99
CA SER J 156 -59.46 2.23 -44.69
C SER J 156 -60.68 1.34 -44.81
N LEU J 157 -60.74 0.49 -45.84
CA LEU J 157 -61.92 -0.33 -46.05
C LEU J 157 -62.08 -1.38 -44.96
N SER J 158 -60.97 -1.95 -44.50
CA SER J 158 -61.04 -2.93 -43.42
C SER J 158 -61.57 -2.29 -42.15
N HIS J 159 -61.16 -1.05 -41.88
CA HIS J 159 -61.69 -0.35 -40.71
C HIS J 159 -63.17 -0.02 -40.87
N ALA J 160 -63.65 0.11 -42.11
CA ALA J 160 -65.07 0.33 -42.31
C ALA J 160 -65.87 -0.92 -41.92
N PHE J 161 -65.41 -2.10 -42.32
CA PHE J 161 -66.12 -3.32 -41.98
C PHE J 161 -66.01 -3.66 -40.50
N GLY J 162 -64.85 -3.39 -39.90
CA GLY J 162 -64.65 -3.72 -38.50
C GLY J 162 -65.56 -2.92 -37.57
N ALA J 163 -65.84 -1.66 -37.92
CA ALA J 163 -66.71 -0.85 -37.09
C ALA J 163 -68.16 -1.32 -37.13
N ALA J 164 -68.55 -2.05 -38.18
CA ALA J 164 -69.92 -2.54 -38.32
C ALA J 164 -70.02 -4.04 -38.09
N LEU J 165 -69.05 -4.63 -37.38
CA LEU J 165 -69.03 -6.09 -37.23
C LEU J 165 -70.15 -6.60 -36.34
N ASP J 166 -70.63 -5.79 -35.39
CA ASP J 166 -71.72 -6.23 -34.55
C ASP J 166 -72.72 -5.12 -34.23
N ASN J 167 -72.70 -4.02 -34.98
CA ASN J 167 -73.71 -2.99 -34.83
C ASN J 167 -74.73 -3.16 -35.93
N PRO J 168 -75.98 -3.54 -35.62
CA PRO J 168 -76.93 -3.83 -36.70
C PRO J 168 -77.44 -2.59 -37.42
N ASP J 169 -77.74 -1.52 -36.69
CA ASP J 169 -78.33 -0.33 -37.30
C ASP J 169 -77.30 0.65 -37.82
N LEU J 170 -76.02 0.45 -37.53
CA LEU J 170 -75.00 1.40 -37.95
C LEU J 170 -74.79 1.32 -39.46
N ILE J 171 -74.56 2.48 -40.08
CA ILE J 171 -74.19 2.58 -41.48
C ILE J 171 -72.84 3.27 -41.55
N VAL J 172 -71.94 2.71 -42.33
CA VAL J 172 -70.58 3.22 -42.44
C VAL J 172 -70.32 3.61 -43.90
N ALA J 173 -69.86 4.83 -44.11
CA ALA J 173 -69.55 5.33 -45.45
C ALA J 173 -68.05 5.53 -45.54
N CYS J 174 -67.38 4.68 -46.31
CA CYS J 174 -65.94 4.74 -46.49
C CYS J 174 -65.63 5.30 -47.88
N VAL J 175 -64.84 6.36 -47.93
CA VAL J 175 -64.43 6.99 -49.16
C VAL J 175 -63.08 6.42 -49.55
N ILE J 176 -62.99 5.84 -50.75
CA ILE J 176 -61.79 5.15 -51.20
C ILE J 176 -61.16 5.96 -52.32
N GLY J 177 -59.88 6.29 -52.16
CA GLY J 177 -59.15 6.94 -53.23
C GLY J 177 -58.69 5.94 -54.28
N ASP J 178 -58.63 6.40 -55.52
CA ASP J 178 -58.22 5.52 -56.61
C ASP J 178 -56.75 5.14 -56.51
N GLY J 179 -55.91 6.07 -56.05
CA GLY J 179 -54.52 5.73 -55.79
C GLY J 179 -54.37 4.75 -54.65
N GLU J 180 -55.22 4.88 -53.63
CA GLU J 180 -55.21 3.94 -52.52
C GLU J 180 -55.58 2.54 -52.95
N ALA J 181 -56.43 2.41 -53.99
CA ALA J 181 -56.83 1.11 -54.48
C ALA J 181 -55.71 0.35 -55.15
N GLU J 182 -54.60 1.01 -55.48
CA GLU J 182 -53.43 0.29 -55.98
C GLU J 182 -52.77 -0.54 -54.89
N THR J 183 -52.96 -0.19 -53.62
CA THR J 183 -52.32 -0.92 -52.53
C THR J 183 -52.90 -2.32 -52.42
N GLY J 184 -52.03 -3.25 -52.00
CA GLY J 184 -52.41 -4.64 -51.82
C GLY J 184 -53.49 -4.89 -50.79
N PRO J 185 -53.35 -4.33 -49.59
CA PRO J 185 -54.41 -4.52 -48.58
C PRO J 185 -55.78 -4.03 -49.00
N LEU J 186 -55.87 -2.97 -49.80
CA LEU J 186 -57.18 -2.50 -50.23
C LEU J 186 -57.79 -3.39 -51.31
N ALA J 187 -56.95 -3.97 -52.18
CA ALA J 187 -57.47 -4.83 -53.23
C ALA J 187 -58.16 -6.06 -52.66
N THR J 188 -57.59 -6.66 -51.62
CA THR J 188 -58.20 -7.82 -50.99
C THR J 188 -59.43 -7.43 -50.18
N SER J 189 -59.40 -6.27 -49.52
CA SER J 189 -60.43 -5.90 -48.55
C SER J 189 -61.82 -5.73 -49.17
N TRP J 190 -61.91 -5.68 -50.50
CA TRP J 190 -63.22 -5.63 -51.14
C TRP J 190 -64.04 -6.88 -50.84
N HIS J 191 -63.37 -8.04 -50.80
CA HIS J 191 -64.06 -9.31 -50.58
C HIS J 191 -64.65 -9.44 -49.18
N SER J 192 -64.42 -8.48 -48.29
CA SER J 192 -64.93 -8.53 -46.93
C SER J 192 -66.45 -8.42 -46.86
N ASN J 193 -67.12 -8.08 -47.96
CA ASN J 193 -68.58 -8.09 -47.98
C ASN J 193 -69.13 -9.49 -47.73
N LYS J 194 -68.42 -10.52 -48.21
CA LYS J 194 -68.89 -11.89 -48.03
C LYS J 194 -68.89 -12.29 -46.56
N PHE J 195 -67.85 -11.90 -45.82
CA PHE J 195 -67.78 -12.26 -44.41
C PHE J 195 -68.79 -11.47 -43.58
N LEU J 196 -69.21 -10.31 -44.05
CA LEU J 196 -70.19 -9.52 -43.33
C LEU J 196 -71.55 -10.19 -43.35
N ASN J 197 -72.23 -10.19 -42.20
CA ASN J 197 -73.51 -10.85 -42.09
C ASN J 197 -74.62 -9.81 -42.14
N PRO J 198 -75.44 -9.77 -43.18
CA PRO J 198 -76.49 -8.74 -43.27
C PRO J 198 -77.55 -8.84 -42.18
N ALA J 199 -77.73 -10.00 -41.56
CA ALA J 199 -78.84 -10.19 -40.63
C ALA J 199 -78.58 -9.45 -39.32
N GLN J 200 -77.39 -9.58 -38.76
CA GLN J 200 -77.10 -9.06 -37.43
C GLN J 200 -76.13 -7.88 -37.42
N ASP J 201 -75.65 -7.44 -38.57
CA ASP J 201 -74.65 -6.38 -38.64
C ASP J 201 -75.18 -5.23 -39.48
N GLY J 202 -74.46 -4.12 -39.43
CA GLY J 202 -74.78 -2.97 -40.23
C GLY J 202 -74.30 -3.10 -41.66
N ALA J 203 -74.54 -2.05 -42.43
CA ALA J 203 -74.17 -2.01 -43.84
C ALA J 203 -73.11 -0.94 -44.06
N VAL J 204 -72.10 -1.29 -44.84
CA VAL J 204 -71.00 -0.40 -45.18
C VAL J 204 -71.15 0.01 -46.64
N LEU J 205 -71.17 1.32 -46.87
CA LEU J 205 -71.32 1.85 -48.23
C LEU J 205 -69.98 2.39 -48.71
N PRO J 206 -69.27 1.67 -49.57
CA PRO J 206 -67.99 2.16 -50.06
C PRO J 206 -68.18 3.15 -51.22
N ILE J 207 -67.39 4.21 -51.19
CA ILE J 207 -67.42 5.23 -52.23
C ILE J 207 -66.02 5.36 -52.81
N LEU J 208 -65.92 5.22 -54.13
CA LEU J 208 -64.65 5.27 -54.83
C LEU J 208 -64.45 6.66 -55.41
N HIS J 209 -63.42 7.37 -54.93
CA HIS J 209 -63.10 8.71 -55.42
C HIS J 209 -62.12 8.58 -56.57
N LEU J 210 -62.66 8.27 -57.74
CA LEU J 210 -61.87 8.03 -58.95
C LEU J 210 -61.60 9.36 -59.65
N ASN J 211 -60.79 10.20 -59.01
CA ASN J 211 -60.52 11.52 -59.56
C ASN J 211 -59.54 11.48 -60.73
N GLY J 212 -58.80 10.39 -60.89
CA GLY J 212 -57.97 10.19 -62.05
C GLY J 212 -56.48 10.41 -61.84
N TYR J 213 -56.08 11.09 -60.77
CA TYR J 213 -54.68 11.44 -60.58
C TYR J 213 -54.26 11.20 -59.14
N LYS J 214 -53.01 10.76 -58.99
CA LYS J 214 -52.34 10.65 -57.70
C LYS J 214 -51.59 11.95 -57.42
N ILE J 215 -50.65 11.92 -56.48
CA ILE J 215 -49.77 13.07 -56.25
C ILE J 215 -48.99 13.42 -57.52
N ALA J 216 -48.48 12.40 -58.22
CA ALA J 216 -47.66 12.66 -59.40
C ALA J 216 -47.92 11.75 -60.59
N ASN J 217 -48.89 10.85 -60.53
CA ASN J 217 -49.15 9.93 -61.63
C ASN J 217 -50.64 9.77 -61.83
N PRO J 218 -51.08 9.46 -63.05
CA PRO J 218 -52.47 9.04 -63.25
C PRO J 218 -52.76 7.74 -62.52
N THR J 219 -53.96 7.65 -61.96
CA THR J 219 -54.34 6.45 -61.22
C THR J 219 -54.60 5.29 -62.17
N LEU J 220 -54.29 4.08 -61.71
CA LEU J 220 -54.46 2.90 -62.55
C LEU J 220 -55.93 2.62 -62.84
N LEU J 221 -56.79 2.79 -61.83
CA LEU J 221 -58.19 2.43 -62.01
C LEU J 221 -58.95 3.44 -62.86
N SER J 222 -58.43 4.65 -63.05
CA SER J 222 -59.08 5.58 -63.96
C SER J 222 -58.65 5.35 -65.41
N ARG J 223 -57.51 4.71 -65.63
CA ARG J 223 -57.00 4.47 -66.97
C ARG J 223 -57.43 3.12 -67.52
N ILE J 224 -58.30 2.41 -66.83
CA ILE J 224 -58.94 1.23 -67.39
C ILE J 224 -60.30 1.64 -67.93
N SER J 225 -60.81 0.83 -68.85
CA SER J 225 -62.09 1.15 -69.48
C SER J 225 -63.23 1.04 -68.48
N HIS J 226 -64.33 1.74 -68.78
CA HIS J 226 -65.50 1.71 -67.91
C HIS J 226 -66.10 0.31 -67.85
N GLU J 227 -66.03 -0.44 -68.97
CA GLU J 227 -66.53 -1.80 -68.95
C GLU J 227 -65.67 -2.71 -68.08
N GLU J 228 -64.35 -2.61 -68.21
CA GLU J 228 -63.47 -3.44 -67.39
C GLU J 228 -63.56 -3.06 -65.91
N LEU J 229 -63.72 -1.77 -65.63
CA LEU J 229 -63.91 -1.35 -64.24
C LEU J 229 -65.20 -1.92 -63.67
N ARG J 230 -66.28 -1.90 -64.45
CA ARG J 230 -67.53 -2.48 -63.99
C ARG J 230 -67.40 -4.00 -63.81
N SER J 231 -66.63 -4.65 -64.69
CA SER J 231 -66.38 -6.08 -64.52
C SER J 231 -65.61 -6.35 -63.23
N LEU J 232 -64.62 -5.51 -62.93
CA LEU J 232 -63.78 -5.73 -61.75
C LEU J 232 -64.60 -5.62 -60.46
N PHE J 233 -65.46 -4.62 -60.37
CA PHE J 233 -66.22 -4.42 -59.14
C PHE J 233 -67.44 -5.31 -59.03
N ILE J 234 -67.88 -5.91 -60.14
CA ILE J 234 -68.87 -6.98 -60.05
C ILE J 234 -68.25 -8.22 -59.45
N GLY J 235 -67.02 -8.55 -59.86
CA GLY J 235 -66.33 -9.70 -59.32
C GLY J 235 -66.08 -9.61 -57.82
N TYR J 236 -65.87 -8.39 -57.32
CA TYR J 236 -65.77 -8.21 -55.87
C TYR J 236 -67.11 -8.41 -55.16
N GLY J 237 -68.21 -8.42 -55.90
CA GLY J 237 -69.51 -8.66 -55.32
C GLY J 237 -70.33 -7.42 -55.03
N TYR J 238 -69.90 -6.26 -55.49
CA TYR J 238 -70.62 -5.02 -55.24
C TYR J 238 -71.45 -4.61 -56.44
N GLU J 239 -72.55 -3.92 -56.17
CA GLU J 239 -73.36 -3.34 -57.23
C GLU J 239 -72.77 -1.99 -57.61
N PRO J 240 -72.24 -1.83 -58.82
CA PRO J 240 -71.53 -0.59 -59.17
C PRO J 240 -72.49 0.50 -59.64
N PHE J 241 -72.32 1.69 -59.08
CA PHE J 241 -73.03 2.88 -59.54
C PHE J 241 -72.00 3.95 -59.89
N PHE J 242 -72.24 4.65 -61.00
CA PHE J 242 -71.28 5.60 -61.54
C PHE J 242 -71.87 7.00 -61.52
N VAL J 243 -71.14 7.94 -60.92
CA VAL J 243 -71.48 9.36 -60.93
C VAL J 243 -70.30 10.11 -61.53
N GLU J 244 -70.56 10.83 -62.63
CA GLU J 244 -69.52 11.49 -63.38
C GLU J 244 -69.89 12.94 -63.63
N GLY J 245 -68.91 13.72 -64.06
CA GLY J 245 -69.11 15.10 -64.44
C GLY J 245 -68.37 16.06 -63.52
N ASN J 246 -68.47 17.34 -63.87
CA ASN J 246 -67.84 18.40 -63.09
C ASN J 246 -68.75 19.62 -62.94
N ASP J 247 -70.04 19.48 -63.20
CA ASP J 247 -70.97 20.59 -63.06
C ASP J 247 -71.73 20.44 -61.76
N PRO J 248 -71.58 21.36 -60.81
CA PRO J 248 -72.26 21.20 -59.51
C PRO J 248 -73.77 21.11 -59.61
N ALA J 249 -74.39 21.84 -60.53
CA ALA J 249 -75.84 21.76 -60.70
C ALA J 249 -76.27 20.36 -61.13
N ILE J 250 -75.53 19.77 -62.06
CA ILE J 250 -75.80 18.38 -62.45
C ILE J 250 -75.39 17.43 -61.33
N LEU J 251 -74.23 17.67 -60.73
CA LEU J 251 -73.67 16.70 -59.78
C LEU J 251 -74.47 16.62 -58.50
N HIS J 252 -75.08 17.72 -58.07
CA HIS J 252 -75.90 17.68 -56.86
C HIS J 252 -77.09 16.74 -57.04
N GLY J 253 -77.78 16.85 -58.17
CA GLY J 253 -78.95 16.02 -58.40
C GLY J 253 -78.60 14.56 -58.60
N VAL J 254 -77.54 14.27 -59.34
CA VAL J 254 -77.19 12.89 -59.65
C VAL J 254 -76.68 12.17 -58.40
N MET J 255 -75.79 12.82 -57.64
CA MET J 255 -75.19 12.16 -56.49
C MET J 255 -76.19 11.96 -55.36
N ALA J 256 -77.10 12.91 -55.18
CA ALA J 256 -78.16 12.72 -54.20
C ALA J 256 -79.11 11.60 -54.60
N SER J 257 -79.39 11.49 -55.90
CA SER J 257 -80.25 10.41 -56.39
C SER J 257 -79.59 9.05 -56.18
N THR J 258 -78.29 8.95 -56.46
CA THR J 258 -77.59 7.68 -56.30
C THR J 258 -77.51 7.28 -54.83
N LEU J 259 -77.29 8.24 -53.94
CA LEU J 259 -77.26 7.94 -52.51
C LEU J 259 -78.60 7.41 -52.03
N ALA J 260 -79.69 8.04 -52.46
CA ALA J 260 -81.02 7.55 -52.08
C ALA J 260 -81.29 6.18 -52.68
N THR J 261 -80.79 5.94 -53.89
CA THR J 261 -80.95 4.61 -54.51
C THR J 261 -80.23 3.54 -53.69
N CYS J 262 -79.02 3.85 -53.22
CA CYS J 262 -78.21 2.85 -52.54
C CYS J 262 -78.73 2.55 -51.14
N VAL J 263 -79.16 3.57 -50.40
CA VAL J 263 -79.55 3.37 -49.01
C VAL J 263 -80.83 2.54 -48.92
N GLN J 264 -81.76 2.73 -49.86
CA GLN J 264 -82.98 1.93 -49.86
C GLN J 264 -82.68 0.47 -50.15
N LYS J 265 -81.71 0.20 -51.05
CA LYS J 265 -81.26 -1.16 -51.26
C LYS J 265 -80.58 -1.70 -50.01
N ILE J 266 -79.83 -0.85 -49.31
CA ILE J 266 -79.22 -1.26 -48.04
C ILE J 266 -80.30 -1.62 -47.02
N GLN J 267 -81.35 -0.80 -46.94
CA GLN J 267 -82.44 -1.11 -46.03
C GLN J 267 -83.23 -2.33 -46.51
N ALA J 268 -83.37 -2.48 -47.84
CA ALA J 268 -84.04 -3.65 -48.38
C ALA J 268 -83.26 -4.93 -48.07
N ILE J 269 -81.93 -4.87 -48.20
CA ILE J 269 -81.09 -6.04 -47.93
C ILE J 269 -81.15 -6.39 -46.45
N GLN J 270 -81.05 -5.39 -45.58
CA GLN J 270 -81.09 -5.65 -44.14
C GLN J 270 -82.45 -6.18 -43.70
N ALA J 271 -83.53 -5.61 -44.25
CA ALA J 271 -84.86 -6.09 -43.90
C ALA J 271 -85.10 -7.50 -44.40
N ALA J 272 -84.64 -7.80 -45.62
CA ALA J 272 -84.79 -9.15 -46.16
C ALA J 272 -83.99 -10.16 -45.36
N ALA J 273 -82.79 -9.78 -44.92
CA ALA J 273 -81.96 -10.69 -44.13
C ALA J 273 -82.58 -10.97 -42.77
N ARG J 274 -83.09 -9.93 -42.10
CA ARG J 274 -83.68 -10.13 -40.78
C ARG J 274 -85.01 -10.87 -40.87
N SER J 275 -85.74 -10.70 -41.97
CA SER J 275 -86.96 -11.49 -42.17
C SER J 275 -86.64 -12.94 -42.48
N GLY J 276 -85.46 -13.23 -43.01
CA GLY J 276 -85.07 -14.59 -43.33
C GLY J 276 -85.56 -15.10 -44.67
N GLU J 277 -86.29 -14.29 -45.43
CA GLU J 277 -86.81 -14.75 -46.70
C GLU J 277 -85.73 -14.85 -47.77
N SER J 278 -84.69 -14.02 -47.67
CA SER J 278 -83.59 -13.99 -48.64
C SER J 278 -82.29 -14.25 -47.90
N SER J 279 -81.94 -15.52 -47.74
CA SER J 279 -80.71 -15.93 -47.07
C SER J 279 -79.67 -16.26 -48.14
N ASP J 280 -79.12 -15.21 -48.75
CA ASP J 280 -78.09 -15.36 -49.76
C ASP J 280 -77.24 -14.10 -49.78
N ARG J 281 -76.05 -14.21 -50.34
CA ARG J 281 -75.14 -13.08 -50.41
C ARG J 281 -75.62 -12.08 -51.47
N PRO J 282 -75.95 -10.85 -51.09
CA PRO J 282 -76.42 -9.87 -52.07
C PRO J 282 -75.29 -8.98 -52.60
N MET J 283 -75.55 -8.37 -53.75
CA MET J 283 -74.62 -7.42 -54.34
C MET J 283 -74.79 -6.09 -53.63
N TRP J 284 -73.80 -5.72 -52.82
CA TRP J 284 -73.88 -4.49 -52.04
C TRP J 284 -73.74 -3.27 -52.94
N PRO J 285 -74.43 -2.18 -52.63
CA PRO J 285 -74.29 -0.96 -53.43
C PRO J 285 -72.93 -0.30 -53.24
N MET J 286 -72.50 0.42 -54.27
CA MET J 286 -71.22 1.12 -54.26
C MET J 286 -71.30 2.27 -55.27
N ILE J 287 -70.62 3.37 -54.95
CA ILE J 287 -70.69 4.59 -55.73
C ILE J 287 -69.30 4.93 -56.25
N VAL J 288 -69.22 5.28 -57.53
CA VAL J 288 -67.98 5.67 -58.19
C VAL J 288 -68.09 7.13 -58.61
N LEU J 289 -67.10 7.94 -58.23
CA LEU J 289 -67.09 9.36 -58.52
C LEU J 289 -65.96 9.66 -59.49
N ARG J 290 -66.30 10.29 -60.62
CA ARG J 290 -65.33 10.69 -61.63
C ARG J 290 -65.04 12.19 -61.58
N THR J 291 -65.37 12.85 -60.48
CA THR J 291 -65.17 14.29 -60.38
C THR J 291 -63.67 14.61 -60.43
N PRO J 292 -63.29 15.67 -61.14
CA PRO J 292 -61.87 16.02 -61.22
C PRO J 292 -61.32 16.43 -59.87
N LYS J 293 -60.03 16.16 -59.68
CA LYS J 293 -59.38 16.46 -58.41
C LYS J 293 -59.24 17.98 -58.25
N GLY J 294 -59.79 18.51 -57.16
CA GLY J 294 -59.77 19.95 -56.93
C GLY J 294 -60.55 20.72 -57.97
N TRP J 295 -61.74 20.25 -58.34
CA TRP J 295 -62.50 20.87 -59.41
C TRP J 295 -63.12 22.20 -59.02
N THR J 296 -63.06 22.59 -57.75
CA THR J 296 -63.53 23.90 -57.31
C THR J 296 -62.39 24.88 -57.09
N GLY J 297 -61.14 24.46 -57.28
CA GLY J 297 -60.00 25.32 -57.04
C GLY J 297 -59.56 26.05 -58.28
N PRO J 298 -58.34 26.62 -58.24
CA PRO J 298 -57.81 27.28 -59.42
C PRO J 298 -57.55 26.30 -60.55
N ALA J 299 -57.72 26.79 -61.78
CA ALA J 299 -57.54 25.95 -62.96
C ALA J 299 -56.11 25.98 -63.48
N THR J 300 -55.59 27.17 -63.77
CA THR J 300 -54.23 27.35 -64.25
C THR J 300 -53.55 28.43 -63.44
N ILE J 301 -52.31 28.17 -63.04
CA ILE J 301 -51.58 29.10 -62.17
C ILE J 301 -50.27 29.53 -62.84
N LYS J 302 -49.43 28.57 -63.18
CA LYS J 302 -48.11 28.83 -63.76
C LYS J 302 -48.01 28.25 -65.16
N GLY J 303 -49.04 28.45 -65.97
CA GLY J 303 -49.06 27.90 -67.30
C GLY J 303 -49.36 26.42 -67.38
N HIS J 304 -49.76 25.80 -66.27
CA HIS J 304 -50.09 24.39 -66.23
C HIS J 304 -51.43 24.20 -65.55
N VAL J 305 -52.10 23.09 -65.88
CA VAL J 305 -53.43 22.81 -65.35
C VAL J 305 -53.29 22.35 -63.90
N VAL J 306 -53.90 23.11 -62.99
CA VAL J 306 -53.86 22.77 -61.56
C VAL J 306 -55.18 22.22 -61.06
N GLU J 307 -56.19 22.09 -61.92
CA GLU J 307 -57.49 21.55 -61.56
C GLU J 307 -57.72 20.24 -62.31
N GLY J 308 -58.11 19.20 -61.59
CA GLY J 308 -58.30 17.90 -62.19
C GLY J 308 -57.03 17.26 -62.70
N SER J 309 -55.92 17.49 -62.02
CA SER J 309 -54.64 16.92 -62.42
C SER J 309 -53.85 16.61 -61.16
N TRP J 310 -52.66 16.03 -61.35
CA TRP J 310 -51.80 15.68 -60.22
C TRP J 310 -51.30 16.89 -59.46
N ARG J 311 -51.28 18.06 -60.10
CA ARG J 311 -50.87 19.29 -59.41
C ARG J 311 -51.88 19.74 -58.37
N SER J 312 -53.14 19.31 -58.49
CA SER J 312 -54.16 19.68 -57.50
C SER J 312 -53.88 19.07 -56.14
N HIS J 313 -53.22 17.91 -56.10
CA HIS J 313 -52.88 17.28 -54.83
C HIS J 313 -51.85 18.13 -54.08
N GLN J 314 -51.83 17.94 -52.76
CA GLN J 314 -50.93 18.67 -51.84
C GLN J 314 -51.29 20.14 -51.95
N VAL J 315 -50.34 21.04 -52.20
CA VAL J 315 -50.61 22.47 -52.28
C VAL J 315 -50.91 22.82 -53.73
N PRO J 316 -51.85 23.73 -54.00
CA PRO J 316 -52.05 24.16 -55.40
C PRO J 316 -50.96 25.08 -55.90
N MET J 317 -50.47 25.98 -55.05
CA MET J 317 -49.43 26.93 -55.43
C MET J 317 -48.23 26.79 -54.50
N ALA J 318 -47.03 26.76 -55.09
CA ALA J 318 -45.82 26.53 -54.30
C ALA J 318 -45.45 27.75 -53.46
N ASP J 319 -45.48 28.94 -54.06
CA ASP J 319 -45.06 30.16 -53.39
C ASP J 319 -46.21 31.14 -53.32
N VAL J 320 -46.43 31.71 -52.15
CA VAL J 320 -47.44 32.75 -51.93
C VAL J 320 -46.83 34.02 -51.37
N LEU J 321 -46.00 33.90 -50.34
CA LEU J 321 -45.32 35.06 -49.78
C LEU J 321 -44.35 35.67 -50.77
N THR J 322 -43.61 34.83 -51.51
CA THR J 322 -42.61 35.33 -52.44
C THR J 322 -43.25 36.05 -53.63
N ASN J 323 -44.31 35.47 -54.19
CA ASN J 323 -44.93 36.02 -55.38
C ASN J 323 -46.26 36.68 -55.03
N PRO J 324 -46.38 38.01 -55.11
CA PRO J 324 -47.68 38.64 -54.85
C PRO J 324 -48.74 38.29 -55.87
N GLU J 325 -48.36 37.87 -57.08
CA GLU J 325 -49.35 37.47 -58.07
C GLU J 325 -50.13 36.25 -57.61
N HIS J 326 -49.44 35.26 -57.04
CA HIS J 326 -50.12 34.09 -56.51
C HIS J 326 -51.03 34.46 -55.34
N LEU J 327 -50.59 35.40 -54.50
CA LEU J 327 -51.42 35.86 -53.40
C LEU J 327 -52.69 36.51 -53.91
N GLN J 328 -52.59 37.27 -55.01
CA GLN J 328 -53.78 37.83 -55.63
C GLN J 328 -54.66 36.74 -56.19
N LEU J 329 -54.07 35.72 -56.83
CA LEU J 329 -54.85 34.58 -57.28
C LEU J 329 -55.44 33.82 -56.10
N LEU J 330 -54.69 33.73 -55.00
CA LEU J 330 -55.22 33.11 -53.79
C LEU J 330 -56.40 33.88 -53.24
N GLU J 331 -56.31 35.21 -53.23
CA GLU J 331 -57.42 36.03 -52.74
C GLU J 331 -58.66 35.85 -53.62
N ASP J 332 -58.46 35.79 -54.94
CA ASP J 332 -59.58 35.55 -55.84
C ASP J 332 -60.17 34.16 -55.63
N TRP J 333 -59.35 33.18 -55.25
CA TRP J 333 -59.86 31.85 -54.96
C TRP J 333 -60.80 31.87 -53.77
N LEU J 334 -60.44 32.59 -52.71
CA LEU J 334 -61.31 32.69 -51.55
C LEU J 334 -62.57 33.49 -51.86
N ARG J 335 -62.46 34.50 -52.72
CA ARG J 335 -63.64 35.27 -53.11
C ARG J 335 -64.62 34.46 -53.94
N SER J 336 -64.15 33.41 -54.62
CA SER J 336 -65.02 32.63 -55.49
C SER J 336 -66.10 31.89 -54.71
N TYR J 337 -65.89 31.62 -53.43
CA TYR J 337 -66.89 30.97 -52.61
C TYR J 337 -67.94 31.94 -52.06
N ARG J 338 -67.72 33.24 -52.23
CA ARG J 338 -68.56 34.30 -51.67
C ARG J 338 -68.77 34.10 -50.18
N PRO J 339 -67.72 34.29 -49.37
CA PRO J 339 -67.86 34.03 -47.92
C PRO J 339 -68.74 35.01 -47.19
N GLU J 340 -69.06 36.16 -47.80
CA GLU J 340 -69.83 37.18 -47.10
C GLU J 340 -71.24 36.70 -46.76
N GLU J 341 -71.87 35.97 -47.68
CA GLU J 341 -73.22 35.48 -47.44
C GLU J 341 -73.25 34.25 -46.52
N LEU J 342 -72.15 33.52 -46.43
CA LEU J 342 -72.13 32.29 -45.64
C LEU J 342 -72.04 32.55 -44.14
N PHE J 343 -71.37 33.63 -43.73
CA PHE J 343 -71.17 33.92 -42.32
C PHE J 343 -71.76 35.29 -41.98
N ASP J 344 -72.16 35.45 -40.73
CA ASP J 344 -72.72 36.70 -40.24
C ASP J 344 -71.59 37.62 -39.78
N ALA J 345 -71.96 38.71 -39.11
CA ALA J 345 -70.96 39.63 -38.57
C ALA J 345 -70.13 38.97 -37.48
N SER J 346 -70.76 38.16 -36.64
CA SER J 346 -70.05 37.50 -35.54
C SER J 346 -69.11 36.40 -36.05
N GLY J 347 -69.32 35.90 -37.25
CA GLY J 347 -68.49 34.84 -37.80
C GLY J 347 -69.15 33.47 -37.76
N ALA J 348 -70.26 33.32 -37.05
CA ALA J 348 -70.98 32.06 -37.03
C ALA J 348 -71.63 31.80 -38.38
N PRO J 349 -71.89 30.54 -38.72
CA PRO J 349 -72.65 30.25 -39.94
C PRO J 349 -74.07 30.80 -39.85
N VAL J 350 -74.61 31.17 -41.01
CA VAL J 350 -75.93 31.78 -41.09
C VAL J 350 -77.00 30.76 -40.74
N ALA J 351 -78.23 31.23 -40.53
CA ALA J 351 -79.32 30.36 -40.13
C ALA J 351 -79.67 29.32 -41.20
N GLU J 352 -79.34 29.60 -42.46
CA GLU J 352 -79.55 28.60 -43.51
C GLU J 352 -78.67 27.38 -43.27
N LEU J 353 -77.41 27.60 -42.88
CA LEU J 353 -76.51 26.48 -42.61
C LEU J 353 -76.86 25.77 -41.30
N GLN J 354 -77.34 26.50 -40.31
CA GLN J 354 -77.66 25.90 -39.01
C GLN J 354 -78.83 24.94 -39.12
N ALA J 355 -79.84 25.30 -39.91
CA ALA J 355 -81.04 24.46 -40.03
C ALA J 355 -80.73 23.12 -40.68
N ILE J 356 -79.88 23.11 -41.72
CA ILE J 356 -79.60 21.88 -42.44
C ILE J 356 -78.57 21.00 -41.74
N ALA J 357 -78.03 21.44 -40.61
CA ALA J 357 -77.08 20.61 -39.89
C ALA J 357 -77.81 19.57 -39.04
N PRO J 358 -77.22 18.38 -38.86
CA PRO J 358 -77.81 17.40 -37.96
C PRO J 358 -77.84 17.91 -36.53
N ILE J 359 -78.83 17.45 -35.78
CA ILE J 359 -79.12 17.96 -34.44
C ILE J 359 -78.80 16.88 -33.42
N GLY J 360 -78.06 17.25 -32.38
CA GLY J 360 -77.80 16.34 -31.27
C GLY J 360 -76.80 15.25 -31.63
N ASP J 361 -77.03 14.07 -31.06
CA ASP J 361 -76.12 12.94 -31.21
C ASP J 361 -76.12 12.35 -32.62
N ARG J 362 -77.08 12.72 -33.46
CA ARG J 362 -77.14 12.21 -34.82
C ARG J 362 -76.02 12.73 -35.71
N ARG J 363 -75.27 13.74 -35.25
CA ARG J 363 -74.17 14.27 -36.03
C ARG J 363 -73.10 13.22 -36.23
N MET J 364 -72.63 13.09 -37.47
CA MET J 364 -71.66 12.03 -37.81
C MET J 364 -70.34 12.26 -37.10
N SER J 365 -69.92 13.52 -36.96
CA SER J 365 -68.70 13.83 -36.22
C SER J 365 -68.87 13.66 -34.72
N ALA J 366 -70.09 13.54 -34.22
CA ALA J 366 -70.35 13.38 -32.79
C ALA J 366 -70.95 12.02 -32.46
N ASN J 367 -70.84 11.05 -33.36
CA ASN J 367 -71.40 9.73 -33.12
C ASN J 367 -70.62 9.03 -32.02
N PRO J 368 -71.28 8.41 -31.04
CA PRO J 368 -70.55 7.71 -29.97
C PRO J 368 -69.76 6.51 -30.45
N VAL J 369 -70.07 5.97 -31.64
CA VAL J 369 -69.34 4.82 -32.15
C VAL J 369 -67.88 5.18 -32.41
N THR J 370 -67.63 6.39 -32.91
CA THR J 370 -66.26 6.82 -33.17
C THR J 370 -65.45 6.90 -31.87
N ASN J 371 -66.04 7.45 -30.81
CA ASN J 371 -65.42 7.42 -29.49
C ASN J 371 -65.93 6.18 -28.75
N GLY J 372 -65.42 5.03 -29.20
CA GLY J 372 -65.96 3.75 -28.77
C GLY J 372 -65.74 3.42 -27.31
N GLY J 373 -64.85 4.15 -26.64
CA GLY J 373 -64.61 3.88 -25.22
C GLY J 373 -65.84 4.12 -24.37
N LEU J 374 -66.64 5.12 -24.75
CA LEU J 374 -67.92 5.34 -24.05
C LEU J 374 -68.86 4.17 -24.29
N LEU J 375 -68.87 3.62 -25.50
CA LEU J 375 -69.74 2.51 -25.83
C LEU J 375 -69.25 1.19 -25.24
N ARG J 376 -68.00 1.14 -24.79
CA ARG J 376 -67.39 -0.11 -24.36
C ARG J 376 -67.96 -0.57 -23.02
N ARG J 377 -68.29 -1.86 -22.94
CA ARG J 377 -68.70 -2.50 -21.70
C ARG J 377 -67.68 -3.56 -21.33
N ALA J 378 -67.48 -3.75 -20.02
CA ALA J 378 -66.49 -4.71 -19.55
C ALA J 378 -66.89 -6.14 -19.92
N LEU J 379 -65.89 -6.93 -20.31
CA LEU J 379 -66.15 -8.29 -20.73
C LEU J 379 -66.46 -9.17 -19.53
N THR J 380 -67.41 -10.10 -19.72
CA THR J 380 -67.77 -11.06 -18.68
C THR J 380 -66.86 -12.28 -18.85
N LEU J 381 -65.93 -12.45 -17.91
CA LEU J 381 -64.92 -13.48 -18.02
C LEU J 381 -65.20 -14.61 -17.05
N PRO J 382 -65.48 -15.83 -17.53
CA PRO J 382 -65.56 -16.97 -16.63
C PRO J 382 -64.19 -17.29 -16.04
N ASP J 383 -64.21 -17.91 -14.87
CA ASP J 383 -62.96 -18.25 -14.19
C ASP J 383 -62.19 -19.29 -15.01
N PHE J 384 -60.92 -18.97 -15.29
CA PHE J 384 -60.11 -19.87 -16.12
C PHE J 384 -59.66 -21.10 -15.37
N ARG J 385 -59.74 -21.11 -14.04
CA ARG J 385 -59.33 -22.26 -13.26
C ARG J 385 -60.20 -23.49 -13.54
N ASP J 386 -61.40 -23.28 -14.07
CA ASP J 386 -62.23 -24.41 -14.49
C ASP J 386 -61.61 -25.15 -15.66
N GLN J 387 -61.04 -24.42 -16.61
CA GLN J 387 -60.48 -25.02 -17.81
C GLN J 387 -58.99 -25.33 -17.69
N ALA J 388 -58.38 -24.99 -16.56
CA ALA J 388 -56.94 -25.24 -16.41
C ALA J 388 -56.67 -26.72 -16.21
N VAL J 389 -55.55 -27.18 -16.76
CA VAL J 389 -55.17 -28.58 -16.58
C VAL J 389 -54.67 -28.80 -15.17
N SER J 390 -54.76 -30.05 -14.72
CA SER J 390 -54.33 -30.44 -13.39
C SER J 390 -52.94 -31.05 -13.47
N VAL J 391 -52.03 -30.56 -12.63
CA VAL J 391 -50.65 -31.04 -12.61
C VAL J 391 -50.33 -31.52 -11.20
N PRO J 392 -50.16 -32.83 -10.98
CA PRO J 392 -49.72 -33.28 -9.64
C PRO J 392 -48.27 -32.94 -9.38
N ALA J 393 -47.39 -33.13 -10.36
CA ALA J 393 -45.98 -32.85 -10.22
C ALA J 393 -45.53 -31.93 -11.34
N PRO J 394 -44.89 -30.80 -11.03
CA PRO J 394 -44.49 -29.87 -12.09
C PRO J 394 -43.36 -30.44 -12.93
N GLY J 395 -43.53 -30.37 -14.25
CA GLY J 395 -42.52 -30.81 -15.18
C GLY J 395 -42.54 -32.29 -15.52
N LYS J 396 -43.47 -33.05 -14.95
CA LYS J 396 -43.56 -34.48 -15.23
C LYS J 396 -44.77 -34.88 -16.05
N SER J 397 -45.78 -34.04 -16.14
CA SER J 397 -47.01 -34.34 -16.87
C SER J 397 -47.02 -33.58 -18.19
N ARG J 398 -47.32 -34.29 -19.27
CA ARG J 398 -47.25 -33.75 -20.62
C ARG J 398 -48.65 -33.61 -21.16
N ALA J 399 -49.00 -32.40 -21.60
CA ALA J 399 -50.30 -32.13 -22.19
C ALA J 399 -50.18 -30.96 -23.14
N ASP J 400 -50.99 -30.97 -24.20
CA ASP J 400 -50.97 -29.89 -25.16
C ASP J 400 -51.54 -28.62 -24.55
N SER J 401 -50.92 -27.48 -24.87
CA SER J 401 -51.28 -26.21 -24.27
C SER J 401 -52.35 -25.45 -25.04
N THR J 402 -52.68 -25.88 -26.26
CA THR J 402 -53.67 -25.16 -27.05
C THR J 402 -55.09 -25.45 -26.58
N ARG J 403 -55.36 -26.69 -26.18
CA ARG J 403 -56.71 -27.08 -25.80
C ARG J 403 -57.29 -26.29 -24.63
N PRO J 404 -56.57 -26.05 -23.51
CA PRO J 404 -57.17 -25.21 -22.46
C PRO J 404 -57.51 -23.81 -22.92
N LEU J 405 -56.70 -23.22 -23.81
CA LEU J 405 -57.02 -21.89 -24.30
C LEU J 405 -58.27 -21.91 -25.17
N GLY J 406 -58.42 -22.94 -26.01
CA GLY J 406 -59.59 -23.02 -26.86
C GLY J 406 -60.88 -23.17 -26.07
N GLN J 407 -60.86 -23.97 -25.01
CA GLN J 407 -62.02 -24.09 -24.15
C GLN J 407 -62.35 -22.77 -23.47
N PHE J 408 -61.32 -22.06 -23.01
CA PHE J 408 -61.54 -20.78 -22.35
C PHE J 408 -62.14 -19.75 -23.29
N LEU J 409 -61.67 -19.72 -24.53
CA LEU J 409 -62.23 -18.80 -25.51
C LEU J 409 -63.66 -19.19 -25.88
N ARG J 410 -63.98 -20.48 -25.86
CA ARG J 410 -65.35 -20.92 -26.10
C ARG J 410 -66.29 -20.39 -25.02
N GLU J 411 -65.88 -20.44 -23.76
CA GLU J 411 -66.72 -19.96 -22.67
C GLU J 411 -66.94 -18.46 -22.76
N VAL J 412 -65.93 -17.71 -23.19
CA VAL J 412 -66.09 -16.27 -23.35
C VAL J 412 -67.09 -15.96 -24.46
N ILE J 413 -67.10 -16.77 -25.52
CA ILE J 413 -68.03 -16.55 -26.62
C ILE J 413 -69.47 -16.69 -26.16
N ARG J 414 -69.76 -17.74 -25.39
CA ARG J 414 -71.12 -17.94 -24.90
C ARG J 414 -71.54 -16.83 -23.93
N HIS J 415 -70.65 -16.45 -23.03
CA HIS J 415 -70.98 -15.40 -22.06
C HIS J 415 -71.00 -14.02 -22.68
N ASN J 416 -70.34 -13.83 -23.82
CA ASN J 416 -70.30 -12.54 -24.52
C ASN J 416 -70.63 -12.81 -25.99
N PRO J 417 -71.90 -13.04 -26.31
CA PRO J 417 -72.25 -13.46 -27.67
C PRO J 417 -72.21 -12.33 -28.69
N ASP J 418 -72.17 -11.08 -28.25
CA ASP J 418 -72.24 -9.94 -29.16
C ASP J 418 -70.92 -9.19 -29.32
N ASN J 419 -70.26 -8.84 -28.22
CA ASN J 419 -69.09 -7.99 -28.27
C ASN J 419 -67.78 -8.77 -28.17
N PHE J 420 -67.71 -9.95 -28.79
CA PHE J 420 -66.46 -10.71 -28.80
C PHE J 420 -66.39 -11.53 -30.08
N ARG J 421 -65.21 -11.55 -30.69
CA ARG J 421 -64.98 -12.27 -31.94
C ARG J 421 -63.54 -12.78 -31.98
N LEU J 422 -63.32 -13.77 -32.83
CA LEU J 422 -62.00 -14.36 -33.03
C LEU J 422 -61.59 -14.23 -34.48
N PHE J 423 -60.28 -14.11 -34.69
CA PHE J 423 -59.71 -13.90 -36.03
C PHE J 423 -58.53 -14.83 -36.22
N GLY J 424 -58.48 -15.51 -37.37
CA GLY J 424 -57.38 -16.38 -37.70
C GLY J 424 -57.23 -16.57 -39.20
N PRO J 425 -56.00 -16.80 -39.67
CA PRO J 425 -55.77 -16.99 -41.11
C PRO J 425 -55.88 -18.46 -41.52
N ASP J 426 -57.05 -19.05 -41.28
CA ASP J 426 -57.29 -20.48 -41.47
C ASP J 426 -56.25 -21.32 -40.74
N GLU J 427 -55.91 -20.88 -39.53
CA GLU J 427 -55.00 -21.62 -38.67
C GLU J 427 -55.65 -22.00 -37.35
N THR J 428 -56.91 -21.62 -37.12
CA THR J 428 -57.60 -22.00 -35.90
C THR J 428 -57.74 -23.51 -35.79
N ALA J 429 -58.10 -24.18 -36.90
CA ALA J 429 -58.07 -25.64 -36.93
C ALA J 429 -56.64 -26.15 -36.82
N SER J 430 -55.69 -25.47 -37.48
CA SER J 430 -54.29 -25.88 -37.39
C SER J 430 -53.76 -25.72 -35.97
N ASN J 431 -54.13 -24.64 -35.29
CA ASN J 431 -53.70 -24.33 -33.92
C ASN J 431 -54.33 -25.23 -32.89
N ARG J 432 -55.09 -26.26 -33.29
CA ARG J 432 -55.78 -27.17 -32.37
C ARG J 432 -56.73 -26.41 -31.44
N LEU J 433 -57.35 -25.35 -31.96
CA LEU J 433 -58.31 -24.54 -31.23
C LEU J 433 -59.74 -24.89 -31.60
N ASP J 434 -60.01 -26.17 -31.88
CA ASP J 434 -61.33 -26.61 -32.29
C ASP J 434 -62.34 -26.65 -31.15
N ALA J 435 -61.93 -26.29 -29.93
CA ALA J 435 -62.86 -26.27 -28.81
C ALA J 435 -63.93 -25.20 -29.00
N VAL J 436 -63.58 -24.07 -29.60
CA VAL J 436 -64.57 -23.03 -29.89
C VAL J 436 -65.54 -23.46 -30.97
N TYR J 437 -65.18 -24.46 -31.79
CA TYR J 437 -66.07 -24.93 -32.83
C TYR J 437 -67.27 -25.71 -32.29
N GLU J 438 -67.27 -26.04 -30.99
CA GLU J 438 -68.36 -26.81 -30.41
C GLU J 438 -69.66 -26.01 -30.38
N VAL J 439 -69.58 -24.72 -30.05
CA VAL J 439 -70.76 -23.90 -29.88
C VAL J 439 -71.01 -22.98 -31.07
N THR J 440 -69.95 -22.41 -31.65
CA THR J 440 -70.07 -21.50 -32.78
C THR J 440 -69.10 -21.92 -33.87
N SER J 441 -69.45 -21.59 -35.11
CA SER J 441 -68.66 -21.97 -36.26
C SER J 441 -68.20 -20.73 -37.01
N LYS J 442 -67.38 -20.94 -38.04
CA LYS J 442 -66.89 -19.86 -38.87
C LYS J 442 -68.01 -19.31 -39.74
N VAL J 443 -67.90 -18.03 -40.09
CA VAL J 443 -68.89 -17.36 -40.93
C VAL J 443 -68.36 -17.31 -42.36
N TRP J 444 -69.15 -17.80 -43.30
CA TRP J 444 -68.75 -17.84 -44.71
C TRP J 444 -69.69 -17.05 -45.61
N LEU J 445 -71.00 -17.27 -45.47
CA LEU J 445 -72.02 -16.62 -46.30
C LEU J 445 -71.75 -16.83 -47.78
N GLY J 446 -71.61 -18.10 -48.16
CA GLY J 446 -71.41 -18.47 -49.55
C GLY J 446 -72.08 -19.80 -49.84
N ASP J 447 -71.91 -20.28 -51.07
CA ASP J 447 -72.44 -21.57 -51.45
C ASP J 447 -71.74 -22.67 -50.66
N ARG J 448 -72.49 -23.69 -50.28
CA ARG J 448 -71.98 -24.76 -49.44
C ARG J 448 -72.38 -26.11 -50.02
N ILE J 449 -71.56 -27.11 -49.75
CA ILE J 449 -71.82 -28.47 -50.20
C ILE J 449 -71.82 -29.37 -48.97
N PRO J 450 -72.49 -30.53 -49.04
CA PRO J 450 -72.48 -31.45 -47.90
C PRO J 450 -71.09 -31.92 -47.50
N GLU J 451 -70.13 -31.92 -48.43
CA GLU J 451 -68.76 -32.25 -48.08
C GLU J 451 -68.17 -31.22 -47.13
N ASP J 452 -68.53 -29.95 -47.32
CA ASP J 452 -68.05 -28.91 -46.41
C ASP J 452 -68.67 -29.05 -45.03
N GLU J 453 -69.91 -29.52 -44.94
CA GLU J 453 -70.59 -29.65 -43.65
C GLU J 453 -69.88 -30.65 -42.74
N ASP J 454 -69.47 -31.78 -43.29
CA ASP J 454 -68.78 -32.78 -42.48
C ASP J 454 -67.36 -32.33 -42.13
N GLY J 455 -66.67 -31.70 -43.07
CA GLY J 455 -65.29 -31.30 -42.86
C GLY J 455 -65.14 -29.99 -42.11
N GLY J 456 -65.70 -28.91 -42.64
CA GLY J 456 -65.55 -27.60 -42.06
C GLY J 456 -66.75 -27.16 -41.26
N HIS J 457 -66.50 -26.23 -40.34
CA HIS J 457 -67.55 -25.64 -39.50
C HIS J 457 -67.91 -24.29 -40.11
N LEU J 458 -68.89 -24.31 -41.02
CA LEU J 458 -69.30 -23.12 -41.76
C LEU J 458 -70.79 -22.88 -41.54
N SER J 459 -71.15 -21.63 -41.26
CA SER J 459 -72.54 -21.24 -41.10
C SER J 459 -72.66 -19.75 -41.34
N ASP J 460 -73.89 -19.30 -41.61
CA ASP J 460 -74.14 -17.88 -41.80
C ASP J 460 -73.89 -17.10 -40.52
N ARG J 461 -74.28 -17.64 -39.38
CA ARG J 461 -74.07 -17.02 -38.09
C ARG J 461 -72.82 -17.60 -37.45
N GLY J 462 -71.92 -16.73 -37.03
CA GLY J 462 -70.68 -17.18 -36.41
C GLY J 462 -69.98 -16.03 -35.73
N ARG J 463 -69.01 -16.39 -34.89
CA ARG J 463 -68.21 -15.40 -34.19
C ARG J 463 -66.72 -15.49 -34.52
N VAL J 464 -66.34 -16.33 -35.47
CA VAL J 464 -64.93 -16.50 -35.86
C VAL J 464 -64.82 -16.22 -37.35
N MET J 465 -63.95 -15.28 -37.70
CA MET J 465 -63.68 -14.93 -39.10
C MET J 465 -62.34 -15.52 -39.50
N GLU J 466 -62.29 -16.16 -40.67
CA GLU J 466 -61.10 -16.86 -41.12
C GLU J 466 -60.81 -16.52 -42.58
N ILE J 467 -59.83 -15.64 -42.79
CA ILE J 467 -59.34 -15.31 -44.13
C ILE J 467 -57.82 -15.21 -44.03
N LEU J 468 -57.12 -15.72 -45.05
CA LEU J 468 -55.67 -15.83 -44.98
C LEU J 468 -54.98 -14.48 -45.01
N SER J 469 -55.55 -13.49 -45.70
CA SER J 469 -54.93 -12.18 -45.82
C SER J 469 -54.96 -11.50 -44.46
N GLU J 470 -53.80 -11.44 -43.81
CA GLU J 470 -53.72 -10.81 -42.50
C GLU J 470 -53.92 -9.30 -42.55
N HIS J 471 -53.77 -8.69 -43.72
CA HIS J 471 -53.99 -7.26 -43.85
C HIS J 471 -55.44 -6.91 -43.54
N THR J 472 -56.37 -7.48 -44.30
CA THR J 472 -57.78 -7.23 -44.05
C THR J 472 -58.23 -7.86 -42.74
N LEU J 473 -57.60 -8.96 -42.34
CA LEU J 473 -58.01 -9.64 -41.11
C LEU J 473 -57.68 -8.82 -39.88
N GLU J 474 -56.47 -8.26 -39.83
CA GLU J 474 -56.10 -7.43 -38.69
C GLU J 474 -56.79 -6.08 -38.73
N GLY J 475 -57.09 -5.58 -39.93
CA GLY J 475 -57.84 -4.33 -40.03
C GLY J 475 -59.24 -4.42 -39.46
N TRP J 476 -59.86 -5.60 -39.57
CA TRP J 476 -61.17 -5.80 -38.96
C TRP J 476 -61.09 -5.65 -37.45
N LEU J 477 -60.05 -6.21 -36.83
CA LEU J 477 -59.94 -6.19 -35.38
C LEU J 477 -59.69 -4.79 -34.83
N GLU J 478 -58.86 -4.01 -35.52
CA GLU J 478 -58.50 -2.68 -35.02
C GLU J 478 -59.72 -1.78 -34.92
N ALA J 479 -60.57 -1.80 -35.95
CA ALA J 479 -61.81 -1.04 -35.88
C ALA J 479 -62.76 -1.61 -34.85
N TYR J 480 -62.75 -2.93 -34.67
CA TYR J 480 -63.62 -3.56 -33.70
C TYR J 480 -63.31 -3.08 -32.28
N LEU J 481 -62.03 -2.90 -31.97
CA LEU J 481 -61.65 -2.42 -30.64
C LEU J 481 -61.94 -0.93 -30.49
N LEU J 482 -61.66 -0.13 -31.53
CA LEU J 482 -61.93 1.28 -31.46
C LEU J 482 -63.43 1.58 -31.43
N THR J 483 -64.26 0.64 -31.88
CA THR J 483 -65.70 0.78 -31.75
C THR J 483 -66.17 0.57 -30.33
N GLY J 484 -65.38 -0.12 -29.50
CA GLY J 484 -65.74 -0.40 -28.12
C GLY J 484 -65.93 -1.86 -27.81
N ARG J 485 -65.74 -2.76 -28.77
CA ARG J 485 -65.94 -4.18 -28.55
C ARG J 485 -64.62 -4.83 -28.16
N HIS J 486 -64.60 -6.15 -28.05
CA HIS J 486 -63.42 -6.91 -27.66
C HIS J 486 -63.15 -8.00 -28.68
N GLY J 487 -61.88 -8.34 -28.85
CA GLY J 487 -61.51 -9.35 -29.82
C GLY J 487 -60.24 -10.06 -29.44
N PHE J 488 -59.87 -11.05 -30.26
CA PHE J 488 -58.68 -11.85 -30.01
C PHE J 488 -58.15 -12.37 -31.34
N PHE J 489 -56.85 -12.18 -31.57
CA PHE J 489 -56.22 -12.53 -32.83
C PHE J 489 -55.26 -13.69 -32.63
N ALA J 490 -55.40 -14.74 -33.44
CA ALA J 490 -54.53 -15.90 -33.37
C ALA J 490 -53.95 -16.16 -34.75
N THR J 491 -52.62 -16.33 -34.80
CA THR J 491 -51.94 -16.56 -36.07
C THR J 491 -50.58 -17.18 -35.79
N TYR J 492 -49.90 -17.56 -36.88
CA TYR J 492 -48.54 -18.05 -36.77
C TYR J 492 -47.57 -16.90 -36.53
N GLU J 493 -46.42 -17.22 -35.95
CA GLU J 493 -45.37 -16.23 -35.78
C GLU J 493 -44.63 -15.96 -37.07
N ALA J 494 -44.59 -16.94 -37.98
CA ALA J 494 -43.81 -16.78 -39.21
C ALA J 494 -44.38 -15.70 -40.12
N PHE J 495 -45.68 -15.46 -40.05
CA PHE J 495 -46.33 -14.47 -40.90
C PHE J 495 -46.70 -13.21 -40.14
N ALA J 496 -46.02 -12.95 -39.02
CA ALA J 496 -46.30 -11.74 -38.26
C ALA J 496 -45.68 -10.50 -38.87
N HIS J 497 -44.73 -10.66 -39.81
CA HIS J 497 -44.20 -9.50 -40.52
C HIS J 497 -45.22 -8.89 -41.47
N VAL J 498 -46.29 -9.61 -41.79
CA VAL J 498 -47.32 -9.08 -42.68
C VAL J 498 -48.05 -7.91 -42.02
N ILE J 499 -48.34 -8.02 -40.72
CA ILE J 499 -49.09 -7.00 -40.01
C ILE J 499 -48.14 -6.02 -39.34
N ASP J 500 -46.88 -6.01 -39.78
CA ASP J 500 -45.89 -5.12 -39.19
C ASP J 500 -46.27 -3.66 -39.36
N SER J 501 -46.71 -3.28 -40.56
CA SER J 501 -47.10 -1.90 -40.80
C SER J 501 -48.37 -1.54 -40.04
N MET J 502 -49.31 -2.49 -39.95
CA MET J 502 -50.60 -2.18 -39.34
C MET J 502 -50.50 -2.00 -37.83
N VAL J 503 -49.63 -2.78 -37.19
CA VAL J 503 -49.48 -2.69 -35.74
C VAL J 503 -48.93 -1.33 -35.34
N ASN J 504 -47.93 -0.83 -36.09
CA ASN J 504 -47.37 0.49 -35.78
C ASN J 504 -48.42 1.59 -35.95
N GLN J 505 -49.33 1.42 -36.90
CA GLN J 505 -50.42 2.38 -37.05
C GLN J 505 -51.34 2.38 -35.84
N HIS J 506 -51.68 1.19 -35.33
CA HIS J 506 -52.58 1.11 -34.19
C HIS J 506 -51.91 1.60 -32.92
N ALA J 507 -50.63 1.27 -32.73
CA ALA J 507 -49.92 1.75 -31.56
C ALA J 507 -49.76 3.26 -31.59
N LYS J 508 -49.63 3.84 -32.79
CA LYS J 508 -49.64 5.30 -32.90
C LYS J 508 -50.95 5.88 -32.42
N TRP J 509 -52.07 5.24 -32.79
CA TRP J 509 -53.38 5.75 -32.38
C TRP J 509 -53.56 5.70 -30.87
N LEU J 510 -53.15 4.59 -30.24
CA LEU J 510 -53.34 4.44 -28.81
C LEU J 510 -52.44 5.39 -28.04
N ASP J 511 -51.22 5.61 -28.52
CA ASP J 511 -50.29 6.48 -27.80
C ASP J 511 -50.78 7.92 -27.79
N VAL J 512 -51.28 8.41 -28.92
CA VAL J 512 -51.81 9.77 -28.97
C VAL J 512 -53.09 9.88 -28.15
N SER J 513 -53.95 8.86 -28.24
CA SER J 513 -55.22 8.90 -27.50
C SER J 513 -54.99 8.84 -25.99
N LYS J 514 -53.94 8.16 -25.55
CA LYS J 514 -53.68 8.06 -24.11
C LYS J 514 -53.24 9.39 -23.53
N ARG J 515 -52.27 10.04 -24.16
CA ARG J 515 -51.63 11.22 -23.58
C ARG J 515 -52.18 12.54 -24.13
N GLU J 516 -52.12 12.73 -25.45
CA GLU J 516 -52.42 14.03 -26.02
C GLU J 516 -53.89 14.36 -25.93
N VAL J 517 -54.76 13.42 -26.30
CA VAL J 517 -56.19 13.66 -26.34
C VAL J 517 -56.79 13.29 -24.99
N ASP J 518 -57.64 14.17 -24.46
CA ASP J 518 -58.24 13.97 -23.15
C ASP J 518 -59.68 13.49 -23.23
N TRP J 519 -60.40 13.82 -24.30
CA TRP J 519 -61.78 13.38 -24.42
C TRP J 519 -61.92 11.98 -24.99
N ARG J 520 -60.83 11.38 -25.46
CA ARG J 520 -60.89 10.01 -25.95
C ARG J 520 -61.02 9.04 -24.79
N ALA J 521 -62.04 8.24 -24.83
CA ALA J 521 -62.17 7.27 -23.75
C ALA J 521 -61.38 6.01 -24.07
N PRO J 522 -60.86 5.32 -23.05
CA PRO J 522 -60.08 4.11 -23.31
C PRO J 522 -60.91 3.03 -23.98
N VAL J 523 -60.26 2.31 -24.89
CA VAL J 523 -60.91 1.25 -25.66
C VAL J 523 -60.33 -0.08 -25.21
N SER J 524 -60.80 -1.17 -25.79
CA SER J 524 -60.26 -2.48 -25.45
C SER J 524 -58.86 -2.66 -26.02
N SER J 525 -58.15 -3.65 -25.49
CA SER J 525 -56.77 -3.89 -25.87
C SER J 525 -56.68 -4.77 -27.11
N LEU J 526 -55.53 -4.73 -27.76
CA LEU J 526 -55.25 -5.52 -28.94
C LEU J 526 -54.48 -6.78 -28.53
N ASN J 527 -55.15 -7.92 -28.60
CA ASN J 527 -54.58 -9.19 -28.17
C ASN J 527 -54.25 -10.02 -29.40
N ILE J 528 -52.97 -10.28 -29.62
CA ILE J 528 -52.50 -11.09 -30.74
C ILE J 528 -51.82 -12.32 -30.18
N LEU J 529 -52.23 -13.48 -30.67
CA LEU J 529 -51.65 -14.76 -30.25
C LEU J 529 -50.78 -15.29 -31.39
N LEU J 530 -49.51 -15.52 -31.10
CA LEU J 530 -48.55 -16.03 -32.07
C LEU J 530 -48.24 -17.48 -31.73
N SER J 531 -48.41 -18.36 -32.71
CA SER J 531 -48.22 -19.79 -32.50
C SER J 531 -47.25 -20.33 -33.54
N SER J 532 -46.92 -21.62 -33.40
CA SER J 532 -46.02 -22.33 -34.29
C SER J 532 -44.69 -21.57 -34.45
N THR J 533 -44.00 -21.47 -33.31
CA THR J 533 -42.78 -20.69 -33.23
C THR J 533 -41.69 -21.28 -34.13
N VAL J 534 -40.59 -20.55 -34.21
CA VAL J 534 -39.52 -20.90 -35.14
C VAL J 534 -38.80 -22.18 -34.74
N TRP J 535 -38.95 -22.64 -33.51
CA TRP J 535 -38.15 -23.75 -33.03
C TRP J 535 -38.72 -25.10 -33.45
N ARG J 536 -40.04 -25.22 -33.55
CA ARG J 536 -40.62 -26.51 -33.87
C ARG J 536 -40.51 -26.87 -35.34
N GLN J 537 -40.50 -25.86 -36.22
CA GLN J 537 -40.38 -26.04 -37.67
C GLN J 537 -41.50 -26.95 -38.20
N ASP J 538 -42.71 -26.42 -38.10
CA ASP J 538 -43.89 -27.14 -38.55
C ASP J 538 -43.90 -27.27 -40.07
N HIS J 539 -44.86 -28.05 -40.57
CA HIS J 539 -45.00 -28.23 -42.01
C HIS J 539 -45.33 -26.93 -42.72
N ASN J 540 -46.22 -26.12 -42.13
CA ASN J 540 -46.60 -24.86 -42.73
C ASN J 540 -45.50 -23.82 -42.53
N GLY J 541 -45.55 -22.78 -43.35
CA GLY J 541 -44.60 -21.70 -43.28
C GLY J 541 -43.29 -22.02 -43.97
N PHE J 542 -42.57 -20.96 -44.31
CA PHE J 542 -41.26 -21.12 -44.93
C PHE J 542 -40.26 -21.66 -43.93
N SER J 543 -39.19 -22.26 -44.45
CA SER J 543 -38.22 -22.93 -43.59
C SER J 543 -37.49 -21.94 -42.69
N HIS J 544 -37.25 -20.73 -43.17
CA HIS J 544 -36.50 -19.74 -42.42
C HIS J 544 -37.47 -18.77 -41.72
N GLN J 545 -38.15 -19.29 -40.71
CA GLN J 545 -39.02 -18.46 -39.90
C GLN J 545 -38.21 -17.45 -39.11
N ASP J 546 -38.82 -16.27 -38.89
CA ASP J 546 -38.12 -15.16 -38.26
C ASP J 546 -38.90 -14.71 -37.03
N PRO J 547 -38.29 -14.70 -35.84
CA PRO J 547 -38.99 -14.20 -34.65
C PRO J 547 -38.83 -12.70 -34.50
N GLY J 548 -38.45 -12.01 -35.57
CA GLY J 548 -38.15 -10.59 -35.53
C GLY J 548 -39.35 -9.71 -35.22
N PHE J 549 -40.57 -10.25 -35.27
CA PHE J 549 -41.74 -9.44 -34.94
C PHE J 549 -41.71 -9.00 -33.48
N ILE J 550 -41.11 -9.80 -32.60
CA ILE J 550 -41.01 -9.41 -31.20
C ILE J 550 -40.13 -8.17 -31.06
N ASP J 551 -39.09 -8.06 -31.89
CA ASP J 551 -38.16 -6.95 -31.77
C ASP J 551 -38.79 -5.63 -32.19
N LEU J 552 -39.52 -5.62 -33.30
CA LEU J 552 -40.10 -4.36 -33.79
C LEU J 552 -41.19 -3.86 -32.85
N VAL J 553 -41.88 -4.76 -32.16
CA VAL J 553 -42.87 -4.34 -31.17
C VAL J 553 -42.17 -3.63 -30.01
N THR J 554 -41.02 -4.14 -29.59
CA THR J 554 -40.27 -3.50 -28.51
C THR J 554 -39.69 -2.15 -28.92
N ASN J 555 -39.56 -1.88 -30.22
CA ASN J 555 -39.13 -0.56 -30.65
C ASN J 555 -40.14 0.50 -30.25
N LYS J 556 -41.41 0.14 -30.22
CA LYS J 556 -42.43 1.04 -29.69
C LYS J 556 -42.34 1.07 -28.17
N SER J 557 -42.97 2.09 -27.59
CA SER J 557 -42.83 2.34 -26.16
C SER J 557 -43.44 1.21 -25.34
N ALA J 558 -42.84 0.97 -24.17
CA ALA J 558 -43.34 -0.05 -23.26
C ALA J 558 -44.68 0.32 -22.64
N ARG J 559 -45.12 1.57 -22.77
CA ARG J 559 -46.39 2.02 -22.24
C ARG J 559 -47.55 1.79 -23.20
N VAL J 560 -47.29 1.20 -24.36
CA VAL J 560 -48.36 0.87 -25.30
C VAL J 560 -48.34 -0.57 -25.75
N THR J 561 -47.25 -1.31 -25.58
CA THR J 561 -47.16 -2.70 -26.01
C THR J 561 -46.70 -3.57 -24.85
N ARG J 562 -47.27 -4.76 -24.75
CA ARG J 562 -46.88 -5.76 -23.77
C ARG J 562 -46.68 -7.09 -24.48
N ILE J 563 -45.59 -7.77 -24.16
CA ILE J 563 -45.24 -9.04 -24.80
C ILE J 563 -45.17 -10.11 -23.73
N TYR J 564 -45.90 -11.20 -23.94
CA TYR J 564 -45.98 -12.29 -22.97
C TYR J 564 -45.59 -13.59 -23.64
N LEU J 565 -44.76 -14.37 -22.95
CA LEU J 565 -44.31 -15.68 -23.43
C LEU J 565 -44.57 -16.70 -22.34
N PRO J 566 -45.80 -17.19 -22.22
CA PRO J 566 -46.12 -18.16 -21.18
C PRO J 566 -45.50 -19.51 -21.48
N PRO J 567 -44.95 -20.19 -20.46
CA PRO J 567 -44.33 -21.49 -20.73
C PRO J 567 -45.32 -22.61 -20.96
N ASP J 568 -46.40 -22.69 -20.17
CA ASP J 568 -47.30 -23.84 -20.28
C ASP J 568 -48.75 -23.41 -20.44
N ALA J 569 -49.66 -24.39 -20.37
CA ALA J 569 -51.07 -24.12 -20.62
C ALA J 569 -51.69 -23.25 -19.52
N ASN J 570 -51.38 -23.56 -18.26
CA ASN J 570 -51.95 -22.78 -17.15
C ASN J 570 -51.46 -21.34 -17.18
N CYS J 571 -50.18 -21.14 -17.48
CA CYS J 571 -49.67 -19.78 -17.59
C CYS J 571 -50.22 -19.09 -18.83
N LEU J 572 -50.55 -19.86 -19.87
CA LEU J 572 -51.20 -19.27 -21.04
C LEU J 572 -52.60 -18.77 -20.72
N LEU J 573 -53.36 -19.53 -19.92
CA LEU J 573 -54.70 -19.10 -19.56
C LEU J 573 -54.68 -17.85 -18.70
N SER J 574 -53.75 -17.77 -17.75
CA SER J 574 -53.67 -16.59 -16.90
C SER J 574 -53.31 -15.35 -17.71
N VAL J 575 -52.42 -15.50 -18.69
CA VAL J 575 -52.08 -14.38 -19.57
C VAL J 575 -53.28 -13.98 -20.41
N ALA J 576 -53.98 -14.97 -20.97
CA ALA J 576 -55.16 -14.67 -21.79
C ALA J 576 -56.27 -14.05 -20.96
N ASP J 577 -56.46 -14.54 -19.73
CA ASP J 577 -57.47 -13.96 -18.85
C ASP J 577 -57.11 -12.53 -18.47
N HIS J 578 -55.84 -12.28 -18.14
CA HIS J 578 -55.44 -10.95 -17.72
C HIS J 578 -55.50 -9.95 -18.87
N CYS J 579 -55.09 -10.38 -20.07
CA CYS J 579 -55.02 -9.45 -21.19
C CYS J 579 -56.39 -9.07 -21.71
N LEU J 580 -57.40 -9.91 -21.50
CA LEU J 580 -58.75 -9.55 -21.89
C LEU J 580 -59.35 -8.46 -21.01
N ARG J 581 -58.72 -8.14 -19.88
CA ARG J 581 -59.16 -7.05 -19.02
C ARG J 581 -58.48 -5.73 -19.32
N SER J 582 -57.28 -5.77 -19.90
CA SER J 582 -56.52 -4.54 -20.14
C SER J 582 -57.18 -3.71 -21.24
N THR J 583 -56.86 -2.41 -21.25
CA THR J 583 -57.57 -1.47 -22.10
C THR J 583 -56.68 -0.87 -23.18
N ASP J 584 -55.60 -0.18 -22.84
CA ASP J 584 -54.87 0.63 -23.80
C ASP J 584 -53.49 0.07 -24.10
N TYR J 585 -53.41 -1.23 -24.33
CA TYR J 585 -52.15 -1.89 -24.65
C TYR J 585 -52.32 -2.77 -25.87
N ILE J 586 -51.19 -3.08 -26.50
CA ILE J 586 -51.13 -4.10 -27.54
C ILE J 586 -50.47 -5.31 -26.92
N ASN J 587 -51.22 -6.40 -26.78
CA ASN J 587 -50.75 -7.60 -26.10
C ASN J 587 -50.34 -8.64 -27.14
N VAL J 588 -49.07 -9.02 -27.12
CA VAL J 588 -48.52 -10.03 -28.01
C VAL J 588 -48.20 -11.26 -27.16
N ILE J 589 -48.88 -12.36 -27.44
CA ILE J 589 -48.73 -13.59 -26.66
C ILE J 589 -48.11 -14.64 -27.58
N VAL J 590 -46.97 -15.18 -27.18
CA VAL J 590 -46.23 -16.13 -27.99
C VAL J 590 -46.25 -17.46 -27.26
N ALA J 591 -47.12 -18.37 -27.71
CA ALA J 591 -47.21 -19.71 -27.20
C ALA J 591 -47.02 -20.70 -28.34
N ASP J 592 -46.60 -21.91 -28.00
CA ASP J 592 -46.29 -22.91 -29.01
C ASP J 592 -47.41 -23.94 -29.12
N LYS J 593 -47.69 -24.35 -30.36
CA LYS J 593 -48.79 -25.26 -30.62
C LYS J 593 -48.50 -26.67 -30.12
N GLN J 594 -47.25 -27.11 -30.27
CA GLN J 594 -46.91 -28.51 -30.03
C GLN J 594 -47.07 -28.88 -28.55
N SER J 595 -47.37 -30.16 -28.31
CA SER J 595 -47.56 -30.65 -26.96
C SER J 595 -46.26 -30.58 -26.18
N HIS J 596 -46.33 -30.08 -24.94
CA HIS J 596 -45.15 -29.82 -24.14
C HIS J 596 -45.41 -30.29 -22.72
N LEU J 597 -44.41 -30.06 -21.86
CA LEU J 597 -44.58 -30.30 -20.44
C LEU J 597 -45.48 -29.23 -19.84
N GLN J 598 -45.87 -29.45 -18.60
CA GLN J 598 -46.60 -28.46 -17.81
C GLN J 598 -45.85 -28.22 -16.51
N TYR J 599 -45.63 -26.95 -16.18
CA TYR J 599 -44.79 -26.59 -15.05
C TYR J 599 -45.53 -25.89 -13.92
N LEU J 600 -46.69 -25.31 -14.17
CA LEU J 600 -47.37 -24.49 -13.18
C LEU J 600 -48.78 -24.98 -12.95
N ASP J 601 -49.22 -24.94 -11.70
CA ASP J 601 -50.60 -25.24 -11.36
C ASP J 601 -51.48 -24.04 -11.68
N ALA J 602 -52.80 -24.27 -11.60
CA ALA J 602 -53.75 -23.20 -11.89
C ALA J 602 -53.57 -22.03 -10.91
N GLU J 603 -53.38 -22.34 -9.63
CA GLU J 603 -53.15 -21.29 -8.65
C GLU J 603 -51.75 -20.69 -8.81
N ALA J 604 -50.75 -21.52 -9.09
CA ALA J 604 -49.39 -21.03 -9.20
C ALA J 604 -49.17 -20.22 -10.46
N ALA J 605 -49.92 -20.52 -11.53
CA ALA J 605 -49.84 -19.71 -12.74
C ALA J 605 -50.34 -18.30 -12.50
N ALA J 606 -51.41 -18.15 -11.70
CA ALA J 606 -51.93 -16.83 -11.40
C ALA J 606 -50.92 -15.99 -10.61
N ARG J 607 -50.24 -16.62 -9.65
CA ARG J 607 -49.20 -15.89 -8.92
C ARG J 607 -48.03 -15.55 -9.82
N HIS J 608 -47.70 -16.45 -10.76
CA HIS J 608 -46.59 -16.20 -11.66
C HIS J 608 -46.88 -15.03 -12.59
N CYS J 609 -48.08 -15.00 -13.18
CA CYS J 609 -48.43 -13.91 -14.07
C CYS J 609 -48.66 -12.60 -13.34
N ALA J 610 -48.98 -12.66 -12.05
CA ALA J 610 -49.10 -11.44 -11.26
C ALA J 610 -47.76 -10.73 -11.16
N LYS J 611 -46.71 -11.48 -10.82
CA LYS J 611 -45.38 -10.90 -10.79
C LYS J 611 -44.80 -10.72 -12.18
N GLY J 612 -45.16 -11.60 -13.12
CA GLY J 612 -44.60 -11.55 -14.46
C GLY J 612 -43.30 -12.32 -14.57
N ILE J 613 -42.42 -12.13 -13.59
CA ILE J 613 -41.15 -12.84 -13.53
C ILE J 613 -40.98 -13.36 -12.10
N GLY J 614 -40.63 -14.63 -11.97
CA GLY J 614 -40.48 -15.20 -10.64
C GLY J 614 -39.61 -16.43 -10.65
N ILE J 615 -39.03 -16.69 -9.47
CA ILE J 615 -38.20 -17.87 -9.27
C ILE J 615 -39.09 -19.10 -9.20
N TRP J 616 -38.70 -20.16 -9.91
CA TRP J 616 -39.37 -21.45 -9.78
C TRP J 616 -38.66 -22.24 -8.68
N ASP J 617 -39.38 -22.51 -7.59
CA ASP J 617 -38.74 -23.09 -6.41
C ASP J 617 -38.40 -24.55 -6.63
N TRP J 618 -39.27 -25.30 -7.31
CA TRP J 618 -39.00 -26.71 -7.55
C TRP J 618 -37.81 -26.90 -8.49
N ALA J 619 -37.68 -26.04 -9.50
CA ALA J 619 -36.55 -26.13 -10.41
C ALA J 619 -35.27 -25.62 -9.76
N SER J 620 -35.38 -24.68 -8.81
CA SER J 620 -34.20 -24.14 -8.18
C SER J 620 -33.51 -25.18 -7.32
N ASN J 621 -32.18 -25.19 -7.37
CA ASN J 621 -31.43 -26.22 -6.67
C ASN J 621 -31.41 -25.96 -5.17
N ASP J 622 -30.83 -24.83 -4.76
CA ASP J 622 -30.60 -24.58 -3.34
C ASP J 622 -31.24 -23.26 -2.94
N GLN J 623 -31.98 -23.29 -1.85
CA GLN J 623 -32.56 -22.11 -1.22
C GLN J 623 -31.87 -21.89 0.12
N GLY J 624 -31.85 -20.63 0.55
CA GLY J 624 -31.12 -20.28 1.74
C GLY J 624 -29.62 -20.12 1.55
N ALA J 625 -29.14 -20.25 0.31
CA ALA J 625 -27.73 -20.06 0.01
C ALA J 625 -27.61 -19.25 -1.27
N SER J 626 -26.46 -18.63 -1.45
CA SER J 626 -26.23 -17.83 -2.64
C SER J 626 -26.07 -18.75 -3.85
N PRO J 627 -26.87 -18.60 -4.90
CA PRO J 627 -26.72 -19.47 -6.06
C PRO J 627 -25.42 -19.22 -6.79
N ASP J 628 -24.87 -20.28 -7.38
CA ASP J 628 -23.66 -20.14 -8.18
C ASP J 628 -23.95 -19.56 -9.54
N VAL J 629 -25.12 -19.86 -10.11
CA VAL J 629 -25.49 -19.36 -11.43
C VAL J 629 -27.00 -19.22 -11.47
N VAL J 630 -27.47 -18.23 -12.22
CA VAL J 630 -28.90 -17.99 -12.41
C VAL J 630 -29.24 -18.38 -13.83
N ILE J 631 -30.09 -19.38 -13.99
CA ILE J 631 -30.51 -19.85 -15.30
C ILE J 631 -31.91 -19.30 -15.57
N ALA J 632 -32.04 -18.51 -16.63
CA ALA J 632 -33.29 -17.85 -16.96
C ALA J 632 -33.76 -18.28 -18.33
N SER J 633 -35.06 -18.47 -18.46
CA SER J 633 -35.67 -18.80 -19.74
C SER J 633 -36.89 -17.92 -19.94
N CYS J 634 -37.21 -17.65 -21.20
CA CYS J 634 -38.32 -16.76 -21.52
C CYS J 634 -39.45 -17.45 -22.27
N GLY J 635 -39.13 -18.16 -23.34
CA GLY J 635 -40.15 -18.84 -24.13
C GLY J 635 -40.67 -20.09 -23.46
N ASP J 636 -41.14 -21.02 -24.28
CA ASP J 636 -41.62 -22.30 -23.79
C ASP J 636 -40.78 -23.47 -24.29
N VAL J 637 -40.38 -23.46 -25.55
CA VAL J 637 -39.44 -24.47 -26.03
C VAL J 637 -38.09 -24.30 -25.35
N VAL J 638 -37.60 -23.05 -25.26
CA VAL J 638 -36.33 -22.80 -24.62
C VAL J 638 -36.41 -23.01 -23.11
N THR J 639 -37.62 -22.96 -22.54
CA THR J 639 -37.77 -23.28 -21.12
C THR J 639 -37.49 -24.76 -20.87
N LEU J 640 -37.95 -25.63 -21.76
CA LEU J 640 -37.69 -27.06 -21.61
C LEU J 640 -36.19 -27.33 -21.71
N GLU J 641 -35.51 -26.67 -22.64
CA GLU J 641 -34.06 -26.85 -22.75
C GLU J 641 -33.34 -26.29 -21.53
N ALA J 642 -33.82 -25.17 -21.00
CA ALA J 642 -33.24 -24.62 -19.78
C ALA J 642 -33.45 -25.55 -18.60
N LEU J 643 -34.63 -26.16 -18.51
CA LEU J 643 -34.88 -27.13 -17.45
C LEU J 643 -34.03 -28.38 -17.64
N ALA J 644 -33.92 -28.86 -18.87
CA ALA J 644 -33.11 -30.05 -19.13
C ALA J 644 -31.64 -29.79 -18.83
N ALA J 645 -31.17 -28.57 -19.12
CA ALA J 645 -29.80 -28.21 -18.77
C ALA J 645 -29.60 -28.21 -17.27
N THR J 646 -30.61 -27.78 -16.52
CA THR J 646 -30.53 -27.80 -15.06
C THR J 646 -30.43 -29.22 -14.53
N ALA J 647 -31.17 -30.15 -15.15
CA ALA J 647 -31.12 -31.53 -14.72
C ALA J 647 -29.74 -32.15 -14.93
N LEU J 648 -29.11 -31.84 -16.06
CA LEU J 648 -27.77 -32.36 -16.31
C LEU J 648 -26.76 -31.81 -15.32
N LEU J 649 -26.82 -30.50 -15.05
CA LEU J 649 -25.86 -29.89 -14.14
C LEU J 649 -26.04 -30.40 -12.72
N ARG J 650 -27.28 -30.55 -12.27
CA ARG J 650 -27.51 -31.07 -10.92
C ARG J 650 -27.12 -32.54 -10.82
N GLU J 651 -27.20 -33.27 -11.93
CA GLU J 651 -26.79 -34.67 -11.90
C GLU J 651 -25.27 -34.79 -11.81
N HIS J 652 -24.54 -34.00 -12.59
CA HIS J 652 -23.09 -34.11 -12.64
C HIS J 652 -22.38 -33.28 -11.59
N PHE J 653 -23.00 -32.22 -11.08
CA PHE J 653 -22.42 -31.37 -10.05
C PHE J 653 -23.40 -31.27 -8.89
N PRO J 654 -23.36 -32.23 -7.97
CA PRO J 654 -24.30 -32.18 -6.82
C PRO J 654 -24.11 -30.96 -5.95
N ASP J 655 -22.89 -30.45 -5.83
CA ASP J 655 -22.63 -29.27 -5.00
C ASP J 655 -23.06 -27.96 -5.66
N LEU J 656 -23.32 -27.96 -6.96
CA LEU J 656 -23.67 -26.74 -7.65
C LEU J 656 -25.04 -26.25 -7.23
N LYS J 657 -25.15 -24.95 -7.01
CA LYS J 657 -26.41 -24.32 -6.60
C LYS J 657 -26.92 -23.46 -7.74
N ILE J 658 -28.11 -23.79 -8.23
CA ILE J 658 -28.68 -23.18 -9.42
C ILE J 658 -30.03 -22.58 -9.06
N ARG J 659 -30.22 -21.30 -9.40
CA ARG J 659 -31.50 -20.63 -9.26
C ARG J 659 -32.14 -20.52 -10.64
N PHE J 660 -33.38 -20.98 -10.74
CA PHE J 660 -34.10 -20.96 -12.00
C PHE J 660 -35.14 -19.85 -11.97
N VAL J 661 -35.10 -18.97 -12.96
CA VAL J 661 -36.01 -17.83 -13.06
C VAL J 661 -36.69 -17.91 -14.41
N ASN J 662 -38.01 -17.81 -14.42
CA ASN J 662 -38.77 -17.78 -15.66
C ASN J 662 -39.46 -16.43 -15.80
N VAL J 663 -39.36 -15.84 -16.99
CA VAL J 663 -39.92 -14.53 -17.26
C VAL J 663 -41.06 -14.69 -18.25
N VAL J 664 -42.21 -14.09 -17.93
CA VAL J 664 -43.36 -14.09 -18.83
C VAL J 664 -43.56 -12.72 -19.46
N ASP J 665 -43.56 -11.67 -18.64
CA ASP J 665 -43.69 -10.30 -19.13
C ASP J 665 -42.29 -9.80 -19.45
N LEU J 666 -42.04 -9.56 -20.74
CA LEU J 666 -40.69 -9.16 -21.16
C LEU J 666 -40.30 -7.80 -20.60
N PHE J 667 -41.24 -6.85 -20.59
CA PHE J 667 -40.90 -5.48 -20.23
C PHE J 667 -40.65 -5.29 -18.75
N ARG J 668 -40.84 -6.33 -17.93
CA ARG J 668 -40.41 -6.25 -16.55
C ARG J 668 -38.91 -6.07 -16.41
N LEU J 669 -38.14 -6.46 -17.43
CA LEU J 669 -36.70 -6.32 -17.36
C LEU J 669 -36.26 -4.87 -17.43
N GLN J 670 -37.07 -4.00 -18.03
CA GLN J 670 -36.72 -2.60 -18.13
C GLN J 670 -36.69 -1.97 -16.73
N PRO J 671 -35.79 -1.03 -16.48
CA PRO J 671 -35.69 -0.44 -15.15
C PRO J 671 -36.92 0.39 -14.81
N ASP J 672 -37.08 0.65 -13.51
CA ASP J 672 -38.24 1.40 -13.04
C ASP J 672 -38.25 2.83 -13.57
N THR J 673 -37.07 3.38 -13.87
CA THR J 673 -37.00 4.73 -14.44
C THR J 673 -37.63 4.78 -15.83
N GLU J 674 -37.37 3.76 -16.65
CA GLU J 674 -37.94 3.74 -17.99
C GLU J 674 -39.46 3.63 -17.95
N HIS J 675 -39.99 2.81 -17.05
CA HIS J 675 -41.44 2.67 -16.95
C HIS J 675 -41.78 2.19 -15.55
N PRO J 676 -42.88 2.65 -14.96
CA PRO J 676 -43.26 2.14 -13.63
C PRO J 676 -43.59 0.66 -13.61
N HIS J 677 -43.97 0.08 -14.74
CA HIS J 677 -44.29 -1.34 -14.78
C HIS J 677 -43.04 -2.20 -14.60
N GLY J 678 -41.89 -1.72 -15.03
CA GLY J 678 -40.67 -2.49 -14.90
C GLY J 678 -40.24 -2.68 -13.46
N LEU J 679 -39.43 -3.72 -13.24
CA LEU J 679 -38.96 -4.03 -11.90
C LEU J 679 -37.99 -2.96 -11.41
N SER J 680 -38.03 -2.72 -10.10
CA SER J 680 -37.09 -1.80 -9.50
C SER J 680 -35.70 -2.44 -9.46
N ASP J 681 -34.69 -1.62 -9.13
CA ASP J 681 -33.34 -2.13 -9.06
C ASP J 681 -33.18 -3.15 -7.94
N ARG J 682 -33.82 -2.90 -6.79
CA ARG J 682 -33.76 -3.87 -5.70
C ARG J 682 -34.51 -5.15 -6.05
N ASP J 683 -35.66 -5.03 -6.71
CA ASP J 683 -36.39 -6.23 -7.12
C ASP J 683 -35.61 -7.03 -8.14
N PHE J 684 -34.98 -6.36 -9.10
CA PHE J 684 -34.19 -7.05 -10.11
C PHE J 684 -32.98 -7.72 -9.47
N ASP J 685 -32.35 -7.06 -8.51
CA ASP J 685 -31.19 -7.66 -7.86
C ASP J 685 -31.57 -8.84 -6.98
N SER J 686 -32.82 -8.88 -6.49
CA SER J 686 -33.27 -10.05 -5.74
C SER J 686 -33.45 -11.24 -6.67
N LEU J 687 -34.12 -11.03 -7.81
CA LEU J 687 -34.31 -12.10 -8.77
C LEU J 687 -32.96 -12.56 -9.34
N PHE J 688 -32.27 -11.67 -10.05
CA PHE J 688 -30.97 -11.96 -10.60
C PHE J 688 -29.92 -11.35 -9.69
N THR J 689 -28.99 -12.17 -9.21
CA THR J 689 -27.99 -11.72 -8.25
C THR J 689 -27.10 -10.64 -8.86
N VAL J 690 -26.55 -9.79 -7.99
CA VAL J 690 -25.77 -8.65 -8.45
C VAL J 690 -24.44 -9.09 -9.07
N ASP J 691 -23.95 -10.27 -8.71
CA ASP J 691 -22.61 -10.68 -9.13
C ASP J 691 -22.54 -12.00 -9.86
N LYS J 692 -23.44 -12.95 -9.58
CA LYS J 692 -23.34 -14.25 -10.20
C LYS J 692 -23.78 -14.18 -11.66
N PRO J 693 -23.19 -15.00 -12.53
CA PRO J 693 -23.55 -14.95 -13.96
C PRO J 693 -24.98 -15.40 -14.20
N ILE J 694 -25.58 -14.83 -15.24
CA ILE J 694 -26.95 -15.11 -15.63
C ILE J 694 -26.93 -15.75 -17.01
N ILE J 695 -27.46 -16.95 -17.12
CA ILE J 695 -27.52 -17.67 -18.39
C ILE J 695 -28.96 -17.54 -18.87
N PHE J 696 -29.21 -16.53 -19.68
CA PHE J 696 -30.55 -16.27 -20.20
C PHE J 696 -30.76 -17.06 -21.48
N ASN J 697 -31.91 -17.71 -21.58
CA ASN J 697 -32.26 -18.53 -22.74
C ASN J 697 -33.55 -17.97 -23.31
N PHE J 698 -33.43 -17.14 -24.34
CA PHE J 698 -34.52 -16.31 -24.83
C PHE J 698 -35.05 -16.83 -26.14
N HIS J 699 -36.37 -16.95 -26.24
CA HIS J 699 -37.01 -17.21 -27.52
C HIS J 699 -36.96 -15.95 -28.37
N GLY J 700 -36.34 -16.04 -29.53
CA GLY J 700 -36.17 -14.88 -30.38
C GLY J 700 -34.73 -14.42 -30.41
N TYR J 701 -34.55 -13.22 -30.94
CA TYR J 701 -33.21 -12.69 -31.15
C TYR J 701 -32.54 -12.39 -29.82
N PRO J 702 -31.30 -12.83 -29.61
CA PRO J 702 -30.71 -12.74 -28.27
C PRO J 702 -30.41 -11.34 -27.82
N TRP J 703 -30.37 -10.38 -28.74
CA TRP J 703 -30.02 -9.02 -28.38
CA TRP J 703 -30.01 -9.02 -28.35
C TRP J 703 -31.18 -8.23 -27.78
N LEU J 704 -32.41 -8.72 -27.92
CA LEU J 704 -33.55 -8.00 -27.36
C LEU J 704 -33.45 -7.91 -25.85
N ILE J 705 -32.90 -8.95 -25.20
CA ILE J 705 -32.75 -8.93 -23.75
C ILE J 705 -31.73 -7.88 -23.34
N HIS J 706 -30.67 -7.70 -24.13
CA HIS J 706 -29.68 -6.70 -23.81
C HIS J 706 -30.23 -5.29 -23.96
N LYS J 707 -31.17 -5.08 -24.88
CA LYS J 707 -31.79 -3.76 -25.01
C LYS J 707 -32.59 -3.41 -23.78
N LEU J 708 -33.37 -4.36 -23.26
CA LEU J 708 -34.23 -4.09 -22.11
C LEU J 708 -33.40 -3.91 -20.84
N ALA J 709 -32.45 -4.81 -20.61
CA ALA J 709 -31.67 -4.82 -19.38
C ALA J 709 -30.34 -4.09 -19.53
N TYR J 710 -30.28 -3.08 -20.39
CA TYR J 710 -29.02 -2.39 -20.61
C TYR J 710 -28.63 -1.52 -19.41
N ARG J 711 -29.60 -0.86 -18.80
CA ARG J 711 -29.31 0.05 -17.70
C ARG J 711 -29.11 -0.65 -16.38
N ARG J 712 -29.33 -1.96 -16.31
CA ARG J 712 -29.18 -2.69 -15.06
C ARG J 712 -27.72 -2.72 -14.63
N HIS J 713 -27.52 -2.83 -13.31
CA HIS J 713 -26.17 -2.93 -12.77
C HIS J 713 -25.49 -4.22 -13.22
N ASN J 714 -26.22 -5.32 -13.24
CA ASN J 714 -25.65 -6.63 -13.57
C ASN J 714 -25.79 -6.96 -15.05
N HIS J 715 -25.84 -5.96 -15.92
CA HIS J 715 -25.97 -6.23 -17.35
C HIS J 715 -24.73 -6.91 -17.92
N ASN J 716 -23.55 -6.53 -17.41
CA ASN J 716 -22.32 -7.09 -17.96
C ASN J 716 -22.19 -8.58 -17.68
N ASN J 717 -22.84 -9.07 -16.62
CA ASN J 717 -22.80 -10.49 -16.29
C ASN J 717 -23.96 -11.27 -16.91
N LEU J 718 -24.77 -10.63 -17.74
CA LEU J 718 -25.89 -11.27 -18.38
C LEU J 718 -25.45 -11.89 -19.71
N HIS J 719 -25.76 -13.17 -19.89
CA HIS J 719 -25.43 -13.89 -21.12
CA HIS J 719 -25.43 -13.89 -21.12
C HIS J 719 -26.71 -14.46 -21.70
N VAL J 720 -26.97 -14.14 -22.97
CA VAL J 720 -28.21 -14.51 -23.61
C VAL J 720 -27.92 -15.42 -24.79
N ARG J 721 -28.59 -16.57 -24.84
CA ARG J 721 -28.60 -17.45 -25.99
C ARG J 721 -29.97 -17.39 -26.63
N GLY J 722 -30.02 -17.30 -27.94
CA GLY J 722 -31.29 -17.16 -28.61
C GLY J 722 -31.19 -17.53 -30.07
N TYR J 723 -32.23 -17.17 -30.80
CA TYR J 723 -32.31 -17.49 -32.23
C TYR J 723 -31.23 -16.74 -33.00
N LYS J 724 -30.43 -17.47 -33.77
CA LYS J 724 -29.45 -16.87 -34.66
C LYS J 724 -29.74 -17.17 -36.12
N GLU J 725 -29.83 -18.44 -36.50
CA GLU J 725 -30.13 -18.81 -37.87
C GLU J 725 -30.69 -20.22 -37.87
N VAL J 726 -31.34 -20.59 -38.97
CA VAL J 726 -32.01 -21.88 -39.10
C VAL J 726 -31.57 -22.52 -40.41
N GLY J 727 -31.29 -23.82 -40.36
CA GLY J 727 -30.96 -24.57 -41.55
C GLY J 727 -32.18 -24.82 -42.41
N ASN J 728 -31.94 -25.47 -43.55
CA ASN J 728 -33.02 -25.73 -44.49
C ASN J 728 -34.06 -26.68 -43.91
N ILE J 729 -33.61 -27.78 -43.32
CA ILE J 729 -34.48 -28.74 -42.64
C ILE J 729 -33.72 -29.32 -41.46
N ASN J 730 -34.33 -29.25 -40.27
CA ASN J 730 -33.68 -29.72 -39.05
C ASN J 730 -34.73 -30.34 -38.14
N THR J 731 -34.26 -31.24 -37.29
CA THR J 731 -35.09 -31.74 -36.22
C THR J 731 -35.19 -30.68 -35.12
N PRO J 732 -36.22 -30.76 -34.26
CA PRO J 732 -36.31 -29.78 -33.17
C PRO J 732 -35.10 -29.75 -32.26
N LEU J 733 -34.46 -30.90 -32.01
CA LEU J 733 -33.27 -30.90 -31.18
C LEU J 733 -32.07 -30.33 -31.93
N GLU J 734 -31.92 -30.67 -33.20
CA GLU J 734 -30.76 -30.20 -33.97
C GLU J 734 -30.82 -28.71 -34.20
N LEU J 735 -32.03 -28.14 -34.35
CA LEU J 735 -32.15 -26.70 -34.51
C LEU J 735 -31.66 -25.96 -33.27
N ALA J 736 -31.97 -26.48 -32.09
CA ALA J 736 -31.47 -25.88 -30.87
C ALA J 736 -29.96 -25.99 -30.75
N ILE J 737 -29.37 -27.04 -31.33
CA ILE J 737 -27.92 -27.19 -31.29
C ILE J 737 -27.24 -26.11 -32.12
N ARG J 738 -27.76 -25.84 -33.32
CA ARG J 738 -27.16 -24.83 -34.18
C ARG J 738 -27.27 -23.43 -33.59
N ASN J 739 -28.36 -23.15 -32.87
CA ASN J 739 -28.54 -21.87 -32.21
C ASN J 739 -27.96 -21.85 -30.80
N GLN J 740 -27.39 -22.96 -30.35
CA GLN J 740 -26.73 -23.07 -29.04
C GLN J 740 -27.68 -22.76 -27.89
N VAL J 741 -28.96 -23.06 -28.05
CA VAL J 741 -29.93 -23.00 -26.97
C VAL J 741 -30.31 -24.38 -26.47
N ASP J 742 -29.60 -25.41 -26.92
CA ASP J 742 -29.88 -26.77 -26.50
C ASP J 742 -29.51 -26.97 -25.04
N ARG J 743 -30.00 -28.07 -24.47
CA ARG J 743 -29.69 -28.40 -23.08
C ARG J 743 -28.21 -28.60 -22.86
N PHE J 744 -27.52 -29.17 -23.84
CA PHE J 744 -26.09 -29.40 -23.69
C PHE J 744 -25.30 -28.11 -23.87
N ASN J 745 -25.70 -27.27 -24.82
CA ASN J 745 -25.00 -26.00 -25.03
C ASN J 745 -25.16 -25.08 -23.82
N LEU J 746 -26.35 -25.04 -23.23
CA LEU J 746 -26.55 -24.27 -22.01
C LEU J 746 -25.70 -24.82 -20.87
N ALA J 747 -25.65 -26.14 -20.74
CA ALA J 747 -24.83 -26.74 -19.69
C ALA J 747 -23.36 -26.46 -19.91
N ILE J 748 -22.92 -26.43 -21.17
CA ILE J 748 -21.55 -26.05 -21.47
C ILE J 748 -21.29 -24.61 -21.07
N ASP J 749 -22.25 -23.71 -21.36
CA ASP J 749 -22.07 -22.30 -21.06
C ASP J 749 -22.00 -22.05 -19.56
N VAL J 750 -22.80 -22.77 -18.77
CA VAL J 750 -22.76 -22.61 -17.33
C VAL J 750 -21.39 -22.98 -16.77
N ILE J 751 -20.79 -24.03 -17.32
CA ILE J 751 -19.47 -24.47 -16.89
C ILE J 751 -18.44 -23.38 -17.15
N ASP J 752 -18.57 -22.67 -18.27
CA ASP J 752 -17.62 -21.62 -18.60
C ASP J 752 -17.73 -20.43 -17.66
N ARG J 753 -18.96 -19.98 -17.36
CA ARG J 753 -19.13 -18.75 -16.61
C ARG J 753 -18.84 -18.94 -15.13
N VAL J 754 -19.21 -20.09 -14.57
CA VAL J 754 -19.00 -20.33 -13.14
C VAL J 754 -17.51 -20.45 -12.87
N PRO J 755 -16.95 -19.63 -11.97
CA PRO J 755 -15.49 -19.64 -11.79
C PRO J 755 -14.92 -20.94 -11.28
N HIS J 756 -15.63 -21.66 -10.42
CA HIS J 756 -15.09 -22.87 -9.83
C HIS J 756 -15.45 -24.13 -10.60
N LEU J 757 -16.07 -24.00 -11.78
CA LEU J 757 -16.34 -25.13 -12.63
C LEU J 757 -15.48 -25.16 -13.89
N ARG J 758 -14.69 -24.12 -14.15
CA ARG J 758 -13.87 -24.10 -15.35
C ARG J 758 -12.77 -25.16 -15.32
N ASP J 759 -12.35 -25.57 -14.13
CA ASP J 759 -11.37 -26.63 -13.95
C ASP J 759 -11.99 -27.97 -13.58
N ARG J 760 -12.97 -27.96 -12.67
CA ARG J 760 -13.61 -29.21 -12.26
C ARG J 760 -14.49 -29.78 -13.37
N GLY J 761 -15.11 -28.92 -14.16
CA GLY J 761 -16.06 -29.34 -15.16
C GLY J 761 -15.49 -29.68 -16.52
N ALA J 762 -14.16 -29.78 -16.63
CA ALA J 762 -13.56 -30.08 -17.92
C ALA J 762 -13.97 -31.46 -18.42
N HIS J 763 -14.02 -32.45 -17.53
CA HIS J 763 -14.48 -33.78 -17.93
C HIS J 763 -15.93 -33.76 -18.36
N VAL J 764 -16.78 -33.06 -17.61
CA VAL J 764 -18.20 -33.01 -17.94
C VAL J 764 -18.41 -32.24 -19.25
N LYS J 765 -17.65 -31.18 -19.46
CA LYS J 765 -17.75 -30.42 -20.69
C LYS J 765 -17.35 -31.27 -21.89
N GLU J 766 -16.37 -32.16 -21.72
CA GLU J 766 -16.03 -33.09 -22.78
C GLU J 766 -17.16 -34.09 -23.02
N TRP J 767 -17.80 -34.55 -21.95
CA TRP J 767 -18.91 -35.50 -22.10
C TRP J 767 -20.09 -34.87 -22.83
N LEU J 768 -20.37 -33.60 -22.53
CA LEU J 768 -21.49 -32.92 -23.19
C LEU J 768 -21.25 -32.76 -24.67
N LYS J 769 -20.02 -32.44 -25.07
CA LYS J 769 -19.72 -32.33 -26.50
C LYS J 769 -19.88 -33.67 -27.20
N ASP J 770 -19.61 -34.77 -26.50
CA ASP J 770 -19.89 -36.09 -27.07
C ASP J 770 -21.38 -36.28 -27.30
N GLN J 771 -22.20 -35.82 -26.35
CA GLN J 771 -23.64 -35.94 -26.49
C GLN J 771 -24.17 -35.11 -27.65
N ILE J 772 -23.58 -33.93 -27.87
CA ILE J 772 -23.99 -33.11 -29.00
C ILE J 772 -23.68 -33.81 -30.31
N HIS J 773 -22.46 -34.35 -30.43
CA HIS J 773 -22.08 -35.06 -31.63
C HIS J 773 -22.91 -36.32 -31.83
N ASP J 774 -23.18 -37.04 -30.73
CA ASP J 774 -23.93 -38.29 -30.84
C ASP J 774 -25.35 -38.05 -31.32
N HIS J 775 -26.02 -37.01 -30.80
CA HIS J 775 -27.40 -36.76 -31.18
C HIS J 775 -27.50 -36.27 -32.62
N ILE J 776 -26.51 -35.50 -33.07
CA ILE J 776 -26.50 -35.05 -34.46
C ILE J 776 -26.33 -36.24 -35.40
N GLN J 777 -25.43 -37.16 -35.07
CA GLN J 777 -25.23 -38.33 -35.92
C GLN J 777 -26.48 -39.20 -36.00
N TYR J 778 -27.16 -39.38 -34.86
CA TYR J 778 -28.41 -40.13 -34.87
C TYR J 778 -29.47 -39.40 -35.69
N ALA J 779 -29.48 -38.07 -35.63
CA ALA J 779 -30.43 -37.30 -36.40
C ALA J 779 -30.20 -37.45 -37.90
N TYR J 780 -28.93 -37.49 -38.31
CA TYR J 780 -28.63 -37.63 -39.73
C TYR J 780 -29.00 -39.01 -40.25
N GLN J 781 -28.76 -40.06 -39.45
CA GLN J 781 -29.06 -41.40 -39.91
C GLN J 781 -30.55 -41.69 -39.90
N GLU J 782 -31.26 -41.25 -38.87
CA GLU J 782 -32.66 -41.60 -38.69
C GLU J 782 -33.64 -40.52 -39.11
N GLY J 783 -33.28 -39.25 -38.96
CA GLY J 783 -34.18 -38.17 -39.25
C GLY J 783 -35.06 -37.73 -38.10
N ILE J 784 -35.00 -38.43 -36.98
CA ILE J 784 -35.80 -38.11 -35.80
C ILE J 784 -34.89 -38.15 -34.59
N ASP J 785 -35.25 -37.39 -33.56
CA ASP J 785 -34.50 -37.38 -32.33
C ASP J 785 -34.65 -38.71 -31.59
N ARG J 786 -33.75 -38.93 -30.65
CA ARG J 786 -33.82 -40.13 -29.83
C ARG J 786 -35.07 -40.11 -28.97
N PRO J 787 -35.65 -41.28 -28.66
CA PRO J 787 -36.90 -41.30 -27.88
C PRO J 787 -36.80 -40.66 -26.52
N GLU J 788 -35.64 -40.77 -25.85
CA GLU J 788 -35.50 -40.16 -24.54
C GLU J 788 -35.42 -38.63 -24.60
N ILE J 789 -35.04 -38.08 -25.75
CA ILE J 789 -35.07 -36.63 -25.91
C ILE J 789 -36.51 -36.13 -25.99
N ASN J 790 -37.33 -36.81 -26.78
CA ASN J 790 -38.72 -36.38 -26.95
C ASN J 790 -39.53 -36.62 -25.69
N GLN J 791 -39.26 -37.72 -24.99
CA GLN J 791 -40.01 -38.09 -23.79
C GLN J 791 -39.29 -37.68 -22.51
N TRP J 792 -38.47 -36.63 -22.56
CA TRP J 792 -37.79 -36.16 -21.37
C TRP J 792 -38.77 -35.53 -20.40
N GLN J 793 -38.51 -35.72 -19.11
CA GLN J 793 -39.31 -35.09 -18.07
C GLN J 793 -38.43 -34.85 -16.85
N TRP J 794 -38.91 -34.00 -15.96
CA TRP J 794 -38.12 -33.55 -14.83
C TRP J 794 -37.97 -34.68 -13.82
N PRO J 795 -36.74 -35.13 -13.56
CA PRO J 795 -36.56 -36.27 -12.66
C PRO J 795 -36.91 -35.98 -11.21
N PHE J 796 -36.47 -34.84 -10.69
CA PHE J 796 -36.69 -34.51 -9.28
C PHE J 796 -38.13 -34.09 -9.03
N ASP K 9 -101.01 26.39 -10.82
CA ASP K 9 -101.20 25.12 -10.12
C ASP K 9 -99.88 24.41 -9.90
N ILE K 10 -98.79 25.17 -9.97
CA ILE K 10 -97.46 24.59 -9.76
C ILE K 10 -97.27 24.22 -8.29
N ALA K 11 -97.76 25.06 -7.37
CA ALA K 11 -97.61 24.80 -5.94
C ALA K 11 -98.33 23.53 -5.53
N THR K 12 -99.55 23.35 -6.00
CA THR K 12 -100.30 22.12 -5.72
C THR K 12 -99.83 21.00 -6.64
N LEU K 13 -100.07 19.77 -6.20
CA LEU K 13 -99.69 18.59 -6.95
C LEU K 13 -100.90 17.68 -7.17
N SER K 14 -100.93 17.04 -8.33
CA SER K 14 -101.97 16.06 -8.60
C SER K 14 -101.76 14.81 -7.74
N PRO K 15 -102.83 14.15 -7.32
CA PRO K 15 -102.66 12.90 -6.56
C PRO K 15 -101.96 11.80 -7.34
N ASN K 16 -102.17 11.73 -8.66
CA ASN K 16 -101.56 10.66 -9.44
C ASN K 16 -100.05 10.84 -9.56
N GLU K 17 -99.62 12.07 -9.77
CA GLU K 17 -98.20 12.39 -9.88
C GLU K 17 -97.49 12.17 -8.55
N GLN K 18 -98.20 12.39 -7.44
CA GLN K 18 -97.61 12.21 -6.12
C GLN K 18 -97.20 10.76 -5.90
N ALA K 19 -98.01 9.82 -6.41
CA ALA K 19 -97.63 8.41 -6.32
C ALA K 19 -96.36 8.13 -7.11
N ALA K 20 -96.25 8.71 -8.32
CA ALA K 20 -95.04 8.54 -9.11
C ALA K 20 -93.83 9.17 -8.42
N ILE K 21 -94.02 10.34 -7.81
CA ILE K 21 -92.96 10.96 -7.03
C ILE K 21 -92.60 10.07 -5.84
N ASP K 22 -93.60 9.55 -5.14
CA ASP K 22 -93.34 8.62 -4.05
C ASP K 22 -92.69 7.34 -4.56
N ALA K 23 -93.11 6.87 -5.75
CA ALA K 23 -92.48 5.69 -6.34
C ALA K 23 -91.00 5.92 -6.62
N TRP K 24 -90.68 7.09 -7.17
CA TRP K 24 -89.27 7.45 -7.34
C TRP K 24 -88.58 7.57 -6.00
N TRP K 25 -89.24 8.17 -5.01
CA TRP K 25 -88.64 8.37 -3.70
C TRP K 25 -88.41 7.04 -3.00
N ARG K 26 -89.35 6.10 -3.12
CA ARG K 26 -89.16 4.77 -2.56
C ARG K 26 -88.02 4.05 -3.25
N ALA K 27 -87.94 4.14 -4.58
CA ALA K 27 -86.91 3.43 -5.32
C ALA K 27 -85.52 3.94 -4.98
N ALA K 28 -85.39 5.25 -4.78
CA ALA K 28 -84.10 5.81 -4.38
C ALA K 28 -83.68 5.30 -3.02
N ASN K 29 -84.61 5.25 -2.07
CA ASN K 29 -84.28 4.71 -0.75
C ASN K 29 -84.01 3.21 -0.82
N TYR K 30 -84.74 2.50 -1.68
CA TYR K 30 -84.48 1.07 -1.83
C TYR K 30 -83.08 0.82 -2.40
N LEU K 31 -82.68 1.59 -3.40
CA LEU K 31 -81.33 1.45 -3.94
C LEU K 31 -80.29 1.91 -2.93
N SER K 32 -80.63 2.90 -2.09
CA SER K 32 -79.67 3.39 -1.10
C SER K 32 -79.30 2.30 -0.09
N VAL K 33 -80.30 1.57 0.40
CA VAL K 33 -80.04 0.49 1.35
C VAL K 33 -79.30 -0.66 0.66
N GLY K 34 -79.63 -0.92 -0.60
CA GLY K 34 -78.96 -1.98 -1.33
C GLY K 34 -77.47 -1.75 -1.48
N GLN K 35 -77.08 -0.49 -1.72
CA GLN K 35 -75.66 -0.16 -1.78
C GLN K 35 -74.98 -0.38 -0.44
N ILE K 36 -75.64 0.00 0.64
CA ILE K 36 -75.03 -0.10 1.97
C ILE K 36 -74.87 -1.56 2.37
N TYR K 37 -75.87 -2.39 2.10
CA TYR K 37 -75.92 -3.75 2.63
C TYR K 37 -75.72 -4.81 1.56
N LEU K 38 -76.53 -4.80 0.50
CA LEU K 38 -76.57 -5.93 -0.40
C LEU K 38 -75.31 -6.02 -1.26
N ARG K 39 -74.79 -7.23 -1.40
CA ARG K 39 -73.71 -7.54 -2.32
C ARG K 39 -74.18 -8.36 -3.51
N ASP K 40 -75.14 -9.25 -3.30
CA ASP K 40 -75.75 -10.02 -4.37
C ASP K 40 -77.26 -10.04 -4.14
N ASN K 41 -77.98 -10.60 -5.11
CA ASN K 41 -79.44 -10.69 -5.10
C ASN K 41 -80.05 -9.30 -4.94
N PRO K 42 -79.96 -8.45 -5.97
CA PRO K 42 -80.40 -7.06 -5.80
C PRO K 42 -81.90 -6.91 -5.70
N LEU K 43 -82.66 -7.70 -6.42
CA LEU K 43 -84.12 -7.56 -6.47
C LEU K 43 -84.84 -8.46 -5.47
N LEU K 44 -84.10 -9.20 -4.64
CA LEU K 44 -84.69 -10.09 -3.63
C LEU K 44 -85.63 -11.12 -4.24
N GLN K 45 -85.22 -11.68 -5.39
CA GLN K 45 -85.99 -12.76 -5.99
C GLN K 45 -86.03 -13.98 -5.09
N GLU K 46 -84.92 -14.31 -4.47
CA GLU K 46 -84.80 -15.38 -3.50
C GLU K 46 -84.74 -14.80 -2.09
N PRO K 47 -85.06 -15.59 -1.07
CA PRO K 47 -84.94 -15.07 0.31
C PRO K 47 -83.50 -14.70 0.65
N LEU K 48 -83.38 -13.65 1.47
CA LEU K 48 -82.08 -13.08 1.77
C LEU K 48 -81.25 -14.04 2.62
N ARG K 49 -79.97 -14.14 2.30
CA ARG K 49 -79.02 -14.98 2.99
C ARG K 49 -77.78 -14.16 3.33
N PRO K 50 -77.03 -14.55 4.37
CA PRO K 50 -75.89 -13.73 4.80
C PRO K 50 -74.82 -13.51 3.74
N GLU K 51 -74.67 -14.43 2.79
CA GLU K 51 -73.66 -14.24 1.75
C GLU K 51 -74.00 -13.10 0.80
N HIS K 52 -75.25 -12.63 0.80
CA HIS K 52 -75.63 -11.47 0.00
C HIS K 52 -75.29 -10.15 0.68
N ILE K 53 -74.88 -10.17 1.94
CA ILE K 53 -74.65 -8.96 2.71
C ILE K 53 -73.15 -8.68 2.74
N LYS K 54 -72.80 -7.39 2.65
CA LYS K 54 -71.39 -7.00 2.74
C LYS K 54 -70.85 -7.28 4.13
N GLN K 55 -69.61 -7.76 4.17
CA GLN K 55 -68.99 -8.12 5.44
C GLN K 55 -68.75 -6.89 6.31
N ARG K 56 -68.17 -5.85 5.72
CA ARG K 56 -67.89 -4.60 6.42
C ARG K 56 -68.83 -3.53 5.93
N LEU K 57 -69.51 -2.87 6.87
CA LEU K 57 -70.53 -1.87 6.55
C LEU K 57 -69.98 -0.49 6.90
N LEU K 58 -69.75 0.32 5.87
CA LEU K 58 -69.22 1.67 6.06
C LEU K 58 -70.12 2.75 5.48
N GLY K 59 -71.23 2.38 4.86
CA GLY K 59 -72.12 3.38 4.30
C GLY K 59 -72.84 4.18 5.37
N HIS K 60 -73.37 5.31 4.94
CA HIS K 60 -74.11 6.21 5.82
C HIS K 60 -75.58 6.22 5.40
N TRP K 61 -76.47 6.14 6.39
CA TRP K 61 -77.90 6.12 6.11
C TRP K 61 -78.63 7.35 6.63
N GLY K 62 -78.12 8.03 7.65
CA GLY K 62 -78.89 9.04 8.35
C GLY K 62 -79.37 10.18 7.46
N SER K 63 -78.52 10.61 6.52
CA SER K 63 -78.89 11.70 5.63
C SER K 63 -79.60 11.23 4.36
N ASP K 64 -79.60 9.92 4.10
CA ASP K 64 -80.12 9.41 2.82
C ASP K 64 -81.60 9.70 2.58
N PRO K 65 -82.52 9.51 3.53
CA PRO K 65 -83.92 9.85 3.23
C PRO K 65 -84.14 11.31 2.88
N GLY K 66 -83.43 12.22 3.56
CA GLY K 66 -83.62 13.65 3.30
C GLY K 66 -83.14 14.05 1.90
N LEU K 67 -81.97 13.57 1.50
CA LEU K 67 -81.42 13.93 0.20
C LEU K 67 -82.28 13.40 -0.93
N SER K 68 -82.73 12.14 -0.81
CA SER K 68 -83.60 11.58 -1.83
C SER K 68 -84.95 12.30 -1.85
N PHE K 69 -85.42 12.75 -0.69
CA PHE K 69 -86.69 13.48 -0.63
C PHE K 69 -86.61 14.79 -1.40
N VAL K 70 -85.53 15.54 -1.23
CA VAL K 70 -85.38 16.82 -1.92
C VAL K 70 -85.14 16.60 -3.42
N TYR K 71 -84.36 15.57 -3.76
CA TYR K 71 -83.95 15.38 -5.15
C TYR K 71 -85.15 15.09 -6.04
N VAL K 72 -86.08 14.26 -5.59
CA VAL K 72 -87.22 13.90 -6.44
C VAL K 72 -88.14 15.10 -6.62
N HIS K 73 -88.28 15.94 -5.59
CA HIS K 73 -89.07 17.16 -5.73
C HIS K 73 -88.42 18.13 -6.70
N LEU K 74 -87.09 18.21 -6.70
CA LEU K 74 -86.38 19.08 -7.63
C LEU K 74 -86.59 18.62 -9.07
N ASN K 75 -86.59 17.31 -9.29
CA ASN K 75 -86.84 16.79 -10.64
C ASN K 75 -88.26 17.10 -11.09
N ARG K 76 -89.21 17.16 -10.15
CA ARG K 76 -90.55 17.60 -10.49
C ARG K 76 -90.55 19.05 -10.94
N LEU K 77 -89.83 19.92 -10.21
CA LEU K 77 -89.83 21.34 -10.53
C LEU K 77 -89.01 21.63 -11.78
N ILE K 78 -87.98 20.84 -12.05
CA ILE K 78 -87.17 21.05 -13.24
C ILE K 78 -87.91 20.61 -14.50
N ARG K 79 -88.93 19.76 -14.37
CA ARG K 79 -89.71 19.36 -15.54
C ARG K 79 -90.63 20.48 -15.99
N ARG K 80 -91.26 21.19 -15.05
CA ARG K 80 -92.25 22.19 -15.42
C ARG K 80 -91.60 23.50 -15.83
N LEU K 81 -90.68 24.01 -15.02
CA LEU K 81 -90.09 25.31 -15.26
C LEU K 81 -88.84 25.25 -16.13
N ASP K 82 -88.38 24.05 -16.51
CA ASP K 82 -87.23 23.85 -17.39
C ASP K 82 -85.99 24.55 -16.85
N LEU K 83 -85.75 24.37 -15.56
CA LEU K 83 -84.61 25.00 -14.90
C LEU K 83 -83.36 24.17 -15.13
N ASN K 84 -82.29 24.53 -14.40
CA ASN K 84 -81.06 23.74 -14.39
C ASN K 84 -80.50 23.80 -12.98
N LEU K 85 -80.23 22.63 -12.40
CA LEU K 85 -79.80 22.53 -11.01
C LEU K 85 -78.49 21.77 -10.94
N ILE K 86 -77.80 21.94 -9.81
CA ILE K 86 -76.53 21.29 -9.55
C ILE K 86 -76.61 20.34 -8.36
N TYR K 87 -77.31 20.74 -7.31
CA TYR K 87 -77.51 19.95 -6.08
C TYR K 87 -76.16 19.61 -5.42
N VAL K 88 -75.51 20.67 -4.93
CA VAL K 88 -74.35 20.50 -4.09
C VAL K 88 -74.78 19.92 -2.75
N THR K 89 -74.14 18.84 -2.33
CA THR K 89 -74.54 18.10 -1.14
C THR K 89 -73.69 18.55 0.04
N GLY K 90 -74.36 18.90 1.14
CA GLY K 90 -73.70 19.35 2.34
C GLY K 90 -73.08 18.25 3.18
N PRO K 91 -73.91 17.33 3.69
CA PRO K 91 -73.38 16.26 4.54
C PRO K 91 -72.30 15.41 3.88
N GLY K 92 -72.37 15.22 2.56
CA GLY K 92 -71.33 14.53 1.84
C GLY K 92 -71.31 13.02 1.99
N HIS K 93 -71.90 12.49 3.07
CA HIS K 93 -72.05 11.06 3.25
C HIS K 93 -73.36 10.54 2.70
N GLY K 94 -74.15 11.40 2.06
CA GLY K 94 -75.39 10.99 1.44
C GLY K 94 -75.20 10.57 0.00
N ALA K 95 -73.98 10.15 -0.32
CA ALA K 95 -73.66 9.66 -1.66
C ALA K 95 -74.56 8.53 -2.17
N PRO K 96 -74.98 7.54 -1.35
CA PRO K 96 -75.94 6.56 -1.87
C PRO K 96 -77.23 7.18 -2.38
N ALA K 97 -77.69 8.26 -1.74
CA ALA K 97 -78.88 8.95 -2.24
C ALA K 97 -78.62 9.57 -3.61
N LEU K 98 -77.45 10.16 -3.80
CA LEU K 98 -77.12 10.77 -5.08
C LEU K 98 -76.92 9.72 -6.16
N LEU K 99 -76.19 8.65 -5.84
CA LEU K 99 -75.88 7.63 -6.84
C LEU K 99 -77.15 6.88 -7.25
N ALA K 100 -78.07 6.65 -6.32
CA ALA K 100 -79.33 6.01 -6.68
C ALA K 100 -80.13 6.86 -7.66
N ASN K 101 -80.21 8.17 -7.40
CA ASN K 101 -80.91 9.06 -8.30
C ASN K 101 -80.21 9.15 -9.66
N ALA K 102 -78.89 9.17 -9.66
CA ALA K 102 -78.14 9.17 -10.91
C ALA K 102 -78.37 7.88 -11.69
N TRP K 103 -78.44 6.75 -10.98
CA TRP K 103 -78.73 5.49 -11.65
C TRP K 103 -80.16 5.46 -12.16
N LEU K 104 -81.11 5.99 -11.39
CA LEU K 104 -82.51 6.01 -11.82
C LEU K 104 -82.70 6.88 -13.05
N GLU K 105 -82.06 8.05 -13.08
CA GLU K 105 -82.15 8.95 -14.22
C GLU K 105 -81.44 8.41 -15.46
N GLY K 106 -80.62 7.38 -15.30
CA GLY K 106 -79.86 6.83 -16.41
C GLY K 106 -78.52 7.48 -16.65
N THR K 107 -78.19 8.53 -15.91
CA THR K 107 -76.90 9.19 -16.09
C THR K 107 -75.76 8.27 -15.71
N TYR K 108 -75.90 7.53 -14.61
CA TYR K 108 -74.81 6.67 -14.14
C TYR K 108 -74.53 5.55 -15.12
N SER K 109 -75.57 5.01 -15.75
CA SER K 109 -75.37 3.97 -16.76
C SER K 109 -74.61 4.50 -17.97
N GLU K 110 -74.91 5.73 -18.38
CA GLU K 110 -74.19 6.32 -19.51
C GLU K 110 -72.74 6.59 -19.17
N VAL K 111 -72.47 7.12 -17.98
CA VAL K 111 -71.10 7.38 -17.56
C VAL K 111 -70.36 6.06 -17.34
N TYR K 112 -70.99 5.12 -16.65
CA TYR K 112 -70.40 3.81 -16.39
C TYR K 112 -71.23 2.74 -17.08
N PRO K 113 -70.81 2.27 -18.26
CA PRO K 113 -71.59 1.25 -18.97
C PRO K 113 -71.68 -0.09 -18.26
N ASN K 114 -70.77 -0.38 -17.34
CA ASN K 114 -70.85 -1.63 -16.59
C ASN K 114 -72.10 -1.68 -15.73
N CYS K 115 -72.43 -0.57 -15.07
CA CYS K 115 -73.62 -0.49 -14.23
C CYS K 115 -74.85 -0.18 -15.09
N GLN K 116 -75.17 -1.11 -15.97
CA GLN K 116 -76.31 -0.96 -16.87
C GLN K 116 -77.62 -1.09 -16.09
N GLN K 117 -78.68 -0.50 -16.65
CA GLN K 117 -80.00 -0.57 -16.05
C GLN K 117 -80.59 -1.96 -16.32
N SER K 118 -80.18 -2.91 -15.51
CA SER K 118 -80.62 -4.30 -15.63
C SER K 118 -80.40 -4.99 -14.30
N THR K 119 -80.82 -6.25 -14.22
CA THR K 119 -80.61 -7.03 -12.99
C THR K 119 -79.13 -7.26 -12.75
N ALA K 120 -78.38 -7.60 -13.81
CA ALA K 120 -76.94 -7.79 -13.66
C ALA K 120 -76.24 -6.49 -13.28
N GLY K 121 -76.67 -5.38 -13.89
CA GLY K 121 -76.08 -4.09 -13.53
C GLY K 121 -76.40 -3.68 -12.10
N LEU K 122 -77.60 -4.02 -11.63
CA LEU K 122 -77.97 -3.73 -10.25
C LEU K 122 -77.08 -4.49 -9.27
N GLN K 123 -76.75 -5.74 -9.62
CA GLN K 123 -75.83 -6.51 -8.77
C GLN K 123 -74.45 -5.85 -8.74
N GLN K 124 -73.98 -5.37 -9.89
CA GLN K 124 -72.70 -4.67 -9.92
C GLN K 124 -72.78 -3.31 -9.23
N PHE K 125 -73.93 -2.63 -9.36
CA PHE K 125 -74.09 -1.32 -8.77
C PHE K 125 -74.03 -1.38 -7.25
N PHE K 126 -74.69 -2.37 -6.65
CA PHE K 126 -74.62 -2.53 -5.20
C PHE K 126 -73.23 -3.00 -4.76
N LYS K 127 -72.60 -3.86 -5.57
CA LYS K 127 -71.32 -4.45 -5.20
C LYS K 127 -70.23 -3.40 -5.09
N GLN K 128 -70.22 -2.43 -6.01
CA GLN K 128 -69.09 -1.52 -6.10
C GLN K 128 -69.04 -0.51 -4.96
N PHE K 129 -70.18 -0.20 -4.35
CA PHE K 129 -70.20 0.85 -3.34
C PHE K 129 -69.49 0.41 -2.07
N SER K 130 -68.65 1.30 -1.54
CA SER K 130 -67.94 1.08 -0.27
C SER K 130 -67.17 -0.23 -0.28
N PHE K 131 -66.54 -0.53 -1.40
CA PHE K 131 -65.87 -1.80 -1.62
C PHE K 131 -64.47 -1.56 -2.18
N PRO K 132 -63.52 -2.43 -1.85
CA PRO K 132 -62.20 -2.32 -2.50
C PRO K 132 -62.31 -2.45 -4.01
N GLY K 133 -61.56 -1.61 -4.71
CA GLY K 133 -61.72 -1.51 -6.15
C GLY K 133 -63.09 -0.99 -6.55
N GLY K 134 -63.62 -0.04 -5.79
CA GLY K 134 -64.93 0.50 -6.06
C GLY K 134 -65.04 1.92 -5.56
N ILE K 135 -66.23 2.50 -5.70
CA ILE K 135 -66.45 3.88 -5.30
C ILE K 135 -66.49 3.99 -3.78
N GLY K 136 -66.18 5.19 -3.28
CA GLY K 136 -66.09 5.43 -1.86
C GLY K 136 -67.42 5.77 -1.23
N SER K 137 -67.38 5.96 0.09
CA SER K 137 -68.61 6.25 0.84
C SER K 137 -69.07 7.68 0.61
N HIS K 138 -68.14 8.64 0.58
CA HIS K 138 -68.51 10.02 0.35
C HIS K 138 -68.68 10.28 -1.14
N CYS K 139 -69.16 11.48 -1.47
CA CYS K 139 -69.34 11.88 -2.86
C CYS K 139 -67.98 12.33 -3.41
N THR K 140 -67.37 11.49 -4.22
CA THR K 140 -66.05 11.65 -4.77
C THR K 140 -66.13 12.19 -6.19
N PRO K 141 -64.99 12.50 -6.82
CA PRO K 141 -65.03 12.84 -8.25
C PRO K 141 -65.61 11.75 -9.14
N GLU K 142 -65.59 10.49 -8.72
CA GLU K 142 -66.25 9.44 -9.48
C GLU K 142 -67.76 9.63 -9.52
N THR K 143 -68.34 10.33 -8.56
CA THR K 143 -69.77 10.53 -8.52
C THR K 143 -70.20 11.50 -9.62
N PRO K 144 -71.10 11.11 -10.52
CA PRO K 144 -71.59 12.06 -11.53
C PRO K 144 -72.37 13.19 -10.89
N GLY K 145 -72.25 14.37 -11.49
CA GLY K 145 -72.98 15.53 -11.02
C GLY K 145 -72.61 15.98 -9.62
N SER K 146 -71.31 15.98 -9.30
CA SER K 146 -70.85 16.38 -7.98
C SER K 146 -69.61 17.25 -8.11
N ILE K 147 -69.59 18.36 -7.39
CA ILE K 147 -68.42 19.21 -7.31
C ILE K 147 -67.86 19.31 -5.90
N HIS K 148 -68.65 19.03 -4.87
CA HIS K 148 -68.22 19.14 -3.48
C HIS K 148 -67.92 17.75 -2.95
N GLU K 149 -66.70 17.57 -2.42
CA GLU K 149 -66.33 16.27 -1.88
C GLU K 149 -67.15 15.91 -0.65
N GLY K 150 -67.43 16.89 0.20
CA GLY K 150 -68.37 16.72 1.29
C GLY K 150 -67.85 15.97 2.49
N GLY K 151 -66.64 15.41 2.42
CA GLY K 151 -66.09 14.70 3.56
C GLY K 151 -65.80 15.63 4.72
N GLU K 152 -65.19 16.78 4.43
CA GLU K 152 -65.00 17.83 5.42
C GLU K 152 -66.24 18.72 5.41
N LEU K 153 -66.77 19.01 6.59
CA LEU K 153 -68.04 19.69 6.72
C LEU K 153 -67.82 21.18 6.96
N GLY K 154 -68.69 22.00 6.37
CA GLY K 154 -68.65 23.44 6.54
C GLY K 154 -68.35 24.23 5.28
N TYR K 155 -67.94 23.58 4.20
CA TYR K 155 -67.56 24.26 2.97
C TYR K 155 -68.57 24.08 1.86
N SER K 156 -69.74 23.52 2.16
CA SER K 156 -70.72 23.22 1.11
C SER K 156 -71.39 24.49 0.59
N LEU K 157 -71.75 25.41 1.50
CA LEU K 157 -72.47 26.61 1.07
C LEU K 157 -71.60 27.51 0.23
N SER K 158 -70.31 27.63 0.59
CA SER K 158 -69.40 28.44 -0.21
C SER K 158 -69.26 27.87 -1.62
N HIS K 159 -69.24 26.54 -1.74
CA HIS K 159 -69.18 25.93 -3.06
C HIS K 159 -70.47 26.14 -3.84
N ALA K 160 -71.58 26.33 -3.15
CA ALA K 160 -72.83 26.65 -3.85
C ALA K 160 -72.76 28.02 -4.50
N PHE K 161 -72.23 29.02 -3.77
CA PHE K 161 -72.15 30.36 -4.31
C PHE K 161 -71.08 30.46 -5.39
N GLY K 162 -69.96 29.77 -5.21
CA GLY K 162 -68.89 29.84 -6.20
C GLY K 162 -69.28 29.30 -7.55
N ALA K 163 -70.11 28.26 -7.57
CA ALA K 163 -70.55 27.68 -8.84
C ALA K 163 -71.49 28.61 -9.60
N ALA K 164 -72.14 29.56 -8.91
CA ALA K 164 -73.07 30.47 -9.54
C ALA K 164 -72.52 31.89 -9.64
N LEU K 165 -71.20 32.05 -9.61
CA LEU K 165 -70.62 33.39 -9.57
C LEU K 165 -70.75 34.12 -10.90
N ASP K 166 -70.82 33.39 -12.01
CA ASP K 166 -70.97 34.05 -13.30
C ASP K 166 -71.90 33.31 -14.25
N ASN K 167 -72.73 32.41 -13.73
CA ASN K 167 -73.75 31.76 -14.54
C ASN K 167 -75.09 32.38 -14.20
N PRO K 168 -75.71 33.16 -15.09
CA PRO K 168 -76.93 33.87 -14.71
C PRO K 168 -78.14 32.98 -14.58
N ASP K 169 -78.32 32.02 -15.50
CA ASP K 169 -79.51 31.18 -15.49
C ASP K 169 -79.38 29.97 -14.58
N LEU K 170 -78.19 29.69 -14.06
CA LEU K 170 -78.00 28.51 -13.23
C LEU K 170 -78.67 28.69 -11.87
N ILE K 171 -79.26 27.61 -11.37
CA ILE K 171 -79.82 27.55 -10.02
C ILE K 171 -79.10 26.44 -9.28
N VAL K 172 -78.69 26.73 -8.05
CA VAL K 172 -77.96 25.77 -7.22
C VAL K 172 -78.75 25.52 -5.96
N ALA K 173 -79.02 24.26 -5.67
CA ALA K 173 -79.75 23.86 -4.47
C ALA K 173 -78.79 23.12 -3.55
N CYS K 174 -78.35 23.78 -2.49
CA CYS K 174 -77.40 23.20 -1.55
C CYS K 174 -78.15 22.79 -0.29
N VAL K 175 -78.00 21.53 0.10
CA VAL K 175 -78.63 21.00 1.29
C VAL K 175 -77.65 21.11 2.44
N ILE K 176 -78.08 21.73 3.53
CA ILE K 176 -77.20 22.00 4.67
C ILE K 176 -77.69 21.17 5.86
N GLY K 177 -76.78 20.39 6.44
CA GLY K 177 -77.11 19.69 7.67
C GLY K 177 -77.02 20.60 8.88
N ASP K 178 -77.85 20.30 9.88
CA ASP K 178 -77.86 21.12 11.09
C ASP K 178 -76.57 20.94 11.89
N GLY K 179 -76.01 19.74 11.90
CA GLY K 179 -74.71 19.55 12.52
C GLY K 179 -73.61 20.30 11.78
N GLU K 180 -73.68 20.30 10.45
CA GLU K 180 -72.70 21.04 9.65
C GLU K 180 -72.76 22.53 9.92
N ALA K 181 -73.94 23.04 10.26
CA ALA K 181 -74.10 24.46 10.56
C ALA K 181 -73.40 24.88 11.84
N GLU K 182 -73.01 23.93 12.69
CA GLU K 182 -72.21 24.28 13.86
C GLU K 182 -70.79 24.69 13.49
N THR K 183 -70.30 24.29 12.33
CA THR K 183 -68.95 24.63 11.93
C THR K 183 -68.81 26.12 11.68
N GLY K 184 -67.63 26.65 12.00
CA GLY K 184 -67.33 28.06 11.82
C GLY K 184 -67.43 28.57 10.40
N PRO K 185 -66.80 27.87 9.44
CA PRO K 185 -66.92 28.30 8.05
C PRO K 185 -68.34 28.37 7.52
N LEU K 186 -69.23 27.49 7.98
CA LEU K 186 -70.60 27.55 7.50
C LEU K 186 -71.37 28.72 8.12
N ALA K 187 -71.03 29.09 9.36
CA ALA K 187 -71.71 30.21 10.00
C ALA K 187 -71.49 31.51 9.24
N THR K 188 -70.26 31.75 8.80
CA THR K 188 -69.96 32.96 8.05
C THR K 188 -70.54 32.91 6.63
N SER K 189 -70.55 31.72 6.02
CA SER K 189 -70.90 31.59 4.61
C SER K 189 -72.35 31.97 4.31
N TRP K 190 -73.19 32.12 5.33
CA TRP K 190 -74.55 32.59 5.10
C TRP K 190 -74.56 34.00 4.52
N HIS K 191 -73.65 34.86 4.99
CA HIS K 191 -73.61 36.25 4.54
C HIS K 191 -73.18 36.39 3.09
N SER K 192 -72.83 35.31 2.41
CA SER K 192 -72.39 35.37 1.01
C SER K 192 -73.51 35.78 0.07
N ASN K 193 -74.77 35.81 0.53
CA ASN K 193 -75.85 36.31 -0.31
C ASN K 193 -75.64 37.79 -0.67
N LYS K 194 -75.04 38.56 0.24
CA LYS K 194 -74.82 39.98 -0.02
C LYS K 194 -73.83 40.18 -1.17
N PHE K 195 -72.77 39.38 -1.20
CA PHE K 195 -71.76 39.54 -2.26
C PHE K 195 -72.28 39.05 -3.61
N LEU K 196 -73.26 38.15 -3.60
CA LEU K 196 -73.83 37.66 -4.85
C LEU K 196 -74.62 38.76 -5.53
N ASN K 197 -74.46 38.87 -6.85
CA ASN K 197 -75.12 39.91 -7.61
C ASN K 197 -76.31 39.32 -8.36
N PRO K 198 -77.55 39.68 -7.99
CA PRO K 198 -78.71 39.08 -8.65
C PRO K 198 -78.83 39.42 -10.12
N ALA K 199 -78.21 40.50 -10.59
CA ALA K 199 -78.42 40.95 -11.96
C ALA K 199 -77.72 40.02 -12.95
N GLN K 200 -76.47 39.66 -12.69
CA GLN K 200 -75.66 38.92 -13.66
C GLN K 200 -75.34 37.51 -13.22
N ASP K 201 -75.74 37.09 -12.03
CA ASP K 201 -75.41 35.76 -11.52
C ASP K 201 -76.67 34.95 -11.29
N GLY K 202 -76.48 33.66 -11.04
CA GLY K 202 -77.57 32.78 -10.73
C GLY K 202 -78.04 32.92 -9.30
N ALA K 203 -79.04 32.11 -8.96
CA ALA K 203 -79.62 32.11 -7.62
C ALA K 203 -79.34 30.77 -6.94
N VAL K 204 -78.91 30.84 -5.69
CA VAL K 204 -78.61 29.67 -4.88
C VAL K 204 -79.73 29.50 -3.87
N LEU K 205 -80.31 28.31 -3.82
CA LEU K 205 -81.41 28.01 -2.89
C LEU K 205 -80.90 27.10 -1.80
N PRO K 206 -80.54 27.63 -0.63
CA PRO K 206 -80.06 26.78 0.45
C PRO K 206 -81.20 26.08 1.17
N ILE K 207 -80.99 24.83 1.52
CA ILE K 207 -81.98 24.02 2.22
C ILE K 207 -81.33 23.47 3.49
N LEU K 208 -81.99 23.68 4.63
CA LEU K 208 -81.47 23.23 5.91
C LEU K 208 -82.12 21.90 6.26
N HIS K 209 -81.29 20.86 6.38
CA HIS K 209 -81.77 19.54 6.79
C HIS K 209 -81.68 19.45 8.31
N LEU K 210 -82.64 20.10 8.96
CA LEU K 210 -82.68 20.20 10.42
C LEU K 210 -83.30 18.93 11.00
N ASN K 211 -82.58 17.82 10.83
CA ASN K 211 -83.10 16.53 11.25
C ASN K 211 -83.13 16.36 12.77
N GLY K 212 -82.36 17.16 13.50
CA GLY K 212 -82.42 17.19 14.94
C GLY K 212 -81.29 16.47 15.66
N TYR K 213 -80.55 15.61 14.98
CA TYR K 213 -79.55 14.79 15.65
C TYR K 213 -78.27 14.72 14.83
N LYS K 214 -77.14 14.73 15.54
CA LYS K 214 -75.84 14.49 14.96
C LYS K 214 -75.53 12.99 15.04
N ILE K 215 -74.25 12.62 14.91
CA ILE K 215 -73.86 11.23 15.05
C ILE K 215 -74.14 10.73 16.46
N ALA K 216 -74.03 11.61 17.47
CA ALA K 216 -74.28 11.21 18.84
C ALA K 216 -74.92 12.27 19.73
N ASN K 217 -75.27 13.43 19.19
CA ASN K 217 -75.78 14.52 20.02
C ASN K 217 -76.90 15.24 19.29
N PRO K 218 -77.87 15.79 20.03
CA PRO K 218 -78.84 16.69 19.39
C PRO K 218 -78.14 17.93 18.82
N THR K 219 -78.59 18.34 17.64
CA THR K 219 -77.99 19.51 17.00
C THR K 219 -78.44 20.79 17.71
N LEU K 220 -77.54 21.77 17.74
CA LEU K 220 -77.83 23.01 18.45
C LEU K 220 -78.95 23.79 17.77
N LEU K 221 -78.97 23.80 16.44
CA LEU K 221 -79.94 24.62 15.73
C LEU K 221 -81.35 24.03 15.79
N SER K 222 -81.48 22.71 15.88
CA SER K 222 -82.82 22.13 15.97
C SER K 222 -83.45 22.35 17.33
N ARG K 223 -82.65 22.62 18.36
CA ARG K 223 -83.16 22.72 19.71
C ARG K 223 -83.44 24.16 20.14
N ILE K 224 -82.93 25.15 19.42
CA ILE K 224 -83.33 26.52 19.72
C ILE K 224 -84.78 26.73 19.32
N SER K 225 -85.39 27.76 19.91
CA SER K 225 -86.80 28.04 19.67
C SER K 225 -87.02 28.44 18.21
N HIS K 226 -88.24 28.17 17.73
CA HIS K 226 -88.57 28.50 16.34
C HIS K 226 -88.51 30.01 16.09
N GLU K 227 -88.77 30.81 17.12
CA GLU K 227 -88.65 32.26 16.96
C GLU K 227 -87.20 32.68 16.81
N GLU K 228 -86.32 32.14 17.66
CA GLU K 228 -84.90 32.49 17.59
C GLU K 228 -84.27 32.00 16.28
N LEU K 229 -84.66 30.81 15.84
CA LEU K 229 -84.15 30.31 14.56
C LEU K 229 -84.60 31.18 13.41
N ARG K 230 -85.85 31.63 13.43
CA ARG K 230 -86.32 32.56 12.41
C ARG K 230 -85.61 33.89 12.52
N SER K 231 -85.32 34.34 13.74
CA SER K 231 -84.55 35.57 13.91
C SER K 231 -83.15 35.43 13.35
N LEU K 232 -82.53 34.26 13.53
CA LEU K 232 -81.17 34.06 13.05
C LEU K 232 -81.09 34.11 11.54
N PHE K 233 -82.07 33.52 10.85
CA PHE K 233 -82.04 33.51 9.39
C PHE K 233 -82.42 34.86 8.79
N ILE K 234 -83.20 35.65 9.51
CA ILE K 234 -83.45 37.03 9.09
C ILE K 234 -82.17 37.84 9.17
N GLY K 235 -81.40 37.65 10.25
CA GLY K 235 -80.14 38.36 10.40
C GLY K 235 -79.15 38.02 9.31
N TYR K 236 -79.14 36.77 8.86
CA TYR K 236 -78.31 36.38 7.73
C TYR K 236 -78.83 36.96 6.41
N GLY K 237 -80.07 37.45 6.38
CA GLY K 237 -80.62 38.05 5.19
C GLY K 237 -81.47 37.13 4.33
N TYR K 238 -81.82 35.95 4.82
CA TYR K 238 -82.62 35.01 4.05
C TYR K 238 -84.08 35.06 4.48
N GLU K 239 -84.96 34.77 3.53
CA GLU K 239 -86.39 34.64 3.83
C GLU K 239 -86.65 33.21 4.26
N PRO K 240 -86.97 32.95 5.52
CA PRO K 240 -87.08 31.57 5.98
C PRO K 240 -88.45 30.96 5.72
N PHE K 241 -88.43 29.73 5.24
CA PHE K 241 -89.64 28.92 5.09
C PHE K 241 -89.44 27.61 5.83
N PHE K 242 -90.49 27.16 6.52
CA PHE K 242 -90.40 26.02 7.42
C PHE K 242 -91.31 24.90 6.93
N VAL K 243 -90.74 23.71 6.76
CA VAL K 243 -91.48 22.51 6.41
C VAL K 243 -91.20 21.48 7.50
N GLU K 244 -92.25 20.99 8.15
CA GLU K 244 -92.11 20.10 9.28
C GLU K 244 -93.02 18.89 9.10
N GLY K 245 -92.85 17.92 9.98
CA GLY K 245 -93.69 16.74 10.01
C GLY K 245 -92.95 15.48 9.58
N ASN K 246 -93.66 14.36 9.66
CA ASN K 246 -93.10 13.07 9.27
C ASN K 246 -94.09 12.22 8.48
N ASP K 247 -95.17 12.81 7.96
CA ASP K 247 -96.14 12.08 7.17
C ASP K 247 -95.87 12.33 5.70
N PRO K 248 -95.50 11.31 4.92
CA PRO K 248 -95.17 11.55 3.49
C PRO K 248 -96.31 12.15 2.70
N ALA K 249 -97.56 11.78 3.00
CA ALA K 249 -98.69 12.36 2.28
C ALA K 249 -98.79 13.86 2.53
N ILE K 250 -98.60 14.27 3.78
CA ILE K 250 -98.56 15.70 4.10
C ILE K 250 -97.28 16.32 3.55
N LEU K 251 -96.15 15.64 3.72
CA LEU K 251 -94.86 16.24 3.39
C LEU K 251 -94.69 16.46 1.89
N HIS K 252 -95.26 15.58 1.06
CA HIS K 252 -95.15 15.77 -0.38
C HIS K 252 -95.83 17.06 -0.82
N GLY K 253 -97.04 17.31 -0.31
CA GLY K 253 -97.77 18.51 -0.70
C GLY K 253 -97.13 19.78 -0.19
N VAL K 254 -96.66 19.78 1.07
CA VAL K 254 -96.11 21.00 1.66
C VAL K 254 -94.77 21.35 1.03
N MET K 255 -93.90 20.36 0.85
CA MET K 255 -92.55 20.64 0.36
C MET K 255 -92.56 21.03 -1.11
N ALA K 256 -93.45 20.41 -1.90
CA ALA K 256 -93.58 20.83 -3.30
C ALA K 256 -94.15 22.23 -3.40
N SER K 257 -95.08 22.58 -2.52
CA SER K 257 -95.63 23.94 -2.50
C SER K 257 -94.56 24.95 -2.12
N THR K 258 -93.74 24.63 -1.11
CA THR K 258 -92.70 25.56 -0.68
C THR K 258 -91.65 25.76 -1.76
N LEU K 259 -91.28 24.69 -2.47
CA LEU K 259 -90.31 24.81 -3.55
C LEU K 259 -90.84 25.71 -4.67
N ALA K 260 -92.12 25.55 -5.03
CA ALA K 260 -92.71 26.41 -6.03
C ALA K 260 -92.80 27.85 -5.56
N THR K 261 -93.06 28.04 -4.26
CA THR K 261 -93.09 29.39 -3.70
C THR K 261 -91.72 30.06 -3.80
N CYS K 262 -90.66 29.32 -3.52
CA CYS K 262 -89.32 29.91 -3.48
C CYS K 262 -88.79 30.22 -4.88
N VAL K 263 -89.03 29.32 -5.84
CA VAL K 263 -88.43 29.50 -7.16
C VAL K 263 -89.04 30.70 -7.88
N GLN K 264 -90.35 30.93 -7.69
CA GLN K 264 -90.98 32.10 -8.30
C GLN K 264 -90.43 33.39 -7.73
N LYS K 265 -90.17 33.41 -6.41
CA LYS K 265 -89.49 34.56 -5.82
C LYS K 265 -88.07 34.69 -6.36
N ILE K 266 -87.40 33.56 -6.59
CA ILE K 266 -86.07 33.59 -7.20
C ILE K 266 -86.14 34.17 -8.60
N GLN K 267 -87.14 33.75 -9.39
CA GLN K 267 -87.31 34.31 -10.72
C GLN K 267 -87.77 35.76 -10.65
N ALA K 268 -88.58 36.11 -9.65
CA ALA K 268 -88.99 37.50 -9.47
C ALA K 268 -87.80 38.38 -9.12
N ILE K 269 -86.91 37.88 -8.25
CA ILE K 269 -85.74 38.65 -7.86
C ILE K 269 -84.81 38.84 -9.05
N GLN K 270 -84.56 37.77 -9.80
CA GLN K 270 -83.67 37.86 -10.96
C GLN K 270 -84.26 38.78 -12.04
N ALA K 271 -85.56 38.68 -12.29
CA ALA K 271 -86.18 39.54 -13.30
C ALA K 271 -86.18 41.00 -12.86
N ALA K 272 -86.42 41.25 -11.57
CA ALA K 272 -86.39 42.63 -11.08
C ALA K 272 -84.99 43.22 -11.13
N ALA K 273 -83.97 42.39 -10.84
CA ALA K 273 -82.60 42.88 -10.90
C ALA K 273 -82.17 43.19 -12.31
N ARG K 274 -82.52 42.33 -13.27
CA ARG K 274 -82.12 42.57 -14.65
C ARG K 274 -82.89 43.73 -15.27
N SER K 275 -84.15 43.92 -14.86
CA SER K 275 -84.90 45.08 -15.32
C SER K 275 -84.36 46.38 -14.72
N GLY K 276 -83.69 46.31 -13.57
CA GLY K 276 -83.13 47.48 -12.93
C GLY K 276 -84.09 48.27 -12.08
N GLU K 277 -85.36 47.86 -11.99
CA GLU K 277 -86.32 48.62 -11.21
C GLU K 277 -86.11 48.45 -9.71
N SER K 278 -85.57 47.31 -9.29
CA SER K 278 -85.34 47.01 -7.88
C SER K 278 -83.86 46.73 -7.70
N SER K 279 -83.07 47.78 -7.47
CA SER K 279 -81.63 47.66 -7.25
C SER K 279 -81.37 47.74 -5.75
N ASP K 280 -81.66 46.64 -5.06
CA ASP K 280 -81.44 46.54 -3.63
C ASP K 280 -81.25 45.08 -3.26
N ARG K 281 -80.64 44.86 -2.10
CA ARG K 281 -80.40 43.49 -1.64
C ARG K 281 -81.69 42.86 -1.17
N PRO K 282 -82.15 41.77 -1.79
CA PRO K 282 -83.39 41.12 -1.37
C PRO K 282 -83.16 40.00 -0.38
N MET K 283 -84.25 39.61 0.28
CA MET K 283 -84.23 38.47 1.19
C MET K 283 -84.39 37.19 0.39
N TRP K 284 -83.31 36.43 0.27
CA TRP K 284 -83.34 35.21 -0.52
C TRP K 284 -84.16 34.14 0.18
N PRO K 285 -84.84 33.28 -0.58
CA PRO K 285 -85.63 32.21 0.04
C PRO K 285 -84.75 31.19 0.75
N MET K 286 -85.31 30.63 1.83
CA MET K 286 -84.62 29.66 2.67
C MET K 286 -85.62 28.62 3.15
N ILE K 287 -85.21 27.36 3.14
CA ILE K 287 -86.10 26.24 3.47
C ILE K 287 -85.53 25.48 4.65
N VAL K 288 -86.37 25.18 5.63
CA VAL K 288 -86.00 24.43 6.82
C VAL K 288 -86.84 23.14 6.85
N LEU K 289 -86.16 22.01 7.01
CA LEU K 289 -86.82 20.70 7.05
C LEU K 289 -86.64 20.10 8.43
N ARG K 290 -87.75 19.78 9.09
CA ARG K 290 -87.75 19.16 10.40
C ARG K 290 -88.03 17.66 10.34
N THR K 291 -87.81 17.04 9.18
CA THR K 291 -88.09 15.62 9.04
C THR K 291 -87.12 14.82 9.92
N PRO K 292 -87.60 13.78 10.60
CA PRO K 292 -86.73 12.98 11.46
C PRO K 292 -85.67 12.24 10.66
N LYS K 293 -84.52 12.03 11.28
CA LYS K 293 -83.43 11.34 10.61
C LYS K 293 -83.76 9.87 10.43
N GLY K 294 -83.70 9.42 9.18
CA GLY K 294 -84.06 8.04 8.87
C GLY K 294 -85.51 7.73 9.17
N TRP K 295 -86.42 8.62 8.77
CA TRP K 295 -87.83 8.46 9.10
C TRP K 295 -88.53 7.40 8.26
N THR K 296 -87.87 6.86 7.23
CA THR K 296 -88.41 5.75 6.48
C THR K 296 -87.78 4.41 6.88
N GLY K 297 -86.83 4.41 7.82
CA GLY K 297 -86.15 3.21 8.21
C GLY K 297 -86.80 2.53 9.40
N PRO K 298 -86.09 1.58 10.01
CA PRO K 298 -86.62 0.91 11.20
C PRO K 298 -86.76 1.87 12.37
N ALA K 299 -87.77 1.62 13.20
CA ALA K 299 -88.06 2.48 14.33
C ALA K 299 -87.32 2.04 15.59
N THR K 300 -87.52 0.79 16.01
CA THR K 300 -86.87 0.23 17.19
C THR K 300 -86.29 -1.13 16.83
N ILE K 301 -85.04 -1.38 17.23
CA ILE K 301 -84.36 -2.61 16.87
C ILE K 301 -83.90 -3.36 18.12
N LYS K 302 -83.08 -2.70 18.93
CA LYS K 302 -82.50 -3.32 20.12
C LYS K 302 -82.99 -2.63 21.38
N GLY K 303 -84.30 -2.37 21.44
CA GLY K 303 -84.86 -1.69 22.59
C GLY K 303 -84.61 -0.20 22.65
N HIS K 304 -84.07 0.38 21.57
CA HIS K 304 -83.79 1.81 21.53
C HIS K 304 -84.34 2.38 20.23
N VAL K 305 -84.56 3.70 20.26
CA VAL K 305 -85.13 4.39 19.10
C VAL K 305 -84.07 4.51 18.02
N VAL K 306 -84.37 3.95 16.84
CA VAL K 306 -83.45 4.00 15.70
C VAL K 306 -83.94 4.92 14.60
N GLU K 307 -85.15 5.46 14.70
CA GLU K 307 -85.69 6.38 13.72
C GLU K 307 -85.86 7.76 14.35
N GLY K 308 -85.35 8.78 13.67
CA GLY K 308 -85.40 10.14 14.19
C GLY K 308 -84.57 10.35 15.43
N SER K 309 -83.40 9.70 15.51
CA SER K 309 -82.51 9.87 16.64
C SER K 309 -81.07 9.76 16.13
N TRP K 310 -80.13 10.00 17.04
CA TRP K 310 -78.73 9.93 16.68
C TRP K 310 -78.29 8.50 16.34
N ARG K 311 -79.05 7.49 16.75
CA ARG K 311 -78.73 6.12 16.42
C ARG K 311 -78.98 5.81 14.95
N SER K 312 -79.71 6.67 14.24
CA SER K 312 -80.02 6.45 12.82
C SER K 312 -78.84 6.75 11.91
N HIS K 313 -77.74 7.28 12.45
CA HIS K 313 -76.57 7.64 11.64
C HIS K 313 -75.75 6.48 11.12
N GLN K 314 -75.93 6.16 9.84
CA GLN K 314 -75.17 5.10 9.17
C GLN K 314 -75.17 3.71 9.80
N VAL K 315 -76.02 3.49 10.81
CA VAL K 315 -76.10 2.19 11.47
C VAL K 315 -77.53 1.98 11.96
N PRO K 316 -78.45 1.53 11.11
CA PRO K 316 -79.71 1.00 11.63
C PRO K 316 -79.45 -0.14 12.61
N MET K 317 -78.73 -1.16 12.17
CA MET K 317 -78.33 -2.27 13.02
C MET K 317 -76.82 -2.49 12.90
N ALA K 318 -76.18 -2.78 14.03
CA ALA K 318 -74.73 -2.93 14.05
C ALA K 318 -74.30 -4.24 13.37
N ASP K 319 -74.98 -5.34 13.70
CA ASP K 319 -74.60 -6.66 13.23
C ASP K 319 -75.76 -7.29 12.47
N VAL K 320 -75.46 -7.84 11.30
CA VAL K 320 -76.44 -8.53 10.47
C VAL K 320 -76.07 -10.00 10.27
N LEU K 321 -74.82 -10.26 9.93
CA LEU K 321 -74.36 -11.65 9.73
C LEU K 321 -74.42 -12.43 11.03
N THR K 322 -74.01 -11.80 12.14
CA THR K 322 -73.98 -12.51 13.41
C THR K 322 -75.38 -12.84 13.92
N ASN K 323 -76.30 -11.89 13.84
CA ASN K 323 -77.64 -12.07 14.38
C ASN K 323 -78.64 -12.26 13.24
N PRO K 324 -79.23 -13.44 13.08
CA PRO K 324 -80.26 -13.62 12.04
C PRO K 324 -81.52 -12.81 12.30
N GLU K 325 -81.79 -12.43 13.54
CA GLU K 325 -82.97 -11.61 13.82
C GLU K 325 -82.87 -10.26 13.14
N HIS K 326 -81.70 -9.62 13.20
CA HIS K 326 -81.50 -8.35 12.52
C HIS K 326 -81.61 -8.51 11.00
N LEU K 327 -81.11 -9.64 10.48
CA LEU K 327 -81.24 -9.90 9.05
C LEU K 327 -82.71 -10.02 8.64
N GLN K 328 -83.53 -10.65 9.50
CA GLN K 328 -84.96 -10.70 9.23
C GLN K 328 -85.57 -9.31 9.30
N LEU K 329 -85.16 -8.50 10.28
CA LEU K 329 -85.61 -7.11 10.33
C LEU K 329 -85.11 -6.33 9.12
N LEU K 330 -83.88 -6.62 8.68
CA LEU K 330 -83.36 -5.98 7.48
C LEU K 330 -84.17 -6.36 6.25
N GLU K 331 -84.54 -7.65 6.13
CA GLU K 331 -85.32 -8.09 4.99
C GLU K 331 -86.70 -7.42 4.99
N ASP K 332 -87.31 -7.29 6.17
CA ASP K 332 -88.59 -6.58 6.26
C ASP K 332 -88.44 -5.11 5.90
N TRP K 333 -87.29 -4.52 6.22
CA TRP K 333 -87.03 -3.13 5.85
C TRP K 333 -87.02 -2.96 4.34
N LEU K 334 -86.38 -3.87 3.62
CA LEU K 334 -86.36 -3.81 2.16
C LEU K 334 -87.74 -4.06 1.58
N ARG K 335 -88.51 -4.95 2.20
CA ARG K 335 -89.86 -5.22 1.72
C ARG K 335 -90.81 -4.04 1.92
N SER K 336 -90.49 -3.13 2.84
CA SER K 336 -91.38 -2.00 3.13
C SER K 336 -91.49 -1.05 1.95
N TYR K 337 -90.50 -1.01 1.07
CA TYR K 337 -90.57 -0.15 -0.11
C TYR K 337 -91.35 -0.78 -1.25
N ARG K 338 -91.70 -2.06 -1.14
CA ARG K 338 -92.37 -2.84 -2.18
C ARG K 338 -91.59 -2.75 -3.49
N PRO K 339 -90.41 -3.38 -3.57
CA PRO K 339 -89.58 -3.24 -4.77
C PRO K 339 -90.15 -3.94 -5.99
N GLU K 340 -91.13 -4.84 -5.82
CA GLU K 340 -91.66 -5.59 -6.95
C GLU K 340 -92.34 -4.69 -7.97
N GLU K 341 -93.09 -3.70 -7.50
CA GLU K 341 -93.80 -2.81 -8.41
C GLU K 341 -92.86 -1.77 -9.04
N LEU K 342 -91.75 -1.46 -8.38
CA LEU K 342 -90.85 -0.41 -8.86
C LEU K 342 -90.00 -0.86 -10.03
N PHE K 343 -89.62 -2.14 -10.08
CA PHE K 343 -88.75 -2.66 -11.11
C PHE K 343 -89.44 -3.76 -11.90
N ASP K 344 -89.08 -3.89 -13.16
CA ASP K 344 -89.63 -4.90 -14.03
C ASP K 344 -88.85 -6.21 -13.85
N ALA K 345 -89.10 -7.18 -14.74
CA ALA K 345 -88.37 -8.44 -14.69
C ALA K 345 -86.90 -8.24 -15.02
N SER K 346 -86.60 -7.37 -15.98
CA SER K 346 -85.21 -7.13 -16.37
C SER K 346 -84.43 -6.37 -15.31
N GLY K 347 -85.11 -5.69 -14.39
CA GLY K 347 -84.44 -4.91 -13.37
C GLY K 347 -84.43 -3.41 -13.62
N ALA K 348 -84.82 -2.98 -14.83
CA ALA K 348 -84.90 -1.56 -15.11
C ALA K 348 -86.08 -0.94 -14.38
N PRO K 349 -86.04 0.36 -14.11
CA PRO K 349 -87.20 1.03 -13.53
C PRO K 349 -88.39 0.99 -14.49
N VAL K 350 -89.59 0.96 -13.91
CA VAL K 350 -90.82 0.84 -14.68
C VAL K 350 -91.07 2.12 -15.47
N ALA K 351 -92.01 2.07 -16.41
CA ALA K 351 -92.30 3.22 -17.26
C ALA K 351 -92.83 4.42 -16.47
N GLU K 352 -93.41 4.19 -15.29
CA GLU K 352 -93.82 5.30 -14.45
C GLU K 352 -92.62 6.12 -14.00
N LEU K 353 -91.53 5.44 -13.61
CA LEU K 353 -90.33 6.15 -13.18
C LEU K 353 -89.60 6.78 -14.36
N GLN K 354 -89.62 6.13 -15.52
CA GLN K 354 -88.91 6.66 -16.68
C GLN K 354 -89.50 7.98 -17.16
N ALA K 355 -90.84 8.08 -17.15
CA ALA K 355 -91.48 9.28 -17.67
C ALA K 355 -91.18 10.51 -16.82
N ILE K 356 -91.16 10.35 -15.49
CA ILE K 356 -90.93 11.49 -14.60
C ILE K 356 -89.47 11.88 -14.49
N ALA K 357 -88.56 11.12 -15.10
CA ALA K 357 -87.15 11.48 -15.05
C ALA K 357 -86.85 12.60 -16.06
N PRO K 358 -85.91 13.48 -15.73
CA PRO K 358 -85.49 14.50 -16.69
C PRO K 358 -84.84 13.87 -17.91
N ILE K 359 -84.96 14.56 -19.04
CA ILE K 359 -84.55 14.03 -20.34
C ILE K 359 -83.35 14.83 -20.85
N GLY K 360 -82.30 14.13 -21.27
CA GLY K 360 -81.19 14.78 -21.92
C GLY K 360 -80.30 15.53 -20.94
N ASP K 361 -79.83 16.70 -21.38
CA ASP K 361 -78.87 17.48 -20.59
C ASP K 361 -79.51 18.11 -19.36
N ARG K 362 -80.84 18.17 -19.31
CA ARG K 362 -81.51 18.78 -18.17
C ARG K 362 -81.40 17.96 -16.90
N ARG K 363 -80.89 16.73 -16.98
CA ARG K 363 -80.71 15.90 -15.79
C ARG K 363 -79.74 16.56 -14.84
N MET K 364 -80.09 16.56 -13.55
CA MET K 364 -79.31 17.26 -12.54
C MET K 364 -77.91 16.65 -12.40
N SER K 365 -77.81 15.33 -12.50
CA SER K 365 -76.53 14.65 -12.40
C SER K 365 -75.74 14.69 -13.70
N ALA K 366 -76.33 15.16 -14.79
CA ALA K 366 -75.64 15.23 -16.08
C ALA K 366 -75.43 16.67 -16.54
N ASN K 367 -75.55 17.63 -15.63
CA ASN K 367 -75.35 19.03 -16.01
C ASN K 367 -73.88 19.29 -16.32
N PRO K 368 -73.59 19.99 -17.42
CA PRO K 368 -72.18 20.26 -17.78
C PRO K 368 -71.47 21.15 -16.79
N VAL K 369 -72.20 21.89 -15.95
CA VAL K 369 -71.56 22.74 -14.96
C VAL K 369 -70.76 21.92 -13.96
N THR K 370 -71.29 20.77 -13.55
CA THR K 370 -70.59 19.91 -12.60
C THR K 370 -69.26 19.42 -13.17
N ASN K 371 -69.25 19.01 -14.44
CA ASN K 371 -68.01 18.68 -15.14
C ASN K 371 -67.55 19.92 -15.90
N GLY K 372 -67.04 20.88 -15.13
CA GLY K 372 -66.78 22.21 -15.66
C GLY K 372 -65.64 22.27 -16.65
N GLY K 373 -64.82 21.22 -16.74
CA GLY K 373 -63.72 21.23 -17.70
C GLY K 373 -64.20 21.30 -19.13
N LEU K 374 -65.35 20.66 -19.43
CA LEU K 374 -65.95 20.80 -20.74
C LEU K 374 -66.41 22.24 -20.99
N LEU K 375 -66.95 22.89 -19.96
CA LEU K 375 -67.41 24.26 -20.07
C LEU K 375 -66.26 25.27 -20.10
N ARG K 376 -65.06 24.84 -19.72
CA ARG K 376 -63.93 25.76 -19.58
C ARG K 376 -63.42 26.23 -20.93
N ARG K 377 -63.20 27.54 -21.04
CA ARG K 377 -62.57 28.14 -22.20
C ARG K 377 -61.23 28.74 -21.79
N ALA K 378 -60.25 28.67 -22.68
CA ALA K 378 -58.92 29.16 -22.38
C ALA K 378 -58.93 30.67 -22.14
N LEU K 379 -58.17 31.10 -21.14
CA LEU K 379 -58.15 32.50 -20.76
C LEU K 379 -57.39 33.31 -21.79
N THR K 380 -57.98 34.41 -22.23
CA THR K 380 -57.32 35.35 -23.14
C THR K 380 -56.60 36.40 -22.32
N LEU K 381 -55.27 36.41 -22.39
CA LEU K 381 -54.48 37.31 -21.58
C LEU K 381 -53.50 38.08 -22.45
N PRO K 382 -53.24 39.34 -22.13
CA PRO K 382 -52.26 40.12 -22.91
C PRO K 382 -50.84 39.72 -22.56
N ASP K 383 -49.92 40.20 -23.38
CA ASP K 383 -48.50 39.97 -23.12
C ASP K 383 -48.08 40.75 -21.88
N PHE K 384 -47.40 40.07 -20.96
CA PHE K 384 -47.00 40.72 -19.71
C PHE K 384 -45.83 41.66 -19.91
N ARG K 385 -45.13 41.57 -21.05
CA ARG K 385 -43.99 42.44 -21.28
C ARG K 385 -44.39 43.90 -21.43
N ASP K 386 -45.67 44.18 -21.71
CA ASP K 386 -46.14 45.55 -21.76
C ASP K 386 -46.11 46.19 -20.37
N GLN K 387 -46.49 45.43 -19.34
CA GLN K 387 -46.56 45.96 -17.99
C GLN K 387 -45.28 45.73 -17.19
N ALA K 388 -44.29 45.06 -17.76
CA ALA K 388 -43.06 44.80 -17.03
C ALA K 388 -42.24 46.07 -16.87
N VAL K 389 -41.56 46.18 -15.72
CA VAL K 389 -40.70 47.32 -15.49
C VAL K 389 -39.42 47.19 -16.32
N SER K 390 -38.79 48.33 -16.57
CA SER K 390 -37.56 48.40 -17.35
C SER K 390 -36.38 48.50 -16.41
N VAL K 391 -35.38 47.63 -16.60
CA VAL K 391 -34.18 47.62 -15.79
C VAL K 391 -32.94 47.79 -16.68
N PRO K 392 -32.25 48.92 -16.64
CA PRO K 392 -31.00 49.01 -17.39
C PRO K 392 -29.88 48.20 -16.77
N ALA K 393 -29.75 48.22 -15.44
CA ALA K 393 -28.74 47.48 -14.73
C ALA K 393 -29.39 46.58 -13.71
N PRO K 394 -29.11 45.28 -13.71
CA PRO K 394 -29.76 44.37 -12.75
C PRO K 394 -29.23 44.60 -11.35
N GLY K 395 -30.16 44.72 -10.41
CA GLY K 395 -29.81 44.89 -9.02
C GLY K 395 -29.49 46.30 -8.58
N LYS K 396 -29.64 47.29 -9.47
CA LYS K 396 -29.33 48.66 -9.12
C LYS K 396 -30.55 49.58 -9.13
N SER K 397 -31.65 49.17 -9.75
CA SER K 397 -32.85 49.98 -9.83
C SER K 397 -33.90 49.43 -8.88
N ARG K 398 -34.49 50.31 -8.08
CA ARG K 398 -35.42 49.92 -7.03
C ARG K 398 -36.83 50.32 -7.43
N ALA K 399 -37.74 49.34 -7.42
CA ALA K 399 -39.14 49.59 -7.76
C ALA K 399 -40.00 48.56 -7.05
N ASP K 400 -41.20 48.98 -6.66
CA ASP K 400 -42.13 48.07 -5.99
C ASP K 400 -42.63 47.01 -6.96
N SER K 401 -42.73 45.78 -6.47
CA SER K 401 -43.08 44.65 -7.32
C SER K 401 -44.57 44.39 -7.42
N THR K 402 -45.38 45.00 -6.56
CA THR K 402 -46.82 44.75 -6.59
C THR K 402 -47.51 45.49 -7.73
N ARG K 403 -47.06 46.70 -8.06
CA ARG K 403 -47.71 47.49 -9.09
C ARG K 403 -47.71 46.84 -10.47
N PRO K 404 -46.62 46.25 -10.97
CA PRO K 404 -46.73 45.55 -12.27
C PRO K 404 -47.73 44.41 -12.25
N LEU K 405 -47.85 43.68 -11.14
CA LEU K 405 -48.83 42.61 -11.08
C LEU K 405 -50.25 43.14 -11.10
N GLY K 406 -50.50 44.25 -10.39
CA GLY K 406 -51.84 44.83 -10.38
C GLY K 406 -52.28 45.31 -11.75
N GLN K 407 -51.36 45.93 -12.50
CA GLN K 407 -51.69 46.34 -13.86
C GLN K 407 -51.98 45.14 -14.75
N PHE K 408 -51.19 44.07 -14.60
CA PHE K 408 -51.41 42.88 -15.41
C PHE K 408 -52.75 42.24 -15.10
N LEU K 409 -53.13 42.19 -13.83
CA LEU K 409 -54.43 41.64 -13.48
C LEU K 409 -55.57 42.52 -13.97
N ARG K 410 -55.35 43.84 -14.01
CA ARG K 410 -56.37 44.73 -14.55
C ARG K 410 -56.62 44.45 -16.03
N GLU K 411 -55.56 44.22 -16.80
CA GLU K 411 -55.72 43.96 -18.22
C GLU K 411 -56.42 42.63 -18.46
N VAL K 412 -56.16 41.63 -17.62
CA VAL K 412 -56.85 40.35 -17.76
C VAL K 412 -58.33 40.50 -17.48
N ILE K 413 -58.69 41.36 -16.52
CA ILE K 413 -60.10 41.57 -16.18
C ILE K 413 -60.86 42.16 -17.37
N ARG K 414 -60.28 43.16 -18.03
CA ARG K 414 -60.95 43.76 -19.19
C ARG K 414 -61.06 42.79 -20.33
N HIS K 415 -60.01 42.02 -20.60
CA HIS K 415 -60.05 41.06 -21.70
C HIS K 415 -60.90 39.84 -21.39
N ASN K 416 -61.14 39.56 -20.11
CA ASN K 416 -61.97 38.43 -19.68
C ASN K 416 -62.99 38.94 -18.67
N PRO K 417 -64.02 39.65 -19.15
CA PRO K 417 -64.95 40.28 -18.21
C PRO K 417 -65.90 39.30 -17.52
N ASP K 418 -66.04 38.08 -18.04
CA ASP K 418 -67.00 37.12 -17.50
C ASP K 418 -66.35 36.01 -16.70
N ASN K 419 -65.38 35.30 -17.26
CA ASN K 419 -64.82 34.10 -16.64
C ASN K 419 -63.57 34.38 -15.84
N PHE K 420 -63.48 35.53 -15.18
CA PHE K 420 -62.34 35.83 -14.32
C PHE K 420 -62.78 36.70 -13.16
N ARG K 421 -62.31 36.35 -11.96
CA ARG K 421 -62.58 37.12 -10.76
C ARG K 421 -61.34 37.12 -9.88
N LEU K 422 -61.27 38.10 -8.99
CA LEU K 422 -60.14 38.25 -8.08
C LEU K 422 -60.65 38.21 -6.64
N PHE K 423 -59.90 37.54 -5.76
CA PHE K 423 -60.31 37.32 -4.38
C PHE K 423 -59.22 37.81 -3.45
N GLY K 424 -59.61 38.59 -2.43
CA GLY K 424 -58.68 39.08 -1.45
C GLY K 424 -59.36 39.42 -0.13
N PRO K 425 -58.78 38.98 0.99
CA PRO K 425 -59.39 39.22 2.31
C PRO K 425 -59.12 40.63 2.84
N ASP K 426 -59.68 41.62 2.14
CA ASP K 426 -59.48 43.04 2.44
C ASP K 426 -58.00 43.40 2.48
N GLU K 427 -57.25 42.85 1.52
CA GLU K 427 -55.83 43.16 1.40
C GLU K 427 -55.43 43.59 -0.01
N THR K 428 -56.38 43.67 -0.94
CA THR K 428 -56.06 44.16 -2.28
C THR K 428 -55.54 45.60 -2.23
N ALA K 429 -56.21 46.45 -1.43
CA ALA K 429 -55.67 47.78 -1.18
C ALA K 429 -54.39 47.73 -0.37
N SER K 430 -54.33 46.82 0.61
CA SER K 430 -53.14 46.71 1.45
C SER K 430 -51.93 46.22 0.65
N ASN K 431 -52.12 45.25 -0.24
CA ASN K 431 -51.04 44.72 -1.07
C ASN K 431 -50.65 45.64 -2.21
N ARG K 432 -51.11 46.89 -2.21
CA ARG K 432 -50.78 47.86 -3.25
C ARG K 432 -51.21 47.38 -4.63
N LEU K 433 -52.35 46.67 -4.68
CA LEU K 433 -52.93 46.18 -5.92
C LEU K 433 -54.07 47.09 -6.40
N ASP K 434 -53.96 48.39 -6.19
CA ASP K 434 -55.01 49.32 -6.55
C ASP K 434 -55.10 49.57 -8.05
N ALA K 435 -54.20 48.99 -8.85
CA ALA K 435 -54.24 49.17 -10.29
C ALA K 435 -55.50 48.55 -10.89
N VAL K 436 -56.00 47.46 -10.30
CA VAL K 436 -57.24 46.87 -10.79
C VAL K 436 -58.45 47.73 -10.45
N TYR K 437 -58.32 48.64 -9.49
CA TYR K 437 -59.44 49.52 -9.13
C TYR K 437 -59.74 50.56 -10.19
N GLU K 438 -58.89 50.71 -11.20
CA GLU K 438 -59.10 51.72 -12.23
C GLU K 438 -60.32 51.42 -13.09
N VAL K 439 -60.51 50.15 -13.45
CA VAL K 439 -61.58 49.76 -14.37
C VAL K 439 -62.73 49.08 -13.66
N THR K 440 -62.46 48.29 -12.62
CA THR K 440 -63.49 47.58 -11.88
C THR K 440 -63.29 47.81 -10.38
N SER K 441 -64.38 47.72 -9.64
CA SER K 441 -64.37 47.99 -8.21
C SER K 441 -64.91 46.79 -7.45
N LYS K 442 -64.79 46.84 -6.13
CA LYS K 442 -65.30 45.79 -5.27
C LYS K 442 -66.82 45.77 -5.30
N VAL K 443 -67.39 44.59 -5.05
CA VAL K 443 -68.84 44.40 -5.03
C VAL K 443 -69.29 44.33 -3.58
N TRP K 444 -70.29 45.15 -3.24
CA TRP K 444 -70.81 45.19 -1.89
C TRP K 444 -72.30 44.88 -1.79
N LEU K 445 -73.11 45.47 -2.67
CA LEU K 445 -74.57 45.28 -2.67
C LEU K 445 -75.18 45.57 -1.29
N GLY K 446 -74.83 46.74 -0.74
CA GLY K 446 -75.36 47.16 0.53
C GLY K 446 -75.55 48.67 0.52
N ASP K 447 -75.94 49.20 1.68
CA ASP K 447 -76.08 50.64 1.82
C ASP K 447 -74.73 51.32 1.66
N ARG K 448 -74.74 52.49 1.03
CA ARG K 448 -73.52 53.22 0.73
C ARG K 448 -73.68 54.68 1.12
N ILE K 449 -72.58 55.29 1.50
CA ILE K 449 -72.55 56.70 1.90
C ILE K 449 -71.53 57.41 1.02
N PRO K 450 -71.67 58.73 0.84
CA PRO K 450 -70.68 59.47 0.03
C PRO K 450 -69.27 59.38 0.57
N GLU K 451 -69.10 59.13 1.88
CA GLU K 451 -67.77 58.91 2.43
C GLU K 451 -67.15 57.64 1.86
N ASP K 452 -67.96 56.60 1.65
CA ASP K 452 -67.46 55.38 1.03
C ASP K 452 -67.07 55.60 -0.42
N GLU K 453 -67.77 56.47 -1.13
CA GLU K 453 -67.48 56.70 -2.54
C GLU K 453 -66.09 57.28 -2.75
N ASP K 454 -65.71 58.25 -1.92
CA ASP K 454 -64.39 58.86 -2.06
C ASP K 454 -63.28 57.92 -1.58
N GLY K 455 -63.55 57.17 -0.52
CA GLY K 455 -62.54 56.31 0.07
C GLY K 455 -62.43 54.95 -0.58
N GLY K 456 -63.53 54.21 -0.62
CA GLY K 456 -63.54 52.87 -1.15
C GLY K 456 -64.08 52.78 -2.56
N HIS K 457 -63.71 51.70 -3.25
CA HIS K 457 -64.20 51.43 -4.60
C HIS K 457 -65.27 50.36 -4.49
N LEU K 458 -66.53 50.81 -4.31
CA LEU K 458 -67.66 49.92 -4.11
C LEU K 458 -68.71 50.17 -5.18
N SER K 459 -69.25 49.10 -5.74
CA SER K 459 -70.31 49.19 -6.74
C SER K 459 -71.07 47.88 -6.76
N ASP K 460 -72.27 47.92 -7.33
CA ASP K 460 -73.07 46.70 -7.49
C ASP K 460 -72.39 45.72 -8.43
N ARG K 461 -71.80 46.22 -9.51
CA ARG K 461 -71.09 45.39 -10.47
C ARG K 461 -69.61 45.44 -10.18
N GLY K 462 -68.99 44.26 -10.07
CA GLY K 462 -67.57 44.19 -9.80
C GLY K 462 -67.04 42.80 -10.08
N ARG K 463 -65.71 42.71 -10.17
CA ARG K 463 -65.03 41.45 -10.42
C ARG K 463 -64.07 41.08 -9.30
N VAL K 464 -64.08 41.82 -8.20
CA VAL K 464 -63.16 41.58 -7.09
C VAL K 464 -64.00 41.32 -5.84
N MET K 465 -63.75 40.17 -5.19
CA MET K 465 -64.42 39.80 -3.96
C MET K 465 -63.52 40.13 -2.78
N GLU K 466 -64.06 40.84 -1.80
CA GLU K 466 -63.27 41.34 -0.66
C GLU K 466 -64.03 41.11 0.64
N ILE K 467 -63.73 39.99 1.30
CA ILE K 467 -64.24 39.69 2.64
C ILE K 467 -63.12 39.00 3.41
N LEU K 468 -62.82 39.49 4.61
CA LEU K 468 -61.60 39.07 5.31
C LEU K 468 -61.66 37.62 5.75
N SER K 469 -62.87 37.07 5.92
CA SER K 469 -63.01 35.66 6.28
C SER K 469 -62.49 34.77 5.15
N GLU K 470 -61.34 34.14 5.35
CA GLU K 470 -60.73 33.36 4.30
C GLU K 470 -61.44 32.03 4.05
N HIS K 471 -62.22 31.54 5.02
CA HIS K 471 -62.89 30.27 4.84
C HIS K 471 -63.92 30.34 3.71
N THR K 472 -64.81 31.32 3.80
CA THR K 472 -65.81 31.49 2.74
C THR K 472 -65.17 32.03 1.47
N LEU K 473 -64.13 32.85 1.61
CA LEU K 473 -63.50 33.46 0.44
C LEU K 473 -62.80 32.41 -0.42
N GLU K 474 -62.09 31.47 0.21
CA GLU K 474 -61.42 30.42 -0.56
C GLU K 474 -62.41 29.41 -1.09
N GLY K 475 -63.51 29.17 -0.37
CA GLY K 475 -64.53 28.26 -0.87
C GLY K 475 -65.19 28.74 -2.15
N TRP K 476 -65.33 30.07 -2.30
CA TRP K 476 -65.88 30.62 -3.53
C TRP K 476 -65.00 30.29 -4.72
N LEU K 477 -63.68 30.38 -4.54
CA LEU K 477 -62.76 30.19 -5.66
C LEU K 477 -62.74 28.73 -6.12
N GLU K 478 -62.78 27.79 -5.17
CA GLU K 478 -62.67 26.38 -5.53
C GLU K 478 -63.83 25.94 -6.41
N ALA K 479 -65.05 26.36 -6.08
CA ALA K 479 -66.19 26.04 -6.93
C ALA K 479 -66.12 26.79 -8.25
N TYR K 480 -65.55 28.00 -8.24
CA TYR K 480 -65.43 28.78 -9.46
C TYR K 480 -64.54 28.08 -10.47
N LEU K 481 -63.47 27.44 -10.00
CA LEU K 481 -62.58 26.72 -10.90
C LEU K 481 -63.20 25.41 -11.36
N LEU K 482 -63.85 24.67 -10.46
CA LEU K 482 -64.50 23.43 -10.84
C LEU K 482 -65.68 23.66 -11.78
N THR K 483 -66.25 24.87 -11.78
CA THR K 483 -67.28 25.21 -12.74
C THR K 483 -66.71 25.42 -14.15
N GLY K 484 -65.42 25.68 -14.26
CA GLY K 484 -64.77 25.90 -15.54
C GLY K 484 -64.24 27.30 -15.74
N ARG K 485 -64.35 28.18 -14.76
CA ARG K 485 -63.89 29.55 -14.89
C ARG K 485 -62.46 29.67 -14.38
N HIS K 486 -61.95 30.89 -14.29
CA HIS K 486 -60.60 31.16 -13.82
C HIS K 486 -60.63 32.20 -12.72
N GLY K 487 -59.68 32.11 -11.80
CA GLY K 487 -59.64 33.02 -10.67
C GLY K 487 -58.24 33.22 -10.17
N PHE K 488 -58.10 34.11 -9.21
CA PHE K 488 -56.80 34.43 -8.61
C PHE K 488 -57.01 34.86 -7.17
N PHE K 489 -56.23 34.29 -6.25
CA PHE K 489 -56.36 34.56 -4.83
C PHE K 489 -55.12 35.26 -4.33
N ALA K 490 -55.30 36.40 -3.67
CA ALA K 490 -54.19 37.16 -3.10
C ALA K 490 -54.47 37.43 -1.63
N THR K 491 -53.50 37.08 -0.79
CA THR K 491 -53.67 37.23 0.66
C THR K 491 -52.31 37.35 1.32
N TYR K 492 -52.33 37.58 2.62
CA TYR K 492 -51.12 37.56 3.42
C TYR K 492 -50.66 36.12 3.64
N GLU K 493 -49.36 35.98 3.91
CA GLU K 493 -48.82 34.68 4.25
C GLU K 493 -49.14 34.30 5.70
N ALA K 494 -49.30 35.30 6.57
CA ALA K 494 -49.48 35.02 7.99
C ALA K 494 -50.80 34.31 8.27
N PHE K 495 -51.82 34.53 7.45
CA PHE K 495 -53.12 33.91 7.65
C PHE K 495 -53.37 32.77 6.68
N ALA K 496 -52.30 32.19 6.12
CA ALA K 496 -52.47 31.07 5.21
C ALA K 496 -52.78 29.77 5.93
N HIS K 497 -52.55 29.69 7.24
CA HIS K 497 -52.96 28.50 7.98
C HIS K 497 -54.47 28.38 8.10
N VAL K 498 -55.21 29.46 7.86
CA VAL K 498 -56.66 29.42 7.93
C VAL K 498 -57.23 28.51 6.85
N ILE K 499 -56.69 28.58 5.64
CA ILE K 499 -57.21 27.82 4.51
C ILE K 499 -56.42 26.53 4.36
N ASP K 500 -55.69 26.13 5.41
CA ASP K 500 -54.89 24.92 5.34
C ASP K 500 -55.76 23.69 5.14
N SER K 501 -56.88 23.61 5.85
CA SER K 501 -57.78 22.47 5.68
C SER K 501 -58.43 22.48 4.31
N MET K 502 -58.79 23.67 3.80
CA MET K 502 -59.51 23.75 2.54
C MET K 502 -58.62 23.39 1.37
N VAL K 503 -57.33 23.75 1.44
CA VAL K 503 -56.42 23.45 0.34
C VAL K 503 -56.23 21.94 0.18
N ASN K 504 -56.10 21.23 1.30
CA ASN K 504 -55.96 19.77 1.22
C ASN K 504 -57.20 19.13 0.62
N GLN K 505 -58.38 19.69 0.87
CA GLN K 505 -59.59 19.18 0.26
C GLN K 505 -59.57 19.36 -1.25
N HIS K 506 -59.12 20.52 -1.73
CA HIS K 506 -59.12 20.76 -3.17
C HIS K 506 -58.05 19.91 -3.86
N ALA K 507 -56.87 19.79 -3.26
CA ALA K 507 -55.85 18.94 -3.84
C ALA K 507 -56.25 17.48 -3.83
N LYS K 508 -57.08 17.08 -2.85
CA LYS K 508 -57.66 15.74 -2.87
C LYS K 508 -58.54 15.55 -4.09
N TRP K 509 -59.32 16.58 -4.45
CA TRP K 509 -60.22 16.48 -5.59
C TRP K 509 -59.44 16.38 -6.90
N LEU K 510 -58.42 17.22 -7.07
CA LEU K 510 -57.69 17.25 -8.32
C LEU K 510 -56.88 15.98 -8.53
N ASP K 511 -56.33 15.42 -7.45
CA ASP K 511 -55.52 14.22 -7.57
C ASP K 511 -56.36 13.03 -8.05
N VAL K 512 -57.56 12.87 -7.50
CA VAL K 512 -58.44 11.78 -7.94
C VAL K 512 -58.95 12.05 -9.34
N SER K 513 -59.31 13.30 -9.65
CA SER K 513 -59.87 13.62 -10.95
C SER K 513 -58.86 13.41 -12.06
N LYS K 514 -57.59 13.68 -11.80
CA LYS K 514 -56.57 13.55 -12.83
C LYS K 514 -56.30 12.09 -13.16
N ARG K 515 -56.13 11.25 -12.15
CA ARG K 515 -55.69 9.88 -12.35
C ARG K 515 -56.85 8.87 -12.39
N GLU K 516 -57.63 8.79 -11.31
CA GLU K 516 -58.60 7.72 -11.18
C GLU K 516 -59.76 7.90 -12.15
N VAL K 517 -60.32 9.10 -12.21
CA VAL K 517 -61.50 9.36 -13.03
C VAL K 517 -61.04 9.76 -14.43
N ASP K 518 -61.66 9.17 -15.44
CA ASP K 518 -61.29 9.41 -16.83
C ASP K 518 -62.23 10.36 -17.55
N TRP K 519 -63.48 10.44 -17.12
CA TRP K 519 -64.44 11.34 -17.77
C TRP K 519 -64.39 12.76 -17.23
N ARG K 520 -63.62 13.01 -16.18
CA ARG K 520 -63.49 14.36 -15.65
C ARG K 520 -62.59 15.18 -16.55
N ALA K 521 -63.11 16.24 -17.09
CA ALA K 521 -62.24 17.08 -17.91
C ALA K 521 -61.43 18.02 -17.01
N PRO K 522 -60.21 18.37 -17.43
CA PRO K 522 -59.38 19.24 -16.60
C PRO K 522 -60.00 20.62 -16.39
N VAL K 523 -59.86 21.12 -15.17
CA VAL K 523 -60.39 22.43 -14.77
C VAL K 523 -59.22 23.40 -14.70
N SER K 524 -59.52 24.68 -14.45
CA SER K 524 -58.47 25.66 -14.31
C SER K 524 -57.71 25.45 -13.00
N SER K 525 -56.53 26.06 -12.93
CA SER K 525 -55.65 25.86 -11.77
C SER K 525 -56.03 26.80 -10.64
N LEU K 526 -55.57 26.45 -9.44
CA LEU K 526 -55.81 27.23 -8.23
C LEU K 526 -54.57 28.08 -7.96
N ASN K 527 -54.71 29.39 -8.13
CA ASN K 527 -53.60 30.33 -8.00
C ASN K 527 -53.79 31.14 -6.72
N ILE K 528 -52.87 30.96 -5.77
CA ILE K 528 -52.89 31.68 -4.50
C ILE K 528 -51.64 32.54 -4.43
N LEU K 529 -51.84 33.82 -4.16
CA LEU K 529 -50.73 34.77 -4.01
C LEU K 529 -50.56 35.11 -2.54
N LEU K 530 -49.37 34.90 -2.02
CA LEU K 530 -49.04 35.16 -0.62
C LEU K 530 -48.19 36.42 -0.55
N SER K 531 -48.65 37.41 0.19
CA SER K 531 -47.95 38.68 0.33
C SER K 531 -47.55 38.89 1.78
N SER K 532 -46.75 39.94 2.00
CA SER K 532 -46.31 40.36 3.33
C SER K 532 -45.64 39.20 4.08
N THR K 533 -44.51 38.78 3.53
CA THR K 533 -43.76 37.66 4.09
C THR K 533 -43.33 37.96 5.52
N VAL K 534 -42.86 36.91 6.20
CA VAL K 534 -42.53 37.00 7.61
C VAL K 534 -41.32 37.86 7.87
N TRP K 535 -40.50 38.13 6.85
CA TRP K 535 -39.25 38.84 7.07
C TRP K 535 -39.45 40.34 7.24
N ARG K 536 -40.46 40.91 6.60
CA ARG K 536 -40.67 42.36 6.72
C ARG K 536 -41.29 42.74 8.05
N GLN K 537 -42.14 41.89 8.61
CA GLN K 537 -42.86 42.15 9.86
C GLN K 537 -43.70 43.42 9.73
N ASP K 538 -44.69 43.33 8.84
CA ASP K 538 -45.57 44.45 8.55
C ASP K 538 -46.43 44.78 9.77
N HIS K 539 -47.09 45.93 9.70
CA HIS K 539 -47.92 46.39 10.81
C HIS K 539 -49.07 45.43 11.08
N ASN K 540 -49.71 44.93 10.03
CA ASN K 540 -50.81 44.00 10.18
C ASN K 540 -50.28 42.59 10.46
N GLY K 541 -51.16 41.77 11.02
CA GLY K 541 -50.81 40.40 11.37
C GLY K 541 -50.10 40.30 12.70
N PHE K 542 -50.13 39.11 13.27
CA PHE K 542 -49.48 38.86 14.55
C PHE K 542 -47.97 38.93 14.38
N SER K 543 -47.28 39.18 15.50
CA SER K 543 -45.85 39.43 15.46
C SER K 543 -45.07 38.19 15.03
N HIS K 544 -45.49 37.01 15.47
CA HIS K 544 -44.78 35.77 15.16
C HIS K 544 -45.44 35.10 13.96
N GLN K 545 -45.20 35.67 12.78
CA GLN K 545 -45.70 35.07 11.56
C GLN K 545 -45.00 33.74 11.28
N ASP K 546 -45.72 32.85 10.62
CA ASP K 546 -45.25 31.48 10.41
C ASP K 546 -45.29 31.17 8.92
N PRO K 547 -44.14 30.83 8.30
CA PRO K 547 -44.15 30.48 6.88
C PRO K 547 -44.45 29.01 6.66
N GLY K 548 -45.02 28.35 7.67
CA GLY K 548 -45.26 26.92 7.63
C GLY K 548 -46.26 26.46 6.59
N PHE K 549 -47.01 27.38 5.99
CA PHE K 549 -47.96 26.99 4.95
C PHE K 549 -47.26 26.38 3.75
N ILE K 550 -46.03 26.82 3.48
CA ILE K 550 -45.26 26.26 2.36
C ILE K 550 -44.97 24.79 2.62
N ASP K 551 -44.72 24.43 3.89
CA ASP K 551 -44.36 23.06 4.21
C ASP K 551 -45.52 22.09 4.03
N LEU K 552 -46.72 22.48 4.48
CA LEU K 552 -47.85 21.57 4.39
C LEU K 552 -48.28 21.36 2.94
N VAL K 553 -48.07 22.36 2.08
CA VAL K 553 -48.35 22.19 0.66
C VAL K 553 -47.39 21.17 0.06
N THR K 554 -46.12 21.20 0.46
CA THR K 554 -45.15 20.23 -0.04
C THR K 554 -45.42 18.82 0.46
N ASN K 555 -46.18 18.66 1.55
CA ASN K 555 -46.55 17.32 1.99
C ASN K 555 -47.41 16.62 0.94
N LYS K 556 -48.24 17.37 0.23
CA LYS K 556 -48.98 16.82 -0.88
C LYS K 556 -48.03 16.60 -2.06
N SER K 557 -48.50 15.79 -3.02
CA SER K 557 -47.64 15.35 -4.10
C SER K 557 -47.24 16.52 -5.00
N ALA K 558 -46.03 16.42 -5.56
CA ALA K 558 -45.53 17.43 -6.48
C ALA K 558 -46.30 17.48 -7.79
N ARG K 559 -47.13 16.47 -8.08
CA ARG K 559 -47.91 16.43 -9.29
C ARG K 559 -49.25 17.14 -9.17
N VAL K 560 -49.54 17.75 -8.02
CA VAL K 560 -50.76 18.51 -7.86
C VAL K 560 -50.52 19.91 -7.31
N THR K 561 -49.37 20.21 -6.72
CA THR K 561 -49.09 21.52 -6.17
C THR K 561 -47.77 22.04 -6.73
N ARG K 562 -47.73 23.34 -7.00
CA ARG K 562 -46.53 24.02 -7.45
C ARG K 562 -46.33 25.27 -6.62
N ILE K 563 -45.11 25.51 -6.16
CA ILE K 563 -44.78 26.64 -5.31
C ILE K 563 -43.72 27.48 -6.02
N TYR K 564 -44.01 28.77 -6.18
CA TYR K 564 -43.13 29.69 -6.89
C TYR K 564 -42.77 30.86 -5.99
N LEU K 565 -41.48 31.19 -5.96
CA LEU K 565 -40.95 32.28 -5.15
C LEU K 565 -40.21 33.24 -6.07
N PRO K 566 -40.93 34.12 -6.76
CA PRO K 566 -40.28 35.05 -7.67
C PRO K 566 -39.53 36.13 -6.93
N PRO K 567 -38.30 36.45 -7.36
CA PRO K 567 -37.53 37.47 -6.63
C PRO K 567 -38.00 38.89 -6.90
N ASP K 568 -38.31 39.24 -8.15
CA ASP K 568 -38.65 40.63 -8.44
C ASP K 568 -39.95 40.76 -9.22
N ALA K 569 -40.25 41.96 -9.71
CA ALA K 569 -41.52 42.23 -10.36
C ALA K 569 -41.63 41.50 -11.69
N ASN K 570 -40.57 41.53 -12.51
CA ASN K 570 -40.61 40.88 -13.80
C ASN K 570 -40.76 39.38 -13.67
N CYS K 571 -40.05 38.78 -12.71
CA CYS K 571 -40.20 37.35 -12.48
C CYS K 571 -41.56 37.02 -11.87
N LEU K 572 -42.17 37.98 -11.18
CA LEU K 572 -43.53 37.78 -10.67
C LEU K 572 -44.54 37.75 -11.79
N LEU K 573 -44.40 38.63 -12.79
CA LEU K 573 -45.32 38.64 -13.92
C LEU K 573 -45.24 37.36 -14.73
N SER K 574 -44.03 36.86 -14.96
CA SER K 574 -43.87 35.64 -15.73
C SER K 574 -44.50 34.45 -15.00
N VAL K 575 -44.35 34.40 -13.68
CA VAL K 575 -44.98 33.36 -12.89
C VAL K 575 -46.50 33.49 -12.96
N ALA K 576 -47.00 34.71 -12.80
CA ALA K 576 -48.44 34.93 -12.86
C ALA K 576 -49.00 34.62 -14.24
N ASP K 577 -48.27 35.00 -15.29
CA ASP K 577 -48.71 34.68 -16.64
C ASP K 577 -48.70 33.18 -16.89
N HIS K 578 -47.65 32.49 -16.45
CA HIS K 578 -47.55 31.05 -16.70
C HIS K 578 -48.60 30.27 -15.92
N CYS K 579 -48.87 30.68 -14.67
CA CYS K 579 -49.79 29.93 -13.84
C CYS K 579 -51.24 30.10 -14.28
N LEU K 580 -51.56 31.21 -14.94
CA LEU K 580 -52.91 31.39 -15.45
C LEU K 580 -53.21 30.48 -16.63
N ARG K 581 -52.20 29.84 -17.22
CA ARG K 581 -52.41 28.89 -18.30
C ARG K 581 -52.56 27.46 -17.80
N SER K 582 -51.97 27.14 -16.65
CA SER K 582 -51.98 25.77 -16.15
C SER K 582 -53.38 25.34 -15.73
N THR K 583 -53.59 24.03 -15.69
CA THR K 583 -54.92 23.47 -15.49
C THR K 583 -55.07 22.71 -14.17
N ASP K 584 -54.29 21.66 -13.95
CA ASP K 584 -54.57 20.73 -12.86
C ASP K 584 -53.55 20.84 -11.73
N TYR K 585 -53.20 22.05 -11.34
CA TYR K 585 -52.25 22.28 -10.28
C TYR K 585 -52.78 23.31 -9.30
N ILE K 586 -52.22 23.29 -8.11
CA ILE K 586 -52.43 24.35 -7.12
C ILE K 586 -51.16 25.18 -7.10
N ASN K 587 -51.26 26.44 -7.51
CA ASN K 587 -50.10 27.32 -7.63
C ASN K 587 -50.06 28.25 -6.43
N VAL K 588 -48.96 28.19 -5.67
CA VAL K 588 -48.75 29.05 -4.52
C VAL K 588 -47.59 29.97 -4.86
N ILE K 589 -47.88 31.27 -4.90
CA ILE K 589 -46.89 32.28 -5.27
C ILE K 589 -46.69 33.18 -4.07
N VAL K 590 -45.45 33.30 -3.60
CA VAL K 590 -45.12 34.11 -2.43
C VAL K 590 -44.29 35.29 -2.91
N ALA K 591 -44.84 36.49 -2.74
CA ALA K 591 -44.18 37.72 -3.12
C ALA K 591 -44.23 38.68 -1.95
N ASP K 592 -43.45 39.75 -2.04
CA ASP K 592 -43.33 40.72 -0.96
C ASP K 592 -43.87 42.07 -1.41
N LYS K 593 -44.64 42.72 -0.54
CA LYS K 593 -45.22 44.02 -0.87
C LYS K 593 -44.16 45.11 -0.95
N GLN K 594 -43.17 45.06 -0.07
CA GLN K 594 -42.26 46.18 0.10
C GLN K 594 -41.40 46.39 -1.14
N SER K 595 -41.07 47.65 -1.41
CA SER K 595 -40.27 48.01 -2.58
C SER K 595 -38.88 47.40 -2.46
N HIS K 596 -38.42 46.76 -3.54
CA HIS K 596 -37.18 46.01 -3.52
C HIS K 596 -36.38 46.33 -4.77
N LEU K 597 -35.21 45.70 -4.87
CA LEU K 597 -34.43 45.77 -6.09
C LEU K 597 -35.12 44.96 -7.20
N GLN K 598 -34.66 45.18 -8.42
CA GLN K 598 -35.10 44.40 -9.56
C GLN K 598 -33.87 43.78 -10.21
N TYR K 599 -33.95 42.48 -10.48
CA TYR K 599 -32.78 41.73 -10.95
C TYR K 599 -32.92 41.21 -12.37
N LEU K 600 -34.13 41.08 -12.90
CA LEU K 600 -34.35 40.44 -14.18
C LEU K 600 -35.10 41.38 -15.12
N ASP K 601 -34.71 41.36 -16.39
CA ASP K 601 -35.42 42.08 -17.42
C ASP K 601 -36.67 41.30 -17.82
N ALA K 602 -37.52 41.95 -18.61
CA ALA K 602 -38.75 41.30 -19.06
C ALA K 602 -38.46 40.04 -19.86
N GLU K 603 -37.46 40.11 -20.75
CA GLU K 603 -37.09 38.93 -21.53
C GLU K 603 -36.34 37.92 -20.67
N ALA K 604 -35.47 38.39 -19.78
CA ALA K 604 -34.70 37.48 -18.95
C ALA K 604 -35.56 36.79 -17.89
N ALA K 605 -36.63 37.44 -17.44
CA ALA K 605 -37.55 36.80 -16.51
C ALA K 605 -38.24 35.62 -17.15
N ALA K 606 -38.63 35.75 -18.43
CA ALA K 606 -39.29 34.65 -19.12
C ALA K 606 -38.37 33.44 -19.26
N ARG K 607 -37.10 33.68 -19.58
CA ARG K 607 -36.15 32.57 -19.63
C ARG K 607 -35.93 31.96 -18.26
N HIS K 608 -35.92 32.78 -17.21
CA HIS K 608 -35.71 32.28 -15.87
C HIS K 608 -36.87 31.40 -15.42
N CYS K 609 -38.10 31.85 -15.65
CA CYS K 609 -39.26 31.05 -15.26
C CYS K 609 -39.45 29.83 -16.14
N ALA K 610 -38.92 29.85 -17.36
CA ALA K 610 -38.97 28.67 -18.20
C ALA K 610 -38.15 27.54 -17.60
N LYS K 611 -36.93 27.84 -17.17
CA LYS K 611 -36.11 26.84 -16.51
C LYS K 611 -36.55 26.63 -15.06
N GLY K 612 -37.07 27.65 -14.41
CA GLY K 612 -37.44 27.60 -13.01
C GLY K 612 -36.28 27.87 -12.07
N ILE K 613 -35.12 27.29 -12.37
CA ILE K 613 -33.90 27.49 -11.61
C ILE K 613 -32.77 27.76 -12.59
N GLY K 614 -32.00 28.81 -12.34
CA GLY K 614 -30.92 29.14 -13.25
C GLY K 614 -29.86 29.99 -12.61
N ILE K 615 -28.68 29.94 -13.19
CA ILE K 615 -27.54 30.73 -12.73
C ILE K 615 -27.73 32.17 -13.17
N TRP K 616 -27.54 33.11 -12.26
CA TRP K 616 -27.50 34.52 -12.59
C TRP K 616 -26.07 34.88 -12.98
N ASP K 617 -25.88 35.25 -14.25
CA ASP K 617 -24.53 35.45 -14.75
C ASP K 617 -23.90 36.72 -14.21
N TRP K 618 -24.67 37.79 -14.07
CA TRP K 618 -24.12 39.04 -13.56
C TRP K 618 -23.72 38.92 -12.10
N ALA K 619 -24.52 38.19 -11.31
CA ALA K 619 -24.17 38.00 -9.91
C ALA K 619 -23.03 37.01 -9.73
N SER K 620 -22.88 36.07 -10.66
CA SER K 620 -21.82 35.08 -10.55
C SER K 620 -20.46 35.74 -10.72
N ASN K 621 -19.51 35.31 -9.90
CA ASN K 621 -18.19 35.93 -9.91
C ASN K 621 -17.39 35.51 -11.13
N ASP K 622 -17.11 34.21 -11.26
CA ASP K 622 -16.21 33.75 -12.30
C ASP K 622 -16.89 32.69 -13.14
N GLN K 623 -16.80 32.85 -14.45
CA GLN K 623 -17.25 31.87 -15.42
C GLN K 623 -16.03 31.28 -16.13
N GLY K 624 -16.18 30.06 -16.62
CA GLY K 624 -15.07 29.35 -17.20
C GLY K 624 -14.14 28.71 -16.18
N ALA K 625 -14.47 28.77 -14.90
CA ALA K 625 -13.69 28.13 -13.86
C ALA K 625 -14.63 27.50 -12.86
N SER K 626 -14.13 26.52 -12.14
CA SER K 626 -14.94 25.85 -11.13
C SER K 626 -15.18 26.78 -9.96
N PRO K 627 -16.42 27.05 -9.58
CA PRO K 627 -16.67 27.95 -8.46
C PRO K 627 -16.22 27.36 -7.14
N ASP K 628 -15.78 28.22 -6.24
CA ASP K 628 -15.38 27.77 -4.92
C ASP K 628 -16.59 27.48 -4.03
N VAL K 629 -17.69 28.20 -4.23
CA VAL K 629 -18.89 28.03 -3.44
C VAL K 629 -20.09 28.42 -4.29
N VAL K 630 -21.21 27.75 -4.06
CA VAL K 630 -22.46 28.04 -4.76
C VAL K 630 -23.40 28.68 -3.76
N ILE K 631 -23.81 29.91 -4.04
CA ILE K 631 -24.73 30.64 -3.17
C ILE K 631 -26.09 30.64 -3.83
N ALA K 632 -27.06 30.01 -3.18
CA ALA K 632 -28.40 29.87 -3.73
C ALA K 632 -29.40 30.59 -2.84
N SER K 633 -30.37 31.25 -3.46
CA SER K 633 -31.43 31.94 -2.74
C SER K 633 -32.76 31.57 -3.39
N CYS K 634 -33.80 31.49 -2.57
CA CYS K 634 -35.11 31.07 -3.04
C CYS K 634 -36.14 32.17 -3.00
N GLY K 635 -36.29 32.85 -1.86
CA GLY K 635 -37.27 33.90 -1.74
C GLY K 635 -36.84 35.17 -2.44
N ASP K 636 -37.38 36.29 -1.97
CA ASP K 636 -37.04 37.61 -2.50
C ASP K 636 -36.33 38.49 -1.48
N VAL K 637 -36.77 38.47 -0.22
CA VAL K 637 -36.03 39.17 0.82
C VAL K 637 -34.68 38.51 1.05
N VAL K 638 -34.66 37.17 1.10
CA VAL K 638 -33.41 36.46 1.30
C VAL K 638 -32.52 36.53 0.06
N THR K 639 -33.10 36.81 -1.12
CA THR K 639 -32.28 37.01 -2.30
C THR K 639 -31.43 38.27 -2.18
N LEU K 640 -32.00 39.33 -1.64
CA LEU K 640 -31.24 40.55 -1.42
C LEU K 640 -30.08 40.32 -0.46
N GLU K 641 -30.33 39.56 0.62
CA GLU K 641 -29.26 39.23 1.55
C GLU K 641 -28.22 38.34 0.91
N ALA K 642 -28.65 37.39 0.08
CA ALA K 642 -27.70 36.54 -0.61
C ALA K 642 -26.86 37.33 -1.60
N LEU K 643 -27.47 38.30 -2.28
CA LEU K 643 -26.69 39.18 -3.17
C LEU K 643 -25.75 40.06 -2.37
N ALA K 644 -26.20 40.61 -1.25
CA ALA K 644 -25.36 41.47 -0.44
C ALA K 644 -24.19 40.71 0.15
N ALA K 645 -24.41 39.45 0.52
CA ALA K 645 -23.31 38.61 0.98
C ALA K 645 -22.30 38.36 -0.13
N THR K 646 -22.77 38.21 -1.37
CA THR K 646 -21.87 38.04 -2.49
C THR K 646 -21.01 39.28 -2.72
N ALA K 647 -21.61 40.46 -2.53
CA ALA K 647 -20.85 41.70 -2.70
C ALA K 647 -19.75 41.82 -1.65
N LEU K 648 -20.05 41.44 -0.40
CA LEU K 648 -19.03 41.51 0.64
C LEU K 648 -17.89 40.54 0.38
N LEU K 649 -18.20 39.32 -0.03
CA LEU K 649 -17.16 38.32 -0.25
C LEU K 649 -16.28 38.68 -1.44
N ARG K 650 -16.88 39.19 -2.52
CA ARG K 650 -16.09 39.61 -3.66
C ARG K 650 -15.25 40.84 -3.34
N GLU K 651 -15.72 41.67 -2.42
CA GLU K 651 -14.93 42.84 -2.03
C GLU K 651 -13.71 42.43 -1.21
N HIS K 652 -13.88 41.50 -0.26
CA HIS K 652 -12.80 41.13 0.64
C HIS K 652 -11.94 39.99 0.11
N PHE K 653 -12.47 39.15 -0.79
CA PHE K 653 -11.72 38.04 -1.37
C PHE K 653 -11.81 38.17 -2.88
N PRO K 654 -10.92 38.94 -3.50
CA PRO K 654 -10.96 39.09 -4.96
C PRO K 654 -10.74 37.79 -5.71
N ASP K 655 -9.95 36.86 -5.16
CA ASP K 655 -9.68 35.60 -5.82
C ASP K 655 -10.80 34.59 -5.67
N LEU K 656 -11.76 34.83 -4.78
CA LEU K 656 -12.84 33.88 -4.56
C LEU K 656 -13.77 33.83 -5.77
N LYS K 657 -14.16 32.62 -6.16
CA LYS K 657 -15.06 32.41 -7.28
C LYS K 657 -16.40 31.92 -6.76
N ILE K 658 -17.46 32.70 -7.02
CA ILE K 658 -18.77 32.46 -6.46
C ILE K 658 -19.77 32.31 -7.61
N ARG K 659 -20.53 31.22 -7.60
CA ARG K 659 -21.61 31.02 -8.53
C ARG K 659 -22.92 31.28 -7.81
N PHE K 660 -23.74 32.17 -8.37
CA PHE K 660 -25.01 32.53 -7.78
C PHE K 660 -26.14 31.85 -8.54
N VAL K 661 -26.99 31.14 -7.81
CA VAL K 661 -28.12 30.42 -8.38
C VAL K 661 -29.39 30.89 -7.70
N ASN K 662 -30.41 31.19 -8.48
CA ASN K 662 -31.71 31.57 -7.94
C ASN K 662 -32.74 30.54 -8.37
N VAL K 663 -33.55 30.10 -7.41
CA VAL K 663 -34.57 29.07 -7.63
C VAL K 663 -35.93 29.72 -7.48
N VAL K 664 -36.78 29.54 -8.48
CA VAL K 664 -38.15 30.04 -8.44
C VAL K 664 -39.14 28.91 -8.21
N ASP K 665 -39.06 27.85 -9.01
CA ASP K 665 -39.91 26.68 -8.84
C ASP K 665 -39.25 25.77 -7.82
N LEU K 666 -39.89 25.61 -6.66
CA LEU K 666 -39.28 24.84 -5.58
C LEU K 666 -39.13 23.37 -5.94
N PHE K 667 -40.13 22.80 -6.61
CA PHE K 667 -40.14 21.36 -6.85
C PHE K 667 -39.15 20.92 -7.91
N ARG K 668 -38.45 21.86 -8.56
CA ARG K 668 -37.37 21.48 -9.45
C ARG K 668 -36.25 20.77 -8.72
N LEU K 669 -36.12 20.98 -7.40
CA LEU K 669 -35.06 20.35 -6.64
C LEU K 669 -35.28 18.85 -6.51
N GLN K 670 -36.52 18.39 -6.58
CA GLN K 670 -36.79 16.97 -6.46
C GLN K 670 -36.18 16.22 -7.64
N PRO K 671 -35.68 15.01 -7.42
CA PRO K 671 -35.04 14.26 -8.52
C PRO K 671 -36.04 13.86 -9.59
N ASP K 672 -35.48 13.53 -10.76
CA ASP K 672 -36.31 13.17 -11.90
C ASP K 672 -37.12 11.90 -11.64
N THR K 673 -36.62 11.02 -10.77
CA THR K 673 -37.36 9.80 -10.43
C THR K 673 -38.64 10.13 -9.68
N GLU K 674 -38.59 11.09 -8.75
CA GLU K 674 -39.79 11.46 -8.00
C GLU K 674 -40.85 12.07 -8.90
N HIS K 675 -40.44 12.91 -9.84
CA HIS K 675 -41.40 13.51 -10.76
C HIS K 675 -40.66 13.94 -12.03
N PRO K 676 -41.27 13.83 -13.20
CA PRO K 676 -40.61 14.30 -14.42
C PRO K 676 -40.35 15.80 -14.44
N HIS K 677 -41.08 16.58 -13.63
CA HIS K 677 -40.85 18.02 -13.60
C HIS K 677 -39.50 18.37 -12.98
N GLY K 678 -39.03 17.56 -12.03
CA GLY K 678 -37.79 17.87 -11.36
C GLY K 678 -36.58 17.74 -12.28
N LEU K 679 -35.50 18.40 -11.86
CA LEU K 679 -34.27 18.36 -12.63
C LEU K 679 -33.65 16.98 -12.59
N SER K 680 -33.00 16.61 -13.68
CA SER K 680 -32.27 15.35 -13.73
C SER K 680 -31.01 15.46 -12.89
N ASP K 681 -30.36 14.32 -12.68
CA ASP K 681 -29.13 14.30 -11.88
C ASP K 681 -28.03 15.10 -12.57
N ARG K 682 -27.93 14.99 -13.89
CA ARG K 682 -26.91 15.77 -14.61
C ARG K 682 -27.25 17.25 -14.63
N ASP K 683 -28.53 17.59 -14.77
CA ASP K 683 -28.92 19.00 -14.73
C ASP K 683 -28.67 19.60 -13.36
N PHE K 684 -29.00 18.87 -12.30
CA PHE K 684 -28.75 19.37 -10.95
C PHE K 684 -27.27 19.51 -10.67
N ASP K 685 -26.47 18.56 -11.15
CA ASP K 685 -25.03 18.64 -10.93
C ASP K 685 -24.40 19.78 -11.71
N SER K 686 -25.01 20.20 -12.82
CA SER K 686 -24.51 21.36 -13.55
C SER K 686 -24.77 22.64 -12.78
N LEU K 687 -25.99 22.80 -12.28
CA LEU K 687 -26.33 23.98 -11.48
C LEU K 687 -25.51 24.01 -10.20
N PHE K 688 -25.72 23.02 -9.33
CA PHE K 688 -24.98 22.90 -8.08
C PHE K 688 -23.89 21.86 -8.28
N THR K 689 -22.65 22.27 -8.06
CA THR K 689 -21.52 21.39 -8.32
C THR K 689 -21.56 20.17 -7.39
N VAL K 690 -20.97 19.08 -7.87
CA VAL K 690 -21.04 17.81 -7.14
C VAL K 690 -20.22 17.82 -5.87
N ASP K 691 -19.29 18.76 -5.69
CA ASP K 691 -18.38 18.69 -4.56
C ASP K 691 -18.31 19.99 -3.76
N LYS K 692 -18.48 21.13 -4.42
CA LYS K 692 -18.32 22.39 -3.73
C LYS K 692 -19.53 22.66 -2.82
N PRO K 693 -19.30 23.32 -1.68
CA PRO K 693 -20.40 23.56 -0.75
C PRO K 693 -21.46 24.49 -1.33
N ILE K 694 -22.69 24.28 -0.91
CA ILE K 694 -23.84 25.07 -1.36
C ILE K 694 -24.40 25.79 -0.15
N ILE K 695 -24.44 27.12 -0.23
CA ILE K 695 -24.98 27.94 0.85
C ILE K 695 -26.36 28.38 0.40
N PHE K 696 -27.37 27.60 0.76
CA PHE K 696 -28.74 27.87 0.36
C PHE K 696 -29.38 28.83 1.36
N ASN K 697 -30.07 29.84 0.84
CA ASN K 697 -30.73 30.84 1.67
C ASN K 697 -32.21 30.82 1.30
N PHE K 698 -33.02 30.17 2.14
CA PHE K 698 -34.38 29.82 1.79
C PHE K 698 -35.37 30.62 2.61
N HIS K 699 -36.38 31.17 1.94
CA HIS K 699 -37.50 31.80 2.62
C HIS K 699 -38.40 30.71 3.19
N GLY K 700 -38.53 30.68 4.50
CA GLY K 700 -39.30 29.65 5.16
C GLY K 700 -38.42 28.71 5.96
N TYR K 701 -39.01 27.59 6.35
CA TYR K 701 -38.32 26.66 7.23
C TYR K 701 -37.16 26.00 6.50
N PRO K 702 -35.96 26.00 7.07
CA PRO K 702 -34.78 25.56 6.30
C PRO K 702 -34.78 24.10 5.97
N TRP K 703 -35.56 23.30 6.69
CA TRP K 703 -35.55 21.86 6.48
CA TRP K 703 -35.52 21.86 6.46
C TRP K 703 -36.31 21.44 5.23
N LEU K 704 -37.19 22.29 4.71
CA LEU K 704 -37.94 21.93 3.52
C LEU K 704 -37.02 21.67 2.33
N ILE K 705 -35.91 22.40 2.24
CA ILE K 705 -34.96 22.17 1.16
C ILE K 705 -34.32 20.81 1.27
N HIS K 706 -34.07 20.35 2.50
CA HIS K 706 -33.48 19.03 2.67
C HIS K 706 -34.45 17.91 2.31
N LYS K 707 -35.76 18.14 2.48
CA LYS K 707 -36.73 17.13 2.08
C LYS K 707 -36.72 16.93 0.58
N LEU K 708 -36.68 18.02 -0.18
CA LEU K 708 -36.74 17.93 -1.63
C LEU K 708 -35.44 17.36 -2.20
N ALA K 709 -34.31 17.86 -1.73
CA ALA K 709 -33.00 17.49 -2.29
C ALA K 709 -32.33 16.38 -1.50
N TYR K 710 -33.10 15.48 -0.90
CA TYR K 710 -32.50 14.43 -0.08
C TYR K 710 -31.83 13.37 -0.94
N ARG K 711 -32.47 12.97 -2.04
CA ARG K 711 -31.93 11.90 -2.87
C ARG K 711 -30.76 12.35 -3.73
N ARG K 712 -30.47 13.65 -3.77
CA ARG K 712 -29.37 14.14 -4.58
C ARG K 712 -28.04 13.64 -4.06
N HIS K 713 -27.07 13.52 -4.97
CA HIS K 713 -25.74 13.08 -4.58
C HIS K 713 -25.05 14.09 -3.67
N ASN K 714 -25.21 15.37 -3.97
CA ASN K 714 -24.54 16.44 -3.22
C ASN K 714 -25.39 16.97 -2.07
N HIS K 715 -26.29 16.15 -1.53
CA HIS K 715 -27.13 16.62 -0.43
C HIS K 715 -26.32 16.89 0.83
N ASN K 716 -25.28 16.08 1.07
CA ASN K 716 -24.49 16.27 2.29
C ASN K 716 -23.73 17.59 2.29
N ASN K 717 -23.49 18.17 1.12
CA ASN K 717 -22.82 19.45 1.02
C ASN K 717 -23.78 20.62 0.97
N LEU K 718 -25.08 20.37 1.13
CA LEU K 718 -26.09 21.42 1.06
C LEU K 718 -26.30 22.00 2.44
N HIS K 719 -26.17 23.32 2.56
CA HIS K 719 -26.39 24.03 3.81
CA HIS K 719 -26.39 24.03 3.81
C HIS K 719 -27.49 25.05 3.61
N VAL K 720 -28.52 24.96 4.43
CA VAL K 720 -29.70 25.82 4.30
C VAL K 720 -29.77 26.73 5.51
N ARG K 721 -29.92 28.02 5.26
CA ARG K 721 -30.25 29.00 6.28
C ARG K 721 -31.64 29.52 5.99
N GLY K 722 -32.49 29.54 7.02
CA GLY K 722 -33.85 29.94 6.80
C GLY K 722 -34.50 30.40 8.09
N TYR K 723 -35.82 30.50 8.03
CA TYR K 723 -36.60 30.98 9.16
C TYR K 723 -36.51 29.99 10.32
N LYS K 724 -36.13 30.49 11.50
CA LYS K 724 -36.14 29.69 12.72
C LYS K 724 -37.11 30.24 13.75
N GLU K 725 -36.94 31.49 14.15
CA GLU K 725 -37.83 32.11 15.13
C GLU K 725 -37.76 33.62 14.95
N VAL K 726 -38.77 34.30 15.49
CA VAL K 726 -38.88 35.74 15.37
C VAL K 726 -39.16 36.33 16.75
N GLY K 727 -38.49 37.43 17.07
CA GLY K 727 -38.72 38.12 18.32
C GLY K 727 -40.05 38.85 18.31
N ASN K 728 -40.34 39.48 19.45
CA ASN K 728 -41.61 40.19 19.59
C ASN K 728 -41.71 41.36 18.63
N ILE K 729 -40.62 42.10 18.46
CA ILE K 729 -40.58 43.22 17.53
C ILE K 729 -39.13 43.41 17.09
N ASN K 730 -38.91 43.49 15.77
CA ASN K 730 -37.56 43.57 15.24
C ASN K 730 -37.57 44.41 13.97
N THR K 731 -36.41 45.00 13.68
CA THR K 731 -36.20 45.63 12.40
C THR K 731 -36.00 44.57 11.32
N PRO K 732 -36.22 44.90 10.05
CA PRO K 732 -35.98 43.91 8.98
C PRO K 732 -34.56 43.38 8.94
N LEU K 733 -33.57 44.20 9.26
CA LEU K 733 -32.19 43.74 9.22
C LEU K 733 -31.89 42.81 10.39
N GLU K 734 -32.30 43.19 11.60
CA GLU K 734 -31.96 42.39 12.77
C GLU K 734 -32.80 41.12 12.86
N LEU K 735 -33.96 41.07 12.20
CA LEU K 735 -34.70 39.82 12.11
C LEU K 735 -33.91 38.79 11.31
N ALA K 736 -33.25 39.22 10.24
CA ALA K 736 -32.39 38.32 9.49
C ALA K 736 -31.19 37.88 10.32
N ILE K 737 -30.77 38.70 11.27
CA ILE K 737 -29.64 38.33 12.12
C ILE K 737 -30.03 37.20 13.07
N ARG K 738 -31.25 37.26 13.61
CA ARG K 738 -31.70 36.20 14.52
C ARG K 738 -31.77 34.86 13.80
N ASN K 739 -32.27 34.84 12.57
CA ASN K 739 -32.37 33.63 11.79
C ASN K 739 -31.11 33.33 11.00
N GLN K 740 -30.09 34.18 11.11
CA GLN K 740 -28.79 33.98 10.46
C GLN K 740 -28.89 33.91 8.95
N VAL K 741 -29.90 34.57 8.37
CA VAL K 741 -30.00 34.74 6.93
C VAL K 741 -29.52 36.10 6.48
N ASP K 742 -28.89 36.87 7.37
CA ASP K 742 -28.40 38.18 7.03
C ASP K 742 -27.20 38.08 6.09
N ARG K 743 -26.85 39.21 5.48
CA ARG K 743 -25.72 39.24 4.56
C ARG K 743 -24.42 38.90 5.27
N PHE K 744 -24.28 39.31 6.53
CA PHE K 744 -23.05 39.02 7.26
C PHE K 744 -23.01 37.57 7.71
N ASN K 745 -24.15 37.03 8.15
CA ASN K 745 -24.19 35.63 8.57
C ASN K 745 -23.93 34.69 7.40
N LEU K 746 -24.47 35.00 6.22
CA LEU K 746 -24.18 34.20 5.04
C LEU K 746 -22.72 34.27 4.67
N ALA K 747 -22.12 35.46 4.75
CA ALA K 747 -20.70 35.59 4.43
C ALA K 747 -19.84 34.84 5.42
N ILE K 748 -20.26 34.79 6.68
CA ILE K 748 -19.56 34.00 7.68
C ILE K 748 -19.65 32.52 7.33
N ASP K 749 -20.83 32.05 6.94
CA ASP K 749 -21.02 30.64 6.62
C ASP K 749 -20.22 30.22 5.39
N VAL K 750 -20.05 31.12 4.42
CA VAL K 750 -19.21 30.81 3.27
C VAL K 750 -17.77 30.62 3.69
N ILE K 751 -17.29 31.47 4.61
CA ILE K 751 -15.91 31.40 5.07
C ILE K 751 -15.64 30.06 5.76
N ASP K 752 -16.58 29.61 6.60
CA ASP K 752 -16.41 28.34 7.28
C ASP K 752 -16.42 27.17 6.30
N ARG K 753 -17.30 27.21 5.31
CA ARG K 753 -17.49 26.05 4.43
C ARG K 753 -16.38 25.93 3.40
N VAL K 754 -15.89 27.05 2.88
CA VAL K 754 -14.83 26.98 1.85
C VAL K 754 -13.53 26.52 2.51
N PRO K 755 -12.89 25.46 2.00
CA PRO K 755 -11.70 24.92 2.69
C PRO K 755 -10.53 25.87 2.79
N HIS K 756 -10.31 26.70 1.78
CA HIS K 756 -9.13 27.56 1.77
C HIS K 756 -9.40 28.94 2.34
N LEU K 757 -10.60 29.20 2.87
CA LEU K 757 -10.89 30.45 3.54
C LEU K 757 -10.97 30.33 5.05
N ARG K 758 -10.87 29.11 5.59
CA ARG K 758 -10.98 28.95 7.04
C ARG K 758 -9.80 29.57 7.78
N ASP K 759 -8.66 29.69 7.11
CA ASP K 759 -7.48 30.32 7.68
C ASP K 759 -7.27 31.75 7.17
N ARG K 760 -7.45 31.96 5.86
CA ARG K 760 -7.26 33.30 5.31
C ARG K 760 -8.36 34.25 5.75
N GLY K 761 -9.57 33.76 5.93
CA GLY K 761 -10.72 34.60 6.24
C GLY K 761 -10.96 34.86 7.70
N ALA K 762 -10.01 34.52 8.57
CA ALA K 762 -10.20 34.75 10.00
C ALA K 762 -10.34 36.24 10.32
N HIS K 763 -9.52 37.07 9.68
CA HIS K 763 -9.64 38.51 9.89
C HIS K 763 -10.97 39.04 9.39
N VAL K 764 -11.40 38.58 8.21
CA VAL K 764 -12.66 39.05 7.64
C VAL K 764 -13.83 38.56 8.48
N LYS K 765 -13.76 37.32 8.98
CA LYS K 765 -14.81 36.79 9.83
C LYS K 765 -14.94 37.61 11.11
N GLU K 766 -13.81 38.08 11.66
CA GLU K 766 -13.86 38.96 12.81
C GLU K 766 -14.50 40.29 12.46
N TRP K 767 -14.20 40.81 11.27
CA TRP K 767 -14.77 42.09 10.86
C TRP K 767 -16.28 41.98 10.67
N LEU K 768 -16.75 40.85 10.11
CA LEU K 768 -18.18 40.67 9.91
C LEU K 768 -18.93 40.60 11.23
N LYS K 769 -18.36 39.94 12.23
CA LYS K 769 -18.98 39.90 13.55
C LYS K 769 -19.07 41.28 14.18
N ASP K 770 -18.09 42.15 13.89
CA ASP K 770 -18.18 43.53 14.34
C ASP K 770 -19.35 44.24 13.67
N GLN K 771 -19.56 43.98 12.38
CA GLN K 771 -20.67 44.61 11.67
C GLN K 771 -22.02 44.14 12.20
N ILE K 772 -22.11 42.86 12.58
CA ILE K 772 -23.35 42.36 13.17
C ILE K 772 -23.64 43.06 14.48
N HIS K 773 -22.63 43.16 15.34
CA HIS K 773 -22.83 43.83 16.62
C HIS K 773 -23.10 45.32 16.44
N ASP K 774 -22.41 45.95 15.48
CA ASP K 774 -22.59 47.37 15.26
C ASP K 774 -24.00 47.69 14.79
N HIS K 775 -24.55 46.88 13.88
CA HIS K 775 -25.88 47.16 13.36
C HIS K 775 -26.95 46.88 14.40
N ILE K 776 -26.75 45.87 15.25
CA ILE K 776 -27.70 45.60 16.31
C ILE K 776 -27.71 46.74 17.32
N GLN K 777 -26.53 47.25 17.68
CA GLN K 777 -26.47 48.36 18.62
C GLN K 777 -27.14 49.61 18.06
N TYR K 778 -26.93 49.90 16.77
CA TYR K 778 -27.59 51.04 16.16
C TYR K 778 -29.09 50.82 16.10
N ALA K 779 -29.53 49.58 15.91
CA ALA K 779 -30.96 49.30 15.89
C ALA K 779 -31.60 49.55 17.25
N TYR K 780 -30.89 49.21 18.32
CA TYR K 780 -31.44 49.45 19.65
C TYR K 780 -31.50 50.93 19.99
N GLN K 781 -30.53 51.71 19.51
CA GLN K 781 -30.52 53.14 19.81
C GLN K 781 -31.58 53.89 19.01
N GLU K 782 -31.74 53.56 17.73
CA GLU K 782 -32.57 54.33 16.84
C GLU K 782 -33.90 53.67 16.48
N GLY K 783 -33.96 52.34 16.47
CA GLY K 783 -35.15 51.64 16.07
C GLY K 783 -35.29 51.44 14.58
N ILE K 784 -34.34 51.93 13.78
CA ILE K 784 -34.37 51.76 12.34
C ILE K 784 -32.98 51.36 11.89
N ASP K 785 -32.89 50.70 10.74
CA ASP K 785 -31.62 50.28 10.19
C ASP K 785 -30.84 51.50 9.68
N ARG K 786 -29.54 51.30 9.47
CA ARG K 786 -28.71 52.35 8.92
C ARG K 786 -29.14 52.66 7.50
N PRO K 787 -28.97 53.92 7.05
CA PRO K 787 -29.43 54.28 5.70
C PRO K 787 -28.78 53.48 4.59
N GLU K 788 -27.51 53.11 4.73
CA GLU K 788 -26.85 52.34 3.69
C GLU K 788 -27.37 50.91 3.60
N ILE K 789 -27.93 50.38 4.70
CA ILE K 789 -28.54 49.06 4.64
C ILE K 789 -29.83 49.10 3.82
N ASN K 790 -30.66 50.11 4.07
CA ASN K 790 -31.93 50.20 3.37
C ASN K 790 -31.75 50.58 1.91
N GLN K 791 -30.73 51.37 1.60
CA GLN K 791 -30.49 51.85 0.24
C GLN K 791 -29.35 51.10 -0.44
N TRP K 792 -29.18 49.82 -0.12
CA TRP K 792 -28.10 49.05 -0.73
C TRP K 792 -28.40 48.74 -2.19
N GLN K 793 -27.35 48.76 -3.01
CA GLN K 793 -27.44 48.44 -4.43
C GLN K 793 -26.25 47.58 -4.79
N TRP K 794 -26.44 46.73 -5.79
CA TRP K 794 -25.40 45.85 -6.28
C TRP K 794 -24.23 46.66 -6.81
N PRO K 795 -23.07 46.66 -6.15
CA PRO K 795 -22.00 47.59 -6.52
C PRO K 795 -21.03 47.04 -7.55
N PHE K 796 -21.52 46.54 -8.67
CA PHE K 796 -20.64 46.01 -9.69
C PHE K 796 -21.23 46.24 -11.09
N ASP L 9 -79.14 55.08 41.49
CA ASP L 9 -78.49 56.14 40.73
C ASP L 9 -77.23 55.65 40.04
N ILE L 10 -77.11 54.33 39.91
CA ILE L 10 -75.93 53.75 39.27
C ILE L 10 -75.96 54.01 37.77
N ALA L 11 -77.13 53.94 37.15
CA ALA L 11 -77.23 54.15 35.71
C ALA L 11 -76.86 55.58 35.34
N THR L 12 -77.35 56.56 36.09
CA THR L 12 -76.98 57.95 35.86
C THR L 12 -75.62 58.25 36.46
N LEU L 13 -75.00 59.33 35.99
CA LEU L 13 -73.69 59.74 36.46
C LEU L 13 -73.72 61.19 36.90
N SER L 14 -73.00 61.50 37.97
CA SER L 14 -72.85 62.88 38.40
C SER L 14 -72.03 63.66 37.38
N PRO L 15 -72.32 64.94 37.18
CA PRO L 15 -71.50 65.74 36.26
C PRO L 15 -70.04 65.87 36.67
N ASN L 16 -69.77 65.89 37.99
CA ASN L 16 -68.39 66.05 38.44
C ASN L 16 -67.55 64.81 38.13
N GLU L 17 -68.09 63.62 38.40
CA GLU L 17 -67.33 62.41 38.10
C GLU L 17 -67.21 62.15 36.61
N GLN L 18 -68.11 62.70 35.79
CA GLN L 18 -68.00 62.56 34.35
C GLN L 18 -66.74 63.27 33.85
N ALA L 19 -66.40 64.41 34.43
CA ALA L 19 -65.16 65.10 34.07
C ALA L 19 -63.95 64.26 34.43
N ALA L 20 -63.96 63.63 35.61
CA ALA L 20 -62.86 62.75 36.00
C ALA L 20 -62.77 61.54 35.08
N ILE L 21 -63.92 60.97 34.71
CA ILE L 21 -63.93 59.88 33.75
C ILE L 21 -63.39 60.35 32.41
N ASP L 22 -63.83 61.53 31.95
CA ASP L 22 -63.30 62.09 30.72
C ASP L 22 -61.83 62.43 30.85
N ALA L 23 -61.41 62.87 32.04
CA ALA L 23 -59.99 63.13 32.27
C ALA L 23 -59.16 61.86 32.15
N TRP L 24 -59.67 60.74 32.71
CA TRP L 24 -59.00 59.47 32.53
C TRP L 24 -59.03 59.05 31.06
N TRP L 25 -60.15 59.27 30.39
CA TRP L 25 -60.26 58.88 28.99
C TRP L 25 -59.31 59.70 28.11
N ARG L 26 -59.18 61.00 28.40
CA ARG L 26 -58.21 61.82 27.67
C ARG L 26 -56.79 61.38 27.96
N ALA L 27 -56.47 61.09 29.24
CA ALA L 27 -55.11 60.72 29.60
C ALA L 27 -54.69 59.41 28.96
N ALA L 28 -55.62 58.45 28.89
CA ALA L 28 -55.31 57.17 28.23
C ALA L 28 -55.02 57.38 26.75
N ASN L 29 -55.81 58.20 26.08
CA ASN L 29 -55.57 58.47 24.66
C ASN L 29 -54.30 59.27 24.47
N TYR L 30 -53.99 60.19 25.39
CA TYR L 30 -52.75 60.93 25.29
C TYR L 30 -51.54 60.01 25.42
N LEU L 31 -51.59 59.07 26.36
CA LEU L 31 -50.51 58.10 26.47
C LEU L 31 -50.51 57.15 25.28
N SER L 32 -51.68 56.86 24.71
CA SER L 32 -51.75 55.96 23.56
C SER L 32 -51.02 56.55 22.36
N VAL L 33 -51.25 57.82 22.06
CA VAL L 33 -50.57 58.47 20.95
C VAL L 33 -49.10 58.65 21.27
N GLY L 34 -48.76 58.91 22.53
CA GLY L 34 -47.37 59.14 22.90
C GLY L 34 -46.48 57.95 22.63
N GLN L 35 -46.94 56.75 22.98
CA GLN L 35 -46.12 55.57 22.74
C GLN L 35 -46.10 55.19 21.27
N ILE L 36 -47.16 55.54 20.52
CA ILE L 36 -47.14 55.29 19.09
C ILE L 36 -46.11 56.18 18.40
N TYR L 37 -46.04 57.45 18.78
CA TYR L 37 -45.23 58.42 18.07
C TYR L 37 -44.01 58.88 18.86
N LEU L 38 -44.19 59.37 20.08
CA LEU L 38 -43.12 60.05 20.78
C LEU L 38 -42.06 59.08 21.27
N ARG L 39 -40.81 59.44 21.05
CA ARG L 39 -39.66 58.74 21.62
C ARG L 39 -39.03 59.48 22.78
N ASP L 40 -39.03 60.81 22.75
CA ASP L 40 -38.54 61.63 23.84
C ASP L 40 -39.53 62.78 24.05
N ASN L 41 -39.30 63.57 25.09
CA ASN L 41 -40.14 64.70 25.48
C ASN L 41 -41.57 64.23 25.69
N PRO L 42 -41.84 63.47 26.75
CA PRO L 42 -43.18 62.87 26.90
C PRO L 42 -44.26 63.88 27.22
N LEU L 43 -43.95 64.89 28.03
CA LEU L 43 -44.96 65.85 28.50
C LEU L 43 -45.03 67.10 27.63
N LEU L 44 -44.27 67.17 26.54
CA LEU L 44 -44.27 68.31 25.62
C LEU L 44 -43.93 69.61 26.34
N GLN L 45 -42.94 69.55 27.24
CA GLN L 45 -42.47 70.77 27.90
C GLN L 45 -41.85 71.73 26.89
N GLU L 46 -41.08 71.20 25.95
CA GLU L 46 -40.50 71.96 24.85
C GLU L 46 -41.28 71.70 23.57
N PRO L 47 -41.19 72.60 22.58
CA PRO L 47 -41.87 72.34 21.31
C PRO L 47 -41.35 71.08 20.64
N LEU L 48 -42.26 70.40 19.96
CA LEU L 48 -41.96 69.09 19.37
C LEU L 48 -40.98 69.23 18.21
N ARG L 49 -40.03 68.32 18.15
CA ARG L 49 -39.00 68.28 17.13
C ARG L 49 -38.93 66.87 16.57
N PRO L 50 -38.47 66.72 15.32
CA PRO L 50 -38.49 65.39 14.69
C PRO L 50 -37.67 64.33 15.42
N GLU L 51 -36.65 64.71 16.17
CA GLU L 51 -35.87 63.71 16.90
C GLU L 51 -36.65 63.08 18.04
N HIS L 52 -37.78 63.68 18.43
CA HIS L 52 -38.63 63.08 19.45
C HIS L 52 -39.57 62.03 18.88
N ILE L 53 -39.68 61.92 17.57
CA ILE L 53 -40.63 61.02 16.92
C ILE L 53 -39.92 59.73 16.53
N LYS L 54 -40.61 58.60 16.66
CA LYS L 54 -40.05 57.33 16.25
C LYS L 54 -39.87 57.29 14.74
N GLN L 55 -38.75 56.71 14.30
CA GLN L 55 -38.45 56.65 12.87
C GLN L 55 -39.43 55.75 12.14
N ARG L 56 -39.72 54.58 12.68
CA ARG L 56 -40.64 53.62 12.09
C ARG L 56 -41.88 53.53 12.95
N LEU L 57 -43.04 53.70 12.32
CA LEU L 57 -44.33 53.73 13.02
C LEU L 57 -45.08 52.45 12.71
N LEU L 58 -45.25 51.60 13.72
CA LEU L 58 -45.95 50.33 13.57
C LEU L 58 -47.16 50.20 14.48
N GLY L 59 -47.45 51.19 15.31
CA GLY L 59 -48.57 51.10 16.22
C GLY L 59 -49.90 51.19 15.50
N HIS L 60 -50.94 50.80 16.22
CA HIS L 60 -52.31 50.84 15.73
C HIS L 60 -53.11 51.85 16.52
N TRP L 61 -53.85 52.71 15.81
CA TRP L 61 -54.66 53.73 16.44
C TRP L 61 -56.16 53.52 16.30
N GLY L 62 -56.60 52.81 15.26
CA GLY L 62 -58.03 52.78 14.93
C GLY L 62 -58.91 52.25 16.05
N SER L 63 -58.44 51.24 16.76
CA SER L 63 -59.20 50.65 17.84
C SER L 63 -58.93 51.30 19.20
N ASP L 64 -57.91 52.16 19.30
CA ASP L 64 -57.50 52.69 20.60
C ASP L 64 -58.56 53.55 21.29
N PRO L 65 -59.26 54.48 20.62
CA PRO L 65 -60.29 55.24 21.35
C PRO L 65 -61.40 54.39 21.94
N GLY L 66 -61.84 53.35 21.20
CA GLY L 66 -62.92 52.53 21.70
C GLY L 66 -62.54 51.73 22.93
N LEU L 67 -61.35 51.12 22.92
CA LEU L 67 -60.92 50.31 24.05
C LEU L 67 -60.73 51.16 25.30
N SER L 68 -60.12 52.32 25.16
CA SER L 68 -59.98 53.23 26.29
C SER L 68 -61.32 53.75 26.77
N PHE L 69 -62.28 53.90 25.85
CA PHE L 69 -63.61 54.36 26.23
C PHE L 69 -64.31 53.34 27.12
N VAL L 70 -64.23 52.06 26.76
CA VAL L 70 -64.89 51.03 27.55
C VAL L 70 -64.16 50.82 28.87
N TYR L 71 -62.83 50.88 28.86
CA TYR L 71 -62.04 50.54 30.04
C TYR L 71 -62.33 51.50 31.20
N VAL L 72 -62.42 52.81 30.91
CA VAL L 72 -62.64 53.77 31.98
C VAL L 72 -64.03 53.61 32.57
N HIS L 73 -65.02 53.29 31.74
CA HIS L 73 -66.37 53.03 32.23
C HIS L 73 -66.42 51.79 33.11
N LEU L 74 -65.66 50.75 32.74
CA LEU L 74 -65.61 49.54 33.55
C LEU L 74 -64.97 49.82 34.91
N ASN L 75 -63.95 50.68 34.96
CA ASN L 75 -63.36 51.05 36.23
C ASN L 75 -64.36 51.81 37.10
N ARG L 76 -65.25 52.58 36.47
CA ARG L 76 -66.32 53.23 37.22
C ARG L 76 -67.26 52.20 37.83
N LEU L 77 -67.64 51.20 37.04
CA LEU L 77 -68.59 50.19 37.52
C LEU L 77 -67.96 49.25 38.53
N ILE L 78 -66.66 48.99 38.40
CA ILE L 78 -65.98 48.10 39.34
C ILE L 78 -65.77 48.79 40.70
N ARG L 79 -65.82 50.13 40.73
CA ARG L 79 -65.69 50.82 42.01
C ARG L 79 -66.95 50.68 42.85
N ARG L 80 -68.13 50.80 42.21
CA ARG L 80 -69.37 50.81 42.96
C ARG L 80 -69.82 49.41 43.34
N LEU L 81 -69.81 48.48 42.39
CA LEU L 81 -70.33 47.15 42.61
C LEU L 81 -69.27 46.16 43.08
N ASP L 82 -68.01 46.58 43.17
CA ASP L 82 -66.90 45.76 43.67
C ASP L 82 -66.79 44.44 42.88
N LEU L 83 -66.87 44.55 41.56
CA LEU L 83 -66.82 43.37 40.70
C LEU L 83 -65.36 42.98 40.46
N ASN L 84 -65.16 42.06 39.52
CA ASN L 84 -63.82 41.68 39.06
C ASN L 84 -63.90 41.41 37.56
N LEU L 85 -63.03 42.07 36.80
CA LEU L 85 -63.06 42.00 35.35
C LEU L 85 -61.71 41.54 34.81
N ILE L 86 -61.73 41.07 33.56
CA ILE L 86 -60.53 40.59 32.89
C ILE L 86 -60.20 41.42 31.65
N TYR L 87 -61.22 41.82 30.89
CA TYR L 87 -61.07 42.64 29.69
C TYR L 87 -60.20 41.93 28.65
N VAL L 88 -60.72 40.83 28.14
CA VAL L 88 -60.12 40.18 26.97
C VAL L 88 -60.35 41.06 25.75
N THR L 89 -59.28 41.37 25.03
CA THR L 89 -59.32 42.30 23.92
C THR L 89 -59.46 41.54 22.60
N GLY L 90 -60.44 41.93 21.80
CA GLY L 90 -60.71 41.31 20.53
C GLY L 90 -59.75 41.69 19.43
N PRO L 91 -59.72 42.98 19.06
CA PRO L 91 -58.81 43.41 17.98
C PRO L 91 -57.36 43.09 18.22
N GLY L 92 -56.90 43.09 19.48
CA GLY L 92 -55.55 42.70 19.79
C GLY L 92 -54.49 43.73 19.47
N HIS L 93 -54.75 44.64 18.53
CA HIS L 93 -53.85 45.72 18.21
C HIS L 93 -54.15 46.98 19.02
N GLY L 94 -55.10 46.90 19.94
CA GLY L 94 -55.41 48.02 20.82
C GLY L 94 -54.60 47.97 22.09
N ALA L 95 -53.46 47.29 22.03
CA ALA L 95 -52.55 47.21 23.16
C ALA L 95 -52.10 48.56 23.72
N PRO L 96 -51.85 49.61 22.92
CA PRO L 96 -51.58 50.92 23.55
C PRO L 96 -52.67 51.39 24.47
N ALA L 97 -53.94 51.11 24.15
CA ALA L 97 -55.02 51.48 25.05
C ALA L 97 -54.93 50.73 26.37
N LEU L 98 -54.61 49.43 26.31
CA LEU L 98 -54.49 48.64 27.52
C LEU L 98 -53.29 49.06 28.35
N LEU L 99 -52.14 49.27 27.70
CA LEU L 99 -50.92 49.62 28.44
C LEU L 99 -51.03 50.99 29.08
N ALA L 100 -51.69 51.94 28.41
CA ALA L 100 -51.91 53.25 29.01
C ALA L 100 -52.76 53.15 30.27
N ASN L 101 -53.83 52.37 30.21
CA ASN L 101 -54.68 52.19 31.38
C ASN L 101 -53.93 51.46 32.49
N ALA L 102 -53.13 50.46 32.14
CA ALA L 102 -52.33 49.77 33.14
C ALA L 102 -51.31 50.69 33.79
N TRP L 103 -50.71 51.57 32.99
CA TRP L 103 -49.79 52.57 33.54
C TRP L 103 -50.51 53.56 34.44
N LEU L 104 -51.70 54.00 34.03
CA LEU L 104 -52.45 54.95 34.83
C LEU L 104 -52.88 54.36 36.16
N GLU L 105 -53.33 53.10 36.15
CA GLU L 105 -53.73 52.43 37.38
C GLU L 105 -52.56 52.11 38.30
N GLY L 106 -51.33 52.22 37.81
CA GLY L 106 -50.16 51.89 38.59
C GLY L 106 -49.73 50.44 38.53
N THR L 107 -50.50 49.59 37.85
CA THR L 107 -50.13 48.18 37.73
C THR L 107 -48.85 48.01 36.95
N TYR L 108 -48.70 48.74 35.85
CA TYR L 108 -47.53 48.57 34.98
C TYR L 108 -46.25 49.00 35.70
N SER L 109 -46.34 50.04 36.53
CA SER L 109 -45.18 50.48 37.30
C SER L 109 -44.75 49.41 38.29
N GLU L 110 -45.71 48.74 38.93
CA GLU L 110 -45.39 47.69 39.88
C GLU L 110 -44.77 46.49 39.19
N VAL L 111 -45.33 46.09 38.04
CA VAL L 111 -44.76 44.96 37.31
C VAL L 111 -43.41 45.31 36.73
N TYR L 112 -43.30 46.49 36.14
CA TYR L 112 -42.04 46.98 35.56
C TYR L 112 -41.58 48.22 36.31
N PRO L 113 -40.65 48.08 37.25
CA PRO L 113 -40.21 49.26 38.02
C PRO L 113 -39.48 50.30 37.19
N ASN L 114 -38.94 49.93 36.03
CA ASN L 114 -38.28 50.92 35.18
C ASN L 114 -39.26 51.97 34.69
N CYS L 115 -40.46 51.55 34.31
CA CYS L 115 -41.51 52.47 33.85
C CYS L 115 -42.25 53.06 35.05
N GLN L 116 -41.52 53.81 35.85
CA GLN L 116 -42.08 54.42 37.05
C GLN L 116 -43.02 55.56 36.66
N GLN L 117 -43.95 55.87 37.57
CA GLN L 117 -44.88 56.98 37.35
C GLN L 117 -44.15 58.30 37.61
N SER L 118 -43.42 58.74 36.60
CA SER L 118 -42.66 59.97 36.67
C SER L 118 -42.39 60.45 35.25
N THR L 119 -41.74 61.60 35.14
CA THR L 119 -41.37 62.12 33.82
C THR L 119 -40.37 61.22 33.13
N ALA L 120 -39.36 60.74 33.87
CA ALA L 120 -38.38 59.83 33.29
C ALA L 120 -39.02 58.51 32.91
N GLY L 121 -39.92 57.99 33.74
CA GLY L 121 -40.62 56.76 33.41
C GLY L 121 -41.52 56.91 32.20
N LEU L 122 -42.14 58.08 32.05
CA LEU L 122 -42.96 58.34 30.87
C LEU L 122 -42.12 58.32 29.61
N GLN L 123 -40.91 58.85 29.68
CA GLN L 123 -40.00 58.78 28.53
C GLN L 123 -39.65 57.34 28.21
N GLN L 124 -39.42 56.52 29.23
CA GLN L 124 -39.12 55.11 29.01
C GLN L 124 -40.36 54.37 28.53
N PHE L 125 -41.54 54.74 29.04
CA PHE L 125 -42.77 54.06 28.65
C PHE L 125 -43.08 54.25 27.17
N PHE L 126 -42.91 55.47 26.67
CA PHE L 126 -43.13 55.72 25.25
C PHE L 126 -42.04 55.08 24.40
N LYS L 127 -40.81 55.09 24.88
CA LYS L 127 -39.68 54.59 24.10
C LYS L 127 -39.79 53.09 23.85
N GLN L 128 -40.25 52.32 24.83
CA GLN L 128 -40.18 50.87 24.74
C GLN L 128 -41.20 50.30 23.76
N PHE L 129 -42.31 51.01 23.52
CA PHE L 129 -43.38 50.45 22.70
C PHE L 129 -42.95 50.38 21.24
N SER L 130 -43.23 49.23 20.61
CA SER L 130 -42.98 49.01 19.19
C SER L 130 -41.54 49.33 18.81
N PHE L 131 -40.62 48.92 19.67
CA PHE L 131 -39.21 49.25 19.53
C PHE L 131 -38.37 48.01 19.72
N PRO L 132 -37.22 47.92 19.06
CA PRO L 132 -36.30 46.81 19.32
C PRO L 132 -35.87 46.79 20.77
N GLY L 133 -35.81 45.60 21.35
CA GLY L 133 -35.59 45.47 22.77
C GLY L 133 -36.71 46.05 23.60
N GLY L 134 -37.95 45.94 23.13
CA GLY L 134 -39.09 46.48 23.83
C GLY L 134 -40.33 45.66 23.55
N ILE L 135 -41.46 46.15 24.09
CA ILE L 135 -42.72 45.42 23.93
C ILE L 135 -43.23 45.57 22.50
N GLY L 136 -44.05 44.59 22.09
CA GLY L 136 -44.56 44.54 20.73
C GLY L 136 -45.82 45.36 20.56
N SER L 137 -46.30 45.38 19.30
CA SER L 137 -47.48 46.16 18.97
C SER L 137 -48.75 45.53 19.51
N HIS L 138 -48.88 44.21 19.36
CA HIS L 138 -50.06 43.51 19.86
C HIS L 138 -49.94 43.26 21.36
N CYS L 139 -51.04 42.80 21.95
CA CYS L 139 -51.06 42.48 23.38
C CYS L 139 -50.38 41.12 23.58
N THR L 140 -49.17 41.14 24.08
CA THR L 140 -48.31 39.99 24.25
C THR L 140 -48.36 39.51 25.71
N PRO L 141 -47.70 38.39 26.03
CA PRO L 141 -47.58 38.01 27.44
C PRO L 141 -46.90 39.05 28.31
N GLU L 142 -46.08 39.94 27.74
CA GLU L 142 -45.53 41.03 28.53
C GLU L 142 -46.60 42.01 29.01
N THR L 143 -47.72 42.08 28.33
CA THR L 143 -48.78 43.01 28.72
C THR L 143 -49.45 42.53 30.00
N PRO L 144 -49.46 43.32 31.07
CA PRO L 144 -50.18 42.91 32.28
C PRO L 144 -51.68 42.83 32.03
N GLY L 145 -52.30 41.87 32.72
CA GLY L 145 -53.74 41.69 32.61
C GLY L 145 -54.22 41.29 31.24
N SER L 146 -53.50 40.39 30.57
CA SER L 146 -53.88 39.94 29.24
C SER L 146 -53.70 38.44 29.13
N ILE L 147 -54.70 37.77 28.58
CA ILE L 147 -54.60 36.34 28.28
C ILE L 147 -54.70 36.04 26.80
N HIS L 148 -55.28 36.91 25.99
CA HIS L 148 -55.46 36.69 24.57
C HIS L 148 -54.43 37.47 23.79
N GLU L 149 -53.68 36.77 22.94
CA GLU L 149 -52.64 37.43 22.15
C GLU L 149 -53.25 38.44 21.17
N GLY L 150 -54.39 38.08 20.57
CA GLY L 150 -55.15 39.02 19.78
C GLY L 150 -54.62 39.29 18.38
N GLY L 151 -53.44 38.77 18.04
CA GLY L 151 -52.92 38.99 16.69
C GLY L 151 -53.76 38.32 15.62
N GLU L 152 -54.15 37.07 15.86
CA GLU L 152 -55.09 36.38 14.99
C GLU L 152 -56.50 36.69 15.45
N LEU L 153 -57.36 37.02 14.49
CA LEU L 153 -58.70 37.50 14.80
C LEU L 153 -59.71 36.37 14.71
N GLY L 154 -60.67 36.37 15.62
CA GLY L 154 -61.74 35.38 15.65
C GLY L 154 -61.73 34.47 16.86
N TYR L 155 -60.68 34.48 17.67
CA TYR L 155 -60.57 33.58 18.81
C TYR L 155 -60.79 34.29 20.14
N SER L 156 -61.07 35.59 20.12
CA SER L 156 -61.19 36.33 21.38
C SER L 156 -62.47 35.99 22.11
N LEU L 157 -63.57 35.78 21.36
CA LEU L 157 -64.84 35.48 22.01
C LEU L 157 -64.79 34.15 22.74
N SER L 158 -64.16 33.14 22.15
CA SER L 158 -64.04 31.85 22.81
C SER L 158 -63.19 31.96 24.07
N HIS L 159 -62.12 32.76 24.02
CA HIS L 159 -61.27 32.93 25.19
C HIS L 159 -62.01 33.64 26.33
N ALA L 160 -63.03 34.44 26.01
CA ALA L 160 -63.82 35.04 27.06
C ALA L 160 -64.60 33.99 27.84
N PHE L 161 -65.19 33.02 27.13
CA PHE L 161 -65.97 31.99 27.81
C PHE L 161 -65.08 31.01 28.55
N GLY L 162 -63.92 30.69 27.99
CA GLY L 162 -63.03 29.74 28.63
C GLY L 162 -62.49 30.21 29.96
N ALA L 163 -62.24 31.51 30.10
CA ALA L 163 -61.75 32.04 31.37
C ALA L 163 -62.80 32.00 32.46
N ALA L 164 -64.09 31.94 32.10
CA ALA L 164 -65.17 31.92 33.07
C ALA L 164 -65.84 30.55 33.15
N LEU L 165 -65.13 29.49 32.76
CA LEU L 165 -65.76 28.18 32.70
C LEU L 165 -66.03 27.60 34.08
N ASP L 166 -65.25 27.98 35.10
CA ASP L 166 -65.50 27.47 36.44
C ASP L 166 -65.28 28.52 37.51
N ASN L 167 -65.23 29.80 37.15
CA ASN L 167 -65.16 30.87 38.13
C ASN L 167 -66.55 31.46 38.29
N PRO L 168 -67.22 31.31 39.43
CA PRO L 168 -68.62 31.76 39.53
C PRO L 168 -68.75 33.27 39.63
N ASP L 169 -67.86 33.93 40.37
CA ASP L 169 -67.99 35.37 40.60
C ASP L 169 -67.27 36.21 39.55
N LEU L 170 -66.46 35.60 38.69
CA LEU L 170 -65.71 36.37 37.71
C LEU L 170 -66.63 36.91 36.63
N ILE L 171 -66.37 38.14 36.21
CA ILE L 171 -67.05 38.77 35.08
C ILE L 171 -65.99 39.06 34.03
N VAL L 172 -66.28 38.70 32.78
CA VAL L 172 -65.36 38.91 31.67
C VAL L 172 -66.03 39.82 30.65
N ALA L 173 -65.36 40.90 30.29
CA ALA L 173 -65.86 41.86 29.31
C ALA L 173 -64.96 41.79 28.08
N CYS L 174 -65.45 41.16 27.02
CA CYS L 174 -64.71 41.01 25.79
C CYS L 174 -65.22 42.00 24.75
N VAL L 175 -64.31 42.80 24.21
CA VAL L 175 -64.64 43.80 23.19
C VAL L 175 -64.38 43.15 21.84
N ILE L 176 -65.40 43.10 21.00
CA ILE L 176 -65.34 42.40 19.71
C ILE L 176 -65.36 43.44 18.60
N GLY L 177 -64.36 43.38 17.71
CA GLY L 177 -64.36 44.21 16.54
C GLY L 177 -65.33 43.70 15.48
N ASP L 178 -65.91 44.63 14.73
CA ASP L 178 -66.90 44.27 13.72
C ASP L 178 -66.27 43.51 12.57
N GLY L 179 -65.06 43.89 12.15
CA GLY L 179 -64.37 43.11 11.15
C GLY L 179 -63.98 41.73 11.65
N GLU L 180 -63.62 41.64 12.94
CA GLU L 180 -63.34 40.34 13.53
C GLU L 180 -64.59 39.49 13.64
N ALA L 181 -65.73 40.12 13.97
CA ALA L 181 -66.94 39.38 14.32
C ALA L 181 -67.50 38.56 13.15
N GLU L 182 -67.17 38.91 11.92
CA GLU L 182 -67.70 38.18 10.79
C GLU L 182 -66.92 36.91 10.48
N THR L 183 -65.75 36.71 11.09
CA THR L 183 -64.96 35.52 10.83
C THR L 183 -65.66 34.27 11.36
N GLY L 184 -65.31 33.14 10.76
CA GLY L 184 -65.92 31.87 11.08
C GLY L 184 -65.79 31.42 12.53
N PRO L 185 -64.57 31.45 13.09
CA PRO L 185 -64.42 31.10 14.51
C PRO L 185 -65.23 31.98 15.46
N LEU L 186 -65.35 33.26 15.18
CA LEU L 186 -66.14 34.10 16.08
C LEU L 186 -67.63 34.03 15.80
N ALA L 187 -68.01 33.72 14.55
CA ALA L 187 -69.43 33.62 14.22
C ALA L 187 -70.10 32.50 14.99
N THR L 188 -69.43 31.35 15.12
CA THR L 188 -69.98 30.25 15.89
C THR L 188 -69.87 30.51 17.39
N SER L 189 -68.83 31.22 17.82
CA SER L 189 -68.54 31.38 19.24
C SER L 189 -69.62 32.16 19.98
N TRP L 190 -70.54 32.82 19.27
CA TRP L 190 -71.67 33.44 19.92
C TRP L 190 -72.55 32.42 20.62
N HIS L 191 -72.72 31.24 20.01
CA HIS L 191 -73.57 30.21 20.56
C HIS L 191 -73.04 29.61 21.85
N SER L 192 -71.82 29.96 22.27
CA SER L 192 -71.24 29.44 23.49
C SER L 192 -71.96 29.89 24.76
N ASN L 193 -72.87 30.86 24.64
CA ASN L 193 -73.70 31.25 25.79
C ASN L 193 -74.57 30.08 26.26
N LYS L 194 -75.01 29.23 25.33
CA LYS L 194 -75.85 28.10 25.69
C LYS L 194 -75.10 27.10 26.56
N PHE L 195 -73.85 26.82 26.23
CA PHE L 195 -73.07 25.86 27.00
C PHE L 195 -72.61 26.42 28.34
N LEU L 196 -72.60 27.74 28.51
CA LEU L 196 -72.22 28.33 29.78
C LEU L 196 -73.32 28.09 30.81
N ASN L 197 -72.92 27.70 32.02
CA ASN L 197 -73.86 27.40 33.07
C ASN L 197 -73.96 28.58 34.02
N PRO L 198 -75.10 29.29 34.07
CA PRO L 198 -75.19 30.46 34.95
C PRO L 198 -75.09 30.14 36.42
N ALA L 199 -75.39 28.91 36.83
CA ALA L 199 -75.46 28.59 38.25
C ALA L 199 -74.06 28.55 38.88
N GLN L 200 -73.11 27.90 38.22
CA GLN L 200 -71.80 27.66 38.82
C GLN L 200 -70.67 28.44 38.15
N ASP L 201 -70.97 29.21 37.11
CA ASP L 201 -69.94 29.92 36.36
C ASP L 201 -70.22 31.41 36.38
N GLY L 202 -69.22 32.18 35.94
CA GLY L 202 -69.36 33.62 35.83
C GLY L 202 -70.13 34.02 34.59
N ALA L 203 -70.25 35.34 34.42
CA ALA L 203 -70.96 35.92 33.30
C ALA L 203 -69.99 36.67 32.40
N VAL L 204 -70.15 36.48 31.09
CA VAL L 204 -69.31 37.14 30.09
C VAL L 204 -70.17 38.18 29.39
N LEU L 205 -69.68 39.41 29.36
CA LEU L 205 -70.39 40.52 28.72
C LEU L 205 -69.71 40.88 27.42
N PRO L 206 -70.24 40.46 26.27
CA PRO L 206 -69.61 40.79 24.99
C PRO L 206 -69.99 42.18 24.53
N ILE L 207 -69.00 42.91 24.03
CA ILE L 207 -69.18 44.27 23.53
C ILE L 207 -68.73 44.30 22.08
N LEU L 208 -69.60 44.77 21.20
CA LEU L 208 -69.32 44.83 19.77
C LEU L 208 -68.91 46.25 19.41
N HIS L 209 -67.71 46.40 18.86
CA HIS L 209 -67.19 47.69 18.44
C HIS L 209 -67.48 47.86 16.95
N LEU L 210 -68.72 48.24 16.65
CA LEU L 210 -69.20 48.37 15.28
C LEU L 210 -68.84 49.75 14.73
N ASN L 211 -67.54 50.00 14.57
CA ASN L 211 -67.09 51.30 14.11
C ASN L 211 -67.36 51.53 12.63
N GLY L 212 -67.63 50.48 11.86
CA GLY L 212 -68.08 50.61 10.50
C GLY L 212 -67.03 50.30 9.44
N TYR L 213 -65.76 50.26 9.79
CA TYR L 213 -64.72 50.13 8.79
C TYR L 213 -63.65 49.13 9.24
N LYS L 214 -63.19 48.33 8.27
CA LYS L 214 -62.02 47.48 8.45
C LYS L 214 -60.77 48.30 8.11
N ILE L 215 -59.66 47.63 7.85
CA ILE L 215 -58.44 48.33 7.44
C ILE L 215 -58.65 49.07 6.13
N ALA L 216 -59.39 48.47 5.18
CA ALA L 216 -59.60 49.11 3.89
C ALA L 216 -61.00 48.94 3.33
N ASN L 217 -61.94 48.39 4.10
CA ASN L 217 -63.28 48.12 3.59
C ASN L 217 -64.28 48.42 4.69
N PRO L 218 -65.51 48.83 4.32
CA PRO L 218 -66.58 48.89 5.32
C PRO L 218 -66.87 47.51 5.86
N THR L 219 -67.16 47.44 7.16
CA THR L 219 -67.43 46.16 7.80
C THR L 219 -68.77 45.60 7.33
N LEU L 220 -68.86 44.27 7.31
CA LEU L 220 -70.07 43.61 6.84
C LEU L 220 -71.23 43.83 7.80
N LEU L 221 -70.95 43.81 9.10
CA LEU L 221 -72.03 43.90 10.09
C LEU L 221 -72.56 45.32 10.24
N SER L 222 -71.76 46.35 9.95
CA SER L 222 -72.27 47.70 10.06
C SER L 222 -73.16 48.06 8.87
N ARG L 223 -72.96 47.42 7.73
CA ARG L 223 -73.69 47.76 6.52
C ARG L 223 -75.01 46.98 6.39
N ILE L 224 -75.37 46.19 7.39
CA ILE L 224 -76.70 45.62 7.43
C ILE L 224 -77.61 46.54 8.22
N SER L 225 -78.92 46.40 8.02
CA SER L 225 -79.88 47.26 8.69
C SER L 225 -79.88 46.99 10.20
N HIS L 226 -80.32 48.00 10.95
CA HIS L 226 -80.38 47.86 12.40
C HIS L 226 -81.37 46.76 12.82
N GLU L 227 -82.45 46.60 12.05
CA GLU L 227 -83.40 45.54 12.33
C GLU L 227 -82.79 44.17 12.11
N GLU L 228 -82.08 43.99 10.99
CA GLU L 228 -81.46 42.70 10.71
C GLU L 228 -80.34 42.40 11.71
N LEU L 229 -79.58 43.43 12.10
CA LEU L 229 -78.55 43.22 13.12
C LEU L 229 -79.16 42.81 14.44
N ARG L 230 -80.28 43.42 14.82
CA ARG L 230 -80.98 43.00 16.04
C ARG L 230 -81.53 41.59 15.88
N SER L 231 -82.01 41.23 14.69
CA SER L 231 -82.49 39.88 14.45
C SER L 231 -81.35 38.86 14.57
N LEU L 232 -80.16 39.23 14.08
CA LEU L 232 -79.03 38.31 14.12
C LEU L 232 -78.60 38.00 15.55
N PHE L 233 -78.54 39.03 16.41
CA PHE L 233 -78.10 38.81 17.78
C PHE L 233 -79.18 38.23 18.67
N ILE L 234 -80.45 38.32 18.26
CA ILE L 234 -81.49 37.56 18.96
C ILE L 234 -81.34 36.08 18.66
N GLY L 235 -81.05 35.73 17.40
CA GLY L 235 -80.85 34.34 17.04
C GLY L 235 -79.67 33.71 17.77
N TYR L 236 -78.61 34.46 18.03
CA TYR L 236 -77.51 33.97 18.84
C TYR L 236 -77.91 33.80 20.30
N GLY L 237 -79.01 34.41 20.73
CA GLY L 237 -79.48 34.28 22.09
C GLY L 237 -79.09 35.39 23.03
N TYR L 238 -78.54 36.49 22.51
CA TYR L 238 -78.11 37.60 23.35
C TYR L 238 -79.17 38.70 23.35
N GLU L 239 -79.26 39.41 24.48
CA GLU L 239 -80.11 40.57 24.55
C GLU L 239 -79.38 41.76 23.95
N PRO L 240 -79.87 42.34 22.84
CA PRO L 240 -79.11 43.38 22.15
C PRO L 240 -79.35 44.76 22.78
N PHE L 241 -78.26 45.47 23.03
CA PHE L 241 -78.31 46.86 23.46
C PHE L 241 -77.46 47.70 22.52
N PHE L 242 -77.95 48.87 22.15
CA PHE L 242 -77.33 49.71 21.14
C PHE L 242 -76.94 51.05 21.76
N VAL L 243 -75.67 51.42 21.59
CA VAL L 243 -75.15 52.73 21.98
C VAL L 243 -74.53 53.36 20.75
N GLU L 244 -75.02 54.53 20.36
CA GLU L 244 -74.60 55.19 19.14
C GLU L 244 -74.22 56.63 19.43
N GLY L 245 -73.62 57.28 18.44
CA GLY L 245 -73.28 58.69 18.51
C GLY L 245 -71.79 58.92 18.54
N ASN L 246 -71.43 60.21 18.54
CA ASN L 246 -70.03 60.61 18.59
C ASN L 246 -69.81 61.80 19.52
N ASP L 247 -70.78 62.15 20.36
CA ASP L 247 -70.62 63.26 21.30
C ASP L 247 -70.24 62.71 22.66
N PRO L 248 -69.07 63.05 23.19
CA PRO L 248 -68.66 62.49 24.50
C PRO L 248 -69.62 62.81 25.63
N ALA L 249 -70.22 63.99 25.64
CA ALA L 249 -71.18 64.34 26.70
C ALA L 249 -72.40 63.43 26.65
N ILE L 250 -72.91 63.16 25.45
CA ILE L 250 -74.00 62.20 25.30
C ILE L 250 -73.50 60.78 25.56
N LEU L 251 -72.34 60.43 25.00
CA LEU L 251 -71.87 59.06 25.04
C LEU L 251 -71.51 58.60 26.44
N HIS L 252 -70.99 59.49 27.28
CA HIS L 252 -70.65 59.11 28.65
C HIS L 252 -71.90 58.68 29.41
N GLY L 253 -72.98 59.46 29.31
CA GLY L 253 -74.20 59.12 30.03
C GLY L 253 -74.87 57.88 29.52
N VAL L 254 -74.94 57.71 28.20
CA VAL L 254 -75.66 56.58 27.63
C VAL L 254 -74.91 55.27 27.88
N MET L 255 -73.60 55.28 27.67
CA MET L 255 -72.83 54.04 27.79
C MET L 255 -72.71 53.59 29.24
N ALA L 256 -72.58 54.54 30.17
CA ALA L 256 -72.58 54.18 31.58
C ALA L 256 -73.94 53.64 32.01
N SER L 257 -75.02 54.21 31.47
CA SER L 257 -76.36 53.71 31.77
C SER L 257 -76.56 52.29 31.25
N THR L 258 -76.09 52.02 30.03
CA THR L 258 -76.26 50.69 29.45
C THR L 258 -75.44 49.65 30.22
N LEU L 259 -74.23 50.02 30.65
CA LEU L 259 -73.41 49.10 31.44
C LEU L 259 -74.09 48.76 32.76
N ALA L 260 -74.66 49.75 33.44
CA ALA L 260 -75.37 49.48 34.68
C ALA L 260 -76.64 48.66 34.43
N THR L 261 -77.28 48.88 33.28
CA THR L 261 -78.45 48.08 32.93
C THR L 261 -78.08 46.62 32.74
N CYS L 262 -76.94 46.36 32.08
CA CYS L 262 -76.56 44.99 31.75
C CYS L 262 -76.07 44.23 32.98
N VAL L 263 -75.28 44.87 33.84
CA VAL L 263 -74.67 44.16 34.95
C VAL L 263 -75.73 43.72 35.97
N GLN L 264 -76.77 44.53 36.16
CA GLN L 264 -77.84 44.13 37.07
C GLN L 264 -78.59 42.93 36.53
N LYS L 265 -78.81 42.88 35.21
CA LYS L 265 -79.38 41.69 34.60
C LYS L 265 -78.43 40.49 34.74
N ILE L 266 -77.13 40.74 34.65
CA ILE L 266 -76.15 39.69 34.87
C ILE L 266 -76.23 39.17 36.30
N GLN L 267 -76.34 40.08 37.26
CA GLN L 267 -76.49 39.67 38.66
C GLN L 267 -77.86 39.04 38.89
N ALA L 268 -78.89 39.52 38.21
CA ALA L 268 -80.21 38.90 38.33
C ALA L 268 -80.21 37.48 37.78
N ILE L 269 -79.54 37.28 36.65
CA ILE L 269 -79.48 35.95 36.05
C ILE L 269 -78.70 34.99 36.94
N GLN L 270 -77.55 35.44 37.46
CA GLN L 270 -76.75 34.59 38.32
C GLN L 270 -77.48 34.27 39.62
N ALA L 271 -78.15 35.25 40.21
CA ALA L 271 -78.90 35.00 41.45
C ALA L 271 -80.08 34.08 41.21
N ALA L 272 -80.77 34.24 40.08
CA ALA L 272 -81.89 33.37 39.76
C ALA L 272 -81.44 31.94 39.52
N ALA L 273 -80.29 31.77 38.85
CA ALA L 273 -79.78 30.42 38.59
C ALA L 273 -79.35 29.73 39.88
N ARG L 274 -78.66 30.44 40.76
CA ARG L 274 -78.21 29.83 42.01
C ARG L 274 -79.37 29.53 42.94
N SER L 275 -80.41 30.39 42.93
CA SER L 275 -81.60 30.10 43.71
C SER L 275 -82.39 28.92 43.13
N GLY L 276 -82.23 28.64 41.85
CA GLY L 276 -82.92 27.53 41.21
C GLY L 276 -84.34 27.82 40.78
N GLU L 277 -84.83 29.04 40.98
CA GLU L 277 -86.21 29.35 40.61
C GLU L 277 -86.37 29.48 39.10
N SER L 278 -85.32 29.88 38.39
CA SER L 278 -85.36 30.07 36.94
C SER L 278 -84.28 29.19 36.32
N SER L 279 -84.63 27.94 36.05
CA SER L 279 -83.71 26.99 35.43
C SER L 279 -83.99 26.91 33.93
N ASP L 280 -83.59 27.97 33.24
CA ASP L 280 -83.77 28.05 31.79
C ASP L 280 -82.68 28.95 31.22
N ARG L 281 -82.44 28.79 29.92
CA ARG L 281 -81.42 29.59 29.25
C ARG L 281 -81.89 31.02 29.09
N PRO L 282 -81.20 32.00 29.66
CA PRO L 282 -81.62 33.40 29.53
C PRO L 282 -80.92 34.12 28.38
N MET L 283 -81.50 35.24 27.98
CA MET L 283 -80.92 36.10 26.96
C MET L 283 -79.85 36.96 27.62
N TRP L 284 -78.58 36.65 27.34
CA TRP L 284 -77.50 37.38 27.96
C TRP L 284 -77.39 38.80 27.38
N PRO L 285 -77.01 39.77 28.20
CA PRO L 285 -76.85 41.14 27.69
C PRO L 285 -75.65 41.26 26.76
N MET L 286 -75.75 42.21 25.83
CA MET L 286 -74.70 42.47 24.85
C MET L 286 -74.86 43.91 24.39
N ILE L 287 -73.72 44.56 24.11
CA ILE L 287 -73.66 45.99 23.84
C ILE L 287 -73.10 46.20 22.44
N VAL L 288 -73.73 47.09 21.68
CA VAL L 288 -73.29 47.46 20.33
C VAL L 288 -72.87 48.92 20.36
N LEU L 289 -71.66 49.21 19.85
CA LEU L 289 -71.11 50.56 19.82
C LEU L 289 -70.97 51.00 18.37
N ARG L 290 -71.56 52.14 18.04
CA ARG L 290 -71.47 52.73 16.70
C ARG L 290 -70.53 53.92 16.66
N THR L 291 -69.61 54.02 17.62
CA THR L 291 -68.70 55.15 17.65
C THR L 291 -67.77 55.11 16.44
N PRO L 292 -67.49 56.26 15.81
CA PRO L 292 -66.60 56.27 14.66
C PRO L 292 -65.18 55.86 15.03
N LYS L 293 -64.49 55.25 14.07
CA LYS L 293 -63.12 54.81 14.30
C LYS L 293 -62.21 56.01 14.43
N GLY L 294 -61.53 56.13 15.57
CA GLY L 294 -60.69 57.29 15.83
C GLY L 294 -61.47 58.58 15.89
N TRP L 295 -62.62 58.57 16.58
CA TRP L 295 -63.48 59.74 16.60
C TRP L 295 -62.91 60.87 17.46
N THR L 296 -61.87 60.62 18.25
CA THR L 296 -61.20 61.66 19.01
C THR L 296 -59.92 62.14 18.33
N GLY L 297 -59.56 61.58 17.19
CA GLY L 297 -58.34 61.95 16.51
C GLY L 297 -58.55 63.02 15.45
N PRO L 298 -57.57 63.17 14.56
CA PRO L 298 -57.70 64.14 13.47
C PRO L 298 -58.81 63.76 12.51
N ALA L 299 -59.45 64.77 11.92
CA ALA L 299 -60.58 64.56 11.02
C ALA L 299 -60.13 64.48 9.57
N THR L 300 -59.46 65.52 9.08
CA THR L 300 -58.96 65.58 7.70
C THR L 300 -57.52 66.04 7.73
N ILE L 301 -56.66 65.35 6.96
CA ILE L 301 -55.24 65.64 6.98
C ILE L 301 -54.73 65.93 5.57
N LYS L 302 -54.94 65.00 4.65
CA LYS L 302 -54.45 65.11 3.27
C LYS L 302 -55.61 65.18 2.30
N GLY L 303 -56.63 65.99 2.62
CA GLY L 303 -57.79 66.10 1.77
C GLY L 303 -58.73 64.93 1.82
N HIS L 304 -58.54 64.00 2.77
CA HIS L 304 -59.40 62.85 2.91
C HIS L 304 -59.80 62.70 4.38
N VAL L 305 -60.93 62.02 4.60
CA VAL L 305 -61.45 61.84 5.94
C VAL L 305 -60.59 60.81 6.67
N VAL L 306 -60.00 61.23 7.80
CA VAL L 306 -59.18 60.36 8.62
C VAL L 306 -59.86 59.99 9.93
N GLU L 307 -61.07 60.46 10.18
CA GLU L 307 -61.82 60.13 11.37
C GLU L 307 -63.09 59.37 11.00
N GLY L 308 -63.29 58.22 11.64
CA GLY L 308 -64.46 57.40 11.35
C GLY L 308 -64.46 56.79 9.97
N SER L 309 -63.28 56.40 9.47
CA SER L 309 -63.18 55.77 8.16
C SER L 309 -62.07 54.72 8.24
N TRP L 310 -61.89 54.00 7.13
CA TRP L 310 -60.83 53.00 7.07
C TRP L 310 -59.44 53.63 7.12
N ARG L 311 -59.32 54.92 6.80
CA ARG L 311 -58.05 55.60 6.93
C ARG L 311 -57.65 55.82 8.37
N SER L 312 -58.60 55.75 9.31
CA SER L 312 -58.31 55.95 10.72
C SER L 312 -57.59 54.77 11.36
N HIS L 313 -57.46 53.65 10.67
CA HIS L 313 -56.81 52.45 11.19
C HIS L 313 -55.30 52.63 11.11
N GLN L 314 -54.69 52.93 12.26
CA GLN L 314 -53.26 52.82 12.58
C GLN L 314 -52.39 53.88 11.94
N VAL L 315 -52.89 54.63 10.96
CA VAL L 315 -52.06 55.65 10.30
C VAL L 315 -52.88 56.92 10.12
N PRO L 316 -53.03 57.74 11.17
CA PRO L 316 -53.57 59.10 10.95
C PRO L 316 -52.81 59.86 9.88
N MET L 317 -51.49 59.94 10.02
CA MET L 317 -50.63 60.50 8.99
C MET L 317 -49.52 59.50 8.69
N ALA L 318 -49.23 59.32 7.39
CA ALA L 318 -48.22 58.35 7.00
C ALA L 318 -46.82 58.82 7.33
N ASP L 319 -46.53 60.09 7.04
CA ASP L 319 -45.19 60.64 7.21
C ASP L 319 -45.25 61.84 8.16
N VAL L 320 -44.33 61.86 9.13
CA VAL L 320 -44.22 62.95 10.09
C VAL L 320 -42.87 63.64 9.99
N LEU L 321 -41.78 62.86 9.91
CA LEU L 321 -40.46 63.44 9.82
C LEU L 321 -40.26 64.19 8.51
N THR L 322 -40.77 63.64 7.41
CA THR L 322 -40.57 64.26 6.11
C THR L 322 -41.34 65.58 5.98
N ASN L 323 -42.60 65.58 6.41
CA ASN L 323 -43.44 66.77 6.26
C ASN L 323 -43.61 67.47 7.60
N PRO L 324 -43.08 68.68 7.77
CA PRO L 324 -43.30 69.41 9.03
C PRO L 324 -44.74 69.82 9.24
N GLU L 325 -45.55 69.91 8.18
CA GLU L 325 -46.95 70.26 8.33
C GLU L 325 -47.69 69.19 9.13
N HIS L 326 -47.43 67.91 8.82
CA HIS L 326 -48.04 66.83 9.58
C HIS L 326 -47.57 66.82 11.02
N LEU L 327 -46.29 67.16 11.25
CA LEU L 327 -45.78 67.26 12.61
C LEU L 327 -46.50 68.36 13.38
N GLN L 328 -46.78 69.48 12.72
CA GLN L 328 -47.56 70.53 13.36
C GLN L 328 -48.98 70.06 13.64
N LEU L 329 -49.59 69.33 12.70
CA LEU L 329 -50.90 68.74 12.95
C LEU L 329 -50.82 67.70 14.07
N LEU L 330 -49.73 66.94 14.10
CA LEU L 330 -49.53 65.98 15.19
C LEU L 330 -49.41 66.68 16.53
N GLU L 331 -48.67 67.79 16.57
CA GLU L 331 -48.52 68.53 17.82
C GLU L 331 -49.87 69.09 18.28
N ASP L 332 -50.67 69.60 17.35
CA ASP L 332 -52.00 70.07 17.69
C ASP L 332 -52.90 68.93 18.18
N TRP L 333 -52.69 67.72 17.65
CA TRP L 333 -53.45 66.56 18.11
C TRP L 333 -53.17 66.27 19.58
N LEU L 334 -51.90 66.33 19.99
CA LEU L 334 -51.56 66.11 21.39
C LEU L 334 -52.07 67.24 22.27
N ARG L 335 -52.07 68.47 21.76
CA ARG L 335 -52.59 69.59 22.52
C ARG L 335 -54.10 69.50 22.75
N SER L 336 -54.82 68.79 21.86
CA SER L 336 -56.27 68.71 21.99
C SER L 336 -56.71 67.99 23.25
N TYR L 337 -55.87 67.13 23.81
CA TYR L 337 -56.21 66.45 25.05
C TYR L 337 -55.92 67.28 26.28
N ARG L 338 -55.26 68.43 26.13
CA ARG L 338 -54.82 69.29 27.22
C ARG L 338 -54.03 68.49 28.26
N PRO L 339 -52.83 68.04 27.93
CA PRO L 339 -52.08 67.19 28.87
C PRO L 339 -51.57 67.92 30.10
N GLU L 340 -51.58 69.26 30.10
CA GLU L 340 -51.02 70.01 31.22
C GLU L 340 -51.81 69.79 32.49
N GLU L 341 -53.14 69.73 32.39
CA GLU L 341 -53.97 69.53 33.57
C GLU L 341 -53.97 68.08 34.03
N LEU L 342 -53.71 67.14 33.13
CA LEU L 342 -53.79 65.73 33.47
C LEU L 342 -52.60 65.25 34.30
N PHE L 343 -51.42 65.84 34.10
CA PHE L 343 -50.21 65.42 34.79
C PHE L 343 -49.63 66.58 35.59
N ASP L 344 -48.92 66.23 36.66
CA ASP L 344 -48.27 67.22 37.50
C ASP L 344 -46.88 67.54 36.96
N ALA L 345 -46.08 68.25 37.74
CA ALA L 345 -44.71 68.56 37.34
C ALA L 345 -43.85 67.30 37.29
N SER L 346 -44.05 66.38 38.24
CA SER L 346 -43.27 65.16 38.28
C SER L 346 -43.61 64.20 37.14
N GLY L 347 -44.78 64.35 36.53
CA GLY L 347 -45.22 63.46 35.48
C GLY L 347 -46.24 62.42 35.90
N ALA L 348 -46.46 62.26 37.21
CA ALA L 348 -47.48 61.34 37.68
C ALA L 348 -48.87 61.88 37.37
N PRO L 349 -49.86 60.99 37.27
CA PRO L 349 -51.24 61.47 37.12
C PRO L 349 -51.68 62.25 38.34
N VAL L 350 -52.57 63.22 38.11
CA VAL L 350 -53.04 64.11 39.17
C VAL L 350 -53.91 63.35 40.16
N ALA L 351 -54.21 63.97 41.30
CA ALA L 351 -54.98 63.32 42.34
C ALA L 351 -56.41 62.99 41.89
N GLU L 352 -56.94 63.71 40.90
CA GLU L 352 -58.24 63.37 40.36
C GLU L 352 -58.22 62.00 39.69
N LEU L 353 -57.16 61.70 38.95
CA LEU L 353 -57.05 60.40 38.29
C LEU L 353 -56.74 59.29 39.28
N GLN L 354 -55.95 59.59 40.33
CA GLN L 354 -55.59 58.57 41.29
C GLN L 354 -56.79 58.08 42.09
N ALA L 355 -57.69 58.99 42.45
CA ALA L 355 -58.84 58.62 43.27
C ALA L 355 -59.78 57.68 42.51
N ILE L 356 -60.01 57.93 41.22
CA ILE L 356 -60.96 57.12 40.45
C ILE L 356 -60.36 55.80 39.99
N ALA L 357 -59.07 55.56 40.22
CA ALA L 357 -58.48 54.30 39.83
C ALA L 357 -58.84 53.21 40.84
N PRO L 358 -58.99 51.96 40.38
CA PRO L 358 -59.22 50.85 41.31
C PRO L 358 -58.02 50.65 42.22
N ILE L 359 -58.30 50.15 43.42
CA ILE L 359 -57.31 50.05 44.49
C ILE L 359 -57.02 48.59 44.76
N GLY L 360 -55.73 48.24 44.79
CA GLY L 360 -55.32 46.91 45.17
C GLY L 360 -55.55 45.88 44.08
N ASP L 361 -55.89 44.66 44.51
CA ASP L 361 -56.06 43.54 43.59
C ASP L 361 -57.28 43.67 42.70
N ARG L 362 -58.20 44.60 43.00
CA ARG L 362 -59.39 44.77 42.19
C ARG L 362 -59.09 45.36 40.81
N ARG L 363 -57.88 45.84 40.58
CA ARG L 363 -57.52 46.39 39.27
C ARG L 363 -57.60 45.30 38.21
N MET L 364 -58.23 45.64 37.09
CA MET L 364 -58.45 44.66 36.03
C MET L 364 -57.12 44.21 35.42
N SER L 365 -56.18 45.13 35.27
CA SER L 365 -54.86 44.77 34.77
C SER L 365 -54.03 43.99 35.79
N ALA L 366 -54.44 43.96 37.06
CA ALA L 366 -53.72 43.25 38.09
C ALA L 366 -54.51 42.08 38.65
N ASN L 367 -55.53 41.62 37.94
CA ASN L 367 -56.34 40.50 38.41
C ASN L 367 -55.53 39.21 38.37
N PRO L 368 -55.55 38.40 39.43
CA PRO L 368 -54.78 37.16 39.42
C PRO L 368 -55.26 36.15 38.40
N VAL L 369 -56.49 36.28 37.89
CA VAL L 369 -57.01 35.34 36.90
C VAL L 369 -56.20 35.43 35.61
N THR L 370 -55.79 36.64 35.22
CA THR L 370 -55.01 36.80 34.00
C THR L 370 -53.66 36.09 34.11
N ASN L 371 -53.00 36.22 35.26
CA ASN L 371 -51.79 35.44 35.54
C ASN L 371 -52.21 34.16 36.29
N GLY L 372 -52.84 33.26 35.52
CA GLY L 372 -53.51 32.12 36.10
C GLY L 372 -52.59 31.11 36.76
N GLY L 373 -51.29 31.16 36.47
CA GLY L 373 -50.37 30.24 37.09
C GLY L 373 -50.27 30.42 38.60
N LEU L 374 -50.55 31.62 39.09
CA LEU L 374 -50.59 31.83 40.53
C LEU L 374 -51.76 31.10 41.17
N LEU L 375 -52.89 31.01 40.46
CA LEU L 375 -54.08 30.34 40.96
C LEU L 375 -54.09 28.85 40.68
N ARG L 376 -53.09 28.33 39.97
CA ARG L 376 -53.09 26.93 39.58
C ARG L 376 -52.76 26.05 40.77
N ARG L 377 -53.58 25.01 40.97
CA ARG L 377 -53.34 24.00 41.98
C ARG L 377 -53.08 22.66 41.28
N ALA L 378 -52.16 21.89 41.84
CA ALA L 378 -51.79 20.61 41.23
C ALA L 378 -52.98 19.66 41.24
N LEU L 379 -53.17 18.98 40.11
CA LEU L 379 -54.29 18.07 39.96
C LEU L 379 -54.11 16.84 40.84
N THR L 380 -55.21 16.41 41.46
CA THR L 380 -55.19 15.20 42.27
C THR L 380 -55.41 14.00 41.36
N LEU L 381 -54.35 13.23 41.12
CA LEU L 381 -54.40 12.15 40.15
C LEU L 381 -54.48 10.81 40.86
N PRO L 382 -55.56 10.06 40.69
CA PRO L 382 -55.60 8.69 41.19
C PRO L 382 -54.61 7.82 40.44
N ASP L 383 -54.14 6.77 41.11
CA ASP L 383 -53.18 5.86 40.50
C ASP L 383 -53.81 5.16 39.30
N PHE L 384 -53.15 5.26 38.14
CA PHE L 384 -53.72 4.68 36.92
C PHE L 384 -53.59 3.17 36.89
N ARG L 385 -52.75 2.59 37.74
CA ARG L 385 -52.58 1.14 37.76
C ARG L 385 -53.85 0.42 38.19
N ASP L 386 -54.77 1.12 38.86
CA ASP L 386 -56.06 0.53 39.18
C ASP L 386 -56.88 0.27 37.92
N GLN L 387 -56.86 1.20 36.97
CA GLN L 387 -57.65 1.09 35.75
C GLN L 387 -56.92 0.42 34.62
N ALA L 388 -55.64 0.06 34.80
CA ALA L 388 -54.89 -0.56 33.73
C ALA L 388 -55.36 -1.99 33.51
N VAL L 389 -55.35 -2.42 32.24
CA VAL L 389 -55.71 -3.79 31.93
C VAL L 389 -54.60 -4.74 32.35
N SER L 390 -54.97 -6.00 32.55
CA SER L 390 -54.03 -7.04 32.96
C SER L 390 -53.63 -7.86 31.75
N VAL L 391 -52.33 -8.04 31.56
CA VAL L 391 -51.81 -8.80 30.44
C VAL L 391 -50.91 -9.92 30.98
N PRO L 392 -51.33 -11.18 30.87
CA PRO L 392 -50.41 -12.27 31.25
C PRO L 392 -49.28 -12.45 30.26
N ALA L 393 -49.58 -12.39 28.96
CA ALA L 393 -48.57 -12.54 27.92
C ALA L 393 -48.63 -11.34 26.98
N PRO L 394 -47.51 -10.67 26.74
CA PRO L 394 -47.54 -9.49 25.86
C PRO L 394 -47.77 -9.88 24.42
N GLY L 395 -48.65 -9.15 23.75
CA GLY L 395 -48.92 -9.38 22.34
C GLY L 395 -49.91 -10.49 22.04
N LYS L 396 -50.51 -11.11 23.06
CA LYS L 396 -51.43 -12.21 22.84
C LYS L 396 -52.84 -11.92 23.32
N SER L 397 -53.04 -10.92 24.16
CA SER L 397 -54.36 -10.60 24.69
C SER L 397 -54.88 -9.34 24.01
N ARG L 398 -56.11 -9.40 23.52
CA ARG L 398 -56.70 -8.32 22.73
C ARG L 398 -57.76 -7.61 23.54
N ALA L 399 -57.61 -6.29 23.67
CA ALA L 399 -58.57 -5.47 24.40
C ALA L 399 -58.54 -4.06 23.84
N ASP L 400 -59.69 -3.41 23.85
CA ASP L 400 -59.79 -2.03 23.35
C ASP L 400 -59.07 -1.08 24.29
N SER L 401 -58.34 -0.13 23.71
CA SER L 401 -57.50 0.77 24.48
C SER L 401 -58.22 2.03 24.94
N THR L 402 -59.41 2.31 24.44
CA THR L 402 -60.11 3.52 24.81
C THR L 402 -60.76 3.41 26.19
N ARG L 403 -61.26 2.22 26.53
CA ARG L 403 -61.97 2.04 27.79
C ARG L 403 -61.10 2.30 29.03
N PRO L 404 -59.85 1.83 29.13
CA PRO L 404 -59.04 2.21 30.31
C PRO L 404 -58.83 3.71 30.44
N LEU L 405 -58.70 4.43 29.33
CA LEU L 405 -58.52 5.87 29.41
C LEU L 405 -59.79 6.56 29.88
N GLY L 406 -60.96 6.08 29.42
CA GLY L 406 -62.21 6.67 29.87
C GLY L 406 -62.43 6.50 31.35
N GLN L 407 -62.12 5.33 31.89
CA GLN L 407 -62.24 5.10 33.33
C GLN L 407 -61.30 6.00 34.11
N PHE L 408 -60.06 6.14 33.63
CA PHE L 408 -59.10 7.00 34.31
C PHE L 408 -59.54 8.46 34.29
N LEU L 409 -60.08 8.91 33.15
CA LEU L 409 -60.59 10.27 33.07
C LEU L 409 -61.82 10.47 33.94
N ARG L 410 -62.63 9.43 34.11
CA ARG L 410 -63.77 9.51 35.02
C ARG L 410 -63.30 9.73 36.46
N GLU L 411 -62.25 9.01 36.88
CA GLU L 411 -61.77 9.15 38.25
C GLU L 411 -61.19 10.53 38.51
N VAL L 412 -60.56 11.13 37.51
CA VAL L 412 -60.03 12.48 37.66
C VAL L 412 -61.15 13.49 37.86
N ILE L 413 -62.29 13.27 37.19
CA ILE L 413 -63.42 14.19 37.30
C ILE L 413 -63.96 14.21 38.73
N ARG L 414 -64.12 13.03 39.33
CA ARG L 414 -64.64 12.97 40.69
C ARG L 414 -63.67 13.57 41.69
N HIS L 415 -62.38 13.29 41.53
CA HIS L 415 -61.39 13.82 42.46
C HIS L 415 -61.11 15.29 42.22
N ASN L 416 -61.41 15.81 41.04
CA ASN L 416 -61.22 17.21 40.70
C ASN L 416 -62.49 17.75 40.07
N PRO L 417 -63.53 17.99 40.88
CA PRO L 417 -64.83 18.35 40.31
C PRO L 417 -64.91 19.78 39.79
N ASP L 418 -63.96 20.64 40.16
CA ASP L 418 -64.04 22.05 39.79
C ASP L 418 -63.05 22.45 38.70
N ASN L 419 -61.78 22.08 38.84
CA ASN L 419 -60.74 22.55 37.94
C ASN L 419 -60.37 21.52 36.88
N PHE L 420 -61.35 20.78 36.35
CA PHE L 420 -61.07 19.83 35.28
C PHE L 420 -62.29 19.71 34.39
N ARG L 421 -62.06 19.64 33.08
CA ARG L 421 -63.13 19.53 32.10
C ARG L 421 -62.64 18.74 30.90
N LEU L 422 -63.60 18.22 30.13
CA LEU L 422 -63.32 17.48 28.91
C LEU L 422 -63.97 18.16 27.72
N PHE L 423 -63.31 18.09 26.57
CA PHE L 423 -63.76 18.73 25.35
C PHE L 423 -63.74 17.74 24.21
N GLY L 424 -64.86 17.61 23.51
CA GLY L 424 -64.96 16.68 22.40
C GLY L 424 -66.01 17.11 21.38
N PRO L 425 -65.66 17.06 20.10
CA PRO L 425 -66.61 17.45 19.04
C PRO L 425 -67.54 16.32 18.62
N ASP L 426 -68.44 15.95 19.53
CA ASP L 426 -69.39 14.86 19.35
C ASP L 426 -68.69 13.53 19.04
N GLU L 427 -67.48 13.36 19.57
CA GLU L 427 -66.73 12.14 19.37
C GLU L 427 -66.39 11.44 20.68
N THR L 428 -66.80 11.99 21.82
CA THR L 428 -66.58 11.32 23.10
C THR L 428 -67.31 9.98 23.14
N ALA L 429 -68.56 9.96 22.66
CA ALA L 429 -69.27 8.70 22.50
C ALA L 429 -68.67 7.88 21.36
N SER L 430 -68.24 8.55 20.29
CA SER L 430 -67.66 7.83 19.15
C SER L 430 -66.34 7.17 19.53
N ASN L 431 -65.50 7.87 20.30
CA ASN L 431 -64.20 7.33 20.73
C ASN L 431 -64.32 6.30 21.83
N ARG L 432 -65.53 5.82 22.13
CA ARG L 432 -65.76 4.80 23.16
C ARG L 432 -65.28 5.29 24.53
N LEU L 433 -65.47 6.58 24.80
CA LEU L 433 -65.14 7.18 26.08
C LEU L 433 -66.37 7.35 26.97
N ASP L 434 -67.31 6.40 26.89
CA ASP L 434 -68.55 6.48 27.65
C ASP L 434 -68.36 6.19 29.14
N ALA L 435 -67.15 5.82 29.56
CA ALA L 435 -66.92 5.56 30.97
C ALA L 435 -67.08 6.81 31.83
N VAL L 436 -66.72 7.98 31.28
CA VAL L 436 -66.93 9.22 32.03
C VAL L 436 -68.40 9.57 32.14
N TYR L 437 -69.25 9.01 31.27
CA TYR L 437 -70.69 9.28 31.34
C TYR L 437 -71.35 8.61 32.53
N GLU L 438 -70.65 7.73 33.24
CA GLU L 438 -71.25 7.04 34.38
C GLU L 438 -71.56 7.99 35.52
N VAL L 439 -70.64 8.91 35.82
CA VAL L 439 -70.79 9.81 36.96
C VAL L 439 -71.32 11.17 36.56
N THR L 440 -70.83 11.73 35.45
CA THR L 440 -71.23 13.05 34.99
C THR L 440 -71.58 12.99 33.51
N SER L 441 -72.47 13.88 33.08
CA SER L 441 -72.89 13.97 31.70
C SER L 441 -72.38 15.27 31.10
N LYS L 442 -72.66 15.44 29.80
CA LYS L 442 -72.24 16.65 29.11
C LYS L 442 -73.16 17.80 29.46
N VAL L 443 -72.57 18.95 29.80
CA VAL L 443 -73.36 20.14 30.08
C VAL L 443 -73.82 20.75 28.76
N TRP L 444 -75.12 20.89 28.61
CA TRP L 444 -75.68 21.40 27.36
C TRP L 444 -76.63 22.58 27.55
N LEU L 445 -77.44 22.57 28.62
CA LEU L 445 -78.33 23.67 28.99
C LEU L 445 -79.26 24.05 27.84
N GLY L 446 -80.11 23.09 27.46
CA GLY L 446 -81.08 23.30 26.42
C GLY L 446 -82.35 22.53 26.69
N ASP L 447 -83.36 22.80 25.86
CA ASP L 447 -84.63 22.09 25.99
C ASP L 447 -84.45 20.62 25.68
N ARG L 448 -84.98 19.76 26.54
CA ARG L 448 -84.73 18.33 26.46
C ARG L 448 -86.04 17.59 26.25
N ILE L 449 -85.95 16.45 25.57
CA ILE L 449 -87.11 15.59 25.32
C ILE L 449 -86.81 14.25 25.95
N PRO L 450 -87.85 13.47 26.30
CA PRO L 450 -87.61 12.14 26.87
C PRO L 450 -86.82 11.21 25.98
N GLU L 451 -86.86 11.41 24.66
CA GLU L 451 -86.03 10.62 23.76
C GLU L 451 -84.55 10.91 23.99
N ASP L 452 -84.21 12.18 24.25
CA ASP L 452 -82.83 12.52 24.54
C ASP L 452 -82.36 11.94 25.86
N GLU L 453 -83.26 11.81 26.84
CA GLU L 453 -82.88 11.31 28.15
C GLU L 453 -82.39 9.87 28.08
N ASP L 454 -83.09 9.03 27.31
CA ASP L 454 -82.68 7.63 27.20
C ASP L 454 -81.46 7.48 26.29
N GLY L 455 -81.37 8.28 25.24
CA GLY L 455 -80.31 8.17 24.27
C GLY L 455 -79.01 8.84 24.69
N GLY L 456 -79.07 10.14 24.94
CA GLY L 456 -77.86 10.89 25.26
C GLY L 456 -77.75 11.29 26.71
N HIS L 457 -76.53 11.55 27.16
CA HIS L 457 -76.27 11.97 28.54
C HIS L 457 -76.16 13.50 28.54
N LEU L 458 -77.27 14.17 28.84
CA LEU L 458 -77.34 15.63 28.82
C LEU L 458 -77.94 16.13 30.12
N SER L 459 -77.34 17.18 30.67
CA SER L 459 -77.83 17.79 31.90
C SER L 459 -77.31 19.22 31.97
N ASP L 460 -77.95 20.02 32.83
CA ASP L 460 -77.49 21.38 33.04
C ASP L 460 -76.11 21.41 33.70
N ARG L 461 -75.86 20.52 34.64
CA ARG L 461 -74.57 20.40 35.30
C ARG L 461 -73.75 19.32 34.61
N GLY L 462 -72.52 19.66 34.24
CA GLY L 462 -71.66 18.71 33.56
C GLY L 462 -70.24 19.21 33.49
N ARG L 463 -69.34 18.30 33.17
CA ARG L 463 -67.92 18.61 33.04
C ARG L 463 -67.37 18.28 31.65
N VAL L 464 -68.22 17.92 30.70
CA VAL L 464 -67.82 17.57 29.35
C VAL L 464 -68.50 18.52 28.37
N MET L 465 -67.71 19.17 27.53
CA MET L 465 -68.22 20.10 26.54
C MET L 465 -68.30 19.43 25.18
N GLU L 466 -69.34 19.74 24.42
CA GLU L 466 -69.59 19.09 23.13
C GLU L 466 -70.09 20.10 22.12
N ILE L 467 -69.30 20.35 21.08
CA ILE L 467 -69.67 21.24 19.99
C ILE L 467 -68.82 20.88 18.78
N LEU L 468 -69.44 20.91 17.60
CA LEU L 468 -68.75 20.44 16.40
C LEU L 468 -67.64 21.38 15.97
N SER L 469 -67.83 22.69 16.13
CA SER L 469 -66.80 23.65 15.75
C SER L 469 -65.60 23.51 16.66
N GLU L 470 -64.51 22.97 16.14
CA GLU L 470 -63.30 22.85 16.92
C GLU L 470 -62.65 24.20 17.19
N HIS L 471 -63.00 25.23 16.43
CA HIS L 471 -62.45 26.56 16.67
C HIS L 471 -62.88 27.09 18.03
N THR L 472 -64.18 27.07 18.31
CA THR L 472 -64.63 27.51 19.62
C THR L 472 -64.36 26.48 20.69
N LEU L 473 -64.33 25.20 20.32
CA LEU L 473 -64.09 24.16 21.30
C LEU L 473 -62.66 24.21 21.81
N GLU L 474 -61.69 24.42 20.92
CA GLU L 474 -60.31 24.54 21.36
C GLU L 474 -60.05 25.89 22.00
N GLY L 475 -60.78 26.92 21.58
CA GLY L 475 -60.63 28.23 22.21
C GLY L 475 -61.05 28.24 23.66
N TRP L 476 -62.05 27.43 24.01
CA TRP L 476 -62.46 27.31 25.41
C TRP L 476 -61.32 26.75 26.26
N LEU L 477 -60.62 25.74 25.74
CA LEU L 477 -59.59 25.08 26.52
C LEU L 477 -58.38 25.97 26.75
N GLU L 478 -57.98 26.75 25.73
CA GLU L 478 -56.79 27.59 25.85
C GLU L 478 -56.96 28.62 26.95
N ALA L 479 -58.13 29.27 27.02
CA ALA L 479 -58.38 30.20 28.10
C ALA L 479 -58.52 29.49 29.44
N TYR L 480 -59.04 28.26 29.43
CA TYR L 480 -59.19 27.50 30.66
C TYR L 480 -57.84 27.20 31.29
N LEU L 481 -56.83 26.90 30.46
CA LEU L 481 -55.51 26.61 31.00
C LEU L 481 -54.80 27.88 31.45
N LEU L 482 -54.93 28.96 30.68
CA LEU L 482 -54.32 30.23 31.08
C LEU L 482 -54.97 30.81 32.32
N THR L 483 -56.20 30.41 32.64
CA THR L 483 -56.84 30.81 33.88
C THR L 483 -56.24 30.10 35.09
N GLY L 484 -55.58 28.96 34.87
CA GLY L 484 -54.99 28.20 35.95
C GLY L 484 -55.60 26.83 36.18
N ARG L 485 -56.57 26.43 35.38
CA ARG L 485 -57.24 25.16 35.55
C ARG L 485 -56.59 24.10 34.68
N HIS L 486 -57.21 22.92 34.59
CA HIS L 486 -56.68 21.81 33.80
C HIS L 486 -57.78 21.27 32.90
N GLY L 487 -57.39 20.74 31.74
CA GLY L 487 -58.34 20.22 30.79
C GLY L 487 -57.74 19.13 29.94
N PHE L 488 -58.59 18.56 29.08
CA PHE L 488 -58.17 17.47 28.20
C PHE L 488 -59.03 17.50 26.94
N PHE L 489 -58.38 17.45 25.78
CA PHE L 489 -59.04 17.58 24.49
C PHE L 489 -58.96 16.25 23.74
N ALA L 490 -60.10 15.75 23.28
CA ALA L 490 -60.16 14.51 22.53
C ALA L 490 -60.91 14.75 21.23
N THR L 491 -60.31 14.32 20.11
CA THR L 491 -60.93 14.52 18.80
C THR L 491 -60.33 13.53 17.82
N TYR L 492 -60.88 13.51 16.61
CA TYR L 492 -60.31 12.73 15.53
C TYR L 492 -59.03 13.39 15.03
N GLU L 493 -58.17 12.57 14.43
CA GLU L 493 -56.96 13.09 13.79
C GLU L 493 -57.27 13.74 12.46
N ALA L 494 -58.34 13.30 11.79
CA ALA L 494 -58.63 13.80 10.45
C ALA L 494 -59.00 15.28 10.46
N PHE L 495 -59.57 15.78 11.56
CA PHE L 495 -59.97 17.17 11.65
C PHE L 495 -59.03 18.00 12.50
N ALA L 496 -57.78 17.54 12.66
CA ALA L 496 -56.82 18.31 13.42
C ALA L 496 -56.27 19.51 12.67
N HIS L 497 -56.45 19.55 11.34
CA HIS L 497 -56.07 20.74 10.59
C HIS L 497 -56.95 21.94 10.90
N VAL L 498 -58.13 21.71 11.48
CA VAL L 498 -59.03 22.81 11.82
C VAL L 498 -58.40 23.70 12.88
N ILE L 499 -57.78 23.10 13.89
CA ILE L 499 -57.21 23.85 15.00
C ILE L 499 -55.74 24.11 14.75
N ASP L 500 -55.30 24.01 13.50
CA ASP L 500 -53.89 24.18 13.18
C ASP L 500 -53.43 25.60 13.48
N SER L 501 -54.24 26.60 13.14
CA SER L 501 -53.86 27.98 13.42
C SER L 501 -53.90 28.28 14.91
N MET L 502 -54.87 27.70 15.62
CA MET L 502 -55.04 28.01 17.04
C MET L 502 -53.88 27.46 17.87
N VAL L 503 -53.36 26.29 17.49
CA VAL L 503 -52.25 25.70 18.25
C VAL L 503 -51.01 26.58 18.15
N ASN L 504 -50.73 27.13 16.97
CA ASN L 504 -49.58 28.01 16.81
C ASN L 504 -49.74 29.27 17.65
N GLN L 505 -50.98 29.77 17.79
CA GLN L 505 -51.21 30.91 18.64
C GLN L 505 -50.91 30.58 20.10
N HIS L 506 -51.32 29.40 20.57
CA HIS L 506 -51.08 29.04 21.96
C HIS L 506 -49.61 28.76 22.20
N ALA L 507 -48.94 28.11 21.25
CA ALA L 507 -47.51 27.85 21.41
C ALA L 507 -46.70 29.14 21.39
N LYS L 508 -47.18 30.15 20.67
CA LYS L 508 -46.54 31.47 20.75
C LYS L 508 -46.64 32.03 22.16
N TRP L 509 -47.80 31.87 22.80
CA TRP L 509 -47.98 32.40 24.14
C TRP L 509 -47.08 31.71 25.15
N LEU L 510 -46.98 30.38 25.08
CA LEU L 510 -46.22 29.65 26.07
C LEU L 510 -44.72 29.89 25.93
N ASP L 511 -44.23 29.97 24.69
CA ASP L 511 -42.79 30.15 24.47
C ASP L 511 -42.32 31.50 24.98
N VAL L 512 -43.10 32.55 24.74
CA VAL L 512 -42.74 33.87 25.23
C VAL L 512 -42.88 33.93 26.74
N SER L 513 -43.94 33.34 27.29
CA SER L 513 -44.16 33.37 28.73
C SER L 513 -43.07 32.62 29.48
N LYS L 514 -42.58 31.53 28.91
CA LYS L 514 -41.56 30.74 29.60
C LYS L 514 -40.22 31.47 29.62
N ARG L 515 -39.79 32.01 28.49
CA ARG L 515 -38.45 32.57 28.36
C ARG L 515 -38.42 34.09 28.59
N GLU L 516 -39.15 34.85 27.77
CA GLU L 516 -38.99 36.30 27.77
C GLU L 516 -39.57 36.92 29.03
N VAL L 517 -40.78 36.53 29.41
CA VAL L 517 -41.46 37.12 30.56
C VAL L 517 -41.09 36.34 31.81
N ASP L 518 -40.76 37.07 32.87
CA ASP L 518 -40.33 36.44 34.12
C ASP L 518 -41.40 36.42 35.19
N TRP L 519 -42.34 37.37 35.16
CA TRP L 519 -43.40 37.39 36.16
C TRP L 519 -44.57 36.48 35.82
N ARG L 520 -44.58 35.89 34.61
CA ARG L 520 -45.65 34.96 34.26
C ARG L 520 -45.45 33.64 34.98
N ALA L 521 -46.44 33.23 35.73
CA ALA L 521 -46.30 31.95 36.38
C ALA L 521 -46.71 30.82 35.43
N PRO L 522 -46.10 29.65 35.55
CA PRO L 522 -46.43 28.54 34.64
C PRO L 522 -47.88 28.10 34.78
N VAL L 523 -48.50 27.81 33.64
CA VAL L 523 -49.90 27.38 33.58
C VAL L 523 -49.90 25.89 33.31
N SER L 524 -51.09 25.29 33.31
CA SER L 524 -51.19 23.86 33.01
C SER L 524 -50.92 23.61 31.52
N SER L 525 -50.66 22.35 31.20
CA SER L 525 -50.30 21.98 29.84
C SER L 525 -51.53 21.79 28.98
N LEU L 526 -51.33 21.83 27.66
CA LEU L 526 -52.38 21.63 26.68
C LEU L 526 -52.31 20.19 26.18
N ASN L 527 -53.33 19.40 26.52
CA ASN L 527 -53.36 17.98 26.21
C ASN L 527 -54.41 17.73 25.14
N ILE L 528 -53.97 17.25 23.98
CA ILE L 528 -54.84 16.96 22.86
C ILE L 528 -54.74 15.47 22.55
N LEU L 529 -55.88 14.79 22.52
CA LEU L 529 -55.95 13.38 22.18
C LEU L 529 -56.51 13.23 20.78
N LEU L 530 -55.77 12.58 19.90
CA LEU L 530 -56.19 12.34 18.53
C LEU L 530 -56.55 10.87 18.37
N SER L 531 -57.78 10.61 17.98
CA SER L 531 -58.28 9.26 17.79
C SER L 531 -58.59 9.01 16.32
N SER L 532 -58.92 7.75 16.02
CA SER L 532 -59.30 7.32 14.68
C SER L 532 -58.25 7.70 13.64
N THR L 533 -57.08 7.10 13.80
CA THR L 533 -55.96 7.37 12.92
C THR L 533 -56.30 7.03 11.46
N VAL L 534 -55.44 7.50 10.56
CA VAL L 534 -55.70 7.37 9.13
C VAL L 534 -55.65 5.93 8.65
N TRP L 535 -55.07 5.03 9.43
CA TRP L 535 -54.88 3.66 8.96
C TRP L 535 -56.14 2.83 9.03
N ARG L 536 -57.01 3.08 10.00
CA ARG L 536 -58.22 2.28 10.15
C ARG L 536 -59.28 2.63 9.12
N GLN L 537 -59.33 3.90 8.68
CA GLN L 537 -60.31 4.38 7.72
C GLN L 537 -61.73 4.14 8.24
N ASP L 538 -62.04 4.82 9.34
CA ASP L 538 -63.34 4.71 9.97
C ASP L 538 -64.44 5.27 9.07
N HIS L 539 -65.68 4.99 9.44
CA HIS L 539 -66.82 5.46 8.65
C HIS L 539 -66.91 6.98 8.62
N ASN L 540 -66.69 7.62 9.77
CA ASN L 540 -66.72 9.07 9.82
C ASN L 540 -65.45 9.66 9.23
N GLY L 541 -65.53 10.93 8.85
CA GLY L 541 -64.41 11.62 8.26
C GLY L 541 -64.25 11.32 6.77
N PHE L 542 -63.57 12.23 6.08
CA PHE L 542 -63.30 12.04 4.67
C PHE L 542 -62.35 10.87 4.46
N SER L 543 -62.47 10.22 3.30
CA SER L 543 -61.76 8.97 3.06
C SER L 543 -60.25 9.19 2.99
N HIS L 544 -59.81 10.36 2.54
CA HIS L 544 -58.38 10.64 2.42
C HIS L 544 -57.93 11.47 3.62
N GLN L 545 -57.80 10.80 4.76
CA GLN L 545 -57.34 11.47 5.97
C GLN L 545 -55.86 11.83 5.85
N ASP L 546 -55.44 12.78 6.67
CA ASP L 546 -54.10 13.30 6.58
C ASP L 546 -53.46 13.41 7.96
N PRO L 547 -52.33 12.74 8.19
CA PRO L 547 -51.66 12.85 9.49
C PRO L 547 -50.71 14.03 9.55
N GLY L 548 -50.87 14.98 8.63
CA GLY L 548 -49.97 16.12 8.52
C GLY L 548 -49.97 17.06 9.71
N PHE L 549 -50.96 16.96 10.60
CA PHE L 549 -50.98 17.81 11.79
C PHE L 549 -49.79 17.54 12.68
N ILE L 550 -49.32 16.28 12.73
CA ILE L 550 -48.15 15.96 13.54
C ILE L 550 -46.92 16.70 13.03
N ASP L 551 -46.81 16.85 11.71
CA ASP L 551 -45.67 17.56 11.13
C ASP L 551 -45.68 19.03 11.49
N LEU L 552 -46.85 19.66 11.48
CA LEU L 552 -46.91 21.08 11.79
C LEU L 552 -46.57 21.36 13.24
N VAL L 553 -46.94 20.44 14.14
CA VAL L 553 -46.57 20.60 15.54
C VAL L 553 -45.05 20.53 15.70
N THR L 554 -44.39 19.63 14.97
CA THR L 554 -42.94 19.50 15.05
C THR L 554 -42.21 20.71 14.50
N ASN L 555 -42.86 21.51 13.64
CA ASN L 555 -42.22 22.72 13.15
C ASN L 555 -41.97 23.70 14.28
N LYS L 556 -42.83 23.70 15.29
CA LYS L 556 -42.59 24.49 16.49
C LYS L 556 -41.49 23.85 17.32
N SER L 557 -40.96 24.62 18.27
CA SER L 557 -39.81 24.19 19.03
C SER L 557 -40.15 22.99 19.92
N ALA L 558 -39.15 22.14 20.11
CA ALA L 558 -39.31 20.97 20.99
C ALA L 558 -39.44 21.36 22.45
N ARG L 559 -39.15 22.61 22.80
CA ARG L 559 -39.26 23.08 24.17
C ARG L 559 -40.69 23.48 24.53
N VAL L 560 -41.62 23.46 23.58
CA VAL L 560 -43.00 23.82 23.86
C VAL L 560 -44.00 22.75 23.43
N THR L 561 -43.64 21.80 22.57
CA THR L 561 -44.54 20.77 22.11
C THR L 561 -43.95 19.39 22.38
N ARG L 562 -44.81 18.46 22.77
CA ARG L 562 -44.44 17.07 22.97
C ARG L 562 -45.48 16.20 22.29
N ILE L 563 -45.01 15.19 21.54
CA ILE L 563 -45.89 14.30 20.79
C ILE L 563 -45.66 12.87 21.27
N TYR L 564 -46.74 12.20 21.66
CA TYR L 564 -46.67 10.87 22.21
C TYR L 564 -47.54 9.93 21.39
N LEU L 565 -46.99 8.76 21.05
CA LEU L 565 -47.68 7.76 20.26
C LEU L 565 -47.68 6.45 21.04
N PRO L 566 -48.57 6.31 22.02
CA PRO L 566 -48.59 5.10 22.83
C PRO L 566 -49.12 3.91 22.05
N PRO L 567 -48.46 2.75 22.15
CA PRO L 567 -48.94 1.59 21.38
C PRO L 567 -50.19 0.95 21.94
N ASP L 568 -50.30 0.78 23.25
CA ASP L 568 -51.44 0.06 23.81
C ASP L 568 -52.14 0.83 24.92
N ALA L 569 -53.07 0.16 25.61
CA ALA L 569 -53.88 0.84 26.61
C ALA L 569 -53.06 1.25 27.83
N ASN L 570 -52.20 0.36 28.32
CA ASN L 570 -51.39 0.67 29.49
C ASN L 570 -50.42 1.81 29.21
N CYS L 571 -49.80 1.80 28.03
CA CYS L 571 -48.92 2.90 27.67
C CYS L 571 -49.70 4.18 27.44
N LEU L 572 -50.97 4.08 27.04
CA LEU L 572 -51.81 5.26 26.90
C LEU L 572 -52.10 5.88 28.26
N LEU L 573 -52.37 5.06 29.26
CA LEU L 573 -52.65 5.59 30.59
C LEU L 573 -51.44 6.29 31.20
N SER L 574 -50.25 5.71 31.02
CA SER L 574 -49.05 6.32 31.56
C SER L 574 -48.77 7.65 30.90
N VAL L 575 -49.01 7.75 29.59
CA VAL L 575 -48.85 9.02 28.89
C VAL L 575 -49.86 10.04 29.40
N ALA L 576 -51.13 9.62 29.55
CA ALA L 576 -52.15 10.53 30.03
C ALA L 576 -51.88 10.95 31.46
N ASP L 577 -51.42 10.01 32.30
CA ASP L 577 -51.08 10.35 33.68
C ASP L 577 -49.91 11.32 33.74
N HIS L 578 -48.88 11.08 32.93
CA HIS L 578 -47.70 11.95 32.98
C HIS L 578 -48.01 13.33 32.42
N CYS L 579 -48.80 13.41 31.36
CA CYS L 579 -49.04 14.70 30.71
C CYS L 579 -49.95 15.60 31.55
N LEU L 580 -50.79 15.02 32.41
CA LEU L 580 -51.61 15.83 33.29
C LEU L 580 -50.79 16.51 34.40
N ARG L 581 -49.53 16.13 34.57
CA ARG L 581 -48.66 16.78 35.54
C ARG L 581 -47.82 17.89 34.93
N SER L 582 -47.55 17.83 33.62
CA SER L 582 -46.70 18.81 32.98
C SER L 582 -47.37 20.18 32.93
N THR L 583 -46.55 21.21 32.77
CA THR L 583 -47.04 22.59 32.88
C THR L 583 -46.95 23.37 31.57
N ASP L 584 -45.76 23.54 31.01
CA ASP L 584 -45.57 24.51 29.93
C ASP L 584 -45.32 23.83 28.59
N TYR L 585 -46.10 22.80 28.28
CA TYR L 585 -45.96 22.07 27.04
C TYR L 585 -47.33 21.89 26.37
N ILE L 586 -47.30 21.66 25.08
CA ILE L 586 -48.46 21.24 24.31
C ILE L 586 -48.29 19.74 24.05
N ASN L 587 -49.17 18.94 24.62
CA ASN L 587 -49.06 17.49 24.54
C ASN L 587 -50.04 16.97 23.50
N VAL L 588 -49.53 16.33 22.47
CA VAL L 588 -50.35 15.74 21.41
C VAL L 588 -50.21 14.23 21.53
N ILE L 589 -51.34 13.57 21.81
CA ILE L 589 -51.37 12.13 22.02
C ILE L 589 -52.23 11.52 20.92
N VAL L 590 -51.68 10.58 20.17
CA VAL L 590 -52.39 9.93 19.07
C VAL L 590 -52.61 8.48 19.45
N ALA L 591 -53.87 8.09 19.58
CA ALA L 591 -54.27 6.74 19.91
C ALA L 591 -55.31 6.28 18.92
N ASP L 592 -55.61 4.98 18.94
CA ASP L 592 -56.53 4.38 18.00
C ASP L 592 -57.73 3.80 18.74
N LYS L 593 -58.92 4.03 18.19
CA LYS L 593 -60.13 3.55 18.83
C LYS L 593 -60.25 2.03 18.75
N GLN L 594 -59.85 1.45 17.63
CA GLN L 594 -60.14 0.05 17.35
C GLN L 594 -59.42 -0.88 18.31
N SER L 595 -60.07 -2.00 18.63
CA SER L 595 -59.51 -2.97 19.56
C SER L 595 -58.23 -3.56 19.00
N HIS L 596 -57.20 -3.61 19.83
CA HIS L 596 -55.87 -3.99 19.39
C HIS L 596 -55.25 -4.95 20.39
N LEU L 597 -54.04 -5.40 20.08
CA LEU L 597 -53.27 -6.17 21.03
C LEU L 597 -52.79 -5.27 22.17
N GLN L 598 -52.32 -5.90 23.24
CA GLN L 598 -51.71 -5.20 24.35
C GLN L 598 -50.31 -5.76 24.55
N TYR L 599 -49.33 -4.87 24.66
CA TYR L 599 -47.94 -5.27 24.71
C TYR L 599 -47.23 -5.00 26.03
N LEU L 600 -47.77 -4.11 26.85
CA LEU L 600 -47.09 -3.69 28.07
C LEU L 600 -47.98 -3.87 29.28
N ASP L 601 -47.37 -4.30 30.38
CA ASP L 601 -48.07 -4.38 31.65
C ASP L 601 -48.16 -2.99 32.28
N ALA L 602 -48.93 -2.89 33.35
CA ALA L 602 -49.10 -1.61 34.04
C ALA L 602 -47.77 -1.10 34.57
N GLU L 603 -46.95 -1.98 35.14
CA GLU L 603 -45.64 -1.57 35.61
C GLU L 603 -44.67 -1.33 34.46
N ALA L 604 -44.73 -2.18 33.43
CA ALA L 604 -43.81 -2.04 32.31
C ALA L 604 -44.12 -0.81 31.47
N ALA L 605 -45.39 -0.40 31.40
CA ALA L 605 -45.74 0.82 30.69
C ALA L 605 -45.14 2.04 31.37
N ALA L 606 -45.13 2.06 32.69
CA ALA L 606 -44.55 3.18 33.42
C ALA L 606 -43.06 3.31 33.15
N ARG L 607 -42.34 2.18 33.12
CA ARG L 607 -40.92 2.24 32.78
C ARG L 607 -40.73 2.66 31.33
N HIS L 608 -41.62 2.22 30.44
CA HIS L 608 -41.49 2.58 29.02
C HIS L 608 -41.69 4.08 28.81
N CYS L 609 -42.72 4.65 29.42
CA CYS L 609 -42.97 6.07 29.27
C CYS L 609 -41.95 6.92 30.02
N ALA L 610 -41.29 6.36 31.02
CA ALA L 610 -40.21 7.09 31.69
C ALA L 610 -39.05 7.33 30.74
N LYS L 611 -38.63 6.28 30.04
CA LYS L 611 -37.58 6.44 29.04
C LYS L 611 -38.11 7.09 27.76
N GLY L 612 -39.36 6.82 27.41
CA GLY L 612 -39.94 7.33 26.18
C GLY L 612 -39.66 6.42 25.00
N ILE L 613 -38.44 5.90 24.94
CA ILE L 613 -38.02 4.99 23.88
C ILE L 613 -37.24 3.86 24.54
N GLY L 614 -37.59 2.62 24.21
CA GLY L 614 -36.91 1.49 24.82
C GLY L 614 -37.06 0.22 24.01
N ILE L 615 -36.12 -0.69 24.24
CA ILE L 615 -36.12 -1.98 23.59
C ILE L 615 -37.19 -2.86 24.23
N TRP L 616 -37.98 -3.54 23.42
CA TRP L 616 -38.90 -4.55 23.90
C TRP L 616 -38.18 -5.88 23.93
N ASP L 617 -37.99 -6.43 25.12
CA ASP L 617 -37.14 -7.62 25.27
C ASP L 617 -37.83 -8.87 24.73
N TRP L 618 -39.14 -8.98 24.96
CA TRP L 618 -39.86 -10.15 24.47
C TRP L 618 -39.93 -10.18 22.96
N ALA L 619 -40.10 -9.01 22.33
CA ALA L 619 -40.14 -8.95 20.88
C ALA L 619 -38.75 -9.12 20.28
N SER L 620 -37.71 -8.71 20.99
CA SER L 620 -36.35 -8.82 20.48
C SER L 620 -35.95 -10.27 20.34
N ASN L 621 -35.26 -10.57 19.25
CA ASN L 621 -34.89 -11.96 18.96
C ASN L 621 -33.75 -12.41 19.87
N ASP L 622 -32.59 -11.78 19.75
CA ASP L 622 -31.39 -12.25 20.43
C ASP L 622 -30.81 -11.15 21.29
N GLN L 623 -30.49 -11.49 22.53
CA GLN L 623 -29.80 -10.63 23.47
C GLN L 623 -28.41 -11.20 23.73
N GLY L 624 -27.48 -10.33 24.06
CA GLY L 624 -26.10 -10.74 24.21
C GLY L 624 -25.34 -10.87 22.91
N ALA L 625 -25.96 -10.53 21.79
CA ALA L 625 -25.30 -10.55 20.50
C ALA L 625 -25.71 -9.30 19.73
N SER L 626 -24.86 -8.92 18.78
CA SER L 626 -25.14 -7.75 17.96
C SER L 626 -26.31 -8.05 17.02
N PRO L 627 -27.38 -7.28 17.05
CA PRO L 627 -28.51 -7.55 16.16
C PRO L 627 -28.15 -7.33 14.70
N ASP L 628 -28.77 -8.12 13.83
CA ASP L 628 -28.55 -7.94 12.40
C ASP L 628 -29.34 -6.75 11.86
N VAL L 629 -30.50 -6.46 12.44
CA VAL L 629 -31.33 -5.36 11.99
C VAL L 629 -32.12 -4.85 13.18
N VAL L 630 -32.39 -3.55 13.20
CA VAL L 630 -33.19 -2.91 14.24
C VAL L 630 -34.52 -2.53 13.63
N ILE L 631 -35.61 -3.10 14.15
CA ILE L 631 -36.95 -2.80 13.67
C ILE L 631 -37.60 -1.89 14.69
N ALA L 632 -37.93 -0.68 14.25
CA ALA L 632 -38.51 0.34 15.12
C ALA L 632 -39.90 0.70 14.64
N SER L 633 -40.82 0.89 15.59
CA SER L 633 -42.17 1.31 15.29
C SER L 633 -42.55 2.44 16.22
N CYS L 634 -43.37 3.36 15.72
CA CYS L 634 -43.74 4.54 16.49
C CYS L 634 -45.20 4.56 16.89
N GLY L 635 -46.11 4.38 15.93
CA GLY L 635 -47.53 4.40 16.22
C GLY L 635 -48.01 3.16 16.92
N ASP L 636 -49.29 2.87 16.76
CA ASP L 636 -49.89 1.67 17.34
C ASP L 636 -50.38 0.69 16.29
N VAL L 637 -50.99 1.18 15.20
CA VAL L 637 -51.33 0.30 14.09
C VAL L 637 -50.07 -0.23 13.42
N VAL L 638 -49.10 0.66 13.19
CA VAL L 638 -47.85 0.25 12.57
C VAL L 638 -47.01 -0.61 13.50
N THR L 639 -47.24 -0.53 14.81
CA THR L 639 -46.55 -1.41 15.74
C THR L 639 -46.97 -2.86 15.54
N LEU L 640 -48.27 -3.09 15.31
CA LEU L 640 -48.74 -4.44 15.05
C LEU L 640 -48.12 -5.00 13.78
N GLU L 641 -48.03 -4.18 12.74
CA GLU L 641 -47.39 -4.63 11.50
C GLU L 641 -45.90 -4.87 11.71
N ALA L 642 -45.25 -4.03 12.51
CA ALA L 642 -43.84 -4.23 12.80
C ALA L 642 -43.62 -5.52 13.59
N LEU L 643 -44.51 -5.80 14.55
CA LEU L 643 -44.42 -7.06 15.28
C LEU L 643 -44.71 -8.26 14.38
N ALA L 644 -45.72 -8.14 13.51
CA ALA L 644 -46.04 -9.24 12.62
C ALA L 644 -44.91 -9.50 11.63
N ALA L 645 -44.24 -8.43 11.19
CA ALA L 645 -43.07 -8.59 10.34
C ALA L 645 -41.95 -9.31 11.08
N THR L 646 -41.80 -9.03 12.37
CA THR L 646 -40.78 -9.72 13.16
C THR L 646 -41.09 -11.20 13.29
N ALA L 647 -42.37 -11.54 13.42
CA ALA L 647 -42.75 -12.95 13.53
C ALA L 647 -42.45 -13.71 12.25
N LEU L 648 -42.70 -13.10 11.10
CA LEU L 648 -42.40 -13.75 9.83
C LEU L 648 -40.91 -13.98 9.64
N LEU L 649 -40.10 -12.98 9.96
CA LEU L 649 -38.66 -13.11 9.78
C LEU L 649 -38.06 -14.13 10.72
N ARG L 650 -38.51 -14.16 11.97
CA ARG L 650 -38.02 -15.16 12.91
C ARG L 650 -38.48 -16.56 12.54
N GLU L 651 -39.63 -16.67 11.87
CA GLU L 651 -40.09 -17.97 11.43
C GLU L 651 -39.26 -18.50 10.27
N HIS L 652 -38.96 -17.64 9.29
CA HIS L 652 -38.26 -18.07 8.09
C HIS L 652 -36.74 -18.01 8.22
N PHE L 653 -36.22 -17.18 9.11
CA PHE L 653 -34.78 -17.04 9.32
C PHE L 653 -34.50 -17.25 10.81
N PRO L 654 -34.33 -18.50 11.23
CA PRO L 654 -34.05 -18.75 12.66
C PRO L 654 -32.77 -18.13 13.15
N ASP L 655 -31.75 -18.01 12.29
CA ASP L 655 -30.47 -17.44 12.68
C ASP L 655 -30.48 -15.92 12.72
N LEU L 656 -31.50 -15.27 12.18
CA LEU L 656 -31.54 -13.82 12.16
C LEU L 656 -31.75 -13.26 13.55
N LYS L 657 -31.02 -12.20 13.87
CA LYS L 657 -31.10 -11.55 15.17
C LYS L 657 -31.72 -10.17 14.99
N ILE L 658 -32.89 -9.97 15.59
CA ILE L 658 -33.69 -8.77 15.40
C ILE L 658 -33.88 -8.09 16.74
N ARG L 659 -33.55 -6.81 16.81
CA ARG L 659 -33.81 -5.99 17.98
C ARG L 659 -35.03 -5.11 17.70
N PHE L 660 -36.03 -5.18 18.57
CA PHE L 660 -37.25 -4.40 18.40
C PHE L 660 -37.23 -3.23 19.36
N VAL L 661 -37.41 -2.03 18.81
CA VAL L 661 -37.40 -0.79 19.57
C VAL L 661 -38.73 -0.08 19.32
N ASN L 662 -39.38 0.35 20.39
CA ASN L 662 -40.62 1.10 20.29
C ASN L 662 -40.40 2.49 20.84
N VAL L 663 -40.85 3.51 20.11
CA VAL L 663 -40.68 4.91 20.48
C VAL L 663 -42.05 5.49 20.79
N VAL L 664 -42.19 6.10 21.95
CA VAL L 664 -43.41 6.78 22.35
C VAL L 664 -43.26 8.29 22.26
N ASP L 665 -42.20 8.83 22.85
CA ASP L 665 -41.91 10.26 22.79
C ASP L 665 -41.11 10.51 21.52
N LEU L 666 -41.72 11.24 20.59
CA LEU L 666 -41.09 11.46 19.28
C LEU L 666 -39.81 12.28 19.42
N PHE L 667 -39.83 13.31 20.25
CA PHE L 667 -38.72 14.25 20.30
C PHE L 667 -37.48 13.69 20.99
N ARG L 668 -37.55 12.48 21.54
CA ARG L 668 -36.35 11.83 22.03
C ARG L 668 -35.35 11.56 20.92
N LEU L 669 -35.80 11.49 19.67
CA LEU L 669 -34.89 11.23 18.56
C LEU L 669 -33.96 12.42 18.31
N GLN L 670 -34.39 13.62 18.66
CA GLN L 670 -33.56 14.79 18.44
C GLN L 670 -32.29 14.69 19.30
N PRO L 671 -31.16 15.17 18.80
CA PRO L 671 -29.92 15.06 19.57
C PRO L 671 -29.94 15.92 20.81
N ASP L 672 -29.02 15.60 21.73
CA ASP L 672 -28.96 16.31 23.01
C ASP L 672 -28.60 17.78 22.82
N THR L 673 -27.89 18.11 21.75
CA THR L 673 -27.55 19.50 21.47
C THR L 673 -28.80 20.32 21.15
N GLU L 674 -29.73 19.76 20.38
CA GLU L 674 -30.95 20.47 20.04
C GLU L 674 -31.81 20.74 21.27
N HIS L 675 -31.92 19.74 22.16
CA HIS L 675 -32.69 19.93 23.37
C HIS L 675 -32.17 18.98 24.43
N PRO L 676 -32.15 19.38 25.70
CA PRO L 676 -31.74 18.44 26.76
C PRO L 676 -32.66 17.25 26.92
N HIS L 677 -33.92 17.36 26.46
CA HIS L 677 -34.84 16.24 26.57
C HIS L 677 -34.46 15.10 25.64
N GLY L 678 -33.85 15.42 24.49
CA GLY L 678 -33.51 14.38 23.53
C GLY L 678 -32.40 13.47 24.04
N LEU L 679 -32.33 12.29 23.43
CA LEU L 679 -31.34 11.30 23.81
C LEU L 679 -29.94 11.77 23.44
N SER L 680 -28.97 11.40 24.27
CA SER L 680 -27.58 11.67 23.95
C SER L 680 -27.12 10.77 22.81
N ASP L 681 -25.94 11.10 22.28
CA ASP L 681 -25.41 10.31 21.18
C ASP L 681 -25.08 8.89 21.61
N ARG L 682 -24.55 8.73 22.83
CA ARG L 682 -24.27 7.39 23.32
C ARG L 682 -25.55 6.62 23.62
N ASP L 683 -26.56 7.29 24.16
CA ASP L 683 -27.85 6.63 24.40
C ASP L 683 -28.50 6.21 23.09
N PHE L 684 -28.47 7.07 22.08
CA PHE L 684 -29.05 6.73 20.80
C PHE L 684 -28.31 5.58 20.14
N ASP L 685 -26.98 5.57 20.26
CA ASP L 685 -26.20 4.50 19.65
C ASP L 685 -26.42 3.17 20.37
N SER L 686 -26.80 3.21 21.65
CA SER L 686 -27.13 1.97 22.35
C SER L 686 -28.45 1.40 21.86
N LEU L 687 -29.47 2.25 21.73
CA LEU L 687 -30.76 1.81 21.21
C LEU L 687 -30.63 1.35 19.77
N PHE L 688 -30.28 2.27 18.87
CA PHE L 688 -30.07 1.97 17.47
C PHE L 688 -28.57 1.83 17.23
N THR L 689 -28.15 0.68 16.74
CA THR L 689 -26.73 0.42 16.56
C THR L 689 -26.11 1.38 15.55
N VAL L 690 -24.81 1.64 15.71
CA VAL L 690 -24.12 2.62 14.89
C VAL L 690 -24.00 2.19 13.43
N ASP L 691 -24.13 0.90 13.14
CA ASP L 691 -23.87 0.40 11.79
C ASP L 691 -24.99 -0.43 11.19
N LYS L 692 -25.76 -1.15 12.00
CA LYS L 692 -26.79 -2.02 11.45
C LYS L 692 -27.97 -1.19 10.93
N PRO L 693 -28.63 -1.66 9.87
CA PRO L 693 -29.75 -0.90 9.31
C PRO L 693 -30.92 -0.83 10.28
N ILE L 694 -31.66 0.27 10.18
CA ILE L 694 -32.82 0.53 11.03
C ILE L 694 -34.04 0.61 10.13
N ILE L 695 -35.02 -0.25 10.38
CA ILE L 695 -36.25 -0.27 9.61
C ILE L 695 -37.31 0.40 10.47
N PHE L 696 -37.49 1.69 10.29
CA PHE L 696 -38.43 2.46 11.08
C PHE L 696 -39.81 2.41 10.44
N ASN L 697 -40.83 2.15 11.24
CA ASN L 697 -42.21 2.06 10.77
C ASN L 697 -43.00 3.12 11.51
N PHE L 698 -43.21 4.26 10.87
CA PHE L 698 -43.71 5.46 11.54
C PHE L 698 -45.15 5.75 11.12
N HIS L 699 -45.98 6.02 12.11
CA HIS L 699 -47.32 6.51 11.85
C HIS L 699 -47.24 7.98 11.43
N GLY L 700 -47.69 8.27 10.23
CA GLY L 700 -47.59 9.62 9.70
C GLY L 700 -46.58 9.69 8.56
N TYR L 701 -46.24 10.92 8.21
CA TYR L 701 -45.38 11.14 7.05
C TYR L 701 -43.97 10.64 7.34
N PRO L 702 -43.38 9.83 6.45
CA PRO L 702 -42.12 9.17 6.78
C PRO L 702 -40.96 10.11 6.91
N TRP L 703 -41.06 11.33 6.38
CA TRP L 703 -39.94 12.25 6.42
CA TRP L 703 -39.91 12.23 6.44
C TRP L 703 -39.78 12.93 7.78
N LEU L 704 -40.80 12.90 8.64
CA LEU L 704 -40.69 13.53 9.94
C LEU L 704 -39.59 12.89 10.77
N ILE L 705 -39.38 11.58 10.62
CA ILE L 705 -38.31 10.90 11.35
C ILE L 705 -36.95 11.38 10.88
N HIS L 706 -36.81 11.64 9.58
CA HIS L 706 -35.53 12.13 9.08
C HIS L 706 -35.23 13.53 9.56
N LYS L 707 -36.26 14.35 9.79
CA LYS L 707 -36.02 15.68 10.31
C LYS L 707 -35.44 15.63 11.72
N LEU L 708 -36.00 14.78 12.57
CA LEU L 708 -35.55 14.69 13.95
C LEU L 708 -34.17 14.07 14.05
N ALA L 709 -33.96 12.96 13.36
CA ALA L 709 -32.72 12.21 13.46
C ALA L 709 -31.72 12.57 12.37
N TYR L 710 -31.73 13.81 11.91
CA TYR L 710 -30.83 14.20 10.82
C TYR L 710 -29.39 14.31 11.30
N ARG L 711 -29.19 14.85 12.50
CA ARG L 711 -27.84 15.07 13.01
C ARG L 711 -27.20 13.82 13.57
N ARG L 712 -27.93 12.72 13.67
CA ARG L 712 -27.38 11.48 14.23
C ARG L 712 -26.31 10.91 13.32
N HIS L 713 -25.38 10.18 13.93
CA HIS L 713 -24.33 9.53 13.16
C HIS L 713 -24.89 8.47 12.22
N ASN L 714 -25.86 7.69 12.70
CA ASN L 714 -26.43 6.58 11.93
C ASN L 714 -27.65 7.00 11.12
N HIS L 715 -27.76 8.27 10.74
CA HIS L 715 -28.93 8.72 9.99
C HIS L 715 -28.97 8.09 8.60
N ASN L 716 -27.81 7.90 7.98
CA ASN L 716 -27.77 7.34 6.64
C ASN L 716 -28.26 5.90 6.59
N ASN L 717 -28.23 5.18 7.70
CA ASN L 717 -28.74 3.82 7.77
C ASN L 717 -30.18 3.75 8.24
N LEU L 718 -30.84 4.88 8.42
CA LEU L 718 -32.21 4.91 8.89
C LEU L 718 -33.16 4.86 7.71
N HIS L 719 -34.08 3.90 7.74
CA HIS L 719 -35.07 3.73 6.69
CA HIS L 719 -35.07 3.73 6.69
C HIS L 719 -36.46 3.84 7.31
N VAL L 720 -37.26 4.75 6.80
CA VAL L 720 -38.59 5.02 7.35
C VAL L 720 -39.64 4.63 6.33
N ARG L 721 -40.61 3.84 6.77
CA ARG L 721 -41.82 3.56 6.01
C ARG L 721 -42.98 4.22 6.73
N GLY L 722 -43.83 4.93 5.99
CA GLY L 722 -44.91 5.62 6.63
C GLY L 722 -46.00 5.96 5.63
N TYR L 723 -46.89 6.84 6.07
CA TYR L 723 -48.04 7.22 5.26
C TYR L 723 -47.59 7.97 4.02
N LYS L 724 -48.03 7.52 2.85
CA LYS L 724 -47.78 8.21 1.60
C LYS L 724 -49.08 8.69 0.95
N GLU L 725 -50.01 7.77 0.67
CA GLU L 725 -51.28 8.14 0.07
C GLU L 725 -52.29 7.05 0.39
N VAL L 726 -53.57 7.39 0.25
CA VAL L 726 -54.66 6.49 0.57
C VAL L 726 -55.64 6.47 -0.59
N GLY L 727 -56.11 5.28 -0.95
CA GLY L 727 -57.09 5.13 -1.99
C GLY L 727 -58.46 5.61 -1.54
N ASN L 728 -59.42 5.52 -2.46
CA ASN L 728 -60.77 5.99 -2.17
C ASN L 728 -61.42 5.16 -1.07
N ILE L 729 -61.26 3.85 -1.12
CA ILE L 729 -61.77 2.96 -0.07
C ILE L 729 -60.93 1.70 -0.06
N ASN L 730 -60.44 1.34 1.13
CA ASN L 730 -59.54 0.19 1.27
C ASN L 730 -59.79 -0.49 2.60
N THR L 731 -59.41 -1.76 2.67
CA THR L 731 -59.38 -2.48 3.93
C THR L 731 -58.18 -2.03 4.75
N PRO L 732 -58.20 -2.26 6.07
CA PRO L 732 -57.03 -1.90 6.88
C PRO L 732 -55.75 -2.57 6.45
N LEU L 733 -55.82 -3.82 5.98
CA LEU L 733 -54.61 -4.49 5.51
C LEU L 733 -54.16 -3.95 4.16
N GLU L 734 -55.11 -3.69 3.26
CA GLU L 734 -54.75 -3.23 1.93
C GLU L 734 -54.17 -1.81 1.97
N LEU L 735 -54.65 -0.98 2.90
CA LEU L 735 -54.10 0.36 3.03
C LEU L 735 -52.63 0.33 3.44
N ALA L 736 -52.28 -0.61 4.32
CA ALA L 736 -50.88 -0.77 4.69
C ALA L 736 -50.04 -1.23 3.51
N ILE L 737 -50.62 -2.04 2.63
CA ILE L 737 -49.89 -2.50 1.45
C ILE L 737 -49.60 -1.33 0.52
N ARG L 738 -50.56 -0.43 0.33
CA ARG L 738 -50.35 0.72 -0.53
C ARG L 738 -49.24 1.62 -0.01
N ASN L 739 -49.19 1.82 1.29
CA ASN L 739 -48.14 2.63 1.92
C ASN L 739 -46.91 1.85 2.28
N GLN L 740 -46.89 0.54 2.00
CA GLN L 740 -45.75 -0.33 2.22
C GLN L 740 -45.32 -0.39 3.69
N VAL L 741 -46.27 -0.19 4.60
CA VAL L 741 -46.02 -0.40 6.02
C VAL L 741 -46.58 -1.73 6.49
N ASP L 742 -46.98 -2.60 5.57
CA ASP L 742 -47.55 -3.88 5.94
C ASP L 742 -46.47 -4.80 6.48
N ARG L 743 -46.92 -5.90 7.12
CA ARG L 743 -45.98 -6.86 7.68
C ARG L 743 -45.13 -7.50 6.60
N PHE L 744 -45.70 -7.71 5.41
CA PHE L 744 -44.94 -8.32 4.32
C PHE L 744 -43.97 -7.33 3.72
N ASN L 745 -44.39 -6.08 3.53
CA ASN L 745 -43.50 -5.07 2.96
C ASN L 745 -42.34 -4.77 3.89
N LEU L 746 -42.58 -4.73 5.20
CA LEU L 746 -41.50 -4.55 6.15
C LEU L 746 -40.52 -5.71 6.11
N ALA L 747 -41.05 -6.94 6.01
CA ALA L 747 -40.19 -8.11 5.93
C ALA L 747 -39.38 -8.10 4.64
N ILE L 748 -39.95 -7.61 3.56
CA ILE L 748 -39.19 -7.46 2.32
C ILE L 748 -38.06 -6.45 2.49
N ASP L 749 -38.34 -5.33 3.16
CA ASP L 749 -37.33 -4.30 3.34
C ASP L 749 -36.19 -4.76 4.22
N VAL L 750 -36.46 -5.60 5.22
CA VAL L 750 -35.40 -6.15 6.04
C VAL L 750 -34.48 -7.03 5.20
N ILE L 751 -35.08 -7.83 4.30
CA ILE L 751 -34.30 -8.73 3.46
C ILE L 751 -33.36 -7.95 2.56
N ASP L 752 -33.84 -6.84 1.99
CA ASP L 752 -32.99 -6.02 1.13
C ASP L 752 -31.87 -5.36 1.92
N ARG L 753 -32.17 -4.86 3.12
CA ARG L 753 -31.19 -4.06 3.86
C ARG L 753 -30.13 -4.93 4.52
N VAL L 754 -30.50 -6.10 5.02
CA VAL L 754 -29.51 -6.95 5.69
C VAL L 754 -28.56 -7.53 4.66
N PRO L 755 -27.25 -7.35 4.81
CA PRO L 755 -26.31 -7.77 3.75
C PRO L 755 -26.31 -9.27 3.48
N HIS L 756 -26.48 -10.11 4.48
CA HIS L 756 -26.37 -11.54 4.30
C HIS L 756 -27.71 -12.21 4.03
N LEU L 757 -28.77 -11.44 3.86
CA LEU L 757 -30.06 -11.99 3.46
C LEU L 757 -30.41 -11.68 2.02
N ARG L 758 -29.58 -10.91 1.31
CA ARG L 758 -29.89 -10.57 -0.07
C ARG L 758 -29.88 -11.81 -0.97
N ASP L 759 -28.91 -12.70 -0.78
CA ASP L 759 -28.87 -13.94 -1.55
C ASP L 759 -29.72 -15.02 -0.91
N ARG L 760 -29.62 -15.18 0.41
CA ARG L 760 -30.33 -16.26 1.09
C ARG L 760 -31.84 -16.04 1.06
N GLY L 761 -32.28 -14.80 1.21
CA GLY L 761 -33.69 -14.51 1.34
C GLY L 761 -34.45 -14.32 0.06
N ALA L 762 -33.87 -14.70 -1.08
CA ALA L 762 -34.56 -14.53 -2.36
C ALA L 762 -35.83 -15.38 -2.43
N HIS L 763 -35.76 -16.62 -1.95
CA HIS L 763 -36.95 -17.47 -1.95
C HIS L 763 -38.02 -16.90 -1.02
N VAL L 764 -37.63 -16.44 0.16
CA VAL L 764 -38.59 -15.90 1.11
C VAL L 764 -39.19 -14.61 0.57
N LYS L 765 -38.37 -13.77 -0.07
CA LYS L 765 -38.88 -12.54 -0.66
C LYS L 765 -39.89 -12.83 -1.76
N GLU L 766 -39.67 -13.91 -2.52
CA GLU L 766 -40.67 -14.34 -3.50
C GLU L 766 -41.95 -14.81 -2.81
N TRP L 767 -41.81 -15.52 -1.69
CA TRP L 767 -42.99 -16.00 -0.97
C TRP L 767 -43.80 -14.84 -0.41
N LEU L 768 -43.12 -13.81 0.09
CA LEU L 768 -43.82 -12.66 0.67
C LEU L 768 -44.61 -11.90 -0.38
N LYS L 769 -44.05 -11.77 -1.59
CA LYS L 769 -44.79 -11.11 -2.67
C LYS L 769 -46.03 -11.90 -3.06
N ASP L 770 -45.97 -13.23 -2.94
CA ASP L 770 -47.16 -14.03 -3.17
C ASP L 770 -48.23 -13.74 -2.13
N GLN L 771 -47.83 -13.54 -0.87
CA GLN L 771 -48.78 -13.25 0.19
C GLN L 771 -49.42 -11.88 -0.02
N ILE L 772 -48.65 -10.91 -0.51
CA ILE L 772 -49.21 -9.60 -0.80
C ILE L 772 -50.27 -9.69 -1.89
N HIS L 773 -49.95 -10.40 -2.97
CA HIS L 773 -50.91 -10.56 -4.06
C HIS L 773 -52.13 -11.36 -3.62
N ASP L 774 -51.91 -12.40 -2.81
CA ASP L 774 -53.02 -13.25 -2.38
C ASP L 774 -54.00 -12.47 -1.50
N HIS L 775 -53.48 -11.65 -0.59
CA HIS L 775 -54.37 -10.93 0.32
C HIS L 775 -55.12 -9.83 -0.40
N ILE L 776 -54.49 -9.19 -1.40
CA ILE L 776 -55.19 -8.18 -2.19
C ILE L 776 -56.31 -8.83 -2.98
N GLN L 777 -56.06 -9.99 -3.60
CA GLN L 777 -57.11 -10.66 -4.36
C GLN L 777 -58.27 -11.07 -3.47
N TYR L 778 -57.98 -11.59 -2.28
CA TYR L 778 -59.05 -11.93 -1.36
C TYR L 778 -59.81 -10.68 -0.91
N ALA L 779 -59.10 -9.56 -0.78
CA ALA L 779 -59.76 -8.31 -0.41
C ALA L 779 -60.72 -7.85 -1.50
N TYR L 780 -60.35 -8.03 -2.77
CA TYR L 780 -61.22 -7.62 -3.85
C TYR L 780 -62.44 -8.52 -3.96
N GLN L 781 -62.28 -9.82 -3.68
CA GLN L 781 -63.41 -10.74 -3.80
C GLN L 781 -64.38 -10.58 -2.65
N GLU L 782 -63.88 -10.40 -1.43
CA GLU L 782 -64.72 -10.41 -0.24
C GLU L 782 -64.97 -9.04 0.36
N GLY L 783 -64.03 -8.11 0.24
CA GLY L 783 -64.15 -6.82 0.86
C GLY L 783 -63.66 -6.75 2.29
N ILE L 784 -63.21 -7.86 2.85
CA ILE L 784 -62.68 -7.90 4.21
C ILE L 784 -61.40 -8.73 4.19
N ASP L 785 -60.55 -8.48 5.18
CA ASP L 785 -59.31 -9.22 5.30
C ASP L 785 -59.58 -10.66 5.72
N ARG L 786 -58.56 -11.51 5.55
CA ARG L 786 -58.66 -12.89 5.98
C ARG L 786 -58.78 -12.96 7.51
N PRO L 787 -59.48 -13.97 8.03
CA PRO L 787 -59.65 -14.05 9.49
C PRO L 787 -58.36 -14.14 10.27
N GLU L 788 -57.33 -14.80 9.73
CA GLU L 788 -56.08 -14.91 10.45
C GLU L 788 -55.31 -13.59 10.48
N ILE L 789 -55.57 -12.69 9.53
CA ILE L 789 -54.97 -11.36 9.58
C ILE L 789 -55.56 -10.55 10.72
N ASN L 790 -56.89 -10.57 10.85
CA ASN L 790 -57.55 -9.78 11.89
C ASN L 790 -57.29 -10.37 13.27
N GLN L 791 -57.21 -11.69 13.38
CA GLN L 791 -57.03 -12.35 14.66
C GLN L 791 -55.58 -12.76 14.91
N TRP L 792 -54.63 -12.01 14.34
CA TRP L 792 -53.22 -12.33 14.53
C TRP L 792 -52.79 -12.01 15.96
N GLN L 793 -51.88 -12.82 16.48
CA GLN L 793 -51.31 -12.58 17.79
C GLN L 793 -49.89 -13.13 17.82
N TRP L 794 -49.10 -12.64 18.76
CA TRP L 794 -47.69 -12.98 18.86
C TRP L 794 -47.51 -14.48 19.04
N PRO L 795 -46.77 -15.15 18.16
CA PRO L 795 -46.70 -16.61 18.19
C PRO L 795 -45.61 -17.17 19.08
N PHE L 796 -45.01 -16.33 19.91
CA PHE L 796 -43.97 -16.79 20.80
C PHE L 796 -44.32 -16.47 22.25
N1' TPP M . -18.74 25.89 62.26
C2' TPP M . -19.11 26.71 61.26
CM2 TPP M . -18.19 27.85 60.95
N3' TPP M . -20.22 26.59 60.53
C4' TPP M . -21.05 25.57 60.81
N4' TPP M . -22.15 25.47 60.06
C5' TPP M . -20.75 24.65 61.85
C6' TPP M . -19.58 24.88 62.53
C7' TPP M . -21.64 23.49 62.20
N3 TPP M . -22.92 23.91 62.83
C2 TPP M . -24.03 24.10 62.15
S1 TPP M . -25.29 24.59 63.13
C5 TPP M . -24.28 24.52 64.53
C4 TPP M . -23.03 24.16 64.19
CM4 TPP M . -21.86 23.97 65.10
C6 TPP M . -24.80 24.87 65.89
C7 TPP M . -24.43 26.27 66.34
O7 TPP M . -25.63 27.06 66.48
PA TPP M . -25.88 28.10 67.62
O1A TPP M . -25.28 29.45 67.21
O2A TPP M . -25.42 27.56 68.92
O3A TPP M . -27.45 28.27 67.62
PB TPP M . -28.71 27.88 68.49
O1B TPP M . -29.91 28.26 67.62
O2B TPP M . -28.64 26.36 68.60
O3B TPP M . -28.69 28.58 69.80
MG MG N . -27.15 27.06 70.67
N1' TPP O . -6.81 42.91 54.42
C2' TPP O . -6.35 41.77 54.97
CM2 TPP O . -7.38 40.79 55.46
N3' TPP O . -5.07 41.45 55.15
C4' TPP O . -4.15 42.34 54.72
N4' TPP O . -2.86 41.99 54.90
C5' TPP O . -4.53 43.56 54.11
C6' TPP O . -5.88 43.77 53.99
C7' TPP O . -3.54 44.58 53.61
N3 TPP O . -2.62 45.09 54.66
C2 TPP O . -1.38 44.68 54.81
S1 TPP O . -0.61 45.44 56.08
C5 TPP O . -2.02 46.38 56.42
C4 TPP O . -3.01 46.08 55.56
CM4 TPP O . -4.38 46.66 55.52
C6 TPP O . -2.03 47.38 57.54
C7 TPP O . -2.51 46.79 58.86
O7 TPP O . -2.79 47.88 59.77
PA TPP O . -2.50 47.83 61.32
O1A TPP O . -3.07 49.09 61.95
O2A TPP O . -2.97 46.55 61.89
O3A TPP O . -0.92 47.96 61.38
PB TPP O . 0.21 49.05 61.65
O1B TPP O . -0.57 50.36 61.75
O2B TPP O . 0.99 48.72 62.87
O3B TPP O . 1.04 49.06 60.36
MG MG P . -2.43 51.10 62.26
N1' TPP Q . 44.33 -1.25 54.19
C2' TPP Q . 43.86 -0.02 53.96
CM2 TPP Q . 44.73 0.90 53.17
N3' TPP Q . 42.68 0.45 54.38
C4' TPP Q . 41.90 -0.36 55.09
N4' TPP Q . 40.72 0.13 55.50
C5' TPP Q . 42.29 -1.69 55.40
C6' TPP Q . 43.53 -2.06 54.91
C7' TPP Q . 41.45 -2.65 56.19
N3 TPP Q . 41.38 -2.29 57.63
C2 TPP Q . 40.45 -1.52 58.15
S1 TPP Q . 40.66 -1.30 59.79
C5 TPP Q . 42.07 -2.29 59.80
C4 TPP Q . 42.32 -2.75 58.54
CM4 TPP Q . 43.44 -3.63 58.12
C6 TPP Q . 42.84 -2.55 61.06
C7 TPP Q . 44.10 -1.73 61.16
O7 TPP Q . 43.90 -0.72 62.18
PA TPP Q . 45.05 -0.18 63.13
O1A TPP Q . 45.72 1.01 62.49
O2A TPP Q . 45.94 -1.29 63.52
O3A TPP Q . 44.24 0.34 64.38
PB TPP Q . 43.98 -0.03 65.90
O1B TPP Q . 42.99 1.03 66.37
O2B TPP Q . 43.27 -1.38 65.83
O3B TPP Q . 45.24 -0.05 66.67
MG MG R . 45.96 -2.01 66.05
N1' TPP S . 54.38 13.94 41.63
C2' TPP S . 54.30 12.64 41.36
CM2 TPP S . 53.60 11.77 42.34
N3' TPP S . 54.79 12.05 40.26
C4' TPP S . 55.43 12.82 39.36
N4' TPP S . 55.91 12.21 38.27
C5' TPP S . 55.55 14.22 39.56
C6' TPP S . 55.01 14.70 40.73
C7' TPP S . 56.25 15.13 38.60
N3 TPP S . 57.70 14.85 38.45
C2 TPP S . 58.21 14.10 37.48
S1 TPP S . 59.87 13.96 37.61
C5 TPP S . 59.90 14.96 39.02
C4 TPP S . 58.65 15.35 39.34
CM4 TPP S . 58.23 16.22 40.48
C6 TPP S . 61.18 15.28 39.73
C7 TPP S . 61.52 14.30 40.82
O7 TPP S . 62.52 14.88 41.68
PA TPP S . 63.65 14.06 42.42
O1A TPP S . 64.35 14.99 43.40
O2A TPP S . 63.08 12.83 43.01
O3A TPP S . 64.66 13.74 41.25
PB TPP S . 65.97 14.34 40.59
O1B TPP S . 65.52 14.77 39.19
O2B TPP S . 66.29 15.58 41.42
O3B TPP S . 67.08 13.34 40.58
MG MG T . 66.10 16.48 43.25
N1' TPP U . 59.73 -36.18 -3.57
C2' TPP U . 59.96 -34.90 -3.24
CM2 TPP U . 60.33 -33.97 -4.36
N3' TPP U . 59.89 -34.38 -2.02
C4' TPP U . 59.56 -35.21 -1.00
N4' TPP U . 59.49 -34.67 0.21
C5' TPP U . 59.30 -36.59 -1.24
C6' TPP U . 59.40 -36.98 -2.55
C7' TPP U . 58.92 -37.55 -0.15
N3 TPP U . 60.04 -37.83 0.78
C2 TPP U . 60.21 -37.18 1.92
S1 TPP U . 61.56 -37.70 2.76
C5 TPP U . 61.93 -38.85 1.52
C4 TPP U . 61.01 -38.78 0.52
CM4 TPP U . 60.96 -39.60 -0.71
C6 TPP U . 63.13 -39.75 1.61
C7 TPP U . 64.29 -39.27 0.79
O7 TPP U . 65.41 -39.02 1.66
PA TPP U . 66.90 -39.40 1.33
O1A TPP U . 67.53 -38.30 0.47
O2A TPP U . 66.96 -40.76 0.77
O3A TPP U . 67.60 -39.34 2.75
PB TPP U . 68.18 -40.32 3.85
O1B TPP U . 68.46 -39.41 5.04
O2B TPP U . 67.03 -41.25 4.18
O3B TPP U . 69.40 -41.02 3.35
MG MG V . 68.19 -42.49 2.10
N1' TPP W . 64.66 -19.95 -17.68
C2' TPP W . 63.76 -20.91 -17.90
CM2 TPP W . 63.57 -21.95 -16.84
N3' TPP W . 62.99 -21.02 -18.99
C4' TPP W . 63.15 -20.11 -19.96
N4' TPP W . 62.37 -20.24 -21.05
C5' TPP W . 64.08 -19.04 -19.83
C6' TPP W . 64.80 -19.04 -18.65
C7' TPP W . 64.30 -17.98 -20.88
N3 TPP W . 64.83 -18.52 -22.15
C2 TPP W . 64.08 -18.81 -23.20
S1 TPP W . 64.98 -19.40 -24.48
C5 TPP W . 66.45 -19.23 -23.58
C4 TPP W . 66.19 -18.74 -22.36
CM4 TPP W . 67.18 -18.46 -21.27
C6 TPP W . 67.77 -19.60 -24.17
C7 TPP W . 68.14 -21.04 -23.91
O7 TPP W . 69.59 -21.17 -24.01
PA TPP W . 70.33 -22.40 -24.64
O1A TPP W . 71.84 -22.14 -24.57
O2A TPP W . 69.88 -23.66 -24.02
O3A TPP W . 69.91 -22.29 -26.17
PB TPP W . 70.51 -21.84 -27.56
O1B TPP W . 71.84 -21.17 -27.21
O2B TPP W . 70.65 -22.98 -28.50
O3B TPP W . 69.53 -20.76 -28.05
MG MG X . 73.34 -21.25 -25.81
N1' TPP Y . 12.20 -43.94 -53.10
C2' TPP Y . 13.19 -43.04 -52.94
CM2 TPP Y . 13.17 -41.84 -53.82
N3' TPP Y . 14.19 -43.14 -52.07
C4' TPP Y . 14.23 -44.23 -51.27
N4' TPP Y . 15.25 -44.31 -50.40
C5' TPP Y . 13.22 -45.23 -51.35
C6' TPP Y . 12.24 -45.01 -52.29
C7' TPP Y . 13.22 -46.46 -50.50
N3 TPP Y . 14.32 -47.39 -50.83
C2 TPP Y . 15.48 -47.40 -50.23
S1 TPP Y . 16.51 -48.58 -50.84
C5 TPP Y . 15.30 -49.09 -51.97
C4 TPP Y . 14.18 -48.35 -51.84
CM4 TPP Y . 12.92 -48.47 -52.61
C6 TPP Y . 15.56 -50.20 -52.93
C7 TPP Y . 15.88 -49.72 -54.33
O7 TPP Y . 17.21 -50.17 -54.68
PA TPP Y . 17.65 -50.61 -56.12
O1A TPP Y . 17.96 -49.38 -56.96
O2A TPP Y . 16.63 -51.53 -56.67
O3A TPP Y . 19.02 -51.36 -55.86
PB TPP Y . 19.60 -52.84 -55.80
O1B TPP Y . 21.00 -52.65 -55.22
O2B TPP Y . 18.73 -53.54 -54.77
O3B TPP Y . 19.58 -53.47 -57.14
MG MG Z . 17.39 -53.92 -57.07
N1' TPP AA . 13.56 -24.67 -63.94
C2' TPP AA . 12.44 -25.22 -63.45
CM2 TPP AA . 12.56 -26.54 -62.77
N3' TPP AA . 11.22 -24.66 -63.51
C4' TPP AA . 11.10 -23.48 -64.12
N4' TPP AA . 9.87 -22.95 -64.17
C5' TPP AA . 12.23 -22.82 -64.68
C6' TPP AA . 13.42 -23.49 -64.56
C7' TPP AA . 12.15 -21.48 -65.37
N3 TPP AA . 11.32 -21.51 -66.60
C2 TPP AA . 10.07 -21.13 -66.64
S1 TPP AA . 9.41 -21.26 -68.19
C5 TPP AA . 10.91 -21.85 -68.80
C4 TPP AA . 11.84 -21.93 -67.83
CM4 TPP AA . 13.25 -22.37 -67.95
C6 TPP AA . 11.06 -22.22 -70.26
C7 TPP AA . 10.69 -23.66 -70.54
O7 TPP AA . 11.37 -24.09 -71.73
PA TPP AA . 10.76 -25.08 -72.78
O1A TPP AA . 11.77 -25.28 -73.92
O2A TPP AA . 10.35 -26.34 -72.12
O3A TPP AA . 9.54 -24.27 -73.36
PB TPP AA . 9.15 -23.38 -74.62
O1B TPP AA . 10.46 -23.24 -75.39
O2B TPP AA . 8.06 -24.03 -75.41
O3B TPP AA . 8.80 -22.02 -74.04
MG MG BA . 12.20 -24.25 -75.81
N1' TPP CA . -50.88 -16.98 -44.86
C2' TPP CA . -49.82 -16.44 -45.48
CM2 TPP CA . -49.87 -14.98 -45.79
N3' TPP CA . -48.70 -17.10 -45.82
C4' TPP CA . -48.64 -18.41 -45.55
N4' TPP CA . -47.53 -19.06 -45.90
C5' TPP CA . -49.72 -19.08 -44.90
C6' TPP CA . -50.80 -18.28 -44.60
C7' TPP CA . -49.71 -20.54 -44.57
N3 TPP CA . -49.75 -21.42 -45.76
C2 TPP CA . -48.68 -21.92 -46.35
S1 TPP CA . -49.07 -22.85 -47.69
C5 TPP CA . -50.75 -22.56 -47.46
C4 TPP CA . -50.95 -21.78 -46.38
CM4 TPP CA . -52.25 -21.30 -45.84
C6 TPP CA . -51.77 -23.15 -48.38
C7 TPP CA . -52.16 -22.21 -49.51
O7 TPP CA . -53.28 -22.78 -50.22
PA TPP CA . -53.50 -22.66 -51.77
O1A TPP CA . -53.01 -21.36 -52.27
O2A TPP CA . -54.95 -22.98 -52.08
O3A TPP CA . -52.63 -23.87 -52.33
PB TPP CA . -52.80 -25.39 -52.75
O1B TPP CA . -52.40 -25.60 -54.18
O2B TPP CA . -54.27 -25.70 -52.48
O3B TPP CA . -51.94 -26.16 -51.75
MG MG DA . -56.09 -24.76 -52.38
N1' TPP EA . -47.89 4.24 -50.90
C2' TPP EA . -48.47 3.81 -49.76
CM2 TPP EA . -48.68 2.34 -49.60
N3' TPP EA . -48.89 4.61 -48.77
C4' TPP EA . -48.72 5.92 -48.91
N4' TPP EA . -49.13 6.70 -47.90
C5' TPP EA . -48.10 6.48 -50.07
C6' TPP EA . -47.72 5.55 -51.02
C7' TPP EA . -47.89 7.94 -50.28
N3 TPP EA . -49.14 8.69 -50.50
C2 TPP EA . -49.83 9.27 -49.54
S1 TPP EA . -51.22 10.02 -50.11
C5 TPP EA . -50.86 9.54 -51.73
C4 TPP EA . -49.71 8.83 -51.77
CM4 TPP EA . -49.05 8.23 -52.96
C6 TPP EA . -51.76 9.91 -52.87
C7 TPP EA . -52.66 8.77 -53.30
O7 TPP EA . -54.02 9.10 -52.91
PA TPP EA . -55.30 8.70 -53.75
O1A TPP EA . -55.02 8.85 -55.19
O2A TPP EA . -55.80 7.33 -53.31
O3A TPP EA . -56.36 9.76 -53.27
PB TPP EA . -57.18 11.00 -53.82
O1B TPP EA . -56.10 12.05 -54.12
O2B TPP EA . -57.98 10.63 -55.02
O3B TPP EA . -58.01 11.47 -52.64
MG MG FA . -56.36 10.62 -56.41
N1' TPP GA . -66.38 18.03 12.69
C2' TPP GA . -65.95 18.46 11.50
CM2 TPP GA . -65.45 19.87 11.43
N3' TPP GA . -65.94 17.76 10.37
C4' TPP GA . -66.39 16.48 10.42
N4' TPP GA . -66.37 15.79 9.28
C5' TPP GA . -66.86 15.93 11.64
C6' TPP GA . -66.82 16.77 12.73
C7' TPP GA . -67.38 14.52 11.77
N3 TPP GA . -68.61 14.28 10.98
C2 TPP GA . -68.62 13.74 9.77
S1 TPP GA . -70.16 13.61 9.15
C5 TPP GA . -70.85 14.30 10.57
C4 TPP GA . -69.87 14.60 11.46
CM4 TPP GA . -70.04 15.21 12.80
C6 TPP GA . -72.32 14.49 10.71
C7 TPP GA . -72.78 15.86 10.23
O7 TPP GA . -74.03 16.19 10.89
PA TPP GA . -75.24 16.89 10.19
O1A TPP GA . -74.81 18.14 9.53
O2A TPP GA . -76.36 17.04 11.21
O3A TPP GA . -75.71 15.79 9.14
PB TPP GA . -76.88 14.75 8.91
O1B TPP GA . -77.71 15.11 7.71
O2B TPP GA . -77.66 14.75 10.22
O3B TPP GA . -76.16 13.40 8.76
MG MG HA . -78.07 15.92 11.87
N1' TPP IA . -58.13 38.05 8.62
C2' TPP IA . -57.84 37.33 9.71
CM2 TPP IA . -58.55 36.02 9.88
N3' TPP IA . -56.99 37.69 10.68
C4' TPP IA . -56.35 38.86 10.54
N4' TPP IA . -55.49 39.20 11.51
C5' TPP IA . -56.57 39.69 9.40
C6' TPP IA . -57.47 39.21 8.50
C7' TPP IA . -55.89 41.02 9.21
N3 TPP IA . -56.32 42.06 10.17
C2 TPP IA . -55.71 42.31 11.30
S1 TPP IA . -56.46 43.53 12.17
C5 TPP IA . -57.67 43.70 10.96
C4 TPP IA . -57.46 42.83 9.95
CM4 TPP IA . -58.28 42.67 8.71
C6 TPP IA . -58.77 44.71 11.10
C7 TPP IA . -60.09 44.09 11.53
O7 TPP IA . -60.44 44.63 12.82
PA TPP IA . -61.92 44.95 13.26
O1A TPP IA . -62.65 45.66 12.18
O2A TPP IA . -62.58 43.68 13.79
O3A TPP IA . -61.70 45.90 14.51
PB TPP IA . -61.80 47.44 14.89
O1B TPP IA . -60.88 48.13 13.87
O2B TPP IA . -63.21 47.92 14.85
O3B TPP IA . -61.15 47.53 16.27
MG MG JA . -63.17 48.07 12.53
#